data_7XR2
#
_entry.id   7XR2
#
_cell.length_a   1.00
_cell.length_b   1.00
_cell.length_c   1.00
_cell.angle_alpha   90.00
_cell.angle_beta   90.00
_cell.angle_gamma   90.00
#
_symmetry.space_group_name_H-M   'P 1'
#
loop_
_entity.id
_entity.type
_entity.pdbx_description
1 polymer VP3
2 polymer VP11
3 polymer VP12
#
loop_
_entity_poly.entity_id
_entity_poly.type
_entity_poly.pdbx_seq_one_letter_code
_entity_poly.pdbx_strand_id
1 'polypeptide(L)'
;MASTTRLVNDRKQLEQQVKDDARILADARGLNITTVANDSATGGQAIRNVGPNDEATIKALDNVIKQIEALSVIVNRSEK
ADDAQILGPNTYKQLLEHLFSPEENVYILLPIQAYTGGVIDRRDASFSNFAYSIASKLMMELSAATHNKIFTDYTRIAAS
ALGPEISTEGMPLFSLIESLELTEAETSRLPVIQDSMVIQKSTATVGNAQQGISTINIKRVPFVGSAFQQVIDQLLWEYS
TTSLTTKEQRRQRITEMVNDRRIMIQKLTLAEKPQVMRHVTTEINNDLFFKMSPVAQLYIYHLDRAFLDGVGFTPLAEKQ
QQLQLQLKTNILTANLIRSAINGMNTESNLEVAIKMMQAAQLHRASIEIAFPMNVSLSPEIIVQCFIVWMSIPEQLLSDR
SNFIIAAVIWAGFSADDSYADIMRRSARASDRQNYDIIKAALSSRKFKLPRASTTLFDENEPVVRRYQIGRVYAPFPVDR
YGSPVYSNCTKVELASDYNAEGFTIRKDDFRALQAVLRIDEDRAADMFTTLRIMISSIPAVWYDAEVVHYPHTAVELEQL
AAYGLTGAYPRTNHSVDTIVKTVNNISATYSTIAQMLSTIDLDPTRYGTSESIDKFKIAWENVESVLNMEGNDFVKTIMY
AYEDNFPKKDFYMMLKQIASDGQGAHPIAAAIDQLRTIVYREPERFGYIDSVILTHNPDVDTAYNRFFHLHPIVTNQPSN
TIKNAQLWNEMRLEQQVEHIKAGPVRIIGPFHVTYNYLSEEEDMPATSHIIMKDNMILNDHLTFNFVKRERRNNKKRVSS
FRYKAVEMYVAVRISRFQLEVLRDLHDLVRSRTYLDVSKSPLATTPIRVVEYVR
;
A,B
2 'polypeptide(L)'
;MNWSKAINFQPFMLETRPPLTTIPIMDQLVEIGERSNQKWSMTDRLFFAIRKINPIFVTSSQIPSKFDYTILQMPTQLIA
SLKETLLFLAFSYYLREYQDKVGQMKFYPVAMKNMIPIVNYLKDRVHNNFDTTLEQAYRQNVVHTLSASDAFDLLSGMIA
TTRLDLIQRTRICPELLNVLNKMSFILIYAPNRPSILSWKNQS
;
1,2
3 'polypeptide(L)'
;MNLEINNFAPAISSIGSQLCSLSAQKLLTCRKQYGNGAKSFEEFYAEIGGIIGMMGINSQTPSGIREAIYRLYQSAFLFG
DIFPESFGIQNTQNIKPPPGFTAPAKKLEVVLPQGGAFDLIYNNGEIRVTTTRNVQAGDLVCTVTFPIQGSVIATRNCHV
NEIGGQLTTTRPEIIASVPMPARTVIVASFDAIEIGYGEGDDLFAIGIAILSNRFNGQITPMSRHNYMTQMFANLPANMS
ERDSSAVLHFAQAAPVVLGMMERLTGAPKWVLDY
;
a,b,c,d,e,f,g,h,i,j,k,l,m
#
# COMPACT_ATOMS: atom_id res chain seq x y z
N LEU A 61 -37.75 -41.32 -14.02
CA LEU A 61 -36.82 -40.46 -13.30
C LEU A 61 -37.49 -39.84 -12.07
N ASP A 62 -38.75 -40.20 -11.83
CA ASP A 62 -39.48 -39.70 -10.68
C ASP A 62 -39.48 -40.67 -9.51
N ASN A 63 -39.43 -41.98 -9.78
CA ASN A 63 -39.39 -42.99 -8.74
C ASN A 63 -37.99 -43.46 -8.42
N VAL A 64 -36.96 -42.80 -8.96
CA VAL A 64 -35.58 -43.19 -8.68
C VAL A 64 -35.23 -42.96 -7.22
N ILE A 65 -35.89 -41.99 -6.57
CA ILE A 65 -35.61 -41.70 -5.17
C ILE A 65 -36.60 -42.36 -4.21
N LYS A 66 -37.75 -42.83 -4.70
CA LYS A 66 -38.65 -43.58 -3.86
C LYS A 66 -38.01 -44.88 -3.38
N GLN A 67 -37.30 -45.57 -4.28
CA GLN A 67 -36.60 -46.77 -3.87
C GLN A 67 -35.51 -46.45 -2.84
N ILE A 68 -34.81 -45.33 -3.01
CA ILE A 68 -33.79 -44.93 -2.05
C ILE A 68 -34.41 -44.68 -0.68
N GLU A 69 -35.54 -43.96 -0.65
CA GLU A 69 -36.20 -43.70 0.63
C GLU A 69 -36.68 -44.98 1.28
N ALA A 70 -37.27 -45.88 0.49
CA ALA A 70 -37.75 -47.15 1.03
C ALA A 70 -36.60 -47.99 1.59
N LEU A 71 -35.48 -48.06 0.86
CA LEU A 71 -34.34 -48.82 1.34
C LEU A 71 -33.75 -48.19 2.60
N SER A 72 -33.69 -46.86 2.67
CA SER A 72 -33.20 -46.20 3.87
C SER A 72 -34.08 -46.50 5.07
N VAL A 73 -35.41 -46.45 4.87
CA VAL A 73 -36.33 -46.74 5.98
C VAL A 73 -36.22 -48.20 6.40
N ILE A 74 -36.06 -49.11 5.44
CA ILE A 74 -35.98 -50.52 5.78
C ILE A 74 -34.68 -50.83 6.52
N VAL A 75 -33.55 -50.29 6.06
CA VAL A 75 -32.30 -50.53 6.77
C VAL A 75 -32.32 -49.83 8.12
N ASN A 76 -33.11 -48.75 8.25
CA ASN A 76 -33.26 -48.11 9.55
C ASN A 76 -33.93 -49.02 10.57
N ARG A 77 -34.63 -50.04 10.08
CA ARG A 77 -35.34 -51.00 10.99
C ARG A 77 -34.35 -52.07 11.46
N SER A 78 -33.24 -52.25 10.73
CA SER A 78 -32.19 -53.20 11.21
C SER A 78 -31.52 -52.58 12.45
N GLU A 79 -31.88 -53.05 13.65
CA GLU A 79 -31.35 -52.43 14.89
C GLU A 79 -29.83 -52.61 14.96
N LYS A 80 -29.10 -51.55 15.36
CA LYS A 80 -27.62 -51.63 15.50
C LYS A 80 -27.24 -51.21 16.91
N ALA A 81 -26.44 -52.01 17.60
CA ALA A 81 -25.98 -51.66 18.98
C ALA A 81 -25.04 -50.46 18.92
N ASP A 82 -25.13 -49.54 19.88
CA ASP A 82 -24.27 -48.34 19.90
C ASP A 82 -23.37 -48.36 21.14
N ASP A 83 -22.05 -48.18 20.95
CA ASP A 83 -21.10 -48.13 22.09
C ASP A 83 -20.80 -46.67 22.42
N ALA A 84 -21.52 -45.74 21.78
CA ALA A 84 -21.30 -44.29 22.02
C ALA A 84 -21.25 -43.99 23.51
N GLN A 85 -22.05 -44.69 24.32
CA GLN A 85 -22.11 -44.38 25.77
C GLN A 85 -21.19 -45.33 26.55
N ILE A 86 -20.78 -46.45 25.95
CA ILE A 86 -19.97 -47.46 26.70
C ILE A 86 -18.45 -47.29 26.55
N LEU A 87 -17.71 -47.29 27.66
CA LEU A 87 -16.26 -47.21 27.69
C LEU A 87 -15.67 -48.57 28.07
N GLY A 88 -14.34 -48.65 27.96
CA GLY A 88 -13.63 -49.87 28.27
C GLY A 88 -12.32 -49.61 28.98
N PRO A 89 -11.73 -50.66 29.55
CA PRO A 89 -10.45 -50.51 30.25
C PRO A 89 -9.32 -50.18 29.29
N ASN A 90 -8.30 -49.50 29.80
CA ASN A 90 -7.16 -49.09 29.00
C ASN A 90 -5.93 -48.98 29.88
N THR A 91 -4.76 -48.97 29.23
CA THR A 91 -3.48 -48.81 29.90
C THR A 91 -2.61 -47.82 29.14
N TYR A 92 -1.76 -47.11 29.88
CA TYR A 92 -0.81 -46.21 29.25
C TYR A 92 0.25 -47.01 28.50
N LYS A 93 0.69 -46.49 27.36
CA LYS A 93 1.70 -47.15 26.54
C LYS A 93 3.08 -46.69 26.94
N GLN A 94 4.02 -47.64 27.01
CA GLN A 94 5.37 -47.38 27.47
C GLN A 94 6.22 -46.86 26.31
N LEU A 95 6.85 -45.70 26.52
CA LEU A 95 7.62 -45.07 25.41
C LEU A 95 9.07 -45.52 25.46
N LEU A 96 9.74 -45.55 24.31
CA LEU A 96 11.14 -46.07 24.30
C LEU A 96 12.01 -45.14 25.13
N GLU A 97 12.78 -45.69 26.07
CA GLU A 97 13.59 -44.84 26.99
C GLU A 97 14.98 -45.45 27.16
N HIS A 98 16.03 -44.69 26.86
CA HIS A 98 17.41 -45.17 27.11
C HIS A 98 18.01 -44.31 28.21
N LEU A 99 18.40 -44.90 29.34
CA LEU A 99 19.09 -44.08 30.38
C LEU A 99 20.44 -44.72 30.76
N PHE A 100 21.46 -43.90 30.98
CA PHE A 100 22.80 -44.41 31.36
C PHE A 100 23.38 -43.53 32.48
N SER A 101 24.49 -43.97 33.07
CA SER A 101 25.15 -43.21 34.17
C SER A 101 26.65 -43.03 33.87
N PRO A 102 27.21 -41.81 33.62
CA PRO A 102 28.65 -41.69 33.42
C PRO A 102 29.47 -41.74 34.69
N GLU A 103 28.88 -41.46 35.85
CA GLU A 103 29.61 -41.45 37.11
C GLU A 103 28.60 -41.55 38.25
N GLU A 104 29.12 -41.55 39.48
CA GLU A 104 28.28 -41.72 40.66
C GLU A 104 27.38 -40.50 40.84
N ASN A 105 26.11 -40.77 41.15
CA ASN A 105 25.10 -39.75 41.41
C ASN A 105 24.90 -38.82 40.21
N VAL A 106 25.07 -39.35 39.00
CA VAL A 106 24.79 -38.62 37.77
C VAL A 106 24.09 -39.60 36.83
N TYR A 107 22.83 -39.32 36.51
CA TYR A 107 22.03 -40.19 35.67
C TYR A 107 21.50 -39.40 34.49
N ILE A 108 21.84 -39.85 33.28
CA ILE A 108 21.48 -39.17 32.05
C ILE A 108 20.34 -39.93 31.39
N LEU A 109 19.32 -39.20 30.95
CA LEU A 109 18.12 -39.77 30.35
C LEU A 109 18.03 -39.26 28.93
N LEU A 110 18.47 -40.09 27.98
CA LEU A 110 18.65 -39.65 26.60
C LEU A 110 17.30 -39.48 25.91
N PRO A 111 17.11 -38.43 25.13
CA PRO A 111 15.86 -38.27 24.39
C PRO A 111 15.80 -39.15 23.15
N ILE A 112 15.04 -40.23 23.20
CA ILE A 112 14.90 -41.16 22.09
C ILE A 112 13.70 -40.73 21.26
N GLN A 113 13.82 -40.84 19.95
CA GLN A 113 12.73 -40.46 19.06
C GLN A 113 11.51 -41.34 19.31
N ALA A 114 10.37 -40.70 19.52
CA ALA A 114 9.16 -41.48 19.87
C ALA A 114 8.22 -41.51 18.67
N TYR A 115 8.19 -40.43 17.89
CA TYR A 115 7.27 -40.34 16.72
C TYR A 115 8.09 -39.92 15.49
N THR A 116 7.87 -40.60 14.35
CA THR A 116 8.68 -40.33 13.13
C THR A 116 7.83 -39.69 12.04
N GLY A 117 6.69 -39.06 12.39
CA GLY A 117 5.81 -38.52 11.35
C GLY A 117 6.01 -37.02 11.15
N GLY A 118 6.49 -36.62 9.96
CA GLY A 118 6.68 -35.19 9.65
C GLY A 118 6.67 -34.94 8.15
N VAL A 119 6.35 -33.71 7.73
CA VAL A 119 6.38 -33.36 6.27
C VAL A 119 7.09 -32.01 6.11
N ILE A 120 8.25 -32.00 5.45
CA ILE A 120 9.05 -30.75 5.29
C ILE A 120 8.37 -29.89 4.23
N ASP A 121 8.21 -28.59 4.51
CA ASP A 121 7.52 -27.70 3.58
C ASP A 121 8.51 -27.25 2.50
N ARG A 122 8.39 -27.82 1.31
CA ARG A 122 9.31 -27.48 0.22
C ARG A 122 9.19 -26.02 -0.18
N ARG A 123 7.99 -25.45 -0.09
CA ARG A 123 7.81 -24.04 -0.42
C ARG A 123 8.55 -23.13 0.56
N ASP A 124 8.91 -23.64 1.73
CA ASP A 124 9.69 -22.90 2.72
C ASP A 124 9.01 -21.60 3.15
N ALA A 125 7.67 -21.62 3.19
CA ALA A 125 6.92 -20.42 3.55
C ALA A 125 7.10 -20.08 5.02
N SER A 126 6.97 -21.09 5.90
CA SER A 126 7.02 -20.85 7.33
C SER A 126 7.44 -22.11 8.04
N PHE A 127 7.67 -22.00 9.35
CA PHE A 127 8.08 -23.11 10.20
C PHE A 127 6.92 -23.71 10.99
N SER A 128 5.86 -22.94 11.23
CA SER A 128 4.73 -23.45 12.01
C SER A 128 3.97 -24.53 11.27
N ASN A 129 4.02 -24.53 9.93
CA ASN A 129 3.33 -25.56 9.15
C ASN A 129 3.90 -26.94 9.44
N PHE A 130 5.22 -27.05 9.54
CA PHE A 130 5.86 -28.33 9.83
C PHE A 130 5.46 -28.85 11.20
N ALA A 131 5.49 -27.98 12.21
CA ALA A 131 5.10 -28.37 13.56
C ALA A 131 3.63 -28.77 13.62
N TYR A 132 2.77 -28.03 12.93
CA TYR A 132 1.35 -28.39 12.90
C TYR A 132 1.13 -29.72 12.22
N SER A 133 1.87 -29.98 11.13
CA SER A 133 1.75 -31.27 10.46
C SER A 133 2.14 -32.41 11.39
N ILE A 134 3.27 -32.25 12.09
CA ILE A 134 3.70 -33.28 13.03
C ILE A 134 2.65 -33.50 14.10
N ALA A 135 2.19 -32.41 14.72
CA ALA A 135 1.25 -32.53 15.83
C ALA A 135 -0.06 -33.16 15.39
N SER A 136 -0.59 -32.73 14.25
CA SER A 136 -1.87 -33.25 13.77
C SER A 136 -1.76 -34.72 13.40
N LYS A 137 -0.71 -35.10 12.67
CA LYS A 137 -0.56 -36.50 12.28
C LYS A 137 -0.35 -37.39 13.51
N LEU A 138 0.36 -36.88 14.52
CA LEU A 138 0.56 -37.65 15.73
C LEU A 138 -0.74 -37.81 16.51
N MET A 139 -1.53 -36.73 16.61
CA MET A 139 -2.78 -36.81 17.36
C MET A 139 -3.82 -37.66 16.65
N MET A 140 -3.76 -37.74 15.32
CA MET A 140 -4.63 -38.67 14.60
C MET A 140 -4.44 -40.09 15.10
N GLU A 141 -3.18 -40.51 15.25
CA GLU A 141 -2.89 -41.87 15.70
C GLU A 141 -3.13 -42.03 17.19
N LEU A 142 -2.80 -41.01 17.98
CA LEU A 142 -2.99 -41.09 19.43
C LEU A 142 -4.46 -41.20 19.80
N SER A 143 -5.33 -40.46 19.11
CA SER A 143 -6.75 -40.51 19.42
C SER A 143 -7.40 -41.81 18.99
N ALA A 144 -6.83 -42.50 17.99
CA ALA A 144 -7.41 -43.75 17.52
C ALA A 144 -7.13 -44.92 18.45
N ALA A 145 -6.24 -44.77 19.43
CA ALA A 145 -5.93 -45.84 20.36
C ALA A 145 -6.74 -45.75 21.65
N THR A 146 -7.31 -44.60 21.95
CA THR A 146 -8.15 -44.39 23.13
C THR A 146 -9.54 -43.94 22.74
N HIS A 147 -10.13 -44.62 21.75
CA HIS A 147 -11.40 -44.17 21.17
C HIS A 147 -12.52 -44.24 22.20
N ASN A 148 -12.81 -45.46 22.69
CA ASN A 148 -13.87 -45.64 23.71
C ASN A 148 -13.27 -46.36 24.93
N LYS A 149 -12.12 -45.86 25.42
CA LYS A 149 -11.43 -46.49 26.52
C LYS A 149 -11.00 -45.44 27.53
N ILE A 150 -10.94 -45.86 28.79
CA ILE A 150 -10.48 -45.01 29.89
C ILE A 150 -9.35 -45.74 30.61
N PHE A 151 -8.32 -45.01 30.99
CA PHE A 151 -7.18 -45.60 31.68
C PHE A 151 -7.61 -46.05 33.08
N THR A 152 -7.66 -47.36 33.29
CA THR A 152 -8.13 -47.91 34.56
C THR A 152 -7.18 -48.94 35.15
N ASP A 153 -6.40 -49.60 34.30
CA ASP A 153 -5.63 -50.76 34.69
C ASP A 153 -4.15 -50.42 34.83
N TYR A 154 -3.56 -50.84 35.95
CA TYR A 154 -2.15 -50.62 36.22
C TYR A 154 -1.60 -51.79 37.03
N THR A 155 -0.28 -51.95 36.99
CA THR A 155 0.39 -53.03 37.69
C THR A 155 0.73 -52.60 39.12
N ARG A 156 0.58 -53.52 40.07
CA ARG A 156 0.66 -53.19 41.47
C ARG A 156 1.06 -54.42 42.28
N ILE A 157 1.47 -54.17 43.52
CA ILE A 157 1.63 -55.21 44.52
C ILE A 157 0.49 -55.05 45.52
N ALA A 158 -0.36 -56.07 45.63
CA ALA A 158 -1.56 -55.96 46.45
C ALA A 158 -1.21 -55.74 47.92
N ALA A 159 -2.01 -54.92 48.59
CA ALA A 159 -1.77 -54.60 49.99
C ALA A 159 -1.93 -55.84 50.85
N SER A 160 -1.13 -55.92 51.91
CA SER A 160 -1.17 -57.05 52.84
C SER A 160 -0.63 -56.55 54.18
N ALA A 161 -0.34 -57.48 55.09
CA ALA A 161 0.25 -57.10 56.36
C ALA A 161 1.68 -56.60 56.17
N LEU A 162 2.32 -56.98 55.06
CA LEU A 162 3.68 -56.55 54.79
C LEU A 162 3.78 -55.05 54.50
N GLY A 163 2.65 -54.39 54.25
CA GLY A 163 2.65 -52.97 54.00
C GLY A 163 1.49 -52.52 53.14
N PRO A 164 1.42 -51.23 52.86
CA PRO A 164 0.34 -50.70 52.03
C PRO A 164 0.54 -51.05 50.56
N GLU A 165 -0.51 -50.81 49.78
CA GLU A 165 -0.46 -51.05 48.35
C GLU A 165 0.54 -50.11 47.69
N ILE A 166 1.42 -50.68 46.86
CA ILE A 166 2.44 -49.90 46.17
C ILE A 166 2.40 -50.22 44.68
N SER A 167 2.98 -49.33 43.89
CA SER A 167 2.94 -49.40 42.45
C SER A 167 4.24 -49.95 41.89
N THR A 168 4.14 -50.79 40.85
CA THR A 168 5.26 -51.19 40.01
C THR A 168 4.78 -50.99 38.58
N GLU A 169 4.92 -49.77 38.07
CA GLU A 169 4.21 -49.38 36.86
C GLU A 169 5.11 -49.05 35.69
N GLY A 170 6.18 -48.29 35.90
CA GLY A 170 7.14 -47.99 34.85
C GLY A 170 8.01 -49.20 34.53
N MET A 171 9.24 -48.92 34.12
CA MET A 171 10.19 -50.01 33.97
C MET A 171 10.61 -50.51 35.36
N PRO A 172 10.85 -51.82 35.50
CA PRO A 172 11.16 -52.36 36.83
C PRO A 172 12.40 -51.71 37.43
N LEU A 173 12.34 -51.46 38.74
CA LEU A 173 13.46 -50.87 39.45
C LEU A 173 14.68 -51.79 39.48
N PHE A 174 14.47 -53.10 39.30
CA PHE A 174 15.59 -54.03 39.33
C PHE A 174 16.50 -53.89 38.11
N SER A 175 15.92 -53.54 36.95
CA SER A 175 16.71 -53.43 35.73
C SER A 175 17.70 -52.27 35.78
N LEU A 176 17.45 -51.26 36.61
CA LEU A 176 18.34 -50.11 36.69
C LEU A 176 19.72 -50.48 37.23
N ILE A 177 19.82 -51.58 37.98
CA ILE A 177 21.13 -52.00 38.48
C ILE A 177 22.05 -52.35 37.31
N GLU A 178 21.53 -53.08 36.33
CA GLU A 178 22.32 -53.40 35.14
C GLU A 178 22.41 -52.22 34.19
N SER A 179 21.31 -51.46 34.05
CA SER A 179 21.29 -50.36 33.08
C SER A 179 22.16 -49.18 33.49
N LEU A 180 22.40 -49.00 34.79
CA LEU A 180 23.14 -47.79 35.26
C LEU A 180 24.47 -48.14 35.95
N GLU A 181 24.74 -49.43 36.19
CA GLU A 181 25.96 -49.84 36.89
C GLU A 181 26.03 -49.16 38.27
N LEU A 182 25.05 -49.47 39.10
CA LEU A 182 24.99 -48.89 40.44
C LEU A 182 25.98 -49.59 41.36
N THR A 183 26.54 -48.82 42.30
CA THR A 183 27.40 -49.40 43.32
C THR A 183 26.55 -49.96 44.45
N GLU A 184 27.19 -50.69 45.35
CA GLU A 184 26.48 -51.30 46.47
C GLU A 184 25.91 -50.27 47.42
N ALA A 185 26.41 -49.03 47.40
CA ALA A 185 25.86 -47.99 48.25
C ALA A 185 24.70 -47.25 47.59
N GLU A 186 24.50 -47.43 46.29
CA GLU A 186 23.34 -46.87 45.60
C GLU A 186 22.23 -47.89 45.39
N THR A 187 22.56 -49.19 45.40
CA THR A 187 21.53 -50.22 45.33
C THR A 187 20.68 -50.22 46.60
N SER A 188 21.27 -49.84 47.73
CA SER A 188 20.52 -49.82 49.00
C SER A 188 19.37 -48.82 48.96
N ARG A 189 19.45 -47.80 48.11
CA ARG A 189 18.36 -46.83 48.01
C ARG A 189 17.19 -47.33 47.15
N LEU A 190 17.40 -48.39 46.36
CA LEU A 190 16.32 -48.89 45.52
C LEU A 190 15.14 -49.45 46.33
N PRO A 191 15.33 -50.30 47.34
CA PRO A 191 14.16 -50.79 48.10
C PRO A 191 13.35 -49.69 48.78
N VAL A 192 14.00 -48.65 49.29
CA VAL A 192 13.24 -47.59 49.95
C VAL A 192 12.52 -46.71 48.94
N ILE A 193 12.99 -46.66 47.69
CA ILE A 193 12.23 -46.01 46.64
C ILE A 193 11.00 -46.84 46.29
N GLN A 194 11.16 -48.16 46.18
CA GLN A 194 10.03 -49.03 45.86
C GLN A 194 8.96 -48.97 46.95
N ASP A 195 9.38 -48.94 48.21
CA ASP A 195 8.41 -48.90 49.30
C ASP A 195 7.75 -47.54 49.47
N SER A 196 8.24 -46.50 48.80
CA SER A 196 7.66 -45.17 48.89
C SER A 196 6.67 -44.86 47.78
N MET A 197 6.46 -45.79 46.85
CA MET A 197 5.58 -45.53 45.70
C MET A 197 4.15 -45.93 46.05
N VAL A 198 3.59 -45.20 47.01
CA VAL A 198 2.20 -45.44 47.43
C VAL A 198 1.25 -44.72 46.47
N ILE A 199 -0.02 -45.12 46.52
CA ILE A 199 -1.04 -44.61 45.62
C ILE A 199 -1.95 -43.66 46.39
N GLN A 200 -2.15 -42.46 45.86
CA GLN A 200 -2.96 -41.43 46.49
C GLN A 200 -4.28 -41.29 45.76
N LYS A 201 -5.35 -41.09 46.52
CA LYS A 201 -6.70 -41.03 45.98
C LYS A 201 -7.25 -39.62 46.14
N SER A 202 -8.05 -39.18 45.16
CA SER A 202 -8.67 -37.87 45.19
C SER A 202 -9.95 -37.93 44.36
N THR A 203 -10.55 -36.77 44.11
CA THR A 203 -11.79 -36.67 43.36
C THR A 203 -11.67 -35.61 42.27
N ALA A 204 -12.40 -35.83 41.18
CA ALA A 204 -12.47 -34.89 40.08
C ALA A 204 -13.93 -34.67 39.73
N THR A 205 -14.24 -33.47 39.25
CA THR A 205 -15.61 -33.10 38.88
C THR A 205 -15.78 -33.21 37.37
N VAL A 206 -16.94 -33.72 36.95
CA VAL A 206 -17.26 -33.91 35.54
C VAL A 206 -18.67 -33.37 35.28
N GLY A 207 -18.95 -33.14 34.01
CA GLY A 207 -20.27 -32.68 33.61
C GLY A 207 -20.35 -31.16 33.51
N ASN A 208 -21.23 -30.70 32.64
CA ASN A 208 -21.47 -29.28 32.43
C ASN A 208 -22.77 -28.87 33.12
N ALA A 209 -23.20 -27.63 32.89
CA ALA A 209 -24.46 -27.17 33.45
C ALA A 209 -25.65 -27.80 32.75
N GLN A 210 -25.54 -28.00 31.43
CA GLN A 210 -26.63 -28.64 30.69
C GLN A 210 -26.83 -30.07 31.15
N GLN A 211 -25.75 -30.81 31.35
CA GLN A 211 -25.81 -32.12 31.99
C GLN A 211 -25.77 -31.91 33.50
N GLY A 212 -25.52 -33.01 34.22
CA GLY A 212 -25.45 -32.93 35.70
C GLY A 212 -24.02 -32.89 36.19
N ILE A 213 -23.75 -32.08 37.22
CA ILE A 213 -22.42 -31.96 37.81
C ILE A 213 -22.20 -33.20 38.68
N SER A 214 -21.40 -34.13 38.19
CA SER A 214 -21.12 -35.37 38.91
C SER A 214 -19.76 -35.28 39.58
N THR A 215 -19.39 -36.36 40.28
CA THR A 215 -18.10 -36.46 40.95
C THR A 215 -17.57 -37.86 40.76
N ILE A 216 -16.36 -37.99 40.23
CA ILE A 216 -15.70 -39.27 40.05
C ILE A 216 -14.47 -39.32 40.92
N ASN A 217 -14.14 -40.53 41.39
CA ASN A 217 -12.94 -40.75 42.17
C ASN A 217 -11.79 -41.12 41.24
N ILE A 218 -10.60 -40.64 41.56
CA ILE A 218 -9.42 -40.87 40.73
C ILE A 218 -8.27 -41.33 41.61
N LYS A 219 -7.26 -41.89 40.96
CA LYS A 219 -6.03 -42.33 41.60
C LYS A 219 -4.85 -41.60 40.98
N ARG A 220 -3.75 -41.54 41.74
CA ARG A 220 -2.52 -40.90 41.27
C ARG A 220 -1.37 -41.85 41.61
N VAL A 221 -1.06 -42.75 40.69
CA VAL A 221 -0.07 -43.80 40.94
C VAL A 221 1.31 -43.30 40.52
N PRO A 222 2.38 -43.69 41.21
CA PRO A 222 3.72 -43.31 40.77
C PRO A 222 4.33 -44.32 39.81
N PHE A 223 5.03 -43.79 38.81
CA PHE A 223 5.76 -44.61 37.86
C PHE A 223 7.14 -44.00 37.65
N VAL A 224 8.08 -44.83 37.21
CA VAL A 224 9.44 -44.40 36.94
C VAL A 224 9.63 -44.22 35.44
N GLY A 225 10.11 -43.04 35.06
CA GLY A 225 10.28 -42.73 33.65
C GLY A 225 10.59 -41.26 33.46
N SER A 226 10.50 -40.84 32.21
CA SER A 226 10.83 -39.47 31.83
C SER A 226 9.67 -38.52 32.10
N ALA A 227 9.99 -37.23 32.15
CA ALA A 227 8.96 -36.21 32.31
C ALA A 227 8.18 -36.00 31.01
N PHE A 228 8.81 -36.27 29.86
CA PHE A 228 8.10 -36.21 28.59
C PHE A 228 6.95 -37.21 28.57
N GLN A 229 7.19 -38.42 29.09
CA GLN A 229 6.11 -39.39 29.21
C GLN A 229 5.02 -38.89 30.14
N GLN A 230 5.40 -38.21 31.22
CA GLN A 230 4.40 -37.64 32.13
C GLN A 230 3.52 -36.62 31.41
N VAL A 231 4.13 -35.74 30.61
CA VAL A 231 3.37 -34.74 29.89
C VAL A 231 2.45 -35.38 28.86
N ILE A 232 2.96 -36.37 28.12
CA ILE A 232 2.15 -37.04 27.11
C ILE A 232 0.96 -37.74 27.76
N ASP A 233 1.20 -38.43 28.87
CA ASP A 233 0.13 -39.13 29.55
C ASP A 233 -0.90 -38.17 30.13
N GLN A 234 -0.44 -37.02 30.64
CA GLN A 234 -1.38 -36.01 31.13
C GLN A 234 -2.25 -35.48 30.00
N LEU A 235 -1.65 -35.22 28.83
CA LEU A 235 -2.44 -34.79 27.69
C LEU A 235 -3.46 -35.83 27.29
N LEU A 236 -3.05 -37.11 27.28
CA LEU A 236 -3.97 -38.19 26.93
C LEU A 236 -5.12 -38.28 27.93
N TRP A 237 -4.82 -38.16 29.22
CA TRP A 237 -5.88 -38.22 30.22
C TRP A 237 -6.84 -37.04 30.09
N GLU A 238 -6.31 -35.83 29.88
CA GLU A 238 -7.18 -34.68 29.74
C GLU A 238 -8.04 -34.75 28.49
N TYR A 239 -7.51 -35.37 27.42
CA TYR A 239 -8.30 -35.52 26.21
C TYR A 239 -9.34 -36.61 26.35
N SER A 240 -9.02 -37.69 27.06
CA SER A 240 -9.91 -38.84 27.11
C SER A 240 -11.11 -38.59 28.01
N THR A 241 -10.95 -37.81 29.07
CA THR A 241 -11.99 -37.64 30.09
C THR A 241 -12.87 -36.43 29.84
N THR A 242 -13.06 -36.05 28.57
CA THR A 242 -14.01 -35.03 28.22
C THR A 242 -15.38 -35.67 27.97
N SER A 243 -16.43 -34.99 28.38
CA SER A 243 -17.81 -35.45 28.22
C SER A 243 -18.02 -36.80 28.91
N LEU A 244 -17.86 -36.79 30.24
CA LEU A 244 -18.20 -37.91 31.09
C LEU A 244 -19.29 -37.50 32.06
N THR A 245 -20.11 -38.48 32.45
CA THR A 245 -21.18 -38.26 33.41
C THR A 245 -21.54 -39.59 34.05
N THR A 246 -22.33 -39.52 35.11
CA THR A 246 -22.75 -40.69 35.86
C THR A 246 -24.13 -41.15 35.39
N LYS A 247 -24.51 -42.34 35.85
CA LYS A 247 -25.78 -42.92 35.41
C LYS A 247 -26.97 -42.26 36.10
N GLU A 248 -26.81 -41.78 37.34
CA GLU A 248 -27.95 -41.18 38.03
C GLU A 248 -28.28 -39.80 37.46
N GLN A 249 -27.26 -39.02 37.09
CA GLN A 249 -27.52 -37.76 36.41
C GLN A 249 -28.17 -37.99 35.05
N ARG A 250 -27.71 -39.00 34.32
CA ARG A 250 -28.31 -39.31 33.02
C ARG A 250 -29.77 -39.73 33.18
N ARG A 251 -30.06 -40.53 34.21
CA ARG A 251 -31.45 -40.92 34.45
C ARG A 251 -32.31 -39.73 34.84
N GLN A 252 -31.75 -38.81 35.62
CA GLN A 252 -32.50 -37.60 35.97
C GLN A 252 -32.82 -36.79 34.72
N ARG A 253 -31.84 -36.64 33.82
CA ARG A 253 -32.10 -35.89 32.59
C ARG A 253 -33.14 -36.58 31.72
N ILE A 254 -33.08 -37.92 31.63
CA ILE A 254 -34.05 -38.66 30.84
C ILE A 254 -35.44 -38.51 31.43
N THR A 255 -35.55 -38.55 32.75
CA THR A 255 -36.84 -38.34 33.39
C THR A 255 -37.37 -36.93 33.13
N GLU A 256 -36.49 -35.93 33.16
CA GLU A 256 -36.92 -34.56 32.92
C GLU A 256 -37.40 -34.37 31.48
N MET A 257 -36.70 -34.95 30.50
CA MET A 257 -37.10 -34.77 29.11
C MET A 257 -38.42 -35.47 28.80
N VAL A 258 -38.64 -36.65 29.36
CA VAL A 258 -39.86 -37.42 29.14
C VAL A 258 -40.80 -37.10 30.30
N ASN A 259 -41.70 -36.14 30.07
CA ASN A 259 -42.62 -35.72 31.13
C ASN A 259 -43.82 -36.65 31.28
N ASP A 260 -44.01 -37.61 30.38
CA ASP A 260 -45.16 -38.49 30.46
C ASP A 260 -44.96 -39.52 31.56
N ARG A 261 -45.95 -39.64 32.44
CA ARG A 261 -45.88 -40.59 33.54
C ARG A 261 -46.12 -42.02 33.10
N ARG A 262 -46.68 -42.23 31.90
CA ARG A 262 -46.94 -43.59 31.45
C ARG A 262 -45.66 -44.38 31.27
N ILE A 263 -44.63 -43.76 30.69
CA ILE A 263 -43.36 -44.43 30.48
C ILE A 263 -42.58 -44.41 31.80
N MET A 264 -42.18 -45.59 32.26
CA MET A 264 -41.37 -45.71 33.46
C MET A 264 -39.97 -46.13 33.09
N ILE A 265 -38.98 -45.42 33.60
CA ILE A 265 -37.59 -45.70 33.34
C ILE A 265 -37.07 -46.64 34.41
N GLN A 266 -36.19 -47.56 34.01
CA GLN A 266 -35.69 -48.58 34.92
C GLN A 266 -34.97 -47.94 36.10
N LYS A 267 -35.27 -48.42 37.30
CA LYS A 267 -34.62 -47.92 38.50
C LYS A 267 -33.19 -48.43 38.58
N LEU A 268 -32.30 -47.58 39.08
CA LEU A 268 -30.89 -47.92 39.22
C LEU A 268 -30.63 -48.55 40.57
N THR A 269 -29.85 -49.63 40.58
CA THR A 269 -29.44 -50.22 41.83
C THR A 269 -28.45 -49.31 42.54
N LEU A 270 -28.07 -49.70 43.76
CA LEU A 270 -27.09 -48.91 44.50
C LEU A 270 -25.72 -48.95 43.85
N ALA A 271 -25.37 -50.07 43.22
CA ALA A 271 -24.06 -50.19 42.58
C ALA A 271 -24.01 -49.55 41.20
N GLU A 272 -25.16 -49.26 40.60
CA GLU A 272 -25.20 -48.69 39.25
C GLU A 272 -25.29 -47.17 39.25
N LYS A 273 -25.36 -46.53 40.42
CA LYS A 273 -25.48 -45.07 40.46
C LYS A 273 -24.15 -44.38 40.21
N PRO A 274 -23.04 -44.77 40.85
CA PRO A 274 -21.77 -44.09 40.59
C PRO A 274 -21.09 -44.50 39.28
N GLN A 275 -21.69 -45.38 38.49
CA GLN A 275 -21.07 -45.80 37.25
C GLN A 275 -21.01 -44.64 36.26
N VAL A 276 -19.94 -44.60 35.47
CA VAL A 276 -19.60 -43.45 34.63
C VAL A 276 -19.87 -43.81 33.18
N MET A 277 -20.48 -42.87 32.45
CA MET A 277 -20.82 -43.02 31.04
C MET A 277 -20.25 -41.82 30.27
N ARG A 278 -20.43 -41.85 28.95
CA ARG A 278 -20.00 -40.76 28.08
C ARG A 278 -21.22 -40.18 27.38
N HIS A 279 -21.36 -38.87 27.44
CA HIS A 279 -22.48 -38.16 26.82
C HIS A 279 -22.01 -37.40 25.59
N VAL A 280 -22.98 -36.82 24.88
CA VAL A 280 -22.68 -36.07 23.68
C VAL A 280 -22.10 -34.70 24.03
N THR A 281 -21.40 -34.10 23.07
CA THR A 281 -20.82 -32.78 23.28
C THR A 281 -21.90 -31.73 23.50
N THR A 282 -22.88 -31.69 22.61
CA THR A 282 -23.98 -30.76 22.71
C THR A 282 -25.29 -31.50 22.47
N GLU A 283 -26.33 -31.14 23.22
CA GLU A 283 -27.61 -31.83 23.14
C GLU A 283 -28.41 -31.36 21.95
N ILE A 284 -29.16 -32.29 21.37
CA ILE A 284 -30.07 -31.98 20.27
C ILE A 284 -31.42 -31.61 20.87
N ASN A 285 -31.86 -30.38 20.63
CA ASN A 285 -33.10 -29.85 21.19
C ASN A 285 -33.92 -29.18 20.08
N ASN A 286 -34.98 -28.48 20.49
CA ASN A 286 -35.87 -27.83 19.54
C ASN A 286 -35.16 -26.71 18.78
N ASP A 287 -34.11 -26.13 19.35
CA ASP A 287 -33.40 -25.05 18.67
C ASP A 287 -32.75 -25.54 17.38
N LEU A 288 -32.21 -26.77 17.39
CA LEU A 288 -31.64 -27.34 16.18
C LEU A 288 -32.71 -27.53 15.11
N PHE A 289 -33.88 -28.04 15.50
CA PHE A 289 -34.95 -28.28 14.54
C PHE A 289 -35.52 -26.97 14.00
N PHE A 290 -35.50 -25.91 14.80
CA PHE A 290 -36.04 -24.63 14.33
C PHE A 290 -35.25 -24.10 13.14
N LYS A 291 -33.92 -24.26 13.15
CA LYS A 291 -33.08 -23.71 12.10
C LYS A 291 -33.19 -24.47 10.79
N MET A 292 -33.86 -25.62 10.77
CA MET A 292 -34.04 -26.42 9.56
C MET A 292 -35.30 -26.02 8.78
N SER A 293 -35.99 -24.97 9.24
CA SER A 293 -37.29 -24.55 8.64
C SER A 293 -37.28 -24.34 7.12
N PRO A 294 -36.26 -23.72 6.47
CA PRO A 294 -36.34 -23.46 5.02
C PRO A 294 -36.54 -24.76 4.22
N VAL A 295 -35.88 -25.84 4.62
CA VAL A 295 -35.96 -27.12 3.85
C VAL A 295 -36.88 -28.10 4.60
N ALA A 296 -37.62 -27.63 5.62
CA ALA A 296 -38.42 -28.58 6.40
C ALA A 296 -39.61 -29.12 5.62
N GLN A 297 -40.11 -28.37 4.65
CA GLN A 297 -41.29 -28.81 3.90
C GLN A 297 -41.00 -30.08 3.12
N LEU A 298 -39.81 -30.17 2.50
CA LEU A 298 -39.45 -31.37 1.75
C LEU A 298 -39.35 -32.58 2.68
N TYR A 299 -38.76 -32.39 3.87
CA TYR A 299 -38.67 -33.47 4.84
C TYR A 299 -40.05 -33.94 5.27
N ILE A 300 -40.95 -33.00 5.55
CA ILE A 300 -42.31 -33.37 5.96
C ILE A 300 -43.00 -34.15 4.85
N TYR A 301 -42.91 -33.66 3.61
CA TYR A 301 -43.58 -34.32 2.51
C TYR A 301 -43.04 -35.73 2.31
N HIS A 302 -41.73 -35.91 2.38
CA HIS A 302 -41.18 -37.23 2.11
C HIS A 302 -41.39 -38.19 3.28
N LEU A 303 -41.41 -37.69 4.51
CA LEU A 303 -41.79 -38.55 5.63
C LEU A 303 -43.23 -39.02 5.48
N ASP A 304 -44.14 -38.11 5.10
CA ASP A 304 -45.52 -38.50 4.88
C ASP A 304 -45.63 -39.52 3.75
N ARG A 305 -44.90 -39.31 2.66
CA ARG A 305 -45.00 -40.21 1.52
C ARG A 305 -44.41 -41.58 1.83
N ALA A 306 -43.35 -41.62 2.65
CA ALA A 306 -42.73 -42.90 2.98
C ALA A 306 -43.53 -43.69 4.00
N PHE A 307 -44.14 -43.01 4.97
CA PHE A 307 -44.79 -43.70 6.08
C PHE A 307 -46.30 -43.85 5.91
N LEU A 308 -46.86 -43.36 4.81
CA LEU A 308 -48.28 -43.57 4.49
C LEU A 308 -48.33 -44.40 3.22
N ASP A 309 -48.49 -45.71 3.37
CA ASP A 309 -48.45 -46.63 2.25
C ASP A 309 -49.84 -47.11 1.82
N GLY A 310 -50.90 -46.60 2.42
CA GLY A 310 -52.24 -47.05 2.08
C GLY A 310 -53.24 -45.92 2.22
N VAL A 311 -54.47 -46.21 1.78
CA VAL A 311 -55.56 -45.25 1.83
C VAL A 311 -56.86 -46.01 2.10
N GLY A 312 -57.64 -45.53 3.06
CA GLY A 312 -58.88 -46.16 3.44
C GLY A 312 -60.12 -45.61 2.78
N PHE A 313 -60.24 -45.74 1.47
CA PHE A 313 -61.42 -45.25 0.77
C PHE A 313 -62.46 -46.35 0.63
N THR A 314 -63.64 -45.96 0.13
CA THR A 314 -64.64 -46.96 -0.21
C THR A 314 -64.76 -47.08 -1.72
N PRO A 315 -64.96 -48.28 -2.24
CA PRO A 315 -65.05 -48.46 -3.70
C PRO A 315 -66.24 -47.71 -4.29
N LEU A 316 -66.08 -47.26 -5.54
CA LEU A 316 -67.01 -46.32 -6.13
C LEU A 316 -68.36 -46.96 -6.46
N ALA A 317 -68.39 -48.28 -6.67
CA ALA A 317 -69.64 -48.93 -7.05
C ALA A 317 -70.69 -48.76 -5.96
N GLU A 318 -70.31 -48.95 -4.70
CA GLU A 318 -71.25 -48.78 -3.61
C GLU A 318 -71.73 -47.34 -3.50
N LYS A 319 -70.85 -46.37 -3.74
CA LYS A 319 -71.28 -44.98 -3.74
C LYS A 319 -72.30 -44.71 -4.85
N GLN A 320 -72.07 -45.29 -6.03
CA GLN A 320 -73.03 -45.13 -7.12
C GLN A 320 -74.38 -45.75 -6.77
N GLN A 321 -74.36 -46.94 -6.17
CA GLN A 321 -75.62 -47.57 -5.76
C GLN A 321 -76.33 -46.76 -4.70
N GLN A 322 -75.59 -46.22 -3.73
CA GLN A 322 -76.21 -45.39 -2.71
C GLN A 322 -76.85 -44.15 -3.31
N LEU A 323 -76.14 -43.48 -4.23
CA LEU A 323 -76.71 -42.29 -4.85
C LEU A 323 -77.94 -42.64 -5.68
N GLN A 324 -77.91 -43.77 -6.38
CA GLN A 324 -79.08 -44.20 -7.15
C GLN A 324 -80.27 -44.46 -6.23
N LEU A 325 -80.01 -45.06 -5.06
CA LEU A 325 -81.09 -45.32 -4.11
C LEU A 325 -81.65 -44.02 -3.54
N GLN A 326 -80.78 -43.04 -3.25
CA GLN A 326 -81.24 -41.79 -2.66
C GLN A 326 -81.93 -40.89 -3.68
N LEU A 327 -81.57 -41.01 -4.97
CA LEU A 327 -82.14 -40.12 -5.97
C LEU A 327 -83.59 -40.50 -6.25
N LYS A 328 -84.48 -39.52 -6.17
CA LYS A 328 -85.91 -39.72 -6.44
C LYS A 328 -86.24 -39.41 -7.90
N THR A 329 -85.51 -40.04 -8.82
CA THR A 329 -85.70 -39.81 -10.24
C THR A 329 -85.84 -41.15 -10.96
N ASN A 330 -86.60 -41.14 -12.04
CA ASN A 330 -86.82 -42.36 -12.82
C ASN A 330 -85.52 -42.78 -13.49
N ILE A 331 -85.35 -44.09 -13.65
CA ILE A 331 -84.11 -44.62 -14.21
C ILE A 331 -83.98 -44.27 -15.68
N LEU A 332 -85.09 -44.16 -16.41
CA LEU A 332 -85.02 -43.85 -17.84
C LEU A 332 -84.58 -42.41 -18.06
N THR A 333 -85.08 -41.48 -17.25
CA THR A 333 -84.69 -40.08 -17.39
C THR A 333 -83.22 -39.90 -17.07
N ALA A 334 -82.53 -39.15 -17.91
CA ALA A 334 -81.10 -38.90 -17.75
C ALA A 334 -80.89 -37.71 -16.83
N ASN A 335 -80.07 -37.92 -15.79
CA ASN A 335 -79.72 -36.87 -14.84
C ASN A 335 -78.22 -36.66 -14.86
N LEU A 336 -77.79 -35.40 -14.93
CA LEU A 336 -76.38 -35.12 -15.13
C LEU A 336 -75.56 -35.35 -13.87
N ILE A 337 -76.14 -35.15 -12.69
CA ILE A 337 -75.42 -35.41 -11.45
C ILE A 337 -75.11 -36.90 -11.33
N ARG A 338 -76.01 -37.76 -11.83
CA ARG A 338 -75.74 -39.18 -11.82
C ARG A 338 -74.72 -39.56 -12.88
N SER A 339 -74.82 -38.98 -14.07
CA SER A 339 -73.94 -39.34 -15.18
C SER A 339 -72.53 -38.80 -15.03
N ALA A 340 -72.28 -37.96 -14.03
CA ALA A 340 -70.96 -37.37 -13.85
C ALA A 340 -70.08 -38.17 -12.91
N ILE A 341 -70.66 -38.91 -11.96
CA ILE A 341 -69.84 -39.76 -11.10
C ILE A 341 -69.52 -41.10 -11.73
N ASN A 342 -70.16 -41.43 -12.85
CA ASN A 342 -69.83 -42.67 -13.56
C ASN A 342 -68.57 -42.54 -14.38
N GLY A 343 -68.07 -41.32 -14.58
CA GLY A 343 -66.85 -41.12 -15.33
C GLY A 343 -65.67 -40.76 -14.42
N MET A 344 -65.75 -41.16 -13.16
CA MET A 344 -64.72 -40.85 -12.18
C MET A 344 -64.09 -42.14 -11.67
N ASN A 345 -62.84 -42.04 -11.23
CA ASN A 345 -62.10 -43.18 -10.73
C ASN A 345 -61.27 -42.77 -9.52
N THR A 346 -61.00 -43.74 -8.65
CA THR A 346 -60.24 -43.44 -7.39
C THR A 346 -58.74 -43.59 -7.63
N GLU A 347 -58.31 -43.42 -8.87
CA GLU A 347 -56.85 -43.50 -9.19
C GLU A 347 -56.13 -42.37 -8.47
N SER A 348 -54.94 -42.65 -7.92
CA SER A 348 -54.12 -41.60 -7.25
C SER A 348 -54.76 -41.10 -5.95
N ASN A 349 -55.78 -41.78 -5.41
CA ASN A 349 -56.30 -41.36 -4.09
C ASN A 349 -55.13 -41.27 -3.10
N LEU A 350 -54.07 -42.06 -3.28
CA LEU A 350 -52.96 -42.04 -2.33
C LEU A 350 -52.19 -40.73 -2.38
N GLU A 351 -51.93 -40.22 -3.59
CA GLU A 351 -51.24 -38.94 -3.71
C GLU A 351 -52.06 -37.81 -3.10
N VAL A 352 -53.37 -37.81 -3.34
CA VAL A 352 -54.23 -36.79 -2.76
C VAL A 352 -54.25 -36.92 -1.24
N ALA A 353 -54.21 -38.14 -0.73
CA ALA A 353 -54.16 -38.32 0.72
C ALA A 353 -52.88 -37.76 1.31
N ILE A 354 -51.75 -37.99 0.65
CA ILE A 354 -50.47 -37.45 1.14
C ILE A 354 -50.51 -35.93 1.12
N LYS A 355 -51.05 -35.34 0.06
CA LYS A 355 -51.13 -33.88 0.00
C LYS A 355 -52.13 -33.33 1.02
N MET A 356 -53.21 -34.06 1.29
CA MET A 356 -54.14 -33.68 2.36
C MET A 356 -53.43 -33.65 3.70
N MET A 357 -52.63 -34.68 3.99
CA MET A 357 -51.90 -34.73 5.26
C MET A 357 -50.90 -33.58 5.36
N GLN A 358 -50.20 -33.28 4.26
CA GLN A 358 -49.26 -32.17 4.28
C GLN A 358 -49.96 -30.85 4.49
N ALA A 359 -51.12 -30.66 3.85
CA ALA A 359 -51.89 -29.43 4.06
C ALA A 359 -52.42 -29.32 5.47
N ALA A 360 -52.74 -30.46 6.09
CA ALA A 360 -53.17 -30.43 7.48
C ALA A 360 -52.04 -30.08 8.42
N GLN A 361 -50.85 -30.62 8.17
CA GLN A 361 -49.71 -30.35 9.06
C GLN A 361 -49.20 -28.91 8.89
N LEU A 362 -49.02 -28.48 7.65
CA LEU A 362 -48.48 -27.16 7.36
C LEU A 362 -49.59 -26.22 6.91
N HIS A 363 -49.72 -25.08 7.60
CA HIS A 363 -50.74 -24.11 7.23
C HIS A 363 -50.33 -23.24 6.06
N ARG A 364 -49.07 -23.28 5.65
CA ARG A 364 -48.62 -22.55 4.47
C ARG A 364 -48.74 -23.37 3.19
N ALA A 365 -48.74 -24.69 3.30
CA ALA A 365 -48.85 -25.56 2.14
C ALA A 365 -50.31 -25.91 1.85
N SER A 366 -51.15 -24.88 1.77
CA SER A 366 -52.54 -25.08 1.41
C SER A 366 -52.65 -25.54 -0.05
N ILE A 367 -53.64 -26.38 -0.31
CA ILE A 367 -53.77 -26.99 -1.63
C ILE A 367 -54.22 -25.95 -2.65
N GLU A 368 -53.56 -25.96 -3.81
CA GLU A 368 -53.97 -25.16 -4.95
C GLU A 368 -54.57 -26.09 -6.00
N ILE A 369 -55.80 -25.80 -6.40
CA ILE A 369 -56.53 -26.65 -7.34
C ILE A 369 -56.27 -26.16 -8.76
N ALA A 370 -56.09 -27.10 -9.68
CA ALA A 370 -55.91 -26.81 -11.09
C ALA A 370 -57.22 -27.11 -11.81
N PHE A 371 -57.89 -26.06 -12.30
CA PHE A 371 -59.17 -26.19 -12.96
C PHE A 371 -58.99 -26.26 -14.46
N PRO A 372 -59.50 -27.31 -15.12
CA PRO A 372 -59.38 -27.37 -16.58
C PRO A 372 -60.12 -26.25 -17.30
N MET A 373 -61.19 -25.75 -16.69
CA MET A 373 -61.97 -24.68 -17.30
C MET A 373 -61.19 -23.38 -17.33
N ASN A 374 -61.49 -22.55 -18.34
CA ASN A 374 -60.94 -21.21 -18.43
C ASN A 374 -62.02 -20.14 -18.36
N VAL A 375 -63.04 -20.23 -19.22
CA VAL A 375 -64.14 -19.27 -19.23
C VAL A 375 -65.49 -19.95 -19.03
N SER A 376 -65.71 -21.10 -19.67
CA SER A 376 -66.99 -21.77 -19.63
C SER A 376 -67.03 -22.79 -18.48
N LEU A 377 -68.16 -23.48 -18.37
CA LEU A 377 -68.38 -24.49 -17.34
C LEU A 377 -68.78 -25.81 -18.00
N SER A 378 -69.11 -26.78 -17.17
CA SER A 378 -69.49 -28.12 -17.62
C SER A 378 -70.17 -28.83 -16.47
N PRO A 379 -71.04 -29.81 -16.76
CA PRO A 379 -71.67 -30.55 -15.65
C PRO A 379 -70.67 -31.22 -14.73
N GLU A 380 -69.58 -31.76 -15.28
CA GLU A 380 -68.54 -32.36 -14.44
C GLU A 380 -67.93 -31.33 -13.51
N ILE A 381 -67.62 -30.13 -14.04
CA ILE A 381 -67.03 -29.09 -13.21
C ILE A 381 -67.97 -28.70 -12.08
N ILE A 382 -69.26 -28.56 -12.39
CA ILE A 382 -70.23 -28.11 -11.39
C ILE A 382 -70.39 -29.15 -10.29
N VAL A 383 -70.55 -30.42 -10.68
CA VAL A 383 -70.76 -31.46 -9.67
C VAL A 383 -69.51 -31.64 -8.82
N GLN A 384 -68.32 -31.57 -9.45
CA GLN A 384 -67.09 -31.71 -8.69
C GLN A 384 -66.88 -30.54 -7.74
N CYS A 385 -67.24 -29.33 -8.16
CA CYS A 385 -67.15 -28.18 -7.27
C CYS A 385 -68.09 -28.34 -6.08
N PHE A 386 -69.31 -28.84 -6.32
CA PHE A 386 -70.22 -29.09 -5.20
C PHE A 386 -69.67 -30.15 -4.26
N ILE A 387 -69.07 -31.21 -4.80
CA ILE A 387 -68.50 -32.26 -3.96
C ILE A 387 -67.36 -31.70 -3.11
N VAL A 388 -66.50 -30.88 -3.71
CA VAL A 388 -65.40 -30.27 -2.97
C VAL A 388 -65.95 -29.34 -1.89
N TRP A 389 -67.01 -28.60 -2.20
CA TRP A 389 -67.60 -27.70 -1.23
C TRP A 389 -68.16 -28.46 -0.03
N MET A 390 -68.82 -29.58 -0.28
CA MET A 390 -69.50 -30.32 0.77
C MET A 390 -68.67 -31.42 1.40
N SER A 391 -67.43 -31.63 0.96
CA SER A 391 -66.63 -32.74 1.45
C SER A 391 -65.20 -32.41 1.85
N ILE A 392 -64.67 -31.25 1.47
CA ILE A 392 -63.28 -30.89 1.75
C ILE A 392 -63.26 -29.67 2.64
N PRO A 393 -62.67 -29.74 3.85
CA PRO A 393 -62.63 -28.56 4.72
C PRO A 393 -61.84 -27.42 4.11
N GLU A 394 -62.24 -26.20 4.44
CA GLU A 394 -61.64 -25.02 3.83
C GLU A 394 -60.29 -24.66 4.43
N GLN A 395 -59.96 -25.15 5.62
CA GLN A 395 -58.67 -24.83 6.21
C GLN A 395 -57.52 -25.55 5.52
N LEU A 396 -57.82 -26.50 4.63
CA LEU A 396 -56.79 -27.21 3.87
C LEU A 396 -56.73 -26.76 2.42
N LEU A 397 -57.45 -25.70 2.06
CA LEU A 397 -57.47 -25.17 0.71
C LEU A 397 -57.01 -23.72 0.71
N SER A 398 -56.32 -23.34 -0.35
CA SER A 398 -55.85 -21.97 -0.49
C SER A 398 -57.01 -21.02 -0.77
N ASP A 399 -56.74 -19.73 -0.64
CA ASP A 399 -57.79 -18.72 -0.79
C ASP A 399 -58.37 -18.73 -2.20
N ARG A 400 -57.51 -18.83 -3.22
CA ARG A 400 -58.00 -18.88 -4.59
C ARG A 400 -58.81 -20.15 -4.84
N SER A 401 -58.37 -21.27 -4.28
CA SER A 401 -59.11 -22.52 -4.44
C SER A 401 -60.50 -22.42 -3.83
N ASN A 402 -60.61 -21.79 -2.66
CA ASN A 402 -61.92 -21.56 -2.05
C ASN A 402 -62.76 -20.62 -2.91
N PHE A 403 -62.16 -19.54 -3.41
CA PHE A 403 -62.94 -18.52 -4.12
C PHE A 403 -63.47 -19.06 -5.44
N ILE A 404 -62.69 -19.86 -6.15
CA ILE A 404 -63.14 -20.36 -7.46
C ILE A 404 -64.38 -21.23 -7.28
N ILE A 405 -64.33 -22.18 -6.33
CA ILE A 405 -65.47 -23.06 -6.14
C ILE A 405 -66.66 -22.30 -5.56
N ALA A 406 -66.39 -21.31 -4.70
CA ALA A 406 -67.49 -20.50 -4.18
C ALA A 406 -68.19 -19.73 -5.30
N ALA A 407 -67.41 -19.16 -6.23
CA ALA A 407 -68.00 -18.44 -7.35
C ALA A 407 -68.75 -19.39 -8.27
N VAL A 408 -68.23 -20.60 -8.48
CA VAL A 408 -68.96 -21.57 -9.30
C VAL A 408 -70.30 -21.91 -8.66
N ILE A 409 -70.32 -22.08 -7.34
CA ILE A 409 -71.57 -22.35 -6.65
C ILE A 409 -72.52 -21.16 -6.78
N TRP A 410 -72.00 -19.95 -6.60
CA TRP A 410 -72.85 -18.76 -6.53
C TRP A 410 -73.40 -18.37 -7.89
N ALA A 411 -72.67 -18.68 -8.98
CA ALA A 411 -73.13 -18.28 -10.31
C ALA A 411 -74.45 -18.91 -10.69
N GLY A 412 -74.82 -20.03 -10.09
CA GLY A 412 -76.08 -20.66 -10.39
C GLY A 412 -77.22 -20.17 -9.53
N PHE A 413 -76.92 -19.82 -8.28
CA PHE A 413 -77.94 -19.32 -7.37
C PHE A 413 -78.13 -17.81 -7.49
N SER A 414 -77.21 -17.10 -8.12
CA SER A 414 -77.35 -15.67 -8.30
C SER A 414 -78.42 -15.36 -9.35
N ALA A 415 -79.19 -14.31 -9.09
CA ALA A 415 -80.27 -13.95 -10.01
C ALA A 415 -79.73 -13.40 -11.33
N ASP A 416 -78.64 -12.62 -11.28
CA ASP A 416 -78.16 -11.97 -12.53
C ASP A 416 -76.66 -12.19 -12.77
N ASP A 417 -75.89 -12.55 -11.75
CA ASP A 417 -74.41 -12.72 -11.89
C ASP A 417 -74.09 -13.95 -12.74
N SER A 418 -72.94 -13.95 -13.41
CA SER A 418 -72.50 -15.10 -14.24
C SER A 418 -71.04 -15.42 -13.90
N TYR A 419 -70.56 -16.62 -14.23
CA TYR A 419 -69.19 -17.01 -13.81
C TYR A 419 -68.17 -16.08 -14.48
N ALA A 420 -68.37 -15.77 -15.76
CA ALA A 420 -67.39 -14.93 -16.47
C ALA A 420 -67.30 -13.55 -15.82
N ASP A 421 -68.45 -12.97 -15.49
CA ASP A 421 -68.47 -11.63 -14.85
C ASP A 421 -67.77 -11.69 -13.48
N ILE A 422 -68.05 -12.73 -12.69
CA ILE A 422 -67.49 -12.78 -11.31
C ILE A 422 -65.97 -12.85 -11.44
N MET A 423 -65.47 -13.68 -12.36
CA MET A 423 -64.01 -13.84 -12.53
C MET A 423 -63.40 -12.52 -13.01
N ARG A 424 -64.01 -11.87 -14.00
CA ARG A 424 -63.44 -10.62 -14.57
C ARG A 424 -63.48 -9.48 -13.55
N ARG A 425 -64.56 -9.34 -12.79
CA ARG A 425 -64.68 -8.18 -11.86
C ARG A 425 -63.79 -8.40 -10.65
N SER A 426 -63.66 -9.64 -10.20
CA SER A 426 -62.88 -9.95 -8.97
C SER A 426 -61.37 -9.84 -9.18
N ALA A 427 -60.62 -9.62 -8.09
CA ALA A 427 -59.16 -9.54 -8.15
C ALA A 427 -58.58 -10.68 -7.31
N ARG A 428 -57.51 -11.31 -7.77
CA ARG A 428 -56.92 -12.47 -7.04
C ARG A 428 -56.41 -12.01 -5.67
N ALA A 429 -56.06 -10.73 -5.55
CA ALA A 429 -55.56 -10.19 -4.26
C ALA A 429 -56.62 -10.26 -3.17
N SER A 430 -57.89 -10.01 -3.51
CA SER A 430 -58.96 -9.92 -2.47
C SER A 430 -59.83 -11.17 -2.45
N ASP A 431 -59.28 -12.31 -2.83
CA ASP A 431 -60.10 -13.55 -2.91
C ASP A 431 -60.68 -13.91 -1.54
N ARG A 432 -59.94 -13.74 -0.44
CA ARG A 432 -60.47 -14.17 0.88
C ARG A 432 -61.73 -13.36 1.22
N GLN A 433 -61.72 -12.05 0.96
CA GLN A 433 -62.88 -11.19 1.29
C GLN A 433 -64.08 -11.67 0.48
N ASN A 434 -63.95 -11.73 -0.85
CA ASN A 434 -65.03 -12.17 -1.72
C ASN A 434 -65.54 -13.55 -1.31
N TYR A 435 -64.63 -14.45 -0.92
CA TYR A 435 -65.05 -15.76 -0.44
C TYR A 435 -65.87 -15.64 0.83
N ASP A 436 -65.46 -14.78 1.75
CA ASP A 436 -66.24 -14.57 2.97
C ASP A 436 -67.63 -14.04 2.65
N ILE A 437 -67.72 -13.09 1.72
CA ILE A 437 -69.01 -12.53 1.35
C ILE A 437 -69.91 -13.59 0.72
N ILE A 438 -69.35 -14.40 -0.17
CA ILE A 438 -70.15 -15.44 -0.82
C ILE A 438 -70.60 -16.50 0.18
N LYS A 439 -69.72 -16.87 1.11
CA LYS A 439 -70.11 -17.84 2.14
C LYS A 439 -71.21 -17.27 3.04
N ALA A 440 -71.11 -15.98 3.39
CA ALA A 440 -72.17 -15.35 4.17
C ALA A 440 -73.48 -15.34 3.41
N ALA A 441 -73.42 -15.08 2.09
CA ALA A 441 -74.63 -15.11 1.28
C ALA A 441 -75.24 -16.50 1.23
N LEU A 442 -74.40 -17.53 1.12
CA LEU A 442 -74.87 -18.91 1.06
C LEU A 442 -75.22 -19.49 2.42
N SER A 443 -74.93 -18.76 3.50
CA SER A 443 -75.32 -19.19 4.84
C SER A 443 -76.44 -18.32 5.41
N SER A 444 -77.19 -17.63 4.56
CA SER A 444 -78.29 -16.79 4.99
C SER A 444 -79.55 -17.64 5.17
N ARG A 445 -80.69 -16.99 5.34
CA ARG A 445 -81.96 -17.70 5.54
C ARG A 445 -82.69 -18.00 4.24
N LYS A 446 -82.18 -17.53 3.10
CA LYS A 446 -82.75 -17.89 1.80
C LYS A 446 -82.03 -19.05 1.16
N PHE A 447 -80.71 -19.10 1.27
CA PHE A 447 -79.91 -20.22 0.78
C PHE A 447 -79.08 -20.76 1.93
N LYS A 448 -78.96 -22.08 2.02
CA LYS A 448 -78.18 -22.73 3.07
C LYS A 448 -77.44 -23.92 2.47
N LEU A 449 -76.13 -23.77 2.32
CA LEU A 449 -75.26 -24.87 1.90
C LEU A 449 -74.24 -25.14 2.99
N PRO A 450 -74.20 -26.33 3.56
CA PRO A 450 -73.21 -26.62 4.60
C PRO A 450 -71.81 -26.71 4.01
N ARG A 451 -70.87 -26.00 4.63
CA ARG A 451 -69.49 -25.97 4.19
C ARG A 451 -68.65 -26.80 5.15
N ALA A 452 -67.94 -27.79 4.61
CA ALA A 452 -67.18 -28.71 5.45
C ALA A 452 -66.05 -27.97 6.17
N SER A 453 -65.76 -28.41 7.39
CA SER A 453 -64.73 -27.81 8.22
C SER A 453 -64.03 -28.90 9.01
N THR A 454 -63.09 -28.49 9.87
CA THR A 454 -62.32 -29.44 10.67
C THR A 454 -61.80 -28.72 11.90
N THR A 455 -61.32 -29.52 12.87
CA THR A 455 -60.85 -29.02 14.15
C THR A 455 -59.47 -29.56 14.44
N LEU A 456 -58.83 -28.99 15.46
CA LEU A 456 -57.49 -29.39 15.87
C LEU A 456 -57.54 -30.53 16.88
N PHE A 457 -56.47 -31.31 16.93
CA PHE A 457 -56.38 -32.46 17.83
C PHE A 457 -55.06 -32.42 18.58
N ASP A 458 -55.10 -32.90 19.83
CA ASP A 458 -53.94 -32.88 20.71
C ASP A 458 -53.48 -34.27 21.16
N GLU A 459 -54.24 -35.31 20.85
CA GLU A 459 -53.91 -36.65 21.35
C GLU A 459 -52.62 -37.18 20.75
N ASN A 460 -51.95 -38.05 21.50
CA ASN A 460 -50.65 -38.58 21.10
C ASN A 460 -50.38 -39.90 21.82
N GLU A 461 -49.68 -40.80 21.13
CA GLU A 461 -49.21 -42.09 21.64
C GLU A 461 -47.87 -41.90 22.35
N PRO A 462 -47.67 -42.48 23.53
CA PRO A 462 -46.44 -42.19 24.28
C PRO A 462 -45.21 -42.82 23.62
N VAL A 463 -44.14 -42.04 23.59
CA VAL A 463 -42.89 -42.45 22.96
C VAL A 463 -41.78 -41.54 23.47
N VAL A 464 -40.54 -42.00 23.37
CA VAL A 464 -39.39 -41.22 23.82
C VAL A 464 -38.88 -40.37 22.66
N ARG A 465 -38.98 -39.05 22.81
CA ARG A 465 -38.55 -38.11 21.79
C ARG A 465 -37.92 -36.90 22.45
N ARG A 466 -36.99 -36.28 21.74
CA ARG A 466 -36.22 -35.14 22.27
C ARG A 466 -36.84 -33.80 21.93
N TYR A 467 -37.94 -33.77 21.18
CA TYR A 467 -38.52 -32.52 20.71
C TYR A 467 -39.98 -32.44 21.13
N GLN A 468 -40.47 -31.21 21.23
CA GLN A 468 -41.87 -30.98 21.56
C GLN A 468 -42.73 -31.11 20.31
N ILE A 469 -44.01 -31.42 20.52
CA ILE A 469 -44.97 -31.56 19.43
C ILE A 469 -46.05 -30.51 19.59
N GLY A 470 -46.89 -30.39 18.56
CA GLY A 470 -47.97 -29.44 18.54
C GLY A 470 -49.29 -30.10 18.21
N ARG A 471 -50.13 -29.37 17.49
CA ARG A 471 -51.45 -29.83 17.10
C ARG A 471 -51.69 -29.49 15.64
N VAL A 472 -52.39 -30.39 14.93
CA VAL A 472 -52.65 -30.23 13.51
C VAL A 472 -54.14 -30.40 13.25
N TYR A 473 -54.57 -29.92 12.10
CA TYR A 473 -55.95 -30.12 11.67
C TYR A 473 -56.16 -31.56 11.23
N ALA A 474 -57.43 -31.93 11.10
CA ALA A 474 -57.61 -33.29 10.61
C ALA A 474 -57.86 -33.27 9.10
N PRO A 475 -57.37 -34.27 8.37
CA PRO A 475 -57.57 -34.28 6.92
C PRO A 475 -58.94 -34.77 6.50
N PHE A 476 -59.85 -34.86 7.47
CA PHE A 476 -61.21 -35.36 7.19
C PHE A 476 -62.17 -34.39 7.86
N PRO A 477 -63.47 -34.37 7.54
CA PRO A 477 -64.37 -33.37 8.10
C PRO A 477 -65.15 -33.73 9.38
N VAL A 478 -64.76 -34.77 10.13
CA VAL A 478 -65.59 -35.21 11.31
C VAL A 478 -64.96 -34.81 12.65
N ASP A 479 -65.70 -34.98 13.76
CA ASP A 479 -65.17 -34.67 15.10
C ASP A 479 -64.81 -35.96 15.84
N ARG A 480 -64.36 -35.86 17.09
CA ARG A 480 -63.94 -37.05 17.86
C ARG A 480 -65.16 -37.95 18.00
N TYR A 481 -66.34 -37.35 18.17
CA TYR A 481 -67.60 -38.11 18.31
C TYR A 481 -67.89 -38.94 17.04
N GLY A 482 -67.54 -38.43 15.86
CA GLY A 482 -67.81 -39.14 14.60
C GLY A 482 -68.90 -38.51 13.75
N SER A 483 -69.35 -37.31 14.11
CA SER A 483 -70.39 -36.59 13.31
C SER A 483 -69.73 -35.57 12.38
N PRO A 484 -70.17 -35.43 11.10
CA PRO A 484 -69.64 -34.41 10.18
C PRO A 484 -69.56 -32.99 10.75
N VAL A 485 -68.57 -32.21 10.33
CA VAL A 485 -68.40 -30.86 10.85
C VAL A 485 -68.71 -29.87 9.73
N TYR A 486 -69.48 -28.84 10.05
CA TYR A 486 -69.79 -27.80 9.03
C TYR A 486 -69.51 -26.43 9.65
N SER A 487 -68.96 -25.52 8.86
CA SER A 487 -68.68 -24.15 9.35
C SER A 487 -70.01 -23.49 9.73
N ASN A 488 -71.04 -23.70 8.90
CA ASN A 488 -72.36 -23.07 9.13
C ASN A 488 -73.40 -24.11 9.54
N CYS A 489 -74.63 -23.98 9.01
CA CYS A 489 -75.74 -24.92 9.33
C CYS A 489 -75.51 -26.30 8.72
N THR A 490 -76.13 -27.34 9.29
CA THR A 490 -76.02 -28.72 8.74
C THR A 490 -77.22 -29.01 7.83
N LYS A 491 -78.09 -28.03 7.62
CA LYS A 491 -79.33 -28.28 6.84
C LYS A 491 -79.23 -27.70 5.42
N VAL A 492 -79.86 -28.35 4.44
CA VAL A 492 -79.88 -27.88 3.06
C VAL A 492 -81.30 -27.46 2.71
N GLU A 493 -81.49 -26.19 2.40
CA GLU A 493 -82.73 -25.72 1.80
C GLU A 493 -82.43 -24.54 0.90
N LEU A 494 -83.04 -24.51 -0.27
CA LEU A 494 -82.80 -23.49 -1.27
C LEU A 494 -84.13 -22.95 -1.78
N ALA A 495 -84.15 -21.65 -2.11
CA ALA A 495 -85.36 -21.04 -2.61
C ALA A 495 -85.68 -21.50 -4.02
N SER A 496 -84.67 -21.60 -4.89
CA SER A 496 -84.88 -21.92 -6.29
C SER A 496 -83.89 -23.00 -6.70
N ASP A 497 -83.84 -23.28 -8.00
CA ASP A 497 -82.97 -24.32 -8.53
C ASP A 497 -81.56 -23.75 -8.76
N TYR A 498 -80.72 -24.53 -9.44
CA TYR A 498 -79.38 -24.09 -9.84
C TYR A 498 -79.36 -23.97 -11.35
N ASN A 499 -79.06 -22.77 -11.85
CA ASN A 499 -79.05 -22.53 -13.29
C ASN A 499 -77.86 -21.64 -13.64
N ALA A 500 -77.00 -22.12 -14.52
CA ALA A 500 -75.86 -21.34 -15.00
C ALA A 500 -75.57 -21.79 -16.42
N GLU A 501 -75.80 -20.91 -17.40
CA GLU A 501 -75.74 -21.36 -18.81
C GLU A 501 -76.92 -22.31 -18.94
N GLY A 502 -76.80 -23.41 -19.67
CA GLY A 502 -77.99 -24.27 -19.82
C GLY A 502 -78.04 -25.35 -18.77
N PHE A 503 -77.02 -25.43 -17.90
CA PHE A 503 -76.95 -26.55 -16.93
C PHE A 503 -77.91 -26.28 -15.77
N THR A 504 -78.71 -27.29 -15.39
CA THR A 504 -79.72 -27.10 -14.32
C THR A 504 -79.70 -28.28 -13.35
N ILE A 505 -79.93 -28.02 -12.06
CA ILE A 505 -80.00 -29.10 -11.04
C ILE A 505 -81.23 -28.89 -10.16
N ARG A 506 -82.03 -29.92 -9.93
CA ARG A 506 -83.21 -29.89 -9.07
C ARG A 506 -82.79 -29.68 -7.61
N LYS A 507 -83.74 -29.20 -6.81
CA LYS A 507 -83.43 -28.89 -5.41
C LYS A 507 -83.21 -30.14 -4.57
N ASP A 508 -83.85 -31.26 -4.93
CA ASP A 508 -83.65 -32.50 -4.19
C ASP A 508 -82.34 -33.20 -4.55
N ASP A 509 -81.74 -32.83 -5.68
CA ASP A 509 -80.47 -33.42 -6.08
C ASP A 509 -79.38 -33.07 -5.06
N PHE A 510 -79.37 -31.84 -4.58
CA PHE A 510 -78.39 -31.44 -3.58
C PHE A 510 -78.62 -32.16 -2.26
N ARG A 511 -79.89 -32.37 -1.88
CA ARG A 511 -80.18 -33.14 -0.69
C ARG A 511 -79.68 -34.57 -0.81
N ALA A 512 -79.88 -35.20 -1.97
CA ALA A 512 -79.37 -36.53 -2.19
C ALA A 512 -77.84 -36.56 -2.12
N LEU A 513 -77.19 -35.56 -2.72
CA LEU A 513 -75.74 -35.50 -2.68
C LEU A 513 -75.23 -35.35 -1.25
N GLN A 514 -75.88 -34.51 -0.46
CA GLN A 514 -75.52 -34.40 0.95
C GLN A 514 -75.72 -35.73 1.67
N ALA A 515 -76.79 -36.45 1.33
CA ALA A 515 -77.04 -37.75 1.96
C ALA A 515 -75.95 -38.76 1.64
N VAL A 516 -75.45 -38.77 0.40
CA VAL A 516 -74.47 -39.79 0.02
C VAL A 516 -73.07 -39.47 0.53
N LEU A 517 -72.78 -38.21 0.87
CA LEU A 517 -71.45 -37.80 1.29
C LEU A 517 -71.19 -38.02 2.78
N ARG A 518 -71.92 -38.92 3.43
CA ARG A 518 -71.70 -39.23 4.87
C ARG A 518 -70.60 -40.28 5.03
N ILE A 519 -69.54 -39.98 5.79
CA ILE A 519 -68.40 -40.92 5.98
C ILE A 519 -68.83 -42.09 6.89
N ASP A 520 -68.24 -43.27 6.69
CA ASP A 520 -68.67 -44.47 7.47
C ASP A 520 -68.20 -44.33 8.92
N GLU A 521 -69.11 -44.56 9.88
CA GLU A 521 -68.77 -44.48 11.33
C GLU A 521 -67.79 -45.59 11.69
N ASP A 522 -67.93 -46.77 11.08
CA ASP A 522 -67.08 -47.93 11.44
C ASP A 522 -65.59 -47.64 11.32
N ARG A 523 -65.14 -46.86 10.32
CA ARG A 523 -63.70 -46.69 10.17
C ARG A 523 -63.10 -45.72 11.18
N ALA A 524 -63.89 -45.25 12.15
CA ALA A 524 -63.41 -44.19 13.04
C ALA A 524 -62.18 -44.61 13.82
N ALA A 525 -62.11 -45.86 14.27
CA ALA A 525 -60.94 -46.32 15.02
C ALA A 525 -59.69 -46.28 14.15
N ASP A 526 -59.80 -46.79 12.92
CA ASP A 526 -58.67 -46.74 11.99
C ASP A 526 -58.42 -45.34 11.46
N MET A 527 -59.41 -44.45 11.54
CA MET A 527 -59.29 -43.12 10.97
C MET A 527 -58.44 -42.21 11.86
N PHE A 528 -58.24 -42.59 13.13
CA PHE A 528 -57.56 -41.71 14.07
C PHE A 528 -56.21 -42.23 14.54
N THR A 529 -55.91 -43.52 14.36
CA THR A 529 -54.60 -44.02 14.74
C THR A 529 -53.50 -43.37 13.92
N THR A 530 -53.74 -43.21 12.61
CA THR A 530 -52.77 -42.55 11.74
C THR A 530 -52.57 -41.10 12.16
N LEU A 531 -53.65 -40.40 12.49
CA LEU A 531 -53.54 -39.02 12.94
C LEU A 531 -52.77 -38.95 14.25
N ARG A 532 -52.98 -39.91 15.15
CA ARG A 532 -52.26 -39.94 16.41
C ARG A 532 -50.75 -40.09 16.16
N ILE A 533 -50.37 -41.06 15.32
CA ILE A 533 -48.94 -41.29 15.13
C ILE A 533 -48.32 -40.16 14.31
N MET A 534 -49.10 -39.44 13.52
CA MET A 534 -48.56 -38.30 12.79
C MET A 534 -48.39 -37.09 13.71
N ILE A 535 -49.30 -36.91 14.66
CA ILE A 535 -49.17 -35.80 15.61
C ILE A 535 -48.00 -36.05 16.55
N SER A 536 -47.82 -37.30 16.99
CA SER A 536 -46.87 -37.58 18.05
C SER A 536 -45.44 -37.75 17.57
N SER A 537 -45.17 -37.57 16.27
CA SER A 537 -43.83 -37.86 15.77
C SER A 537 -43.26 -36.79 14.85
N ILE A 538 -43.86 -35.60 14.78
CA ILE A 538 -43.35 -34.52 13.94
C ILE A 538 -43.11 -33.30 14.80
N PRO A 539 -41.92 -32.70 14.76
CA PRO A 539 -41.64 -31.55 15.62
C PRO A 539 -42.55 -30.36 15.31
N ALA A 540 -42.89 -29.62 16.37
CA ALA A 540 -43.83 -28.52 16.25
C ALA A 540 -43.23 -27.30 15.58
N VAL A 541 -41.91 -27.10 15.71
CA VAL A 541 -41.27 -25.92 15.14
C VAL A 541 -41.18 -25.96 13.63
N TRP A 542 -41.52 -27.10 13.01
CA TRP A 542 -41.55 -27.21 11.56
C TRP A 542 -42.88 -26.76 10.97
N TYR A 543 -43.89 -26.51 11.80
CA TYR A 543 -45.22 -26.20 11.31
C TYR A 543 -45.34 -24.82 10.69
N ASP A 544 -44.36 -23.94 10.91
CA ASP A 544 -44.36 -22.61 10.32
C ASP A 544 -43.46 -22.54 9.09
N ALA A 545 -43.00 -23.69 8.59
CA ALA A 545 -42.13 -23.70 7.43
C ALA A 545 -42.86 -23.22 6.18
N GLU A 546 -42.11 -22.65 5.26
CA GLU A 546 -42.65 -22.16 3.99
C GLU A 546 -42.84 -23.33 3.04
N VAL A 547 -43.09 -23.02 1.76
CA VAL A 547 -43.17 -24.02 0.70
C VAL A 547 -42.09 -23.71 -0.32
N VAL A 548 -41.33 -24.75 -0.71
CA VAL A 548 -40.23 -24.57 -1.63
C VAL A 548 -40.47 -25.25 -2.98
N HIS A 549 -41.16 -26.38 -3.00
CA HIS A 549 -41.48 -27.09 -4.24
C HIS A 549 -42.99 -26.99 -4.46
N TYR A 550 -43.39 -26.19 -5.46
CA TYR A 550 -44.81 -25.98 -5.72
C TYR A 550 -45.57 -27.24 -6.08
N PRO A 551 -45.08 -28.13 -6.96
CA PRO A 551 -45.88 -29.30 -7.35
C PRO A 551 -46.28 -30.21 -6.20
N HIS A 552 -45.71 -30.04 -5.01
CA HIS A 552 -46.12 -30.88 -3.88
C HIS A 552 -47.48 -30.49 -3.33
N THR A 553 -47.97 -29.29 -3.65
CA THR A 553 -49.23 -28.80 -3.12
C THR A 553 -50.28 -28.60 -4.21
N ALA A 554 -50.09 -29.21 -5.38
CA ALA A 554 -50.96 -29.02 -6.52
C ALA A 554 -51.69 -30.32 -6.86
N VAL A 555 -53.00 -30.25 -6.93
CA VAL A 555 -53.83 -31.39 -7.34
C VAL A 555 -54.94 -30.86 -8.24
N GLU A 556 -55.36 -31.66 -9.21
CA GLU A 556 -56.42 -31.25 -10.12
C GLU A 556 -57.79 -31.53 -9.51
N LEU A 557 -58.82 -30.94 -10.13
CA LEU A 557 -60.15 -30.95 -9.52
C LEU A 557 -60.77 -32.34 -9.50
N GLU A 558 -60.59 -33.11 -10.57
CA GLU A 558 -61.22 -34.43 -10.63
C GLU A 558 -60.66 -35.37 -9.57
N GLN A 559 -59.34 -35.32 -9.35
CA GLN A 559 -58.73 -36.17 -8.33
C GLN A 559 -59.25 -35.82 -6.94
N LEU A 560 -59.33 -34.52 -6.64
CA LEU A 560 -59.83 -34.10 -5.33
C LEU A 560 -61.29 -34.48 -5.15
N ALA A 561 -62.10 -34.34 -6.20
CA ALA A 561 -63.50 -34.72 -6.11
C ALA A 561 -63.65 -36.21 -5.87
N ALA A 562 -62.88 -37.03 -6.58
CA ALA A 562 -62.95 -38.48 -6.38
C ALA A 562 -62.48 -38.85 -4.98
N TYR A 563 -61.45 -38.17 -4.48
CA TYR A 563 -60.98 -38.42 -3.12
C TYR A 563 -62.05 -38.09 -2.09
N GLY A 564 -62.74 -36.95 -2.27
CA GLY A 564 -63.73 -36.54 -1.29
C GLY A 564 -65.04 -37.30 -1.38
N LEU A 565 -65.39 -37.81 -2.56
CA LEU A 565 -66.65 -38.54 -2.70
C LEU A 565 -66.61 -39.87 -1.95
N THR A 566 -65.49 -40.59 -2.03
CA THR A 566 -65.38 -41.91 -1.43
C THR A 566 -65.00 -41.87 0.04
N GLY A 567 -64.79 -40.68 0.61
CA GLY A 567 -64.44 -40.59 2.03
C GLY A 567 -63.11 -41.23 2.36
N ALA A 568 -62.09 -40.99 1.55
CA ALA A 568 -60.79 -41.59 1.78
C ALA A 568 -60.08 -40.91 2.94
N TYR A 569 -59.20 -41.67 3.59
CA TYR A 569 -58.35 -41.15 4.65
C TYR A 569 -56.99 -41.85 4.57
N PRO A 570 -55.92 -41.16 4.96
CA PRO A 570 -54.61 -41.82 4.97
C PRO A 570 -54.56 -42.97 5.97
N ARG A 571 -53.80 -44.00 5.62
CA ARG A 571 -53.65 -45.17 6.47
C ARG A 571 -52.19 -45.60 6.47
N THR A 572 -51.79 -46.28 7.53
CA THR A 572 -50.38 -46.64 7.71
C THR A 572 -50.28 -47.94 8.48
N ASN A 573 -49.14 -48.62 8.30
CA ASN A 573 -48.85 -49.85 9.01
C ASN A 573 -47.60 -49.78 9.87
N HIS A 574 -46.92 -48.63 9.92
CA HIS A 574 -45.72 -48.50 10.72
C HIS A 574 -46.06 -47.97 12.11
N SER A 575 -45.09 -48.10 13.02
CA SER A 575 -45.25 -47.68 14.40
C SER A 575 -44.67 -46.29 14.60
N VAL A 576 -44.89 -45.76 15.82
CA VAL A 576 -44.44 -44.41 16.13
C VAL A 576 -42.92 -44.34 16.19
N ASP A 577 -42.28 -45.39 16.71
CA ASP A 577 -40.85 -45.33 16.98
C ASP A 577 -40.02 -45.24 15.71
N THR A 578 -40.48 -45.84 14.61
CA THR A 578 -39.73 -45.76 13.36
C THR A 578 -39.63 -44.32 12.85
N ILE A 579 -40.75 -43.59 12.94
CA ILE A 579 -40.76 -42.20 12.48
C ILE A 579 -39.83 -41.35 13.32
N VAL A 580 -39.87 -41.51 14.65
CA VAL A 580 -39.01 -40.71 15.50
C VAL A 580 -37.55 -41.11 15.31
N LYS A 581 -37.29 -42.39 15.00
CA LYS A 581 -35.92 -42.79 14.68
C LYS A 581 -35.43 -42.12 13.41
N THR A 582 -36.29 -42.02 12.40
CA THR A 582 -35.91 -41.32 11.17
C THR A 582 -35.64 -39.84 11.43
N VAL A 583 -36.48 -39.20 12.24
CA VAL A 583 -36.26 -37.80 12.56
C VAL A 583 -34.96 -37.61 13.33
N ASN A 584 -34.68 -38.52 14.27
CA ASN A 584 -33.43 -38.47 15.00
C ASN A 584 -32.24 -38.64 14.06
N ASN A 585 -32.38 -39.50 13.05
CA ASN A 585 -31.32 -39.67 12.06
C ASN A 585 -31.06 -38.37 11.30
N ILE A 586 -32.13 -37.68 10.90
CA ILE A 586 -31.98 -36.40 10.19
C ILE A 586 -31.25 -35.40 11.08
N SER A 587 -31.67 -35.30 12.34
CA SER A 587 -31.03 -34.38 13.27
C SER A 587 -29.56 -34.74 13.48
N ALA A 588 -29.26 -36.04 13.55
CA ALA A 588 -27.87 -36.47 13.73
C ALA A 588 -27.01 -36.09 12.53
N THR A 589 -27.55 -36.23 11.32
CA THR A 589 -26.80 -35.81 10.14
C THR A 589 -26.51 -34.31 10.18
N TYR A 590 -27.51 -33.51 10.53
CA TYR A 590 -27.29 -32.06 10.62
C TYR A 590 -26.25 -31.74 11.69
N SER A 591 -26.31 -32.42 12.84
CA SER A 591 -25.34 -32.17 13.90
C SER A 591 -23.94 -32.55 13.47
N THR A 592 -23.79 -33.66 12.73
CA THR A 592 -22.48 -34.05 12.23
C THR A 592 -21.91 -33.01 11.30
N ILE A 593 -22.71 -32.51 10.35
CA ILE A 593 -22.20 -31.51 9.43
C ILE A 593 -21.84 -30.23 10.17
N ALA A 594 -22.68 -29.82 11.14
CA ALA A 594 -22.39 -28.62 11.89
C ALA A 594 -21.11 -28.75 12.70
N GLN A 595 -20.89 -29.92 13.32
CA GLN A 595 -19.66 -30.13 14.08
C GLN A 595 -18.43 -30.10 13.18
N MET A 596 -18.51 -30.72 12.01
CA MET A 596 -17.38 -30.69 11.08
C MET A 596 -17.08 -29.25 10.66
N LEU A 597 -18.11 -28.48 10.33
CA LEU A 597 -17.89 -27.09 9.92
C LEU A 597 -17.29 -26.28 11.06
N SER A 598 -17.78 -26.51 12.29
CA SER A 598 -17.28 -25.76 13.43
C SER A 598 -15.82 -26.09 13.73
N THR A 599 -15.40 -27.34 13.50
CA THR A 599 -14.03 -27.73 13.82
C THR A 599 -13.06 -27.56 12.66
N ILE A 600 -13.53 -27.27 11.44
CA ILE A 600 -12.66 -27.15 10.28
C ILE A 600 -12.80 -25.79 9.61
N ASP A 601 -14.02 -25.35 9.37
CA ASP A 601 -14.28 -24.25 8.43
C ASP A 601 -14.69 -22.95 9.11
N LEU A 602 -14.87 -22.92 10.42
CA LEU A 602 -15.44 -21.75 11.09
C LEU A 602 -14.37 -20.68 11.27
N ASP A 603 -14.20 -19.82 10.27
CA ASP A 603 -13.23 -18.73 10.34
C ASP A 603 -13.83 -17.42 9.85
N PRO A 604 -13.86 -16.35 10.70
CA PRO A 604 -14.46 -15.08 10.31
C PRO A 604 -13.50 -14.05 9.71
N THR A 605 -12.20 -14.23 9.90
CA THR A 605 -11.22 -13.20 9.47
C THR A 605 -11.17 -13.02 7.95
N ARG A 606 -11.21 -14.09 7.16
CA ARG A 606 -11.01 -13.95 5.69
C ARG A 606 -11.97 -14.80 4.86
N TYR A 607 -12.09 -14.52 3.56
CA TYR A 607 -12.88 -15.37 2.62
C TYR A 607 -14.30 -15.65 3.11
N GLY A 608 -15.07 -14.62 3.47
CA GLY A 608 -16.46 -14.87 3.87
C GLY A 608 -17.44 -14.59 2.75
N THR A 609 -18.23 -13.52 2.88
CA THR A 609 -19.25 -13.16 1.84
C THR A 609 -18.54 -12.70 0.58
N SER A 610 -17.43 -11.97 0.71
CA SER A 610 -16.73 -11.42 -0.48
C SER A 610 -16.04 -12.48 -1.34
N GLU A 611 -15.92 -13.72 -0.87
CA GLU A 611 -15.17 -14.76 -1.62
C GLU A 611 -15.78 -14.93 -3.01
N SER A 612 -14.94 -15.17 -4.00
CA SER A 612 -15.42 -15.36 -5.39
C SER A 612 -16.05 -16.75 -5.52
N ILE A 613 -16.91 -16.92 -6.51
CA ILE A 613 -17.59 -18.20 -6.70
C ILE A 613 -16.62 -19.33 -6.99
N ASP A 614 -15.38 -19.01 -7.38
CA ASP A 614 -14.39 -20.05 -7.67
C ASP A 614 -13.95 -20.80 -6.41
N LYS A 615 -14.06 -20.19 -5.24
CA LYS A 615 -13.64 -20.83 -4.00
C LYS A 615 -14.67 -21.79 -3.43
N PHE A 616 -15.86 -21.86 -4.02
CA PHE A 616 -16.89 -22.73 -3.47
C PHE A 616 -16.59 -24.21 -3.67
N LYS A 617 -15.76 -24.56 -4.65
CA LYS A 617 -15.42 -25.96 -4.87
C LYS A 617 -14.68 -26.55 -3.68
N ILE A 618 -13.75 -25.78 -3.10
CA ILE A 618 -12.98 -26.27 -1.96
C ILE A 618 -13.87 -26.43 -0.73
N ALA A 619 -14.71 -25.44 -0.45
CA ALA A 619 -15.55 -25.48 0.73
C ALA A 619 -16.57 -26.61 0.66
N TRP A 620 -17.16 -26.83 -0.51
CA TRP A 620 -18.22 -27.83 -0.64
C TRP A 620 -17.70 -29.26 -0.55
N GLU A 621 -16.40 -29.48 -0.80
CA GLU A 621 -15.91 -30.86 -0.89
C GLU A 621 -16.08 -31.59 0.44
N ASN A 622 -15.80 -30.92 1.56
CA ASN A 622 -15.93 -31.55 2.86
C ASN A 622 -17.38 -31.92 3.16
N VAL A 623 -18.32 -31.05 2.80
CA VAL A 623 -19.73 -31.31 3.07
C VAL A 623 -20.21 -32.53 2.28
N GLU A 624 -19.86 -32.59 1.00
CA GLU A 624 -20.33 -33.71 0.18
C GLU A 624 -19.55 -34.99 0.48
N SER A 625 -18.39 -34.86 1.13
CA SER A 625 -17.72 -36.05 1.65
C SER A 625 -18.42 -36.56 2.90
N VAL A 626 -18.85 -35.64 3.78
CA VAL A 626 -19.58 -36.04 4.98
C VAL A 626 -20.92 -36.68 4.60
N LEU A 627 -21.61 -36.11 3.62
CA LEU A 627 -22.91 -36.62 3.20
C LEU A 627 -22.85 -38.00 2.58
N ASN A 628 -21.66 -38.50 2.21
CA ASN A 628 -21.53 -39.79 1.54
C ASN A 628 -21.23 -40.94 2.49
N MET A 629 -21.13 -40.69 3.79
CA MET A 629 -20.93 -41.78 4.72
C MET A 629 -22.27 -42.45 5.07
N GLU A 630 -22.16 -43.58 5.75
CA GLU A 630 -23.34 -44.35 6.16
C GLU A 630 -24.17 -43.57 7.18
N GLY A 631 -25.48 -43.70 7.06
CA GLY A 631 -26.39 -43.07 7.99
C GLY A 631 -26.80 -41.65 7.63
N ASN A 632 -26.38 -41.14 6.48
CA ASN A 632 -26.72 -39.80 6.03
C ASN A 632 -27.45 -39.81 4.70
N ASP A 633 -28.06 -40.94 4.33
CA ASP A 633 -28.59 -41.10 2.98
C ASP A 633 -29.90 -40.35 2.79
N PHE A 634 -30.70 -40.19 3.85
CA PHE A 634 -31.95 -39.46 3.73
C PHE A 634 -31.71 -38.00 3.34
N VAL A 635 -30.86 -37.32 4.12
CA VAL A 635 -30.58 -35.91 3.86
C VAL A 635 -29.88 -35.74 2.51
N LYS A 636 -28.95 -36.65 2.20
CA LYS A 636 -28.24 -36.57 0.92
C LYS A 636 -29.21 -36.71 -0.25
N THR A 637 -30.13 -37.68 -0.16
CA THR A 637 -31.11 -37.87 -1.23
C THR A 637 -32.01 -36.65 -1.38
N ILE A 638 -32.51 -36.12 -0.27
CA ILE A 638 -33.40 -34.96 -0.34
C ILE A 638 -32.65 -33.76 -0.91
N MET A 639 -31.38 -33.59 -0.54
CA MET A 639 -30.60 -32.45 -1.00
C MET A 639 -30.30 -32.54 -2.49
N TYR A 640 -29.89 -33.72 -2.96
CA TYR A 640 -29.54 -33.85 -4.37
C TYR A 640 -30.76 -33.88 -5.28
N ALA A 641 -31.92 -34.31 -4.77
CA ALA A 641 -33.10 -34.39 -5.60
C ALA A 641 -33.68 -33.02 -5.92
N TYR A 642 -33.59 -32.07 -4.99
CA TYR A 642 -34.22 -30.78 -5.17
C TYR A 642 -33.20 -29.65 -5.15
N GLU A 643 -32.10 -29.81 -5.88
CA GLU A 643 -31.08 -28.78 -5.93
C GLU A 643 -31.58 -27.52 -6.64
N ASP A 644 -32.50 -27.68 -7.59
CA ASP A 644 -32.98 -26.52 -8.34
C ASP A 644 -33.72 -25.54 -7.45
N ASN A 645 -34.52 -26.05 -6.50
CA ASN A 645 -35.33 -25.18 -5.67
C ASN A 645 -34.54 -24.67 -4.47
N PHE A 646 -33.67 -25.51 -3.89
CA PHE A 646 -32.83 -25.11 -2.77
C PHE A 646 -31.38 -25.38 -3.15
N PRO A 647 -30.65 -24.36 -3.61
CA PRO A 647 -29.29 -24.59 -4.14
C PRO A 647 -28.28 -25.00 -3.08
N LYS A 648 -27.04 -25.23 -3.50
CA LYS A 648 -25.99 -25.63 -2.57
C LYS A 648 -25.52 -24.47 -1.72
N LYS A 649 -25.54 -23.25 -2.25
CA LYS A 649 -25.00 -22.11 -1.52
C LYS A 649 -25.86 -21.76 -0.32
N ASP A 650 -27.18 -21.76 -0.49
CA ASP A 650 -28.08 -21.46 0.63
C ASP A 650 -28.02 -22.58 1.68
N PHE A 651 -27.89 -23.83 1.24
CA PHE A 651 -27.71 -24.93 2.19
C PHE A 651 -26.43 -24.76 3.00
N TYR A 652 -25.34 -24.39 2.32
CA TYR A 652 -24.07 -24.17 2.99
C TYR A 652 -24.17 -23.01 3.98
N MET A 653 -24.85 -21.93 3.60
CA MET A 653 -25.00 -20.80 4.51
C MET A 653 -25.85 -21.17 5.72
N MET A 654 -26.90 -21.97 5.52
CA MET A 654 -27.71 -22.41 6.65
C MET A 654 -26.90 -23.27 7.61
N LEU A 655 -26.10 -24.20 7.07
CA LEU A 655 -25.25 -25.02 7.94
C LEU A 655 -24.20 -24.18 8.64
N LYS A 656 -23.65 -23.17 7.97
CA LYS A 656 -22.66 -22.29 8.59
C LYS A 656 -23.28 -21.52 9.74
N GLN A 657 -24.50 -21.01 9.56
CA GLN A 657 -25.17 -20.32 10.65
C GLN A 657 -25.48 -21.27 11.81
N ILE A 658 -25.87 -22.51 11.48
CA ILE A 658 -26.15 -23.50 12.52
C ILE A 658 -24.90 -23.76 13.35
N ALA A 659 -23.74 -23.86 12.70
CA ALA A 659 -22.48 -24.19 13.40
C ALA A 659 -22.00 -23.02 14.26
N SER A 660 -22.09 -21.81 13.74
CA SER A 660 -21.61 -20.60 14.46
C SER A 660 -22.38 -20.41 15.76
N ASP A 661 -23.67 -20.80 15.79
CA ASP A 661 -24.52 -20.53 16.97
C ASP A 661 -24.29 -21.54 18.11
N GLY A 662 -23.06 -21.62 18.63
CA GLY A 662 -22.81 -22.45 19.82
C GLY A 662 -22.55 -23.93 19.56
N GLN A 663 -22.64 -24.42 18.32
CA GLN A 663 -22.28 -25.84 18.08
C GLN A 663 -20.80 -26.04 18.44
N GLY A 664 -20.51 -26.96 19.36
CA GLY A 664 -19.13 -27.18 19.80
C GLY A 664 -18.24 -27.91 18.81
N ALA A 665 -16.94 -27.62 18.81
CA ALA A 665 -16.00 -28.33 17.93
C ALA A 665 -15.62 -29.68 18.54
N HIS A 666 -15.04 -30.58 17.73
CA HIS A 666 -14.57 -31.89 18.23
C HIS A 666 -13.37 -31.66 19.15
N PRO A 667 -13.29 -32.30 20.34
CA PRO A 667 -12.19 -32.05 21.30
C PRO A 667 -10.78 -32.08 20.70
N ILE A 668 -10.57 -32.81 19.60
CA ILE A 668 -9.19 -32.96 19.04
C ILE A 668 -8.60 -31.59 18.67
N ALA A 669 -9.41 -30.63 18.26
CA ALA A 669 -8.91 -29.28 17.95
C ALA A 669 -8.01 -28.75 19.08
N ALA A 670 -8.49 -28.73 20.33
CA ALA A 670 -7.71 -28.28 21.47
C ALA A 670 -6.56 -29.23 21.76
N ALA A 671 -6.76 -30.53 21.53
CA ALA A 671 -5.67 -31.49 21.75
C ALA A 671 -4.49 -31.20 20.84
N ILE A 672 -4.75 -30.94 19.55
CA ILE A 672 -3.68 -30.61 18.61
C ILE A 672 -3.04 -29.29 18.99
N ASP A 673 -3.85 -28.31 19.38
CA ASP A 673 -3.30 -27.02 19.78
C ASP A 673 -2.37 -27.17 20.96
N GLN A 674 -2.71 -28.03 21.91
CA GLN A 674 -1.88 -28.25 23.09
C GLN A 674 -0.65 -29.10 22.78
N LEU A 675 -0.75 -30.03 21.83
CA LEU A 675 0.37 -30.89 21.49
C LEU A 675 1.40 -30.17 20.63
N ARG A 676 0.96 -29.24 19.78
CA ARG A 676 1.90 -28.50 18.95
C ARG A 676 2.88 -27.70 19.78
N THR A 677 2.44 -27.21 20.94
CA THR A 677 3.36 -26.53 21.84
C THR A 677 4.42 -27.49 22.37
N ILE A 678 4.02 -28.72 22.69
CA ILE A 678 4.98 -29.74 23.14
C ILE A 678 5.99 -30.03 22.03
N VAL A 679 5.52 -30.04 20.78
CA VAL A 679 6.40 -30.34 19.66
C VAL A 679 7.52 -29.31 19.57
N TYR A 680 7.20 -28.04 19.82
CA TYR A 680 8.21 -26.98 19.69
C TYR A 680 9.33 -27.14 20.71
N ARG A 681 8.98 -27.51 21.95
CA ARG A 681 9.95 -27.43 23.05
C ARG A 681 10.98 -28.55 23.00
N GLU A 682 10.63 -29.73 22.49
CA GLU A 682 11.54 -30.87 22.45
C GLU A 682 11.63 -31.40 21.03
N PRO A 683 12.56 -30.86 20.24
CA PRO A 683 12.64 -31.24 18.82
C PRO A 683 13.10 -32.67 18.58
N GLU A 684 14.18 -33.08 19.26
CA GLU A 684 14.77 -34.39 18.97
C GLU A 684 13.91 -35.55 19.43
N ARG A 685 12.86 -35.32 20.21
CA ARG A 685 11.92 -36.37 20.51
C ARG A 685 11.07 -36.75 19.31
N PHE A 686 10.93 -35.85 18.34
CA PHE A 686 10.16 -36.09 17.13
C PHE A 686 11.05 -36.20 15.90
N GLY A 687 12.36 -36.30 16.09
CA GLY A 687 13.28 -36.56 14.98
C GLY A 687 13.44 -35.43 13.97
N TYR A 688 13.57 -34.20 14.43
CA TYR A 688 13.86 -33.08 13.54
C TYR A 688 14.80 -32.11 14.23
N ILE A 689 15.64 -31.41 13.44
CA ILE A 689 16.58 -30.38 13.99
C ILE A 689 16.36 -29.09 13.20
N ASP A 690 16.42 -27.95 13.89
CA ASP A 690 16.13 -26.66 13.22
C ASP A 690 17.19 -26.35 12.16
N SER A 691 18.47 -26.42 12.51
CA SER A 691 19.54 -26.03 11.55
C SER A 691 20.80 -26.89 11.73
N VAL A 692 21.68 -26.90 10.74
CA VAL A 692 22.98 -27.63 10.84
C VAL A 692 24.08 -26.64 10.48
N ILE A 693 25.28 -26.81 11.04
CA ILE A 693 26.42 -25.90 10.73
C ILE A 693 27.52 -26.70 10.01
N LEU A 694 27.91 -26.25 8.79
CA LEU A 694 28.98 -26.94 8.03
C LEU A 694 30.28 -26.17 8.26
N THR A 695 31.34 -26.83 8.72
CA THR A 695 32.60 -26.08 9.08
C THR A 695 33.85 -26.94 8.89
N HIS A 696 35.02 -26.30 8.73
CA HIS A 696 36.27 -27.07 8.47
C HIS A 696 37.12 -27.17 9.74
N ASN A 697 36.86 -26.32 10.73
CA ASN A 697 37.61 -26.34 12.01
C ASN A 697 36.64 -26.38 13.19
N PRO A 698 36.04 -27.53 13.54
CA PRO A 698 35.05 -27.60 14.62
C PRO A 698 35.57 -27.36 16.05
N ASP A 699 34.80 -26.68 16.91
CA ASP A 699 35.18 -26.40 18.32
C ASP A 699 34.19 -27.10 19.24
N VAL A 700 34.60 -28.19 19.91
CA VAL A 700 33.65 -28.99 20.74
C VAL A 700 33.11 -28.20 21.94
N ASP A 701 31.87 -28.48 22.34
CA ASP A 701 31.25 -27.84 23.54
C ASP A 701 31.69 -28.67 24.75
N THR A 702 32.45 -28.08 25.67
CA THR A 702 33.04 -28.83 26.80
C THR A 702 31.99 -29.39 27.76
N ALA A 703 30.82 -28.77 27.87
CA ALA A 703 29.81 -29.21 28.86
C ALA A 703 29.38 -30.65 28.58
N TYR A 704 29.23 -31.01 27.31
CA TYR A 704 28.71 -32.36 26.96
C TYR A 704 29.85 -33.39 27.03
N ASN A 705 31.10 -32.92 27.14
CA ASN A 705 32.24 -33.86 27.29
C ASN A 705 32.02 -34.68 28.56
N ARG A 706 31.35 -34.09 29.56
CA ARG A 706 31.09 -34.79 30.82
C ARG A 706 30.30 -36.06 30.60
N PHE A 707 29.37 -36.06 29.64
CA PHE A 707 28.46 -37.17 29.41
C PHE A 707 28.85 -38.05 28.23
N PHE A 708 29.46 -37.48 27.20
CA PHE A 708 29.81 -38.22 25.99
C PHE A 708 31.32 -38.17 25.78
N HIS A 709 31.87 -39.27 25.30
CA HIS A 709 33.29 -39.28 24.93
C HIS A 709 33.55 -38.37 23.74
N LEU A 710 32.67 -38.42 22.73
CA LEU A 710 32.74 -37.52 21.60
C LEU A 710 31.34 -37.34 21.03
N HIS A 711 31.03 -36.12 20.60
CA HIS A 711 29.69 -35.74 20.21
C HIS A 711 29.77 -34.76 19.03
N PRO A 712 28.68 -34.64 18.27
CA PRO A 712 28.70 -33.72 17.12
C PRO A 712 28.31 -32.29 17.48
N ILE A 713 28.36 -31.93 18.75
CA ILE A 713 27.88 -30.64 19.22
C ILE A 713 29.03 -29.65 19.23
N VAL A 714 28.84 -28.52 18.56
CA VAL A 714 29.86 -27.47 18.52
C VAL A 714 29.28 -26.17 19.04
N THR A 715 30.10 -25.11 19.03
CA THR A 715 29.64 -23.79 19.55
C THR A 715 30.22 -22.66 18.70
N ASN A 716 30.65 -22.96 17.46
CA ASN A 716 31.15 -21.91 16.58
C ASN A 716 30.05 -20.92 16.25
N GLN A 717 30.41 -19.65 16.14
CA GLN A 717 29.45 -18.63 15.76
C GLN A 717 29.31 -18.60 14.24
N PRO A 718 28.15 -18.89 13.69
CA PRO A 718 28.03 -19.01 12.24
C PRO A 718 28.24 -17.67 11.54
N SER A 719 28.59 -17.76 10.27
CA SER A 719 28.66 -16.62 9.38
C SER A 719 28.08 -17.03 8.03
N ASN A 720 27.39 -16.10 7.38
CA ASN A 720 26.80 -16.32 6.06
C ASN A 720 25.83 -17.51 6.09
N THR A 721 24.74 -17.30 6.83
CA THR A 721 23.68 -18.30 6.86
C THR A 721 23.04 -18.45 5.49
N ILE A 722 22.60 -19.67 5.19
CA ILE A 722 21.99 -20.00 3.91
C ILE A 722 20.57 -20.49 4.17
N LYS A 723 19.62 -19.98 3.38
CA LYS A 723 18.20 -20.13 3.72
C LYS A 723 17.79 -21.59 3.78
N ASN A 724 18.14 -22.33 2.73
CA ASN A 724 17.71 -23.76 2.62
C ASN A 724 18.83 -24.60 2.03
N ALA A 725 18.73 -25.92 2.18
CA ALA A 725 19.76 -26.85 1.65
C ALA A 725 19.83 -26.77 0.12
N GLN A 726 18.69 -26.57 -0.53
CA GLN A 726 18.66 -26.59 -2.01
C GLN A 726 19.58 -25.50 -2.57
N LEU A 727 19.61 -24.32 -1.94
CA LEU A 727 20.44 -23.22 -2.48
C LEU A 727 21.90 -23.65 -2.44
N TRP A 728 22.35 -24.28 -1.35
CA TRP A 728 23.75 -24.76 -1.23
C TRP A 728 24.02 -25.83 -2.28
N ASN A 729 23.07 -26.74 -2.47
CA ASN A 729 23.29 -27.88 -3.40
C ASN A 729 23.44 -27.34 -4.82
N GLU A 730 22.66 -26.32 -5.19
CA GLU A 730 22.69 -25.84 -6.60
C GLU A 730 23.92 -24.96 -6.84
N MET A 731 24.63 -24.59 -5.77
CA MET A 731 25.84 -23.80 -5.94
C MET A 731 26.95 -24.66 -6.53
N ARG A 732 27.95 -23.99 -7.12
CA ARG A 732 29.13 -24.72 -7.67
C ARG A 732 30.21 -24.83 -6.60
N LEU A 733 31.21 -25.68 -6.80
CA LEU A 733 32.24 -25.94 -5.75
C LEU A 733 33.09 -24.70 -5.45
N GLU A 734 33.44 -23.90 -6.45
CA GLU A 734 34.36 -22.77 -6.18
C GLU A 734 33.71 -21.82 -5.19
N GLN A 735 32.43 -21.51 -5.38
CA GLN A 735 31.71 -20.58 -4.47
C GLN A 735 31.50 -21.26 -3.12
N GLN A 736 31.31 -22.59 -3.12
CA GLN A 736 31.10 -23.34 -1.86
C GLN A 736 32.36 -23.28 -0.99
N VAL A 737 33.54 -23.42 -1.60
CA VAL A 737 34.81 -23.45 -0.82
C VAL A 737 35.13 -22.04 -0.31
N GLU A 738 34.76 -21.00 -1.07
CA GLU A 738 34.95 -19.61 -0.58
C GLU A 738 34.12 -19.38 0.68
N HIS A 739 32.92 -19.95 0.74
CA HIS A 739 32.07 -19.81 1.93
C HIS A 739 32.70 -20.52 3.13
N ILE A 740 33.26 -21.71 2.91
CA ILE A 740 33.86 -22.47 4.00
C ILE A 740 35.10 -21.76 4.53
N LYS A 741 35.89 -21.18 3.64
CA LYS A 741 37.16 -20.54 4.06
C LYS A 741 36.89 -19.39 5.01
N ALA A 742 35.91 -18.55 4.69
CA ALA A 742 35.66 -17.35 5.49
C ALA A 742 35.18 -17.66 6.90
N GLY A 743 34.77 -18.89 7.18
CA GLY A 743 34.29 -19.25 8.49
C GLY A 743 33.20 -20.32 8.42
N PRO A 744 32.58 -20.62 9.56
CA PRO A 744 31.50 -21.60 9.56
C PRO A 744 30.30 -21.09 8.80
N VAL A 745 29.60 -22.01 8.13
CA VAL A 745 28.41 -21.67 7.35
C VAL A 745 27.24 -22.46 7.90
N ARG A 746 26.05 -21.84 7.85
CA ARG A 746 24.86 -22.38 8.49
C ARG A 746 23.77 -22.61 7.45
N ILE A 747 23.10 -23.76 7.55
CA ILE A 747 21.99 -24.10 6.68
C ILE A 747 20.73 -24.12 7.54
N ILE A 748 19.77 -23.27 7.21
CA ILE A 748 18.71 -22.92 8.15
C ILE A 748 17.57 -23.93 8.15
N GLY A 749 17.21 -24.48 6.99
CA GLY A 749 16.02 -25.29 6.85
C GLY A 749 15.93 -26.45 7.81
N PRO A 750 14.72 -26.84 8.20
CA PRO A 750 14.57 -28.01 9.07
C PRO A 750 14.94 -29.30 8.36
N PHE A 751 15.43 -30.25 9.15
CA PHE A 751 15.89 -31.55 8.64
C PHE A 751 15.29 -32.68 9.47
N HIS A 752 15.40 -33.89 8.93
CA HIS A 752 14.88 -35.10 9.55
C HIS A 752 16.07 -35.92 10.04
N VAL A 753 16.52 -35.65 11.27
CA VAL A 753 17.73 -36.25 11.79
C VAL A 753 17.41 -37.42 12.70
N THR A 754 18.36 -38.33 12.84
CA THR A 754 18.30 -39.43 13.78
C THR A 754 19.61 -39.51 14.54
N TYR A 755 19.55 -39.92 15.80
CA TYR A 755 20.72 -39.96 16.67
C TYR A 755 21.01 -41.41 17.05
N ASN A 756 22.29 -41.77 16.97
CA ASN A 756 22.76 -43.09 17.38
C ASN A 756 23.61 -42.93 18.63
N TYR A 757 23.21 -43.59 19.71
CA TYR A 757 23.96 -43.59 20.96
C TYR A 757 24.67 -44.92 21.09
N LEU A 758 26.01 -44.87 21.15
CA LEU A 758 26.83 -46.05 21.03
C LEU A 758 27.74 -46.19 22.25
N SER A 759 28.12 -47.43 22.54
CA SER A 759 29.11 -47.67 23.57
C SER A 759 30.52 -47.52 22.99
N GLU A 760 31.53 -47.36 23.86
CA GLU A 760 32.91 -47.10 23.35
C GLU A 760 33.42 -48.32 22.59
N GLU A 761 33.02 -49.53 23.02
CA GLU A 761 33.52 -50.77 22.37
C GLU A 761 32.97 -50.90 20.95
N GLU A 762 31.69 -50.61 20.73
CA GLU A 762 31.06 -50.81 19.40
C GLU A 762 31.74 -49.94 18.34
N ASP A 763 31.90 -50.47 17.12
CA ASP A 763 32.44 -49.66 16.00
C ASP A 763 31.35 -48.69 15.54
N MET A 764 31.73 -47.54 14.97
CA MET A 764 30.73 -46.50 14.62
C MET A 764 30.18 -46.72 13.21
N PRO A 765 28.85 -46.83 13.01
CA PRO A 765 28.29 -46.93 11.66
C PRO A 765 28.63 -45.65 10.89
N ALA A 766 29.07 -45.79 9.64
CA ALA A 766 29.48 -44.61 8.84
C ALA A 766 28.25 -43.83 8.39
N THR A 767 28.34 -42.50 8.41
CA THR A 767 27.22 -41.67 7.87
C THR A 767 27.78 -40.79 6.75
N SER A 768 27.16 -40.83 5.58
CA SER A 768 27.62 -40.01 4.42
C SER A 768 26.93 -38.64 4.47
N HIS A 769 27.33 -37.81 5.43
CA HIS A 769 26.71 -36.46 5.61
C HIS A 769 26.76 -35.69 4.29
N ILE A 770 27.97 -35.44 3.77
CA ILE A 770 28.12 -34.70 2.49
C ILE A 770 28.71 -35.66 1.45
N ILE A 771 28.07 -35.76 0.27
CA ILE A 771 28.58 -36.64 -0.82
C ILE A 771 29.29 -35.74 -1.83
N MET A 772 30.59 -35.91 -2.03
CA MET A 772 31.34 -35.00 -2.94
C MET A 772 31.41 -35.63 -4.34
N LYS A 773 30.30 -36.18 -4.83
CA LYS A 773 30.30 -36.90 -6.13
C LYS A 773 30.60 -35.96 -7.32
N ASP A 774 29.96 -34.79 -7.34
CA ASP A 774 30.25 -33.77 -8.40
C ASP A 774 30.24 -32.43 -7.69
N ASN A 775 29.35 -32.27 -6.71
CA ASN A 775 29.27 -31.02 -5.92
C ASN A 775 29.05 -31.42 -4.46
N MET A 776 29.44 -30.58 -3.50
CA MET A 776 29.17 -30.89 -2.07
C MET A 776 27.65 -30.82 -1.83
N ILE A 777 26.96 -31.96 -1.91
CA ILE A 777 25.52 -32.01 -1.71
C ILE A 777 25.23 -32.59 -0.34
N LEU A 778 24.38 -31.89 0.43
CA LEU A 778 23.97 -32.38 1.73
C LEU A 778 22.97 -33.51 1.60
N ASN A 779 23.09 -34.50 2.48
CA ASN A 779 22.10 -35.56 2.55
C ASN A 779 20.81 -35.03 3.18
N ASP A 780 19.73 -35.79 2.97
CA ASP A 780 18.43 -35.41 3.50
C ASP A 780 18.10 -36.12 4.81
N HIS A 781 19.06 -36.86 5.38
CA HIS A 781 18.79 -37.66 6.61
C HIS A 781 19.71 -37.19 7.75
N LEU A 782 21.01 -37.09 7.52
CA LEU A 782 21.95 -36.54 8.50
C LEU A 782 21.89 -37.31 9.82
N THR A 783 22.31 -38.57 9.74
CA THR A 783 22.45 -39.38 10.94
C THR A 783 23.70 -38.95 11.72
N PHE A 784 23.57 -38.84 13.04
CA PHE A 784 24.65 -38.41 13.90
C PHE A 784 25.02 -39.52 14.88
N ASN A 785 26.26 -39.48 15.37
CA ASN A 785 26.80 -40.53 16.23
C ASN A 785 27.26 -39.93 17.55
N PHE A 786 26.72 -40.47 18.65
CA PHE A 786 27.21 -40.20 19.99
C PHE A 786 27.80 -41.48 20.57
N VAL A 787 28.90 -41.35 21.31
CA VAL A 787 29.45 -42.46 22.08
C VAL A 787 29.38 -42.09 23.55
N LYS A 788 28.77 -42.97 24.34
CA LYS A 788 28.45 -42.66 25.72
C LYS A 788 29.65 -42.92 26.63
N ARG A 789 29.72 -42.16 27.71
CA ARG A 789 30.70 -42.38 28.76
C ARG A 789 30.04 -43.14 29.90
N GLU A 790 30.59 -44.28 30.26
CA GLU A 790 30.07 -45.09 31.35
C GLU A 790 31.09 -45.19 32.47
N ARG A 791 30.66 -45.77 33.59
CA ARG A 791 31.57 -45.95 34.74
C ARG A 791 32.64 -46.97 34.33
N ARG A 792 32.34 -47.80 33.32
CA ARG A 792 33.33 -48.79 32.81
C ARG A 792 34.53 -48.08 32.18
N ASN A 793 34.30 -46.99 31.43
CA ASN A 793 35.41 -46.30 30.71
C ASN A 793 35.34 -44.80 30.92
N ASN A 794 35.40 -44.31 32.17
CA ASN A 794 35.24 -42.85 32.43
C ASN A 794 36.59 -42.15 32.59
N LYS A 795 37.64 -42.85 33.05
CA LYS A 795 38.93 -42.17 33.33
C LYS A 795 39.83 -42.23 32.08
N LYS A 796 39.45 -43.03 31.07
CA LYS A 796 40.23 -43.16 29.82
C LYS A 796 39.98 -41.97 28.89
N ARG A 797 40.88 -41.79 27.92
CA ARG A 797 40.72 -40.70 26.92
C ARG A 797 40.60 -41.36 25.53
N VAL A 798 39.52 -41.06 24.80
CA VAL A 798 39.31 -41.72 23.48
C VAL A 798 39.75 -40.74 22.39
N SER A 799 40.53 -41.22 21.43
CA SER A 799 41.00 -40.35 20.33
C SER A 799 39.84 -40.08 19.37
N SER A 800 39.92 -38.98 18.61
CA SER A 800 38.88 -38.67 17.60
C SER A 800 39.21 -39.38 16.29
N PHE A 801 40.20 -40.29 16.32
CA PHE A 801 40.60 -41.05 15.10
C PHE A 801 39.40 -41.59 14.30
N ARG A 802 38.64 -42.50 14.88
CA ARG A 802 37.54 -43.15 14.11
C ARG A 802 36.51 -42.10 13.67
N TYR A 803 36.21 -41.11 14.50
CA TYR A 803 35.20 -40.09 14.16
C TYR A 803 35.62 -39.23 12.96
N LYS A 804 36.90 -38.85 12.84
CA LYS A 804 37.31 -37.89 11.77
C LYS A 804 37.81 -38.58 10.50
N ALA A 805 38.45 -39.75 10.59
CA ALA A 805 38.95 -40.47 9.43
C ALA A 805 37.82 -40.82 8.47
N VAL A 806 36.66 -41.18 9.01
CA VAL A 806 35.50 -41.53 8.20
C VAL A 806 34.69 -40.27 7.91
N GLU A 807 35.25 -39.11 8.24
CA GLU A 807 34.60 -37.83 8.03
C GLU A 807 35.41 -37.03 7.01
N MET A 808 34.71 -36.24 6.20
CA MET A 808 35.34 -35.41 5.19
C MET A 808 36.07 -34.24 5.84
N TYR A 809 36.88 -33.54 5.05
CA TYR A 809 37.49 -32.29 5.48
C TYR A 809 36.45 -31.28 5.94
N VAL A 810 35.24 -31.34 5.38
CA VAL A 810 34.13 -30.50 5.81
C VAL A 810 33.28 -31.29 6.79
N ALA A 811 32.96 -30.69 7.92
CA ALA A 811 32.27 -31.36 9.01
C ALA A 811 30.84 -30.86 9.14
N VAL A 812 29.92 -31.77 9.42
CA VAL A 812 28.52 -31.46 9.66
C VAL A 812 28.27 -31.60 11.15
N ARG A 813 27.84 -30.52 11.79
CA ARG A 813 27.77 -30.47 13.24
C ARG A 813 26.42 -29.94 13.70
N ILE A 814 26.21 -29.98 15.00
CA ILE A 814 24.94 -29.65 15.64
C ILE A 814 25.18 -28.54 16.65
N SER A 815 24.31 -27.54 16.65
CA SER A 815 24.52 -26.35 17.48
C SER A 815 23.92 -26.47 18.87
N ARG A 816 22.87 -27.28 19.05
CA ARG A 816 22.21 -27.36 20.34
C ARG A 816 21.72 -28.77 20.60
N PHE A 817 21.63 -29.13 21.87
CA PHE A 817 21.17 -30.44 22.30
C PHE A 817 20.44 -30.28 23.63
N GLN A 818 19.63 -31.28 23.96
CA GLN A 818 18.83 -31.23 25.18
C GLN A 818 18.76 -32.62 25.80
N LEU A 819 19.08 -32.70 27.09
CA LEU A 819 19.00 -33.95 27.83
C LEU A 819 18.78 -33.62 29.30
N GLU A 820 18.24 -34.58 30.04
CA GLU A 820 17.88 -34.40 31.45
C GLU A 820 18.91 -35.09 32.34
N VAL A 821 19.47 -34.33 33.28
CA VAL A 821 20.43 -34.84 34.24
C VAL A 821 19.79 -34.86 35.61
N LEU A 822 19.88 -36.01 36.29
CA LEU A 822 19.27 -36.19 37.59
C LEU A 822 20.38 -36.43 38.62
N ARG A 823 20.30 -35.71 39.74
CA ARG A 823 21.30 -35.84 40.79
C ARG A 823 20.90 -36.84 41.87
N ASP A 824 19.61 -37.10 42.04
CA ASP A 824 19.11 -38.04 43.04
C ASP A 824 18.34 -39.15 42.34
N LEU A 825 18.54 -40.39 42.81
CA LEU A 825 17.88 -41.53 42.20
C LEU A 825 16.37 -41.52 42.38
N HIS A 826 15.87 -40.76 43.35
CA HIS A 826 14.44 -40.76 43.64
C HIS A 826 13.72 -39.70 42.82
N ASP A 827 14.42 -39.03 41.91
CA ASP A 827 13.78 -38.07 41.01
C ASP A 827 13.26 -38.71 39.74
N LEU A 828 13.43 -40.03 39.58
CA LEU A 828 12.93 -40.73 38.42
C LEU A 828 11.44 -41.07 38.52
N VAL A 829 10.81 -40.81 39.66
CA VAL A 829 9.42 -41.19 39.88
C VAL A 829 8.51 -40.03 39.46
N ARG A 830 7.48 -40.35 38.69
CA ARG A 830 6.49 -39.37 38.25
C ARG A 830 5.10 -39.90 38.56
N SER A 831 4.05 -39.23 38.09
CA SER A 831 2.69 -39.61 38.46
C SER A 831 1.77 -39.61 37.25
N ARG A 832 0.75 -40.45 37.31
CA ARG A 832 -0.27 -40.56 36.29
C ARG A 832 -1.63 -40.71 36.96
N THR A 833 -2.68 -40.53 36.18
CA THR A 833 -4.05 -40.53 36.69
C THR A 833 -4.81 -41.73 36.18
N TYR A 834 -5.60 -42.37 37.03
CA TYR A 834 -6.39 -43.55 36.61
C TYR A 834 -7.76 -43.44 37.24
N LEU A 835 -8.79 -44.02 36.63
CA LEU A 835 -10.13 -44.03 37.27
C LEU A 835 -10.12 -45.10 38.36
N ASP A 836 -10.77 -44.83 39.49
CA ASP A 836 -10.89 -45.84 40.56
C ASP A 836 -12.09 -46.72 40.23
N VAL A 837 -11.85 -47.89 39.64
CA VAL A 837 -12.95 -48.82 39.25
C VAL A 837 -13.71 -49.23 40.51
N SER A 838 -12.99 -49.47 41.62
CA SER A 838 -13.64 -49.94 42.86
C SER A 838 -14.80 -49.01 43.26
N LYS A 839 -14.61 -47.69 43.16
CA LYS A 839 -15.66 -46.81 43.66
C LYS A 839 -16.40 -46.08 42.56
N SER A 840 -15.81 -45.91 41.37
CA SER A 840 -16.47 -45.29 40.23
C SER A 840 -16.31 -46.22 39.02
N PRO A 841 -17.01 -47.36 39.03
CA PRO A 841 -16.82 -48.34 37.96
C PRO A 841 -17.37 -47.85 36.63
N LEU A 842 -16.89 -48.48 35.56
CA LEU A 842 -17.40 -48.19 34.23
C LEU A 842 -18.77 -48.82 34.05
N ALA A 843 -19.70 -48.05 33.50
CA ALA A 843 -21.02 -48.58 33.19
C ALA A 843 -20.91 -49.61 32.07
N THR A 844 -21.73 -50.66 32.17
CA THR A 844 -21.68 -51.74 31.21
C THR A 844 -22.97 -51.91 30.40
N THR A 845 -24.06 -51.30 30.83
CA THR A 845 -25.33 -51.40 30.13
C THR A 845 -25.97 -50.02 30.01
N PRO A 846 -26.72 -49.77 28.94
CA PRO A 846 -27.40 -48.48 28.81
C PRO A 846 -28.65 -48.43 29.66
N ILE A 847 -29.17 -47.20 29.82
CA ILE A 847 -30.44 -47.00 30.51
C ILE A 847 -31.58 -47.35 29.55
N ARG A 848 -32.53 -48.14 30.05
CA ARG A 848 -33.63 -48.61 29.23
C ARG A 848 -34.95 -48.42 29.97
N VAL A 849 -36.04 -48.45 29.21
CA VAL A 849 -37.38 -48.37 29.77
C VAL A 849 -37.83 -49.76 30.17
N VAL A 850 -38.73 -49.82 31.15
CA VAL A 850 -39.21 -51.09 31.68
C VAL A 850 -40.28 -51.65 30.75
N GLU A 851 -40.05 -52.84 30.22
CA GLU A 851 -41.03 -53.54 29.41
C GLU A 851 -40.63 -55.01 29.35
N TYR A 852 -41.63 -55.88 29.24
CA TYR A 852 -41.42 -57.32 29.15
C TYR A 852 -40.66 -57.84 30.37
N VAL A 853 -41.29 -57.73 31.53
CA VAL A 853 -40.74 -58.34 32.75
C VAL A 853 -40.89 -59.85 32.66
N ARG A 854 -39.81 -60.56 32.93
CA ARG A 854 -39.83 -62.03 32.91
C ARG A 854 -38.56 -62.59 33.55
N MET B 1 -88.73 -79.00 66.67
CA MET B 1 -87.41 -78.59 67.11
C MET B 1 -86.88 -79.51 68.20
N ALA B 2 -86.01 -80.45 67.81
CA ALA B 2 -85.46 -81.42 68.72
C ALA B 2 -83.96 -81.56 68.51
N SER B 3 -83.35 -82.60 69.08
CA SER B 3 -81.92 -82.83 68.92
C SER B 3 -81.53 -83.15 67.49
N THR B 4 -82.49 -83.46 66.62
CA THR B 4 -82.17 -83.74 65.22
C THR B 4 -81.85 -82.46 64.46
N THR B 5 -82.42 -81.33 64.86
CA THR B 5 -82.16 -80.06 64.19
C THR B 5 -80.73 -79.58 64.38
N ARG B 6 -79.97 -80.18 65.30
CA ARG B 6 -78.60 -79.78 65.57
C ARG B 6 -77.57 -80.69 64.90
N LEU B 7 -78.00 -81.51 63.94
CA LEU B 7 -77.09 -82.49 63.36
C LEU B 7 -76.05 -81.83 62.45
N VAL B 8 -76.46 -80.88 61.62
CA VAL B 8 -75.53 -80.26 60.69
C VAL B 8 -74.49 -79.43 61.44
N ASN B 9 -74.93 -78.68 62.45
CA ASN B 9 -73.98 -77.93 63.27
C ASN B 9 -73.07 -78.86 64.04
N ASP B 10 -73.60 -80.00 64.49
CA ASP B 10 -72.78 -81.00 65.15
C ASP B 10 -71.69 -81.51 64.21
N ARG B 11 -72.04 -81.77 62.95
CA ARG B 11 -71.04 -82.22 61.99
C ARG B 11 -70.01 -81.13 61.72
N LYS B 12 -70.44 -79.87 61.61
CA LYS B 12 -69.51 -78.77 61.41
C LYS B 12 -68.49 -78.71 62.54
N GLN B 13 -68.97 -78.74 63.79
CA GLN B 13 -68.07 -78.70 64.94
C GLN B 13 -67.16 -79.91 64.95
N LEU B 14 -67.69 -81.09 64.64
CA LEU B 14 -66.88 -82.30 64.65
C LEU B 14 -65.77 -82.24 63.62
N GLU B 15 -66.07 -81.74 62.42
CA GLU B 15 -65.03 -81.58 61.41
C GLU B 15 -63.96 -80.61 61.87
N GLN B 16 -64.37 -79.49 62.47
CA GLN B 16 -63.40 -78.53 62.96
C GLN B 16 -62.48 -79.15 64.00
N GLN B 17 -63.06 -79.90 64.96
CA GLN B 17 -62.26 -80.54 65.99
C GLN B 17 -61.34 -81.61 65.41
N VAL B 18 -61.82 -82.38 64.44
CA VAL B 18 -60.98 -83.41 63.83
C VAL B 18 -59.78 -82.79 63.13
N LYS B 19 -60.01 -81.71 62.39
CA LYS B 19 -58.88 -81.02 61.76
C LYS B 19 -57.92 -80.48 62.81
N ASP B 20 -58.46 -79.85 63.87
CA ASP B 20 -57.59 -79.24 64.88
C ASP B 20 -56.74 -80.28 65.59
N ASP B 21 -57.31 -81.41 65.98
CA ASP B 21 -56.55 -82.40 66.72
C ASP B 21 -55.78 -83.36 65.82
N ALA B 22 -56.02 -83.34 64.51
CA ALA B 22 -55.12 -84.02 63.58
C ALA B 22 -53.91 -83.16 63.26
N ARG B 23 -54.06 -81.84 63.37
CA ARG B 23 -52.90 -80.96 63.22
C ARG B 23 -51.92 -81.11 64.37
N ILE B 24 -52.41 -81.43 65.57
CA ILE B 24 -51.56 -81.48 66.76
C ILE B 24 -50.60 -82.67 66.68
N LEU B 25 -51.12 -83.85 66.35
CA LEU B 25 -50.30 -85.05 66.34
C LEU B 25 -49.47 -85.22 65.09
N ALA B 26 -49.72 -84.42 64.05
CA ALA B 26 -48.95 -84.53 62.82
C ALA B 26 -47.49 -84.16 63.07
N ASP B 27 -46.58 -84.98 62.54
CA ASP B 27 -45.16 -84.70 62.67
C ASP B 27 -44.72 -83.66 61.64
N ALA B 28 -43.90 -82.71 62.09
CA ALA B 28 -43.48 -81.59 61.27
C ALA B 28 -41.97 -81.57 61.19
N ARG B 29 -41.44 -81.50 59.97
CA ARG B 29 -40.01 -81.45 59.73
C ARG B 29 -39.68 -80.29 58.80
N GLY B 30 -38.59 -79.59 59.08
CA GLY B 30 -38.15 -78.53 58.21
C GLY B 30 -37.70 -79.07 56.87
N LEU B 31 -37.89 -78.26 55.83
CA LEU B 31 -37.50 -78.63 54.47
C LEU B 31 -36.38 -77.72 54.00
N ASN B 32 -35.49 -78.26 53.16
CA ASN B 32 -34.40 -77.44 52.57
C ASN B 32 -34.93 -76.57 51.45
N ILE B 33 -34.58 -75.28 51.45
CA ILE B 33 -34.98 -74.38 50.34
C ILE B 33 -33.85 -74.45 49.31
N THR B 34 -34.16 -74.88 48.08
CA THR B 34 -33.11 -74.96 47.03
C THR B 34 -33.45 -74.11 45.80
N THR B 35 -34.21 -73.02 45.96
CA THR B 35 -34.64 -72.25 44.76
C THR B 35 -34.04 -70.84 44.72
N VAL B 36 -33.11 -70.48 45.60
CA VAL B 36 -32.63 -69.07 45.59
C VAL B 36 -31.84 -68.83 44.31
N ALA B 37 -32.11 -67.71 43.61
CA ALA B 37 -31.43 -67.38 42.35
C ALA B 37 -31.84 -65.98 41.87
N ASN B 38 -30.93 -65.23 41.25
CA ASN B 38 -31.21 -63.88 40.78
C ASN B 38 -31.52 -63.99 39.29
N ASP B 39 -32.78 -64.32 38.99
CA ASP B 39 -33.22 -64.55 37.61
C ASP B 39 -34.57 -63.86 37.37
N SER B 40 -34.68 -62.60 37.75
CA SER B 40 -35.92 -61.83 37.64
C SER B 40 -35.64 -60.47 37.02
N ALA B 41 -34.92 -60.45 35.92
CA ALA B 41 -34.54 -59.20 35.26
C ALA B 41 -35.71 -58.63 34.48
N THR B 42 -35.54 -57.38 34.03
CA THR B 42 -36.52 -56.68 33.21
C THR B 42 -35.87 -56.24 31.91
N GLY B 43 -36.65 -56.28 30.84
CA GLY B 43 -36.18 -55.91 29.52
C GLY B 43 -36.57 -54.49 29.14
N GLY B 44 -36.57 -54.24 27.84
CA GLY B 44 -36.93 -52.94 27.31
C GLY B 44 -36.01 -52.46 26.21
N GLN B 45 -36.23 -51.24 25.73
CA GLN B 45 -35.41 -50.66 24.67
C GLN B 45 -34.47 -49.61 25.26
N ALA B 46 -33.22 -49.66 24.84
CA ALA B 46 -32.22 -48.73 25.36
C ALA B 46 -32.48 -47.32 24.85
N ILE B 47 -32.31 -46.35 25.73
CA ILE B 47 -32.45 -44.93 25.36
C ILE B 47 -31.07 -44.49 24.88
N ARG B 48 -30.80 -44.76 23.61
CA ARG B 48 -29.51 -44.42 23.03
C ARG B 48 -29.43 -42.93 22.74
N ASN B 49 -28.27 -42.35 23.00
CA ASN B 49 -28.07 -40.94 22.72
C ASN B 49 -27.85 -40.70 21.23
N VAL B 50 -28.24 -39.52 20.77
CA VAL B 50 -28.09 -39.12 19.38
C VAL B 50 -27.31 -37.81 19.34
N GLY B 51 -26.42 -37.69 18.36
CA GLY B 51 -25.59 -36.53 18.23
C GLY B 51 -24.63 -36.64 17.08
N PRO B 52 -23.62 -35.78 17.04
CA PRO B 52 -22.65 -35.81 15.93
C PRO B 52 -21.89 -37.12 15.91
N ASN B 53 -21.57 -37.57 14.70
CA ASN B 53 -20.74 -38.75 14.50
C ASN B 53 -19.29 -38.31 14.49
N ASP B 54 -18.54 -38.71 15.53
CA ASP B 54 -17.16 -38.27 15.68
C ASP B 54 -16.23 -38.84 14.62
N GLU B 55 -16.63 -39.87 13.88
CA GLU B 55 -15.77 -40.49 12.89
C GLU B 55 -15.77 -39.76 11.55
N ALA B 56 -16.72 -38.86 11.30
CA ALA B 56 -16.71 -38.08 10.08
C ALA B 56 -15.80 -36.87 10.19
N THR B 57 -15.74 -36.25 11.38
CA THR B 57 -14.85 -35.13 11.60
C THR B 57 -13.40 -35.54 11.43
N ILE B 58 -13.03 -36.71 11.94
CA ILE B 58 -11.65 -37.18 11.83
C ILE B 58 -11.28 -37.39 10.36
N LYS B 59 -12.18 -38.01 9.60
CA LYS B 59 -11.91 -38.24 8.19
C LYS B 59 -11.80 -36.93 7.42
N ALA B 60 -12.68 -35.97 7.71
CA ALA B 60 -12.61 -34.67 7.04
C ALA B 60 -11.30 -33.95 7.36
N LEU B 61 -10.89 -33.99 8.64
CA LEU B 61 -9.63 -33.34 9.02
C LEU B 61 -8.45 -34.02 8.33
N ASP B 62 -8.44 -35.35 8.28
CA ASP B 62 -7.36 -36.05 7.60
C ASP B 62 -7.32 -35.68 6.12
N ASN B 63 -8.48 -35.61 5.47
CA ASN B 63 -8.53 -35.29 4.05
C ASN B 63 -8.02 -33.88 3.79
N VAL B 64 -8.44 -32.91 4.61
CA VAL B 64 -7.99 -31.53 4.38
C VAL B 64 -6.49 -31.41 4.65
N ILE B 65 -5.98 -32.14 5.65
CA ILE B 65 -4.55 -32.11 5.93
C ILE B 65 -3.77 -32.72 4.78
N LYS B 66 -4.26 -33.83 4.22
CA LYS B 66 -3.60 -34.43 3.07
C LYS B 66 -3.61 -33.48 1.87
N GLN B 67 -4.72 -32.79 1.64
CA GLN B 67 -4.79 -31.83 0.54
C GLN B 67 -3.76 -30.72 0.73
N ILE B 68 -3.67 -30.18 1.94
CA ILE B 68 -2.72 -29.11 2.20
C ILE B 68 -1.28 -29.60 2.05
N GLU B 69 -0.98 -30.81 2.55
CA GLU B 69 0.37 -31.35 2.41
C GLU B 69 0.72 -31.58 0.95
N ALA B 70 -0.21 -32.09 0.16
CA ALA B 70 0.05 -32.30 -1.26
C ALA B 70 0.29 -30.98 -1.97
N LEU B 71 -0.49 -29.95 -1.65
CA LEU B 71 -0.32 -28.65 -2.28
C LEU B 71 1.01 -27.98 -1.93
N SER B 72 1.61 -28.35 -0.81
CA SER B 72 2.82 -27.68 -0.33
C SER B 72 4.11 -28.32 -0.81
N VAL B 73 4.03 -29.38 -1.61
CA VAL B 73 5.24 -30.05 -2.09
C VAL B 73 5.57 -29.67 -3.53
N ILE B 74 4.59 -29.17 -4.29
CA ILE B 74 4.84 -28.82 -5.69
C ILE B 74 5.94 -27.79 -5.79
N VAL B 75 6.90 -28.04 -6.67
CA VAL B 75 8.03 -27.15 -6.88
C VAL B 75 7.93 -26.59 -8.29
N ASN B 76 8.54 -25.42 -8.50
CA ASN B 76 8.55 -24.76 -9.80
C ASN B 76 9.99 -24.61 -10.25
N ARG B 77 10.38 -25.41 -11.24
CA ARG B 77 11.75 -25.42 -11.73
C ARG B 77 11.73 -25.59 -13.24
N SER B 78 12.35 -24.66 -13.96
CA SER B 78 12.43 -24.71 -15.41
C SER B 78 13.90 -24.65 -15.84
N GLU B 79 14.25 -25.45 -16.84
CA GLU B 79 15.63 -25.55 -17.29
C GLU B 79 15.68 -25.27 -18.80
N LYS B 80 15.07 -24.16 -19.20
CA LYS B 80 15.04 -23.80 -20.62
C LYS B 80 16.43 -23.48 -21.14
N ALA B 81 16.58 -23.57 -22.47
CA ALA B 81 17.83 -23.26 -23.12
C ALA B 81 17.93 -21.75 -23.37
N ASP B 82 18.91 -21.34 -24.16
CA ASP B 82 19.12 -19.95 -24.49
C ASP B 82 18.83 -19.71 -25.97
N ASP B 83 18.56 -18.45 -26.33
CA ASP B 83 18.16 -18.14 -27.72
C ASP B 83 19.40 -17.83 -28.56
N ALA B 84 20.58 -17.84 -27.93
CA ALA B 84 21.82 -17.58 -28.68
C ALA B 84 22.09 -18.76 -29.62
N GLN B 85 22.57 -18.46 -30.83
CA GLN B 85 22.79 -19.52 -31.86
C GLN B 85 24.29 -19.82 -31.97
N ILE B 86 24.65 -21.11 -31.94
CA ILE B 86 26.08 -21.52 -32.08
C ILE B 86 26.52 -21.18 -33.50
N LEU B 87 27.66 -20.51 -33.65
CA LEU B 87 28.14 -20.10 -34.99
C LEU B 87 29.18 -21.10 -35.48
N GLY B 88 29.38 -21.18 -36.79
CA GLY B 88 30.37 -22.11 -37.36
C GLY B 88 31.37 -21.36 -38.20
N PRO B 89 32.46 -21.99 -38.67
CA PRO B 89 33.41 -21.30 -39.54
C PRO B 89 32.93 -21.04 -40.97
N ASN B 90 33.43 -19.98 -41.61
CA ASN B 90 33.08 -19.68 -43.02
C ASN B 90 34.34 -19.12 -43.70
N THR B 91 34.40 -19.19 -45.04
CA THR B 91 35.54 -18.64 -45.80
C THR B 91 35.01 -17.67 -46.86
N TYR B 92 35.63 -16.50 -47.02
CA TYR B 92 35.22 -15.56 -48.10
C TYR B 92 35.50 -16.25 -49.44
N LYS B 93 34.60 -16.07 -50.41
CA LYS B 93 34.77 -16.70 -51.76
C LYS B 93 35.22 -15.64 -52.76
N GLN B 94 35.92 -16.04 -53.83
CA GLN B 94 36.48 -15.03 -54.77
C GLN B 94 35.59 -14.87 -56.00
N LEU B 95 35.21 -13.63 -56.33
CA LEU B 95 34.43 -13.38 -57.57
C LEU B 95 35.40 -13.33 -58.74
N LEU B 96 34.96 -13.70 -59.94
CA LEU B 96 35.88 -13.79 -61.11
C LEU B 96 36.37 -12.41 -61.55
N GLU B 97 37.65 -12.31 -61.96
CA GLU B 97 38.22 -11.01 -62.39
C GLU B 97 39.11 -11.21 -63.62
N HIS B 98 39.31 -10.14 -64.39
CA HIS B 98 40.14 -10.21 -65.62
C HIS B 98 41.22 -9.13 -65.55
N LEU B 99 42.49 -9.52 -65.73
CA LEU B 99 43.63 -8.56 -65.65
C LEU B 99 44.39 -8.54 -66.97
N PHE B 100 44.59 -7.35 -67.57
CA PHE B 100 45.40 -7.26 -68.81
C PHE B 100 46.31 -6.02 -68.71
N SER B 101 47.44 -6.04 -69.43
CA SER B 101 48.42 -4.91 -69.37
C SER B 101 48.59 -4.27 -70.76
N PRO B 102 48.16 -3.02 -71.05
CA PRO B 102 48.38 -2.47 -72.38
C PRO B 102 49.82 -1.97 -72.58
N GLU B 103 50.42 -1.39 -71.54
CA GLU B 103 51.80 -0.85 -71.63
C GLU B 103 52.61 -1.35 -70.43
N GLU B 104 53.78 -0.75 -70.19
CA GLU B 104 54.70 -1.25 -69.12
C GLU B 104 54.14 -1.15 -67.69
N ASN B 105 53.78 0.03 -67.22
CA ASN B 105 53.36 0.13 -65.79
C ASN B 105 51.84 0.27 -65.69
N VAL B 106 51.11 -0.02 -66.76
CA VAL B 106 49.64 0.16 -66.77
C VAL B 106 48.99 -1.22 -66.59
N TYR B 107 48.20 -1.39 -65.53
CA TYR B 107 47.49 -2.67 -65.30
C TYR B 107 46.00 -2.35 -65.27
N ILE B 108 45.20 -3.08 -66.06
CA ILE B 108 43.75 -2.76 -66.16
C ILE B 108 42.92 -3.90 -65.57
N LEU B 109 42.00 -3.58 -64.65
CA LEU B 109 41.08 -4.60 -64.08
C LEU B 109 39.72 -4.40 -64.76
N LEU B 110 39.15 -5.48 -65.32
CA LEU B 110 37.89 -5.39 -66.09
C LEU B 110 36.65 -5.58 -65.19
N PRO B 111 35.49 -4.90 -65.40
CA PRO B 111 34.34 -5.16 -64.53
C PRO B 111 33.46 -6.34 -64.97
N ILE B 112 33.86 -7.57 -64.61
CA ILE B 112 33.10 -8.78 -65.00
C ILE B 112 31.80 -8.83 -64.19
N GLN B 113 30.74 -9.41 -64.76
CA GLN B 113 29.42 -9.45 -64.06
C GLN B 113 29.51 -10.45 -62.89
N ALA B 114 29.14 -10.01 -61.68
CA ALA B 114 29.21 -10.88 -60.49
C ALA B 114 27.80 -11.30 -60.04
N TYR B 115 26.87 -10.35 -59.96
CA TYR B 115 25.50 -10.66 -59.47
C TYR B 115 24.49 -10.37 -60.57
N THR B 116 23.72 -11.39 -60.95
CA THR B 116 22.71 -11.22 -62.04
C THR B 116 21.34 -10.98 -61.41
N GLY B 117 20.67 -9.90 -61.80
CA GLY B 117 19.32 -9.62 -61.28
C GLY B 117 18.64 -8.55 -62.10
N GLY B 118 17.39 -8.25 -61.81
CA GLY B 118 16.71 -7.14 -62.49
C GLY B 118 15.65 -7.61 -63.45
N VAL B 119 14.43 -7.13 -63.26
CA VAL B 119 13.32 -7.50 -64.18
C VAL B 119 12.88 -6.23 -64.90
N ILE B 120 12.88 -6.24 -66.23
CA ILE B 120 12.54 -5.01 -67.01
C ILE B 120 11.07 -5.08 -67.41
N ASP B 121 10.27 -4.08 -67.00
CA ASP B 121 8.84 -4.02 -67.42
C ASP B 121 8.60 -2.62 -67.94
N ARG B 122 8.37 -2.45 -69.23
CA ARG B 122 8.26 -1.08 -69.81
C ARG B 122 7.01 -0.36 -69.28
N ARG B 123 5.90 -1.08 -69.08
CA ARG B 123 4.62 -0.46 -68.63
C ARG B 123 4.87 0.40 -67.39
N ASP B 124 5.66 -0.06 -66.42
CA ASP B 124 6.03 0.83 -65.29
C ASP B 124 7.47 1.30 -65.54
N ALA B 125 7.72 2.61 -65.54
CA ALA B 125 9.08 3.06 -65.88
C ALA B 125 9.81 3.47 -64.61
N SER B 126 9.90 2.58 -63.64
CA SER B 126 10.52 3.00 -62.36
C SER B 126 11.93 2.43 -62.24
N PHE B 127 12.95 3.28 -62.28
CA PHE B 127 14.35 2.84 -62.05
C PHE B 127 14.46 2.37 -60.61
N SER B 128 13.74 3.04 -59.70
CA SER B 128 13.76 2.68 -58.26
C SER B 128 13.26 1.26 -58.09
N ASN B 129 12.25 0.88 -58.86
CA ASN B 129 11.72 -0.50 -58.81
C ASN B 129 12.76 -1.49 -59.33
N PHE B 130 13.52 -1.11 -60.35
CA PHE B 130 14.52 -2.02 -60.98
C PHE B 130 15.68 -2.22 -60.01
N ALA B 131 16.09 -1.17 -59.31
CA ALA B 131 17.16 -1.27 -58.31
C ALA B 131 16.71 -2.13 -57.13
N TYR B 132 15.47 -1.98 -56.70
CA TYR B 132 14.97 -2.74 -55.53
C TYR B 132 15.03 -4.24 -55.87
N SER B 133 14.68 -4.59 -57.10
CA SER B 133 14.67 -6.02 -57.48
C SER B 133 16.08 -6.59 -57.40
N ILE B 134 17.07 -5.86 -57.91
CA ILE B 134 18.49 -6.32 -57.83
C ILE B 134 18.94 -6.33 -56.37
N ALA B 135 18.62 -5.28 -55.63
CA ALA B 135 19.09 -5.17 -54.23
C ALA B 135 18.47 -6.28 -53.38
N SER B 136 17.19 -6.58 -53.57
CA SER B 136 16.50 -7.62 -52.76
C SER B 136 17.12 -8.98 -53.04
N LYS B 137 17.43 -9.28 -54.30
CA LYS B 137 18.08 -10.57 -54.64
C LYS B 137 19.45 -10.61 -53.96
N LEU B 138 20.18 -9.50 -53.98
CA LEU B 138 21.54 -9.43 -53.36
C LEU B 138 21.42 -9.64 -51.85
N MET B 139 20.41 -9.03 -51.22
CA MET B 139 20.25 -9.12 -49.74
C MET B 139 20.04 -10.58 -49.33
N MET B 140 19.23 -11.31 -50.09
CA MET B 140 19.00 -12.74 -49.78
C MET B 140 20.30 -13.53 -49.93
N GLU B 141 21.08 -13.26 -50.98
CA GLU B 141 22.36 -13.98 -51.22
C GLU B 141 23.36 -13.69 -50.09
N LEU B 142 23.48 -12.43 -49.69
CA LEU B 142 24.40 -12.08 -48.57
C LEU B 142 23.90 -12.76 -47.29
N SER B 143 22.60 -12.75 -47.05
CA SER B 143 22.03 -13.38 -45.83
C SER B 143 22.28 -14.90 -45.84
N ALA B 144 22.15 -15.53 -47.00
CA ALA B 144 22.37 -16.99 -47.11
C ALA B 144 23.82 -17.32 -46.76
N ALA B 145 24.77 -16.53 -47.26
CA ALA B 145 26.21 -16.79 -47.03
C ALA B 145 26.56 -16.64 -45.55
N THR B 146 25.97 -15.67 -44.85
CA THR B 146 26.36 -15.38 -43.46
C THR B 146 25.46 -16.05 -42.41
N HIS B 147 24.61 -16.99 -42.82
CA HIS B 147 23.65 -17.56 -41.83
C HIS B 147 24.36 -18.58 -40.94
N ASN B 148 24.33 -18.35 -39.62
CA ASN B 148 24.89 -19.31 -38.64
C ASN B 148 26.37 -19.53 -38.88
N LYS B 149 27.04 -18.58 -39.52
CA LYS B 149 28.48 -18.72 -39.82
C LYS B 149 29.18 -17.38 -39.61
N ILE B 150 30.46 -17.39 -39.22
CA ILE B 150 31.28 -16.14 -39.10
C ILE B 150 32.58 -16.45 -39.83
N PHE B 151 33.28 -15.45 -40.37
CA PHE B 151 34.49 -15.71 -41.17
C PHE B 151 35.69 -15.89 -40.24
N THR B 152 36.22 -17.11 -40.16
CA THR B 152 37.37 -17.40 -39.27
C THR B 152 38.53 -18.09 -39.98
N ASP B 153 38.32 -18.69 -41.16
CA ASP B 153 39.40 -19.50 -41.79
C ASP B 153 40.04 -18.81 -42.99
N TYR B 154 41.37 -18.75 -43.02
CA TYR B 154 42.10 -18.08 -44.12
C TYR B 154 43.39 -18.83 -44.40
N THR B 155 43.84 -18.86 -45.66
CA THR B 155 45.11 -19.46 -46.01
C THR B 155 46.26 -18.57 -45.57
N ARG B 156 47.42 -19.20 -45.36
CA ARG B 156 48.58 -18.49 -44.83
C ARG B 156 49.84 -19.30 -45.12
N ILE B 157 50.98 -18.66 -44.84
CA ILE B 157 52.29 -19.32 -44.88
C ILE B 157 52.75 -19.50 -43.44
N ALA B 158 53.18 -20.72 -43.09
CA ALA B 158 53.57 -21.02 -41.72
C ALA B 158 54.71 -20.10 -41.27
N ALA B 159 54.63 -19.64 -40.04
CA ALA B 159 55.62 -18.73 -39.48
C ALA B 159 56.92 -19.48 -39.24
N SER B 160 57.88 -19.30 -40.14
CA SER B 160 59.17 -19.97 -40.03
C SER B 160 60.10 -19.17 -39.11
N ALA B 161 61.36 -19.61 -39.04
CA ALA B 161 62.32 -18.97 -38.16
C ALA B 161 62.82 -17.63 -38.69
N LEU B 162 62.68 -17.39 -39.99
CA LEU B 162 63.22 -16.18 -40.61
C LEU B 162 62.14 -15.23 -41.13
N GLY B 163 60.87 -15.53 -40.87
CA GLY B 163 59.80 -14.69 -41.36
C GLY B 163 58.56 -14.73 -40.51
N PRO B 164 57.77 -13.64 -40.55
CA PRO B 164 56.49 -13.62 -39.82
C PRO B 164 55.36 -14.27 -40.61
N GLU B 165 54.14 -14.16 -40.10
CA GLU B 165 52.98 -14.74 -40.76
C GLU B 165 52.68 -13.98 -42.04
N ILE B 166 52.55 -14.71 -43.14
CA ILE B 166 52.34 -14.05 -44.47
C ILE B 166 51.08 -14.61 -45.12
N SER B 167 50.20 -13.75 -45.63
CA SER B 167 48.92 -14.21 -46.22
C SER B 167 49.09 -14.58 -47.68
N THR B 168 48.42 -15.65 -48.12
CA THR B 168 48.45 -16.07 -49.54
C THR B 168 47.02 -16.02 -50.09
N GLU B 169 46.12 -15.29 -49.44
CA GLU B 169 44.70 -15.22 -49.87
C GLU B 169 44.56 -14.47 -51.20
N GLY B 170 43.54 -14.81 -52.00
CA GLY B 170 43.30 -14.11 -53.27
C GLY B 170 43.97 -14.78 -54.45
N MET B 171 44.10 -14.08 -55.58
CA MET B 171 44.81 -14.62 -56.75
C MET B 171 46.26 -15.02 -56.39
N PRO B 172 46.79 -16.23 -56.76
CA PRO B 172 48.20 -16.51 -56.56
C PRO B 172 49.03 -15.42 -57.25
N LEU B 173 50.14 -15.01 -56.63
CA LEU B 173 51.02 -13.97 -57.22
C LEU B 173 51.59 -14.46 -58.56
N PHE B 174 51.88 -15.75 -58.68
CA PHE B 174 52.47 -16.31 -59.92
C PHE B 174 51.47 -16.31 -61.07
N SER B 175 50.17 -16.41 -60.80
CA SER B 175 49.18 -16.28 -61.91
C SER B 175 49.43 -14.97 -62.66
N LEU B 176 49.76 -13.91 -61.93
CA LEU B 176 49.98 -12.58 -62.50
C LEU B 176 51.16 -12.59 -63.45
N ILE B 177 52.17 -13.43 -63.18
CA ILE B 177 53.33 -13.54 -64.08
C ILE B 177 52.88 -13.63 -65.53
N GLU B 178 51.93 -14.51 -65.82
CA GLU B 178 51.47 -14.69 -67.20
C GLU B 178 50.24 -13.87 -67.54
N SER B 179 49.39 -13.54 -66.56
CA SER B 179 48.20 -12.77 -66.87
C SER B 179 48.54 -11.33 -67.27
N LEU B 180 49.56 -10.75 -66.65
CA LEU B 180 49.96 -9.39 -66.98
C LEU B 180 51.11 -9.29 -67.96
N GLU B 181 51.76 -10.42 -68.27
CA GLU B 181 52.94 -10.46 -69.13
C GLU B 181 53.99 -9.45 -68.64
N LEU B 182 54.49 -9.71 -67.44
CA LEU B 182 55.41 -8.80 -66.79
C LEU B 182 56.83 -8.98 -67.31
N THR B 183 57.58 -7.88 -67.34
CA THR B 183 58.99 -7.92 -67.71
C THR B 183 59.81 -8.37 -66.52
N GLU B 184 61.14 -8.23 -66.60
CA GLU B 184 61.99 -8.70 -65.52
C GLU B 184 61.93 -7.79 -64.30
N ALA B 185 61.67 -6.49 -64.51
CA ALA B 185 61.58 -5.57 -63.37
C ALA B 185 60.41 -5.92 -62.46
N GLU B 186 59.23 -6.12 -63.04
CA GLU B 186 58.06 -6.48 -62.25
C GLU B 186 58.23 -7.83 -61.58
N THR B 187 58.81 -8.80 -62.30
CA THR B 187 59.03 -10.12 -61.72
C THR B 187 60.00 -10.05 -60.55
N SER B 188 61.00 -9.16 -60.64
CA SER B 188 61.89 -8.94 -59.51
C SER B 188 61.16 -8.28 -58.35
N ARG B 189 60.24 -7.36 -58.65
CA ARG B 189 59.52 -6.66 -57.58
C ARG B 189 58.56 -7.58 -56.84
N LEU B 190 57.98 -8.56 -57.53
CA LEU B 190 56.89 -9.35 -56.93
C LEU B 190 57.26 -10.04 -55.62
N PRO B 191 58.42 -10.69 -55.47
CA PRO B 191 58.74 -11.28 -54.15
C PRO B 191 58.84 -10.25 -53.03
N VAL B 192 59.13 -8.99 -53.35
CA VAL B 192 59.17 -7.97 -52.31
C VAL B 192 57.77 -7.67 -51.79
N ILE B 193 56.79 -7.54 -52.69
CA ILE B 193 55.42 -7.27 -52.24
C ILE B 193 54.72 -8.52 -51.75
N GLN B 194 55.28 -9.71 -52.00
CA GLN B 194 54.74 -10.91 -51.39
C GLN B 194 55.00 -10.95 -49.89
N ASP B 195 56.15 -10.43 -49.45
CA ASP B 195 56.55 -10.50 -48.05
C ASP B 195 55.98 -9.38 -47.20
N SER B 196 55.42 -8.34 -47.81
CA SER B 196 54.82 -7.23 -47.07
C SER B 196 53.38 -7.52 -46.66
N MET B 197 52.83 -8.66 -47.09
CA MET B 197 51.44 -9.03 -46.79
C MET B 197 51.41 -9.66 -45.40
N VAL B 198 51.50 -8.81 -44.38
CA VAL B 198 51.53 -9.23 -42.99
C VAL B 198 50.13 -9.10 -42.39
N ILE B 199 49.75 -10.08 -41.60
CA ILE B 199 48.43 -10.09 -40.97
C ILE B 199 48.46 -9.21 -39.73
N GLN B 200 47.46 -8.34 -39.61
CA GLN B 200 47.37 -7.41 -38.50
C GLN B 200 46.33 -7.87 -37.49
N LYS B 201 46.60 -7.63 -36.21
CA LYS B 201 45.72 -8.04 -35.13
C LYS B 201 45.36 -6.85 -34.28
N SER B 202 44.08 -6.74 -33.91
CA SER B 202 43.60 -5.65 -33.08
C SER B 202 42.25 -6.06 -32.50
N THR B 203 41.57 -5.11 -31.87
CA THR B 203 40.21 -5.30 -31.37
C THR B 203 39.28 -4.30 -32.04
N ALA B 204 38.04 -4.72 -32.24
CA ALA B 204 37.05 -3.88 -32.89
C ALA B 204 35.75 -3.95 -32.10
N THR B 205 34.79 -3.11 -32.49
CA THR B 205 33.48 -3.06 -31.87
C THR B 205 32.43 -3.57 -32.85
N VAL B 206 31.61 -4.50 -32.40
CA VAL B 206 30.56 -5.06 -33.23
C VAL B 206 29.21 -4.63 -32.67
N GLY B 207 28.21 -4.65 -33.53
CA GLY B 207 26.88 -4.21 -33.15
C GLY B 207 26.68 -2.72 -33.33
N ASN B 208 25.50 -2.26 -32.93
CA ASN B 208 25.12 -0.87 -33.05
C ASN B 208 24.37 -0.46 -31.80
N ALA B 209 23.72 0.70 -31.85
CA ALA B 209 22.99 1.19 -30.69
C ALA B 209 21.78 0.32 -30.38
N GLN B 210 21.16 -0.28 -31.40
CA GLN B 210 19.96 -1.09 -31.18
C GLN B 210 20.31 -2.47 -30.60
N GLN B 211 21.10 -3.25 -31.33
CA GLN B 211 21.44 -4.59 -30.87
C GLN B 211 22.28 -4.55 -29.61
N GLY B 212 23.27 -3.66 -29.55
CA GLY B 212 24.18 -3.61 -28.43
C GLY B 212 25.60 -3.41 -28.89
N ILE B 213 26.53 -3.32 -27.93
CA ILE B 213 27.93 -3.02 -28.22
C ILE B 213 28.80 -4.08 -27.56
N SER B 214 29.75 -4.63 -28.31
CA SER B 214 30.68 -5.61 -27.79
C SER B 214 32.01 -5.47 -28.51
N THR B 215 33.09 -5.80 -27.82
CA THR B 215 34.43 -5.80 -28.40
C THR B 215 34.92 -7.22 -28.56
N ILE B 216 35.47 -7.53 -29.73
CA ILE B 216 36.01 -8.84 -30.05
C ILE B 216 37.38 -8.66 -30.67
N ASN B 217 38.09 -9.78 -30.81
CA ASN B 217 39.42 -9.78 -31.43
C ASN B 217 39.28 -10.16 -32.89
N ILE B 218 39.92 -9.38 -33.77
CA ILE B 218 39.79 -9.53 -35.20
C ILE B 218 41.17 -9.68 -35.82
N LYS B 219 41.20 -9.94 -37.13
CA LYS B 219 42.42 -9.98 -37.92
C LYS B 219 42.15 -9.28 -39.24
N ARG B 220 43.20 -8.73 -39.83
CA ARG B 220 43.10 -8.02 -41.10
C ARG B 220 44.07 -8.70 -42.07
N VAL B 221 43.55 -9.62 -42.87
CA VAL B 221 44.36 -10.46 -43.74
C VAL B 221 44.38 -9.82 -45.12
N PRO B 222 45.54 -9.36 -45.60
CA PRO B 222 45.59 -8.80 -46.96
C PRO B 222 45.39 -9.87 -48.03
N PHE B 223 44.84 -9.45 -49.15
CA PHE B 223 44.59 -10.35 -50.26
C PHE B 223 44.70 -9.58 -51.57
N VAL B 224 44.83 -10.32 -52.67
CA VAL B 224 45.02 -9.74 -53.99
C VAL B 224 43.70 -9.88 -54.75
N GLY B 225 43.17 -8.76 -55.22
CA GLY B 225 41.90 -8.78 -55.92
C GLY B 225 41.50 -7.40 -56.37
N SER B 226 40.22 -7.26 -56.72
CA SER B 226 39.68 -6.00 -57.20
C SER B 226 39.12 -5.18 -56.03
N ALA B 227 38.58 -4.01 -56.35
CA ALA B 227 38.02 -3.12 -55.33
C ALA B 227 36.58 -3.46 -54.99
N PHE B 228 35.79 -3.86 -55.98
CA PHE B 228 34.42 -4.33 -55.71
C PHE B 228 34.44 -5.54 -54.80
N GLN B 229 35.48 -6.38 -54.91
CA GLN B 229 35.66 -7.50 -53.98
C GLN B 229 35.72 -7.00 -52.55
N GLN B 230 36.47 -5.93 -52.30
CA GLN B 230 36.60 -5.41 -50.93
C GLN B 230 35.26 -4.87 -50.43
N VAL B 231 34.49 -4.23 -51.30
CA VAL B 231 33.18 -3.72 -50.88
C VAL B 231 32.26 -4.88 -50.51
N ILE B 232 32.25 -5.94 -51.32
CA ILE B 232 31.41 -7.10 -51.03
C ILE B 232 31.85 -7.75 -49.71
N ASP B 233 33.16 -7.84 -49.49
CA ASP B 233 33.64 -8.43 -48.24
C ASP B 233 33.27 -7.57 -47.03
N GLN B 234 33.33 -6.25 -47.19
CA GLN B 234 32.90 -5.36 -46.10
C GLN B 234 31.42 -5.56 -45.79
N LEU B 235 30.61 -5.67 -46.83
CA LEU B 235 29.18 -5.93 -46.62
C LEU B 235 28.96 -7.25 -45.90
N LEU B 236 29.68 -8.29 -46.32
CA LEU B 236 29.52 -9.60 -45.69
C LEU B 236 29.94 -9.56 -44.22
N TRP B 237 31.04 -8.88 -43.92
CA TRP B 237 31.47 -8.77 -42.52
C TRP B 237 30.47 -7.99 -41.69
N GLU B 238 29.91 -6.92 -42.25
CA GLU B 238 28.89 -6.16 -41.53
C GLU B 238 27.65 -7.01 -41.28
N TYR B 239 27.24 -7.82 -42.26
CA TYR B 239 26.08 -8.67 -42.09
C TYR B 239 26.31 -9.75 -41.04
N SER B 240 27.51 -10.35 -41.03
CA SER B 240 27.75 -11.48 -40.13
C SER B 240 27.87 -11.06 -38.67
N THR B 241 28.39 -9.85 -38.41
CA THR B 241 28.69 -9.42 -37.05
C THR B 241 27.68 -8.41 -36.51
N THR B 242 26.50 -8.31 -37.13
CA THR B 242 25.52 -7.33 -36.67
C THR B 242 25.00 -7.66 -35.28
N SER B 243 24.91 -8.94 -34.94
CA SER B 243 24.46 -9.38 -33.61
C SER B 243 25.49 -10.39 -33.08
N LEU B 244 26.55 -9.89 -32.47
CA LEU B 244 27.57 -10.72 -31.83
C LEU B 244 27.63 -10.37 -30.36
N THR B 245 27.62 -11.39 -29.51
CA THR B 245 27.63 -11.19 -28.06
C THR B 245 28.58 -12.20 -27.43
N THR B 246 29.33 -11.74 -26.43
CA THR B 246 30.18 -12.63 -25.66
C THR B 246 29.38 -13.30 -24.56
N LYS B 247 29.95 -14.37 -23.99
CA LYS B 247 29.26 -15.12 -22.96
C LYS B 247 29.07 -14.28 -21.69
N GLU B 248 30.08 -13.46 -21.35
CA GLU B 248 29.94 -12.58 -20.19
C GLU B 248 28.76 -11.63 -20.35
N GLN B 249 28.68 -10.96 -21.50
CA GLN B 249 27.64 -9.96 -21.70
C GLN B 249 26.26 -10.60 -21.70
N ARG B 250 26.11 -11.74 -22.37
CA ARG B 250 24.82 -12.42 -22.40
C ARG B 250 24.41 -12.88 -21.00
N ARG B 251 25.35 -13.45 -20.25
CA ARG B 251 25.04 -13.89 -18.89
C ARG B 251 24.63 -12.72 -18.01
N GLN B 252 25.35 -11.60 -18.11
CA GLN B 252 25.05 -10.43 -17.30
C GLN B 252 23.67 -9.88 -17.65
N ARG B 253 23.38 -9.78 -18.95
CA ARG B 253 22.08 -9.29 -19.40
C ARG B 253 20.94 -10.17 -18.90
N ILE B 254 21.12 -11.49 -18.99
CA ILE B 254 20.07 -12.40 -18.53
C ILE B 254 19.88 -12.29 -17.02
N THR B 255 20.97 -12.23 -16.27
CA THR B 255 20.84 -12.24 -14.82
C THR B 255 20.42 -10.90 -14.24
N GLU B 256 20.34 -9.85 -15.07
CA GLU B 256 20.03 -8.50 -14.51
C GLU B 256 18.59 -8.07 -14.79
N MET B 257 17.86 -8.78 -15.64
CA MET B 257 16.43 -8.42 -15.85
C MET B 257 15.68 -8.57 -14.53
N VAL B 258 14.77 -7.65 -14.21
CA VAL B 258 13.91 -7.80 -12.99
C VAL B 258 12.51 -8.21 -13.43
N ASN B 259 12.03 -9.35 -12.93
CA ASN B 259 10.67 -9.84 -13.27
C ASN B 259 10.17 -10.66 -12.09
N ASP B 260 9.15 -11.50 -12.30
CA ASP B 260 8.61 -12.35 -11.21
C ASP B 260 9.57 -13.50 -10.92
N ARG B 261 10.53 -13.77 -11.80
CA ARG B 261 11.41 -14.96 -11.61
C ARG B 261 12.85 -14.61 -11.19
N ARG B 262 13.43 -15.36 -10.25
CA ARG B 262 14.83 -15.26 -9.84
C ARG B 262 15.66 -16.14 -10.78
N ILE B 263 16.45 -15.51 -11.64
CA ILE B 263 17.29 -16.20 -12.60
C ILE B 263 18.63 -16.47 -11.94
N MET B 264 19.05 -17.73 -11.94
CA MET B 264 20.38 -18.09 -11.46
C MET B 264 21.13 -18.79 -12.58
N ILE B 265 22.38 -18.38 -12.77
CA ILE B 265 23.24 -18.94 -13.81
C ILE B 265 24.61 -19.23 -13.18
N GLN B 266 25.14 -20.42 -13.39
CA GLN B 266 26.42 -20.73 -12.70
C GLN B 266 27.50 -19.79 -13.25
N LYS B 267 28.45 -19.38 -12.42
CA LYS B 267 29.49 -18.40 -12.86
C LYS B 267 30.30 -19.02 -14.00
N LEU B 268 30.70 -18.21 -14.99
CA LEU B 268 31.39 -18.76 -16.17
C LEU B 268 32.86 -19.01 -15.86
N THR B 269 33.42 -20.11 -16.39
CA THR B 269 34.84 -20.40 -16.25
C THR B 269 35.66 -19.26 -16.84
N LEU B 270 36.81 -18.98 -16.23
CA LEU B 270 37.64 -17.87 -16.65
C LEU B 270 38.04 -17.97 -18.12
N ALA B 271 38.15 -19.19 -18.65
CA ALA B 271 38.54 -19.36 -20.04
C ALA B 271 37.35 -19.22 -20.98
N GLU B 272 36.17 -19.69 -20.57
CA GLU B 272 35.00 -19.72 -21.44
C GLU B 272 34.22 -18.41 -21.42
N LYS B 273 34.81 -17.34 -20.94
CA LYS B 273 34.11 -16.03 -20.86
C LYS B 273 34.13 -15.27 -22.20
N PRO B 274 35.26 -15.19 -22.95
CA PRO B 274 35.27 -14.55 -24.28
C PRO B 274 34.43 -15.20 -25.40
N GLN B 275 34.13 -16.49 -25.31
CA GLN B 275 33.35 -17.22 -26.36
C GLN B 275 32.24 -16.36 -26.95
N VAL B 276 32.16 -16.26 -28.28
CA VAL B 276 31.22 -15.40 -28.98
C VAL B 276 30.01 -16.22 -29.40
N MET B 277 28.88 -15.51 -29.58
CA MET B 277 27.62 -16.13 -29.95
C MET B 277 26.74 -15.06 -30.57
N ARG B 278 25.68 -15.49 -31.23
CA ARG B 278 24.76 -14.60 -31.93
C ARG B 278 23.39 -14.64 -31.28
N HIS B 279 22.86 -13.46 -30.93
CA HIS B 279 21.53 -13.33 -30.36
C HIS B 279 20.86 -12.14 -31.04
N VAL B 280 19.96 -12.42 -31.98
CA VAL B 280 19.29 -11.38 -32.74
C VAL B 280 18.03 -10.96 -32.00
N THR B 281 17.94 -9.67 -31.69
CA THR B 281 16.74 -9.08 -31.10
C THR B 281 16.17 -8.09 -32.10
N THR B 282 14.87 -8.20 -32.37
CA THR B 282 14.22 -7.32 -33.33
C THR B 282 14.03 -5.94 -32.73
N GLU B 283 14.24 -4.91 -33.55
CA GLU B 283 14.04 -3.52 -33.15
C GLU B 283 13.00 -2.93 -34.09
N ILE B 284 11.74 -2.98 -33.67
CA ILE B 284 10.63 -2.47 -34.46
C ILE B 284 9.50 -2.09 -33.51
N ASN B 285 8.82 -0.99 -33.83
CA ASN B 285 7.68 -0.57 -33.03
C ASN B 285 6.43 -1.32 -33.45
N ASN B 286 5.66 -1.78 -32.46
CA ASN B 286 4.44 -2.53 -32.69
C ASN B 286 3.19 -1.69 -32.43
N ASP B 287 3.35 -0.39 -32.20
CA ASP B 287 2.22 0.45 -31.86
C ASP B 287 1.45 0.94 -33.07
N LEU B 288 1.94 0.71 -34.28
CA LEU B 288 1.25 1.19 -35.47
C LEU B 288 0.16 0.25 -35.96
N PHE B 289 0.11 -0.98 -35.44
CA PHE B 289 -0.97 -1.90 -35.78
C PHE B 289 -2.24 -1.63 -35.00
N PHE B 290 -2.14 -0.98 -33.84
CA PHE B 290 -3.27 -0.82 -32.93
C PHE B 290 -3.95 0.54 -33.11
N LYS B 291 -4.00 1.02 -34.34
CA LYS B 291 -4.77 2.23 -34.66
C LYS B 291 -6.23 1.87 -34.84
N MET B 292 -7.03 2.89 -35.15
CA MET B 292 -8.44 2.69 -35.46
C MET B 292 -8.59 2.42 -36.96
N SER B 293 -9.23 1.32 -37.31
CA SER B 293 -9.31 0.86 -38.68
C SER B 293 -10.75 0.59 -39.08
N PRO B 294 -11.08 0.72 -40.36
CA PRO B 294 -12.45 0.41 -40.80
C PRO B 294 -12.75 -1.08 -40.85
N VAL B 295 -11.81 -1.91 -40.41
CA VAL B 295 -12.01 -3.36 -40.37
C VAL B 295 -11.70 -3.89 -38.98
N ALA B 296 -11.79 -3.03 -37.97
CA ALA B 296 -11.50 -3.45 -36.60
C ALA B 296 -12.49 -4.48 -36.11
N GLN B 297 -13.76 -4.37 -36.53
CA GLN B 297 -14.76 -5.35 -36.14
C GLN B 297 -14.39 -6.74 -36.65
N LEU B 298 -13.84 -6.81 -37.86
CA LEU B 298 -13.35 -8.09 -38.37
C LEU B 298 -12.24 -8.66 -37.52
N TYR B 299 -11.30 -7.81 -37.10
CA TYR B 299 -10.22 -8.26 -36.22
C TYR B 299 -10.79 -8.83 -34.92
N ILE B 300 -11.72 -8.11 -34.31
CA ILE B 300 -12.33 -8.58 -33.06
C ILE B 300 -13.02 -9.93 -33.27
N TYR B 301 -13.84 -10.03 -34.31
CA TYR B 301 -14.60 -11.26 -34.54
C TYR B 301 -13.67 -12.44 -34.78
N HIS B 302 -12.65 -12.26 -35.61
CA HIS B 302 -11.81 -13.41 -35.95
C HIS B 302 -10.82 -13.76 -34.85
N LEU B 303 -10.38 -12.79 -34.05
CA LEU B 303 -9.60 -13.13 -32.87
C LEU B 303 -10.46 -13.89 -31.86
N ASP B 304 -11.71 -13.48 -31.68
CA ASP B 304 -12.62 -14.23 -30.82
C ASP B 304 -12.79 -15.66 -31.32
N ARG B 305 -12.99 -15.80 -32.64
CA ARG B 305 -13.20 -17.13 -33.20
C ARG B 305 -11.96 -18.00 -33.04
N ALA B 306 -10.77 -17.41 -33.20
CA ALA B 306 -9.54 -18.19 -33.08
C ALA B 306 -9.27 -18.59 -31.63
N PHE B 307 -9.56 -17.70 -30.68
CA PHE B 307 -9.17 -17.95 -29.29
C PHE B 307 -10.23 -18.73 -28.51
N LEU B 308 -11.51 -18.51 -28.80
CA LEU B 308 -12.57 -19.28 -28.16
C LEU B 308 -12.70 -20.60 -28.88
N ASP B 309 -12.19 -21.67 -28.28
CA ASP B 309 -12.10 -22.96 -28.95
C ASP B 309 -13.44 -23.68 -28.95
N GLY B 310 -13.97 -23.97 -27.76
CA GLY B 310 -15.22 -24.68 -27.65
C GLY B 310 -16.25 -23.97 -26.79
N VAL B 311 -17.37 -24.65 -26.51
CA VAL B 311 -18.40 -24.13 -25.62
C VAL B 311 -18.76 -25.20 -24.61
N GLY B 312 -19.31 -24.76 -23.49
CA GLY B 312 -19.76 -25.66 -22.45
C GLY B 312 -21.23 -25.47 -22.13
N PHE B 313 -22.00 -26.56 -22.18
CA PHE B 313 -23.42 -26.49 -21.94
C PHE B 313 -23.94 -27.86 -21.54
N THR B 314 -25.09 -27.87 -20.88
CA THR B 314 -25.76 -29.13 -20.60
C THR B 314 -26.53 -29.60 -21.83
N PRO B 315 -26.49 -30.89 -22.14
CA PRO B 315 -27.27 -31.39 -23.27
C PRO B 315 -28.76 -31.24 -23.02
N LEU B 316 -29.51 -31.13 -24.11
CA LEU B 316 -30.95 -30.87 -24.01
C LEU B 316 -31.69 -31.99 -23.29
N ALA B 317 -31.12 -33.20 -23.27
CA ALA B 317 -31.76 -34.30 -22.57
C ALA B 317 -31.92 -34.00 -21.08
N GLU B 318 -30.84 -33.57 -20.43
CA GLU B 318 -30.90 -33.27 -19.01
C GLU B 318 -31.83 -32.09 -18.73
N LYS B 319 -31.85 -31.10 -19.62
CA LYS B 319 -32.78 -29.99 -19.45
C LYS B 319 -34.22 -30.47 -19.53
N GLN B 320 -34.50 -31.40 -20.44
CA GLN B 320 -35.86 -31.94 -20.53
C GLN B 320 -36.24 -32.72 -19.28
N GLN B 321 -35.30 -33.52 -18.75
CA GLN B 321 -35.59 -34.23 -17.50
C GLN B 321 -35.81 -33.26 -16.35
N GLN B 322 -35.01 -32.20 -16.27
CA GLN B 322 -35.18 -31.21 -15.21
C GLN B 322 -36.53 -30.52 -15.32
N LEU B 323 -36.96 -30.20 -16.55
CA LEU B 323 -38.28 -29.63 -16.73
C LEU B 323 -39.37 -30.60 -16.33
N GLN B 324 -39.18 -31.88 -16.64
CA GLN B 324 -40.18 -32.89 -16.26
C GLN B 324 -40.33 -32.97 -14.75
N LEU B 325 -39.21 -33.02 -14.03
CA LEU B 325 -39.28 -33.07 -12.57
C LEU B 325 -39.84 -31.78 -11.98
N GLN B 326 -39.42 -30.63 -12.50
CA GLN B 326 -39.85 -29.37 -11.92
C GLN B 326 -41.29 -29.02 -12.31
N LEU B 327 -41.80 -29.62 -13.38
CA LEU B 327 -43.16 -29.38 -13.85
C LEU B 327 -43.85 -30.73 -14.00
N LYS B 328 -44.47 -31.21 -12.93
CA LYS B 328 -45.13 -32.50 -12.92
C LYS B 328 -46.54 -32.32 -13.46
N THR B 329 -46.70 -32.47 -14.76
CA THR B 329 -47.98 -32.33 -15.44
C THR B 329 -48.31 -33.62 -16.17
N ASN B 330 -49.55 -34.07 -16.04
CA ASN B 330 -49.98 -35.29 -16.71
C ASN B 330 -50.01 -35.10 -18.21
N ILE B 331 -49.81 -36.21 -18.93
CA ILE B 331 -49.97 -36.24 -20.38
C ILE B 331 -51.46 -36.13 -20.67
N LEU B 332 -51.80 -35.89 -21.94
CA LEU B 332 -53.19 -35.69 -22.37
C LEU B 332 -53.81 -34.45 -21.75
N THR B 333 -52.99 -33.48 -21.37
CA THR B 333 -53.47 -32.24 -20.78
C THR B 333 -53.10 -31.01 -21.59
N ALA B 334 -52.36 -31.17 -22.68
CA ALA B 334 -52.00 -30.07 -23.59
C ALA B 334 -51.23 -28.97 -22.86
N ASN B 335 -50.05 -29.36 -22.35
CA ASN B 335 -49.09 -28.41 -21.78
C ASN B 335 -48.05 -28.12 -22.86
N LEU B 336 -48.05 -26.89 -23.38
CA LEU B 336 -47.29 -26.58 -24.57
C LEU B 336 -45.84 -26.15 -24.30
N ILE B 337 -45.48 -25.92 -23.04
CA ILE B 337 -44.07 -25.66 -22.72
C ILE B 337 -43.23 -26.87 -23.10
N ARG B 338 -43.70 -28.07 -22.74
CA ARG B 338 -43.02 -29.29 -23.16
C ARG B 338 -43.03 -29.44 -24.67
N SER B 339 -44.17 -29.19 -25.32
CA SER B 339 -44.24 -29.38 -26.76
C SER B 339 -43.28 -28.46 -27.48
N ALA B 340 -43.02 -27.28 -26.91
CA ALA B 340 -42.03 -26.38 -27.48
C ALA B 340 -40.61 -26.83 -27.19
N ILE B 341 -40.33 -27.22 -25.95
CA ILE B 341 -38.95 -27.46 -25.54
C ILE B 341 -38.41 -28.74 -26.17
N ASN B 342 -39.25 -29.77 -26.26
CA ASN B 342 -38.83 -31.07 -26.87
C ASN B 342 -38.53 -30.89 -28.37
N GLY B 343 -38.81 -29.72 -28.94
CA GLY B 343 -38.64 -29.55 -30.36
C GLY B 343 -37.38 -28.80 -30.75
N MET B 344 -36.42 -28.72 -29.82
CA MET B 344 -35.21 -27.92 -30.01
C MET B 344 -33.99 -28.79 -30.27
N ASN B 345 -32.93 -28.15 -30.75
CA ASN B 345 -31.63 -28.77 -30.93
C ASN B 345 -30.56 -27.73 -30.71
N THR B 346 -29.40 -28.18 -30.23
CA THR B 346 -28.28 -27.30 -29.90
C THR B 346 -27.11 -27.49 -30.85
N GLU B 347 -27.36 -27.48 -32.16
CA GLU B 347 -26.28 -27.65 -33.15
C GLU B 347 -25.57 -26.32 -33.43
N SER B 348 -26.19 -25.19 -33.08
CA SER B 348 -25.59 -23.88 -33.45
C SER B 348 -25.11 -23.09 -32.21
N ASN B 349 -24.74 -23.80 -31.13
CA ASN B 349 -24.30 -23.11 -29.88
C ASN B 349 -23.01 -22.32 -30.10
N LEU B 350 -22.08 -22.79 -30.93
CA LEU B 350 -20.75 -22.10 -31.05
C LEU B 350 -20.89 -20.71 -31.68
N GLU B 351 -21.43 -20.61 -32.90
CA GLU B 351 -21.66 -19.35 -33.58
C GLU B 351 -22.33 -18.33 -32.67
N VAL B 352 -23.35 -18.77 -31.93
CA VAL B 352 -24.05 -17.88 -31.02
C VAL B 352 -23.11 -17.41 -29.92
N ALA B 353 -22.23 -18.29 -29.46
CA ALA B 353 -21.28 -17.91 -28.41
C ALA B 353 -20.31 -16.85 -28.90
N ILE B 354 -19.79 -17.01 -30.12
CA ILE B 354 -18.88 -16.00 -30.67
C ILE B 354 -19.61 -14.68 -30.86
N LYS B 355 -20.84 -14.73 -31.38
CA LYS B 355 -21.59 -13.51 -31.61
C LYS B 355 -21.91 -12.79 -30.31
N MET B 356 -22.25 -13.53 -29.26
CA MET B 356 -22.56 -12.92 -27.99
C MET B 356 -21.32 -12.40 -27.28
N MET B 357 -20.17 -13.05 -27.48
CA MET B 357 -18.92 -12.50 -26.97
C MET B 357 -18.57 -11.20 -27.67
N GLN B 358 -18.82 -11.13 -28.98
CA GLN B 358 -18.56 -9.89 -29.70
C GLN B 358 -19.51 -8.78 -29.27
N ALA B 359 -20.78 -9.13 -29.00
CA ALA B 359 -21.76 -8.13 -28.62
C ALA B 359 -21.41 -7.49 -27.28
N ALA B 360 -20.73 -8.24 -26.41
CA ALA B 360 -20.35 -7.68 -25.11
C ALA B 360 -19.17 -6.72 -25.24
N GLN B 361 -18.22 -7.03 -26.14
CA GLN B 361 -17.02 -6.22 -26.27
C GLN B 361 -17.31 -4.90 -26.97
N LEU B 362 -18.08 -4.95 -28.05
CA LEU B 362 -18.29 -3.79 -28.92
C LEU B 362 -19.49 -2.99 -28.44
N HIS B 363 -19.32 -1.67 -28.33
CA HIS B 363 -20.40 -0.80 -27.89
C HIS B 363 -21.51 -0.73 -28.94
N ARG B 364 -21.14 -0.52 -30.20
CA ARG B 364 -22.14 -0.35 -31.25
C ARG B 364 -22.79 -1.68 -31.63
N ALA B 365 -22.00 -2.74 -31.71
CA ALA B 365 -22.53 -4.02 -32.14
C ALA B 365 -23.53 -4.57 -31.14
N SER B 366 -24.69 -4.99 -31.63
CA SER B 366 -25.73 -5.57 -30.79
C SER B 366 -26.46 -6.64 -31.58
N ILE B 367 -27.05 -7.57 -30.85
CA ILE B 367 -27.66 -8.75 -31.48
C ILE B 367 -29.01 -8.35 -32.07
N GLU B 368 -29.15 -8.68 -33.38
CA GLU B 368 -30.44 -8.43 -34.09
C GLU B 368 -31.12 -9.79 -34.27
N ILE B 369 -32.26 -9.99 -33.64
CA ILE B 369 -32.97 -11.27 -33.67
C ILE B 369 -33.84 -11.31 -34.92
N ALA B 370 -33.79 -12.43 -35.65
CA ALA B 370 -34.61 -12.67 -36.82
C ALA B 370 -35.81 -13.53 -36.41
N PHE B 371 -37.00 -13.02 -36.63
CA PHE B 371 -38.22 -13.71 -36.24
C PHE B 371 -38.82 -14.45 -37.42
N PRO B 372 -39.58 -15.52 -37.18
CA PRO B 372 -40.16 -16.28 -38.30
C PRO B 372 -41.12 -15.43 -39.12
N MET B 373 -41.14 -15.72 -40.42
CA MET B 373 -41.98 -14.98 -41.36
C MET B 373 -43.37 -15.59 -41.44
N ASN B 374 -44.32 -14.76 -41.86
CA ASN B 374 -45.71 -15.10 -42.18
C ASN B 374 -46.37 -16.02 -41.16
N VAL B 375 -45.93 -15.94 -39.90
CA VAL B 375 -46.51 -16.71 -38.81
C VAL B 375 -46.49 -15.82 -37.57
N SER B 376 -47.65 -15.63 -36.95
CA SER B 376 -47.79 -14.74 -35.81
C SER B 376 -48.18 -15.54 -34.58
N LEU B 377 -47.39 -15.43 -33.51
CA LEU B 377 -47.70 -15.96 -32.19
C LEU B 377 -47.95 -17.48 -32.24
N SER B 378 -46.89 -18.19 -32.59
CA SER B 378 -46.88 -19.63 -32.41
C SER B 378 -46.53 -19.96 -30.96
N PRO B 379 -46.95 -21.13 -30.45
CA PRO B 379 -46.53 -21.52 -29.09
C PRO B 379 -45.02 -21.59 -28.94
N GLU B 380 -44.32 -22.10 -29.97
CA GLU B 380 -42.86 -22.12 -29.94
C GLU B 380 -42.30 -20.71 -29.83
N ILE B 381 -42.88 -19.77 -30.58
CA ILE B 381 -42.41 -18.39 -30.54
C ILE B 381 -42.59 -17.82 -29.14
N ILE B 382 -43.74 -18.09 -28.51
CA ILE B 382 -44.00 -17.56 -27.16
C ILE B 382 -43.00 -18.12 -26.17
N VAL B 383 -42.77 -19.43 -26.20
CA VAL B 383 -41.87 -20.04 -25.24
C VAL B 383 -40.44 -19.53 -25.46
N GLN B 384 -40.01 -19.43 -26.71
CA GLN B 384 -38.67 -18.95 -27.00
C GLN B 384 -38.50 -17.49 -26.58
N CYS B 385 -39.52 -16.67 -26.79
CA CYS B 385 -39.46 -15.28 -26.35
C CYS B 385 -39.35 -15.19 -24.84
N PHE B 386 -40.10 -16.03 -24.12
CA PHE B 386 -40.00 -16.02 -22.66
C PHE B 386 -38.60 -16.44 -22.20
N ILE B 387 -38.03 -17.47 -22.84
CA ILE B 387 -36.68 -17.91 -22.48
C ILE B 387 -35.67 -16.81 -22.73
N VAL B 388 -35.77 -16.13 -23.88
CA VAL B 388 -34.85 -15.04 -24.20
C VAL B 388 -34.99 -13.92 -23.18
N TRP B 389 -36.22 -13.56 -22.83
CA TRP B 389 -36.46 -12.50 -21.86
C TRP B 389 -35.84 -12.84 -20.51
N MET B 390 -35.98 -14.09 -20.08
CA MET B 390 -35.60 -14.49 -18.73
C MET B 390 -34.16 -14.99 -18.64
N SER B 391 -33.44 -15.08 -19.76
CA SER B 391 -32.10 -15.66 -19.72
C SER B 391 -31.04 -14.81 -20.42
N ILE B 392 -31.43 -14.03 -21.42
CA ILE B 392 -30.48 -13.25 -22.22
C ILE B 392 -30.48 -11.82 -21.70
N PRO B 393 -29.33 -11.30 -21.26
CA PRO B 393 -29.29 -9.93 -20.72
C PRO B 393 -29.71 -8.89 -21.74
N GLU B 394 -30.33 -7.82 -21.25
CA GLU B 394 -30.87 -6.79 -22.13
C GLU B 394 -29.79 -5.90 -22.73
N GLN B 395 -28.62 -5.81 -22.10
CA GLN B 395 -27.57 -4.92 -22.60
C GLN B 395 -26.91 -5.46 -23.85
N LEU B 396 -27.20 -6.69 -24.25
CA LEU B 396 -26.59 -7.30 -25.43
C LEU B 396 -27.51 -7.28 -26.64
N LEU B 397 -28.79 -7.05 -26.45
CA LEU B 397 -29.76 -7.08 -27.54
C LEU B 397 -30.01 -5.66 -28.07
N SER B 398 -30.48 -5.61 -29.31
CA SER B 398 -30.84 -4.34 -29.91
C SER B 398 -32.18 -3.86 -29.37
N ASP B 399 -32.46 -2.57 -29.56
CA ASP B 399 -33.68 -1.99 -29.02
C ASP B 399 -34.92 -2.61 -29.64
N ARG B 400 -34.92 -2.83 -30.95
CA ARG B 400 -36.11 -3.40 -31.59
C ARG B 400 -36.31 -4.85 -31.19
N SER B 401 -35.23 -5.61 -30.99
CA SER B 401 -35.38 -6.99 -30.53
C SER B 401 -35.98 -7.03 -29.13
N ASN B 402 -35.49 -6.16 -28.24
CA ASN B 402 -36.06 -6.07 -26.90
C ASN B 402 -37.53 -5.70 -26.96
N PHE B 403 -37.88 -4.72 -27.80
CA PHE B 403 -39.27 -4.30 -27.90
C PHE B 403 -40.16 -5.41 -28.41
N ILE B 404 -39.70 -6.16 -29.42
CA ILE B 404 -40.54 -7.22 -29.97
C ILE B 404 -40.72 -8.35 -28.97
N ILE B 405 -39.66 -8.70 -28.24
CA ILE B 405 -39.79 -9.72 -27.21
C ILE B 405 -40.79 -9.26 -26.14
N ALA B 406 -40.66 -8.00 -25.71
CA ALA B 406 -41.56 -7.47 -24.69
C ALA B 406 -43.00 -7.46 -25.18
N ALA B 407 -43.23 -7.10 -26.45
CA ALA B 407 -44.57 -7.07 -26.99
C ALA B 407 -45.16 -8.48 -27.06
N VAL B 408 -44.38 -9.46 -27.48
CA VAL B 408 -44.88 -10.82 -27.54
C VAL B 408 -45.25 -11.31 -26.15
N ILE B 409 -44.48 -10.94 -25.14
CA ILE B 409 -44.81 -11.35 -23.79
C ILE B 409 -46.05 -10.62 -23.28
N TRP B 410 -46.15 -9.31 -23.52
CA TRP B 410 -47.23 -8.50 -22.99
C TRP B 410 -48.55 -8.74 -23.70
N ALA B 411 -48.53 -9.31 -24.91
CA ALA B 411 -49.77 -9.56 -25.63
C ALA B 411 -50.68 -10.51 -24.87
N GLY B 412 -50.12 -11.39 -24.05
CA GLY B 412 -50.90 -12.37 -23.31
C GLY B 412 -51.24 -11.99 -21.89
N PHE B 413 -50.74 -10.86 -21.40
CA PHE B 413 -51.04 -10.41 -20.04
C PHE B 413 -51.89 -9.15 -19.98
N SER B 414 -51.90 -8.35 -21.04
CA SER B 414 -52.73 -7.16 -21.06
C SER B 414 -54.20 -7.56 -21.18
N ALA B 415 -55.06 -6.79 -20.51
CA ALA B 415 -56.48 -7.09 -20.51
C ALA B 415 -57.11 -6.84 -21.88
N ASP B 416 -56.68 -5.79 -22.56
CA ASP B 416 -57.33 -5.34 -23.79
C ASP B 416 -56.46 -5.41 -25.03
N ASP B 417 -55.24 -4.89 -24.98
CA ASP B 417 -54.41 -4.82 -26.18
C ASP B 417 -54.00 -6.20 -26.66
N SER B 418 -54.07 -6.40 -27.97
CA SER B 418 -53.59 -7.60 -28.61
C SER B 418 -52.18 -7.37 -29.16
N TYR B 419 -51.63 -8.38 -29.82
CA TYR B 419 -50.29 -8.28 -30.35
C TYR B 419 -50.19 -7.17 -31.40
N ALA B 420 -51.20 -7.07 -32.26
CA ALA B 420 -51.21 -6.01 -33.27
C ALA B 420 -51.33 -4.64 -32.62
N ASP B 421 -52.14 -4.53 -31.57
CA ASP B 421 -52.30 -3.24 -30.91
C ASP B 421 -51.00 -2.76 -30.28
N ILE B 422 -50.24 -3.68 -29.67
CA ILE B 422 -48.95 -3.31 -29.10
C ILE B 422 -47.95 -3.00 -30.20
N MET B 423 -47.95 -3.78 -31.28
CA MET B 423 -47.04 -3.52 -32.39
C MET B 423 -47.33 -2.16 -33.03
N ARG B 424 -48.58 -1.70 -32.97
CA ARG B 424 -48.94 -0.40 -33.52
C ARG B 424 -48.33 0.76 -32.74
N ARG B 425 -47.85 0.52 -31.51
CA ARG B 425 -47.35 1.63 -30.65
C ARG B 425 -46.03 2.19 -31.20
N SER B 426 -45.54 1.61 -32.29
CA SER B 426 -44.23 2.03 -32.84
C SER B 426 -44.29 3.49 -33.29
N ALA B 427 -45.42 3.93 -33.83
CA ALA B 427 -45.55 5.29 -34.38
C ALA B 427 -45.47 6.41 -33.33
N ARG B 428 -46.13 6.30 -32.17
CA ARG B 428 -46.19 7.43 -31.21
C ARG B 428 -45.13 7.32 -30.12
N ALA B 429 -43.93 6.84 -30.45
CA ALA B 429 -42.89 6.58 -29.47
C ALA B 429 -41.70 5.93 -30.18
N SER B 430 -40.69 5.55 -29.40
CA SER B 430 -39.50 4.89 -29.91
C SER B 430 -39.45 3.44 -29.44
N ASP B 431 -38.49 2.69 -29.99
CA ASP B 431 -38.30 1.31 -29.54
C ASP B 431 -37.86 1.27 -28.09
N ARG B 432 -36.91 2.13 -27.72
CA ARG B 432 -36.42 2.16 -26.35
C ARG B 432 -37.53 2.59 -25.38
N GLN B 433 -38.30 3.61 -25.75
CA GLN B 433 -39.35 4.09 -24.86
C GLN B 433 -40.48 3.08 -24.73
N ASN B 434 -40.87 2.44 -25.82
CA ASN B 434 -41.90 1.41 -25.75
C ASN B 434 -41.43 0.22 -24.93
N TYR B 435 -40.16 -0.16 -25.09
CA TYR B 435 -39.61 -1.22 -24.27
C TYR B 435 -39.62 -0.84 -22.80
N ASP B 436 -39.28 0.41 -22.48
CA ASP B 436 -39.34 0.87 -21.09
C ASP B 436 -40.74 0.81 -20.55
N ILE B 437 -41.74 1.21 -21.35
CA ILE B 437 -43.12 1.17 -20.90
C ILE B 437 -43.56 -0.25 -20.60
N ILE B 438 -43.28 -1.18 -21.53
CA ILE B 438 -43.72 -2.55 -21.32
C ILE B 438 -42.97 -3.20 -20.16
N LYS B 439 -41.69 -2.84 -19.99
CA LYS B 439 -40.92 -3.37 -18.87
C LYS B 439 -41.46 -2.87 -17.54
N ALA B 440 -41.86 -1.59 -17.48
CA ALA B 440 -42.50 -1.07 -16.27
C ALA B 440 -43.84 -1.74 -16.02
N ALA B 441 -44.56 -2.09 -17.09
CA ALA B 441 -45.82 -2.82 -16.92
C ALA B 441 -45.61 -4.24 -16.41
N LEU B 442 -44.45 -4.83 -16.65
CA LEU B 442 -44.16 -6.19 -16.23
C LEU B 442 -43.49 -6.25 -14.85
N SER B 443 -43.32 -5.12 -14.19
CA SER B 443 -42.75 -5.07 -12.84
C SER B 443 -43.67 -4.30 -11.91
N SER B 444 -44.98 -4.46 -12.10
CA SER B 444 -45.96 -3.77 -11.30
C SER B 444 -46.44 -4.68 -10.16
N ARG B 445 -47.49 -4.25 -9.46
CA ARG B 445 -48.03 -5.07 -8.38
C ARG B 445 -48.74 -6.31 -8.93
N LYS B 446 -49.40 -6.18 -10.07
CA LYS B 446 -50.14 -7.30 -10.63
C LYS B 446 -49.21 -8.34 -11.24
N PHE B 447 -48.19 -7.89 -11.97
CA PHE B 447 -47.31 -8.80 -12.70
C PHE B 447 -45.86 -8.52 -12.32
N LYS B 448 -45.07 -9.60 -12.26
CA LYS B 448 -43.65 -9.49 -11.91
C LYS B 448 -42.91 -10.58 -12.71
N LEU B 449 -42.24 -10.15 -13.78
CA LEU B 449 -41.45 -11.04 -14.62
C LEU B 449 -40.00 -10.60 -14.60
N PRO B 450 -39.10 -11.36 -13.96
CA PRO B 450 -37.70 -10.93 -13.87
C PRO B 450 -37.05 -10.85 -15.25
N ARG B 451 -36.23 -9.82 -15.43
CA ARG B 451 -35.53 -9.56 -16.67
C ARG B 451 -34.04 -9.80 -16.47
N ALA B 452 -33.44 -10.57 -17.37
CA ALA B 452 -32.00 -10.83 -17.29
C ALA B 452 -31.22 -9.54 -17.51
N SER B 453 -30.22 -9.33 -16.67
CA SER B 453 -29.37 -8.14 -16.74
C SER B 453 -27.92 -8.54 -16.54
N THR B 454 -27.03 -7.60 -16.82
CA THR B 454 -25.60 -7.83 -16.63
C THR B 454 -24.93 -6.50 -16.31
N THR B 455 -23.73 -6.58 -15.77
CA THR B 455 -22.97 -5.41 -15.38
C THR B 455 -21.59 -5.44 -16.04
N LEU B 456 -20.88 -4.33 -15.93
CA LEU B 456 -19.53 -4.24 -16.46
C LEU B 456 -18.58 -5.05 -15.59
N PHE B 457 -17.54 -5.59 -16.22
CA PHE B 457 -16.56 -6.43 -15.55
C PHE B 457 -15.19 -5.82 -15.71
N ASP B 458 -14.40 -5.82 -14.64
CA ASP B 458 -13.13 -5.12 -14.64
C ASP B 458 -11.98 -5.90 -14.02
N GLU B 459 -12.18 -7.16 -13.63
CA GLU B 459 -11.12 -7.94 -13.03
C GLU B 459 -10.27 -8.58 -14.12
N ASN B 460 -8.96 -8.33 -14.05
CA ASN B 460 -8.00 -8.90 -14.99
C ASN B 460 -6.79 -9.40 -14.22
N GLU B 461 -6.17 -10.44 -14.74
CA GLU B 461 -4.95 -10.93 -14.12
C GLU B 461 -3.74 -10.29 -14.78
N PRO B 462 -2.86 -9.66 -14.00
CA PRO B 462 -1.80 -8.83 -14.59
C PRO B 462 -0.85 -9.65 -15.47
N VAL B 463 -0.40 -8.99 -16.54
CA VAL B 463 0.55 -9.58 -17.48
C VAL B 463 1.16 -8.43 -18.27
N VAL B 464 2.40 -8.61 -18.69
CA VAL B 464 3.10 -7.57 -19.45
C VAL B 464 2.60 -7.62 -20.89
N ARG B 465 2.12 -6.48 -21.38
CA ARG B 465 1.56 -6.39 -22.73
C ARG B 465 1.78 -4.98 -23.26
N ARG B 466 1.73 -4.85 -24.57
CA ARG B 466 2.06 -3.59 -25.24
C ARG B 466 0.88 -2.64 -25.38
N TYR B 467 -0.33 -3.18 -25.47
CA TYR B 467 -1.50 -2.40 -25.86
C TYR B 467 -2.36 -2.08 -24.65
N GLN B 468 -3.49 -1.44 -24.93
CA GLN B 468 -4.41 -0.96 -23.90
C GLN B 468 -5.47 -2.01 -23.59
N ILE B 469 -6.15 -1.83 -22.47
CA ILE B 469 -7.13 -2.78 -21.97
C ILE B 469 -8.42 -2.03 -21.65
N GLY B 470 -9.55 -2.75 -21.70
CA GLY B 470 -10.84 -2.14 -21.45
C GLY B 470 -11.79 -3.11 -20.79
N ARG B 471 -12.93 -2.58 -20.37
CA ARG B 471 -13.97 -3.34 -19.71
C ARG B 471 -15.00 -3.85 -20.72
N VAL B 472 -15.55 -5.03 -20.44
CA VAL B 472 -16.56 -5.63 -21.30
C VAL B 472 -17.70 -6.13 -20.43
N TYR B 473 -18.91 -6.15 -21.01
CA TYR B 473 -20.08 -6.71 -20.27
C TYR B 473 -19.89 -8.22 -20.19
N ALA B 474 -20.54 -8.86 -19.23
CA ALA B 474 -20.46 -10.32 -19.13
C ALA B 474 -21.65 -10.91 -19.88
N PRO B 475 -21.45 -11.78 -20.89
CA PRO B 475 -22.58 -12.29 -21.66
C PRO B 475 -23.57 -13.02 -20.76
N PHE B 476 -23.08 -13.79 -19.78
CA PHE B 476 -23.93 -14.56 -18.84
C PHE B 476 -24.57 -13.63 -17.82
N PRO B 477 -25.77 -13.94 -17.30
CA PRO B 477 -26.46 -13.08 -16.34
C PRO B 477 -26.23 -13.45 -14.87
N VAL B 478 -25.09 -14.08 -14.53
CA VAL B 478 -24.85 -14.34 -13.12
C VAL B 478 -23.76 -13.40 -12.63
N ASP B 479 -23.75 -13.14 -11.32
CA ASP B 479 -22.86 -12.15 -10.72
C ASP B 479 -21.56 -12.82 -10.25
N ARG B 480 -20.59 -11.98 -9.89
CA ARG B 480 -19.28 -12.45 -9.46
C ARG B 480 -19.37 -13.38 -8.26
N TYR B 481 -20.40 -13.22 -7.43
CA TYR B 481 -20.58 -14.04 -6.24
C TYR B 481 -21.57 -15.17 -6.44
N GLY B 482 -22.00 -15.41 -7.68
CA GLY B 482 -22.90 -16.50 -7.99
C GLY B 482 -24.38 -16.16 -7.94
N SER B 483 -24.73 -14.98 -7.45
CA SER B 483 -26.14 -14.61 -7.39
C SER B 483 -26.63 -14.20 -8.78
N PRO B 484 -27.89 -14.48 -9.12
CA PRO B 484 -28.44 -13.99 -10.38
C PRO B 484 -28.58 -12.49 -10.40
N VAL B 485 -28.43 -11.90 -11.58
CA VAL B 485 -28.60 -10.42 -11.72
C VAL B 485 -29.86 -10.17 -12.56
N TYR B 486 -30.84 -9.46 -12.00
CA TYR B 486 -32.10 -9.17 -12.72
C TYR B 486 -32.38 -7.66 -12.64
N SER B 487 -32.91 -7.07 -13.72
CA SER B 487 -33.09 -5.60 -13.77
C SER B 487 -34.28 -5.13 -12.91
N ASN B 488 -35.36 -5.90 -12.83
CA ASN B 488 -36.56 -5.41 -12.11
C ASN B 488 -36.83 -6.15 -10.80
N CYS B 489 -36.95 -7.48 -10.81
CA CYS B 489 -37.35 -8.21 -9.57
C CYS B 489 -36.66 -9.58 -9.51
N THR B 490 -36.54 -10.16 -8.32
CA THR B 490 -35.78 -11.43 -8.19
C THR B 490 -36.67 -12.68 -8.31
N LYS B 491 -37.99 -12.53 -8.25
CA LYS B 491 -38.86 -13.74 -8.26
C LYS B 491 -40.11 -13.51 -9.11
N VAL B 492 -40.53 -14.52 -9.86
CA VAL B 492 -41.69 -14.40 -10.74
C VAL B 492 -42.96 -14.56 -9.93
N GLU B 493 -43.83 -13.55 -9.99
CA GLU B 493 -45.08 -13.53 -9.24
C GLU B 493 -46.10 -12.77 -10.07
N LEU B 494 -46.89 -13.50 -10.85
CA LEU B 494 -47.87 -12.88 -11.73
C LEU B 494 -49.25 -13.45 -11.44
N ALA B 495 -50.20 -12.57 -11.19
CA ALA B 495 -51.55 -12.95 -10.76
C ALA B 495 -52.53 -12.96 -11.92
N SER B 496 -52.23 -13.77 -12.92
CA SER B 496 -53.12 -13.98 -14.06
C SER B 496 -52.56 -15.15 -14.87
N ASP B 497 -53.19 -15.45 -16.00
CA ASP B 497 -52.71 -16.47 -16.92
C ASP B 497 -52.42 -15.84 -18.27
N TYR B 498 -51.45 -16.42 -18.99
CA TYR B 498 -51.09 -15.90 -20.32
C TYR B 498 -52.06 -16.46 -21.35
N ASN B 499 -53.06 -15.67 -21.76
CA ASN B 499 -53.95 -16.11 -22.86
C ASN B 499 -53.75 -15.14 -24.02
N ALA B 500 -53.16 -15.61 -25.12
CA ALA B 500 -52.99 -14.75 -26.31
C ALA B 500 -53.43 -15.51 -27.55
N GLU B 501 -54.44 -15.01 -28.28
CA GLU B 501 -54.88 -15.63 -29.55
C GLU B 501 -55.24 -17.09 -29.34
N GLY B 502 -55.76 -17.45 -28.15
CA GLY B 502 -56.21 -18.83 -27.92
C GLY B 502 -55.08 -19.75 -27.50
N PHE B 503 -53.91 -19.20 -27.20
CA PHE B 503 -52.80 -20.03 -26.68
C PHE B 503 -52.69 -19.72 -25.20
N THR B 504 -52.76 -20.73 -24.34
CA THR B 504 -52.79 -20.44 -22.88
C THR B 504 -51.70 -21.20 -22.13
N ILE B 505 -51.10 -20.58 -21.12
CA ILE B 505 -50.08 -21.25 -20.28
C ILE B 505 -50.48 -20.97 -18.82
N ARG B 506 -50.59 -22.00 -17.97
CA ARG B 506 -50.89 -21.76 -16.57
C ARG B 506 -49.82 -20.87 -15.93
N LYS B 507 -50.25 -20.11 -14.92
CA LYS B 507 -49.33 -19.18 -14.24
C LYS B 507 -48.24 -19.90 -13.46
N ASP B 508 -48.43 -21.17 -13.14
CA ASP B 508 -47.45 -21.92 -12.37
C ASP B 508 -46.29 -22.45 -13.20
N ASP B 509 -46.37 -22.33 -14.53
CA ASP B 509 -45.28 -22.81 -15.38
C ASP B 509 -44.10 -21.86 -15.37
N PHE B 510 -44.32 -20.59 -15.09
CA PHE B 510 -43.24 -19.62 -15.11
C PHE B 510 -42.26 -19.86 -13.96
N ARG B 511 -42.76 -20.28 -12.80
CA ARG B 511 -41.86 -20.62 -11.70
C ARG B 511 -40.97 -21.79 -12.06
N ALA B 512 -41.54 -22.82 -12.70
CA ALA B 512 -40.74 -23.95 -13.14
C ALA B 512 -39.71 -23.53 -14.19
N LEU B 513 -40.11 -22.66 -15.12
CA LEU B 513 -39.17 -22.17 -16.13
C LEU B 513 -38.03 -21.39 -15.50
N GLN B 514 -38.34 -20.57 -14.48
CA GLN B 514 -37.28 -19.86 -13.77
C GLN B 514 -36.37 -20.83 -13.04
N ALA B 515 -36.94 -21.87 -12.44
CA ALA B 515 -36.13 -22.84 -11.71
C ALA B 515 -35.18 -23.60 -12.64
N VAL B 516 -35.66 -23.98 -13.82
CA VAL B 516 -34.82 -24.78 -14.72
C VAL B 516 -33.73 -23.93 -15.38
N LEU B 517 -33.87 -22.61 -15.41
CA LEU B 517 -32.88 -21.73 -16.01
C LEU B 517 -31.82 -21.26 -15.02
N ARG B 518 -31.88 -21.71 -13.78
CA ARG B 518 -30.90 -21.29 -12.79
C ARG B 518 -29.53 -21.83 -13.11
N ILE B 519 -28.50 -21.05 -12.80
CA ILE B 519 -27.11 -21.40 -13.10
C ILE B 519 -26.46 -21.91 -11.82
N ASP B 520 -25.76 -23.04 -11.92
CA ASP B 520 -25.14 -23.69 -10.76
C ASP B 520 -23.85 -22.93 -10.43
N GLU B 521 -23.06 -23.46 -9.49
CA GLU B 521 -21.88 -22.76 -9.02
C GLU B 521 -20.67 -23.00 -9.92
N ASP B 522 -20.41 -24.25 -10.27
CA ASP B 522 -19.27 -24.54 -11.13
C ASP B 522 -19.45 -23.96 -12.53
N ARG B 523 -20.69 -23.90 -13.00
CA ARG B 523 -20.96 -23.23 -14.27
C ARG B 523 -20.50 -21.78 -14.22
N ALA B 524 -20.90 -21.06 -13.17
CA ALA B 524 -20.51 -19.66 -13.04
C ALA B 524 -19.00 -19.52 -12.88
N ALA B 525 -18.37 -20.46 -12.15
CA ALA B 525 -16.93 -20.44 -12.01
C ALA B 525 -16.25 -20.55 -13.37
N ASP B 526 -16.73 -21.46 -14.22
CA ASP B 526 -16.14 -21.62 -15.55
C ASP B 526 -16.36 -20.38 -16.42
N MET B 527 -17.57 -19.81 -16.37
CA MET B 527 -17.84 -18.60 -17.14
C MET B 527 -16.88 -17.48 -16.75
N PHE B 528 -16.72 -17.26 -15.45
CA PHE B 528 -15.84 -16.18 -15.01
C PHE B 528 -14.37 -16.50 -15.30
N THR B 529 -13.99 -17.78 -15.23
CA THR B 529 -12.63 -18.15 -15.59
C THR B 529 -12.32 -17.79 -17.03
N THR B 530 -13.24 -18.10 -17.95
CA THR B 530 -13.00 -17.75 -19.34
C THR B 530 -13.05 -16.25 -19.57
N LEU B 531 -14.00 -15.56 -18.93
CA LEU B 531 -14.13 -14.12 -19.13
C LEU B 531 -12.90 -13.38 -18.63
N ARG B 532 -12.32 -13.83 -17.52
CA ARG B 532 -11.16 -13.15 -16.95
C ARG B 532 -9.93 -13.25 -17.86
N ILE B 533 -9.73 -14.39 -18.52
CA ILE B 533 -8.61 -14.50 -19.45
C ILE B 533 -8.93 -13.83 -20.79
N MET B 534 -10.21 -13.72 -21.16
CA MET B 534 -10.55 -13.05 -22.42
C MET B 534 -10.47 -11.54 -22.29
N ILE B 535 -10.74 -10.99 -21.10
CA ILE B 535 -10.80 -9.54 -20.95
C ILE B 535 -9.40 -8.94 -20.87
N SER B 536 -8.41 -9.71 -20.41
CA SER B 536 -7.10 -9.18 -20.10
C SER B 536 -6.11 -9.30 -21.24
N SER B 537 -6.55 -9.75 -22.43
CA SER B 537 -5.63 -9.93 -23.53
C SER B 537 -6.11 -9.40 -24.88
N ILE B 538 -7.39 -9.08 -25.04
CA ILE B 538 -7.91 -8.58 -26.30
C ILE B 538 -7.74 -7.07 -26.35
N PRO B 539 -7.12 -6.52 -27.40
CA PRO B 539 -6.92 -5.06 -27.47
C PRO B 539 -8.24 -4.31 -27.41
N ALA B 540 -8.26 -3.24 -26.62
CA ALA B 540 -9.47 -2.48 -26.36
C ALA B 540 -9.63 -1.28 -27.29
N VAL B 541 -8.65 -1.00 -28.14
CA VAL B 541 -8.77 0.14 -29.04
C VAL B 541 -9.88 -0.09 -30.06
N TRP B 542 -10.13 -1.35 -30.41
CA TRP B 542 -11.13 -1.70 -31.41
C TRP B 542 -12.52 -1.87 -30.83
N TYR B 543 -12.71 -1.63 -29.52
CA TYR B 543 -14.04 -1.73 -28.93
C TYR B 543 -14.99 -0.68 -29.46
N ASP B 544 -14.48 0.39 -30.06
CA ASP B 544 -15.30 1.44 -30.65
C ASP B 544 -15.50 1.23 -32.15
N ALA B 545 -15.35 -0.01 -32.61
CA ALA B 545 -15.47 -0.31 -34.05
C ALA B 545 -16.92 -0.14 -34.49
N GLU B 546 -17.14 0.03 -35.79
CA GLU B 546 -18.53 0.12 -36.33
C GLU B 546 -18.83 -1.16 -37.11
N VAL B 547 -20.03 -1.72 -36.94
CA VAL B 547 -20.37 -3.02 -37.61
C VAL B 547 -20.12 -2.89 -39.12
N VAL B 548 -19.41 -3.86 -39.70
CA VAL B 548 -19.15 -3.83 -41.17
C VAL B 548 -19.89 -5.03 -41.80
N HIS B 549 -19.58 -6.24 -41.35
CA HIS B 549 -20.26 -7.46 -41.87
C HIS B 549 -21.47 -7.77 -40.99
N TYR B 550 -22.63 -7.21 -41.33
CA TYR B 550 -23.84 -7.37 -40.48
C TYR B 550 -24.05 -8.84 -40.08
N PRO B 551 -24.00 -9.81 -41.02
CA PRO B 551 -24.25 -11.21 -40.68
C PRO B 551 -23.63 -11.58 -39.33
N HIS B 552 -22.52 -10.93 -38.97
CA HIS B 552 -21.82 -11.26 -37.69
C HIS B 552 -22.61 -10.82 -36.46
N THR B 553 -23.68 -10.03 -36.62
CA THR B 553 -24.46 -9.59 -35.48
C THR B 553 -25.87 -10.16 -35.45
N ALA B 554 -26.25 -10.95 -36.45
CA ALA B 554 -27.60 -11.46 -36.57
C ALA B 554 -27.68 -12.91 -36.12
N VAL B 555 -28.80 -13.27 -35.50
CA VAL B 555 -29.04 -14.63 -35.03
C VAL B 555 -30.54 -14.86 -35.02
N GLU B 556 -30.95 -16.11 -35.22
CA GLU B 556 -32.35 -16.46 -35.21
C GLU B 556 -32.85 -16.63 -33.78
N LEU B 557 -34.17 -16.53 -33.62
CA LEU B 557 -34.77 -16.68 -32.30
C LEU B 557 -34.62 -18.10 -31.77
N GLU B 558 -34.69 -19.09 -32.66
CA GLU B 558 -34.56 -20.47 -32.24
C GLU B 558 -33.16 -20.75 -31.68
N GLN B 559 -32.13 -20.26 -32.37
CA GLN B 559 -30.76 -20.47 -31.92
C GLN B 559 -30.49 -19.78 -30.60
N LEU B 560 -30.96 -18.53 -30.46
CA LEU B 560 -30.77 -17.80 -29.21
C LEU B 560 -31.50 -18.47 -28.06
N ALA B 561 -32.72 -18.95 -28.30
CA ALA B 561 -33.47 -19.64 -27.26
C ALA B 561 -32.79 -20.94 -26.85
N ALA B 562 -32.26 -21.69 -27.82
CA ALA B 562 -31.54 -22.92 -27.49
C ALA B 562 -30.26 -22.61 -26.72
N TYR B 563 -29.58 -21.51 -27.08
CA TYR B 563 -28.38 -21.11 -26.36
C TYR B 563 -28.69 -20.75 -24.92
N GLY B 564 -29.80 -20.03 -24.70
CA GLY B 564 -30.15 -19.63 -23.36
C GLY B 564 -30.74 -20.74 -22.51
N LEU B 565 -31.40 -21.72 -23.12
CA LEU B 565 -31.96 -22.87 -22.35
C LEU B 565 -30.80 -23.66 -21.74
N THR B 566 -29.90 -24.16 -22.59
CA THR B 566 -28.79 -25.05 -22.15
C THR B 566 -27.66 -24.31 -21.40
N GLY B 567 -27.79 -23.04 -21.11
CA GLY B 567 -26.78 -22.32 -20.31
C GLY B 567 -25.38 -22.37 -20.89
N ALA B 568 -25.25 -22.12 -22.20
CA ALA B 568 -23.94 -22.23 -22.86
C ALA B 568 -23.07 -21.00 -22.59
N TYR B 569 -21.74 -21.17 -22.58
CA TYR B 569 -20.79 -20.06 -22.34
C TYR B 569 -19.62 -20.21 -23.30
N PRO B 570 -18.99 -19.12 -23.77
CA PRO B 570 -17.79 -19.25 -24.61
C PRO B 570 -16.67 -19.84 -23.76
N ARG B 571 -15.84 -20.74 -24.32
CA ARG B 571 -14.80 -21.42 -23.50
C ARG B 571 -13.42 -21.35 -24.17
N THR B 572 -12.34 -21.39 -23.41
CA THR B 572 -10.96 -21.25 -23.97
C THR B 572 -10.01 -22.24 -23.30
N ASN B 573 -9.20 -22.95 -24.08
CA ASN B 573 -8.21 -23.91 -23.53
C ASN B 573 -6.84 -23.25 -23.50
N HIS B 574 -6.75 -21.98 -23.87
CA HIS B 574 -5.44 -21.28 -23.98
C HIS B 574 -5.27 -20.31 -22.80
N SER B 575 -4.04 -19.97 -22.47
CA SER B 575 -3.75 -19.07 -21.33
C SER B 575 -3.50 -17.64 -21.82
N VAL B 576 -3.46 -16.67 -20.92
CA VAL B 576 -3.31 -15.27 -21.30
C VAL B 576 -1.97 -15.05 -22.01
N ASP B 577 -0.92 -15.73 -21.58
CA ASP B 577 0.39 -15.55 -22.19
C ASP B 577 0.37 -15.91 -23.67
N THR B 578 -0.29 -17.02 -24.01
CA THR B 578 -0.38 -17.42 -25.41
C THR B 578 -1.13 -16.39 -26.24
N ILE B 579 -2.24 -15.87 -25.70
CA ILE B 579 -3.04 -14.88 -26.43
C ILE B 579 -2.21 -13.62 -26.68
N VAL B 580 -1.52 -13.14 -25.65
CA VAL B 580 -0.73 -11.92 -25.78
C VAL B 580 0.42 -12.14 -26.75
N LYS B 581 1.05 -13.33 -26.70
CA LYS B 581 2.13 -13.62 -27.62
C LYS B 581 1.65 -13.65 -29.07
N THR B 582 0.48 -14.26 -29.32
CA THR B 582 -0.05 -14.29 -30.67
C THR B 582 -0.38 -12.88 -31.17
N VAL B 583 -0.97 -12.05 -30.30
CA VAL B 583 -1.30 -10.68 -30.71
C VAL B 583 -0.03 -9.91 -31.03
N ASN B 584 1.00 -10.06 -30.20
CA ASN B 584 2.28 -9.40 -30.47
C ASN B 584 2.89 -9.90 -31.78
N ASN B 585 2.76 -11.19 -32.05
CA ASN B 585 3.30 -11.75 -33.29
C ASN B 585 2.64 -11.13 -34.51
N ILE B 586 1.31 -11.05 -34.50
CA ILE B 586 0.63 -10.49 -35.66
C ILE B 586 0.92 -8.99 -35.79
N SER B 587 1.04 -8.28 -34.67
CA SER B 587 1.39 -6.87 -34.74
C SER B 587 2.79 -6.67 -35.34
N ALA B 588 3.75 -7.49 -34.91
CA ALA B 588 5.10 -7.40 -35.44
C ALA B 588 5.13 -7.71 -36.93
N THR B 589 4.39 -8.73 -37.35
CA THR B 589 4.33 -9.07 -38.77
C THR B 589 3.77 -7.91 -39.58
N TYR B 590 2.68 -7.30 -39.08
CA TYR B 590 2.09 -6.17 -39.78
C TYR B 590 3.07 -5.01 -39.89
N SER B 591 3.77 -4.69 -38.80
CA SER B 591 4.70 -3.57 -38.83
C SER B 591 5.87 -3.83 -39.79
N THR B 592 6.42 -5.05 -39.77
CA THR B 592 7.52 -5.38 -40.68
C THR B 592 7.07 -5.29 -42.12
N ILE B 593 5.89 -5.84 -42.43
CA ILE B 593 5.38 -5.77 -43.81
C ILE B 593 5.19 -4.33 -44.24
N ALA B 594 4.63 -3.50 -43.36
CA ALA B 594 4.40 -2.10 -43.71
C ALA B 594 5.71 -1.37 -44.01
N GLN B 595 6.72 -1.56 -43.15
CA GLN B 595 7.98 -0.87 -43.36
C GLN B 595 8.70 -1.38 -44.61
N MET B 596 8.55 -2.67 -44.92
CA MET B 596 9.14 -3.17 -46.16
C MET B 596 8.42 -2.61 -47.38
N LEU B 597 7.09 -2.52 -47.33
CA LEU B 597 6.32 -1.94 -48.42
C LEU B 597 6.56 -0.45 -48.58
N SER B 598 7.06 0.22 -47.55
CA SER B 598 7.31 1.65 -47.65
C SER B 598 8.41 1.99 -48.66
N THR B 599 9.39 1.08 -48.84
CA THR B 599 10.55 1.42 -49.66
C THR B 599 10.21 1.46 -51.14
N ILE B 600 9.40 0.51 -51.62
CA ILE B 600 9.03 0.46 -53.02
C ILE B 600 8.08 1.60 -53.33
N ASP B 601 7.87 1.88 -54.62
CA ASP B 601 6.98 2.95 -55.04
C ASP B 601 5.71 2.40 -55.67
N LEU B 602 4.59 3.08 -55.45
CA LEU B 602 3.30 2.59 -55.98
C LEU B 602 2.43 3.80 -56.27
N ASP B 603 2.76 4.55 -57.33
CA ASP B 603 2.02 5.79 -57.68
C ASP B 603 0.54 5.49 -57.94
N PRO B 604 -0.45 6.20 -57.32
CA PRO B 604 -1.86 5.98 -57.63
C PRO B 604 -2.18 6.29 -59.10
N THR B 605 -1.59 7.35 -59.65
CA THR B 605 -1.90 7.81 -61.03
C THR B 605 -1.50 6.84 -62.14
N ARG B 606 -0.51 5.96 -61.94
CA ARG B 606 0.02 5.15 -63.06
C ARG B 606 -1.03 4.24 -63.71
N TYR B 607 -1.89 3.56 -62.96
CA TYR B 607 -2.81 2.58 -63.58
C TYR B 607 -4.25 2.76 -63.13
N GLY B 608 -5.13 1.82 -63.50
CA GLY B 608 -6.49 1.86 -62.98
C GLY B 608 -6.54 1.31 -61.57
N THR B 609 -7.71 1.43 -60.95
CA THR B 609 -7.84 1.01 -59.55
C THR B 609 -7.62 -0.49 -59.41
N SER B 610 -8.23 -1.29 -60.27
CA SER B 610 -8.05 -2.74 -60.19
C SER B 610 -6.62 -3.14 -60.48
N GLU B 611 -6.00 -2.53 -61.51
CA GLU B 611 -4.61 -2.85 -61.82
C GLU B 611 -3.69 -2.44 -60.68
N SER B 612 -3.95 -1.29 -60.06
CA SER B 612 -3.14 -0.86 -58.92
C SER B 612 -3.30 -1.82 -57.76
N ILE B 613 -4.52 -2.30 -57.52
CA ILE B 613 -4.75 -3.27 -56.45
C ILE B 613 -3.97 -4.56 -56.73
N ASP B 614 -3.99 -5.01 -57.98
CA ASP B 614 -3.25 -6.22 -58.34
C ASP B 614 -1.75 -6.04 -58.16
N LYS B 615 -1.25 -4.86 -58.54
CA LYS B 615 0.20 -4.56 -58.37
C LYS B 615 0.54 -4.56 -56.87
N PHE B 616 -0.34 -4.00 -56.04
CA PHE B 616 -0.12 -3.99 -54.60
C PHE B 616 -0.09 -5.41 -54.05
N LYS B 617 -1.01 -6.26 -54.51
CA LYS B 617 -1.02 -7.65 -54.05
C LYS B 617 0.27 -8.37 -54.45
N ILE B 618 0.73 -8.13 -55.68
CA ILE B 618 1.98 -8.75 -56.13
C ILE B 618 3.14 -8.29 -55.28
N ALA B 619 3.20 -6.99 -54.97
CA ALA B 619 4.28 -6.46 -54.14
C ALA B 619 4.23 -7.06 -52.74
N TRP B 620 3.03 -7.20 -52.18
CA TRP B 620 2.88 -7.81 -50.86
C TRP B 620 3.40 -9.26 -50.87
N GLU B 621 3.01 -10.02 -51.89
CA GLU B 621 3.47 -11.40 -51.98
C GLU B 621 4.98 -11.47 -52.13
N ASN B 622 5.55 -10.59 -52.95
CA ASN B 622 7.01 -10.58 -53.13
C ASN B 622 7.73 -10.24 -51.83
N VAL B 623 7.23 -9.24 -51.09
CA VAL B 623 7.87 -8.87 -49.83
C VAL B 623 7.80 -10.03 -48.84
N GLU B 624 6.63 -10.66 -48.73
CA GLU B 624 6.46 -11.76 -47.80
C GLU B 624 7.33 -12.95 -48.16
N SER B 625 7.57 -13.18 -49.45
CA SER B 625 8.39 -14.34 -49.90
C SER B 625 9.88 -14.02 -49.79
N VAL B 626 10.29 -12.80 -50.17
CA VAL B 626 11.74 -12.44 -50.18
C VAL B 626 12.34 -12.47 -48.77
N LEU B 627 11.62 -11.99 -47.75
CA LEU B 627 12.24 -11.89 -46.40
C LEU B 627 11.50 -12.79 -45.40
N ASN B 628 10.17 -12.66 -45.30
CA ASN B 628 9.40 -13.40 -44.27
C ASN B 628 9.45 -14.93 -44.42
N MET B 629 9.34 -15.66 -43.29
CA MET B 629 9.27 -17.15 -43.28
C MET B 629 7.77 -17.50 -43.30
N GLU B 630 7.42 -18.73 -43.68
CA GLU B 630 5.98 -19.08 -43.88
C GLU B 630 5.16 -18.95 -42.59
N GLY B 631 3.97 -18.35 -42.70
CA GLY B 631 3.06 -18.17 -41.54
C GLY B 631 1.79 -17.49 -42.03
N ASN B 632 0.63 -17.77 -41.41
CA ASN B 632 -0.62 -17.20 -41.97
C ASN B 632 -0.63 -15.70 -41.66
N ASP B 633 -0.59 -14.85 -42.70
CA ASP B 633 -0.65 -13.41 -42.47
C ASP B 633 -2.08 -13.06 -42.11
N PHE B 634 -2.31 -12.74 -40.83
CA PHE B 634 -3.67 -12.50 -40.34
C PHE B 634 -4.31 -11.32 -41.05
N VAL B 635 -3.60 -10.20 -41.15
CA VAL B 635 -4.15 -9.02 -41.81
C VAL B 635 -4.38 -9.28 -43.29
N LYS B 636 -3.43 -9.94 -43.95
CA LYS B 636 -3.58 -10.22 -45.37
C LYS B 636 -4.78 -11.12 -45.63
N THR B 637 -4.95 -12.16 -44.81
CA THR B 637 -6.11 -13.04 -44.98
C THR B 637 -7.41 -12.30 -44.72
N ILE B 638 -7.44 -11.45 -43.70
CA ILE B 638 -8.63 -10.68 -43.40
C ILE B 638 -8.99 -9.79 -44.59
N MET B 639 -8.01 -9.09 -45.15
CA MET B 639 -8.28 -8.19 -46.27
C MET B 639 -8.65 -8.94 -47.53
N TYR B 640 -8.07 -10.12 -47.77
CA TYR B 640 -8.39 -10.88 -48.96
C TYR B 640 -9.79 -11.46 -48.89
N ALA B 641 -10.18 -11.99 -47.73
CA ALA B 641 -11.47 -12.67 -47.61
C ALA B 641 -12.63 -11.71 -47.83
N TYR B 642 -12.55 -10.50 -47.27
CA TYR B 642 -13.62 -9.52 -47.32
C TYR B 642 -13.36 -8.42 -48.33
N GLU B 643 -12.68 -8.74 -49.44
CA GLU B 643 -12.33 -7.73 -50.42
C GLU B 643 -13.56 -7.13 -51.09
N ASP B 644 -14.57 -7.95 -51.35
CA ASP B 644 -15.72 -7.54 -52.16
C ASP B 644 -16.80 -6.82 -51.35
N ASN B 645 -16.59 -6.61 -50.06
CA ASN B 645 -17.54 -5.85 -49.26
C ASN B 645 -17.29 -4.34 -49.33
N PHE B 646 -16.25 -3.91 -50.04
CA PHE B 646 -15.90 -2.51 -50.15
C PHE B 646 -15.82 -2.11 -51.62
N PRO B 647 -16.10 -0.85 -51.94
CA PRO B 647 -15.80 -0.35 -53.29
C PRO B 647 -14.31 -0.29 -53.51
N LYS B 648 -13.93 -0.32 -54.79
CA LYS B 648 -12.51 -0.43 -55.14
C LYS B 648 -11.71 0.75 -54.61
N LYS B 649 -12.28 1.96 -54.68
CA LYS B 649 -11.56 3.15 -54.22
C LYS B 649 -11.22 3.05 -52.74
N ASP B 650 -12.18 2.62 -51.91
CA ASP B 650 -11.93 2.57 -50.48
C ASP B 650 -11.01 1.41 -50.11
N PHE B 651 -11.11 0.29 -50.83
CA PHE B 651 -10.16 -0.80 -50.60
C PHE B 651 -8.73 -0.36 -50.93
N TYR B 652 -8.55 0.32 -52.06
CA TYR B 652 -7.23 0.85 -52.40
C TYR B 652 -6.78 1.90 -51.40
N MET B 653 -7.70 2.70 -50.87
CA MET B 653 -7.34 3.70 -49.87
C MET B 653 -6.84 3.03 -48.60
N MET B 654 -7.50 1.94 -48.19
CA MET B 654 -7.04 1.19 -47.02
C MET B 654 -5.66 0.58 -47.26
N LEU B 655 -5.44 0.02 -48.46
CA LEU B 655 -4.13 -0.53 -48.78
C LEU B 655 -3.05 0.56 -48.74
N LYS B 656 -3.35 1.73 -49.28
CA LYS B 656 -2.39 2.83 -49.25
C LYS B 656 -2.12 3.28 -47.81
N GLN B 657 -3.16 3.27 -46.96
CA GLN B 657 -2.95 3.60 -45.56
C GLN B 657 -2.01 2.61 -44.90
N ILE B 658 -2.20 1.31 -45.19
CA ILE B 658 -1.30 0.29 -44.65
C ILE B 658 0.13 0.55 -45.09
N ALA B 659 0.31 0.85 -46.38
CA ALA B 659 1.65 1.11 -46.90
C ALA B 659 2.25 2.38 -46.31
N SER B 660 1.41 3.36 -45.97
CA SER B 660 1.87 4.66 -45.49
C SER B 660 2.08 4.71 -43.98
N ASP B 661 1.62 3.71 -43.25
CA ASP B 661 1.86 3.69 -41.79
C ASP B 661 3.35 3.55 -41.50
N GLY B 662 4.11 2.92 -42.40
CA GLY B 662 5.53 2.63 -42.10
C GLY B 662 6.52 3.58 -42.73
N GLN B 663 6.06 4.68 -43.33
CA GLN B 663 6.99 5.59 -44.03
C GLN B 663 7.90 6.31 -43.06
N GLY B 664 9.16 6.52 -43.46
CA GLY B 664 10.09 7.27 -42.60
C GLY B 664 11.51 6.81 -42.79
N ALA B 665 12.45 7.39 -42.04
CA ALA B 665 13.87 6.96 -42.10
C ALA B 665 14.07 5.95 -40.98
N HIS B 666 13.96 4.66 -41.29
CA HIS B 666 13.99 3.63 -40.22
C HIS B 666 15.04 2.59 -40.59
N PRO B 667 15.45 1.68 -39.68
CA PRO B 667 16.54 0.74 -39.97
C PRO B 667 16.31 -0.13 -41.21
N ILE B 668 15.08 -0.59 -41.48
CA ILE B 668 14.78 -1.40 -42.68
C ILE B 668 15.07 -0.58 -43.94
N ALA B 669 14.68 0.69 -43.97
CA ALA B 669 14.89 1.55 -45.16
C ALA B 669 16.37 1.80 -45.39
N ALA B 670 17.14 2.03 -44.34
CA ALA B 670 18.58 2.36 -44.49
C ALA B 670 19.30 1.11 -44.99
N ALA B 671 18.88 -0.06 -44.54
CA ALA B 671 19.45 -1.30 -45.05
C ALA B 671 19.22 -1.44 -46.54
N ILE B 672 18.01 -1.09 -47.01
CA ILE B 672 17.74 -1.12 -48.44
C ILE B 672 18.59 -0.09 -49.18
N ASP B 673 18.73 1.11 -48.60
CA ASP B 673 19.51 2.17 -49.24
C ASP B 673 20.98 1.79 -49.38
N GLN B 674 21.52 1.09 -48.38
CA GLN B 674 22.94 0.74 -48.43
C GLN B 674 23.26 -0.17 -49.60
N LEU B 675 22.32 -0.99 -50.03
CA LEU B 675 22.50 -1.84 -51.21
C LEU B 675 22.12 -1.11 -52.49
N ARG B 676 21.07 -0.29 -52.44
CA ARG B 676 20.62 0.43 -53.62
C ARG B 676 21.66 1.45 -54.07
N THR B 677 22.46 1.98 -53.15
CA THR B 677 23.53 2.90 -53.50
C THR B 677 24.75 2.18 -54.07
N ILE B 678 24.86 0.87 -53.88
CA ILE B 678 25.91 0.08 -54.53
C ILE B 678 25.46 -0.36 -55.91
N VAL B 679 24.16 -0.68 -56.06
CA VAL B 679 23.63 -1.02 -57.37
C VAL B 679 23.73 0.17 -58.33
N TYR B 680 23.52 1.38 -57.81
CA TYR B 680 23.57 2.56 -58.66
C TYR B 680 24.99 2.89 -59.09
N ARG B 681 25.97 2.71 -58.20
CA ARG B 681 27.33 3.16 -58.45
C ARG B 681 28.17 2.15 -59.21
N GLU B 682 27.69 0.92 -59.40
CA GLU B 682 28.42 -0.10 -60.15
C GLU B 682 27.46 -0.80 -61.12
N PRO B 683 27.02 -0.08 -62.16
CA PRO B 683 26.08 -0.72 -63.11
C PRO B 683 26.68 -1.90 -63.86
N GLU B 684 27.97 -1.87 -64.18
CA GLU B 684 28.54 -2.91 -65.03
C GLU B 684 28.64 -4.25 -64.30
N ARG B 685 28.80 -4.23 -62.97
CA ARG B 685 28.90 -5.47 -62.23
C ARG B 685 27.57 -6.22 -62.20
N PHE B 686 26.46 -5.50 -62.14
CA PHE B 686 25.14 -6.11 -62.02
C PHE B 686 24.47 -6.35 -63.35
N GLY B 687 25.12 -5.99 -64.47
CA GLY B 687 24.64 -6.37 -65.77
C GLY B 687 23.55 -5.49 -66.35
N TYR B 688 23.69 -4.17 -66.25
CA TYR B 688 22.73 -3.27 -66.85
C TYR B 688 23.43 -1.98 -67.25
N ILE B 689 22.80 -1.24 -68.15
CA ILE B 689 23.26 0.07 -68.56
C ILE B 689 22.12 1.06 -68.37
N ASP B 690 22.46 2.28 -67.96
CA ASP B 690 21.42 3.28 -67.70
C ASP B 690 20.67 3.64 -68.97
N SER B 691 21.38 3.85 -70.07
CA SER B 691 20.76 4.26 -71.32
C SER B 691 21.73 3.96 -72.45
N VAL B 692 21.21 4.03 -73.68
CA VAL B 692 21.99 3.73 -74.87
C VAL B 692 21.73 4.84 -75.88
N ILE B 693 22.68 5.04 -76.79
CA ILE B 693 22.64 6.14 -77.74
C ILE B 693 22.76 5.59 -79.15
N LEU B 694 21.99 6.17 -80.08
CA LEU B 694 21.95 5.77 -81.48
C LEU B 694 22.31 6.97 -82.35
N THR B 695 23.09 6.72 -83.41
CA THR B 695 23.52 7.79 -84.28
C THR B 695 24.05 7.21 -85.60
N HIS B 696 24.12 8.07 -86.61
CA HIS B 696 24.78 7.72 -87.87
C HIS B 696 26.28 7.57 -87.67
N ASN B 697 26.95 8.65 -87.25
CA ASN B 697 28.40 8.67 -87.14
C ASN B 697 28.83 8.76 -85.67
N PRO B 698 29.16 7.64 -85.03
CA PRO B 698 29.66 7.71 -83.66
C PRO B 698 30.97 8.48 -83.59
N ASP B 699 31.17 9.21 -82.49
CA ASP B 699 32.45 9.93 -82.28
C ASP B 699 33.24 9.12 -81.25
N VAL B 700 34.15 8.26 -81.69
CA VAL B 700 34.87 7.38 -80.72
C VAL B 700 35.65 8.29 -79.78
N ASP B 701 35.65 7.96 -78.48
CA ASP B 701 36.43 8.75 -77.48
C ASP B 701 37.87 8.27 -77.49
N THR B 702 38.83 9.19 -77.58
CA THR B 702 40.26 8.81 -77.64
C THR B 702 40.78 8.33 -76.29
N ALA B 703 40.07 8.63 -75.21
CA ALA B 703 40.58 8.29 -73.86
C ALA B 703 40.72 6.77 -73.74
N TYR B 704 39.79 6.01 -74.31
CA TYR B 704 39.81 4.54 -74.14
C TYR B 704 40.61 3.88 -75.25
N ASN B 705 41.15 4.66 -76.18
CA ASN B 705 42.01 4.07 -77.21
C ASN B 705 43.38 3.70 -76.65
N ARG B 706 43.75 4.22 -75.48
CA ARG B 706 44.98 3.80 -74.82
C ARG B 706 44.89 2.36 -74.33
N PHE B 707 43.68 1.82 -74.18
CA PHE B 707 43.48 0.49 -73.61
C PHE B 707 42.83 -0.50 -74.57
N PHE B 708 41.99 -0.03 -75.49
CA PHE B 708 41.22 -0.91 -76.35
C PHE B 708 41.47 -0.57 -77.82
N HIS B 709 41.57 -1.61 -78.64
CA HIS B 709 41.63 -1.39 -80.09
C HIS B 709 40.28 -0.91 -80.62
N LEU B 710 39.21 -1.61 -80.25
CA LEU B 710 37.84 -1.24 -80.60
C LEU B 710 36.98 -1.31 -79.37
N HIS B 711 36.19 -0.27 -79.12
CA HIS B 711 35.29 -0.22 -77.98
C HIS B 711 34.00 0.48 -78.39
N PRO B 712 32.88 0.17 -77.73
CA PRO B 712 31.62 0.83 -78.04
C PRO B 712 31.42 2.17 -77.32
N ILE B 713 32.39 2.67 -76.59
CA ILE B 713 32.21 3.94 -75.89
C ILE B 713 32.26 5.08 -76.89
N VAL B 714 31.33 6.02 -76.76
CA VAL B 714 31.18 7.13 -77.70
C VAL B 714 31.00 8.41 -76.90
N THR B 715 31.36 9.53 -77.53
CA THR B 715 31.18 10.86 -76.94
C THR B 715 30.28 11.70 -77.85
N ASN B 716 28.97 11.53 -77.66
CA ASN B 716 27.97 12.27 -78.42
C ASN B 716 27.02 12.98 -77.47
N GLN B 717 26.73 14.24 -77.78
CA GLN B 717 25.78 15.01 -77.00
C GLN B 717 24.38 14.73 -77.54
N PRO B 718 23.50 14.08 -76.79
CA PRO B 718 22.23 13.65 -77.37
C PRO B 718 21.29 14.81 -77.63
N SER B 719 20.45 14.65 -78.64
CA SER B 719 19.31 15.50 -78.89
C SER B 719 18.08 14.62 -79.07
N ASN B 720 16.92 15.14 -78.66
CA ASN B 720 15.68 14.37 -78.68
C ASN B 720 15.81 13.09 -77.85
N THR B 721 16.02 13.27 -76.55
CA THR B 721 16.03 12.14 -75.64
C THR B 721 14.65 11.50 -75.58
N ILE B 722 14.62 10.16 -75.58
CA ILE B 722 13.38 9.40 -75.55
C ILE B 722 13.28 8.70 -74.20
N LYS B 723 12.17 8.95 -73.50
CA LYS B 723 12.05 8.58 -72.09
C LYS B 723 11.63 7.13 -71.87
N ASN B 724 11.35 6.38 -72.93
CA ASN B 724 10.94 4.98 -72.77
C ASN B 724 11.27 4.22 -74.04
N ALA B 725 11.78 3.00 -73.87
CA ALA B 725 12.14 2.17 -75.02
C ALA B 725 10.92 1.75 -75.82
N GLN B 726 9.79 1.52 -75.14
CA GLN B 726 8.57 1.15 -75.84
C GLN B 726 8.08 2.28 -76.74
N LEU B 727 8.38 3.54 -76.37
CA LEU B 727 8.03 4.66 -77.23
C LEU B 727 8.80 4.60 -78.55
N TRP B 728 10.06 4.17 -78.50
CA TRP B 728 10.84 4.01 -79.73
C TRP B 728 10.39 2.79 -80.52
N ASN B 729 10.09 1.68 -79.84
CA ASN B 729 9.69 0.47 -80.55
C ASN B 729 8.31 0.58 -81.17
N GLU B 730 7.48 1.50 -80.70
CA GLU B 730 6.14 1.70 -81.24
C GLU B 730 6.09 2.80 -82.28
N MET B 731 7.24 3.37 -82.65
CA MET B 731 7.29 4.48 -83.59
C MET B 731 7.25 3.98 -85.02
N ARG B 732 6.97 4.88 -85.94
CA ARG B 732 6.96 4.56 -87.35
C ARG B 732 8.37 4.68 -87.94
N LEU B 733 8.63 3.90 -88.98
CA LEU B 733 9.97 3.87 -89.57
C LEU B 733 10.36 5.23 -90.13
N GLU B 734 9.42 5.91 -90.77
CA GLU B 734 9.69 7.25 -91.28
C GLU B 734 10.02 8.21 -90.14
N GLN B 735 9.25 8.17 -89.06
CA GLN B 735 9.52 9.02 -87.91
C GLN B 735 10.84 8.66 -87.25
N GLN B 736 11.16 7.37 -87.19
CA GLN B 736 12.44 6.95 -86.63
C GLN B 736 13.60 7.49 -87.45
N VAL B 737 13.50 7.40 -88.78
CA VAL B 737 14.57 7.90 -89.65
C VAL B 737 14.67 9.42 -89.53
N GLU B 738 13.54 10.10 -89.40
CA GLU B 738 13.57 11.55 -89.19
C GLU B 738 14.27 11.88 -87.88
N HIS B 739 14.02 11.11 -86.83
CA HIS B 739 14.68 11.33 -85.55
C HIS B 739 16.19 11.10 -85.66
N ILE B 740 16.60 10.04 -86.36
CA ILE B 740 18.00 9.64 -86.35
C ILE B 740 18.86 10.69 -87.06
N LYS B 741 18.40 11.17 -88.22
CA LYS B 741 19.23 12.07 -89.01
C LYS B 741 19.29 13.49 -88.46
N ALA B 742 18.52 13.81 -87.43
CA ALA B 742 18.61 15.12 -86.79
C ALA B 742 19.76 15.20 -85.81
N GLY B 743 20.34 14.07 -85.42
CA GLY B 743 21.43 14.05 -84.45
C GLY B 743 21.37 12.80 -83.61
N PRO B 744 22.33 12.64 -82.70
CA PRO B 744 22.31 11.48 -81.80
C PRO B 744 21.06 11.49 -80.93
N VAL B 745 20.51 10.30 -80.67
CA VAL B 745 19.29 10.17 -79.82
C VAL B 745 19.58 9.20 -78.67
N ARG B 746 19.19 9.56 -77.44
CA ARG B 746 19.39 8.69 -76.25
C ARG B 746 18.08 8.00 -75.92
N ILE B 747 18.08 6.68 -75.80
CA ILE B 747 16.86 5.93 -75.38
C ILE B 747 17.07 5.61 -73.90
N ILE B 748 16.21 6.11 -73.02
CA ILE B 748 16.43 5.90 -71.56
C ILE B 748 15.58 4.76 -71.07
N GLY B 749 16.21 3.65 -70.72
CA GLY B 749 15.50 2.49 -70.15
C GLY B 749 16.52 1.53 -69.56
N PRO B 750 16.27 0.86 -68.41
CA PRO B 750 17.21 -0.13 -67.90
C PRO B 750 17.36 -1.20 -68.99
N PHE B 751 18.59 -1.47 -69.45
CA PHE B 751 18.75 -2.57 -70.45
C PHE B 751 19.65 -3.65 -69.86
N HIS B 752 19.66 -4.85 -70.41
CA HIS B 752 20.58 -5.90 -69.98
C HIS B 752 21.74 -5.97 -70.96
N VAL B 753 22.95 -5.85 -70.45
CA VAL B 753 24.14 -5.78 -71.28
C VAL B 753 25.10 -6.89 -70.89
N THR B 754 25.78 -7.44 -71.89
CA THR B 754 26.87 -8.38 -71.68
C THR B 754 28.08 -7.83 -72.43
N TYR B 755 29.22 -7.77 -71.75
CA TYR B 755 30.45 -7.24 -72.31
C TYR B 755 31.40 -8.39 -72.61
N ASN B 756 31.92 -8.42 -73.84
CA ASN B 756 32.87 -9.44 -74.27
C ASN B 756 34.25 -8.79 -74.40
N TYR B 757 35.21 -9.30 -73.65
CA TYR B 757 36.59 -8.84 -73.71
C TYR B 757 37.39 -9.88 -74.47
N LEU B 758 37.87 -9.51 -75.66
CA LEU B 758 38.48 -10.45 -76.58
C LEU B 758 39.87 -9.95 -76.97
N SER B 759 40.76 -10.90 -77.26
CA SER B 759 42.03 -10.55 -77.87
C SER B 759 41.87 -10.48 -79.39
N GLU B 760 42.67 -9.62 -80.02
CA GLU B 760 42.47 -9.38 -81.44
C GLU B 760 42.83 -10.57 -82.31
N GLU B 761 43.50 -11.58 -81.77
CA GLU B 761 43.79 -12.77 -82.56
C GLU B 761 42.59 -13.68 -82.72
N GLU B 762 41.74 -13.78 -81.70
CA GLU B 762 40.61 -14.70 -81.74
C GLU B 762 39.45 -14.09 -82.54
N ASP B 763 38.46 -14.92 -82.82
CA ASP B 763 37.31 -14.49 -83.62
C ASP B 763 36.38 -13.60 -82.81
N MET B 764 35.64 -12.75 -83.54
CA MET B 764 34.74 -11.79 -82.92
C MET B 764 33.30 -12.26 -83.07
N PRO B 765 32.58 -12.52 -81.97
CA PRO B 765 31.18 -12.92 -82.09
C PRO B 765 30.34 -11.83 -82.74
N ALA B 766 29.28 -12.25 -83.41
CA ALA B 766 28.36 -11.34 -84.09
C ALA B 766 27.06 -11.26 -83.31
N THR B 767 26.58 -10.04 -83.09
CA THR B 767 25.35 -9.80 -82.33
C THR B 767 24.44 -8.87 -83.11
N SER B 768 23.14 -9.04 -82.92
CA SER B 768 22.12 -8.23 -83.59
C SER B 768 21.63 -7.18 -82.61
N HIS B 769 22.04 -5.92 -82.82
CA HIS B 769 21.59 -4.82 -81.94
C HIS B 769 20.17 -4.40 -82.29
N ILE B 770 19.84 -4.31 -83.57
CA ILE B 770 18.50 -3.84 -84.01
C ILE B 770 17.92 -4.87 -84.99
N ILE B 771 16.63 -5.18 -84.88
CA ILE B 771 15.97 -6.10 -85.85
C ILE B 771 15.05 -5.26 -86.74
N MET B 772 15.34 -5.17 -88.05
CA MET B 772 14.52 -4.29 -88.92
C MET B 772 13.38 -5.08 -89.57
N LYS B 773 12.36 -5.48 -88.80
CA LYS B 773 11.20 -6.17 -89.39
C LYS B 773 10.34 -5.24 -90.24
N ASP B 774 9.96 -4.07 -89.72
CA ASP B 774 9.19 -3.05 -90.49
C ASP B 774 9.65 -1.70 -89.95
N ASN B 775 10.07 -1.68 -88.69
CA ASN B 775 10.65 -0.46 -88.07
C ASN B 775 11.88 -1.00 -87.34
N MET B 776 12.86 -0.14 -87.03
CA MET B 776 14.02 -0.58 -86.22
C MET B 776 13.53 -0.89 -84.80
N ILE B 777 13.72 -2.11 -84.31
CA ILE B 777 13.30 -2.40 -82.90
C ILE B 777 14.56 -2.66 -82.07
N LEU B 778 14.66 -2.03 -80.90
CA LEU B 778 15.87 -2.17 -80.05
C LEU B 778 15.63 -3.30 -79.05
N ASN B 779 16.51 -4.29 -79.04
CA ASN B 779 16.37 -5.46 -78.18
C ASN B 779 16.50 -5.07 -76.71
N ASP B 780 15.79 -5.81 -75.86
CA ASP B 780 15.88 -5.58 -74.42
C ASP B 780 17.19 -6.12 -73.82
N HIS B 781 17.88 -7.01 -74.54
CA HIS B 781 19.15 -7.58 -74.10
C HIS B 781 20.20 -7.19 -75.11
N LEU B 782 21.16 -6.36 -74.69
CA LEU B 782 22.21 -5.88 -75.58
C LEU B 782 23.52 -6.60 -75.31
N THR B 783 24.40 -6.57 -76.31
CA THR B 783 25.71 -7.20 -76.23
C THR B 783 26.72 -6.34 -76.98
N PHE B 784 27.90 -6.16 -76.37
CA PHE B 784 28.94 -5.32 -76.94
C PHE B 784 30.27 -6.05 -76.88
N ASN B 785 31.17 -5.71 -77.80
CA ASN B 785 32.43 -6.41 -77.96
C ASN B 785 33.59 -5.44 -77.76
N PHE B 786 34.51 -5.82 -76.88
CA PHE B 786 35.77 -5.12 -76.69
C PHE B 786 36.91 -5.99 -77.18
N VAL B 787 37.87 -5.39 -77.88
CA VAL B 787 39.14 -6.05 -78.19
C VAL B 787 40.23 -5.26 -77.48
N LYS B 788 41.02 -5.96 -76.67
CA LYS B 788 41.95 -5.32 -75.74
C LYS B 788 43.31 -5.11 -76.37
N ARG B 789 43.87 -3.93 -76.16
CA ARG B 789 45.24 -3.64 -76.59
C ARG B 789 46.21 -4.22 -75.57
N GLU B 790 47.18 -4.99 -76.05
CA GLU B 790 48.11 -5.68 -75.17
C GLU B 790 49.54 -5.38 -75.60
N ARG B 791 50.48 -5.90 -74.81
CA ARG B 791 51.88 -5.62 -75.04
C ARG B 791 52.37 -6.20 -76.37
N ARG B 792 51.90 -7.41 -76.71
CA ARG B 792 52.37 -8.06 -77.93
C ARG B 792 51.81 -7.39 -79.18
N ASN B 793 50.68 -6.69 -79.06
CA ASN B 793 50.04 -6.01 -80.18
C ASN B 793 49.75 -4.57 -79.76
N ASN B 794 50.76 -3.71 -79.90
CA ASN B 794 50.66 -2.32 -79.52
C ASN B 794 51.28 -1.46 -80.61
N LYS B 795 50.81 -0.22 -80.69
CA LYS B 795 51.18 0.68 -81.79
C LYS B 795 50.86 0.03 -83.14
N LYS B 796 49.72 -0.66 -83.18
CA LYS B 796 49.30 -1.45 -84.33
C LYS B 796 47.88 -1.04 -84.71
N ARG B 797 47.64 -0.90 -86.01
CA ARG B 797 46.30 -0.63 -86.52
C ARG B 797 45.61 -1.97 -86.78
N VAL B 798 44.55 -2.24 -86.02
CA VAL B 798 43.96 -3.58 -86.05
C VAL B 798 42.97 -3.73 -87.21
N SER B 799 41.95 -2.87 -87.26
CA SER B 799 40.87 -3.01 -88.23
C SER B 799 39.98 -1.78 -88.12
N SER B 800 38.92 -1.77 -88.93
CA SER B 800 37.90 -0.72 -88.91
C SER B 800 38.48 0.68 -89.07
N TYR B 809 23.24 0.05 -90.50
CA TYR B 809 23.74 1.40 -90.76
C TYR B 809 23.84 2.21 -89.47
N VAL B 810 22.70 2.36 -88.78
CA VAL B 810 22.69 3.06 -87.51
C VAL B 810 23.46 2.25 -86.46
N ALA B 811 24.24 2.95 -85.65
CA ALA B 811 25.11 2.31 -84.66
C ALA B 811 24.56 2.48 -83.26
N VAL B 812 24.61 1.41 -82.48
CA VAL B 812 24.16 1.40 -81.10
C VAL B 812 25.39 1.38 -80.21
N ARG B 813 25.62 2.47 -79.49
CA ARG B 813 26.83 2.66 -78.69
C ARG B 813 26.45 3.07 -77.28
N ILE B 814 27.43 3.04 -76.39
CA ILE B 814 27.22 3.34 -74.98
C ILE B 814 28.13 4.49 -74.57
N SER B 815 27.89 4.98 -73.35
CA SER B 815 28.74 5.98 -72.73
C SER B 815 28.96 5.58 -71.28
N ARG B 816 29.92 6.24 -70.62
CA ARG B 816 30.19 6.04 -69.20
C ARG B 816 30.55 4.58 -68.91
N PHE B 817 31.69 4.15 -69.47
CA PHE B 817 32.29 2.89 -69.07
C PHE B 817 33.22 3.12 -67.90
N GLN B 818 33.12 2.26 -66.90
CA GLN B 818 33.90 2.39 -65.67
C GLN B 818 34.91 1.24 -65.59
N LEU B 819 36.19 1.59 -65.51
CA LEU B 819 37.26 0.61 -65.38
C LEU B 819 38.29 1.18 -64.42
N GLU B 820 39.11 0.29 -63.87
CA GLU B 820 40.08 0.66 -62.86
C GLU B 820 41.50 0.52 -63.41
N VAL B 821 42.25 1.62 -63.35
CA VAL B 821 43.64 1.67 -63.81
C VAL B 821 44.53 1.81 -62.58
N LEU B 822 45.47 0.90 -62.42
CA LEU B 822 46.15 0.78 -61.14
C LEU B 822 47.51 1.44 -61.10
N ARG B 823 48.26 1.42 -62.21
CA ARG B 823 49.52 2.15 -62.33
C ARG B 823 50.64 1.58 -61.47
N ASP B 824 50.35 0.53 -60.70
CA ASP B 824 51.36 -0.08 -59.85
C ASP B 824 50.90 -1.48 -59.44
N LEU B 825 51.86 -2.37 -59.24
CA LEU B 825 51.54 -3.75 -58.86
C LEU B 825 51.13 -3.85 -57.39
N HIS B 826 51.64 -2.97 -56.53
CA HIS B 826 51.27 -3.00 -55.13
C HIS B 826 49.83 -2.56 -54.89
N ASP B 827 49.17 -2.01 -55.90
CA ASP B 827 47.77 -1.60 -55.76
C ASP B 827 46.80 -2.76 -55.91
N LEU B 828 47.27 -3.95 -56.27
CA LEU B 828 46.38 -5.11 -56.33
C LEU B 828 46.10 -5.68 -54.96
N VAL B 829 46.75 -5.20 -53.91
CA VAL B 829 46.61 -5.74 -52.57
C VAL B 829 45.51 -4.98 -51.84
N ARG B 830 44.56 -5.73 -51.28
CA ARG B 830 43.46 -5.19 -50.50
C ARG B 830 43.48 -5.85 -49.12
N SER B 831 42.42 -5.64 -48.35
CA SER B 831 42.33 -6.24 -47.01
C SER B 831 40.92 -6.73 -46.74
N ARG B 832 40.84 -7.77 -45.92
CA ARG B 832 39.59 -8.32 -45.40
C ARG B 832 39.61 -8.23 -43.88
N THR B 833 38.57 -8.76 -43.26
CA THR B 833 38.47 -8.82 -41.81
C THR B 833 38.06 -10.23 -41.40
N TYR B 834 38.76 -10.79 -40.43
CA TYR B 834 38.50 -12.15 -39.94
C TYR B 834 38.34 -12.11 -38.43
N LEU B 835 37.93 -13.25 -37.87
CA LEU B 835 37.77 -13.41 -36.44
C LEU B 835 39.01 -14.08 -35.86
N ASP B 836 39.52 -13.54 -34.76
CA ASP B 836 40.70 -14.08 -34.10
C ASP B 836 40.24 -15.14 -33.11
N VAL B 837 40.15 -16.38 -33.58
CA VAL B 837 39.65 -17.47 -32.75
C VAL B 837 40.65 -17.94 -31.70
N SER B 838 41.89 -17.45 -31.76
CA SER B 838 42.85 -17.82 -30.72
C SER B 838 42.46 -17.26 -29.37
N LYS B 839 41.96 -16.02 -29.33
CA LYS B 839 41.57 -15.38 -28.09
C LYS B 839 40.09 -15.01 -28.02
N SER B 840 39.34 -15.13 -29.11
CA SER B 840 37.90 -14.91 -29.12
C SER B 840 37.24 -16.11 -29.79
N PRO B 841 37.19 -17.25 -29.10
CA PRO B 841 36.72 -18.48 -29.74
C PRO B 841 35.22 -18.46 -29.95
N LEU B 842 34.74 -19.53 -30.57
CA LEU B 842 33.31 -19.72 -30.81
C LEU B 842 32.73 -20.62 -29.74
N ALA B 843 31.61 -20.19 -29.15
CA ALA B 843 30.92 -21.02 -28.18
C ALA B 843 30.33 -22.26 -28.85
N THR B 844 30.36 -23.38 -28.14
CA THR B 844 29.84 -24.63 -28.66
C THR B 844 28.53 -25.06 -28.00
N THR B 845 28.22 -24.46 -26.85
CA THR B 845 27.01 -24.83 -26.08
C THR B 845 26.30 -23.54 -25.59
N PRO B 846 24.95 -23.38 -25.69
CA PRO B 846 24.29 -22.20 -25.14
C PRO B 846 24.38 -22.21 -23.61
N ILE B 847 24.36 -21.03 -22.98
CA ILE B 847 24.34 -20.97 -21.50
C ILE B 847 23.04 -21.62 -21.04
N ARG B 848 23.09 -22.44 -19.99
CA ARG B 848 21.89 -23.12 -19.47
C ARG B 848 21.33 -22.29 -18.32
N VAL B 849 20.10 -21.79 -18.47
CA VAL B 849 19.53 -20.90 -17.42
C VAL B 849 18.44 -21.67 -16.67
N VAL B 850 18.62 -21.84 -15.37
CA VAL B 850 17.59 -22.53 -14.52
C VAL B 850 16.87 -21.46 -13.69
N GLU B 851 15.56 -21.34 -13.83
CA GLU B 851 14.81 -20.31 -13.12
C GLU B 851 13.83 -20.91 -12.12
N TYR B 852 13.60 -20.17 -11.04
CA TYR B 852 12.62 -20.51 -10.03
C TYR B 852 11.65 -19.35 -9.87
N VAL B 853 10.51 -19.63 -9.26
CA VAL B 853 9.50 -18.63 -9.01
C VAL B 853 9.78 -17.95 -7.67
N ARG B 854 9.41 -16.69 -7.56
CA ARG B 854 9.54 -15.95 -6.31
C ARG B 854 8.32 -16.14 -5.43
N MET C 1 35.31 -8.21 26.25
CA MET C 1 34.51 -9.21 25.47
C MET C 1 34.81 -9.04 23.99
N ASN C 2 35.35 -7.88 23.59
CA ASN C 2 35.72 -7.65 22.17
C ASN C 2 36.81 -8.64 21.74
N TRP C 3 36.42 -9.67 20.97
CA TRP C 3 37.40 -10.63 20.42
C TRP C 3 36.69 -11.57 19.44
N SER C 4 37.37 -11.97 18.36
CA SER C 4 36.73 -12.82 17.32
C SER C 4 37.73 -13.81 16.75
N LYS C 5 37.27 -15.00 16.39
CA LYS C 5 38.16 -16.03 15.81
C LYS C 5 38.31 -15.79 14.31
N ALA C 6 38.02 -14.58 13.83
CA ALA C 6 38.18 -14.23 12.42
C ALA C 6 39.39 -13.32 12.26
N ILE C 7 40.21 -13.64 11.25
CA ILE C 7 41.44 -12.87 11.03
C ILE C 7 41.11 -11.47 10.52
N ASN C 8 40.10 -11.35 9.67
CA ASN C 8 39.80 -10.05 9.06
C ASN C 8 39.31 -9.02 10.06
N PHE C 9 38.83 -9.46 11.23
CA PHE C 9 38.24 -8.55 12.21
C PHE C 9 39.13 -8.38 13.44
N GLN C 10 40.43 -8.53 13.27
CA GLN C 10 41.39 -8.27 14.34
C GLN C 10 41.57 -6.77 14.53
N PRO C 11 42.01 -6.35 15.72
CA PRO C 11 42.12 -4.91 15.98
C PRO C 11 43.14 -4.18 15.12
N PHE C 12 44.08 -4.89 14.50
CA PHE C 12 45.13 -4.24 13.73
C PHE C 12 44.81 -4.13 12.24
N MET C 13 43.63 -4.57 11.80
CA MET C 13 43.24 -4.48 10.41
C MET C 13 42.09 -3.50 10.23
N LEU C 14 42.14 -2.74 9.15
CA LEU C 14 41.17 -1.68 8.87
C LEU C 14 40.28 -2.10 7.71
N GLU C 15 38.97 -1.92 7.87
CA GLU C 15 38.02 -2.22 6.81
C GLU C 15 37.82 -1.00 5.92
N THR C 16 37.80 -1.22 4.61
CA THR C 16 37.69 -0.16 3.63
C THR C 16 36.65 -0.52 2.59
N ARG C 17 35.94 0.49 2.09
CA ARG C 17 34.94 0.32 1.05
C ARG C 17 34.70 1.66 0.36
N PRO C 18 34.59 1.69 -0.97
CA PRO C 18 34.27 2.94 -1.65
C PRO C 18 32.87 3.43 -1.29
N PRO C 19 32.51 4.65 -1.68
CA PRO C 19 31.13 5.09 -1.48
C PRO C 19 30.15 4.14 -2.17
N LEU C 20 29.01 3.93 -1.54
CA LEU C 20 28.09 2.87 -1.94
C LEU C 20 27.51 3.08 -3.32
N THR C 21 27.63 4.28 -3.90
CA THR C 21 27.15 4.53 -5.25
C THR C 21 28.23 4.33 -6.31
N THR C 22 29.50 4.40 -5.95
CA THR C 22 30.60 4.29 -6.91
C THR C 22 31.19 2.89 -6.97
N ILE C 23 30.58 1.92 -6.31
CA ILE C 23 31.13 0.55 -6.32
C ILE C 23 31.21 -0.04 -7.73
N PRO C 24 30.16 0.04 -8.57
CA PRO C 24 30.29 -0.53 -9.92
C PRO C 24 31.40 0.11 -10.75
N ILE C 25 31.65 1.41 -10.57
CA ILE C 25 32.66 2.09 -11.38
C ILE C 25 34.06 1.64 -10.97
N MET C 26 34.30 1.46 -9.67
CA MET C 26 35.63 1.07 -9.21
C MET C 26 35.97 -0.36 -9.63
N ASP C 27 34.96 -1.18 -9.91
CA ASP C 27 35.24 -2.52 -10.42
C ASP C 27 35.86 -2.49 -11.80
N GLN C 28 35.42 -1.56 -12.66
CA GLN C 28 36.01 -1.45 -13.99
C GLN C 28 37.47 -1.03 -13.92
N LEU C 29 37.80 -0.10 -13.01
CA LEU C 29 39.18 0.33 -12.85
C LEU C 29 40.09 -0.79 -12.35
N VAL C 30 39.59 -1.65 -11.47
CA VAL C 30 40.37 -2.80 -11.03
C VAL C 30 40.65 -3.75 -12.18
N GLU C 31 39.67 -3.95 -13.07
CA GLU C 31 39.94 -4.76 -14.26
C GLU C 31 40.93 -4.07 -15.19
N ILE C 32 40.91 -2.74 -15.25
CA ILE C 32 41.90 -2.02 -16.04
C ILE C 32 43.30 -2.26 -15.47
N GLY C 33 43.44 -2.20 -14.15
CA GLY C 33 44.71 -2.52 -13.53
C GLY C 33 45.10 -3.98 -13.66
N GLU C 34 44.16 -4.90 -13.77
CA GLU C 34 44.52 -6.33 -13.99
C GLU C 34 45.04 -6.51 -15.42
N ARG C 35 44.53 -5.74 -16.38
CA ARG C 35 45.00 -5.82 -17.79
C ARG C 35 46.48 -5.42 -17.78
N SER C 36 46.82 -4.31 -17.13
CA SER C 36 48.25 -3.96 -16.97
C SER C 36 48.83 -4.91 -15.92
N ASN C 37 50.15 -4.97 -15.76
CA ASN C 37 50.68 -5.82 -14.66
C ASN C 37 50.71 -4.96 -13.39
N GLN C 38 49.62 -4.91 -12.61
CA GLN C 38 49.61 -4.03 -11.41
C GLN C 38 49.47 -4.88 -10.15
N LYS C 39 50.44 -5.76 -9.88
CA LYS C 39 50.33 -6.66 -8.72
C LYS C 39 51.75 -6.95 -8.27
N TRP C 40 52.00 -6.89 -6.97
CA TRP C 40 53.35 -7.21 -6.43
C TRP C 40 53.27 -8.54 -5.69
N SER C 41 54.32 -9.35 -5.77
CA SER C 41 54.37 -10.59 -5.01
C SER C 41 55.72 -10.69 -4.32
N MET C 42 55.91 -11.78 -3.56
CA MET C 42 57.17 -12.07 -2.91
C MET C 42 58.03 -13.04 -3.70
N THR C 43 57.58 -13.45 -4.89
CA THR C 43 58.32 -14.38 -5.72
C THR C 43 58.82 -13.76 -7.03
N ASP C 44 58.14 -12.73 -7.54
CA ASP C 44 58.60 -12.08 -8.75
C ASP C 44 59.89 -11.31 -8.48
N ARG C 45 60.54 -10.91 -9.57
CA ARG C 45 61.82 -10.22 -9.47
C ARG C 45 61.66 -8.93 -8.68
N LEU C 46 62.57 -8.71 -7.72
CA LEU C 46 62.49 -7.53 -6.87
C LEU C 46 62.62 -6.25 -7.68
N PHE C 47 63.33 -6.32 -8.81
CA PHE C 47 63.44 -5.16 -9.69
C PHE C 47 62.06 -4.74 -10.20
N PHE C 48 61.25 -5.72 -10.61
CA PHE C 48 59.89 -5.42 -11.04
C PHE C 48 58.98 -5.14 -9.85
N ALA C 49 59.11 -5.91 -8.76
CA ALA C 49 58.20 -5.80 -7.64
C ALA C 49 58.30 -4.44 -6.96
N ILE C 50 59.51 -3.93 -6.78
CA ILE C 50 59.69 -2.67 -6.06
C ILE C 50 59.13 -1.49 -6.85
N ARG C 51 58.87 -1.66 -8.14
CA ARG C 51 58.25 -0.61 -8.95
C ARG C 51 56.77 -0.42 -8.66
N LYS C 52 56.14 -1.34 -7.92
CA LYS C 52 54.70 -1.34 -7.74
C LYS C 52 54.32 -1.38 -6.25
N ILE C 53 55.18 -0.85 -5.39
CA ILE C 53 54.91 -0.74 -3.97
C ILE C 53 54.83 0.74 -3.63
N ASN C 54 53.62 1.28 -3.58
CA ASN C 54 53.39 2.70 -3.36
C ASN C 54 52.42 2.86 -2.20
N PRO C 55 52.92 2.82 -0.97
CA PRO C 55 52.04 3.01 0.19
C PRO C 55 51.41 4.39 0.19
N ILE C 56 50.17 4.46 0.67
CA ILE C 56 49.39 5.69 0.68
C ILE C 56 48.87 5.95 2.09
N PHE C 57 49.00 7.19 2.54
CA PHE C 57 48.44 7.58 3.82
C PHE C 57 46.91 7.55 3.75
N VAL C 58 46.29 7.02 4.81
CA VAL C 58 44.84 6.91 4.87
C VAL C 58 44.30 8.00 5.78
N THR C 59 43.28 8.71 5.31
CA THR C 59 42.54 9.65 6.12
C THR C 59 41.09 9.26 6.34
N SER C 60 40.55 8.39 5.50
CA SER C 60 39.19 7.88 5.63
C SER C 60 39.13 6.47 5.06
N SER C 61 38.14 5.71 5.51
CA SER C 61 37.97 4.34 5.04
C SER C 61 37.23 4.24 3.71
N GLN C 62 36.67 5.35 3.22
CA GLN C 62 35.98 5.36 1.93
C GLN C 62 37.00 5.61 0.82
N ILE C 63 37.80 4.59 0.55
CA ILE C 63 38.78 4.64 -0.52
C ILE C 63 38.71 3.37 -1.36
N PRO C 64 38.87 3.46 -2.67
CA PRO C 64 38.97 2.25 -3.49
C PRO C 64 40.28 1.53 -3.21
N SER C 65 40.25 0.21 -3.39
CA SER C 65 41.44 -0.58 -3.10
C SER C 65 41.38 -1.87 -3.89
N LYS C 66 42.57 -2.37 -4.26
CA LYS C 66 42.73 -3.66 -5.02
C LYS C 66 43.50 -4.62 -4.11
N PHE C 67 43.14 -5.91 -4.07
CA PHE C 67 43.73 -6.86 -3.09
C PHE C 67 45.23 -7.09 -3.26
N ASP C 68 45.74 -7.10 -4.51
CA ASP C 68 47.17 -7.46 -4.73
C ASP C 68 48.06 -6.23 -4.94
N TYR C 69 47.61 -5.03 -4.56
CA TYR C 69 48.46 -3.84 -4.84
C TYR C 69 48.44 -2.81 -3.72
N THR C 70 47.48 -2.86 -2.79
CA THR C 70 47.35 -1.76 -1.85
C THR C 70 47.99 -2.10 -0.51
N ILE C 71 48.79 -1.16 0.00
CA ILE C 71 49.28 -1.18 1.37
C ILE C 71 49.07 0.21 1.95
N LEU C 72 48.65 0.26 3.20
CA LEU C 72 48.18 1.50 3.81
C LEU C 72 49.09 1.96 4.94
N GLN C 73 49.08 3.27 5.16
CA GLN C 73 49.80 3.91 6.25
C GLN C 73 48.89 4.97 6.85
N MET C 74 49.17 5.29 8.12
CA MET C 74 48.42 6.38 8.80
C MET C 74 49.32 7.62 8.79
N PRO C 75 48.81 8.88 8.75
CA PRO C 75 49.68 10.06 8.83
C PRO C 75 50.47 10.12 10.12
N THR C 76 51.80 10.10 10.01
CA THR C 76 52.69 10.12 11.16
C THR C 76 53.97 10.84 10.78
N GLN C 77 54.87 10.96 11.74
CA GLN C 77 56.17 11.58 11.52
C GLN C 77 57.35 10.66 11.75
N LEU C 78 57.12 9.46 12.29
CA LEU C 78 58.20 8.50 12.49
C LEU C 78 58.63 7.90 11.16
N ILE C 79 59.88 7.46 11.11
CA ILE C 79 60.48 6.88 9.91
C ILE C 79 60.81 5.43 10.18
N ALA C 80 60.31 4.54 9.32
CA ALA C 80 60.59 3.12 9.44
C ALA C 80 61.99 2.82 8.92
N SER C 81 62.46 1.61 9.21
CA SER C 81 63.74 1.13 8.73
C SER C 81 63.52 0.02 7.71
N LEU C 82 64.64 -0.52 7.21
CA LEU C 82 64.55 -1.57 6.20
C LEU C 82 63.94 -2.85 6.77
N LYS C 83 64.34 -3.23 7.98
CA LYS C 83 63.84 -4.46 8.58
C LYS C 83 62.36 -4.36 8.89
N GLU C 84 61.90 -3.23 9.44
CA GLU C 84 60.48 -3.04 9.70
C GLU C 84 59.68 -3.07 8.40
N THR C 85 60.20 -2.43 7.36
CA THR C 85 59.50 -2.43 6.07
C THR C 85 59.38 -3.84 5.51
N LEU C 86 60.47 -4.62 5.58
CA LEU C 86 60.41 -5.98 5.07
C LEU C 86 59.45 -6.85 5.88
N LEU C 87 59.47 -6.69 7.21
CA LEU C 87 58.53 -7.43 8.04
C LEU C 87 57.08 -7.09 7.70
N PHE C 88 56.79 -5.80 7.52
CA PHE C 88 55.43 -5.40 7.20
C PHE C 88 55.02 -5.90 5.82
N LEU C 89 55.92 -5.85 4.84
CA LEU C 89 55.59 -6.33 3.50
C LEU C 89 55.30 -7.83 3.52
N ALA C 90 56.13 -8.60 4.24
CA ALA C 90 55.87 -10.03 4.36
C ALA C 90 54.55 -10.30 5.05
N PHE C 91 54.27 -9.56 6.12
CA PHE C 91 53.01 -9.72 6.86
C PHE C 91 51.82 -9.46 5.94
N SER C 92 51.87 -8.35 5.19
CA SER C 92 50.74 -8.00 4.34
C SER C 92 50.60 -8.94 3.16
N TYR C 93 51.69 -9.53 2.68
CA TYR C 93 51.57 -10.50 1.60
C TYR C 93 50.98 -11.80 2.09
N TYR C 94 51.45 -12.31 3.23
CA TYR C 94 50.93 -13.57 3.74
C TYR C 94 49.56 -13.42 4.39
N LEU C 95 49.12 -12.21 4.66
CA LEU C 95 47.81 -11.98 5.26
C LEU C 95 46.68 -11.90 4.24
N ARG C 96 47.01 -11.95 2.95
CA ARG C 96 46.00 -11.74 1.88
C ARG C 96 45.36 -13.02 1.34
N GLU C 97 45.82 -14.19 1.80
CA GLU C 97 45.17 -15.48 1.40
C GLU C 97 43.78 -15.51 2.03
N TYR C 98 43.63 -14.90 3.20
CA TYR C 98 42.35 -14.92 3.95
C TYR C 98 41.47 -13.72 3.59
N GLN C 99 41.90 -12.88 2.64
CA GLN C 99 41.04 -11.76 2.17
C GLN C 99 39.71 -12.32 1.69
N ASP C 100 38.62 -11.57 1.90
CA ASP C 100 37.25 -11.99 1.48
C ASP C 100 36.91 -11.48 0.09
N LYS C 101 37.05 -12.33 -0.93
CA LYS C 101 36.78 -11.95 -2.34
C LYS C 101 35.29 -11.72 -2.64
N VAL C 102 34.38 -12.50 -2.04
CA VAL C 102 32.91 -12.39 -2.36
C VAL C 102 32.31 -11.04 -1.97
N GLY C 103 32.70 -10.47 -0.83
CA GLY C 103 32.10 -9.22 -0.33
C GLY C 103 32.60 -7.96 -1.01
N GLN C 104 31.94 -6.83 -0.73
CA GLN C 104 32.33 -5.52 -1.31
C GLN C 104 33.33 -4.80 -0.40
N MET C 105 33.65 -5.36 0.77
CA MET C 105 34.53 -4.65 1.73
C MET C 105 35.87 -5.37 1.81
N LYS C 106 36.97 -4.62 1.88
CA LYS C 106 38.33 -5.20 1.92
C LYS C 106 39.01 -4.79 3.23
N PHE C 107 39.86 -5.65 3.80
CA PHE C 107 40.55 -5.43 5.06
C PHE C 107 42.05 -5.39 4.81
N TYR C 108 42.73 -4.43 5.43
CA TYR C 108 44.16 -4.24 5.23
C TYR C 108 44.82 -3.81 6.53
N PRO C 109 45.97 -4.39 6.87
CA PRO C 109 46.74 -3.87 8.00
C PRO C 109 47.29 -2.49 7.69
N VAL C 110 47.41 -1.65 8.73
CA VAL C 110 47.94 -0.27 8.54
C VAL C 110 49.39 -0.23 9.04
N ALA C 111 50.25 0.58 8.41
CA ALA C 111 51.66 0.70 8.85
C ALA C 111 51.79 1.92 9.76
N MET C 112 52.24 1.72 10.99
CA MET C 112 52.36 2.84 11.97
C MET C 112 53.45 3.81 11.52
N LYS C 113 54.54 3.30 10.93
CA LYS C 113 55.66 4.20 10.53
C LYS C 113 55.64 4.45 9.02
N ASN C 114 56.24 5.57 8.58
CA ASN C 114 56.32 5.90 7.16
C ASN C 114 57.36 5.01 6.48
N MET C 115 56.91 4.28 5.46
CA MET C 115 57.79 3.41 4.69
C MET C 115 58.19 3.99 3.34
N ILE C 116 57.68 5.18 3.00
CA ILE C 116 57.99 5.76 1.69
C ILE C 116 59.48 6.06 1.53
N PRO C 117 60.17 6.70 2.49
CA PRO C 117 61.61 6.93 2.30
C PRO C 117 62.40 5.65 2.08
N ILE C 118 62.07 4.58 2.81
CA ILE C 118 62.79 3.32 2.66
C ILE C 118 62.51 2.71 1.29
N VAL C 119 61.26 2.79 0.82
CA VAL C 119 60.93 2.24 -0.48
C VAL C 119 61.66 3.00 -1.58
N ASN C 120 61.71 4.33 -1.49
CA ASN C 120 62.43 5.12 -2.48
C ASN C 120 63.92 4.80 -2.45
N TYR C 121 64.49 4.69 -1.24
CA TYR C 121 65.90 4.35 -1.09
C TYR C 121 66.21 3.01 -1.74
N LEU C 122 65.37 2.00 -1.48
CA LEU C 122 65.58 0.69 -2.09
C LEU C 122 65.42 0.74 -3.60
N LYS C 123 64.41 1.47 -4.08
CA LYS C 123 64.15 1.51 -5.52
C LYS C 123 65.27 2.19 -6.28
N ASP C 124 65.94 3.16 -5.65
CA ASP C 124 67.04 3.85 -6.34
C ASP C 124 68.23 2.94 -6.64
N ARG C 125 68.41 1.86 -5.90
CA ARG C 125 69.65 1.08 -5.96
C ARG C 125 69.37 -0.42 -6.05
N VAL C 126 68.51 -0.83 -6.96
CA VAL C 126 68.24 -2.24 -7.23
C VAL C 126 68.50 -2.52 -8.70
N HIS C 127 69.27 -3.57 -8.97
CA HIS C 127 69.63 -3.97 -10.32
C HIS C 127 68.72 -5.10 -10.81
N ASN C 128 68.72 -5.29 -12.12
CA ASN C 128 67.82 -6.25 -12.78
C ASN C 128 68.47 -7.63 -12.81
N ASN C 129 68.48 -8.27 -11.64
CA ASN C 129 68.97 -9.64 -11.53
C ASN C 129 67.81 -10.62 -11.69
N PHE C 130 68.13 -11.82 -12.16
CA PHE C 130 67.12 -12.80 -12.50
C PHE C 130 66.67 -13.65 -11.32
N ASP C 131 67.35 -13.58 -10.17
CA ASP C 131 67.07 -14.48 -9.07
C ASP C 131 66.71 -13.80 -7.76
N THR C 132 67.03 -12.51 -7.60
CA THR C 132 66.70 -11.82 -6.36
C THR C 132 65.19 -11.63 -6.26
N THR C 133 64.64 -12.00 -5.11
CA THR C 133 63.21 -11.87 -4.85
C THR C 133 63.02 -11.12 -3.53
N LEU C 134 61.77 -10.71 -3.28
CA LEU C 134 61.46 -10.04 -2.03
C LEU C 134 61.61 -10.98 -0.84
N GLU C 135 61.19 -12.24 -1.00
CA GLU C 135 61.36 -13.22 0.06
C GLU C 135 62.83 -13.46 0.36
N GLN C 136 63.67 -13.46 -0.69
CA GLN C 136 65.11 -13.59 -0.48
C GLN C 136 65.66 -12.44 0.33
N ALA C 137 65.25 -11.21 0.00
CA ALA C 137 65.71 -10.05 0.77
C ALA C 137 65.25 -10.14 2.21
N TYR C 138 64.01 -10.57 2.43
CA TYR C 138 63.51 -10.74 3.79
C TYR C 138 64.35 -11.75 4.56
N ARG C 139 64.65 -12.88 3.92
CA ARG C 139 65.43 -13.92 4.60
C ARG C 139 66.85 -13.45 4.91
N GLN C 140 67.47 -12.69 4.00
CA GLN C 140 68.83 -12.23 4.26
C GLN C 140 68.88 -11.11 5.29
N ASN C 141 67.84 -10.29 5.38
CA ASN C 141 67.89 -9.11 6.25
C ASN C 141 67.30 -9.34 7.63
N VAL C 142 66.18 -10.03 7.74
CA VAL C 142 65.49 -10.16 9.03
C VAL C 142 65.88 -11.45 9.74
N VAL C 143 65.78 -12.58 9.04
CA VAL C 143 65.98 -13.87 9.68
C VAL C 143 67.43 -14.06 10.11
N HIS C 144 68.37 -13.69 9.25
CA HIS C 144 69.77 -14.03 9.46
C HIS C 144 70.53 -12.97 10.27
N THR C 145 69.90 -11.86 10.64
CA THR C 145 70.58 -10.81 11.37
C THR C 145 69.89 -10.44 12.67
N LEU C 146 68.74 -11.04 12.98
CA LEU C 146 67.99 -10.72 14.18
C LEU C 146 67.56 -11.99 14.88
N SER C 147 67.34 -11.89 16.19
CA SER C 147 66.70 -12.95 16.93
C SER C 147 65.19 -12.90 16.70
N ALA C 148 64.52 -14.01 16.98
CA ALA C 148 63.08 -14.07 16.76
C ALA C 148 62.34 -13.07 17.65
N SER C 149 62.79 -12.92 18.90
CA SER C 149 62.14 -11.99 19.82
C SER C 149 62.27 -10.55 19.35
N ASP C 150 63.45 -10.15 18.87
CA ASP C 150 63.64 -8.79 18.40
C ASP C 150 62.79 -8.51 17.17
N ALA C 151 62.73 -9.46 16.23
CA ALA C 151 61.91 -9.29 15.05
C ALA C 151 60.42 -9.23 15.40
N PHE C 152 59.99 -10.05 16.36
CA PHE C 152 58.60 -10.00 16.80
C PHE C 152 58.28 -8.66 17.45
N ASP C 153 59.22 -8.13 18.24
CA ASP C 153 59.01 -6.82 18.84
C ASP C 153 58.93 -5.74 17.77
N LEU C 154 59.78 -5.83 16.74
CA LEU C 154 59.70 -4.87 15.63
C LEU C 154 58.36 -4.97 14.92
N LEU C 155 57.88 -6.18 14.65
CA LEU C 155 56.59 -6.34 14.00
C LEU C 155 55.46 -5.79 14.85
N SER C 156 55.51 -6.04 16.16
CA SER C 156 54.49 -5.52 17.05
C SER C 156 54.51 -4.00 17.08
N GLY C 157 55.69 -3.39 17.07
CA GLY C 157 55.79 -1.95 17.01
C GLY C 157 55.42 -1.37 15.66
N MET C 158 55.33 -2.20 14.62
CA MET C 158 55.00 -1.72 13.24
C MET C 158 53.48 -1.75 13.05
N ILE C 159 52.75 -2.37 13.97
CA ILE C 159 51.26 -2.35 13.96
C ILE C 159 50.87 -1.76 15.31
N ALA C 160 49.60 -1.43 15.53
CA ALA C 160 49.24 -0.75 16.80
C ALA C 160 49.45 -1.66 18.02
N THR C 161 49.09 -2.94 17.92
CA THR C 161 49.11 -3.86 19.08
C THR C 161 50.51 -4.08 19.68
N THR C 162 50.61 -4.24 21.00
CA THR C 162 51.90 -4.49 21.70
C THR C 162 52.27 -5.97 21.62
N ARG C 163 53.50 -6.33 21.98
CA ARG C 163 53.97 -7.73 21.87
C ARG C 163 53.00 -8.68 22.59
N LEU C 164 52.58 -8.34 23.80
CA LEU C 164 51.71 -9.25 24.59
C LEU C 164 50.39 -9.43 23.85
N ASP C 165 49.91 -8.39 23.17
CA ASP C 165 48.66 -8.45 22.43
C ASP C 165 48.75 -9.42 21.26
N LEU C 166 49.86 -9.40 20.52
CA LEU C 166 50.02 -10.37 19.44
C LEU C 166 50.04 -11.80 19.98
N ILE C 167 50.78 -12.03 21.06
CA ILE C 167 50.88 -13.38 21.61
C ILE C 167 49.51 -13.86 22.08
N GLN C 168 48.70 -12.94 22.62
CA GLN C 168 47.36 -13.31 23.08
C GLN C 168 46.42 -13.58 21.91
N ARG C 169 46.42 -12.69 20.91
CA ARG C 169 45.49 -12.84 19.79
C ARG C 169 45.85 -14.04 18.92
N THR C 170 47.11 -14.46 18.94
CA THR C 170 47.50 -15.63 18.16
C THR C 170 46.80 -16.90 18.65
N ARG C 171 46.40 -16.94 19.93
CA ARG C 171 45.80 -18.15 20.46
C ARG C 171 44.33 -18.31 20.08
N ILE C 172 43.65 -17.22 19.75
CA ILE C 172 42.22 -17.25 19.45
C ILE C 172 41.96 -17.64 18.01
N CYS C 173 42.64 -16.99 17.06
CA CYS C 173 42.47 -17.30 15.66
C CYS C 173 43.65 -18.13 15.15
N PRO C 174 43.40 -19.32 14.62
CA PRO C 174 44.51 -20.11 14.04
C PRO C 174 45.03 -19.53 12.73
N GLU C 175 44.25 -18.69 12.04
CA GLU C 175 44.73 -18.11 10.80
C GLU C 175 45.93 -17.21 11.05
N LEU C 176 45.93 -16.47 12.15
CA LEU C 176 47.10 -15.66 12.50
C LEU C 176 48.31 -16.53 12.80
N LEU C 177 48.09 -17.68 13.45
CA LEU C 177 49.19 -18.60 13.69
C LEU C 177 49.79 -19.11 12.39
N ASN C 178 48.92 -19.47 11.42
CA ASN C 178 49.43 -19.90 10.12
C ASN C 178 50.18 -18.77 9.42
N VAL C 179 49.65 -17.55 9.50
CA VAL C 179 50.30 -16.41 8.86
C VAL C 179 51.69 -16.21 9.44
N LEU C 180 51.81 -16.26 10.77
CA LEU C 180 53.12 -16.09 11.40
C LEU C 180 54.05 -17.26 11.09
N ASN C 181 53.51 -18.47 10.94
CA ASN C 181 54.34 -19.60 10.55
C ASN C 181 54.91 -19.41 9.15
N LYS C 182 54.11 -18.83 8.24
CA LYS C 182 54.63 -18.54 6.91
C LYS C 182 55.80 -17.56 6.95
N MET C 183 55.79 -16.64 7.91
CA MET C 183 56.89 -15.70 8.12
C MET C 183 58.05 -16.31 8.88
N SER C 184 58.08 -17.64 9.01
CA SER C 184 59.15 -18.36 9.71
C SER C 184 59.22 -17.97 11.19
N PHE C 185 58.10 -18.11 11.89
CA PHE C 185 58.02 -17.88 13.31
C PHE C 185 57.53 -19.15 14.00
N ILE C 186 58.05 -19.40 15.20
CA ILE C 186 57.65 -20.56 16.00
C ILE C 186 57.30 -20.08 17.40
N LEU C 187 56.16 -20.54 17.91
CA LEU C 187 55.71 -20.24 19.26
C LEU C 187 55.68 -21.54 20.07
N ILE C 188 56.32 -21.52 21.24
CA ILE C 188 56.33 -22.66 22.16
C ILE C 188 55.66 -22.22 23.44
N TYR C 189 54.66 -22.98 23.88
CA TYR C 189 53.89 -22.66 25.08
C TYR C 189 54.17 -23.68 26.16
N ALA C 190 54.54 -23.20 27.34
CA ALA C 190 54.80 -24.05 28.49
C ALA C 190 54.13 -23.47 29.72
N PRO C 191 53.66 -24.32 30.63
CA PRO C 191 52.99 -23.80 31.83
C PRO C 191 53.92 -22.96 32.69
N ASN C 192 53.34 -21.94 33.33
CA ASN C 192 54.03 -21.07 34.29
C ASN C 192 55.19 -20.30 33.66
N ARG C 193 55.17 -20.08 32.35
CA ARG C 193 56.23 -19.37 31.66
C ARG C 193 55.65 -18.43 30.63
N PRO C 194 56.32 -17.32 30.34
CA PRO C 194 55.99 -16.54 29.15
C PRO C 194 56.46 -17.27 27.90
N SER C 195 55.81 -16.95 26.79
CA SER C 195 56.11 -17.61 25.52
C SER C 195 57.49 -17.22 25.01
N ILE C 196 58.18 -18.18 24.42
CA ILE C 196 59.47 -17.95 23.79
C ILE C 196 59.32 -18.07 22.29
N LEU C 197 60.16 -17.36 21.56
CA LEU C 197 60.09 -17.26 20.11
C LEU C 197 61.38 -17.77 19.48
N SER C 198 61.24 -18.45 18.35
CA SER C 198 62.38 -18.96 17.60
C SER C 198 62.04 -18.97 16.12
N TRP C 199 63.07 -18.92 15.29
CA TRP C 199 62.88 -19.08 13.86
C TRP C 199 62.61 -20.54 13.52
N LYS C 200 62.03 -20.76 12.34
CA LYS C 200 61.74 -22.13 11.92
C LYS C 200 63.01 -22.91 11.62
N ASN C 201 64.06 -22.22 11.14
CA ASN C 201 65.29 -22.91 10.78
C ASN C 201 65.95 -23.57 11.99
N GLN C 202 65.91 -22.91 13.15
CA GLN C 202 66.55 -23.41 14.35
C GLN C 202 65.59 -24.22 15.22
N SER C 203 64.51 -24.73 14.65
CA SER C 203 63.57 -25.54 15.41
C SER C 203 63.05 -26.71 14.58
N MET D 1 -12.02 13.43 -44.07
CA MET D 1 -11.65 12.12 -44.67
C MET D 1 -12.42 11.95 -45.99
N ASN D 2 -11.85 11.19 -46.93
CA ASN D 2 -12.55 10.91 -48.22
C ASN D 2 -13.84 10.14 -47.91
N TRP D 3 -13.77 9.20 -46.97
CA TRP D 3 -14.96 8.39 -46.57
C TRP D 3 -16.10 9.32 -46.11
N SER D 4 -15.75 10.45 -45.50
CA SER D 4 -16.77 11.41 -45.01
C SER D 4 -17.42 12.10 -46.21
N LYS D 5 -17.23 11.57 -47.42
CA LYS D 5 -17.77 12.20 -48.67
C LYS D 5 -17.26 13.65 -48.78
N ALA D 6 -18.08 14.56 -49.29
CA ALA D 6 -17.68 15.99 -49.40
C ALA D 6 -18.70 16.87 -48.68
N ILE D 7 -19.71 16.25 -48.06
CA ILE D 7 -20.79 17.05 -47.40
C ILE D 7 -20.28 17.60 -46.06
N ASN D 8 -19.38 16.88 -45.40
CA ASN D 8 -18.86 17.29 -44.10
C ASN D 8 -17.98 18.52 -44.16
N PHE D 9 -17.56 18.96 -45.34
CA PHE D 9 -16.64 20.07 -45.48
C PHE D 9 -17.29 21.26 -46.19
N GLN D 10 -18.61 21.36 -46.10
CA GLN D 10 -19.35 22.44 -46.71
C GLN D 10 -19.18 23.70 -45.88
N PRO D 11 -19.42 24.88 -46.46
CA PRO D 11 -19.21 26.12 -45.69
C PRO D 11 -20.05 26.23 -44.43
N PHE D 12 -21.22 25.60 -44.39
CA PHE D 12 -22.14 25.75 -43.27
C PHE D 12 -21.90 24.74 -42.16
N MET D 13 -20.90 23.88 -42.29
CA MET D 13 -20.60 22.87 -41.27
C MET D 13 -19.24 23.16 -40.65
N LEU D 14 -19.18 23.05 -39.32
CA LEU D 14 -18.00 23.41 -38.55
C LEU D 14 -17.44 22.16 -37.89
N GLU D 15 -16.11 22.01 -37.94
CA GLU D 15 -15.43 20.85 -37.39
C GLU D 15 -14.93 21.14 -35.98
N THR D 16 -15.07 20.16 -35.09
CA THR D 16 -14.70 20.29 -33.70
C THR D 16 -13.84 19.11 -33.28
N ARG D 17 -12.84 19.38 -32.43
CA ARG D 17 -11.98 18.34 -31.89
C ARG D 17 -11.33 18.85 -30.61
N PRO D 18 -11.43 18.12 -29.50
CA PRO D 18 -10.94 18.63 -28.22
C PRO D 18 -9.43 18.75 -28.21
N PRO D 19 -8.85 19.32 -27.14
CA PRO D 19 -7.38 19.35 -27.04
C PRO D 19 -6.81 17.93 -27.04
N LEU D 20 -5.62 17.80 -27.62
CA LEU D 20 -5.05 16.48 -27.88
C LEU D 20 -4.80 15.70 -26.59
N THR D 21 -4.38 16.40 -25.54
CA THR D 21 -4.06 15.70 -24.29
C THR D 21 -5.31 15.16 -23.61
N THR D 22 -6.47 15.77 -23.86
CA THR D 22 -7.71 15.38 -23.20
C THR D 22 -8.56 14.41 -24.03
N ILE D 23 -8.08 14.00 -25.20
CA ILE D 23 -8.87 13.09 -26.04
C ILE D 23 -9.16 11.76 -25.36
N PRO D 24 -8.19 11.08 -24.73
CA PRO D 24 -8.55 9.83 -24.03
C PRO D 24 -9.59 10.02 -22.93
N ILE D 25 -9.56 11.15 -22.22
CA ILE D 25 -10.52 11.38 -21.15
C ILE D 25 -11.92 11.60 -21.72
N MET D 26 -12.01 12.38 -22.79
CA MET D 26 -13.32 12.68 -23.37
C MET D 26 -13.97 11.42 -23.95
N ASP D 27 -13.15 10.49 -24.42
CA ASP D 27 -13.69 9.25 -25.00
C ASP D 27 -14.42 8.42 -23.96
N GLN D 28 -13.90 8.37 -22.73
CA GLN D 28 -14.54 7.56 -21.70
C GLN D 28 -15.71 8.27 -21.04
N LEU D 29 -15.83 9.60 -21.18
CA LEU D 29 -17.02 10.28 -20.71
C LEU D 29 -18.21 10.04 -21.63
N VAL D 30 -17.98 10.10 -22.94
CA VAL D 30 -19.08 9.85 -23.86
C VAL D 30 -19.51 8.39 -23.81
N GLU D 31 -18.62 7.49 -23.39
CA GLU D 31 -19.04 6.10 -23.18
C GLU D 31 -20.08 6.01 -22.07
N ILE D 32 -19.84 6.70 -20.96
CA ILE D 32 -20.87 6.82 -19.93
C ILE D 32 -22.09 7.52 -20.51
N GLY D 33 -21.89 8.37 -21.54
CA GLY D 33 -23.01 8.96 -22.23
C GLY D 33 -23.90 7.93 -22.90
N GLU D 34 -23.30 7.02 -23.69
CA GLU D 34 -24.13 5.99 -24.33
C GLU D 34 -24.64 4.96 -23.34
N ARG D 35 -23.96 4.78 -22.21
CA ARG D 35 -24.50 3.89 -21.18
C ARG D 35 -25.83 4.43 -20.66
N SER D 36 -25.90 5.74 -20.42
CA SER D 36 -27.17 6.41 -20.20
C SER D 36 -27.87 6.61 -21.54
N ASN D 37 -29.09 7.15 -21.49
CA ASN D 37 -29.83 7.45 -22.71
C ASN D 37 -29.65 8.91 -23.12
N GLN D 38 -28.39 9.36 -23.25
CA GLN D 38 -28.11 10.76 -23.56
C GLN D 38 -28.12 11.01 -25.07
N LYS D 39 -29.27 10.73 -25.69
CA LYS D 39 -29.44 10.96 -27.11
C LYS D 39 -30.91 11.21 -27.41
N TRP D 40 -31.17 11.84 -28.54
CA TRP D 40 -32.51 12.15 -28.99
C TRP D 40 -32.66 11.78 -30.45
N SER D 41 -33.90 11.51 -30.86
CA SER D 41 -34.22 11.15 -32.23
C SER D 41 -35.47 11.91 -32.66
N MET D 42 -35.91 11.66 -33.90
CA MET D 42 -37.19 12.18 -34.36
C MET D 42 -38.33 11.22 -34.08
N THR D 43 -38.08 9.92 -34.10
CA THR D 43 -39.12 8.91 -33.88
C THR D 43 -39.20 8.53 -32.40
N ASP D 44 -39.29 9.52 -31.52
CA ASP D 44 -39.41 9.26 -30.10
C ASP D 44 -40.31 10.32 -29.45
N ARG D 45 -40.87 9.96 -28.32
CA ARG D 45 -41.81 10.84 -27.64
C ARG D 45 -41.09 12.09 -27.14
N LEU D 46 -41.77 13.23 -27.28
CA LEU D 46 -41.15 14.51 -26.93
C LEU D 46 -41.04 14.70 -25.42
N PHE D 47 -41.77 13.91 -24.63
CA PHE D 47 -41.90 14.17 -23.20
C PHE D 47 -40.54 14.17 -22.51
N PHE D 48 -39.68 13.21 -22.85
CA PHE D 48 -38.31 13.22 -22.36
C PHE D 48 -37.29 13.73 -23.38
N ALA D 49 -37.53 13.49 -24.67
CA ALA D 49 -36.58 13.94 -25.67
C ALA D 49 -36.41 15.45 -25.69
N ILE D 50 -37.41 16.20 -25.21
CA ILE D 50 -37.25 17.65 -25.16
C ILE D 50 -36.21 18.06 -24.12
N ARG D 51 -35.96 17.20 -23.13
CA ARG D 51 -34.99 17.55 -22.09
C ARG D 51 -33.57 17.53 -22.62
N LYS D 52 -33.29 16.66 -23.59
CA LYS D 52 -31.93 16.42 -24.07
C LYS D 52 -31.60 17.19 -25.34
N ILE D 53 -32.24 18.32 -25.56
CA ILE D 53 -31.96 19.19 -26.70
C ILE D 53 -31.46 20.50 -26.12
N ASN D 54 -30.13 20.68 -26.10
CA ASN D 54 -29.48 21.81 -25.45
C ASN D 54 -28.47 22.44 -26.38
N PRO D 55 -28.90 23.30 -27.30
CA PRO D 55 -27.95 23.97 -28.18
C PRO D 55 -27.01 24.88 -27.40
N ILE D 56 -25.77 24.99 -27.88
CA ILE D 56 -24.74 25.79 -27.22
C ILE D 56 -24.09 26.71 -28.25
N PHE D 57 -23.48 27.79 -27.76
CA PHE D 57 -22.80 28.73 -28.62
C PHE D 57 -21.36 28.27 -28.87
N VAL D 58 -20.92 28.35 -30.12
CA VAL D 58 -19.57 27.92 -30.48
C VAL D 58 -18.66 29.14 -30.44
N THR D 59 -18.02 29.34 -29.28
CA THR D 59 -16.95 30.34 -29.19
C THR D 59 -15.69 29.82 -29.86
N SER D 60 -15.34 28.56 -29.63
CA SER D 60 -14.14 27.96 -30.20
C SER D 60 -14.49 26.55 -30.69
N SER D 61 -13.68 26.06 -31.63
CA SER D 61 -13.92 24.73 -32.19
C SER D 61 -13.36 23.63 -31.31
N GLN D 62 -12.52 23.98 -30.33
CA GLN D 62 -11.91 22.97 -29.45
C GLN D 62 -12.87 22.65 -28.31
N ILE D 63 -13.93 21.94 -28.66
CA ILE D 63 -14.94 21.54 -27.67
C ILE D 63 -15.25 20.06 -27.82
N PRO D 64 -15.40 19.28 -26.71
CA PRO D 64 -15.81 17.87 -26.83
C PRO D 64 -17.29 17.70 -27.19
N SER D 65 -17.64 16.56 -27.80
CA SER D 65 -19.04 16.40 -28.26
C SER D 65 -19.49 14.97 -28.44
N LYS D 66 -20.80 14.71 -28.36
CA LYS D 66 -21.36 13.37 -28.68
C LYS D 66 -22.16 13.56 -29.96
N PHE D 67 -21.98 12.72 -30.97
CA PHE D 67 -22.63 12.95 -32.29
C PHE D 67 -24.16 12.91 -32.18
N ASP D 68 -24.70 12.17 -31.22
CA ASP D 68 -26.17 12.00 -31.08
C ASP D 68 -26.77 13.01 -30.08
N TYR D 69 -26.03 14.00 -29.60
CA TYR D 69 -26.56 14.90 -28.54
C TYR D 69 -26.16 16.35 -28.81
N THR D 70 -25.19 16.60 -29.70
CA THR D 70 -24.65 17.98 -29.85
C THR D 70 -25.38 18.82 -30.90
N ILE D 71 -25.75 20.06 -30.53
CA ILE D 71 -26.41 21.02 -31.48
C ILE D 71 -25.68 22.34 -31.29
N LEU D 72 -25.20 22.98 -32.37
CA LEU D 72 -24.41 24.18 -32.20
C LEU D 72 -25.17 25.43 -32.66
N GLN D 73 -24.73 26.58 -32.16
CA GLN D 73 -25.31 27.86 -32.49
C GLN D 73 -24.21 28.89 -32.73
N MET D 74 -24.48 29.84 -33.59
CA MET D 74 -23.59 30.99 -33.75
C MET D 74 -23.96 32.07 -32.74
N PRO D 75 -22.96 32.72 -32.12
CA PRO D 75 -23.27 33.73 -31.11
C PRO D 75 -23.85 35.01 -31.69
N THR D 76 -25.15 35.00 -31.97
CA THR D 76 -25.86 36.15 -32.54
C THR D 76 -26.96 36.59 -31.60
N GLN D 77 -27.71 37.61 -32.03
CA GLN D 77 -28.82 38.14 -31.26
C GLN D 77 -30.18 37.89 -31.89
N LEU D 78 -30.22 37.46 -33.15
CA LEU D 78 -31.49 37.12 -33.79
C LEU D 78 -32.11 35.90 -33.13
N ILE D 79 -33.44 35.90 -33.00
CA ILE D 79 -34.19 34.82 -32.37
C ILE D 79 -35.01 34.13 -33.45
N ALA D 80 -34.87 32.81 -33.54
CA ALA D 80 -35.58 32.04 -34.55
C ALA D 80 -37.00 31.71 -34.09
N SER D 81 -37.80 31.23 -35.02
CA SER D 81 -39.17 30.83 -34.75
C SER D 81 -39.24 29.32 -34.51
N LEU D 82 -40.46 28.82 -34.35
CA LEU D 82 -40.64 27.40 -34.05
C LEU D 82 -40.41 26.55 -35.30
N LYS D 83 -40.92 27.00 -36.45
CA LYS D 83 -40.74 26.24 -37.69
C LYS D 83 -39.27 26.15 -38.07
N GLU D 84 -38.52 27.25 -37.92
CA GLU D 84 -37.10 27.22 -38.17
C GLU D 84 -36.38 26.24 -37.24
N THR D 85 -36.77 26.24 -35.96
CA THR D 85 -36.18 25.32 -35.00
C THR D 85 -36.41 23.87 -35.41
N LEU D 86 -37.64 23.53 -35.81
CA LEU D 86 -37.93 22.16 -36.20
C LEU D 86 -37.20 21.78 -37.48
N LEU D 87 -37.13 22.71 -38.44
CA LEU D 87 -36.41 22.43 -39.67
C LEU D 87 -34.93 22.16 -39.41
N PHE D 88 -34.31 22.97 -38.55
CA PHE D 88 -32.91 22.75 -38.22
C PHE D 88 -32.72 21.45 -37.46
N LEU D 89 -33.63 21.11 -36.54
CA LEU D 89 -33.50 19.86 -35.82
C LEU D 89 -33.59 18.66 -36.75
N ALA D 90 -34.53 18.68 -37.69
CA ALA D 90 -34.63 17.59 -38.65
C ALA D 90 -33.39 17.51 -39.53
N PHE D 91 -32.88 18.66 -39.98
CA PHE D 91 -31.68 18.68 -40.79
C PHE D 91 -30.49 18.06 -40.04
N SER D 92 -30.30 18.49 -38.79
CA SER D 92 -29.17 17.99 -38.01
C SER D 92 -29.31 16.51 -37.70
N TYR D 93 -30.54 16.03 -37.46
CA TYR D 93 -30.72 14.61 -37.20
C TYR D 93 -30.41 13.78 -38.44
N TYR D 94 -30.98 14.16 -39.58
CA TYR D 94 -30.78 13.36 -40.78
C TYR D 94 -29.41 13.54 -41.40
N LEU D 95 -28.66 14.55 -40.97
CA LEU D 95 -27.32 14.78 -41.50
C LEU D 95 -26.24 13.97 -40.79
N ARG D 96 -26.56 13.30 -39.68
CA ARG D 96 -25.54 12.67 -38.85
C ARG D 96 -25.35 11.19 -39.15
N GLU D 97 -25.95 10.66 -40.21
CA GLU D 97 -25.57 9.32 -40.63
C GLU D 97 -24.45 9.34 -41.65
N TYR D 98 -23.96 10.51 -42.02
CA TYR D 98 -22.72 10.68 -42.77
C TYR D 98 -21.57 11.13 -41.88
N GLN D 99 -21.76 11.11 -40.56
CA GLN D 99 -20.69 11.48 -39.65
C GLN D 99 -19.53 10.50 -39.77
N ASP D 100 -18.31 11.02 -39.70
CA ASP D 100 -17.11 10.19 -39.82
C ASP D 100 -16.72 9.73 -38.42
N LYS D 101 -17.00 8.46 -38.11
CA LYS D 101 -16.87 7.93 -36.77
C LYS D 101 -15.50 7.30 -36.49
N VAL D 102 -14.65 7.25 -37.53
CA VAL D 102 -13.28 6.68 -37.37
C VAL D 102 -12.35 7.85 -37.03
N GLY D 103 -12.32 8.88 -37.88
CA GLY D 103 -11.53 10.08 -37.59
C GLY D 103 -12.07 10.79 -36.36
N GLN D 104 -11.18 11.31 -35.50
CA GLN D 104 -11.61 11.97 -34.24
C GLN D 104 -12.42 13.23 -34.55
N MET D 105 -12.08 13.94 -35.63
CA MET D 105 -12.75 15.23 -35.95
C MET D 105 -14.23 15.08 -36.36
N LYS D 106 -15.15 15.51 -35.48
CA LYS D 106 -16.58 15.54 -35.77
C LYS D 106 -16.95 16.82 -36.51
N PHE D 107 -18.02 16.72 -37.30
CA PHE D 107 -18.55 17.85 -38.07
C PHE D 107 -20.02 18.03 -37.72
N TYR D 108 -20.41 19.26 -37.41
CA TYR D 108 -21.80 19.58 -37.11
C TYR D 108 -22.24 20.81 -37.87
N PRO D 109 -23.50 20.87 -38.27
CA PRO D 109 -24.04 22.12 -38.82
C PRO D 109 -24.24 23.15 -37.71
N VAL D 110 -24.14 24.42 -38.08
CA VAL D 110 -24.24 25.52 -37.14
C VAL D 110 -25.46 26.37 -37.51
N ALA D 111 -26.33 26.60 -36.53
CA ALA D 111 -27.52 27.41 -36.75
C ALA D 111 -27.17 28.88 -36.72
N MET D 112 -27.78 29.67 -37.61
CA MET D 112 -27.41 31.12 -37.69
C MET D 112 -28.38 31.96 -36.84
N LYS D 113 -29.34 31.34 -36.17
CA LYS D 113 -30.26 32.07 -35.30
C LYS D 113 -30.37 31.36 -33.97
N ASN D 114 -30.74 32.12 -32.94
CA ASN D 114 -30.84 31.57 -31.59
C ASN D 114 -32.03 30.60 -31.51
N MET D 115 -31.81 29.49 -30.81
CA MET D 115 -32.81 28.44 -30.66
C MET D 115 -33.18 28.20 -29.21
N ILE D 116 -32.54 28.90 -28.26
CA ILE D 116 -32.81 28.67 -26.85
C ILE D 116 -34.24 29.02 -26.45
N PRO D 117 -34.80 30.19 -26.81
CA PRO D 117 -36.16 30.49 -26.36
C PRO D 117 -37.21 29.49 -26.82
N ILE D 118 -37.12 29.01 -28.05
CA ILE D 118 -38.11 28.06 -28.54
C ILE D 118 -37.97 26.72 -27.82
N VAL D 119 -36.74 26.30 -27.56
CA VAL D 119 -36.52 25.06 -26.82
C VAL D 119 -37.08 25.18 -25.42
N ASN D 120 -36.86 26.31 -24.75
CA ASN D 120 -37.42 26.50 -23.42
C ASN D 120 -38.94 26.52 -23.46
N TYR D 121 -39.52 27.16 -24.48
CA TYR D 121 -40.98 27.20 -24.61
C TYR D 121 -41.55 25.79 -24.74
N LEU D 122 -40.96 24.98 -25.61
CA LEU D 122 -41.43 23.61 -25.78
C LEU D 122 -41.23 22.79 -24.52
N LYS D 123 -40.09 22.99 -23.83
CA LYS D 123 -39.80 22.22 -22.63
C LYS D 123 -40.72 22.57 -21.49
N ASP D 124 -41.17 23.83 -21.41
CA ASP D 124 -42.12 24.23 -20.38
C ASP D 124 -43.57 24.00 -20.78
N ARG D 125 -43.85 23.74 -22.06
CA ARG D 125 -45.20 23.56 -22.55
C ARG D 125 -45.55 22.08 -22.75
N VAL D 126 -44.72 21.18 -22.22
CA VAL D 126 -44.89 19.76 -22.46
C VAL D 126 -45.36 19.08 -21.18
N HIS D 127 -46.34 18.17 -21.26
CA HIS D 127 -46.89 17.53 -20.03
C HIS D 127 -46.78 16.00 -20.07
N ASN D 128 -47.22 15.30 -19.03
CA ASN D 128 -47.12 13.81 -18.99
C ASN D 128 -48.16 13.16 -19.89
N ASN D 129 -49.36 13.74 -19.98
CA ASN D 129 -50.48 13.15 -20.77
C ASN D 129 -50.19 13.14 -22.28
N PHE D 130 -49.59 14.19 -22.84
CA PHE D 130 -49.40 14.30 -24.31
C PHE D 130 -48.44 13.24 -24.86
N ASP D 131 -48.71 12.73 -26.07
CA ASP D 131 -47.88 11.69 -26.70
C ASP D 131 -47.21 12.20 -27.98
N THR D 132 -47.07 13.52 -28.14
CA THR D 132 -46.51 14.08 -29.39
C THR D 132 -45.06 13.63 -29.57
N THR D 133 -44.65 13.35 -30.82
CA THR D 133 -43.25 12.97 -31.11
C THR D 133 -42.59 14.12 -31.87
N LEU D 134 -41.26 14.20 -31.87
CA LEU D 134 -40.53 15.23 -32.59
C LEU D 134 -40.87 15.21 -34.07
N GLU D 135 -40.98 14.02 -34.65
CA GLU D 135 -41.36 13.92 -36.06
C GLU D 135 -42.78 14.42 -36.30
N GLN D 136 -43.70 14.08 -35.40
CA GLN D 136 -45.07 14.57 -35.53
C GLN D 136 -45.14 16.08 -35.40
N ALA D 137 -44.40 16.65 -34.46
CA ALA D 137 -44.35 18.10 -34.34
C ALA D 137 -43.81 18.73 -35.61
N TYR D 138 -42.75 18.15 -36.17
CA TYR D 138 -42.21 18.65 -37.44
C TYR D 138 -43.27 18.61 -38.53
N ARG D 139 -43.99 17.49 -38.64
CA ARG D 139 -45.01 17.37 -39.68
C ARG D 139 -46.09 18.43 -39.51
N GLN D 140 -46.70 18.49 -38.33
CA GLN D 140 -47.83 19.40 -38.11
C GLN D 140 -47.43 20.86 -38.07
N ASN D 141 -46.15 21.19 -37.89
CA ASN D 141 -45.75 22.60 -37.88
C ASN D 141 -45.03 23.06 -39.13
N VAL D 142 -44.61 22.13 -40.00
CA VAL D 142 -43.91 22.53 -41.22
C VAL D 142 -44.64 21.98 -42.43
N VAL D 143 -44.80 20.64 -42.48
CA VAL D 143 -45.27 20.00 -43.71
C VAL D 143 -46.71 20.38 -44.00
N HIS D 144 -47.53 20.53 -42.95
CA HIS D 144 -48.95 20.78 -43.13
C HIS D 144 -49.35 22.24 -42.93
N THR D 145 -48.38 23.14 -42.75
CA THR D 145 -48.68 24.56 -42.62
C THR D 145 -47.91 25.45 -43.58
N LEU D 146 -46.94 24.92 -44.33
CA LEU D 146 -46.14 25.70 -45.25
C LEU D 146 -46.02 24.98 -46.58
N SER D 147 -45.73 25.74 -47.62
CA SER D 147 -45.37 25.16 -48.90
C SER D 147 -43.91 24.71 -48.86
N ALA D 148 -43.56 23.83 -49.80
CA ALA D 148 -42.19 23.32 -49.86
C ALA D 148 -41.20 24.44 -50.14
N SER D 149 -41.56 25.38 -51.02
CA SER D 149 -40.68 26.49 -51.33
C SER D 149 -40.45 27.37 -50.10
N ASP D 150 -41.50 27.65 -49.33
CA ASP D 150 -41.35 28.46 -48.13
C ASP D 150 -40.50 27.75 -47.08
N ALA D 151 -40.69 26.44 -46.92
CA ALA D 151 -39.87 25.69 -45.97
C ALA D 151 -38.41 25.68 -46.41
N PHE D 152 -38.16 25.54 -47.71
CA PHE D 152 -36.79 25.58 -48.20
C PHE D 152 -36.17 26.95 -47.98
N ASP D 153 -36.95 28.02 -48.18
CA ASP D 153 -36.44 29.37 -47.92
C ASP D 153 -36.09 29.54 -46.45
N LEU D 154 -36.95 29.04 -45.55
CA LEU D 154 -36.66 29.11 -44.13
C LEU D 154 -35.40 28.33 -43.77
N LEU D 155 -35.31 27.09 -44.26
CA LEU D 155 -34.16 26.21 -43.93
C LEU D 155 -32.87 26.91 -44.33
N SER D 156 -32.86 27.54 -45.51
CA SER D 156 -31.62 28.18 -45.99
C SER D 156 -31.21 29.26 -44.99
N GLY D 157 -32.14 30.06 -44.50
CA GLY D 157 -31.74 31.17 -43.60
C GLY D 157 -31.03 30.63 -42.37
N MET D 158 -31.47 29.49 -41.84
CA MET D 158 -30.84 28.85 -40.66
C MET D 158 -29.40 28.42 -41.00
N ILE D 159 -29.12 28.00 -42.23
CA ILE D 159 -27.75 27.48 -42.56
C ILE D 159 -26.94 28.52 -43.34
N ALA D 160 -27.42 29.76 -43.45
CA ALA D 160 -26.67 30.85 -44.12
C ALA D 160 -26.29 30.49 -45.56
N THR D 161 -27.19 29.82 -46.28
CA THR D 161 -26.92 29.52 -47.72
C THR D 161 -28.05 30.15 -48.55
N THR D 162 -27.72 30.83 -49.66
CA THR D 162 -28.79 31.34 -50.54
C THR D 162 -29.55 30.13 -51.09
N ARG D 163 -30.88 30.19 -51.19
CA ARG D 163 -31.63 28.99 -51.65
C ARG D 163 -31.07 28.56 -53.01
N LEU D 164 -30.53 29.50 -53.79
CA LEU D 164 -29.94 29.17 -55.09
C LEU D 164 -28.71 28.30 -54.91
N ASP D 165 -27.86 28.63 -53.93
CA ASP D 165 -26.66 27.83 -53.67
C ASP D 165 -27.03 26.41 -53.29
N LEU D 166 -28.00 26.25 -52.39
CA LEU D 166 -28.40 24.91 -51.95
C LEU D 166 -28.99 24.11 -53.11
N ILE D 167 -29.85 24.75 -53.91
CA ILE D 167 -30.47 24.05 -55.03
C ILE D 167 -29.43 23.60 -56.03
N GLN D 168 -28.49 24.49 -56.38
CA GLN D 168 -27.43 24.12 -57.31
C GLN D 168 -26.55 23.02 -56.74
N ARG D 169 -26.26 23.09 -55.44
CA ARG D 169 -25.34 22.16 -54.82
C ARG D 169 -25.93 20.78 -54.65
N THR D 170 -27.26 20.68 -54.55
CA THR D 170 -27.90 19.36 -54.51
C THR D 170 -27.65 18.58 -55.79
N ARG D 171 -27.39 19.27 -56.91
CA ARG D 171 -27.15 18.59 -58.17
C ARG D 171 -25.78 17.92 -58.21
N ILE D 172 -24.86 18.31 -57.33
CA ILE D 172 -23.51 17.80 -57.35
C ILE D 172 -23.28 16.76 -56.26
N CYS D 173 -23.89 16.93 -55.10
CA CYS D 173 -23.70 16.03 -53.97
C CYS D 173 -24.94 15.19 -53.74
N PRO D 174 -24.95 13.92 -54.14
CA PRO D 174 -26.12 13.07 -53.88
C PRO D 174 -26.42 12.87 -52.40
N GLU D 175 -25.41 12.99 -51.53
CA GLU D 175 -25.64 12.85 -50.10
C GLU D 175 -26.58 13.92 -49.59
N LEU D 176 -26.39 15.17 -50.02
CA LEU D 176 -27.29 16.24 -49.62
C LEU D 176 -28.68 16.02 -50.18
N LEU D 177 -28.77 15.46 -51.39
CA LEU D 177 -30.08 15.15 -51.97
C LEU D 177 -30.80 14.11 -51.13
N ASN D 178 -30.10 13.07 -50.68
CA ASN D 178 -30.72 12.08 -49.81
C ASN D 178 -31.14 12.69 -48.47
N VAL D 179 -30.29 13.56 -47.91
CA VAL D 179 -30.62 14.20 -46.63
C VAL D 179 -31.90 15.01 -46.77
N LEU D 180 -32.01 15.80 -47.85
CA LEU D 180 -33.23 16.56 -48.09
C LEU D 180 -34.42 15.64 -48.37
N ASN D 181 -34.19 14.52 -49.05
CA ASN D 181 -35.27 13.58 -49.34
C ASN D 181 -35.84 12.98 -48.06
N LYS D 182 -34.99 12.75 -47.06
CA LYS D 182 -35.46 12.25 -45.78
C LYS D 182 -36.40 13.22 -45.08
N MET D 183 -36.38 14.50 -45.47
CA MET D 183 -37.20 15.53 -44.86
C MET D 183 -38.46 15.82 -45.67
N SER D 184 -38.90 14.88 -46.50
CA SER D 184 -40.10 14.97 -47.32
C SER D 184 -39.99 15.99 -48.44
N PHE D 185 -38.78 16.40 -48.80
CA PHE D 185 -38.57 17.28 -49.95
C PHE D 185 -38.36 16.45 -51.19
N ILE D 186 -38.90 16.92 -52.31
CA ILE D 186 -38.76 16.26 -53.60
C ILE D 186 -38.31 17.28 -54.64
N LEU D 187 -37.27 16.96 -55.41
CA LEU D 187 -36.71 17.91 -56.39
C LEU D 187 -36.81 17.30 -57.80
N ILE D 188 -37.89 17.55 -58.53
CA ILE D 188 -37.97 17.06 -59.94
C ILE D 188 -37.97 18.28 -60.85
N TYR D 189 -36.98 18.39 -61.74
CA TYR D 189 -36.83 19.60 -62.60
C TYR D 189 -37.32 19.29 -64.01
N ALA D 190 -37.80 18.07 -64.28
CA ALA D 190 -38.15 17.73 -65.68
C ALA D 190 -39.34 18.50 -66.27
N PRO D 191 -40.51 18.64 -65.62
CA PRO D 191 -41.60 19.45 -66.18
C PRO D 191 -41.43 20.91 -65.76
N ASN D 192 -41.93 21.85 -66.57
CA ASN D 192 -41.89 23.26 -66.12
C ASN D 192 -43.11 23.56 -65.26
N ARG D 193 -43.14 23.03 -64.03
CA ARG D 193 -44.24 23.31 -63.07
C ARG D 193 -43.95 24.68 -62.46
N PRO D 194 -44.89 25.31 -61.73
CA PRO D 194 -44.62 26.59 -61.09
C PRO D 194 -43.46 26.51 -60.08
N SER D 195 -43.39 25.43 -59.31
CA SER D 195 -42.33 25.28 -58.28
C SER D 195 -41.49 24.02 -58.52
N ILE D 196 -40.17 24.11 -58.34
CA ILE D 196 -39.28 22.93 -58.46
C ILE D 196 -39.49 22.04 -57.22
N LEU D 197 -39.84 22.66 -56.08
CA LEU D 197 -39.98 21.86 -54.84
C LEU D 197 -41.43 21.50 -54.50
N SER D 198 -41.64 20.35 -53.87
CA SER D 198 -42.93 19.83 -53.42
C SER D 198 -42.71 18.89 -52.26
N TRP D 199 -43.76 18.63 -51.49
CA TRP D 199 -43.67 17.69 -50.34
C TRP D 199 -43.98 16.27 -50.82
N LYS D 200 -43.45 15.26 -50.13
CA LYS D 200 -43.63 13.85 -50.58
C LYS D 200 -45.01 13.36 -50.16
N ASN D 201 -45.67 12.57 -51.01
CA ASN D 201 -46.97 11.99 -50.61
C ASN D 201 -46.72 11.10 -49.40
N GLN D 202 -47.45 11.33 -48.31
CA GLN D 202 -47.30 10.51 -47.08
C GLN D 202 -48.14 9.23 -47.21
N SER D 203 -47.86 8.23 -46.39
CA SER D 203 -48.64 6.96 -46.40
C SER D 203 -48.79 6.45 -47.84
N MET E 1 -3.40 31.94 -8.90
CA MET E 1 -3.66 30.67 -9.57
C MET E 1 -5.09 30.64 -10.12
N ASN E 2 -5.21 30.68 -11.44
CA ASN E 2 -6.50 30.76 -12.11
C ASN E 2 -6.84 29.41 -12.73
N LEU E 3 -8.05 28.92 -12.45
CA LEU E 3 -8.45 27.60 -12.89
C LEU E 3 -9.96 27.52 -12.93
N GLU E 4 -10.48 26.71 -13.85
CA GLU E 4 -11.92 26.58 -14.08
C GLU E 4 -12.33 25.14 -13.81
N ILE E 5 -13.13 24.92 -12.77
CA ILE E 5 -13.62 23.60 -12.40
C ILE E 5 -15.03 23.43 -12.96
N ASN E 6 -15.25 22.34 -13.67
CA ASN E 6 -16.52 22.09 -14.33
C ASN E 6 -17.42 21.22 -13.46
N ASN E 7 -18.56 20.79 -14.00
CA ASN E 7 -19.50 19.94 -13.29
C ASN E 7 -19.14 18.46 -13.39
N PHE E 8 -18.12 18.11 -14.18
CA PHE E 8 -17.70 16.73 -14.37
C PHE E 8 -16.55 16.34 -13.45
N ALA E 9 -16.13 17.25 -12.56
CA ALA E 9 -14.94 16.99 -11.75
C ALA E 9 -15.02 15.74 -10.89
N PRO E 10 -16.13 15.42 -10.20
CA PRO E 10 -16.14 14.19 -9.40
C PRO E 10 -15.90 12.91 -10.19
N ALA E 11 -16.44 12.82 -11.42
CA ALA E 11 -16.25 11.62 -12.21
C ALA E 11 -14.79 11.41 -12.57
N ILE E 12 -14.10 12.47 -12.98
CA ILE E 12 -12.69 12.37 -13.28
C ILE E 12 -11.87 12.12 -12.02
N SER E 13 -12.30 12.73 -10.91
CA SER E 13 -11.57 12.60 -9.65
C SER E 13 -11.64 11.19 -9.10
N SER E 14 -12.75 10.48 -9.32
CA SER E 14 -12.83 9.08 -8.89
C SER E 14 -11.77 8.23 -9.59
N ILE E 15 -11.65 8.38 -10.91
CA ILE E 15 -10.65 7.64 -11.66
C ILE E 15 -9.25 8.03 -11.22
N GLY E 16 -9.02 9.34 -11.02
CA GLY E 16 -7.71 9.79 -10.58
C GLY E 16 -7.33 9.22 -9.23
N SER E 17 -8.26 9.22 -8.27
CA SER E 17 -7.98 8.69 -6.95
C SER E 17 -7.74 7.19 -7.00
N GLN E 18 -8.50 6.46 -7.82
CA GLN E 18 -8.26 5.03 -7.96
C GLN E 18 -6.87 4.76 -8.53
N LEU E 19 -6.47 5.53 -9.53
CA LEU E 19 -5.14 5.37 -10.11
C LEU E 19 -4.05 5.65 -9.08
N CYS E 20 -4.22 6.73 -8.30
CA CYS E 20 -3.23 7.06 -7.28
C CYS E 20 -3.13 5.97 -6.22
N SER E 21 -4.29 5.46 -5.78
CA SER E 21 -4.33 4.39 -4.76
C SER E 21 -3.58 3.16 -5.29
N LEU E 22 -3.88 2.74 -6.52
CA LEU E 22 -3.22 1.56 -7.09
C LEU E 22 -1.72 1.77 -7.23
N SER E 23 -1.31 2.96 -7.66
CA SER E 23 0.12 3.24 -7.79
C SER E 23 0.82 3.16 -6.44
N ALA E 24 0.21 3.71 -5.39
CA ALA E 24 0.82 3.66 -4.06
C ALA E 24 0.90 2.22 -3.54
N GLN E 25 -0.14 1.42 -3.75
CA GLN E 25 -0.14 0.04 -3.19
C GLN E 25 0.97 -0.76 -3.86
N LYS E 26 1.21 -0.52 -5.15
CA LYS E 26 2.29 -1.21 -5.90
C LYS E 26 3.64 -0.85 -5.30
N LEU E 27 3.85 0.42 -4.98
CA LEU E 27 5.16 0.87 -4.45
C LEU E 27 5.46 0.19 -3.12
N LEU E 28 4.47 0.06 -2.24
CA LEU E 28 4.67 -0.59 -0.92
C LEU E 28 4.98 -2.07 -1.15
N THR E 29 4.32 -2.69 -2.13
CA THR E 29 4.62 -4.10 -2.48
C THR E 29 6.02 -4.17 -3.09
N CYS E 30 6.32 -3.33 -4.10
CA CYS E 30 7.68 -3.44 -4.60
C CYS E 30 8.70 -3.11 -3.51
N ARG E 31 8.38 -2.13 -2.66
CA ARG E 31 9.30 -1.75 -1.59
C ARG E 31 9.51 -2.88 -0.59
N LYS E 32 8.49 -3.72 -0.38
CA LYS E 32 8.65 -4.81 0.58
C LYS E 32 9.52 -5.94 0.03
N GLN E 33 9.56 -6.13 -1.29
CA GLN E 33 10.30 -7.29 -1.89
C GLN E 33 11.62 -6.91 -2.57
N TYR E 34 12.18 -5.73 -2.29
CA TYR E 34 13.51 -5.38 -2.84
C TYR E 34 14.58 -6.14 -2.06
N GLY E 35 15.50 -6.79 -2.76
CA GLY E 35 16.62 -7.46 -2.07
C GLY E 35 17.89 -6.77 -2.48
N ASN E 36 18.77 -6.45 -1.53
CA ASN E 36 19.95 -5.65 -1.91
C ASN E 36 20.67 -6.37 -3.04
N GLY E 37 21.02 -5.65 -4.10
CA GLY E 37 21.65 -6.27 -5.28
C GLY E 37 22.27 -5.19 -6.13
N ALA E 38 22.99 -5.57 -7.17
CA ALA E 38 23.60 -4.59 -8.08
C ALA E 38 22.58 -3.54 -8.50
N LYS E 39 21.35 -3.95 -8.80
CA LYS E 39 20.37 -3.00 -9.31
C LYS E 39 19.84 -2.13 -8.18
N SER E 40 19.83 -0.82 -8.40
CA SER E 40 19.37 0.11 -7.39
C SER E 40 17.84 0.03 -7.24
N PHE E 41 17.35 0.65 -6.16
CA PHE E 41 15.91 0.62 -5.91
C PHE E 41 15.15 1.46 -6.93
N GLU E 42 15.75 2.54 -7.43
CA GLU E 42 15.08 3.35 -8.45
C GLU E 42 14.85 2.53 -9.72
N GLU E 43 15.88 1.84 -10.20
CA GLU E 43 15.72 0.98 -11.37
C GLU E 43 14.77 -0.17 -11.09
N PHE E 44 14.86 -0.76 -9.91
CA PHE E 44 14.00 -1.88 -9.56
C PHE E 44 12.54 -1.46 -9.58
N TYR E 45 12.23 -0.28 -9.06
CA TYR E 45 10.86 0.20 -9.10
C TYR E 45 10.44 0.57 -10.53
N ALA E 46 11.32 1.25 -11.26
CA ALA E 46 10.97 1.69 -12.61
C ALA E 46 10.79 0.53 -13.57
N GLU E 47 11.31 -0.66 -13.27
CA GLU E 47 11.15 -1.81 -14.14
C GLU E 47 9.88 -2.61 -13.89
N ILE E 48 9.32 -2.57 -12.68
CA ILE E 48 8.12 -3.34 -12.36
C ILE E 48 7.05 -2.50 -11.67
N GLY E 49 7.29 -1.21 -11.42
CA GLY E 49 6.32 -0.41 -10.70
C GLY E 49 5.13 0.06 -11.50
N GLY E 50 5.19 -0.06 -12.82
CA GLY E 50 4.09 0.41 -13.65
C GLY E 50 3.11 -0.67 -14.04
N ILE E 51 3.43 -1.92 -13.73
CA ILE E 51 2.54 -3.03 -14.04
C ILE E 51 1.46 -3.10 -12.96
N ILE E 52 0.34 -2.44 -13.21
CA ILE E 52 -0.79 -2.43 -12.29
C ILE E 52 -2.03 -2.84 -13.06
N GLY E 53 -2.99 -3.42 -12.34
CA GLY E 53 -4.23 -3.81 -12.99
C GLY E 53 -5.25 -2.71 -12.97
N MET E 54 -5.24 -1.89 -14.04
CA MET E 54 -6.14 -0.72 -14.12
C MET E 54 -6.34 -0.36 -15.59
N MET E 55 -7.59 -0.18 -16.03
CA MET E 55 -7.87 0.21 -17.43
C MET E 55 -7.54 1.70 -17.57
N GLY E 56 -7.27 2.17 -18.78
CA GLY E 56 -7.05 3.60 -19.00
C GLY E 56 -5.60 4.04 -18.97
N ILE E 57 -4.66 3.14 -18.69
CA ILE E 57 -3.21 3.51 -18.81
C ILE E 57 -2.67 2.77 -20.04
N ASN E 58 -2.11 3.50 -21.01
CA ASN E 58 -1.67 2.84 -22.27
C ASN E 58 -0.17 2.46 -22.17
N SER E 59 0.33 2.24 -20.95
CA SER E 59 1.74 1.92 -20.78
C SER E 59 1.93 1.23 -19.43
N GLN E 60 2.88 0.30 -19.40
CA GLN E 60 3.23 -0.42 -18.18
C GLN E 60 4.46 0.18 -17.50
N THR E 61 4.64 1.49 -17.62
CA THR E 61 5.78 2.20 -17.10
C THR E 61 5.31 3.37 -16.25
N PRO E 62 6.15 3.87 -15.35
CA PRO E 62 5.74 5.05 -14.56
C PRO E 62 5.43 6.27 -15.41
N SER E 63 6.01 6.37 -16.61
CA SER E 63 5.68 7.48 -17.49
C SER E 63 4.21 7.44 -17.91
N GLY E 64 3.67 6.24 -18.12
CA GLY E 64 2.26 6.13 -18.43
C GLY E 64 1.37 6.62 -17.31
N ILE E 65 1.71 6.26 -16.07
CA ILE E 65 0.95 6.74 -14.92
C ILE E 65 1.05 8.25 -14.81
N ARG E 66 2.26 8.79 -15.02
CA ARG E 66 2.43 10.24 -14.94
C ARG E 66 1.59 10.96 -15.99
N GLU E 67 1.57 10.44 -17.22
CA GLU E 67 0.77 11.09 -18.26
C GLU E 67 -0.72 10.95 -17.99
N ALA E 68 -1.16 9.81 -17.46
CA ALA E 68 -2.55 9.67 -17.08
C ALA E 68 -2.93 10.69 -16.02
N ILE E 69 -2.07 10.88 -15.02
CA ILE E 69 -2.32 11.88 -13.98
C ILE E 69 -2.41 13.27 -14.60
N TYR E 70 -1.49 13.58 -15.52
CA TYR E 70 -1.50 14.90 -16.15
C TYR E 70 -2.80 15.14 -16.91
N ARG E 71 -3.24 14.17 -17.70
CA ARG E 71 -4.44 14.37 -18.51
C ARG E 71 -5.69 14.44 -17.63
N LEU E 72 -5.75 13.63 -16.57
CA LEU E 72 -6.88 13.71 -15.65
C LEU E 72 -6.94 15.08 -14.97
N TYR E 73 -5.78 15.57 -14.52
CA TYR E 73 -5.74 16.88 -13.86
C TYR E 73 -6.16 17.99 -14.82
N GLN E 74 -5.66 17.94 -16.06
CA GLN E 74 -6.02 18.96 -17.03
C GLN E 74 -7.51 18.94 -17.35
N SER E 75 -8.08 17.73 -17.51
CA SER E 75 -9.50 17.63 -17.80
C SER E 75 -10.35 18.12 -16.62
N ALA E 76 -9.90 17.85 -15.40
CA ALA E 76 -10.76 18.15 -14.25
C ALA E 76 -10.66 19.60 -13.80
N PHE E 77 -9.46 20.18 -13.75
CA PHE E 77 -9.28 21.45 -13.09
C PHE E 77 -8.90 22.61 -13.99
N LEU E 78 -8.54 22.37 -15.25
CA LEU E 78 -8.02 23.44 -16.10
C LEU E 78 -8.70 23.60 -17.44
N PHE E 79 -9.42 22.60 -17.93
CA PHE E 79 -9.95 22.68 -19.30
C PHE E 79 -11.10 23.68 -19.39
N GLY E 80 -12.02 23.64 -18.45
CA GLY E 80 -13.22 24.45 -18.50
C GLY E 80 -14.47 23.60 -18.53
N ASP E 81 -15.51 24.11 -19.21
CA ASP E 81 -16.83 23.39 -19.24
C ASP E 81 -16.87 22.30 -20.32
N ILE E 82 -17.31 21.10 -19.94
CA ILE E 82 -17.47 19.98 -20.91
C ILE E 82 -18.96 19.63 -20.93
N PHE E 83 -19.63 19.74 -22.08
CA PHE E 83 -21.04 19.28 -22.21
C PHE E 83 -22.04 20.25 -21.56
N PRO E 84 -23.35 20.12 -21.83
CA PRO E 84 -24.37 20.94 -21.16
C PRO E 84 -24.55 20.49 -19.69
N GLU E 85 -25.05 21.39 -18.84
CA GLU E 85 -25.15 21.08 -17.39
C GLU E 85 -26.18 19.98 -17.11
N SER E 86 -27.07 19.70 -18.07
CA SER E 86 -28.10 18.69 -17.88
C SER E 86 -27.61 17.29 -18.24
N PHE E 87 -26.38 17.17 -18.73
CA PHE E 87 -25.83 15.86 -19.11
C PHE E 87 -25.80 14.95 -17.89
N GLY E 88 -26.36 13.76 -18.04
CA GLY E 88 -26.52 12.86 -16.92
C GLY E 88 -25.46 11.78 -16.80
N ILE E 89 -24.60 11.90 -15.81
CA ILE E 89 -23.57 10.91 -15.55
C ILE E 89 -23.68 10.26 -14.18
N GLN E 90 -24.21 10.98 -13.17
CA GLN E 90 -24.23 10.46 -11.81
C GLN E 90 -25.13 9.24 -11.68
N ASN E 91 -26.12 9.11 -12.56
CA ASN E 91 -27.09 8.02 -12.41
C ASN E 91 -26.46 6.66 -12.69
N THR E 92 -25.57 6.58 -13.69
CA THR E 92 -25.03 5.28 -14.08
C THR E 92 -23.72 4.98 -13.35
N GLN E 93 -22.88 5.98 -13.14
CA GLN E 93 -21.61 5.81 -12.44
C GLN E 93 -21.70 6.48 -11.07
N ASN E 94 -21.71 5.67 -10.02
CA ASN E 94 -21.64 6.17 -8.66
C ASN E 94 -20.19 6.22 -8.22
N ILE E 95 -19.88 7.13 -7.31
CA ILE E 95 -18.51 7.29 -6.84
C ILE E 95 -18.40 6.75 -5.43
N LYS E 96 -17.16 6.62 -4.94
CA LYS E 96 -16.87 6.07 -3.63
C LYS E 96 -16.51 7.20 -2.67
N PRO E 97 -16.99 7.16 -1.44
CA PRO E 97 -16.67 8.22 -0.47
C PRO E 97 -15.19 8.27 -0.19
N PRO E 98 -14.56 9.44 -0.30
CA PRO E 98 -13.14 9.56 0.03
C PRO E 98 -12.93 9.53 1.54
N PRO E 99 -11.71 9.26 2.00
CA PRO E 99 -11.46 9.25 3.44
C PRO E 99 -11.67 10.63 4.05
N GLY E 100 -12.02 10.63 5.34
CA GLY E 100 -12.29 11.88 6.02
C GLY E 100 -11.03 12.71 6.19
N PHE E 101 -11.23 14.03 6.23
CA PHE E 101 -10.10 14.96 6.34
C PHE E 101 -9.41 14.80 7.69
N THR E 102 -8.08 14.97 7.68
CA THR E 102 -7.28 14.84 8.88
C THR E 102 -6.36 16.02 9.15
N ALA E 103 -6.38 17.05 8.31
CA ALA E 103 -5.43 18.15 8.44
C ALA E 103 -5.82 19.04 9.61
N PRO E 104 -4.96 19.23 10.59
CA PRO E 104 -5.30 20.14 11.71
C PRO E 104 -5.39 21.58 11.23
N ALA E 105 -6.31 22.32 11.85
CA ALA E 105 -6.55 23.71 11.48
C ALA E 105 -5.68 24.60 12.35
N LYS E 106 -4.54 25.02 11.80
CA LYS E 106 -3.63 25.90 12.53
C LYS E 106 -3.89 27.37 12.20
N LYS E 107 -3.78 27.73 10.93
CA LYS E 107 -4.06 29.10 10.48
C LYS E 107 -5.49 29.12 9.93
N LEU E 108 -6.46 29.19 10.84
CA LEU E 108 -7.85 29.26 10.45
C LEU E 108 -8.17 30.63 9.86
N GLU E 109 -8.89 30.62 8.73
CA GLU E 109 -9.12 31.82 7.95
C GLU E 109 -10.45 32.45 8.32
N VAL E 110 -10.41 33.74 8.68
CA VAL E 110 -11.60 34.49 9.07
C VAL E 110 -11.60 35.82 8.33
N VAL E 111 -12.77 36.45 8.28
CA VAL E 111 -12.89 37.78 7.61
C VAL E 111 -13.60 38.75 8.57
N LEU E 112 -13.00 39.91 8.82
CA LEU E 112 -13.60 40.93 9.72
C LEU E 112 -14.79 41.61 9.01
N PRO E 113 -15.87 42.00 9.72
CA PRO E 113 -16.98 42.73 9.10
C PRO E 113 -16.57 44.18 8.74
N GLN E 114 -17.35 44.84 7.89
CA GLN E 114 -16.98 46.22 7.45
C GLN E 114 -17.12 47.20 8.62
N GLY E 115 -16.24 48.19 8.70
CA GLY E 115 -16.34 49.22 9.77
C GLY E 115 -15.01 49.46 10.48
N GLY E 116 -14.02 48.59 10.28
CA GLY E 116 -12.68 48.79 10.87
C GLY E 116 -12.73 48.92 12.38
N ALA E 117 -13.63 48.17 13.04
CA ALA E 117 -13.78 48.27 14.50
C ALA E 117 -12.90 47.24 15.20
N PHE E 118 -12.18 46.41 14.43
CA PHE E 118 -11.43 45.30 15.07
C PHE E 118 -10.01 45.13 14.52
N ASP E 119 -9.10 44.59 15.34
CA ASP E 119 -7.73 44.29 14.97
C ASP E 119 -7.50 42.79 15.04
N LEU E 120 -6.96 42.22 13.97
CA LEU E 120 -6.81 40.78 13.84
C LEU E 120 -5.34 40.39 13.79
N ILE E 121 -4.95 39.45 14.66
CA ILE E 121 -3.66 38.78 14.57
C ILE E 121 -3.92 37.29 14.72
N TYR E 122 -2.96 36.50 14.23
CA TYR E 122 -3.08 35.06 14.21
C TYR E 122 -2.14 34.42 15.23
N ASN E 123 -2.40 33.15 15.52
CA ASN E 123 -1.59 32.39 16.45
C ASN E 123 -1.57 30.94 15.99
N ASN E 124 -1.12 30.04 16.87
CA ASN E 124 -0.92 28.65 16.47
C ASN E 124 -2.24 27.99 16.09
N GLY E 125 -3.27 28.16 16.90
CA GLY E 125 -4.56 27.55 16.60
C GLY E 125 -5.74 28.42 16.94
N GLU E 126 -5.45 29.64 17.40
CA GLU E 126 -6.48 30.57 17.87
C GLU E 126 -6.34 31.90 17.16
N ILE E 127 -7.34 32.75 17.36
CA ILE E 127 -7.32 34.14 16.91
C ILE E 127 -7.72 35.03 18.06
N ARG E 128 -7.03 36.15 18.21
CA ARG E 128 -7.39 37.14 19.21
C ARG E 128 -7.64 38.47 18.52
N VAL E 129 -8.66 39.19 19.00
CA VAL E 129 -9.16 40.40 18.36
C VAL E 129 -9.07 41.54 19.36
N THR E 130 -8.56 42.68 18.91
CA THR E 130 -8.45 43.89 19.72
C THR E 130 -9.45 44.92 19.22
N THR E 131 -10.25 45.46 20.13
CA THR E 131 -11.28 46.44 19.78
C THR E 131 -10.69 47.84 19.75
N THR E 132 -10.91 48.54 18.64
CA THR E 132 -10.43 49.92 18.53
C THR E 132 -11.37 50.90 19.20
N ARG E 133 -12.65 50.57 19.31
CA ARG E 133 -13.64 51.44 19.92
C ARG E 133 -14.55 50.60 20.82
N ASN E 134 -15.57 51.25 21.37
CA ASN E 134 -16.52 50.55 22.22
C ASN E 134 -17.45 49.69 21.36
N VAL E 135 -17.73 48.48 21.85
CA VAL E 135 -18.56 47.52 21.15
C VAL E 135 -19.62 46.99 22.10
N GLN E 136 -20.86 46.88 21.59
CA GLN E 136 -21.97 46.36 22.38
C GLN E 136 -22.01 44.84 22.30
N ALA E 137 -22.49 44.23 23.37
CA ALA E 137 -22.55 42.78 23.44
C ALA E 137 -23.56 42.22 22.43
N GLY E 138 -23.18 41.14 21.77
CA GLY E 138 -24.05 40.45 20.85
C GLY E 138 -23.95 40.85 19.40
N ASP E 139 -22.75 41.09 18.89
CA ASP E 139 -22.55 41.45 17.50
C ASP E 139 -21.37 40.67 16.93
N LEU E 140 -21.34 40.58 15.60
CA LEU E 140 -20.29 39.82 14.93
C LEU E 140 -18.94 40.52 15.11
N VAL E 141 -17.91 39.73 15.40
CA VAL E 141 -16.55 40.25 15.44
C VAL E 141 -15.74 39.55 14.35
N CYS E 142 -16.08 38.30 14.06
CA CYS E 142 -15.39 37.50 13.06
C CYS E 142 -16.34 36.44 12.54
N THR E 143 -15.98 35.88 11.38
CA THR E 143 -16.67 34.71 10.85
C THR E 143 -15.69 33.98 9.93
N VAL E 144 -15.75 32.66 9.96
CA VAL E 144 -14.81 31.85 9.18
C VAL E 144 -15.35 31.66 7.78
N THR E 145 -14.46 31.70 6.80
CA THR E 145 -14.79 31.38 5.43
C THR E 145 -14.26 30.03 4.98
N PHE E 146 -13.32 29.45 5.72
CA PHE E 146 -12.79 28.13 5.44
C PHE E 146 -13.46 27.14 6.37
N PRO E 147 -14.22 26.16 5.87
CA PRO E 147 -15.00 25.31 6.77
C PRO E 147 -14.13 24.55 7.75
N ILE E 148 -14.69 24.29 8.94
CA ILE E 148 -13.95 23.73 10.05
C ILE E 148 -14.92 22.90 10.89
N GLN E 149 -14.39 21.85 11.53
CA GLN E 149 -15.20 21.02 12.41
C GLN E 149 -14.32 20.41 13.48
N GLY E 150 -14.83 20.35 14.69
CA GLY E 150 -14.09 19.81 15.82
C GLY E 150 -14.58 20.42 17.12
N SER E 151 -13.74 20.34 18.14
CA SER E 151 -14.07 20.84 19.46
C SER E 151 -13.65 22.30 19.59
N VAL E 152 -13.97 22.90 20.73
CA VAL E 152 -13.65 24.29 21.02
C VAL E 152 -13.06 24.36 22.42
N ILE E 153 -11.99 25.17 22.57
CA ILE E 153 -11.31 25.31 23.85
C ILE E 153 -10.99 26.78 24.09
N ALA E 154 -11.12 27.21 25.34
CA ALA E 154 -10.58 28.49 25.82
C ALA E 154 -11.15 29.67 25.03
N THR E 155 -12.45 29.86 25.18
CA THR E 155 -13.11 31.07 24.69
C THR E 155 -13.18 32.09 25.81
N ARG E 156 -12.72 33.31 25.52
CA ARG E 156 -12.69 34.38 26.51
C ARG E 156 -13.38 35.61 25.94
N ASN E 157 -14.35 36.14 26.71
CA ASN E 157 -15.11 37.33 26.34
C ASN E 157 -15.81 37.16 24.99
N CYS E 158 -16.21 35.94 24.67
CA CYS E 158 -16.96 35.67 23.45
C CYS E 158 -17.73 34.37 23.64
N HIS E 159 -18.79 34.22 22.85
CA HIS E 159 -19.64 33.04 22.92
C HIS E 159 -19.77 32.42 21.54
N VAL E 160 -19.61 31.09 21.48
CA VAL E 160 -19.72 30.33 20.25
C VAL E 160 -20.81 29.28 20.44
N ASN E 161 -21.70 29.19 19.46
CA ASN E 161 -22.82 28.24 19.53
C ASN E 161 -22.27 26.83 19.48
N GLU E 162 -22.35 26.12 20.61
CA GLU E 162 -21.84 24.77 20.71
C GLU E 162 -22.61 24.03 21.81
N ILE E 163 -22.62 22.70 21.71
CA ILE E 163 -23.23 21.85 22.72
C ILE E 163 -22.23 20.75 23.09
N GLY E 164 -21.98 20.60 24.39
CA GLY E 164 -21.10 19.55 24.86
C GLY E 164 -19.65 19.69 24.45
N GLY E 165 -19.22 20.90 24.09
CA GLY E 165 -17.87 21.12 23.62
C GLY E 165 -17.68 20.99 22.12
N GLN E 166 -18.70 20.53 21.40
CA GLN E 166 -18.62 20.30 19.97
C GLN E 166 -19.32 21.43 19.23
N LEU E 167 -18.65 21.97 18.22
CA LEU E 167 -19.24 23.05 17.43
C LEU E 167 -20.47 22.55 16.69
N THR E 168 -21.53 23.38 16.70
CA THR E 168 -22.79 22.97 16.09
C THR E 168 -22.76 23.07 14.56
N THR E 169 -21.99 24.02 14.02
CA THR E 169 -21.97 24.27 12.59
C THR E 169 -20.53 24.26 12.08
N THR E 170 -20.41 24.07 10.76
CA THR E 170 -19.10 24.01 10.12
C THR E 170 -18.52 25.40 9.85
N ARG E 171 -19.34 26.45 9.93
CA ARG E 171 -18.88 27.82 9.71
C ARG E 171 -19.32 28.66 10.91
N PRO E 172 -18.65 28.51 12.05
CA PRO E 172 -19.03 29.29 13.23
C PRO E 172 -18.70 30.76 13.06
N GLU E 173 -19.48 31.59 13.75
CA GLU E 173 -19.23 33.03 13.84
C GLU E 173 -19.07 33.41 15.30
N ILE E 174 -18.16 34.35 15.56
CA ILE E 174 -17.78 34.75 16.91
C ILE E 174 -18.58 35.99 17.29
N ILE E 175 -19.26 35.92 18.42
CA ILE E 175 -20.06 37.03 18.93
C ILE E 175 -19.69 37.26 20.39
N ALA E 176 -19.91 38.48 20.85
CA ALA E 176 -19.55 38.84 22.22
C ALA E 176 -20.66 38.46 23.19
N SER E 177 -20.32 38.54 24.47
CA SER E 177 -21.30 38.20 25.54
C SER E 177 -21.34 39.34 26.55
N VAL E 178 -20.23 40.10 26.65
CA VAL E 178 -20.12 41.21 27.64
C VAL E 178 -19.68 42.49 26.90
N PRO E 179 -20.26 43.68 27.21
CA PRO E 179 -19.83 44.93 26.61
C PRO E 179 -18.32 45.10 26.85
N MET E 180 -17.57 45.50 25.82
CA MET E 180 -16.09 45.56 25.98
C MET E 180 -15.58 46.99 25.81
N PRO E 181 -14.80 47.55 26.76
CA PRO E 181 -14.21 48.87 26.57
C PRO E 181 -13.18 48.74 25.44
N ALA E 182 -12.70 49.86 24.91
CA ALA E 182 -11.75 49.83 23.77
C ALA E 182 -10.43 49.22 24.24
N ARG E 183 -9.66 48.63 23.31
CA ARG E 183 -8.34 48.01 23.64
C ARG E 183 -8.56 46.71 24.42
N THR E 184 -9.76 46.13 24.37
CA THR E 184 -9.99 44.82 25.01
C THR E 184 -9.45 43.72 24.10
N VAL E 185 -9.37 42.48 24.61
CA VAL E 185 -8.90 41.34 23.77
C VAL E 185 -9.87 40.16 23.93
N ILE E 186 -10.27 39.55 22.82
CA ILE E 186 -11.15 38.39 22.83
C ILE E 186 -10.51 37.28 22.01
N VAL E 187 -10.50 36.07 22.56
CA VAL E 187 -9.78 34.95 21.95
C VAL E 187 -10.74 33.81 21.66
N ALA E 188 -10.32 32.94 20.75
CA ALA E 188 -11.12 31.76 20.39
C ALA E 188 -10.17 30.71 19.82
N SER E 189 -9.99 29.62 20.55
CA SER E 189 -9.13 28.52 20.13
C SER E 189 -9.98 27.29 19.82
N PHE E 190 -9.55 26.53 18.81
CA PHE E 190 -10.30 25.37 18.36
C PHE E 190 -9.38 24.17 18.21
N ASP E 191 -9.80 23.03 18.74
CA ASP E 191 -9.16 21.75 18.47
C ASP E 191 -9.92 21.04 17.36
N ALA E 192 -9.78 21.58 16.15
CA ALA E 192 -10.63 21.21 15.04
C ALA E 192 -9.77 20.86 13.82
N ILE E 193 -10.45 20.39 12.78
CA ILE E 193 -9.80 19.89 11.56
C ILE E 193 -10.31 20.68 10.37
N GLU E 194 -9.39 21.21 9.56
CA GLU E 194 -9.73 21.97 8.37
C GLU E 194 -9.83 21.05 7.16
N ILE E 195 -10.11 21.64 6.00
CA ILE E 195 -10.19 20.88 4.76
C ILE E 195 -8.79 20.54 4.28
N GLY E 196 -8.55 19.26 4.01
CA GLY E 196 -7.29 18.77 3.52
C GLY E 196 -6.82 17.55 4.29
N TYR E 197 -5.61 17.12 3.99
CA TYR E 197 -4.99 16.00 4.68
C TYR E 197 -3.61 16.42 5.17
N GLY E 198 -3.24 15.94 6.36
CA GLY E 198 -2.07 16.44 7.04
C GLY E 198 -0.77 15.70 6.76
N GLU E 199 -0.85 14.53 6.14
CA GLU E 199 0.32 13.70 5.92
C GLU E 199 0.78 13.78 4.47
N GLY E 200 2.10 13.76 4.28
CA GLY E 200 2.68 13.79 2.96
C GLY E 200 3.00 15.19 2.46
N ASP E 201 3.45 16.06 3.35
CA ASP E 201 3.76 17.42 2.95
C ASP E 201 5.08 17.51 2.20
N ASP E 202 6.04 16.64 2.51
CA ASP E 202 7.30 16.64 1.77
C ASP E 202 7.06 16.23 0.32
N LEU E 203 6.18 15.26 0.08
CA LEU E 203 5.87 14.86 -1.28
C LEU E 203 5.12 15.95 -2.02
N PHE E 204 4.21 16.64 -1.33
CA PHE E 204 3.42 17.69 -1.96
C PHE E 204 4.29 18.82 -2.47
N ALA E 205 5.33 19.17 -1.71
CA ALA E 205 6.17 20.31 -2.07
C ALA E 205 6.83 20.12 -3.42
N ILE E 206 7.32 18.90 -3.69
CA ILE E 206 7.95 18.64 -4.97
C ILE E 206 6.97 18.25 -6.07
N GLY E 207 5.84 17.62 -5.71
CA GLY E 207 4.83 17.33 -6.71
C GLY E 207 4.19 18.58 -7.28
N ILE E 208 3.96 19.59 -6.45
CA ILE E 208 3.39 20.84 -6.96
C ILE E 208 4.36 21.51 -7.91
N ALA E 209 5.66 21.43 -7.64
CA ALA E 209 6.64 21.97 -8.59
C ALA E 209 6.65 21.17 -9.88
N ILE E 210 6.54 19.84 -9.78
CA ILE E 210 6.53 18.99 -10.98
C ILE E 210 5.35 19.36 -11.87
N LEU E 211 4.16 19.53 -11.28
CA LEU E 211 3.00 19.84 -12.10
C LEU E 211 2.84 21.32 -12.38
N SER E 212 3.62 22.18 -11.74
CA SER E 212 3.68 23.60 -12.11
C SER E 212 4.66 23.86 -13.23
N ASN E 213 5.65 22.97 -13.42
CA ASN E 213 6.53 23.08 -14.58
C ASN E 213 5.75 22.90 -15.87
N ARG E 214 4.79 21.97 -15.89
CA ARG E 214 4.03 21.70 -17.10
C ARG E 214 2.95 22.74 -17.34
N PHE E 215 2.12 23.01 -16.34
CA PHE E 215 1.12 24.07 -16.41
C PHE E 215 1.70 25.34 -15.79
N ASN E 216 2.64 25.94 -16.50
CA ASN E 216 3.40 27.07 -15.95
C ASN E 216 2.50 28.28 -15.73
N GLY E 217 1.62 28.59 -16.68
CA GLY E 217 0.80 29.78 -16.56
C GLY E 217 -0.33 29.66 -15.57
N GLN E 218 -0.81 28.45 -15.32
CA GLN E 218 -2.00 28.24 -14.50
C GLN E 218 -1.67 28.00 -13.04
N ILE E 219 -0.73 27.10 -12.76
CA ILE E 219 -0.43 26.65 -11.41
C ILE E 219 0.95 27.18 -11.01
N THR E 220 1.06 27.66 -9.78
CA THR E 220 2.30 28.19 -9.24
C THR E 220 2.62 27.47 -7.93
N PRO E 221 3.91 27.35 -7.60
CA PRO E 221 4.28 26.71 -6.32
C PRO E 221 3.76 27.52 -5.14
N MET E 222 3.29 26.79 -4.13
CA MET E 222 2.71 27.40 -2.94
C MET E 222 2.59 26.34 -1.87
N SER E 223 2.27 26.77 -0.65
CA SER E 223 2.07 25.82 0.43
C SER E 223 0.75 25.07 0.25
N ARG E 224 0.60 23.98 0.99
CA ARG E 224 -0.60 23.16 0.86
C ARG E 224 -1.84 23.92 1.33
N HIS E 225 -1.70 24.73 2.38
CA HIS E 225 -2.84 25.46 2.91
C HIS E 225 -3.40 26.43 1.88
N ASN E 226 -2.54 27.23 1.24
CA ASN E 226 -3.00 28.17 0.23
C ASN E 226 -3.61 27.45 -0.96
N TYR E 227 -2.98 26.35 -1.39
CA TYR E 227 -3.48 25.59 -2.53
C TYR E 227 -4.89 25.07 -2.25
N MET E 228 -5.09 24.48 -1.06
CA MET E 228 -6.41 23.94 -0.75
C MET E 228 -7.44 25.04 -0.54
N THR E 229 -7.06 26.17 0.06
CA THR E 229 -8.02 27.27 0.21
C THR E 229 -8.47 27.79 -1.15
N GLN E 230 -7.55 27.97 -2.09
CA GLN E 230 -7.94 28.44 -3.41
C GLN E 230 -8.77 27.39 -4.15
N MET E 231 -8.42 26.12 -4.02
CA MET E 231 -9.19 25.06 -4.67
C MET E 231 -10.61 25.03 -4.13
N PHE E 232 -10.78 25.19 -2.82
CA PHE E 232 -12.12 25.23 -2.24
C PHE E 232 -12.87 26.49 -2.68
N ALA E 233 -12.16 27.61 -2.82
CA ALA E 233 -12.80 28.84 -3.26
C ALA E 233 -13.24 28.77 -4.73
N ASN E 234 -12.59 27.94 -5.54
CA ASN E 234 -12.94 27.84 -6.95
C ASN E 234 -14.01 26.79 -7.24
N LEU E 235 -14.51 26.10 -6.23
CA LEU E 235 -15.53 25.09 -6.47
C LEU E 235 -16.85 25.75 -6.90
N PRO E 236 -17.57 25.15 -7.84
CA PRO E 236 -18.87 25.71 -8.25
C PRO E 236 -19.85 25.75 -7.08
N ALA E 237 -20.65 26.81 -7.05
CA ALA E 237 -21.60 26.98 -5.95
C ALA E 237 -22.68 25.91 -5.95
N ASN E 238 -23.17 25.54 -7.13
CA ASN E 238 -24.24 24.53 -7.25
C ASN E 238 -23.61 23.14 -7.30
N MET E 239 -23.03 22.73 -6.17
CA MET E 239 -22.41 21.43 -6.07
C MET E 239 -22.54 20.92 -4.64
N SER E 240 -22.78 19.62 -4.50
CA SER E 240 -23.00 19.03 -3.20
C SER E 240 -21.70 18.94 -2.41
N GLU E 241 -21.83 18.84 -1.09
CA GLU E 241 -20.67 18.66 -0.22
C GLU E 241 -20.14 17.23 -0.27
N ARG E 242 -20.95 16.28 -0.77
CA ARG E 242 -20.48 14.92 -0.95
C ARG E 242 -19.59 14.77 -2.18
N ASP E 243 -19.69 15.69 -3.14
CA ASP E 243 -18.84 15.69 -4.32
C ASP E 243 -17.64 16.59 -4.17
N SER E 244 -17.75 17.65 -3.36
CA SER E 244 -16.61 18.54 -3.14
C SER E 244 -15.47 17.80 -2.47
N SER E 245 -15.78 16.91 -1.52
CA SER E 245 -14.73 16.11 -0.90
C SER E 245 -14.05 15.20 -1.92
N ALA E 246 -14.83 14.61 -2.82
CA ALA E 246 -14.26 13.76 -3.86
C ALA E 246 -13.34 14.55 -4.77
N VAL E 247 -13.72 15.78 -5.10
CA VAL E 247 -12.87 16.62 -5.94
C VAL E 247 -11.58 16.98 -5.20
N LEU E 248 -11.70 17.39 -3.94
CA LEU E 248 -10.55 17.85 -3.18
C LEU E 248 -9.56 16.72 -2.91
N HIS E 249 -10.06 15.49 -2.71
CA HIS E 249 -9.15 14.37 -2.47
C HIS E 249 -8.20 14.19 -3.63
N PHE E 250 -8.72 14.16 -4.86
CA PHE E 250 -7.85 14.05 -6.02
C PHE E 250 -6.99 15.30 -6.20
N ALA E 251 -7.57 16.47 -5.90
CA ALA E 251 -6.83 17.72 -6.06
C ALA E 251 -5.56 17.72 -5.23
N GLN E 252 -5.62 17.17 -4.01
CA GLN E 252 -4.41 17.08 -3.21
C GLN E 252 -3.60 15.82 -3.49
N ALA E 253 -4.25 14.75 -3.93
CA ALA E 253 -3.54 13.48 -4.13
C ALA E 253 -2.63 13.54 -5.35
N ALA E 254 -3.03 14.24 -6.40
CA ALA E 254 -2.20 14.26 -7.61
C ALA E 254 -0.80 14.81 -7.35
N PRO E 255 -0.62 15.97 -6.71
CA PRO E 255 0.75 16.39 -6.37
C PRO E 255 1.48 15.42 -5.46
N VAL E 256 0.77 14.80 -4.52
CA VAL E 256 1.41 13.88 -3.59
C VAL E 256 1.97 12.68 -4.34
N VAL E 257 1.18 12.11 -5.26
CA VAL E 257 1.64 10.95 -6.01
C VAL E 257 2.74 11.34 -6.99
N LEU E 258 2.63 12.52 -7.60
CA LEU E 258 3.69 12.98 -8.50
C LEU E 258 5.01 13.13 -7.75
N GLY E 259 4.99 13.68 -6.55
CA GLY E 259 6.21 13.79 -5.76
C GLY E 259 6.65 12.48 -5.16
N MET E 260 5.72 11.54 -4.97
CA MET E 260 6.07 10.23 -4.47
C MET E 260 6.80 9.41 -5.51
N MET E 261 6.42 9.57 -6.78
CA MET E 261 7.10 8.85 -7.85
C MET E 261 8.53 9.33 -8.07
N GLU E 262 8.89 10.48 -7.52
CA GLU E 262 10.26 10.98 -7.57
C GLU E 262 11.07 10.50 -6.37
N ARG E 263 10.62 10.86 -5.16
CA ARG E 263 11.23 10.38 -3.93
C ARG E 263 10.51 9.09 -3.53
N LEU E 264 11.15 7.95 -3.78
CA LEU E 264 10.47 6.67 -3.64
C LEU E 264 10.37 6.22 -2.18
N THR E 265 9.81 7.08 -1.33
CA THR E 265 9.52 6.71 0.05
C THR E 265 8.11 6.11 0.12
N GLY E 266 7.58 5.95 1.32
CA GLY E 266 6.27 5.39 1.49
C GLY E 266 5.17 6.32 0.99
N ALA E 267 3.94 5.96 1.34
CA ALA E 267 2.76 6.71 0.95
C ALA E 267 1.90 7.01 2.16
N PRO E 268 1.16 8.12 2.14
CA PRO E 268 0.24 8.41 3.24
C PRO E 268 -0.93 7.44 3.26
N LYS E 269 -1.54 7.28 4.43
CA LYS E 269 -2.67 6.32 4.57
C LYS E 269 -3.86 6.82 3.75
N TRP E 270 -4.03 8.14 3.64
CA TRP E 270 -5.20 8.69 2.90
C TRP E 270 -5.15 8.33 1.41
N VAL E 271 -3.99 8.43 0.77
CA VAL E 271 -3.86 8.02 -0.66
C VAL E 271 -4.06 6.52 -0.79
N LEU E 272 -3.44 5.72 0.09
CA LEU E 272 -3.48 4.24 -0.01
C LEU E 272 -4.88 3.68 0.27
N ASP E 273 -5.56 4.19 1.30
CA ASP E 273 -6.86 3.60 1.73
C ASP E 273 -8.05 4.33 1.12
N TYR E 274 -8.12 4.38 -0.19
CA TYR E 274 -9.23 4.98 -0.92
C TYR E 274 -10.19 3.89 -1.39
N MET F 1 -23.40 12.75 31.69
CA MET F 1 -23.84 11.38 31.49
C MET F 1 -23.88 10.61 32.80
N ASN F 2 -24.82 9.68 32.92
CA ASN F 2 -24.86 8.73 34.02
C ASN F 2 -24.64 7.32 33.49
N LEU F 3 -23.71 6.60 34.13
CA LEU F 3 -23.32 5.28 33.65
C LEU F 3 -22.52 4.58 34.74
N GLU F 4 -22.74 3.27 34.87
CA GLU F 4 -22.07 2.45 35.86
C GLU F 4 -21.26 1.38 35.16
N ILE F 5 -19.98 1.25 35.53
CA ILE F 5 -19.08 0.29 34.93
C ILE F 5 -18.86 -0.85 35.92
N ASN F 6 -19.18 -2.07 35.49
CA ASN F 6 -19.09 -3.23 36.36
C ASN F 6 -17.67 -3.78 36.37
N ASN F 7 -17.44 -4.77 37.24
CA ASN F 7 -16.12 -5.37 37.39
C ASN F 7 -15.70 -6.22 36.20
N PHE F 8 -16.62 -6.58 35.32
CA PHE F 8 -16.33 -7.41 34.16
C PHE F 8 -16.30 -6.60 32.87
N ALA F 9 -16.11 -5.29 32.97
CA ALA F 9 -15.97 -4.47 31.77
C ALA F 9 -14.83 -4.89 30.85
N PRO F 10 -13.63 -5.26 31.34
CA PRO F 10 -12.58 -5.69 30.40
C PRO F 10 -12.97 -6.88 29.54
N ALA F 11 -13.71 -7.83 30.10
CA ALA F 11 -14.12 -9.00 29.33
C ALA F 11 -15.04 -8.61 28.18
N ILE F 12 -15.99 -7.71 28.44
CA ILE F 12 -16.89 -7.25 27.39
C ILE F 12 -16.12 -6.43 26.36
N SER F 13 -15.18 -5.61 26.83
CA SER F 13 -14.42 -4.74 25.93
C SER F 13 -13.54 -5.55 25.00
N SER F 14 -12.97 -6.65 25.49
CA SER F 14 -12.11 -7.47 24.64
C SER F 14 -12.88 -8.15 23.51
N ILE F 15 -14.18 -8.34 23.66
CA ILE F 15 -15.01 -8.86 22.58
C ILE F 15 -15.49 -7.73 21.67
N GLY F 16 -15.87 -6.60 22.26
CA GLY F 16 -16.34 -5.48 21.47
C GLY F 16 -15.27 -4.94 20.53
N SER F 17 -14.04 -4.82 21.04
CA SER F 17 -12.94 -4.32 20.21
C SER F 17 -12.65 -5.28 19.06
N GLN F 18 -12.67 -6.58 19.34
CA GLN F 18 -12.45 -7.57 18.28
C GLN F 18 -13.53 -7.47 17.21
N LEU F 19 -14.79 -7.31 17.64
CA LEU F 19 -15.88 -7.17 16.67
C LEU F 19 -15.71 -5.90 15.84
N CYS F 20 -15.31 -4.80 16.48
CA CYS F 20 -15.11 -3.55 15.75
C CYS F 20 -13.99 -3.69 14.72
N SER F 21 -12.89 -4.33 15.10
CA SER F 21 -11.78 -4.52 14.18
C SER F 21 -12.18 -5.42 13.02
N LEU F 22 -12.94 -6.49 13.31
CA LEU F 22 -13.42 -7.36 12.25
C LEU F 22 -14.29 -6.60 11.26
N SER F 23 -15.22 -5.79 11.76
CA SER F 23 -16.10 -5.03 10.89
C SER F 23 -15.32 -4.04 10.04
N ALA F 24 -14.33 -3.35 10.63
CA ALA F 24 -13.55 -2.39 9.87
C ALA F 24 -12.72 -3.09 8.79
N GLN F 25 -12.12 -4.23 9.11
CA GLN F 25 -11.34 -4.96 8.12
C GLN F 25 -12.23 -5.43 6.97
N LYS F 26 -13.44 -5.90 7.29
CA LYS F 26 -14.38 -6.29 6.25
C LYS F 26 -14.77 -5.09 5.39
N LEU F 27 -14.92 -3.92 6.02
CA LEU F 27 -15.26 -2.71 5.26
C LEU F 27 -14.18 -2.37 4.25
N LEU F 28 -12.91 -2.38 4.68
CA LEU F 28 -11.84 -2.11 3.72
C LEU F 28 -11.74 -3.19 2.65
N THR F 29 -11.95 -4.46 3.03
CA THR F 29 -11.90 -5.55 2.05
C THR F 29 -12.95 -5.36 0.96
N CYS F 30 -14.16 -4.97 1.35
CA CYS F 30 -15.20 -4.71 0.37
C CYS F 30 -14.99 -3.41 -0.38
N ARG F 31 -14.35 -2.42 0.26
CA ARG F 31 -14.05 -1.15 -0.39
C ARG F 31 -12.99 -1.30 -1.47
N LYS F 32 -12.12 -2.32 -1.34
CA LYS F 32 -11.06 -2.50 -2.32
C LYS F 32 -11.58 -3.05 -3.64
N GLN F 33 -12.68 -3.80 -3.63
CA GLN F 33 -13.17 -4.49 -4.82
C GLN F 33 -14.53 -3.98 -5.29
N TYR F 34 -14.83 -2.70 -5.04
CA TYR F 34 -16.09 -2.14 -5.46
C TYR F 34 -16.11 -1.96 -6.98
N GLY F 35 -17.20 -2.42 -7.60
CA GLY F 35 -17.22 -2.51 -9.06
C GLY F 35 -17.36 -1.17 -9.75
N ASN F 36 -17.85 -0.16 -9.02
CA ASN F 36 -18.06 1.18 -9.56
C ASN F 36 -19.05 1.17 -10.73
N GLY F 37 -20.20 0.55 -10.54
CA GLY F 37 -21.22 0.43 -11.58
C GLY F 37 -22.47 1.21 -11.26
N ALA F 38 -23.63 0.61 -11.60
CA ALA F 38 -24.90 1.29 -11.39
C ALA F 38 -25.29 1.29 -9.92
N LYS F 39 -24.92 0.27 -9.17
CA LYS F 39 -25.20 0.21 -7.74
C LYS F 39 -24.27 1.14 -6.99
N SER F 40 -24.81 1.79 -5.95
CA SER F 40 -24.00 2.64 -5.11
C SER F 40 -23.18 1.78 -4.14
N PHE F 41 -22.26 2.45 -3.44
CA PHE F 41 -21.42 1.72 -2.48
C PHE F 41 -22.22 1.31 -1.25
N GLU F 42 -23.28 2.05 -0.92
CA GLU F 42 -24.10 1.68 0.23
C GLU F 42 -24.82 0.36 0.01
N GLU F 43 -25.38 0.15 -1.19
CA GLU F 43 -26.01 -1.13 -1.50
C GLU F 43 -24.99 -2.25 -1.50
N PHE F 44 -23.80 -2.00 -2.06
CA PHE F 44 -22.75 -3.01 -2.11
C PHE F 44 -22.36 -3.44 -0.70
N TYR F 45 -22.17 -2.47 0.20
CA TYR F 45 -21.82 -2.79 1.58
C TYR F 45 -22.95 -3.50 2.30
N ALA F 46 -24.19 -3.06 2.10
CA ALA F 46 -25.32 -3.71 2.73
C ALA F 46 -25.49 -5.14 2.23
N GLU F 47 -25.06 -5.42 1.01
CA GLU F 47 -25.21 -6.75 0.45
C GLU F 47 -24.11 -7.70 0.94
N ILE F 48 -22.84 -7.24 0.96
CA ILE F 48 -21.72 -8.18 1.30
C ILE F 48 -20.82 -7.70 2.45
N GLY F 49 -21.32 -6.97 3.45
CA GLY F 49 -20.43 -6.44 4.50
C GLY F 49 -20.51 -7.21 5.81
N GLY F 50 -21.25 -8.31 5.87
CA GLY F 50 -21.47 -9.02 7.15
C GLY F 50 -20.39 -9.99 7.58
N ILE F 51 -20.44 -10.42 8.85
CA ILE F 51 -19.49 -11.44 9.38
C ILE F 51 -20.30 -12.72 9.59
N ILE F 52 -19.80 -13.88 9.14
CA ILE F 52 -20.62 -15.13 9.19
C ILE F 52 -20.16 -16.11 10.27
N GLY F 53 -18.93 -15.99 10.79
CA GLY F 53 -18.43 -17.04 11.70
C GLY F 53 -18.27 -16.68 13.16
N MET F 54 -18.79 -15.55 13.62
CA MET F 54 -18.52 -15.17 15.04
C MET F 54 -19.69 -15.61 15.92
N MET F 55 -19.40 -16.30 17.01
CA MET F 55 -20.45 -16.70 17.97
C MET F 55 -20.96 -15.43 18.63
N GLY F 56 -22.27 -15.32 18.81
CA GLY F 56 -22.81 -14.10 19.36
C GLY F 56 -23.61 -13.31 18.34
N ILE F 57 -23.18 -13.33 17.06
CA ILE F 57 -23.87 -12.54 15.99
C ILE F 57 -24.91 -13.43 15.30
N ASN F 58 -26.14 -12.95 15.14
CA ASN F 58 -27.22 -13.82 14.61
C ASN F 58 -27.68 -13.46 13.19
N SER F 59 -27.06 -12.47 12.54
CA SER F 59 -27.42 -12.15 11.13
C SER F 59 -26.16 -11.99 10.27
N GLN F 60 -26.26 -12.23 8.97
CA GLN F 60 -25.09 -12.10 8.05
C GLN F 60 -25.11 -10.72 7.38
N THR F 61 -26.00 -9.83 7.82
CA THR F 61 -26.07 -8.45 7.29
C THR F 61 -25.37 -7.52 8.29
N PRO F 62 -24.91 -6.31 7.91
CA PRO F 62 -24.33 -5.36 8.87
C PRO F 62 -25.19 -5.06 10.13
N SER F 63 -26.51 -5.04 10.00
CA SER F 63 -27.44 -4.85 11.12
C SER F 63 -27.13 -5.80 12.26
N GLY F 64 -26.65 -7.01 11.96
CA GLY F 64 -26.27 -7.92 13.02
C GLY F 64 -25.10 -7.39 13.85
N ILE F 65 -24.08 -6.85 13.18
CA ILE F 65 -22.95 -6.26 13.88
C ILE F 65 -23.41 -5.06 14.70
N ARG F 66 -24.30 -4.24 14.13
CA ARG F 66 -24.82 -3.10 14.86
C ARG F 66 -25.55 -3.52 16.13
N GLU F 67 -26.39 -4.55 16.03
CA GLU F 67 -27.16 -5.01 17.17
C GLU F 67 -26.25 -5.62 18.23
N ALA F 68 -25.23 -6.36 17.79
CA ALA F 68 -24.26 -6.90 18.74
C ALA F 68 -23.49 -5.79 19.45
N ILE F 69 -23.11 -4.75 18.72
CA ILE F 69 -22.43 -3.61 19.35
C ILE F 69 -23.34 -2.95 20.37
N TYR F 70 -24.62 -2.78 20.04
CA TYR F 70 -25.57 -2.21 20.99
C TYR F 70 -25.65 -3.04 22.26
N ARG F 71 -25.78 -4.36 22.11
CA ARG F 71 -25.86 -5.23 23.29
C ARG F 71 -24.60 -5.12 24.14
N LEU F 72 -23.43 -5.18 23.50
CA LEU F 72 -22.18 -5.15 24.25
C LEU F 72 -21.99 -3.82 24.96
N TYR F 73 -22.31 -2.71 24.30
CA TYR F 73 -22.17 -1.40 24.92
C TYR F 73 -23.11 -1.27 26.11
N GLN F 74 -24.38 -1.70 25.94
CA GLN F 74 -25.33 -1.62 27.04
C GLN F 74 -24.88 -2.46 28.23
N SER F 75 -24.36 -3.67 27.96
CA SER F 75 -23.91 -4.53 29.03
C SER F 75 -22.69 -3.97 29.73
N ALA F 76 -21.79 -3.33 28.99
CA ALA F 76 -20.49 -2.95 29.56
C ALA F 76 -20.55 -1.61 30.29
N PHE F 77 -21.30 -0.64 29.76
CA PHE F 77 -21.21 0.72 30.27
C PHE F 77 -22.49 1.26 30.89
N LEU F 78 -23.64 0.67 30.63
CA LEU F 78 -24.90 1.25 31.08
C LEU F 78 -25.31 0.68 32.43
N PHE F 79 -26.48 1.12 32.90
CA PHE F 79 -26.91 0.79 34.26
C PHE F 79 -27.09 -0.72 34.44
N GLY F 80 -27.69 -1.38 33.46
CA GLY F 80 -27.89 -2.82 33.57
C GLY F 80 -26.59 -3.60 33.52
N ASP F 81 -26.20 -4.16 34.66
CA ASP F 81 -24.99 -4.98 34.75
C ASP F 81 -25.33 -6.42 34.35
N ILE F 82 -25.75 -6.56 33.11
CA ILE F 82 -26.17 -7.85 32.55
C ILE F 82 -24.99 -8.52 31.89
N PHE F 83 -24.73 -9.77 32.26
CA PHE F 83 -23.63 -10.53 31.69
C PHE F 83 -24.12 -11.21 30.42
N PRO F 84 -23.56 -10.90 29.26
CA PRO F 84 -24.07 -11.50 28.00
C PRO F 84 -23.64 -12.94 27.82
N GLU F 85 -24.52 -13.87 28.17
CA GLU F 85 -24.21 -15.32 27.96
C GLU F 85 -24.16 -15.63 26.45
N SER F 86 -24.82 -14.84 25.60
CA SER F 86 -24.89 -15.17 24.15
C SER F 86 -23.51 -15.13 23.49
N PHE F 87 -22.66 -14.16 23.83
CA PHE F 87 -21.28 -14.17 23.31
C PHE F 87 -20.50 -15.14 24.18
N GLY F 88 -19.51 -15.86 23.63
CA GLY F 88 -18.83 -16.87 24.47
C GLY F 88 -17.66 -16.28 25.22
N ILE F 89 -17.80 -16.12 26.54
CA ILE F 89 -16.68 -15.61 27.39
C ILE F 89 -16.12 -16.79 28.17
N GLN F 90 -14.88 -17.21 27.88
CA GLN F 90 -14.34 -18.43 28.55
C GLN F 90 -13.39 -18.02 29.67
N ASN F 91 -12.44 -17.12 29.41
CA ASN F 91 -11.56 -16.62 30.49
C ASN F 91 -11.76 -15.11 30.62
N THR F 92 -12.09 -14.64 31.83
CA THR F 92 -12.27 -13.18 32.06
C THR F 92 -10.91 -12.55 32.36
N GLN F 93 -9.88 -13.37 32.56
CA GLN F 93 -8.50 -12.84 32.80
C GLN F 93 -7.75 -12.56 31.48
N ASN F 94 -7.88 -13.41 30.46
CA ASN F 94 -7.10 -13.18 29.22
C ASN F 94 -7.64 -11.91 28.54
N ILE F 95 -6.74 -10.96 28.24
CA ILE F 95 -7.11 -9.67 27.57
C ILE F 95 -5.97 -9.26 26.64
N LYS F 96 -6.15 -9.32 25.31
CA LYS F 96 -5.14 -8.79 24.40
C LYS F 96 -4.92 -7.30 24.65
N PRO F 97 -3.67 -6.86 24.70
CA PRO F 97 -3.38 -5.43 24.92
C PRO F 97 -3.92 -4.59 23.77
N PRO F 98 -4.42 -3.39 24.07
CA PRO F 98 -4.87 -2.49 23.01
C PRO F 98 -3.75 -1.57 22.57
N PRO F 99 -3.86 -0.93 21.41
CA PRO F 99 -2.82 -0.01 20.97
C PRO F 99 -2.70 1.20 21.89
N GLY F 100 -1.50 1.77 21.93
CA GLY F 100 -1.26 2.92 22.77
C GLY F 100 -1.99 4.16 22.29
N PHE F 101 -2.22 5.08 23.22
CA PHE F 101 -3.00 6.28 22.93
C PHE F 101 -2.24 7.21 21.99
N THR F 102 -3.01 7.94 21.17
CA THR F 102 -2.43 8.86 20.20
C THR F 102 -3.04 10.26 20.26
N ALA F 103 -3.94 10.52 21.19
CA ALA F 103 -4.65 11.80 21.21
C ALA F 103 -3.76 12.90 21.78
N PRO F 104 -3.49 13.97 21.05
CA PRO F 104 -2.71 15.07 21.62
C PRO F 104 -3.47 15.75 22.74
N ALA F 105 -2.74 16.18 23.76
CA ALA F 105 -3.33 16.82 24.93
C ALA F 105 -3.30 18.33 24.71
N LYS F 106 -4.37 18.84 24.07
CA LYS F 106 -4.49 20.27 23.83
C LYS F 106 -5.09 20.99 25.03
N LYS F 107 -6.29 20.59 25.43
CA LYS F 107 -6.96 21.21 26.60
C LYS F 107 -6.66 20.37 27.84
N LEU F 108 -5.51 20.59 28.48
CA LEU F 108 -5.15 19.74 29.63
C LEU F 108 -6.05 20.07 30.82
N GLU F 109 -6.42 19.05 31.61
CA GLU F 109 -7.39 19.27 32.71
C GLU F 109 -6.64 19.41 34.03
N VAL F 110 -6.79 20.56 34.70
CA VAL F 110 -6.05 20.83 35.97
C VAL F 110 -7.04 21.38 37.00
N VAL F 111 -6.74 21.19 38.30
CA VAL F 111 -7.60 21.71 39.39
C VAL F 111 -6.76 22.61 40.30
N LEU F 112 -7.38 23.69 40.78
CA LEU F 112 -6.67 24.68 41.63
C LEU F 112 -6.55 24.15 43.07
N PRO F 113 -5.59 24.62 43.92
CA PRO F 113 -5.40 24.07 45.27
C PRO F 113 -6.55 24.31 46.25
N GLN F 114 -7.53 25.17 45.92
CA GLN F 114 -8.72 25.47 46.78
C GLN F 114 -8.42 26.60 47.77
N GLY F 115 -7.27 27.27 47.65
CA GLY F 115 -6.98 28.43 48.50
C GLY F 115 -7.45 29.71 47.85
N GLY F 116 -8.03 29.63 46.65
CA GLY F 116 -8.45 30.83 45.91
C GLY F 116 -7.27 31.76 45.66
N ALA F 117 -6.11 31.21 45.33
CA ALA F 117 -4.89 32.04 45.19
C ALA F 117 -4.52 32.30 43.73
N PHE F 118 -5.00 31.49 42.77
CA PHE F 118 -4.56 31.74 41.37
C PHE F 118 -5.73 31.81 40.38
N ASP F 119 -5.51 32.49 39.24
CA ASP F 119 -6.55 32.56 38.17
C ASP F 119 -6.12 31.63 37.03
N LEU F 120 -7.04 30.89 36.41
CA LEU F 120 -6.71 29.89 35.42
C LEU F 120 -7.27 30.26 34.06
N ILE F 121 -6.39 30.32 33.05
CA ILE F 121 -6.79 30.48 31.66
C ILE F 121 -6.05 29.45 30.82
N TYR F 122 -6.64 29.10 29.69
CA TYR F 122 -6.16 28.01 28.85
C TYR F 122 -5.60 28.54 27.54
N ASN F 123 -4.89 27.67 26.85
CA ASN F 123 -4.29 27.99 25.55
C ASN F 123 -4.27 26.72 24.71
N ASN F 124 -3.49 26.74 23.62
CA ASN F 124 -3.47 25.60 22.70
C ASN F 124 -2.99 24.34 23.40
N GLY F 125 -1.90 24.42 24.14
CA GLY F 125 -1.37 23.26 24.83
C GLY F 125 -0.82 23.56 26.21
N GLU F 126 -0.95 24.80 26.65
CA GLU F 126 -0.36 25.24 27.91
C GLU F 126 -1.43 25.88 28.79
N ILE F 127 -1.21 25.81 30.10
CA ILE F 127 -1.99 26.55 31.08
C ILE F 127 -1.09 27.61 31.69
N ARG F 128 -1.71 28.71 32.14
CA ARG F 128 -0.97 29.79 32.75
C ARG F 128 -1.86 30.47 33.78
N VAL F 129 -1.30 30.70 34.97
CA VAL F 129 -2.08 31.23 36.09
C VAL F 129 -1.44 32.52 36.58
N THR F 130 -2.28 33.39 37.14
CA THR F 130 -1.85 34.66 37.71
C THR F 130 -2.12 34.64 39.20
N THR F 131 -1.13 35.09 39.98
CA THR F 131 -1.24 35.07 41.43
C THR F 131 -2.13 36.22 41.90
N THR F 132 -3.19 35.88 42.63
CA THR F 132 -4.05 36.93 43.20
C THR F 132 -3.40 37.59 44.41
N ARG F 133 -2.67 36.81 45.22
CA ARG F 133 -2.00 37.32 46.40
C ARG F 133 -0.56 36.83 46.40
N ASN F 134 0.20 37.30 47.38
CA ASN F 134 1.62 36.95 47.47
C ASN F 134 1.78 35.46 47.72
N VAL F 135 2.78 34.86 47.07
CA VAL F 135 3.04 33.44 47.16
C VAL F 135 4.54 33.22 47.34
N GLN F 136 4.89 32.27 48.20
CA GLN F 136 6.28 31.95 48.48
C GLN F 136 6.72 30.74 47.67
N ALA F 137 8.02 30.64 47.42
CA ALA F 137 8.56 29.56 46.62
C ALA F 137 8.44 28.23 47.35
N GLY F 138 8.06 27.20 46.60
CA GLY F 138 8.00 25.85 47.12
C GLY F 138 6.64 25.35 47.56
N ASP F 139 5.56 25.79 46.90
CA ASP F 139 4.22 25.35 47.27
C ASP F 139 3.44 25.02 46.00
N LEU F 140 2.39 24.21 46.17
CA LEU F 140 1.60 23.76 45.04
C LEU F 140 0.90 24.93 44.35
N VAL F 141 0.81 24.84 43.02
CA VAL F 141 0.09 25.82 42.21
C VAL F 141 -1.02 25.16 41.41
N CYS F 142 -0.71 24.06 40.73
CA CYS F 142 -1.70 23.32 39.95
C CYS F 142 -1.35 21.84 39.99
N THR F 143 -2.35 21.02 39.69
CA THR F 143 -2.15 19.59 39.54
C THR F 143 -3.18 19.06 38.56
N VAL F 144 -2.74 18.08 37.75
CA VAL F 144 -3.59 17.54 36.65
C VAL F 144 -4.38 16.32 37.14
N THR F 145 -5.67 16.24 36.80
CA THR F 145 -6.50 15.10 37.14
C THR F 145 -6.67 14.11 36.00
N PHE F 146 -6.33 14.51 34.77
CA PHE F 146 -6.38 13.63 33.61
C PHE F 146 -4.96 13.18 33.32
N PRO F 147 -4.65 11.88 33.45
CA PRO F 147 -3.25 11.45 33.31
C PRO F 147 -2.68 11.78 31.94
N ILE F 148 -1.40 12.15 31.93
CA ILE F 148 -0.76 12.70 30.75
C ILE F 148 0.69 12.19 30.71
N GLN F 149 1.16 11.83 29.52
CA GLN F 149 2.54 11.41 29.33
C GLN F 149 3.12 12.09 28.11
N GLY F 150 4.38 12.48 28.21
CA GLY F 150 5.04 13.18 27.11
C GLY F 150 6.21 13.99 27.62
N SER F 151 6.52 15.03 26.86
CA SER F 151 7.65 15.92 27.16
C SER F 151 7.13 17.24 27.74
N VAL F 152 8.07 18.08 28.16
CA VAL F 152 7.76 19.39 28.73
C VAL F 152 8.55 20.45 27.98
N ILE F 153 7.88 21.53 27.62
CA ILE F 153 8.49 22.64 26.89
C ILE F 153 8.06 23.94 27.53
N ALA F 154 8.98 24.91 27.55
CA ALA F 154 8.69 26.29 27.96
C ALA F 154 8.11 26.34 29.38
N THR F 155 8.94 25.95 30.33
CA THR F 155 8.60 26.02 31.74
C THR F 155 9.23 27.29 32.32
N ARG F 156 8.39 28.23 32.73
CA ARG F 156 8.84 29.52 33.23
C ARG F 156 8.23 29.80 34.59
N ASN F 157 9.07 30.20 35.55
CA ASN F 157 8.66 30.57 36.89
C ASN F 157 7.89 29.45 37.59
N CYS F 158 8.26 28.20 37.30
CA CYS F 158 7.66 27.05 37.96
C CYS F 158 8.59 25.85 37.79
N HIS F 159 8.29 24.79 38.52
CA HIS F 159 9.12 23.60 38.52
C HIS F 159 8.24 22.36 38.40
N VAL F 160 8.71 21.40 37.60
CA VAL F 160 7.99 20.09 37.42
C VAL F 160 9.09 19.03 37.49
N ASN F 161 8.79 17.83 37.99
CA ASN F 161 9.83 16.77 37.98
C ASN F 161 10.03 16.32 36.53
N GLU F 162 11.28 16.29 36.06
CA GLU F 162 11.56 15.89 34.67
C GLU F 162 12.94 15.24 34.55
N ILE F 163 13.11 14.28 33.64
CA ILE F 163 14.45 13.70 33.38
C ILE F 163 14.67 13.84 31.87
N GLY F 164 15.66 14.62 31.47
CA GLY F 164 15.95 14.82 30.03
C GLY F 164 14.77 15.39 29.26
N GLY F 165 13.97 16.25 29.89
CA GLY F 165 12.85 16.91 29.18
C GLY F 165 11.59 16.08 29.21
N GLN F 166 11.66 14.86 29.77
CA GLN F 166 10.52 13.97 29.82
C GLN F 166 9.89 13.98 31.20
N LEU F 167 8.56 14.00 31.25
CA LEU F 167 7.86 13.98 32.53
C LEU F 167 8.09 12.65 33.24
N THR F 168 8.24 12.72 34.57
CA THR F 168 8.47 11.52 35.36
C THR F 168 7.17 10.81 35.70
N THR F 169 6.26 11.49 36.39
CA THR F 169 5.00 10.90 36.81
C THR F 169 3.88 11.26 35.83
N THR F 170 2.87 10.40 35.78
CA THR F 170 1.76 10.59 34.86
C THR F 170 0.80 11.69 35.28
N ARG F 171 0.90 12.18 36.52
CA ARG F 171 0.07 13.28 37.02
C ARG F 171 1.00 14.33 37.60
N PRO F 172 1.65 15.13 36.75
CA PRO F 172 2.60 16.13 37.25
C PRO F 172 1.90 17.21 38.06
N GLU F 173 2.65 17.75 39.02
CA GLU F 173 2.19 18.87 39.85
C GLU F 173 3.12 20.05 39.63
N ILE F 174 2.53 21.24 39.50
CA ILE F 174 3.26 22.46 39.24
C ILE F 174 3.45 23.21 40.56
N ILE F 175 4.70 23.45 40.93
CA ILE F 175 5.03 24.17 42.16
C ILE F 175 5.95 25.33 41.81
N ALA F 176 5.68 26.49 42.40
CA ALA F 176 6.51 27.66 42.16
C ALA F 176 7.89 27.47 42.77
N SER F 177 8.90 28.04 42.10
CA SER F 177 10.29 27.86 42.52
C SER F 177 10.96 29.15 43.00
N VAL F 178 10.34 30.30 42.78
CA VAL F 178 10.95 31.58 43.17
C VAL F 178 9.90 32.41 43.90
N PRO F 179 10.29 33.19 44.93
CA PRO F 179 9.33 34.10 45.55
C PRO F 179 8.88 35.17 44.56
N MET F 180 7.62 35.11 44.16
CA MET F 180 7.10 35.91 43.06
C MET F 180 5.92 36.79 43.49
N PRO F 181 6.15 38.08 43.74
CA PRO F 181 5.07 38.97 44.17
C PRO F 181 4.42 39.73 43.03
N ALA F 182 3.37 40.49 43.38
CA ALA F 182 2.78 41.51 42.49
C ALA F 182 2.15 40.89 41.24
N ARG F 183 1.24 39.94 41.46
CA ARG F 183 0.33 39.43 40.43
C ARG F 183 1.07 39.00 39.17
N THR F 184 2.13 38.22 39.36
CA THR F 184 2.88 37.71 38.23
C THR F 184 2.18 36.50 37.63
N VAL F 185 2.65 36.07 36.47
CA VAL F 185 2.05 34.98 35.71
C VAL F 185 3.11 33.93 35.43
N ILE F 186 2.73 32.67 35.59
CA ILE F 186 3.61 31.54 35.29
C ILE F 186 2.96 30.71 34.19
N VAL F 187 3.79 30.02 33.40
CA VAL F 187 3.33 29.24 32.27
C VAL F 187 3.89 27.84 32.36
N ALA F 188 3.21 26.90 31.71
CA ALA F 188 3.64 25.51 31.67
C ALA F 188 3.04 24.87 30.43
N SER F 189 3.89 24.55 29.45
CA SER F 189 3.46 23.92 28.21
C SER F 189 3.94 22.49 28.16
N PHE F 190 3.11 21.61 27.61
CA PHE F 190 3.41 20.19 27.53
C PHE F 190 3.22 19.69 26.11
N ASP F 191 4.26 19.06 25.56
CA ASP F 191 4.16 18.34 24.30
C ASP F 191 3.93 16.86 24.59
N ALA F 192 2.70 16.57 25.01
CA ALA F 192 2.38 15.27 25.58
C ALA F 192 1.18 14.66 24.88
N ILE F 193 0.78 13.47 25.34
CA ILE F 193 -0.37 12.74 24.73
C ILE F 193 -1.34 12.37 25.86
N GLU F 194 -2.61 12.76 25.73
CA GLU F 194 -3.62 12.47 26.78
C GLU F 194 -4.16 11.04 26.63
N ILE F 195 -5.43 10.83 26.95
CA ILE F 195 -6.04 9.47 26.85
C ILE F 195 -6.99 9.44 25.65
N GLY F 196 -6.97 8.35 24.87
CA GLY F 196 -7.85 8.23 23.69
C GLY F 196 -7.06 8.16 22.40
N TYR F 197 -7.75 8.21 21.26
CA TYR F 197 -7.07 8.14 19.94
C TYR F 197 -7.55 9.30 19.06
N GLY F 198 -6.64 10.24 18.77
CA GLY F 198 -7.01 11.43 17.97
C GLY F 198 -7.64 11.12 16.64
N GLU F 199 -7.16 10.10 15.93
CA GLU F 199 -7.64 9.84 14.55
C GLU F 199 -9.13 9.47 14.51
N GLY F 200 -9.78 9.72 13.38
CA GLY F 200 -11.19 9.37 13.23
C GLY F 200 -12.14 10.17 14.09
N ASP F 201 -11.93 11.49 14.21
CA ASP F 201 -12.81 12.32 15.01
C ASP F 201 -14.13 12.60 14.30
N ASP F 202 -14.14 12.60 12.96
CA ASP F 202 -15.37 12.83 12.23
C ASP F 202 -16.37 11.70 12.47
N LEU F 203 -15.90 10.47 12.53
CA LEU F 203 -16.80 9.34 12.73
C LEU F 203 -17.35 9.31 14.15
N PHE F 204 -16.58 9.79 15.13
CA PHE F 204 -17.06 9.80 16.50
C PHE F 204 -18.28 10.70 16.66
N ALA F 205 -18.25 11.87 16.02
CA ALA F 205 -19.36 12.81 16.16
C ALA F 205 -20.65 12.25 15.59
N ILE F 206 -20.56 11.55 14.46
CA ILE F 206 -21.76 10.98 13.85
C ILE F 206 -22.20 9.69 14.54
N GLY F 207 -21.29 8.96 15.19
CA GLY F 207 -21.67 7.75 15.88
C GLY F 207 -22.20 7.97 17.29
N ILE F 208 -21.74 9.03 17.95
CA ILE F 208 -22.24 9.33 19.29
C ILE F 208 -23.71 9.71 19.22
N ALA F 209 -24.13 10.41 18.16
CA ALA F 209 -25.54 10.69 17.97
C ALA F 209 -26.33 9.41 17.72
N ILE F 210 -25.76 8.48 16.95
CA ILE F 210 -26.44 7.22 16.65
C ILE F 210 -26.69 6.44 17.94
N LEU F 211 -25.69 6.37 18.81
CA LEU F 211 -25.88 5.59 20.03
C LEU F 211 -26.52 6.40 21.17
N SER F 212 -26.68 7.71 21.00
CA SER F 212 -27.45 8.50 21.96
C SER F 212 -28.92 8.57 21.58
N ASN F 213 -29.27 8.35 20.32
CA ASN F 213 -30.68 8.26 19.95
C ASN F 213 -31.31 7.00 20.52
N ARG F 214 -30.52 6.02 20.91
CA ARG F 214 -31.03 4.80 21.52
C ARG F 214 -30.99 4.87 23.05
N PHE F 215 -29.83 5.17 23.61
CA PHE F 215 -29.68 5.34 25.06
C PHE F 215 -29.75 6.81 25.43
N ASN F 216 -30.87 7.44 25.10
CA ASN F 216 -31.01 8.88 25.32
C ASN F 216 -31.10 9.24 26.79
N GLY F 217 -31.54 8.31 27.65
CA GLY F 217 -31.58 8.59 29.08
C GLY F 217 -30.22 8.59 29.74
N GLN F 218 -29.23 7.96 29.12
CA GLN F 218 -27.90 7.82 29.72
C GLN F 218 -26.80 8.51 28.94
N ILE F 219 -26.94 8.67 27.63
CA ILE F 219 -25.88 9.21 26.78
C ILE F 219 -26.42 10.43 26.04
N THR F 220 -25.62 11.48 25.97
CA THR F 220 -25.96 12.69 25.25
C THR F 220 -24.84 13.05 24.28
N PRO F 221 -25.16 13.66 23.15
CA PRO F 221 -24.11 14.10 22.22
C PRO F 221 -23.19 15.11 22.87
N MET F 222 -21.90 15.01 22.55
CA MET F 222 -20.87 15.85 23.13
C MET F 222 -19.57 15.60 22.37
N SER F 223 -18.53 16.33 22.76
CA SER F 223 -17.23 16.17 22.13
C SER F 223 -16.51 14.93 22.67
N ARG F 224 -15.49 14.49 21.93
CA ARG F 224 -14.75 13.30 22.32
C ARG F 224 -13.99 13.52 23.62
N HIS F 225 -13.41 14.71 23.79
CA HIS F 225 -12.59 14.96 24.97
C HIS F 225 -13.41 14.88 26.26
N ASN F 226 -14.56 15.53 26.28
CA ASN F 226 -15.42 15.48 27.47
C ASN F 226 -15.94 14.08 27.71
N TYR F 227 -16.31 13.38 26.63
CA TYR F 227 -16.76 11.99 26.75
C TYR F 227 -15.70 11.12 27.42
N MET F 228 -14.45 11.26 26.98
CA MET F 228 -13.38 10.45 27.56
C MET F 228 -13.04 10.88 28.99
N THR F 229 -13.11 12.19 29.28
CA THR F 229 -12.86 12.61 30.66
C THR F 229 -13.89 12.02 31.61
N GLN F 230 -15.17 12.06 31.24
CA GLN F 230 -16.20 11.48 32.10
C GLN F 230 -16.07 9.96 32.18
N MET F 231 -15.76 9.30 31.05
CA MET F 231 -15.61 7.86 31.06
C MET F 231 -14.46 7.43 31.96
N PHE F 232 -13.35 8.17 31.92
CA PHE F 232 -12.23 7.87 32.82
C PHE F 232 -12.56 8.19 34.27
N ALA F 233 -13.36 9.24 34.51
CA ALA F 233 -13.76 9.56 35.87
C ALA F 233 -14.69 8.50 36.47
N ASN F 234 -15.46 7.81 35.64
CA ASN F 234 -16.38 6.79 36.11
C ASN F 234 -15.74 5.42 36.30
N LEU F 235 -14.44 5.28 35.99
CA LEU F 235 -13.79 3.99 36.16
C LEU F 235 -13.66 3.65 37.64
N PRO F 236 -13.77 2.38 38.00
CA PRO F 236 -13.59 1.99 39.40
C PRO F 236 -12.16 2.18 39.87
N ALA F 237 -12.01 2.43 41.18
CA ALA F 237 -10.69 2.61 41.74
C ALA F 237 -9.87 1.33 41.68
N ASN F 238 -10.51 0.19 41.92
CA ASN F 238 -9.84 -1.12 41.86
C ASN F 238 -9.75 -1.57 40.40
N MET F 239 -8.88 -0.88 39.65
CA MET F 239 -8.74 -1.14 38.23
C MET F 239 -7.29 -0.87 37.83
N SER F 240 -6.65 -1.87 37.21
CA SER F 240 -5.29 -1.69 36.74
C SER F 240 -5.26 -0.94 35.42
N GLU F 241 -4.06 -0.53 35.01
CA GLU F 241 -3.89 0.17 33.75
C GLU F 241 -4.07 -0.76 32.55
N ARG F 242 -3.82 -2.06 32.72
CA ARG F 242 -3.99 -2.99 31.62
C ARG F 242 -5.46 -3.16 31.26
N ASP F 243 -6.35 -3.08 32.25
CA ASP F 243 -7.78 -3.26 32.03
C ASP F 243 -8.48 -1.97 31.62
N SER F 244 -8.16 -0.86 32.29
CA SER F 244 -8.76 0.42 31.94
C SER F 244 -8.42 0.81 30.52
N SER F 245 -7.26 0.41 30.01
CA SER F 245 -6.91 0.67 28.63
C SER F 245 -7.89 -0.02 27.67
N ALA F 246 -8.20 -1.29 27.95
CA ALA F 246 -9.16 -2.00 27.11
C ALA F 246 -10.55 -1.38 27.22
N VAL F 247 -10.95 -1.01 28.44
CA VAL F 247 -12.27 -0.40 28.63
C VAL F 247 -12.39 0.88 27.83
N LEU F 248 -11.37 1.74 27.90
CA LEU F 248 -11.40 3.01 27.17
C LEU F 248 -11.30 2.79 25.66
N HIS F 249 -10.53 1.78 25.23
CA HIS F 249 -10.44 1.49 23.80
C HIS F 249 -11.80 1.11 23.25
N PHE F 250 -12.53 0.24 23.93
CA PHE F 250 -13.88 -0.10 23.47
C PHE F 250 -14.81 1.10 23.56
N ALA F 251 -14.68 1.89 24.63
CA ALA F 251 -15.55 3.05 24.82
C ALA F 251 -15.42 4.05 23.68
N GLN F 252 -14.22 4.21 23.13
CA GLN F 252 -14.06 5.07 21.97
C GLN F 252 -14.34 4.37 20.65
N ALA F 253 -14.07 3.06 20.55
CA ALA F 253 -14.24 2.37 19.28
C ALA F 253 -15.70 2.19 18.93
N ALA F 254 -16.57 2.01 19.92
CA ALA F 254 -17.98 1.76 19.62
C ALA F 254 -18.64 2.92 18.88
N PRO F 255 -18.56 4.17 19.34
CA PRO F 255 -19.13 5.26 18.52
C PRO F 255 -18.47 5.42 17.17
N VAL F 256 -17.15 5.22 17.10
CA VAL F 256 -16.43 5.40 15.85
C VAL F 256 -16.91 4.38 14.82
N VAL F 257 -17.06 3.12 15.23
CA VAL F 257 -17.53 2.09 14.31
C VAL F 257 -18.99 2.31 13.95
N LEU F 258 -19.80 2.75 14.92
CA LEU F 258 -21.21 3.02 14.64
C LEU F 258 -21.35 4.12 13.59
N GLY F 259 -20.53 5.17 13.70
CA GLY F 259 -20.56 6.23 12.70
C GLY F 259 -19.87 5.88 11.40
N MET F 260 -18.93 4.94 11.44
CA MET F 260 -18.26 4.48 10.23
C MET F 260 -19.17 3.59 9.39
N MET F 261 -20.05 2.82 10.04
CA MET F 261 -21.00 2.01 9.31
C MET F 261 -22.08 2.84 8.61
N GLU F 262 -22.18 4.13 8.92
CA GLU F 262 -23.10 5.02 8.22
C GLU F 262 -22.40 5.74 7.06
N ARG F 263 -21.33 6.48 7.37
CA ARG F 263 -20.48 7.09 6.35
C ARG F 263 -19.39 6.10 5.99
N LEU F 264 -19.51 5.46 4.84
CA LEU F 264 -18.64 4.33 4.52
C LEU F 264 -17.27 4.80 4.01
N THR F 265 -16.61 5.64 4.79
CA THR F 265 -15.24 6.02 4.53
C THR F 265 -14.31 4.99 5.15
N GLY F 266 -13.02 5.29 5.23
CA GLY F 266 -12.07 4.38 5.81
C GLY F 266 -12.22 4.28 7.32
N ALA F 267 -11.31 3.51 7.92
CA ALA F 267 -11.28 3.33 9.36
C ALA F 267 -9.92 3.75 9.92
N PRO F 268 -9.89 4.25 11.14
CA PRO F 268 -8.60 4.64 11.74
C PRO F 268 -7.71 3.44 11.99
N LYS F 269 -6.40 3.73 12.09
CA LYS F 269 -5.43 2.65 12.30
C LYS F 269 -5.64 1.96 13.63
N TRP F 270 -5.94 2.71 14.69
CA TRP F 270 -6.09 2.11 16.01
C TRP F 270 -7.31 1.20 16.09
N VAL F 271 -8.26 1.32 15.17
CA VAL F 271 -9.38 0.40 15.10
C VAL F 271 -9.04 -0.82 14.27
N LEU F 272 -8.42 -0.62 13.10
CA LEU F 272 -8.04 -1.74 12.25
C LEU F 272 -7.04 -2.65 12.94
N ASP F 273 -5.95 -2.08 13.44
CA ASP F 273 -4.84 -2.86 13.99
C ASP F 273 -4.97 -2.98 15.51
N TYR F 274 -6.04 -3.65 15.92
CA TYR F 274 -6.24 -3.94 17.33
C TYR F 274 -5.69 -5.32 17.67
N MET G 1 25.43 12.31 27.45
CA MET G 1 25.30 11.24 26.46
C MET G 1 26.38 11.36 25.38
N ASN G 2 27.35 10.44 25.42
CA ASN G 2 28.46 10.45 24.49
C ASN G 2 28.39 9.26 23.55
N LEU G 3 28.76 9.50 22.29
CA LEU G 3 28.67 8.49 21.25
C LEU G 3 29.45 8.96 20.03
N GLU G 4 30.07 8.01 19.33
CA GLU G 4 30.80 8.28 18.10
C GLU G 4 30.19 7.48 16.97
N ILE G 5 29.61 8.17 15.99
CA ILE G 5 29.04 7.52 14.81
C ILE G 5 30.18 7.05 13.93
N ASN G 6 30.23 5.75 13.66
CA ASN G 6 31.28 5.24 12.79
C ASN G 6 31.00 5.62 11.34
N ASN G 7 31.97 5.36 10.48
CA ASN G 7 31.91 5.80 9.09
C ASN G 7 31.18 4.83 8.17
N PHE G 8 30.67 3.72 8.70
CA PHE G 8 29.84 2.80 7.93
C PHE G 8 28.44 2.71 8.52
N ALA G 9 27.97 3.80 9.13
CA ALA G 9 26.68 3.79 9.79
C ALA G 9 25.50 3.46 8.87
N PRO G 10 25.39 4.00 7.65
CA PRO G 10 24.22 3.65 6.82
C PRO G 10 24.09 2.16 6.54
N ALA G 11 25.20 1.45 6.35
CA ALA G 11 25.13 0.02 6.07
C ALA G 11 24.62 -0.75 7.29
N ILE G 12 25.07 -0.36 8.48
CA ILE G 12 24.55 -0.98 9.70
C ILE G 12 23.07 -0.68 9.86
N SER G 13 22.69 0.58 9.59
CA SER G 13 21.32 1.02 9.82
C SER G 13 20.34 0.37 8.87
N SER G 14 20.76 0.08 7.63
CA SER G 14 19.88 -0.62 6.71
C SER G 14 19.50 -2.00 7.25
N ILE G 15 20.50 -2.75 7.71
CA ILE G 15 20.24 -4.07 8.29
C ILE G 15 19.37 -3.95 9.53
N GLY G 16 19.68 -2.98 10.40
CA GLY G 16 18.91 -2.81 11.61
C GLY G 16 17.45 -2.46 11.32
N SER G 17 17.22 -1.56 10.38
CA SER G 17 15.87 -1.15 10.03
C SER G 17 15.10 -2.30 9.40
N GLN G 18 15.75 -3.10 8.55
CA GLN G 18 15.09 -4.25 7.97
C GLN G 18 14.70 -5.27 9.06
N LEU G 19 15.59 -5.49 10.01
CA LEU G 19 15.29 -6.40 11.12
C LEU G 19 14.12 -5.89 11.95
N CYS G 20 14.11 -4.60 12.26
CA CYS G 20 13.01 -4.03 13.04
C CYS G 20 11.69 -4.12 12.28
N SER G 21 11.72 -3.84 10.97
CA SER G 21 10.51 -3.93 10.17
C SER G 21 9.98 -5.36 10.13
N LEU G 22 10.87 -6.34 9.96
CA LEU G 22 10.42 -7.73 9.95
C LEU G 22 9.82 -8.13 11.29
N SER G 23 10.42 -7.67 12.40
CA SER G 23 9.86 -7.94 13.71
C SER G 23 8.46 -7.36 13.85
N ALA G 24 8.28 -6.11 13.38
CA ALA G 24 6.96 -5.48 13.47
C ALA G 24 5.92 -6.21 12.64
N GLN G 25 6.29 -6.61 11.42
CA GLN G 25 5.36 -7.35 10.56
C GLN G 25 4.97 -8.67 11.20
N LYS G 26 5.95 -9.38 11.78
CA LYS G 26 5.63 -10.63 12.45
C LYS G 26 4.70 -10.40 13.64
N LEU G 27 4.95 -9.34 14.40
CA LEU G 27 4.10 -9.05 15.55
C LEU G 27 2.66 -8.80 15.12
N LEU G 28 2.45 -7.98 14.10
CA LEU G 28 1.09 -7.71 13.68
C LEU G 28 0.43 -8.93 13.03
N THR G 29 1.19 -9.73 12.29
CA THR G 29 0.62 -10.93 11.70
C THR G 29 0.17 -11.90 12.77
N CYS G 30 0.98 -12.08 13.82
CA CYS G 30 0.55 -12.93 14.93
C CYS G 30 -0.59 -12.31 15.71
N ARG G 31 -0.65 -10.98 15.76
CA ARG G 31 -1.68 -10.30 16.53
C ARG G 31 -3.04 -10.40 15.87
N LYS G 32 -3.08 -10.40 14.54
CA LYS G 32 -4.36 -10.46 13.83
C LYS G 32 -5.03 -11.81 14.00
N GLN G 33 -4.23 -12.89 14.05
CA GLN G 33 -4.81 -14.27 14.08
C GLN G 33 -4.81 -14.89 15.49
N TYR G 34 -4.67 -14.08 16.54
CA TYR G 34 -4.74 -14.61 17.93
C TYR G 34 -6.21 -14.80 18.32
N GLY G 35 -6.73 -16.01 18.16
CA GLY G 35 -8.11 -16.29 18.61
C GLY G 35 -8.13 -16.56 20.12
N ASN G 36 -8.97 -15.84 20.86
CA ASN G 36 -9.04 -16.00 22.34
C ASN G 36 -9.20 -17.49 22.68
N GLY G 37 -8.32 -18.03 23.52
CA GLY G 37 -8.35 -19.47 23.83
C GLY G 37 -7.72 -19.78 25.18
N ALA G 38 -6.96 -20.87 25.26
CA ALA G 38 -6.37 -21.30 26.55
C ALA G 38 -5.13 -20.46 26.81
N LYS G 39 -4.30 -20.23 25.79
CA LYS G 39 -3.03 -19.50 26.00
C LYS G 39 -3.27 -18.00 25.86
N SER G 40 -2.50 -17.19 26.58
CA SER G 40 -2.61 -15.71 26.47
C SER G 40 -1.83 -15.25 25.25
N PHE G 41 -1.87 -13.96 24.94
CA PHE G 41 -1.25 -13.49 23.71
C PHE G 41 0.27 -13.60 23.74
N GLU G 42 0.88 -13.46 24.92
CA GLU G 42 2.34 -13.43 25.00
C GLU G 42 2.96 -14.81 24.87
N GLU G 43 2.33 -15.86 25.42
CA GLU G 43 2.81 -17.20 25.11
C GLU G 43 2.64 -17.53 23.64
N PHE G 44 1.53 -17.06 23.04
CA PHE G 44 1.33 -17.25 21.61
C PHE G 44 2.42 -16.56 20.80
N TYR G 45 2.79 -15.35 21.19
CA TYR G 45 3.78 -14.59 20.42
C TYR G 45 5.19 -15.12 20.63
N ALA G 46 5.57 -15.43 21.86
CA ALA G 46 6.94 -15.85 22.18
C ALA G 46 7.26 -17.23 21.70
N GLU G 47 6.37 -17.85 20.94
CA GLU G 47 6.56 -19.20 20.43
C GLU G 47 6.71 -19.27 18.92
N ILE G 48 6.06 -18.38 18.18
CA ILE G 48 6.16 -18.34 16.73
C ILE G 48 6.59 -16.96 16.25
N GLY G 49 6.62 -15.99 17.17
CA GLY G 49 6.90 -14.62 16.79
C GLY G 49 8.35 -14.30 16.51
N GLY G 50 9.27 -15.17 16.89
CA GLY G 50 10.69 -14.95 16.67
C GLY G 50 11.29 -15.68 15.48
N ILE G 51 10.49 -16.42 14.73
CA ILE G 51 10.99 -17.22 13.61
C ILE G 51 11.03 -16.31 12.40
N ILE G 52 12.15 -15.60 12.23
CA ILE G 52 12.36 -14.71 11.10
C ILE G 52 13.57 -15.20 10.33
N GLY G 53 13.42 -15.31 9.01
CA GLY G 53 14.52 -15.75 8.17
C GLY G 53 15.39 -14.59 7.73
N MET G 54 16.51 -14.41 8.43
CA MET G 54 17.41 -13.30 8.14
C MET G 54 18.79 -13.64 8.66
N MET G 55 19.81 -13.24 7.92
CA MET G 55 21.19 -13.50 8.33
C MET G 55 21.51 -12.77 9.62
N GLY G 56 22.19 -13.46 10.54
CA GLY G 56 22.72 -12.87 11.75
C GLY G 56 21.99 -13.30 13.01
N ILE G 57 20.76 -13.78 12.89
CA ILE G 57 20.00 -14.20 14.07
C ILE G 57 20.37 -15.63 14.41
N ASN G 58 20.79 -15.85 15.66
CA ASN G 58 21.18 -17.18 16.13
C ASN G 58 20.19 -17.72 17.14
N SER G 59 18.92 -17.39 16.97
CA SER G 59 17.84 -17.93 17.81
C SER G 59 16.52 -17.75 17.09
N GLN G 60 15.51 -18.46 17.55
CA GLN G 60 14.15 -18.36 17.02
C GLN G 60 13.20 -17.87 18.10
N THR G 61 13.70 -16.97 18.95
CA THR G 61 12.96 -16.39 20.05
C THR G 61 13.18 -14.89 20.05
N PRO G 62 12.28 -14.11 20.67
CA PRO G 62 12.48 -12.66 20.73
C PRO G 62 13.76 -12.24 21.43
N SER G 63 14.32 -13.09 22.29
CA SER G 63 15.60 -12.78 22.92
C SER G 63 16.72 -12.67 21.88
N GLY G 64 16.68 -13.52 20.86
CA GLY G 64 17.67 -13.44 19.80
C GLY G 64 17.60 -12.13 19.03
N ILE G 65 16.38 -11.68 18.72
CA ILE G 65 16.22 -10.42 18.02
C ILE G 65 16.64 -9.27 18.91
N ARG G 66 16.35 -9.35 20.21
CA ARG G 66 16.78 -8.33 21.15
C ARG G 66 18.30 -8.22 21.18
N GLU G 67 18.98 -9.36 21.23
CA GLU G 67 20.45 -9.33 21.25
C GLU G 67 21.02 -8.85 19.94
N ALA G 68 20.39 -9.19 18.82
CA ALA G 68 20.83 -8.67 17.53
C ALA G 68 20.69 -7.15 17.48
N ILE G 69 19.58 -6.63 18.01
CA ILE G 69 19.40 -5.18 18.07
C ILE G 69 20.48 -4.54 18.94
N TYR G 70 20.78 -5.17 20.08
CA TYR G 70 21.83 -4.66 20.95
C TYR G 70 23.16 -4.59 20.22
N ARG G 71 23.54 -5.67 19.53
CA ARG G 71 24.82 -5.70 18.83
C ARG G 71 24.87 -4.66 17.73
N LEU G 72 23.81 -4.57 16.92
CA LEU G 72 23.80 -3.60 15.82
C LEU G 72 23.87 -2.17 16.35
N TYR G 73 23.11 -1.87 17.40
CA TYR G 73 23.13 -0.53 17.97
C TYR G 73 24.51 -0.18 18.53
N GLN G 74 25.11 -1.12 19.25
CA GLN G 74 26.45 -0.89 19.80
C GLN G 74 27.47 -0.64 18.70
N SER G 75 27.40 -1.44 17.62
CA SER G 75 28.35 -1.27 16.52
C SER G 75 28.13 0.04 15.78
N ALA G 76 26.88 0.48 15.62
CA ALA G 76 26.60 1.64 14.79
C ALA G 76 26.78 2.97 15.52
N PHE G 77 26.33 3.07 16.77
CA PHE G 77 26.28 4.36 17.45
C PHE G 77 27.24 4.52 18.61
N LEU G 78 27.55 3.44 19.33
CA LEU G 78 28.31 3.58 20.56
C LEU G 78 29.80 3.64 20.27
N PHE G 79 30.57 3.90 21.33
CA PHE G 79 32.01 4.05 21.20
C PHE G 79 32.70 2.78 20.76
N GLY G 80 32.08 1.63 21.02
CA GLY G 80 32.67 0.35 20.66
C GLY G 80 32.91 0.19 19.18
N ASP G 81 34.16 -0.09 18.80
CA ASP G 81 34.52 -0.34 17.40
C ASP G 81 34.55 -1.84 17.11
N ILE G 82 33.38 -2.45 17.23
CA ILE G 82 33.19 -3.86 16.94
C ILE G 82 32.32 -3.98 15.69
N PHE G 83 32.82 -4.70 14.70
CA PHE G 83 32.10 -4.87 13.45
C PHE G 83 31.31 -6.17 13.49
N PRO G 84 29.99 -6.13 13.31
CA PRO G 84 29.22 -7.38 13.33
C PRO G 84 29.53 -8.25 12.12
N GLU G 85 30.22 -9.36 12.34
CA GLU G 85 30.76 -10.17 11.26
C GLU G 85 29.79 -11.24 10.78
N SER G 86 28.63 -11.39 11.42
CA SER G 86 27.70 -12.45 11.09
C SER G 86 26.45 -11.96 10.37
N PHE G 87 26.32 -10.64 10.19
CA PHE G 87 25.18 -10.10 9.41
C PHE G 87 25.65 -9.96 7.96
N GLY G 88 24.86 -9.31 7.12
CA GLY G 88 25.24 -9.18 5.70
C GLY G 88 25.81 -7.81 5.39
N ILE G 89 26.33 -7.11 6.39
CA ILE G 89 26.78 -5.71 6.19
C ILE G 89 27.90 -5.66 5.14
N GLN G 90 28.79 -6.64 5.14
CA GLN G 90 29.95 -6.65 4.19
C GLN G 90 29.48 -6.76 2.74
N ASN G 91 28.38 -7.46 2.48
CA ASN G 91 27.94 -7.72 1.08
C ASN G 91 26.95 -6.65 0.58
N THR G 92 26.69 -5.58 1.32
CA THR G 92 25.67 -4.58 0.90
C THR G 92 26.18 -3.76 -0.29
N GLN G 93 25.36 -3.62 -1.33
CA GLN G 93 25.77 -2.88 -2.55
C GLN G 93 24.89 -1.63 -2.70
N ASN G 94 23.70 -1.64 -2.09
CA ASN G 94 22.75 -0.50 -2.27
C ASN G 94 21.82 -0.41 -1.05
N ILE G 95 21.25 0.76 -0.79
CA ILE G 95 20.30 0.93 0.36
C ILE G 95 18.93 1.40 -0.14
N LYS G 96 17.88 1.24 0.68
CA LYS G 96 16.52 1.68 0.37
C LYS G 96 16.21 2.97 1.10
N PRO G 97 15.57 3.95 0.46
CA PRO G 97 15.25 5.21 1.14
C PRO G 97 14.32 4.98 2.32
N PRO G 98 14.52 5.68 3.43
CA PRO G 98 13.64 5.52 4.58
C PRO G 98 12.41 6.41 4.45
N PRO G 99 11.36 6.14 5.22
CA PRO G 99 10.16 6.97 5.16
C PRO G 99 10.44 8.39 5.60
N GLY G 100 9.68 9.33 5.06
CA GLY G 100 9.87 10.73 5.39
C GLY G 100 9.49 11.04 6.82
N PHE G 101 10.13 12.07 7.38
CA PHE G 101 9.91 12.44 8.76
C PHE G 101 8.53 13.05 8.95
N THR G 102 7.94 12.81 10.13
CA THR G 102 6.60 13.29 10.44
C THR G 102 6.50 13.86 11.85
N ALA G 103 7.61 14.21 12.47
CA ALA G 103 7.59 14.72 13.84
C ALA G 103 7.20 16.20 13.83
N PRO G 104 6.13 16.58 14.55
CA PRO G 104 5.78 18.01 14.60
C PRO G 104 6.87 18.81 15.30
N ALA G 105 7.10 20.01 14.78
CA ALA G 105 8.12 20.91 15.34
C ALA G 105 7.44 21.82 16.36
N LYS G 106 7.36 21.33 17.60
CA LYS G 106 6.73 22.11 18.66
C LYS G 106 7.75 22.97 19.41
N LYS G 107 8.86 22.39 19.82
CA LYS G 107 9.95 23.12 20.46
C LYS G 107 11.09 23.21 19.46
N LEU G 108 11.03 24.22 18.59
CA LEU G 108 12.07 24.44 17.59
C LEU G 108 13.29 25.09 18.23
N GLU G 109 14.46 24.66 17.79
CA GLU G 109 15.73 25.07 18.39
C GLU G 109 16.30 26.26 17.64
N VAL G 110 16.68 27.29 18.42
CA VAL G 110 17.20 28.55 17.84
C VAL G 110 18.42 29.01 18.64
N VAL G 111 19.39 29.66 18.01
CA VAL G 111 20.60 30.16 18.64
C VAL G 111 20.69 31.66 18.42
N LEU G 112 20.88 32.42 19.50
CA LEU G 112 20.86 33.91 19.37
C LEU G 112 22.24 34.42 18.97
N PRO G 113 22.35 35.62 18.37
CA PRO G 113 23.65 36.21 18.05
C PRO G 113 24.38 36.60 19.34
N GLN G 114 25.70 36.77 19.29
CA GLN G 114 26.51 37.03 20.53
C GLN G 114 26.25 38.41 21.12
N GLY G 115 25.55 39.30 20.40
CA GLY G 115 25.35 40.69 20.88
C GLY G 115 24.64 40.78 22.22
N GLY G 116 23.65 39.93 22.51
CA GLY G 116 22.88 40.06 23.75
C GLY G 116 21.72 41.02 23.59
N ALA G 117 21.44 41.43 22.36
CA ALA G 117 20.36 42.39 22.06
C ALA G 117 18.97 41.81 22.33
N PHE G 118 18.82 40.47 22.33
CA PHE G 118 17.44 39.91 22.43
C PHE G 118 17.32 38.85 23.54
N ASP G 119 16.09 38.63 24.03
CA ASP G 119 15.83 37.56 25.05
C ASP G 119 14.87 36.55 24.41
N LEU G 120 15.17 35.25 24.47
CA LEU G 120 14.32 34.26 23.75
C LEU G 120 13.49 33.39 24.70
N ILE G 121 12.20 33.18 24.38
CA ILE G 121 11.34 32.24 25.17
C ILE G 121 10.68 31.27 24.19
N TYR G 122 9.74 30.42 24.65
CA TYR G 122 9.16 29.41 23.78
C TYR G 122 7.65 29.31 24.00
N ASN G 123 6.96 28.85 22.95
CA ASN G 123 5.53 28.59 23.01
C ASN G 123 5.27 27.26 22.32
N ASN G 124 4.01 26.97 22.04
CA ASN G 124 3.64 25.67 21.50
C ASN G 124 4.27 25.42 20.13
N GLY G 125 4.28 26.43 19.27
CA GLY G 125 4.83 26.26 17.94
C GLY G 125 5.58 27.46 17.41
N GLU G 126 6.03 28.35 18.31
CA GLU G 126 6.64 29.59 17.89
C GLU G 126 7.70 30.01 18.89
N ILE G 127 8.46 31.04 18.52
CA ILE G 127 9.40 31.71 19.40
C ILE G 127 9.12 33.21 19.34
N ARG G 128 9.52 33.91 20.39
CA ARG G 128 9.41 35.35 20.41
C ARG G 128 10.55 35.92 21.23
N VAL G 129 11.10 37.03 20.72
CA VAL G 129 12.23 37.71 21.42
C VAL G 129 11.85 39.16 21.68
N THR G 130 12.42 39.74 22.74
CA THR G 130 12.21 41.15 23.09
C THR G 130 13.53 41.88 22.99
N THR G 131 13.55 42.96 22.21
CA THR G 131 14.76 43.74 22.04
C THR G 131 15.13 44.43 23.35
N THR G 132 16.42 44.48 23.66
CA THR G 132 16.90 45.21 24.83
C THR G 132 17.35 46.62 24.48
N ARG G 133 17.80 46.84 23.25
CA ARG G 133 18.24 48.14 22.78
C ARG G 133 17.70 48.35 21.36
N ASN G 134 17.86 49.58 20.87
CA ASN G 134 17.40 49.91 19.53
C ASN G 134 18.14 49.07 18.50
N VAL G 135 17.39 48.48 17.57
CA VAL G 135 17.94 47.66 16.51
C VAL G 135 17.37 48.13 15.18
N GLN G 136 18.24 48.27 14.19
CA GLN G 136 17.84 48.70 12.86
C GLN G 136 17.40 47.50 12.02
N ALA G 137 16.42 47.74 11.16
CA ALA G 137 15.87 46.67 10.35
C ALA G 137 16.90 46.16 9.33
N GLY G 138 16.96 44.85 9.19
CA GLY G 138 17.83 44.22 8.22
C GLY G 138 18.95 43.36 8.78
N ASP G 139 18.90 42.97 10.06
CA ASP G 139 19.93 42.15 10.67
C ASP G 139 19.30 40.95 11.36
N LEU G 140 20.10 39.90 11.53
CA LEU G 140 19.61 38.67 12.13
C LEU G 140 19.21 38.89 13.58
N VAL G 141 18.15 38.20 14.00
CA VAL G 141 17.73 38.22 15.39
C VAL G 141 17.66 36.78 15.89
N CYS G 142 17.44 35.84 14.97
CA CYS G 142 17.35 34.42 15.31
C CYS G 142 17.66 33.59 14.08
N THR G 143 18.04 32.34 14.32
CA THR G 143 18.21 31.36 13.27
C THR G 143 18.06 29.97 13.87
N VAL G 144 17.54 29.03 13.09
CA VAL G 144 17.28 27.69 13.56
C VAL G 144 18.49 26.82 13.28
N THR G 145 18.93 26.08 14.30
CA THR G 145 20.09 25.17 14.16
C THR G 145 19.60 23.76 13.79
N PHE G 146 18.36 23.45 14.18
CA PHE G 146 17.78 22.11 13.90
C PHE G 146 17.00 22.15 12.57
N PRO G 147 17.32 21.31 11.54
CA PRO G 147 16.63 21.37 10.26
C PRO G 147 15.11 21.32 10.38
N ILE G 148 14.42 22.14 9.59
CA ILE G 148 12.96 22.22 9.64
C ILE G 148 12.46 22.42 8.22
N GLN G 149 11.22 22.00 7.97
CA GLN G 149 10.59 22.23 6.68
C GLN G 149 9.08 22.30 6.86
N GLY G 150 8.46 23.24 6.16
CA GLY G 150 7.03 23.45 6.27
C GLY G 150 6.68 24.88 5.94
N SER G 151 5.45 25.25 6.28
CA SER G 151 4.92 26.58 6.00
C SER G 151 5.06 27.50 7.21
N VAL G 152 4.83 28.78 6.97
CA VAL G 152 4.95 29.81 8.00
C VAL G 152 3.59 30.47 8.19
N ILE G 153 3.21 30.68 9.44
CA ILE G 153 1.95 31.30 9.80
C ILE G 153 2.20 32.33 10.89
N ALA G 154 1.49 33.45 10.81
CA ALA G 154 1.43 34.46 11.87
C ALA G 154 2.84 34.98 12.22
N THR G 155 3.43 35.66 11.24
CA THR G 155 4.67 36.38 11.44
C THR G 155 4.38 37.85 11.71
N ARG G 156 5.14 38.44 12.64
CA ARG G 156 4.91 39.82 13.04
C ARG G 156 6.25 40.53 13.22
N ASN G 157 6.38 41.70 12.60
CA ASN G 157 7.55 42.56 12.74
C ASN G 157 8.84 41.88 12.30
N CYS G 158 8.72 40.87 11.43
CA CYS G 158 9.89 40.19 10.92
C CYS G 158 9.56 39.63 9.54
N HIS G 159 10.60 39.36 8.76
CA HIS G 159 10.45 38.85 7.41
C HIS G 159 11.24 37.55 7.27
N VAL G 160 10.62 36.55 6.65
CA VAL G 160 11.25 35.26 6.41
C VAL G 160 11.20 34.98 4.91
N ASN G 161 12.23 34.29 4.42
CA ASN G 161 12.34 33.97 3.01
C ASN G 161 11.35 32.86 2.67
N GLU G 162 10.32 33.21 1.89
CA GLU G 162 9.28 32.27 1.53
C GLU G 162 8.57 32.77 0.27
N ILE G 163 8.02 31.82 -0.49
CA ILE G 163 7.17 32.12 -1.64
C ILE G 163 5.91 31.27 -1.54
N GLY G 164 4.75 31.93 -1.64
CA GLY G 164 3.50 31.21 -1.56
C GLY G 164 3.20 30.60 -0.22
N GLY G 165 3.84 31.09 0.86
CA GLY G 165 3.63 30.54 2.18
C GLY G 165 4.53 29.38 2.53
N GLN G 166 5.34 28.89 1.61
CA GLN G 166 6.21 27.75 1.81
C GLN G 166 7.64 28.22 2.04
N LEU G 167 8.27 27.72 3.10
CA LEU G 167 9.63 28.13 3.42
C LEU G 167 10.60 27.73 2.31
N THR G 168 11.56 28.60 2.04
CA THR G 168 12.52 28.36 0.96
C THR G 168 13.63 27.42 1.41
N THR G 169 14.39 27.82 2.43
CA THR G 169 15.51 27.02 2.92
C THR G 169 15.09 26.21 4.14
N THR G 170 15.84 25.13 4.38
CA THR G 170 15.56 24.23 5.48
C THR G 170 16.00 24.78 6.84
N ARG G 171 16.79 25.84 6.85
CA ARG G 171 17.25 26.47 8.09
C ARG G 171 17.01 27.98 7.98
N PRO G 172 15.75 28.41 8.01
CA PRO G 172 15.46 29.84 7.83
C PRO G 172 16.02 30.68 8.97
N GLU G 173 16.44 31.89 8.62
CA GLU G 173 16.89 32.88 9.59
C GLU G 173 15.87 34.01 9.67
N ILE G 174 15.65 34.50 10.88
CA ILE G 174 14.66 35.53 11.14
C ILE G 174 15.39 36.87 11.23
N ILE G 175 14.95 37.84 10.42
CA ILE G 175 15.56 39.15 10.38
C ILE G 175 14.48 40.21 10.56
N ALA G 176 14.84 41.30 11.22
CA ALA G 176 13.89 42.38 11.46
C ALA G 176 13.50 43.05 10.15
N SER G 177 12.26 43.53 10.07
CA SER G 177 11.76 44.13 8.82
C SER G 177 11.38 45.60 9.04
N VAL G 178 11.28 46.02 10.30
CA VAL G 178 10.86 47.42 10.63
C VAL G 178 11.79 47.99 11.70
N PRO G 179 12.40 49.21 11.58
CA PRO G 179 13.20 49.73 12.68
C PRO G 179 12.29 49.79 13.89
N MET G 180 12.75 49.32 15.04
CA MET G 180 11.83 49.26 16.22
C MET G 180 12.53 49.77 17.48
N PRO G 181 11.78 50.35 18.45
CA PRO G 181 12.36 50.78 19.72
C PRO G 181 12.64 49.58 20.64
N ALA G 182 13.38 49.80 21.72
CA ALA G 182 13.69 48.71 22.68
C ALA G 182 12.42 48.24 23.38
N ARG G 183 12.37 46.95 23.77
CA ARG G 183 11.20 46.36 24.47
C ARG G 183 10.10 45.98 23.48
N THR G 184 10.36 46.10 22.18
CA THR G 184 9.38 45.63 21.15
C THR G 184 9.39 44.11 21.07
N VAL G 185 8.24 43.49 20.75
CA VAL G 185 8.15 42.00 20.72
C VAL G 185 7.89 41.51 19.30
N ILE G 186 8.58 40.46 18.86
CA ILE G 186 8.43 39.91 17.52
C ILE G 186 8.24 38.41 17.63
N VAL G 187 7.36 37.86 16.79
CA VAL G 187 6.99 36.46 16.85
C VAL G 187 7.14 35.83 15.47
N ALA G 188 7.19 34.49 15.48
CA ALA G 188 7.24 33.73 14.23
C ALA G 188 6.76 32.32 14.52
N SER G 189 5.58 31.97 14.00
CA SER G 189 5.02 30.63 14.15
C SER G 189 5.21 29.84 12.87
N PHE G 190 5.35 28.53 13.01
CA PHE G 190 5.65 27.66 11.88
C PHE G 190 4.73 26.44 11.88
N ASP G 191 4.17 26.13 10.71
CA ASP G 191 3.49 24.86 10.49
C ASP G 191 4.45 23.93 9.76
N ALA G 192 5.43 23.43 10.52
CA ALA G 192 6.52 22.64 9.89
C ALA G 192 6.76 21.31 10.60
N ILE G 193 7.65 20.49 10.05
CA ILE G 193 7.98 19.16 10.65
C ILE G 193 9.50 19.11 10.91
N GLU G 194 9.90 18.71 12.12
CA GLU G 194 11.34 18.60 12.48
C GLU G 194 11.87 17.21 12.15
N ILE G 195 13.17 16.99 12.30
CA ILE G 195 13.77 15.65 12.04
C ILE G 195 13.33 14.68 13.14
N GLY G 196 12.61 13.61 12.78
CA GLY G 196 12.17 12.60 13.77
C GLY G 196 10.84 12.00 13.37
N TYR G 197 10.27 11.14 14.22
CA TYR G 197 8.94 10.54 13.95
C TYR G 197 8.03 10.81 15.15
N GLY G 198 6.79 11.26 14.91
CA GLY G 198 5.89 11.63 16.03
C GLY G 198 5.21 10.45 16.70
N GLU G 199 4.97 9.35 15.96
CA GLU G 199 4.20 8.23 16.55
C GLU G 199 5.06 7.27 17.38
N GLY G 200 4.43 6.41 18.18
CA GLY G 200 5.14 5.42 19.03
C GLY G 200 6.02 6.03 20.10
N ASP G 201 5.54 7.06 20.82
CA ASP G 201 6.35 7.75 21.84
C ASP G 201 6.39 6.98 23.17
N ASP G 202 5.29 6.35 23.59
CA ASP G 202 5.34 5.50 24.78
C ASP G 202 6.30 4.33 24.59
N LEU G 203 6.30 3.75 23.40
CA LEU G 203 7.26 2.68 23.10
C LEU G 203 8.69 3.18 23.18
N PHE G 204 8.94 4.38 22.65
CA PHE G 204 10.27 4.97 22.78
C PHE G 204 10.65 5.19 24.23
N ALA G 205 9.70 5.67 25.04
CA ALA G 205 9.98 5.92 26.45
C ALA G 205 10.33 4.63 27.18
N ILE G 206 9.61 3.55 26.90
CA ILE G 206 9.87 2.29 27.60
C ILE G 206 11.01 1.50 26.96
N GLY G 207 11.50 1.91 25.80
CA GLY G 207 12.64 1.23 25.21
C GLY G 207 13.97 1.93 25.45
N ILE G 208 13.93 3.25 25.64
CA ILE G 208 15.16 3.98 25.93
C ILE G 208 15.71 3.55 27.29
N ALA G 209 14.83 3.27 28.25
CA ALA G 209 15.29 2.73 29.53
C ALA G 209 15.86 1.32 29.37
N ILE G 210 15.24 0.52 28.51
CA ILE G 210 15.72 -0.84 28.28
C ILE G 210 17.14 -0.81 27.72
N LEU G 211 17.40 0.07 26.75
CA LEU G 211 18.74 0.12 26.18
C LEU G 211 19.69 1.01 26.96
N SER G 212 19.21 1.76 27.95
CA SER G 212 20.10 2.49 28.84
C SER G 212 20.52 1.66 30.05
N ASN G 213 19.72 0.65 30.42
CA ASN G 213 20.14 -0.25 31.50
C ASN G 213 21.40 -1.03 31.13
N ARG G 214 21.58 -1.32 29.84
CA ARG G 214 22.75 -2.06 29.38
C ARG G 214 23.94 -1.15 29.12
N PHE G 215 23.76 -0.11 28.32
CA PHE G 215 24.81 0.86 28.05
C PHE G 215 24.67 2.06 29.00
N ASN G 216 24.86 1.77 30.30
CA ASN G 216 24.62 2.79 31.32
C ASN G 216 25.60 3.96 31.20
N GLY G 217 26.86 3.69 30.85
CA GLY G 217 27.85 4.75 30.78
C GLY G 217 27.74 5.65 29.57
N GLN G 218 27.05 5.21 28.51
CA GLN G 218 26.98 5.95 27.27
C GLN G 218 25.62 6.59 27.00
N ILE G 219 24.54 5.98 27.47
CA ILE G 219 23.18 6.43 27.16
C ILE G 219 22.41 6.62 28.46
N THR G 220 21.74 7.76 28.58
CA THR G 220 20.87 8.07 29.69
C THR G 220 19.46 8.33 29.20
N PRO G 221 18.44 7.95 29.96
CA PRO G 221 17.06 8.18 29.51
C PRO G 221 16.76 9.66 29.35
N MET G 222 15.98 9.99 28.33
CA MET G 222 15.60 11.37 28.04
C MET G 222 14.42 11.35 27.09
N SER G 223 14.00 12.55 26.68
CA SER G 223 12.90 12.68 25.74
C SER G 223 13.37 12.41 24.32
N ARG G 224 12.40 12.15 23.43
CA ARG G 224 12.73 11.86 22.05
C ARG G 224 13.36 13.07 21.36
N HIS G 225 12.87 14.28 21.66
CA HIS G 225 13.38 15.48 21.02
C HIS G 225 14.87 15.68 21.32
N ASN G 226 15.25 15.58 22.60
CA ASN G 226 16.65 15.75 22.98
C ASN G 226 17.52 14.65 22.37
N TYR G 227 17.02 13.42 22.38
CA TYR G 227 17.76 12.29 21.80
C TYR G 227 18.04 12.54 20.33
N MET G 228 17.01 12.95 19.57
CA MET G 228 17.19 13.20 18.15
C MET G 228 18.11 14.37 17.89
N THR G 229 18.00 15.43 18.71
CA THR G 229 18.90 16.58 18.52
C THR G 229 20.35 16.19 18.76
N GLN G 230 20.61 15.39 19.79
CA GLN G 230 21.98 14.96 20.05
C GLN G 230 22.49 14.04 18.95
N MET G 231 21.66 13.11 18.46
CA MET G 231 22.07 12.27 17.34
C MET G 231 22.40 13.09 16.11
N PHE G 232 21.57 14.09 15.79
CA PHE G 232 21.84 14.93 14.63
C PHE G 232 23.11 15.74 14.82
N ALA G 233 23.33 16.29 16.01
CA ALA G 233 24.53 17.08 16.26
C ALA G 233 25.79 16.24 16.21
N ASN G 234 25.69 14.95 16.52
CA ASN G 234 26.85 14.08 16.47
C ASN G 234 27.11 13.48 15.09
N LEU G 235 26.27 13.79 14.10
CA LEU G 235 26.50 13.28 12.76
C LEU G 235 27.70 13.98 12.13
N PRO G 236 28.52 13.25 11.35
CA PRO G 236 29.63 13.89 10.64
C PRO G 236 29.12 14.80 9.53
N ALA G 237 29.93 15.81 9.21
CA ALA G 237 29.53 16.80 8.22
C ALA G 237 29.56 16.24 6.81
N ASN G 238 30.43 15.26 6.54
CA ASN G 238 30.57 14.66 5.21
C ASN G 238 29.55 13.54 5.06
N MET G 239 28.27 13.93 5.04
CA MET G 239 27.18 12.98 4.93
C MET G 239 26.10 13.53 4.01
N SER G 240 25.67 12.72 3.05
CA SER G 240 24.54 13.08 2.20
C SER G 240 23.25 13.01 3.00
N GLU G 241 22.26 13.81 2.59
CA GLU G 241 20.98 13.82 3.27
C GLU G 241 20.25 12.50 3.15
N ARG G 242 20.57 11.70 2.14
CA ARG G 242 19.94 10.38 2.01
C ARG G 242 20.53 9.37 2.99
N ASP G 243 21.82 9.47 3.29
CA ASP G 243 22.42 8.57 4.27
C ASP G 243 22.05 8.97 5.69
N SER G 244 21.99 10.28 5.96
CA SER G 244 21.66 10.74 7.30
C SER G 244 20.25 10.30 7.71
N SER G 245 19.31 10.33 6.76
CA SER G 245 17.98 9.84 7.06
C SER G 245 18.00 8.36 7.39
N ALA G 246 18.81 7.58 6.66
CA ALA G 246 18.90 6.15 6.94
C ALA G 246 19.49 5.88 8.31
N VAL G 247 20.44 6.71 8.74
CA VAL G 247 21.01 6.55 10.08
C VAL G 247 19.97 6.91 11.14
N LEU G 248 19.29 8.04 10.95
CA LEU G 248 18.36 8.52 11.97
C LEU G 248 17.14 7.61 12.10
N HIS G 249 16.69 7.01 11.00
CA HIS G 249 15.55 6.09 11.09
C HIS G 249 15.86 4.93 12.03
N PHE G 250 17.03 4.32 11.89
CA PHE G 250 17.40 3.24 12.79
C PHE G 250 17.66 3.75 14.20
N ALA G 251 18.28 4.92 14.32
CA ALA G 251 18.56 5.48 15.64
C ALA G 251 17.29 5.66 16.45
N GLN G 252 16.19 6.03 15.79
CA GLN G 252 14.93 6.16 16.51
C GLN G 252 14.15 4.85 16.58
N ALA G 253 14.30 3.97 15.58
CA ALA G 253 13.49 2.75 15.54
C ALA G 253 13.98 1.69 16.51
N ALA G 254 15.27 1.70 16.86
CA ALA G 254 15.76 0.70 17.80
C ALA G 254 15.07 0.78 19.16
N PRO G 255 14.99 1.94 19.84
CA PRO G 255 14.24 1.98 21.11
C PRO G 255 12.78 1.66 20.94
N VAL G 256 12.17 2.08 19.83
CA VAL G 256 10.74 1.85 19.63
C VAL G 256 10.45 0.35 19.54
N VAL G 257 11.30 -0.36 18.79
CA VAL G 257 11.10 -1.84 18.63
C VAL G 257 11.45 -2.55 19.94
N LEU G 258 12.45 -2.04 20.67
CA LEU G 258 12.78 -2.63 21.97
C LEU G 258 11.62 -2.53 22.94
N GLY G 259 10.96 -1.36 22.98
CA GLY G 259 9.78 -1.22 23.82
C GLY G 259 8.57 -1.94 23.29
N MET G 260 8.49 -2.09 21.97
CA MET G 260 7.42 -2.86 21.34
C MET G 260 7.48 -4.33 21.75
N MET G 261 8.69 -4.88 21.85
CA MET G 261 8.84 -6.26 22.28
C MET G 261 8.37 -6.49 23.72
N GLU G 262 8.34 -5.44 24.54
CA GLU G 262 7.89 -5.57 25.92
C GLU G 262 6.36 -5.52 26.01
N ARG G 263 5.76 -4.42 25.58
CA ARG G 263 4.32 -4.27 25.54
C ARG G 263 3.86 -4.63 24.12
N LEU G 264 3.20 -5.78 24.00
CA LEU G 264 2.87 -6.31 22.67
C LEU G 264 1.66 -5.60 22.07
N THR G 265 1.73 -4.27 21.99
CA THR G 265 0.72 -3.49 21.30
C THR G 265 1.11 -3.37 19.83
N GLY G 266 0.47 -2.47 19.10
CA GLY G 266 0.79 -2.30 17.70
C GLY G 266 2.16 -1.69 17.49
N ALA G 267 2.42 -1.34 16.23
CA ALA G 267 3.65 -0.69 15.84
C ALA G 267 3.35 0.52 14.97
N PRO G 268 4.17 1.56 15.04
CA PRO G 268 3.94 2.74 14.20
C PRO G 268 4.16 2.43 12.72
N LYS G 269 3.51 3.23 11.89
CA LYS G 269 3.58 3.00 10.44
C LYS G 269 4.99 3.20 9.90
N TRP G 270 5.73 4.16 10.45
CA TRP G 270 7.07 4.43 9.95
C TRP G 270 8.05 3.31 10.27
N VAL G 271 7.70 2.41 11.18
CA VAL G 271 8.54 1.25 11.45
C VAL G 271 8.14 0.07 10.57
N LEU G 272 6.85 -0.26 10.56
CA LEU G 272 6.39 -1.43 9.81
C LEU G 272 6.51 -1.22 8.32
N ASP G 273 6.13 -0.03 7.83
CA ASP G 273 6.16 0.24 6.40
C ASP G 273 7.49 0.83 5.97
N TYR G 274 8.57 0.14 6.33
CA TYR G 274 9.91 0.55 5.90
C TYR G 274 10.21 0.02 4.51
N MET H 1 -54.37 6.34 42.75
CA MET H 1 -54.08 4.92 42.70
C MET H 1 -52.74 4.60 43.38
N ASN H 2 -52.61 3.38 43.88
CA ASN H 2 -51.38 2.90 44.49
C ASN H 2 -50.88 1.69 43.72
N LEU H 3 -49.64 1.76 43.24
CA LEU H 3 -49.04 0.66 42.49
C LEU H 3 -47.56 0.97 42.28
N GLU H 4 -46.77 -0.08 42.11
CA GLU H 4 -45.37 0.05 41.73
C GLU H 4 -45.09 -0.85 40.54
N ILE H 5 -44.30 -0.34 39.61
CA ILE H 5 -43.99 -1.04 38.37
C ILE H 5 -42.68 -1.80 38.54
N ASN H 6 -42.70 -3.09 38.25
CA ASN H 6 -41.50 -3.89 38.38
C ASN H 6 -40.48 -3.49 37.31
N ASN H 7 -39.21 -3.78 37.60
CA ASN H 7 -38.12 -3.42 36.70
C ASN H 7 -38.10 -4.26 35.43
N PHE H 8 -38.90 -5.31 35.36
CA PHE H 8 -39.00 -6.16 34.18
C PHE H 8 -40.34 -5.98 33.47
N ALA H 9 -40.93 -4.80 33.58
CA ALA H 9 -42.23 -4.54 32.96
C ALA H 9 -42.24 -4.69 31.45
N PRO H 10 -41.27 -4.17 30.68
CA PRO H 10 -41.40 -4.24 29.21
C PRO H 10 -41.56 -5.64 28.66
N ALA H 11 -40.87 -6.62 29.25
CA ALA H 11 -40.95 -7.98 28.73
C ALA H 11 -42.34 -8.58 28.92
N ILE H 12 -43.08 -8.11 29.92
CA ILE H 12 -44.45 -8.57 30.12
C ILE H 12 -45.42 -7.75 29.29
N SER H 13 -45.15 -6.44 29.17
CA SER H 13 -45.99 -5.58 28.36
C SER H 13 -45.98 -5.97 26.90
N SER H 14 -44.85 -6.49 26.41
CA SER H 14 -44.79 -6.96 25.04
C SER H 14 -45.78 -8.10 24.80
N ILE H 15 -45.79 -9.09 25.71
CA ILE H 15 -46.70 -10.21 25.59
C ILE H 15 -48.15 -9.74 25.70
N GLY H 16 -48.42 -8.84 26.65
CA GLY H 16 -49.77 -8.32 26.78
C GLY H 16 -50.24 -7.60 25.54
N SER H 17 -49.38 -6.75 24.97
CA SER H 17 -49.74 -6.01 23.76
C SER H 17 -49.98 -6.95 22.59
N GLN H 18 -49.14 -7.97 22.45
CA GLN H 18 -49.35 -8.95 21.38
C GLN H 18 -50.68 -9.66 21.53
N LEU H 19 -51.01 -10.04 22.78
CA LEU H 19 -52.29 -10.70 23.02
C LEU H 19 -53.46 -9.80 22.69
N CYS H 20 -53.39 -8.52 23.10
CA CYS H 20 -54.46 -7.58 22.79
C CYS H 20 -54.61 -7.37 21.29
N SER H 21 -53.49 -7.28 20.57
CA SER H 21 -53.54 -7.10 19.13
C SER H 21 -54.17 -8.30 18.45
N LEU H 22 -53.81 -9.52 18.87
CA LEU H 22 -54.43 -10.69 18.29
C LEU H 22 -55.92 -10.74 18.59
N SER H 23 -56.32 -10.36 19.80
CA SER H 23 -57.75 -10.30 20.13
C SER H 23 -58.48 -9.32 19.23
N ALA H 24 -57.90 -8.14 19.01
CA ALA H 24 -58.56 -7.15 18.16
C ALA H 24 -58.66 -7.63 16.71
N GLN H 25 -57.59 -8.25 16.20
CA GLN H 25 -57.63 -8.76 14.84
C GLN H 25 -58.69 -9.86 14.69
N LYS H 26 -58.79 -10.74 15.69
CA LYS H 26 -59.83 -11.77 15.65
C LYS H 26 -61.22 -11.15 15.68
N LEU H 27 -61.40 -10.11 16.49
CA LEU H 27 -62.70 -9.44 16.56
C LEU H 27 -63.07 -8.84 15.21
N LEU H 28 -62.13 -8.15 14.56
CA LEU H 28 -62.44 -7.58 13.25
C LEU H 28 -62.70 -8.65 12.20
N THR H 29 -61.95 -9.75 12.24
CA THR H 29 -62.18 -10.83 11.29
C THR H 29 -63.57 -11.43 11.47
N CYS H 30 -63.99 -11.61 12.73
CA CYS H 30 -65.34 -12.09 12.98
C CYS H 30 -66.39 -11.07 12.55
N ARG H 31 -66.10 -9.78 12.72
CA ARG H 31 -67.03 -8.74 12.31
C ARG H 31 -67.26 -8.77 10.81
N LYS H 32 -66.18 -8.94 10.03
CA LYS H 32 -66.33 -8.89 8.58
C LYS H 32 -67.17 -10.06 8.04
N GLN H 33 -66.98 -11.27 8.58
CA GLN H 33 -67.64 -12.45 8.07
C GLN H 33 -68.93 -12.79 8.80
N TYR H 34 -69.62 -11.79 9.36
CA TYR H 34 -70.91 -11.98 10.01
C TYR H 34 -71.99 -11.58 9.02
N GLY H 35 -72.69 -12.57 8.48
CA GLY H 35 -73.63 -12.32 7.40
C GLY H 35 -75.07 -12.65 7.67
N ASN H 36 -75.34 -13.46 8.70
CA ASN H 36 -76.70 -13.88 9.03
C ASN H 36 -77.18 -13.13 10.26
N GLY H 37 -78.29 -12.41 10.11
CA GLY H 37 -78.87 -11.65 11.21
C GLY H 37 -79.74 -12.44 12.14
N ALA H 38 -79.97 -13.73 11.86
CA ALA H 38 -80.80 -14.54 12.74
C ALA H 38 -80.19 -14.68 14.12
N LYS H 39 -78.87 -14.90 14.19
CA LYS H 39 -78.16 -15.04 15.45
C LYS H 39 -77.57 -13.70 15.86
N SER H 40 -77.68 -13.39 17.15
CA SER H 40 -77.10 -12.15 17.66
C SER H 40 -75.59 -12.16 17.48
N PHE H 41 -75.03 -10.97 17.19
CA PHE H 41 -73.59 -10.88 16.95
C PHE H 41 -72.79 -11.26 18.18
N GLU H 42 -73.37 -11.01 19.36
CA GLU H 42 -72.67 -11.42 20.61
C GLU H 42 -72.53 -12.94 20.59
N GLU H 43 -73.59 -13.65 20.22
CA GLU H 43 -73.57 -15.15 20.24
C GLU H 43 -72.50 -15.65 19.28
N PHE H 44 -72.39 -15.06 18.08
CA PHE H 44 -71.42 -15.55 17.06
C PHE H 44 -70.01 -15.38 17.61
N TYR H 45 -69.74 -14.22 18.22
CA TYR H 45 -68.38 -13.95 18.76
C TYR H 45 -68.09 -14.95 19.88
N ALA H 46 -69.04 -15.10 20.82
CA ALA H 46 -68.82 -15.99 21.98
C ALA H 46 -68.60 -17.43 21.50
N GLU H 47 -69.02 -17.73 20.27
CA GLU H 47 -68.90 -19.12 19.74
C GLU H 47 -67.48 -19.37 19.24
N ILE H 48 -66.92 -18.45 18.43
CA ILE H 48 -65.59 -18.74 17.82
C ILE H 48 -64.58 -17.59 18.03
N GLY H 49 -64.90 -16.56 18.81
CA GLY H 49 -63.98 -15.45 18.92
C GLY H 49 -62.87 -15.60 19.94
N GLY H 50 -62.90 -16.67 20.74
CA GLY H 50 -61.93 -16.87 21.79
C GLY H 50 -60.81 -17.84 21.49
N ILE H 51 -60.77 -18.43 20.30
CA ILE H 51 -59.77 -19.43 19.95
C ILE H 51 -58.55 -18.67 19.43
N ILE H 52 -57.55 -18.53 20.27
CA ILE H 52 -56.28 -17.89 19.91
C ILE H 52 -55.14 -18.71 20.50
N GLY H 53 -54.10 -18.95 19.70
CA GLY H 53 -52.98 -19.77 20.13
C GLY H 53 -51.72 -18.99 20.46
N MET H 54 -51.27 -19.07 21.70
CA MET H 54 -50.03 -18.43 22.11
C MET H 54 -49.48 -19.19 23.31
N MET H 55 -48.17 -19.04 23.54
CA MET H 55 -47.56 -19.59 24.74
C MET H 55 -48.19 -18.97 25.98
N GLY H 56 -48.47 -19.80 26.97
CA GLY H 56 -49.10 -19.34 28.20
C GLY H 56 -50.61 -19.46 28.27
N ILE H 57 -51.30 -19.01 27.24
CA ILE H 57 -52.77 -19.06 27.22
C ILE H 57 -53.21 -20.41 26.66
N ASN H 58 -54.14 -21.06 27.36
CA ASN H 58 -54.62 -22.39 27.00
C ASN H 58 -56.14 -22.45 27.10
N SER H 59 -56.84 -21.43 26.60
CA SER H 59 -58.28 -21.36 26.68
C SER H 59 -58.86 -21.03 25.31
N GLN H 60 -60.07 -21.55 25.05
CA GLN H 60 -60.77 -21.32 23.81
C GLN H 60 -62.03 -20.48 23.99
N THR H 61 -62.06 -19.68 25.06
CA THR H 61 -63.20 -18.83 25.35
C THR H 61 -62.73 -17.43 25.69
N PRO H 62 -63.58 -16.41 25.48
CA PRO H 62 -63.21 -15.05 25.89
C PRO H 62 -62.86 -14.91 27.36
N SER H 63 -63.43 -15.76 28.21
CA SER H 63 -63.12 -15.70 29.63
C SER H 63 -61.64 -15.98 29.88
N GLY H 64 -61.07 -16.95 29.15
CA GLY H 64 -59.65 -17.21 29.28
C GLY H 64 -58.80 -16.01 28.89
N ILE H 65 -59.19 -15.32 27.82
CA ILE H 65 -58.48 -14.11 27.41
C ILE H 65 -58.57 -13.05 28.50
N ARG H 66 -59.77 -12.87 29.07
CA ARG H 66 -59.93 -11.88 30.11
C ARG H 66 -59.04 -12.18 31.30
N GLU H 67 -58.99 -13.45 31.71
CA GLU H 67 -58.09 -13.83 32.80
C GLU H 67 -56.63 -13.63 32.41
N ALA H 68 -56.29 -13.81 31.13
CA ALA H 68 -54.91 -13.62 30.68
C ALA H 68 -54.49 -12.17 30.84
N ILE H 69 -55.30 -11.24 30.33
CA ILE H 69 -54.98 -9.82 30.54
C ILE H 69 -55.01 -9.46 32.01
N TYR H 70 -55.93 -10.02 32.79
CA TYR H 70 -55.96 -9.74 34.22
C TYR H 70 -54.64 -10.12 34.88
N ARG H 71 -54.16 -11.34 34.59
CA ARG H 71 -52.93 -11.81 35.21
C ARG H 71 -51.71 -11.01 34.74
N LEU H 72 -51.65 -10.71 33.44
CA LEU H 72 -50.53 -9.92 32.92
C LEU H 72 -50.50 -8.53 33.55
N TYR H 73 -51.67 -7.86 33.57
CA TYR H 73 -51.73 -6.49 34.12
C TYR H 73 -51.29 -6.53 35.59
N GLN H 74 -51.82 -7.47 36.35
CA GLN H 74 -51.45 -7.61 37.79
C GLN H 74 -49.94 -7.77 37.89
N SER H 75 -49.36 -8.75 37.18
CA SER H 75 -47.92 -8.99 37.29
C SER H 75 -47.12 -7.76 36.92
N ALA H 76 -47.58 -6.99 35.92
CA ALA H 76 -46.76 -5.90 35.40
C ALA H 76 -46.88 -4.64 36.25
N PHE H 77 -48.08 -4.29 36.72
CA PHE H 77 -48.24 -2.96 37.36
C PHE H 77 -48.54 -2.98 38.86
N LEU H 78 -49.49 -3.78 39.33
CA LEU H 78 -49.89 -3.69 40.77
C LEU H 78 -48.83 -4.21 41.75
N PHE H 79 -48.19 -5.33 41.45
CA PHE H 79 -47.25 -5.94 42.44
C PHE H 79 -45.81 -5.48 42.20
N GLY H 80 -44.86 -5.99 42.97
CA GLY H 80 -43.44 -5.61 42.85
C GLY H 80 -42.73 -6.41 41.78
N ASP H 81 -41.40 -6.51 41.85
CA ASP H 81 -40.64 -7.20 40.78
C ASP H 81 -41.02 -8.67 40.61
N ILE H 82 -41.22 -9.11 39.36
CA ILE H 82 -41.45 -10.55 39.06
C ILE H 82 -40.66 -10.82 37.79
N PHE H 83 -39.96 -11.94 37.70
CA PHE H 83 -39.08 -12.19 36.52
C PHE H 83 -39.92 -12.47 35.28
N PRO H 84 -39.50 -11.98 34.09
CA PRO H 84 -40.25 -12.18 32.85
C PRO H 84 -40.35 -13.65 32.41
N GLU H 85 -39.43 -14.50 32.84
CA GLU H 85 -39.37 -15.92 32.39
C GLU H 85 -40.64 -16.68 32.77
N SER H 86 -41.37 -16.23 33.80
CA SER H 86 -42.57 -16.97 34.27
C SER H 86 -43.61 -17.09 33.14
N PHE H 87 -43.67 -16.09 32.25
CA PHE H 87 -44.69 -16.09 31.17
C PHE H 87 -44.10 -16.77 29.94
N GLY H 88 -42.85 -17.24 30.03
CA GLY H 88 -42.24 -17.99 28.92
C GLY H 88 -41.69 -17.12 27.80
N ILE H 89 -41.45 -15.83 28.04
CA ILE H 89 -40.81 -15.04 26.94
C ILE H 89 -39.41 -15.62 26.70
N GLN H 90 -39.07 -15.88 25.44
CA GLN H 90 -37.77 -16.52 25.12
C GLN H 90 -36.63 -15.53 25.34
N ASN H 91 -36.77 -14.28 24.89
CA ASN H 91 -35.66 -13.31 24.99
C ASN H 91 -36.18 -11.99 25.56
N THR H 92 -35.43 -11.38 26.49
CA THR H 92 -35.95 -10.17 27.17
C THR H 92 -35.79 -8.91 26.32
N GLN H 93 -34.68 -8.77 25.60
CA GLN H 93 -34.43 -7.49 24.86
C GLN H 93 -35.13 -7.49 23.51
N ASN H 94 -35.54 -8.66 23.01
CA ASN H 94 -36.12 -8.68 21.67
C ASN H 94 -37.61 -8.33 21.78
N ILE H 95 -37.88 -7.04 21.96
CA ILE H 95 -39.24 -6.52 22.03
C ILE H 95 -39.49 -5.64 20.82
N LYS H 96 -40.62 -5.85 20.17
CA LYS H 96 -41.01 -5.04 19.01
C LYS H 96 -41.44 -3.65 19.46
N PRO H 97 -40.95 -2.60 18.82
CA PRO H 97 -41.31 -1.23 19.23
C PRO H 97 -42.80 -0.99 19.06
N PRO H 98 -43.41 -0.21 19.96
CA PRO H 98 -44.83 0.07 19.85
C PRO H 98 -45.08 1.29 18.97
N PRO H 99 -46.31 1.48 18.49
CA PRO H 99 -46.61 2.66 17.67
C PRO H 99 -46.43 3.94 18.46
N GLY H 100 -46.05 5.01 17.74
CA GLY H 100 -45.82 6.28 18.38
C GLY H 100 -47.09 6.90 18.93
N PHE H 101 -46.91 7.75 19.93
CA PHE H 101 -48.04 8.38 20.59
C PHE H 101 -48.73 9.37 19.67
N THR H 102 -50.07 9.37 19.69
CA THR H 102 -50.87 10.26 18.86
C THR H 102 -51.92 11.02 19.65
N ALA H 103 -51.77 11.10 20.97
CA ALA H 103 -52.75 11.78 21.80
C ALA H 103 -52.54 13.29 21.76
N PRO H 104 -53.55 14.14 21.43
CA PRO H 104 -53.37 15.59 21.48
C PRO H 104 -53.21 16.13 22.91
N ALA H 105 -52.22 17.00 23.11
CA ALA H 105 -51.94 17.56 24.45
C ALA H 105 -52.80 18.80 24.71
N LYS H 106 -54.12 18.63 24.84
CA LYS H 106 -55.00 19.79 25.12
C LYS H 106 -54.69 20.36 26.51
N LYS H 107 -54.63 19.53 27.55
CA LYS H 107 -54.27 20.05 28.88
C LYS H 107 -52.76 19.88 29.04
N LEU H 108 -52.04 20.89 29.54
CA LEU H 108 -50.56 20.78 29.63
C LEU H 108 -50.09 21.11 31.06
N GLU H 109 -49.54 20.11 31.76
CA GLU H 109 -49.11 20.33 33.17
C GLU H 109 -47.89 21.26 33.20
N VAL H 110 -47.87 22.20 34.14
CA VAL H 110 -46.68 23.08 34.33
C VAL H 110 -46.50 23.24 35.85
N VAL H 111 -45.26 23.40 36.31
CA VAL H 111 -45.02 23.65 37.76
C VAL H 111 -44.32 25.01 37.92
N LEU H 112 -44.94 25.93 38.66
CA LEU H 112 -44.35 27.28 38.86
C LEU H 112 -43.25 27.17 39.90
N PRO H 113 -42.13 27.93 39.82
CA PRO H 113 -41.12 27.86 40.89
C PRO H 113 -41.66 28.47 42.19
N GLN H 114 -40.87 28.41 43.27
CA GLN H 114 -41.33 28.92 44.59
C GLN H 114 -41.37 30.45 44.60
N GLY H 115 -42.10 31.04 45.55
CA GLY H 115 -42.19 32.51 45.68
C GLY H 115 -43.51 33.08 45.17
N GLY H 116 -44.30 32.30 44.44
CA GLY H 116 -45.64 32.76 44.01
C GLY H 116 -45.60 34.05 43.21
N ALA H 117 -44.56 34.24 42.40
CA ALA H 117 -44.47 35.43 41.53
C ALA H 117 -45.59 35.40 40.49
N PHE H 118 -45.96 34.21 40.01
CA PHE H 118 -46.95 34.14 38.90
C PHE H 118 -48.19 33.34 39.30
N ASP H 119 -49.27 33.47 38.52
CA ASP H 119 -50.53 32.71 38.78
C ASP H 119 -50.78 31.87 37.53
N LEU H 120 -51.41 30.70 37.67
CA LEU H 120 -51.53 29.77 36.52
C LEU H 120 -52.99 29.62 36.05
N ILE H 121 -53.26 29.92 34.77
CA ILE H 121 -54.63 29.65 34.23
C ILE H 121 -54.42 28.67 33.06
N TYR H 122 -55.15 27.57 33.06
CA TYR H 122 -55.06 26.62 31.91
C TYR H 122 -56.23 26.92 30.99
N ASN H 123 -56.00 27.02 29.69
CA ASN H 123 -57.14 27.18 28.76
C ASN H 123 -57.36 25.85 28.02
N ASN H 124 -57.65 25.91 26.72
CA ASN H 124 -57.87 24.73 25.91
C ASN H 124 -56.55 24.05 25.53
N GLY H 125 -55.58 24.82 25.08
CA GLY H 125 -54.31 24.25 24.66
C GLY H 125 -53.09 25.07 25.02
N GLU H 126 -53.30 26.19 25.72
CA GLU H 126 -52.22 27.08 26.09
C GLU H 126 -52.28 27.36 27.58
N ILE H 127 -51.33 28.15 28.06
CA ILE H 127 -51.27 28.57 29.46
C ILE H 127 -51.02 30.08 29.52
N ARG H 128 -51.72 30.75 30.43
CA ARG H 128 -51.52 32.15 30.73
C ARG H 128 -51.02 32.29 32.17
N VAL H 129 -50.12 33.23 32.40
CA VAL H 129 -49.68 33.57 33.75
C VAL H 129 -49.89 35.06 33.95
N THR H 130 -50.20 35.44 35.20
CA THR H 130 -50.33 36.83 35.58
C THR H 130 -49.30 37.14 36.64
N THR H 131 -48.53 38.20 36.42
CA THR H 131 -47.40 38.53 37.28
C THR H 131 -47.86 39.51 38.35
N THR H 132 -47.67 39.12 39.62
CA THR H 132 -48.18 39.90 40.75
C THR H 132 -47.21 40.97 41.23
N ARG H 133 -45.97 40.99 40.75
CA ARG H 133 -44.99 41.95 41.20
C ARG H 133 -44.03 42.27 40.05
N ASN H 134 -42.96 42.99 40.37
CA ASN H 134 -41.94 43.29 39.37
C ASN H 134 -41.10 42.05 39.09
N VAL H 135 -40.85 41.80 37.80
CA VAL H 135 -40.05 40.65 37.37
C VAL H 135 -39.06 41.11 36.32
N GLN H 136 -37.81 40.69 36.45
CA GLN H 136 -36.79 40.97 35.46
C GLN H 136 -36.82 39.92 34.36
N ALA H 137 -36.44 40.33 33.15
CA ALA H 137 -36.41 39.41 32.03
C ALA H 137 -35.24 38.45 32.16
N GLY H 138 -35.45 37.21 31.70
CA GLY H 138 -34.43 36.20 31.72
C GLY H 138 -34.51 35.19 32.84
N ASP H 139 -35.70 34.94 33.39
CA ASP H 139 -35.87 33.99 34.46
C ASP H 139 -37.03 33.05 34.13
N LEU H 140 -36.94 31.82 34.65
CA LEU H 140 -37.97 30.83 34.37
C LEU H 140 -39.30 31.24 35.00
N VAL H 141 -40.39 30.97 34.28
CA VAL H 141 -41.72 31.29 34.78
C VAL H 141 -42.54 30.01 34.86
N CYS H 142 -42.22 29.04 34.01
CA CYS H 142 -42.93 27.78 33.96
C CYS H 142 -41.98 26.69 33.48
N THR H 143 -42.34 25.45 33.78
CA THR H 143 -41.63 24.28 33.28
C THR H 143 -42.60 23.13 33.14
N VAL H 144 -42.43 22.32 32.11
CA VAL H 144 -43.37 21.25 31.79
C VAL H 144 -42.79 19.94 32.31
N THR H 145 -43.57 19.25 33.15
CA THR H 145 -43.14 17.98 33.70
C THR H 145 -43.60 16.78 32.89
N PHE H 146 -44.68 16.92 32.12
CA PHE H 146 -45.15 15.85 31.25
C PHE H 146 -44.50 15.98 29.90
N PRO H 147 -43.75 14.98 29.43
CA PRO H 147 -43.00 15.14 28.17
C PRO H 147 -43.93 15.44 27.01
N ILE H 148 -43.48 16.33 26.14
CA ILE H 148 -44.30 16.86 25.06
C ILE H 148 -43.41 17.08 23.84
N GLN H 149 -44.01 17.01 22.65
CA GLN H 149 -43.28 17.25 21.41
C GLN H 149 -44.25 17.77 20.37
N GLY H 150 -43.76 18.66 19.51
CA GLY H 150 -44.57 19.26 18.48
C GLY H 150 -44.11 20.67 18.21
N SER H 151 -44.91 21.37 17.42
CA SER H 151 -44.61 22.74 17.03
C SER H 151 -45.07 23.72 18.10
N VAL H 152 -44.70 24.98 17.93
CA VAL H 152 -45.09 26.07 18.82
C VAL H 152 -45.76 27.16 17.99
N ILE H 153 -46.88 27.66 18.50
CA ILE H 153 -47.66 28.69 17.82
C ILE H 153 -48.07 29.75 18.83
N ALA H 154 -48.08 31.01 18.40
CA ALA H 154 -48.66 32.12 19.15
C ALA H 154 -48.00 32.26 20.54
N THR H 155 -46.72 32.59 20.51
CA THR H 155 -45.98 32.93 21.72
C THR H 155 -45.89 34.44 21.85
N ARG H 156 -46.19 34.95 23.04
CA ARG H 156 -46.19 36.39 23.30
C ARG H 156 -45.50 36.68 24.62
N ASN H 157 -44.56 37.62 24.60
CA ASN H 157 -43.85 38.07 25.79
C ASN H 157 -43.15 36.93 26.51
N CYS H 158 -42.65 35.96 25.75
CA CYS H 158 -41.93 34.83 26.32
C CYS H 158 -41.01 34.25 25.24
N HIS H 159 -40.03 33.47 25.69
CA HIS H 159 -39.07 32.86 24.80
C HIS H 159 -38.92 31.38 25.13
N VAL H 160 -38.80 30.55 24.09
CA VAL H 160 -38.61 29.12 24.25
C VAL H 160 -37.54 28.66 23.27
N ASN H 161 -36.75 27.68 23.70
CA ASN H 161 -35.66 27.16 22.88
C ASN H 161 -36.25 26.29 21.77
N GLU H 162 -36.17 26.78 20.54
CA GLU H 162 -36.74 26.11 19.39
C GLU H 162 -36.09 26.63 18.12
N ILE H 163 -36.17 25.83 17.06
CA ILE H 163 -35.68 26.23 15.74
C ILE H 163 -36.76 25.87 14.71
N GLY H 164 -37.02 26.80 13.80
CA GLY H 164 -37.96 26.54 12.72
C GLY H 164 -39.37 26.25 13.15
N GLY H 165 -39.75 26.62 14.37
CA GLY H 165 -41.06 26.34 14.89
C GLY H 165 -41.18 25.02 15.63
N GLN H 166 -40.14 24.20 15.61
CA GLN H 166 -40.16 22.89 16.27
C GLN H 166 -39.41 22.99 17.60
N LEU H 167 -40.02 22.47 18.68
CA LEU H 167 -39.40 22.54 20.03
C LEU H 167 -38.16 21.67 20.11
N THR H 168 -37.02 22.26 20.49
CA THR H 168 -35.75 21.51 20.57
C THR H 168 -35.81 20.51 21.75
N THR H 169 -36.43 20.90 22.86
CA THR H 169 -36.45 20.03 24.07
C THR H 169 -37.83 19.39 24.26
N THR H 170 -37.88 18.20 24.88
CA THR H 170 -39.17 17.52 25.16
C THR H 170 -39.86 18.23 26.33
N ARG H 171 -39.11 18.61 27.36
CA ARG H 171 -39.69 19.39 28.49
C ARG H 171 -39.28 20.84 28.32
N PRO H 172 -40.13 21.74 27.75
CA PRO H 172 -39.73 23.12 27.52
C PRO H 172 -39.68 23.97 28.80
N GLU H 173 -38.89 25.04 28.76
CA GLU H 173 -38.77 25.96 29.93
C GLU H 173 -39.11 27.37 29.43
N ILE H 174 -40.21 27.95 29.90
CA ILE H 174 -40.65 29.25 29.42
C ILE H 174 -39.96 30.33 30.22
N ILE H 175 -39.37 31.31 29.54
CA ILE H 175 -38.65 32.40 30.17
C ILE H 175 -39.15 33.72 29.57
N ALA H 176 -38.90 34.79 30.30
CA ALA H 176 -39.26 36.14 29.86
C ALA H 176 -38.15 36.73 29.00
N SER H 177 -38.54 37.61 28.08
CA SER H 177 -37.61 38.25 27.16
C SER H 177 -37.43 39.74 27.44
N VAL H 178 -38.49 40.44 27.82
CA VAL H 178 -38.42 41.87 28.13
C VAL H 178 -39.10 42.07 29.48
N PRO H 179 -38.59 42.93 30.36
CA PRO H 179 -39.25 43.13 31.65
C PRO H 179 -40.65 43.70 31.47
N MET H 180 -41.61 43.08 32.14
CA MET H 180 -43.01 43.52 32.08
C MET H 180 -43.55 43.78 33.48
N PRO H 181 -43.82 45.03 33.84
CA PRO H 181 -44.39 45.33 35.15
C PRO H 181 -45.90 45.50 35.13
N ALA H 182 -46.46 45.63 36.33
CA ALA H 182 -47.86 46.07 36.53
C ALA H 182 -48.87 45.09 35.94
N ARG H 183 -48.86 43.87 36.47
CA ARG H 183 -49.96 42.90 36.29
C ARG H 183 -50.20 42.60 34.81
N THR H 184 -49.21 41.97 34.19
CA THR H 184 -49.27 41.61 32.78
C THR H 184 -49.84 40.21 32.61
N VAL H 185 -49.73 39.69 31.39
CA VAL H 185 -50.11 38.31 31.08
C VAL H 185 -49.33 37.87 29.85
N ILE H 186 -48.77 36.66 29.91
CA ILE H 186 -48.03 36.08 28.79
C ILE H 186 -48.59 34.69 28.52
N VAL H 187 -48.45 34.24 27.28
CA VAL H 187 -49.05 32.98 26.83
C VAL H 187 -48.01 32.15 26.10
N ALA H 188 -48.29 30.85 26.02
CA ALA H 188 -47.45 29.92 25.26
C ALA H 188 -48.33 28.76 24.82
N SER H 189 -48.77 28.82 23.55
CA SER H 189 -49.61 27.75 22.99
C SER H 189 -48.71 26.76 22.24
N PHE H 190 -49.11 25.50 22.21
CA PHE H 190 -48.34 24.45 21.55
C PHE H 190 -49.27 23.59 20.70
N ASP H 191 -48.85 23.32 19.47
CA ASP H 191 -49.49 22.32 18.61
C ASP H 191 -48.67 21.03 18.76
N ALA H 192 -48.93 20.34 19.86
CA ALA H 192 -48.07 19.19 20.19
C ALA H 192 -48.85 17.91 20.46
N ILE H 193 -48.13 16.84 20.82
CA ILE H 193 -48.74 15.52 21.13
C ILE H 193 -48.20 15.13 22.50
N GLU H 194 -48.96 14.36 23.28
CA GLU H 194 -48.54 14.01 24.66
C GLU H 194 -47.99 12.57 24.74
N ILE H 195 -48.31 11.82 25.79
CA ILE H 195 -47.69 10.47 26.00
C ILE H 195 -48.79 9.39 25.94
N GLY H 196 -50.04 9.76 25.71
CA GLY H 196 -51.08 8.72 25.55
C GLY H 196 -51.42 8.45 24.10
N TYR H 197 -52.57 7.82 23.84
CA TYR H 197 -53.06 7.62 22.45
C TYR H 197 -54.47 8.21 22.42
N GLY H 198 -54.85 8.93 21.36
CA GLY H 198 -56.15 9.61 21.40
C GLY H 198 -57.37 8.75 21.12
N GLU H 199 -57.29 7.84 20.16
CA GLU H 199 -58.49 7.07 19.75
C GLU H 199 -58.94 6.05 20.82
N GLY H 200 -60.18 5.57 20.72
CA GLY H 200 -60.71 4.58 21.69
C GLY H 200 -61.01 5.15 23.05
N ASP H 201 -61.33 6.44 23.14
CA ASP H 201 -61.54 7.11 24.45
C ASP H 201 -62.73 6.50 25.20
N ASP H 202 -63.81 6.15 24.50
CA ASP H 202 -65.02 5.58 25.15
C ASP H 202 -64.70 4.19 25.67
N LEU H 203 -64.05 3.36 24.85
CA LEU H 203 -63.65 2.01 25.22
C LEU H 203 -62.81 2.01 26.49
N PHE H 204 -61.93 3.01 26.62
CA PHE H 204 -61.15 3.14 27.85
C PHE H 204 -62.05 3.36 29.06
N ALA H 205 -63.08 4.20 28.90
CA ALA H 205 -64.01 4.45 30.00
C ALA H 205 -64.76 3.18 30.39
N ILE H 206 -65.17 2.40 29.40
CA ILE H 206 -65.89 1.16 29.70
C ILE H 206 -64.96 0.14 30.39
N GLY H 207 -63.71 0.04 29.94
CA GLY H 207 -62.82 -0.99 30.46
C GLY H 207 -62.16 -0.64 31.79
N ILE H 208 -62.01 0.66 32.08
CA ILE H 208 -61.36 1.04 33.33
C ILE H 208 -62.22 0.65 34.52
N ALA H 209 -63.54 0.79 34.39
CA ALA H 209 -64.43 0.30 35.46
C ALA H 209 -64.36 -1.21 35.60
N ILE H 210 -64.29 -1.92 34.47
CA ILE H 210 -64.23 -3.37 34.51
C ILE H 210 -62.99 -3.84 35.25
N LEU H 211 -61.85 -3.24 34.96
CA LEU H 211 -60.61 -3.67 35.61
C LEU H 211 -60.37 -3.00 36.96
N SER H 212 -61.17 -2.00 37.33
CA SER H 212 -61.12 -1.46 38.67
C SER H 212 -62.05 -2.19 39.62
N ASN H 213 -63.08 -2.86 39.09
CA ASN H 213 -63.91 -3.72 39.94
C ASN H 213 -63.11 -4.90 40.48
N ARG H 214 -62.11 -5.37 39.73
CA ARG H 214 -61.31 -6.49 40.19
C ARG H 214 -60.24 -6.05 41.18
N PHE H 215 -59.33 -5.19 40.75
CA PHE H 215 -58.30 -4.66 41.63
C PHE H 215 -58.79 -3.37 42.29
N ASN H 216 -59.85 -3.51 43.09
CA ASN H 216 -60.49 -2.36 43.72
C ASN H 216 -59.56 -1.66 44.69
N GLY H 217 -58.62 -2.39 45.29
CA GLY H 217 -57.70 -1.78 46.23
C GLY H 217 -56.61 -0.94 45.60
N GLN H 218 -56.45 -1.01 44.29
CA GLN H 218 -55.36 -0.29 43.63
C GLN H 218 -55.83 0.62 42.51
N ILE H 219 -56.84 0.22 41.74
CA ILE H 219 -57.24 0.92 40.53
C ILE H 219 -58.62 1.54 40.76
N THR H 220 -58.76 2.82 40.39
CA THR H 220 -60.00 3.55 40.46
C THR H 220 -60.34 4.15 39.12
N PRO H 221 -61.62 4.28 38.78
CA PRO H 221 -61.99 4.92 37.52
C PRO H 221 -61.60 6.40 37.51
N MET H 222 -61.22 6.88 36.34
CA MET H 222 -60.85 8.28 36.14
C MET H 222 -60.72 8.51 34.64
N SER H 223 -60.26 9.70 34.26
CA SER H 223 -60.06 10.03 32.87
C SER H 223 -58.76 9.42 32.35
N ARG H 224 -58.66 9.32 31.03
CA ARG H 224 -57.47 8.75 30.41
C ARG H 224 -56.24 9.59 30.69
N HIS H 225 -56.39 10.92 30.67
CA HIS H 225 -55.25 11.82 30.85
C HIS H 225 -54.63 11.65 32.24
N ASN H 226 -55.46 11.65 33.29
CA ASN H 226 -54.94 11.49 34.64
C ASN H 226 -54.33 10.10 34.83
N TYR H 227 -54.97 9.09 34.25
CA TYR H 227 -54.45 7.70 34.33
C TYR H 227 -53.04 7.66 33.73
N MET H 228 -52.87 8.25 32.54
CA MET H 228 -51.57 8.23 31.89
C MET H 228 -50.54 9.04 32.68
N THR H 229 -50.95 10.17 33.25
CA THR H 229 -50.00 10.98 34.02
C THR H 229 -49.50 10.23 35.24
N GLN H 230 -50.40 9.58 35.98
CA GLN H 230 -49.96 8.82 37.14
C GLN H 230 -49.10 7.62 36.75
N MET H 231 -49.47 6.93 35.67
CA MET H 231 -48.65 5.80 35.23
C MET H 231 -47.26 6.25 34.82
N PHE H 232 -47.15 7.37 34.12
CA PHE H 232 -45.84 7.89 33.75
C PHE H 232 -45.04 8.30 34.98
N ALA H 233 -45.70 8.96 35.94
CA ALA H 233 -45.00 9.42 37.13
C ALA H 233 -44.59 8.28 38.05
N ASN H 234 -45.23 7.12 37.94
CA ASN H 234 -44.92 5.98 38.78
C ASN H 234 -43.89 5.04 38.19
N LEU H 235 -43.32 5.38 37.03
CA LEU H 235 -42.30 4.54 36.42
C LEU H 235 -41.01 4.59 37.24
N PRO H 236 -40.21 3.53 37.19
CA PRO H 236 -38.91 3.56 37.86
C PRO H 236 -37.98 4.58 37.21
N ALA H 237 -37.08 5.13 38.04
CA ALA H 237 -36.18 6.18 37.57
C ALA H 237 -35.17 5.62 36.55
N ASN H 238 -34.60 4.45 36.83
CA ASN H 238 -33.61 3.84 35.94
C ASN H 238 -34.33 3.05 34.86
N MET H 239 -34.73 3.76 33.80
CA MET H 239 -35.43 3.14 32.68
C MET H 239 -35.29 4.04 31.47
N SER H 240 -34.79 3.49 30.37
CA SER H 240 -34.61 4.26 29.15
C SER H 240 -35.96 4.60 28.53
N GLU H 241 -35.99 5.72 27.79
CA GLU H 241 -37.23 6.16 27.16
C GLU H 241 -37.69 5.23 26.05
N ARG H 242 -36.82 4.34 25.58
CA ARG H 242 -37.23 3.36 24.59
C ARG H 242 -38.07 2.25 25.22
N ASP H 243 -37.77 1.90 26.47
CA ASP H 243 -38.50 0.84 27.16
C ASP H 243 -39.73 1.34 27.90
N SER H 244 -39.79 2.64 28.21
CA SER H 244 -40.99 3.19 28.85
C SER H 244 -42.18 3.20 27.91
N SER H 245 -41.94 3.40 26.61
CA SER H 245 -43.03 3.38 25.65
C SER H 245 -43.69 2.01 25.59
N ALA H 246 -42.91 0.93 25.73
CA ALA H 246 -43.47 -0.41 25.66
C ALA H 246 -44.46 -0.65 26.78
N VAL H 247 -44.13 -0.24 28.01
CA VAL H 247 -45.05 -0.43 29.12
C VAL H 247 -46.22 0.55 29.04
N LEU H 248 -45.97 1.78 28.59
CA LEU H 248 -47.04 2.77 28.49
C LEU H 248 -48.06 2.37 27.43
N HIS H 249 -47.64 1.63 26.40
CA HIS H 249 -48.60 1.16 25.41
C HIS H 249 -49.57 0.14 26.02
N PHE H 250 -49.03 -0.85 26.74
CA PHE H 250 -49.88 -1.87 27.34
C PHE H 250 -50.76 -1.31 28.43
N ALA H 251 -50.24 -0.33 29.19
CA ALA H 251 -51.02 0.26 30.28
C ALA H 251 -52.32 0.85 29.78
N GLN H 252 -52.31 1.47 28.60
CA GLN H 252 -53.54 2.00 28.01
C GLN H 252 -54.26 0.99 27.14
N ALA H 253 -53.56 -0.01 26.61
CA ALA H 253 -54.21 -0.98 25.74
C ALA H 253 -55.08 -1.96 26.50
N ALA H 254 -54.68 -2.33 27.72
CA ALA H 254 -55.48 -3.27 28.50
C ALA H 254 -56.90 -2.76 28.78
N PRO H 255 -57.11 -1.55 29.31
CA PRO H 255 -58.49 -1.10 29.51
C PRO H 255 -59.28 -1.01 28.21
N VAL H 256 -58.63 -0.58 27.12
CA VAL H 256 -59.34 -0.44 25.85
C VAL H 256 -59.83 -1.79 25.34
N VAL H 257 -58.96 -2.80 25.39
CA VAL H 257 -59.37 -4.12 24.91
C VAL H 257 -60.42 -4.73 25.84
N LEU H 258 -60.29 -4.49 27.15
CA LEU H 258 -61.30 -5.00 28.09
C LEU H 258 -62.67 -4.39 27.80
N GLY H 259 -62.71 -3.09 27.55
CA GLY H 259 -63.98 -2.46 27.19
C GLY H 259 -64.48 -2.90 25.83
N MET H 260 -63.57 -3.11 24.88
CA MET H 260 -63.96 -3.50 23.52
C MET H 260 -64.56 -4.89 23.51
N MET H 261 -64.07 -5.79 24.36
CA MET H 261 -64.67 -7.12 24.43
C MET H 261 -66.11 -7.10 24.92
N GLU H 262 -66.52 -6.03 25.60
CA GLU H 262 -67.92 -5.90 26.01
C GLU H 262 -68.78 -5.34 24.87
N ARG H 263 -68.47 -4.12 24.42
CA ARG H 263 -69.16 -3.51 23.29
C ARG H 263 -68.38 -3.85 22.03
N LEU H 264 -68.92 -4.78 21.23
CA LEU H 264 -68.19 -5.36 20.11
C LEU H 264 -68.13 -4.38 18.93
N THR H 265 -67.52 -3.23 19.18
CA THR H 265 -67.29 -2.23 18.15
C THR H 265 -65.92 -2.47 17.54
N GLY H 266 -65.46 -1.51 16.73
CA GLY H 266 -64.15 -1.64 16.12
C GLY H 266 -63.02 -1.39 17.11
N ALA H 267 -61.80 -1.62 16.65
CA ALA H 267 -60.63 -1.42 17.47
C ALA H 267 -59.78 -0.27 16.93
N PRO H 268 -59.09 0.45 17.80
CA PRO H 268 -58.23 1.54 17.34
C PRO H 268 -57.02 1.02 16.59
N LYS H 269 -56.45 1.89 15.74
CA LYS H 269 -55.30 1.51 14.94
C LYS H 269 -54.09 1.20 15.80
N TRP H 270 -53.86 1.99 16.86
CA TRP H 270 -52.69 1.78 17.70
C TRP H 270 -52.75 0.48 18.48
N VAL H 271 -53.92 -0.12 18.60
CA VAL H 271 -54.05 -1.43 19.25
C VAL H 271 -53.87 -2.56 18.26
N LEU H 272 -54.60 -2.52 17.15
CA LEU H 272 -54.54 -3.60 16.18
C LEU H 272 -53.20 -3.63 15.46
N ASP H 273 -52.73 -2.47 15.00
CA ASP H 273 -51.48 -2.40 14.22
C ASP H 273 -50.30 -2.26 15.17
N TYR H 274 -50.03 -3.36 15.88
CA TYR H 274 -48.87 -3.42 16.77
C TYR H 274 -47.87 -4.45 16.26
N MET I 1 -84.21 22.31 7.00
CA MET I 1 -84.12 20.97 6.43
C MET I 1 -85.15 20.04 7.08
N ASN I 2 -86.18 19.67 6.31
CA ASN I 2 -87.27 18.85 6.81
C ASN I 2 -87.12 17.41 6.32
N LEU I 3 -87.27 16.46 7.25
CA LEU I 3 -87.13 15.05 6.94
C LEU I 3 -87.84 14.25 8.01
N GLU I 4 -88.50 13.17 7.61
CA GLU I 4 -89.30 12.34 8.50
C GLU I 4 -88.64 10.98 8.65
N ILE I 5 -88.41 10.57 9.88
CA ILE I 5 -87.76 9.29 10.19
C ILE I 5 -88.84 8.26 10.47
N ASN I 6 -88.88 7.20 9.67
CA ASN I 6 -89.79 6.10 9.94
C ASN I 6 -89.26 5.24 11.08
N ASN I 7 -90.11 4.35 11.59
CA ASN I 7 -89.74 3.50 12.70
C ASN I 7 -88.96 2.26 12.27
N PHE I 8 -88.79 2.05 10.97
CA PHE I 8 -87.99 0.94 10.45
C PHE I 8 -86.62 1.40 9.98
N ALA I 9 -86.20 2.61 10.37
CA ALA I 9 -84.92 3.14 9.91
C ALA I 9 -83.71 2.28 10.30
N PRO I 10 -83.60 1.73 11.52
CA PRO I 10 -82.42 0.90 11.82
C PRO I 10 -82.28 -0.31 10.90
N ALA I 11 -83.39 -0.93 10.51
CA ALA I 11 -83.31 -2.08 9.60
C ALA I 11 -82.75 -1.65 8.24
N ILE I 12 -83.18 -0.48 7.75
CA ILE I 12 -82.67 0.03 6.49
C ILE I 12 -81.18 0.37 6.60
N SER I 13 -80.79 1.01 7.71
CA SER I 13 -79.39 1.38 7.90
C SER I 13 -78.49 0.16 8.00
N SER I 14 -79.01 -0.93 8.55
CA SER I 14 -78.22 -2.16 8.66
C SER I 14 -77.73 -2.63 7.31
N ILE I 15 -78.50 -2.42 6.25
CA ILE I 15 -78.10 -2.80 4.91
C ILE I 15 -77.33 -1.68 4.21
N GLY I 16 -77.74 -0.43 4.44
CA GLY I 16 -77.06 0.69 3.82
C GLY I 16 -75.59 0.78 4.23
N SER I 17 -75.31 0.61 5.52
CA SER I 17 -73.94 0.67 6.00
C SER I 17 -73.10 -0.47 5.43
N GLN I 18 -73.68 -1.67 5.34
CA GLN I 18 -72.97 -2.80 4.73
C GLN I 18 -72.63 -2.52 3.27
N LEU I 19 -73.58 -1.98 2.52
CA LEU I 19 -73.32 -1.63 1.13
C LEU I 19 -72.20 -0.60 1.02
N CYS I 20 -72.25 0.43 1.88
CA CYS I 20 -71.21 1.46 1.85
C CYS I 20 -69.84 0.88 2.17
N SER I 21 -69.75 0.03 3.20
CA SER I 21 -68.47 -0.53 3.60
C SER I 21 -67.90 -1.43 2.50
N LEU I 22 -68.75 -2.27 1.89
CA LEU I 22 -68.26 -3.13 0.82
C LEU I 22 -67.79 -2.30 -0.37
N SER I 23 -68.50 -1.24 -0.74
CA SER I 23 -68.02 -0.40 -1.86
C SER I 23 -66.65 0.20 -1.54
N ALA I 24 -66.45 0.66 -0.31
CA ALA I 24 -65.17 1.31 0.07
C ALA I 24 -64.01 0.31 0.00
N GLN I 25 -64.25 -0.92 0.44
CA GLN I 25 -63.18 -1.96 0.43
C GLN I 25 -62.77 -2.22 -1.02
N LYS I 26 -63.73 -2.30 -1.93
CA LYS I 26 -63.41 -2.58 -3.35
C LYS I 26 -62.55 -1.45 -3.89
N LEU I 27 -62.86 -0.20 -3.55
CA LEU I 27 -62.10 0.93 -4.13
C LEU I 27 -60.65 0.83 -3.68
N LEU I 28 -60.41 0.54 -2.40
CA LEU I 28 -59.01 0.51 -1.88
C LEU I 28 -58.23 -0.60 -2.59
N THR I 29 -58.85 -1.76 -2.80
CA THR I 29 -58.19 -2.88 -3.49
C THR I 29 -57.86 -2.48 -4.93
N CYS I 30 -58.80 -1.85 -5.63
CA CYS I 30 -58.59 -1.45 -7.04
C CYS I 30 -57.48 -0.40 -7.11
N ARG I 31 -57.47 0.52 -6.15
CA ARG I 31 -56.47 1.61 -6.11
C ARG I 31 -55.08 0.99 -5.95
N LYS I 32 -54.93 -0.02 -5.09
CA LYS I 32 -53.63 -0.73 -4.93
C LYS I 32 -53.26 -1.50 -6.20
N GLN I 33 -54.23 -2.13 -6.87
CA GLN I 33 -53.90 -3.02 -8.02
C GLN I 33 -53.88 -2.25 -9.35
N TYR I 34 -54.11 -0.93 -9.33
CA TYR I 34 -54.18 -0.18 -10.61
C TYR I 34 -52.77 0.06 -11.15
N GLY I 35 -52.54 -0.31 -12.41
CA GLY I 35 -51.25 -0.02 -13.05
C GLY I 35 -51.40 1.14 -13.99
N ASN I 36 -50.56 2.18 -13.83
CA ASN I 36 -50.73 3.39 -14.67
C ASN I 36 -50.64 2.96 -16.13
N GLY I 37 -51.54 3.45 -17.00
CA GLY I 37 -51.44 3.12 -18.43
C GLY I 37 -52.17 4.12 -19.31
N ALA I 38 -52.71 3.68 -20.45
CA ALA I 38 -53.52 4.59 -21.29
C ALA I 38 -54.89 4.82 -20.66
N LYS I 39 -55.51 3.77 -20.11
CA LYS I 39 -56.86 3.90 -19.47
C LYS I 39 -56.73 4.71 -18.17
N SER I 40 -57.70 5.59 -17.91
CA SER I 40 -57.71 6.41 -16.65
C SER I 40 -58.17 5.55 -15.48
N PHE I 41 -57.86 5.96 -14.25
CA PHE I 41 -58.33 5.22 -13.05
C PHE I 41 -59.86 5.26 -13.00
N GLU I 42 -60.47 6.34 -13.45
CA GLU I 42 -61.95 6.47 -13.45
C GLU I 42 -62.57 5.44 -14.38
N GLU I 43 -62.02 5.26 -15.59
CA GLU I 43 -62.53 4.25 -16.56
C GLU I 43 -62.21 2.86 -16.02
N PHE I 44 -61.05 2.69 -15.39
CA PHE I 44 -60.64 1.38 -14.82
C PHE I 44 -61.63 0.97 -13.72
N TYR I 45 -62.05 1.93 -12.90
CA TYR I 45 -62.97 1.63 -11.77
C TYR I 45 -64.36 1.24 -12.31
N ALA I 46 -64.91 2.00 -13.27
CA ALA I 46 -66.26 1.72 -13.77
C ALA I 46 -66.38 0.24 -14.12
N GLU I 47 -65.36 -0.34 -14.74
CA GLU I 47 -65.40 -1.77 -15.14
C GLU I 47 -65.44 -2.72 -13.93
N ILE I 48 -64.61 -2.49 -12.91
CA ILE I 48 -64.52 -3.50 -11.80
C ILE I 48 -65.00 -2.96 -10.45
N GLY I 49 -65.62 -1.78 -10.44
CA GLY I 49 -66.12 -1.18 -9.19
C GLY I 49 -67.22 -1.98 -8.52
N GLY I 50 -68.08 -2.64 -9.30
CA GLY I 50 -69.26 -3.32 -8.73
C GLY I 50 -68.94 -4.40 -7.71
N ILE I 51 -69.71 -4.46 -6.62
CA ILE I 51 -69.50 -5.48 -5.57
C ILE I 51 -70.26 -6.76 -5.94
N ILE I 52 -70.10 -7.83 -5.15
CA ILE I 52 -70.79 -9.12 -5.44
C ILE I 52 -71.32 -9.70 -4.13
N GLY I 53 -72.26 -10.64 -4.20
CA GLY I 53 -72.75 -11.31 -2.98
C GLY I 53 -73.87 -10.59 -2.25
N MET I 54 -74.40 -9.49 -2.79
CA MET I 54 -75.57 -8.85 -2.11
C MET I 54 -76.84 -9.03 -2.95
N MET I 55 -77.70 -9.98 -2.55
CA MET I 55 -78.93 -10.28 -3.33
C MET I 55 -80.00 -9.22 -3.08
N GLY I 56 -80.92 -9.04 -4.02
CA GLY I 56 -82.03 -8.08 -3.84
C GLY I 56 -81.61 -6.65 -4.12
N ILE I 57 -80.38 -6.46 -4.61
CA ILE I 57 -79.87 -5.07 -4.85
C ILE I 57 -79.16 -5.03 -6.21
N ASN I 58 -79.16 -3.87 -6.87
CA ASN I 58 -78.38 -3.73 -8.13
C ASN I 58 -77.04 -3.13 -7.72
N SER I 59 -75.95 -3.86 -7.98
CA SER I 59 -74.62 -3.38 -7.50
C SER I 59 -73.51 -3.97 -8.37
N GLN I 60 -73.87 -4.65 -9.46
CA GLN I 60 -72.83 -5.17 -10.38
C GLN I 60 -72.02 -4.03 -11.01
N THR I 61 -72.50 -2.79 -10.87
CA THR I 61 -71.81 -1.62 -11.47
C THR I 61 -71.74 -0.47 -10.45
N PRO I 62 -70.74 0.46 -10.47
CA PRO I 62 -70.76 1.62 -9.56
C PRO I 62 -72.08 2.42 -9.64
N SER I 63 -72.56 2.76 -10.85
CA SER I 63 -73.84 3.45 -10.99
C SER I 63 -74.95 2.70 -10.27
N GLY I 64 -74.91 1.36 -10.31
CA GLY I 64 -75.89 0.58 -9.58
C GLY I 64 -75.82 0.80 -8.08
N ILE I 65 -74.60 0.85 -7.54
CA ILE I 65 -74.45 1.13 -6.11
C ILE I 65 -74.92 2.54 -5.78
N ARG I 66 -74.65 3.50 -6.67
CA ARG I 66 -75.14 4.85 -6.45
C ARG I 66 -76.66 4.91 -6.41
N GLU I 67 -77.31 4.21 -7.35
CA GLU I 67 -78.76 4.18 -7.38
C GLU I 67 -79.33 3.47 -6.15
N ALA I 68 -78.68 2.40 -5.71
CA ALA I 68 -79.11 1.72 -4.49
C ALA I 68 -78.98 2.62 -3.28
N ILE I 69 -77.89 3.39 -3.20
CA ILE I 69 -77.72 4.35 -2.12
C ILE I 69 -78.85 5.38 -2.14
N TYR I 70 -79.17 5.87 -3.34
CA TYR I 70 -80.28 6.83 -3.46
C TYR I 70 -81.58 6.23 -2.93
N ARG I 71 -81.91 5.02 -3.37
CA ARG I 71 -83.16 4.40 -2.96
C ARG I 71 -83.21 4.15 -1.46
N LEU I 72 -82.10 3.64 -0.90
CA LEU I 72 -82.08 3.34 0.54
C LEU I 72 -82.17 4.61 1.36
N TYR I 73 -81.48 5.67 0.95
CA TYR I 73 -81.57 6.95 1.66
C TYR I 73 -82.99 7.50 1.61
N GLN I 74 -83.63 7.44 0.43
CA GLN I 74 -85.00 7.92 0.31
C GLN I 74 -85.94 7.12 1.21
N SER I 75 -85.78 5.79 1.24
CA SER I 75 -86.66 4.96 2.05
C SER I 75 -86.43 5.17 3.54
N ALA I 76 -85.20 5.51 3.94
CA ALA I 76 -84.89 5.60 5.36
C ALA I 76 -85.12 6.98 5.95
N PHE I 77 -84.82 8.05 5.21
CA PHE I 77 -84.80 9.38 5.80
C PHE I 77 -85.81 10.34 5.21
N LEU I 78 -86.29 10.12 3.99
CA LEU I 78 -87.18 11.08 3.34
C LEU I 78 -88.63 10.85 3.76
N PHE I 79 -89.50 11.72 3.25
CA PHE I 79 -90.95 11.63 3.60
C PHE I 79 -91.55 10.41 2.92
N GLY I 80 -90.85 9.87 1.91
CA GLY I 80 -91.35 8.65 1.25
C GLY I 80 -90.95 7.45 2.08
N ASP I 81 -91.62 7.25 3.22
CA ASP I 81 -91.25 6.15 4.15
C ASP I 81 -91.91 4.85 3.70
N ILE I 82 -91.43 4.28 2.59
CA ILE I 82 -91.97 2.98 2.10
C ILE I 82 -90.83 1.96 2.17
N PHE I 83 -91.02 0.83 2.84
CA PHE I 83 -89.94 -0.17 3.01
C PHE I 83 -89.82 -1.06 1.76
N PRO I 84 -88.67 -1.05 1.05
CA PRO I 84 -88.51 -1.83 -0.18
C PRO I 84 -88.58 -3.34 0.09
N GLU I 85 -89.30 -4.07 -0.76
CA GLU I 85 -89.42 -5.55 -0.61
C GLU I 85 -88.20 -6.21 -1.27
N SER I 86 -87.35 -5.40 -1.92
CA SER I 86 -86.13 -5.96 -2.58
C SER I 86 -85.30 -6.66 -1.50
N PHE I 87 -85.26 -6.10 -0.29
CA PHE I 87 -84.55 -6.72 0.85
C PHE I 87 -85.60 -7.11 1.89
N GLY I 88 -85.25 -7.99 2.84
CA GLY I 88 -86.20 -8.38 3.90
C GLY I 88 -86.23 -7.34 5.01
N ILE I 89 -86.72 -6.15 4.71
CA ILE I 89 -86.74 -5.02 5.69
C ILE I 89 -87.65 -5.37 6.85
N GLN I 90 -88.69 -6.19 6.61
CA GLN I 90 -89.67 -6.52 7.67
C GLN I 90 -88.96 -7.20 8.84
N ASN I 91 -87.94 -8.01 8.57
CA ASN I 91 -87.24 -8.76 9.64
C ASN I 91 -86.05 -7.96 10.13
N THR I 92 -84.82 -8.41 9.83
CA THR I 92 -83.58 -7.70 10.27
C THR I 92 -83.64 -7.50 11.79
N GLN I 93 -84.05 -8.54 12.53
CA GLN I 93 -84.22 -8.43 14.01
C GLN I 93 -82.88 -8.12 14.68
N ASN I 94 -81.79 -8.78 14.27
CA ASN I 94 -80.48 -8.58 14.95
C ASN I 94 -79.52 -7.88 13.97
N ILE I 95 -78.87 -6.81 14.43
CA ILE I 95 -77.95 -6.02 13.53
C ILE I 95 -76.53 -6.07 14.12
N LYS I 96 -75.57 -5.44 13.44
CA LYS I 96 -74.19 -5.36 13.96
C LYS I 96 -73.94 -3.97 14.58
N PRO I 97 -73.37 -3.81 15.79
CA PRO I 97 -73.09 -2.47 16.35
C PRO I 97 -72.18 -1.68 15.43
N PRO I 98 -72.43 -0.38 15.30
CA PRO I 98 -71.56 0.46 14.47
C PRO I 98 -70.37 0.97 15.29
N PRO I 99 -69.34 1.49 14.62
CA PRO I 99 -68.17 1.99 15.36
C PRO I 99 -68.52 3.22 16.19
N GLY I 100 -67.70 3.43 17.22
CA GLY I 100 -67.91 4.56 18.10
C GLY I 100 -67.62 5.89 17.42
N PHE I 101 -68.25 6.94 17.95
CA PHE I 101 -68.10 8.26 17.37
C PHE I 101 -66.72 8.84 17.67
N THR I 102 -66.18 9.58 16.70
CA THR I 102 -64.83 10.13 16.82
C THR I 102 -64.75 11.63 16.56
N ALA I 103 -65.86 12.29 16.25
CA ALA I 103 -65.80 13.70 15.89
C ALA I 103 -65.54 14.56 17.12
N PRO I 104 -64.52 15.41 17.12
CA PRO I 104 -64.29 16.31 18.26
C PRO I 104 -65.40 17.34 18.36
N ALA I 105 -65.65 17.77 19.59
CA ALA I 105 -66.69 18.75 19.90
C ALA I 105 -66.02 20.12 20.04
N LYS I 106 -66.09 20.93 18.98
CA LYS I 106 -65.52 22.26 18.98
C LYS I 106 -66.58 23.34 19.15
N LYS I 107 -67.68 23.25 18.41
CA LYS I 107 -68.83 24.14 18.59
C LYS I 107 -69.95 23.30 19.21
N LEU I 108 -69.93 23.22 20.54
CA LEU I 108 -70.96 22.50 21.28
C LEU I 108 -72.18 23.38 21.46
N GLU I 109 -73.36 22.78 21.29
CA GLU I 109 -74.61 23.51 21.30
C GLU I 109 -75.19 23.57 22.71
N VAL I 110 -75.68 24.76 23.10
CA VAL I 110 -76.18 24.99 24.44
C VAL I 110 -77.51 25.75 24.35
N VAL I 111 -78.24 25.77 25.47
CA VAL I 111 -79.51 26.54 25.53
C VAL I 111 -79.48 27.38 26.81
N LEU I 112 -79.84 28.66 26.72
CA LEU I 112 -79.91 29.54 27.92
C LEU I 112 -81.08 29.08 28.80
N PRO I 113 -80.97 29.16 30.14
CA PRO I 113 -82.02 28.64 31.03
C PRO I 113 -83.39 29.33 30.88
N GLN I 114 -83.44 30.66 30.88
CA GLN I 114 -84.76 31.37 30.86
C GLN I 114 -84.51 32.85 30.55
N GLY I 115 -85.40 33.50 29.79
CA GLY I 115 -85.10 34.89 29.35
C GLY I 115 -83.63 35.11 29.06
N GLY I 116 -83.03 36.21 29.55
CA GLY I 116 -81.63 36.50 29.19
C GLY I 116 -80.87 37.26 30.26
N ALA I 117 -80.19 36.55 31.18
CA ALA I 117 -79.38 37.22 32.22
C ALA I 117 -77.88 37.10 31.91
N PHE I 118 -77.51 36.52 30.75
CA PHE I 118 -76.06 36.29 30.46
C PHE I 118 -75.72 36.71 29.03
N ASP I 119 -74.42 36.76 28.69
CA ASP I 119 -74.01 37.07 27.34
C ASP I 119 -73.06 35.96 26.88
N LEU I 120 -73.58 35.06 26.05
CA LEU I 120 -72.88 33.84 25.69
C LEU I 120 -72.17 34.02 24.36
N ILE I 121 -70.91 33.59 24.31
CA ILE I 121 -70.11 33.58 23.09
C ILE I 121 -69.38 32.25 22.99
N TYR I 122 -69.29 31.71 21.78
CA TYR I 122 -68.62 30.39 21.59
C TYR I 122 -67.10 30.56 21.48
N ASN I 123 -66.36 29.45 21.45
CA ASN I 123 -64.87 29.48 21.34
C ASN I 123 -64.38 28.17 20.73
N ASN I 124 -63.07 27.95 20.64
CA ASN I 124 -62.52 26.75 19.95
C ASN I 124 -63.03 25.47 20.61
N GLY I 125 -63.10 25.43 21.95
CA GLY I 125 -63.68 24.24 22.61
C GLY I 125 -64.39 24.62 23.89
N GLU I 126 -64.48 25.93 24.17
CA GLU I 126 -65.07 26.36 25.43
C GLU I 126 -66.15 27.40 25.17
N ILE I 127 -66.98 27.62 26.18
CA ILE I 127 -68.02 28.64 26.16
C ILE I 127 -67.87 29.51 27.40
N ARG I 128 -68.03 30.82 27.21
CA ARG I 128 -67.93 31.78 28.31
C ARG I 128 -69.12 32.72 28.26
N VAL I 129 -69.72 32.96 29.42
CA VAL I 129 -70.88 33.84 29.55
C VAL I 129 -70.57 34.87 30.63
N THR I 130 -71.03 36.09 30.41
CA THR I 130 -70.86 37.19 31.36
C THR I 130 -72.21 37.56 31.95
N THR I 131 -72.29 37.57 33.27
CA THR I 131 -73.54 37.87 33.96
C THR I 131 -73.85 39.36 33.87
N THR I 132 -75.07 39.70 33.46
CA THR I 132 -75.49 41.10 33.42
C THR I 132 -75.79 41.64 34.80
N ARG I 133 -76.25 40.80 35.72
CA ARG I 133 -76.58 41.21 37.07
C ARG I 133 -76.05 40.16 38.05
N ASN I 134 -76.31 40.38 39.33
CA ASN I 134 -75.85 39.45 40.36
C ASN I 134 -76.63 38.15 40.28
N VAL I 135 -75.92 37.04 40.49
CA VAL I 135 -76.51 35.71 40.46
C VAL I 135 -75.97 34.91 41.65
N GLN I 136 -76.84 34.15 42.30
CA GLN I 136 -76.45 33.36 43.45
C GLN I 136 -75.76 32.07 43.00
N ALA I 137 -75.00 31.48 43.93
CA ALA I 137 -74.28 30.25 43.65
C ALA I 137 -75.17 29.04 43.93
N GLY I 138 -75.31 28.17 42.93
CA GLY I 138 -76.07 26.95 43.10
C GLY I 138 -77.31 26.87 42.24
N ASP I 139 -77.31 27.59 41.11
CA ASP I 139 -78.43 27.58 40.19
C ASP I 139 -77.93 27.32 38.77
N LEU I 140 -78.78 26.68 37.97
CA LEU I 140 -78.41 26.33 36.61
C LEU I 140 -78.20 27.59 35.77
N VAL I 141 -77.07 27.64 35.07
CA VAL I 141 -76.77 28.76 34.19
C VAL I 141 -76.64 28.36 32.73
N CYS I 142 -76.35 27.10 32.44
CA CYS I 142 -76.21 26.64 31.06
C CYS I 142 -76.43 25.14 31.01
N THR I 143 -76.87 24.67 29.84
CA THR I 143 -77.13 23.25 29.64
C THR I 143 -76.91 22.91 28.17
N VAL I 144 -76.21 21.81 27.92
CA VAL I 144 -75.94 21.34 26.56
C VAL I 144 -77.12 20.51 26.07
N THR I 145 -77.59 20.82 24.87
CA THR I 145 -78.65 20.05 24.24
C THR I 145 -78.14 19.00 23.28
N PHE I 146 -76.82 18.90 23.10
CA PHE I 146 -76.21 17.95 22.20
C PHE I 146 -75.36 16.97 23.01
N PRO I 147 -75.62 15.67 22.94
CA PRO I 147 -74.91 14.73 23.82
C PRO I 147 -73.40 14.78 23.62
N ILE I 148 -72.67 14.61 24.72
CA ILE I 148 -71.21 14.76 24.71
C ILE I 148 -70.64 13.86 25.79
N GLN I 149 -69.40 13.42 25.59
CA GLN I 149 -68.72 12.61 26.60
C GLN I 149 -67.22 12.77 26.42
N GLY I 150 -66.52 12.85 27.55
CA GLY I 150 -65.07 13.05 27.52
C GLY I 150 -64.60 13.63 28.85
N SER I 151 -63.49 14.36 28.77
CA SER I 151 -62.87 14.98 29.93
C SER I 151 -63.24 16.46 30.03
N VAL I 152 -62.92 17.04 31.18
CA VAL I 152 -63.19 18.45 31.45
C VAL I 152 -61.94 19.10 31.99
N ILE I 153 -61.62 20.29 31.46
CA ILE I 153 -60.44 21.05 31.89
C ILE I 153 -60.84 22.51 32.04
N ALA I 154 -60.03 23.24 32.81
CA ALA I 154 -60.16 24.69 32.99
C ALA I 154 -61.56 25.06 33.50
N THR I 155 -61.86 24.60 34.70
CA THR I 155 -63.12 24.91 35.37
C THR I 155 -62.94 26.19 36.18
N ARG I 156 -63.54 27.28 35.67
CA ARG I 156 -63.42 28.59 36.33
C ARG I 156 -64.79 29.10 36.79
N ASN I 157 -65.03 29.14 38.09
CA ASN I 157 -66.27 29.68 38.68
C ASN I 157 -67.50 28.89 38.22
N CYS I 158 -67.35 27.58 38.10
CA CYS I 158 -68.48 26.72 37.78
C CYS I 158 -68.21 25.33 38.35
N HIS I 159 -69.11 24.41 38.06
CA HIS I 159 -69.00 23.05 38.60
C HIS I 159 -69.76 22.10 37.71
N VAL I 160 -69.14 20.96 37.40
CA VAL I 160 -69.75 19.92 36.58
C VAL I 160 -69.58 18.60 37.30
N ASN I 161 -70.63 17.78 37.27
CA ASN I 161 -70.63 16.48 37.93
C ASN I 161 -69.67 15.56 37.20
N GLU I 162 -68.47 15.39 37.76
CA GLU I 162 -67.44 14.56 37.15
C GLU I 162 -66.52 14.03 38.24
N ILE I 163 -66.04 12.80 38.06
CA ILE I 163 -65.12 12.16 38.99
C ILE I 163 -63.87 11.74 38.23
N GLY I 164 -62.71 12.07 38.78
CA GLY I 164 -61.46 11.73 38.14
C GLY I 164 -61.21 12.43 36.83
N GLY I 165 -61.93 13.52 36.56
CA GLY I 165 -61.82 14.23 35.30
C GLY I 165 -62.77 13.76 34.22
N GLN I 166 -63.55 12.71 34.48
CA GLN I 166 -64.45 12.16 33.43
C GLN I 166 -65.89 12.59 33.69
N LEU I 167 -66.58 13.16 32.70
CA LEU I 167 -67.96 13.68 32.91
C LEU I 167 -68.89 12.53 33.27
N THR I 168 -69.70 12.70 34.32
CA THR I 168 -70.66 11.65 34.77
C THR I 168 -71.81 11.48 33.78
N THR I 169 -72.34 12.57 33.23
CA THR I 169 -73.55 12.46 32.36
C THR I 169 -73.28 12.87 30.91
N THR I 170 -74.05 12.30 29.97
CA THR I 170 -73.93 12.68 28.54
C THR I 170 -74.30 14.16 28.34
N ARG I 171 -75.28 14.66 29.09
CA ARG I 171 -75.67 16.10 28.98
C ARG I 171 -75.21 16.85 30.26
N PRO I 172 -73.94 17.30 30.43
CA PRO I 172 -73.56 18.05 31.64
C PRO I 172 -74.27 19.38 31.71
N GLU I 173 -74.53 19.81 32.94
CA GLU I 173 -75.16 21.10 33.22
C GLU I 173 -74.21 21.95 34.04
N ILE I 174 -74.07 23.21 33.64
CA ILE I 174 -73.13 24.14 34.27
C ILE I 174 -73.86 24.91 35.35
N ILE I 175 -73.28 24.91 36.56
CA ILE I 175 -73.82 25.64 37.70
C ILE I 175 -72.69 26.42 38.36
N ALA I 176 -72.94 27.69 38.65
CA ALA I 176 -71.96 28.50 39.35
C ALA I 176 -71.76 27.98 40.77
N SER I 177 -70.53 28.14 41.27
CA SER I 177 -70.20 27.57 42.61
C SER I 177 -69.97 28.69 43.63
N VAL I 178 -69.75 29.93 43.16
CA VAL I 178 -69.46 31.06 44.09
C VAL I 178 -70.42 32.22 43.82
N PRO I 179 -70.96 32.92 44.85
CA PRO I 179 -71.80 34.09 44.62
C PRO I 179 -70.98 35.03 43.75
N MET I 180 -71.49 35.43 42.58
CA MET I 180 -70.64 36.23 41.66
C MET I 180 -71.29 37.59 41.37
N PRO I 181 -70.55 38.74 41.41
CA PRO I 181 -71.12 40.02 41.02
C PRO I 181 -71.36 40.08 39.49
N ALA I 182 -71.73 41.25 39.00
CA ALA I 182 -72.05 41.38 37.55
C ALA I 182 -70.78 41.42 36.71
N ARG I 183 -70.87 41.08 35.43
CA ARG I 183 -69.71 41.10 34.49
C ARG I 183 -68.69 40.01 34.85
N THR I 184 -69.01 39.14 35.81
CA THR I 184 -68.10 37.99 36.11
C THR I 184 -68.21 37.00 34.96
N VAL I 185 -67.07 36.41 34.54
CA VAL I 185 -67.09 35.50 33.35
C VAL I 185 -66.79 34.06 33.76
N ILE I 186 -67.76 33.16 33.60
CA ILE I 186 -67.54 31.74 33.87
C ILE I 186 -67.31 31.02 32.55
N VAL I 187 -66.42 30.02 32.58
CA VAL I 187 -66.01 29.30 31.37
C VAL I 187 -66.11 27.81 31.63
N ALA I 188 -66.11 27.05 30.53
CA ALA I 188 -66.13 25.60 30.61
C ALA I 188 -65.57 25.04 29.32
N SER I 189 -64.40 24.42 29.39
CA SER I 189 -63.73 23.82 28.23
C SER I 189 -63.81 22.31 28.34
N PHE I 190 -64.18 21.66 27.24
CA PHE I 190 -64.39 20.22 27.23
C PHE I 190 -63.46 19.56 26.22
N ASP I 191 -62.70 18.57 26.68
CA ASP I 191 -61.90 17.71 25.81
C ASP I 191 -62.69 16.43 25.59
N ALA I 192 -63.72 16.53 24.75
CA ALA I 192 -64.73 15.48 24.63
C ALA I 192 -64.98 15.17 23.16
N ILE I 193 -65.85 14.19 22.93
CA ILE I 193 -66.19 13.70 21.60
C ILE I 193 -67.69 13.84 21.42
N GLU I 194 -68.11 14.52 20.35
CA GLU I 194 -69.51 14.73 20.05
C GLU I 194 -70.03 13.55 19.22
N ILE I 195 -71.23 13.71 18.67
CA ILE I 195 -71.84 12.70 17.81
C ILE I 195 -71.41 12.95 16.37
N GLY I 196 -70.90 11.92 15.71
CA GLY I 196 -70.46 11.99 14.34
C GLY I 196 -69.03 11.52 14.20
N TYR I 197 -68.49 11.67 12.99
CA TYR I 197 -67.13 11.24 12.68
C TYR I 197 -66.38 12.41 12.07
N GLY I 198 -65.12 12.59 12.49
CA GLY I 198 -64.35 13.74 12.05
C GLY I 198 -63.60 13.54 10.76
N GLU I 199 -63.43 12.30 10.33
CA GLU I 199 -62.67 12.01 9.12
C GLU I 199 -63.54 12.14 7.88
N GLY I 200 -62.90 12.36 6.75
CA GLY I 200 -63.59 12.49 5.47
C GLY I 200 -64.50 13.69 5.37
N ASP I 201 -64.09 14.82 5.96
CA ASP I 201 -64.93 16.01 5.94
C ASP I 201 -65.11 16.53 4.52
N ASP I 202 -64.04 16.55 3.73
CA ASP I 202 -64.15 16.98 2.35
C ASP I 202 -65.06 16.06 1.55
N LEU I 203 -64.92 14.75 1.74
CA LEU I 203 -65.76 13.79 1.03
C LEU I 203 -67.24 14.08 1.30
N PHE I 204 -67.58 14.40 2.56
CA PHE I 204 -68.94 14.80 2.88
C PHE I 204 -69.33 16.07 2.14
N ALA I 205 -68.40 17.03 2.06
CA ALA I 205 -68.71 18.31 1.41
C ALA I 205 -69.07 18.12 -0.06
N ILE I 206 -68.30 17.31 -0.78
CA ILE I 206 -68.67 17.04 -2.18
C ILE I 206 -69.91 16.15 -2.26
N GLY I 207 -70.04 15.16 -1.38
CA GLY I 207 -71.15 14.22 -1.50
C GLY I 207 -72.51 14.78 -1.14
N ILE I 208 -72.57 15.80 -0.28
CA ILE I 208 -73.86 16.32 0.15
C ILE I 208 -74.58 16.98 -1.02
N ALA I 209 -73.86 17.68 -1.88
CA ALA I 209 -74.48 18.29 -3.05
C ALA I 209 -74.99 17.23 -4.03
N ILE I 210 -74.37 16.05 -4.05
CA ILE I 210 -74.77 15.01 -4.98
C ILE I 210 -76.22 14.58 -4.73
N LEU I 211 -76.57 14.36 -3.46
CA LEU I 211 -77.94 13.99 -3.14
C LEU I 211 -78.82 15.20 -2.83
N SER I 212 -78.23 16.40 -2.71
CA SER I 212 -79.07 17.60 -2.65
C SER I 212 -79.61 17.97 -4.02
N ASN I 213 -78.83 17.72 -5.08
CA ASN I 213 -79.31 17.97 -6.43
C ASN I 213 -80.42 17.01 -6.84
N ARG I 214 -80.50 15.84 -6.19
CA ARG I 214 -81.57 14.89 -6.46
C ARG I 214 -82.81 15.19 -5.62
N PHE I 215 -82.63 15.37 -4.32
CA PHE I 215 -83.71 15.76 -3.42
C PHE I 215 -83.62 17.26 -3.14
N ASN I 216 -84.03 18.04 -4.14
CA ASN I 216 -83.92 19.50 -4.04
C ASN I 216 -84.79 20.07 -2.93
N GLY I 217 -86.01 19.57 -2.81
CA GLY I 217 -86.95 20.14 -1.86
C GLY I 217 -86.77 19.72 -0.41
N GLN I 218 -85.86 18.80 -0.13
CA GLN I 218 -85.68 18.29 1.23
C GLN I 218 -84.29 18.52 1.78
N ILE I 219 -83.24 18.34 0.99
CA ILE I 219 -81.87 18.38 1.46
C ILE I 219 -81.17 19.57 0.80
N THR I 220 -80.42 20.33 1.60
CA THR I 220 -79.61 21.45 1.13
C THR I 220 -78.19 21.28 1.63
N PRO I 221 -77.21 21.76 0.87
CA PRO I 221 -75.81 21.67 1.33
C PRO I 221 -75.61 22.43 2.63
N MET I 222 -74.83 21.84 3.53
CA MET I 222 -74.56 22.41 4.84
C MET I 222 -73.36 21.68 5.44
N SER I 223 -72.90 22.18 6.58
CA SER I 223 -71.75 21.59 7.24
C SER I 223 -72.11 20.25 7.87
N ARG I 224 -71.09 19.49 8.22
CA ARG I 224 -71.30 18.19 8.87
C ARG I 224 -71.92 18.36 10.24
N HIS I 225 -71.48 19.38 11.01
CA HIS I 225 -71.99 19.57 12.36
C HIS I 225 -73.48 19.88 12.35
N ASN I 226 -73.91 20.81 11.51
CA ASN I 226 -75.32 21.17 11.44
C ASN I 226 -76.17 20.00 10.95
N TYR I 227 -75.68 19.28 9.94
CA TYR I 227 -76.41 18.13 9.43
C TYR I 227 -76.60 17.08 10.51
N MET I 228 -75.53 16.79 11.27
CA MET I 228 -75.62 15.81 12.34
C MET I 228 -76.58 16.27 13.44
N THR I 229 -76.53 17.56 13.79
CA THR I 229 -77.42 18.07 14.83
C THR I 229 -78.87 17.96 14.42
N GLN I 230 -79.19 18.35 13.17
CA GLN I 230 -80.57 18.24 12.70
C GLN I 230 -81.01 16.78 12.64
N MET I 231 -80.14 15.89 12.17
CA MET I 231 -80.49 14.48 12.06
C MET I 231 -80.76 13.88 13.44
N PHE I 232 -79.96 14.26 14.44
CA PHE I 232 -80.20 13.80 15.80
C PHE I 232 -81.49 14.37 16.36
N ALA I 233 -81.75 15.65 16.11
CA ALA I 233 -82.93 16.29 16.68
C ALA I 233 -84.22 15.81 16.03
N ASN I 234 -84.16 15.26 14.82
CA ASN I 234 -85.37 14.76 14.16
C ASN I 234 -85.65 13.30 14.45
N LEU I 235 -84.85 12.65 15.30
CA LEU I 235 -85.12 11.27 15.65
C LEU I 235 -86.30 11.19 16.62
N PRO I 236 -87.08 10.12 16.56
CA PRO I 236 -88.16 9.93 17.54
C PRO I 236 -87.63 9.73 18.94
N ALA I 237 -88.41 10.17 19.92
CA ALA I 237 -87.99 10.08 21.31
C ALA I 237 -87.89 8.64 21.78
N ASN I 238 -88.84 7.79 21.38
CA ASN I 238 -88.88 6.40 21.83
C ASN I 238 -87.99 5.54 20.93
N MET I 239 -86.69 5.68 21.13
CA MET I 239 -85.71 4.88 20.41
C MET I 239 -84.50 4.67 21.30
N SER I 240 -83.95 3.46 21.27
CA SER I 240 -82.78 3.14 22.09
C SER I 240 -81.52 3.78 21.50
N GLU I 241 -80.53 3.97 22.38
CA GLU I 241 -79.25 4.53 21.93
C GLU I 241 -78.56 3.58 20.96
N ARG I 242 -78.60 2.28 21.24
CA ARG I 242 -77.99 1.30 20.34
C ARG I 242 -78.70 1.28 19.00
N ASP I 243 -80.03 1.42 19.01
CA ASP I 243 -80.80 1.39 17.76
C ASP I 243 -80.62 2.66 16.94
N SER I 244 -80.45 3.82 17.60
CA SER I 244 -80.26 5.06 16.88
C SER I 244 -78.86 5.19 16.32
N SER I 245 -77.92 4.42 16.85
CA SER I 245 -76.53 4.49 16.39
C SER I 245 -76.41 4.07 14.93
N ALA I 246 -77.13 3.03 14.53
CA ALA I 246 -77.10 2.59 13.14
C ALA I 246 -77.61 3.67 12.21
N VAL I 247 -78.73 4.30 12.59
CA VAL I 247 -79.30 5.37 11.76
C VAL I 247 -78.32 6.54 11.66
N LEU I 248 -77.72 6.94 12.79
CA LEU I 248 -76.77 8.04 12.77
C LEU I 248 -75.54 7.70 11.94
N HIS I 249 -75.11 6.43 11.97
CA HIS I 249 -73.96 6.02 11.16
C HIS I 249 -74.29 6.11 9.67
N PHE I 250 -75.42 5.54 9.27
CA PHE I 250 -75.75 5.52 7.84
C PHE I 250 -76.04 6.93 7.31
N ALA I 251 -76.62 7.80 8.15
CA ALA I 251 -76.95 9.15 7.71
C ALA I 251 -75.72 9.92 7.26
N GLN I 252 -74.57 9.64 7.87
CA GLN I 252 -73.31 10.25 7.44
C GLN I 252 -72.54 9.39 6.45
N ALA I 253 -72.73 8.07 6.48
CA ALA I 253 -72.00 7.19 5.58
C ALA I 253 -72.49 7.35 4.15
N ALA I 254 -73.77 7.61 3.94
CA ALA I 254 -74.28 7.77 2.58
C ALA I 254 -73.65 8.95 1.84
N PRO I 255 -73.63 10.16 2.38
CA PRO I 255 -73.01 11.27 1.63
C PRO I 255 -71.52 11.09 1.40
N VAL I 256 -70.79 10.55 2.38
CA VAL I 256 -69.35 10.42 2.21
C VAL I 256 -69.03 9.37 1.15
N VAL I 257 -69.83 8.30 1.08
CA VAL I 257 -69.62 7.31 0.03
C VAL I 257 -70.02 7.87 -1.33
N LEU I 258 -71.09 8.67 -1.37
CA LEU I 258 -71.48 9.29 -2.63
C LEU I 258 -70.38 10.22 -3.15
N GLY I 259 -69.76 10.99 -2.27
CA GLY I 259 -68.64 11.82 -2.68
C GLY I 259 -67.40 11.00 -3.01
N MET I 260 -67.21 9.88 -2.32
CA MET I 260 -66.08 9.00 -2.57
C MET I 260 -66.15 8.39 -3.97
N MET I 261 -67.35 8.03 -4.42
CA MET I 261 -67.49 7.48 -5.76
C MET I 261 -67.20 8.52 -6.84
N GLU I 262 -67.19 9.81 -6.50
CA GLU I 262 -66.84 10.86 -7.45
C GLU I 262 -65.35 11.18 -7.43
N ARG I 263 -64.84 11.55 -6.25
CA ARG I 263 -63.41 11.75 -6.06
C ARG I 263 -62.80 10.42 -5.66
N LEU I 264 -62.04 9.81 -6.57
CA LEU I 264 -61.59 8.44 -6.36
C LEU I 264 -60.40 8.38 -5.41
N THR I 265 -60.52 9.02 -4.25
CA THR I 265 -59.49 8.99 -3.23
C THR I 265 -59.82 7.88 -2.23
N GLY I 266 -59.11 7.87 -1.11
CA GLY I 266 -59.35 6.86 -0.09
C GLY I 266 -60.62 7.12 0.70
N ALA I 267 -60.99 6.13 1.50
CA ALA I 267 -62.18 6.19 2.33
C ALA I 267 -61.80 6.23 3.81
N PRO I 268 -62.63 6.87 4.64
CA PRO I 268 -62.34 6.90 6.08
C PRO I 268 -62.46 5.53 6.71
N LYS I 269 -61.78 5.36 7.84
CA LYS I 269 -61.73 4.06 8.50
C LYS I 269 -63.09 3.63 9.02
N TRP I 270 -63.88 4.57 9.55
CA TRP I 270 -65.15 4.20 10.17
C TRP I 270 -66.13 3.65 9.14
N VAL I 271 -66.07 4.14 7.90
CA VAL I 271 -66.89 3.54 6.85
C VAL I 271 -66.41 2.12 6.55
N LEU I 272 -65.10 1.93 6.47
CA LEU I 272 -64.55 0.63 6.11
C LEU I 272 -64.85 -0.42 7.18
N ASP I 273 -64.53 -0.09 8.43
CA ASP I 273 -64.61 -1.07 9.53
C ASP I 273 -65.99 -1.04 10.18
N TYR I 274 -66.99 -1.37 9.39
CA TYR I 274 -68.34 -1.52 9.91
C TYR I 274 -68.65 -3.00 10.14
N MET J 1 -34.98 27.91 3.21
CA MET J 1 -34.90 26.81 2.24
C MET J 1 -35.06 27.32 0.82
N ASN J 2 -34.12 26.94 -0.03
CA ASN J 2 -34.14 27.29 -1.45
C ASN J 2 -34.37 26.03 -2.27
N LEU J 3 -35.35 26.09 -3.17
CA LEU J 3 -35.72 24.94 -3.99
C LEU J 3 -36.56 25.43 -5.16
N GLU J 4 -36.46 24.72 -6.28
CA GLU J 4 -37.16 25.07 -7.51
C GLU J 4 -37.91 23.84 -8.02
N ILE J 5 -39.24 23.88 -7.92
CA ILE J 5 -40.07 22.79 -8.40
C ILE J 5 -40.33 22.95 -9.89
N ASN J 6 -40.03 21.91 -10.66
CA ASN J 6 -40.10 21.97 -12.11
C ASN J 6 -41.49 21.54 -12.59
N ASN J 7 -41.64 21.50 -13.92
CA ASN J 7 -42.88 21.04 -14.52
C ASN J 7 -43.04 19.53 -14.45
N PHE J 8 -41.93 18.79 -14.41
CA PHE J 8 -41.94 17.34 -14.40
C PHE J 8 -42.20 16.76 -13.01
N ALA J 9 -42.54 17.60 -12.03
CA ALA J 9 -42.70 17.13 -10.66
C ALA J 9 -43.75 16.04 -10.48
N PRO J 10 -44.95 16.11 -11.08
CA PRO J 10 -45.94 15.05 -10.81
C PRO J 10 -45.47 13.65 -11.19
N ALA J 11 -44.71 13.53 -12.29
CA ALA J 11 -44.23 12.22 -12.70
C ALA J 11 -43.30 11.61 -11.66
N ILE J 12 -42.40 12.42 -11.09
CA ILE J 12 -41.53 11.94 -10.03
C ILE J 12 -42.33 11.64 -8.77
N SER J 13 -43.32 12.48 -8.47
CA SER J 13 -44.06 12.35 -7.23
C SER J 13 -44.91 11.08 -7.21
N SER J 14 -45.47 10.70 -8.37
CA SER J 14 -46.25 9.47 -8.44
C SER J 14 -45.38 8.26 -8.09
N ILE J 15 -44.18 8.19 -8.67
CA ILE J 15 -43.28 7.09 -8.38
C ILE J 15 -42.86 7.10 -6.91
N GLY J 16 -42.55 8.29 -6.38
CA GLY J 16 -42.16 8.38 -4.99
C GLY J 16 -43.25 7.91 -4.05
N SER J 17 -44.49 8.32 -4.30
CA SER J 17 -45.60 7.89 -3.45
C SER J 17 -45.84 6.40 -3.56
N GLN J 18 -45.73 5.84 -4.77
CA GLN J 18 -45.88 4.39 -4.92
C GLN J 18 -44.81 3.65 -4.14
N LEU J 19 -43.56 4.12 -4.23
CA LEU J 19 -42.47 3.47 -3.50
C LEU J 19 -42.69 3.55 -2.00
N CYS J 20 -43.13 4.71 -1.50
CA CYS J 20 -43.38 4.86 -0.08
C CYS J 20 -44.51 3.93 0.39
N SER J 21 -45.58 3.83 -0.40
CA SER J 21 -46.68 2.94 -0.03
C SER J 21 -46.23 1.50 -0.01
N LEU J 22 -45.42 1.09 -0.98
CA LEU J 22 -44.91 -0.28 -0.98
C LEU J 22 -44.03 -0.54 0.23
N SER J 23 -43.18 0.43 0.59
CA SER J 23 -42.34 0.26 1.77
C SER J 23 -43.17 0.10 3.03
N ALA J 24 -44.23 0.92 3.18
CA ALA J 24 -45.09 0.82 4.35
C ALA J 24 -45.81 -0.52 4.39
N GLN J 25 -46.31 -0.99 3.25
CA GLN J 25 -46.99 -2.28 3.21
C GLN J 25 -46.05 -3.41 3.61
N LYS J 26 -44.83 -3.39 3.09
CA LYS J 26 -43.86 -4.41 3.46
C LYS J 26 -43.52 -4.34 4.95
N LEU J 27 -43.39 -3.12 5.48
CA LEU J 27 -43.09 -2.97 6.90
C LEU J 27 -44.17 -3.59 7.77
N LEU J 28 -45.44 -3.28 7.47
CA LEU J 28 -46.51 -3.86 8.28
C LEU J 28 -46.61 -5.36 8.10
N THR J 29 -46.42 -5.85 6.88
CA THR J 29 -46.48 -7.30 6.65
C THR J 29 -45.41 -8.03 7.44
N CYS J 30 -44.17 -7.50 7.43
CA CYS J 30 -43.11 -8.12 8.20
C CYS J 30 -43.27 -7.90 9.70
N ARG J 31 -43.97 -6.84 10.10
CA ARG J 31 -44.23 -6.61 11.52
C ARG J 31 -45.26 -7.58 12.07
N LYS J 32 -46.18 -8.09 11.25
CA LYS J 32 -47.17 -9.08 11.75
C LYS J 32 -46.59 -10.50 11.76
N GLN J 33 -45.55 -10.75 10.95
CA GLN J 33 -45.00 -12.12 10.84
C GLN J 33 -43.69 -12.23 11.63
N TYR J 34 -43.49 -11.36 12.64
CA TYR J 34 -42.28 -11.48 13.49
C TYR J 34 -42.55 -12.26 14.78
N GLY J 35 -41.88 -13.41 14.93
CA GLY J 35 -41.95 -14.17 16.17
C GLY J 35 -40.72 -13.92 17.01
N ASN J 36 -40.94 -13.69 18.30
CA ASN J 36 -39.84 -13.38 19.21
C ASN J 36 -38.85 -14.53 19.26
N GLY J 37 -37.56 -14.19 19.13
CA GLY J 37 -36.54 -15.21 19.11
C GLY J 37 -35.16 -14.62 19.25
N ALA J 38 -34.18 -15.35 18.71
CA ALA J 38 -32.79 -14.92 18.82
C ALA J 38 -32.54 -13.61 18.09
N LYS J 39 -33.12 -13.46 16.90
CA LYS J 39 -32.91 -12.26 16.09
C LYS J 39 -33.81 -11.13 16.57
N SER J 40 -33.25 -9.93 16.65
CA SER J 40 -34.06 -8.76 16.96
C SER J 40 -34.91 -8.37 15.75
N PHE J 41 -35.82 -7.43 15.97
CA PHE J 41 -36.75 -7.04 14.91
C PHE J 41 -36.03 -6.37 13.76
N GLU J 42 -35.03 -5.54 14.06
CA GLU J 42 -34.33 -4.82 12.98
C GLU J 42 -33.56 -5.79 12.08
N GLU J 43 -32.96 -6.84 12.63
CA GLU J 43 -32.31 -7.83 11.80
C GLU J 43 -33.30 -8.55 10.90
N PHE J 44 -34.47 -8.90 11.45
CA PHE J 44 -35.52 -9.55 10.67
C PHE J 44 -35.96 -8.66 9.51
N TYR J 45 -36.22 -7.38 9.80
CA TYR J 45 -36.65 -6.45 8.77
C TYR J 45 -35.57 -6.27 7.70
N ALA J 46 -34.32 -6.15 8.13
CA ALA J 46 -33.23 -5.92 7.16
C ALA J 46 -33.21 -7.06 6.14
N GLU J 47 -33.36 -8.30 6.60
CA GLU J 47 -33.28 -9.48 5.69
C GLU J 47 -34.43 -9.55 4.68
N ILE J 48 -35.69 -9.30 5.06
CA ILE J 48 -36.81 -9.51 4.09
C ILE J 48 -37.61 -8.23 3.81
N GLY J 49 -37.72 -7.31 4.76
CA GLY J 49 -38.58 -6.12 4.58
C GLY J 49 -38.11 -5.25 3.45
N GLY J 50 -36.80 -5.18 3.25
CA GLY J 50 -36.21 -4.35 2.19
C GLY J 50 -36.60 -4.80 0.80
N ILE J 51 -36.73 -6.10 0.57
CA ILE J 51 -36.97 -6.58 -0.83
C ILE J 51 -38.25 -5.97 -1.39
N ILE J 52 -38.15 -5.22 -2.48
CA ILE J 52 -39.33 -4.65 -3.20
C ILE J 52 -38.87 -4.53 -4.64
N GLY J 53 -39.67 -4.99 -5.60
CA GLY J 53 -39.20 -5.01 -6.98
C GLY J 53 -39.92 -4.07 -7.92
N MET J 54 -39.28 -2.94 -8.24
CA MET J 54 -39.85 -1.99 -9.21
C MET J 54 -38.70 -1.62 -10.15
N MET J 55 -38.97 -1.01 -11.30
CA MET J 55 -37.85 -0.56 -12.14
C MET J 55 -37.10 0.56 -11.41
N GLY J 56 -35.77 0.54 -11.42
CA GLY J 56 -35.00 1.65 -10.84
C GLY J 56 -34.53 1.44 -9.42
N ILE J 57 -35.12 0.49 -8.69
CA ILE J 57 -34.59 0.18 -7.33
C ILE J 57 -33.81 -1.12 -7.53
N ASN J 58 -32.49 -1.11 -7.29
CA ASN J 58 -31.70 -2.34 -7.62
C ASN J 58 -31.16 -3.03 -6.38
N SER J 59 -31.98 -3.24 -5.33
CA SER J 59 -31.43 -3.81 -4.08
C SER J 59 -32.50 -4.48 -3.22
N GLN J 60 -32.12 -5.56 -2.53
CA GLN J 60 -33.03 -6.26 -1.61
C GLN J 60 -32.75 -5.87 -0.17
N THR J 61 -32.28 -4.65 0.05
CA THR J 61 -31.95 -4.11 1.35
C THR J 61 -32.59 -2.74 1.50
N PRO J 62 -32.83 -2.29 2.72
CA PRO J 62 -33.41 -0.94 2.91
C PRO J 62 -32.51 0.17 2.39
N SER J 63 -31.21 -0.07 2.23
CA SER J 63 -30.32 0.94 1.69
C SER J 63 -30.70 1.32 0.27
N GLY J 64 -31.14 0.34 -0.52
CA GLY J 64 -31.61 0.65 -1.87
C GLY J 64 -32.82 1.56 -1.86
N ILE J 65 -33.78 1.30 -0.97
CA ILE J 65 -34.95 2.16 -0.87
C ILE J 65 -34.55 3.56 -0.42
N ARG J 66 -33.62 3.65 0.52
CA ARG J 66 -33.16 4.95 0.99
C ARG J 66 -32.51 5.74 -0.15
N GLU J 67 -31.66 5.09 -0.94
CA GLU J 67 -31.04 5.78 -2.07
C GLU J 67 -32.06 6.17 -3.13
N ALA J 68 -33.05 5.31 -3.37
CA ALA J 68 -34.10 5.65 -4.33
C ALA J 68 -34.87 6.88 -3.88
N ILE J 69 -35.21 6.94 -2.59
CA ILE J 69 -35.90 8.11 -2.04
C ILE J 69 -35.04 9.35 -2.20
N TYR J 70 -33.74 9.23 -1.90
CA TYR J 70 -32.85 10.38 -2.03
C TYR J 70 -32.82 10.88 -3.47
N ARG J 71 -32.67 9.96 -4.43
CA ARG J 71 -32.56 10.36 -5.83
C ARG J 71 -33.85 11.00 -6.33
N LEU J 72 -35.00 10.40 -6.00
CA LEU J 72 -36.27 10.96 -6.44
C LEU J 72 -36.52 12.32 -5.81
N TYR J 73 -36.20 12.47 -4.52
CA TYR J 73 -36.39 13.75 -3.86
C TYR J 73 -35.50 14.82 -4.47
N GLN J 74 -34.24 14.49 -4.75
CA GLN J 74 -33.35 15.47 -5.38
C GLN J 74 -33.82 15.83 -6.79
N SER J 75 -34.32 14.84 -7.53
CA SER J 75 -34.81 15.11 -8.87
C SER J 75 -36.04 16.01 -8.85
N ALA J 76 -36.92 15.82 -7.87
CA ALA J 76 -38.19 16.54 -7.86
C ALA J 76 -38.09 17.92 -7.24
N PHE J 77 -37.46 18.05 -6.07
CA PHE J 77 -37.54 19.30 -5.32
C PHE J 77 -36.23 20.06 -5.23
N LEU J 78 -35.09 19.42 -5.48
CA LEU J 78 -33.81 20.09 -5.28
C LEU J 78 -33.42 20.89 -6.51
N PHE J 79 -32.37 21.70 -6.34
CA PHE J 79 -31.99 22.67 -7.37
C PHE J 79 -31.29 22.04 -8.55
N GLY J 80 -30.53 20.97 -8.34
CA GLY J 80 -29.80 20.35 -9.43
C GLY J 80 -30.74 19.77 -10.47
N ASP J 81 -30.35 19.89 -11.74
CA ASP J 81 -31.15 19.39 -12.86
C ASP J 81 -30.84 17.92 -13.06
N ILE J 82 -31.61 17.07 -12.38
CA ILE J 82 -31.41 15.62 -12.41
C ILE J 82 -32.75 14.95 -12.66
N PHE J 83 -32.75 13.94 -13.53
CA PHE J 83 -33.93 13.11 -13.73
C PHE J 83 -33.50 11.65 -13.79
N PRO J 84 -34.19 10.73 -13.05
CA PRO J 84 -33.84 9.32 -13.06
C PRO J 84 -34.58 8.57 -14.18
N GLU J 85 -33.89 8.31 -15.29
CA GLU J 85 -34.52 7.63 -16.45
C GLU J 85 -34.74 6.14 -16.15
N SER J 86 -34.14 5.62 -15.07
CA SER J 86 -34.21 4.17 -14.80
C SER J 86 -35.53 3.70 -14.18
N PHE J 87 -36.37 4.60 -13.64
CA PHE J 87 -37.58 4.13 -12.99
C PHE J 87 -38.71 3.99 -14.01
N GLY J 88 -39.88 3.60 -13.53
CA GLY J 88 -41.05 3.49 -14.39
C GLY J 88 -41.69 4.83 -14.66
N ILE J 89 -40.89 5.78 -15.13
CA ILE J 89 -41.39 7.14 -15.36
C ILE J 89 -41.95 7.33 -16.76
N GLN J 90 -41.60 6.44 -17.70
CA GLN J 90 -42.06 6.63 -19.08
C GLN J 90 -43.56 6.41 -19.19
N ASN J 91 -44.10 5.43 -18.47
CA ASN J 91 -45.54 5.18 -18.49
C ASN J 91 -46.27 5.85 -17.34
N THR J 92 -46.14 7.18 -17.24
CA THR J 92 -46.85 7.97 -16.26
C THR J 92 -47.90 8.86 -16.93
N GLN J 93 -48.57 8.32 -17.95
CA GLN J 93 -49.60 9.08 -18.65
C GLN J 93 -50.75 9.43 -17.72
N ASN J 94 -51.20 8.48 -16.90
CA ASN J 94 -52.30 8.69 -15.97
C ASN J 94 -51.78 8.54 -14.55
N ILE J 95 -52.25 9.42 -13.66
CA ILE J 95 -51.78 9.47 -12.28
C ILE J 95 -52.96 9.21 -11.35
N LYS J 96 -52.80 8.23 -10.47
CA LYS J 96 -53.83 7.95 -9.47
C LYS J 96 -53.93 9.11 -8.48
N PRO J 97 -55.15 9.55 -8.15
CA PRO J 97 -55.30 10.67 -7.21
C PRO J 97 -54.77 10.33 -5.83
N PRO J 98 -54.13 11.27 -5.16
CA PRO J 98 -53.63 11.01 -3.81
C PRO J 98 -54.73 11.19 -2.78
N PRO J 99 -54.54 10.67 -1.56
CA PRO J 99 -55.56 10.83 -0.52
C PRO J 99 -55.74 12.29 -0.12
N GLY J 100 -56.95 12.61 0.35
CA GLY J 100 -57.24 13.96 0.76
C GLY J 100 -56.55 14.33 2.05
N PHE J 101 -56.32 15.63 2.21
CA PHE J 101 -55.60 16.14 3.37
C PHE J 101 -56.43 15.99 4.65
N THR J 102 -55.74 15.83 5.78
CA THR J 102 -56.40 15.69 7.07
C THR J 102 -55.72 16.50 8.17
N ALA J 103 -54.85 17.45 7.81
CA ALA J 103 -54.12 18.21 8.81
C ALA J 103 -55.00 19.32 9.39
N PRO J 104 -55.22 19.36 10.70
CA PRO J 104 -56.00 20.44 11.28
C PRO J 104 -55.31 21.78 11.08
N ALA J 105 -56.13 22.82 10.84
CA ALA J 105 -55.63 24.17 10.62
C ALA J 105 -55.60 24.90 11.96
N LYS J 106 -54.48 24.78 12.66
CA LYS J 106 -54.34 25.40 13.99
C LYS J 106 -53.74 26.79 13.88
N LYS J 107 -52.63 26.93 13.15
CA LYS J 107 -52.02 28.22 12.87
C LYS J 107 -52.23 28.52 11.40
N LEU J 108 -53.24 29.33 11.10
CA LEU J 108 -53.57 29.69 9.73
C LEU J 108 -52.92 31.01 9.36
N GLU J 109 -52.40 31.07 8.13
CA GLU J 109 -51.63 32.22 7.68
C GLU J 109 -52.54 33.27 7.07
N VAL J 110 -52.42 34.51 7.54
CA VAL J 110 -53.14 35.66 7.01
C VAL J 110 -52.16 36.78 6.78
N VAL J 111 -52.60 37.80 6.03
CA VAL J 111 -51.73 38.99 5.77
C VAL J 111 -52.54 40.28 5.95
N LEU J 112 -52.13 41.15 6.86
CA LEU J 112 -52.79 42.47 7.03
C LEU J 112 -52.53 43.25 5.74
N PRO J 113 -53.52 43.89 5.08
CA PRO J 113 -53.25 44.52 3.78
C PRO J 113 -52.28 45.71 3.72
N GLN J 114 -52.49 46.74 4.56
CA GLN J 114 -51.62 47.95 4.53
C GLN J 114 -51.98 48.92 5.65
N GLY J 115 -51.13 49.91 5.92
CA GLY J 115 -51.47 50.99 6.87
C GLY J 115 -51.26 50.70 8.34
N GLY J 116 -50.86 49.47 8.70
CA GLY J 116 -50.54 49.16 10.11
C GLY J 116 -51.71 49.53 11.00
N ALA J 117 -52.94 49.35 10.53
CA ALA J 117 -54.14 49.77 11.28
C ALA J 117 -54.60 48.64 12.20
N PHE J 118 -53.98 47.46 12.12
CA PHE J 118 -54.44 46.30 12.93
C PHE J 118 -53.24 45.52 13.50
N ASP J 119 -53.34 45.05 14.74
CA ASP J 119 -52.29 44.25 15.38
C ASP J 119 -52.78 42.82 15.52
N LEU J 120 -51.97 41.88 15.06
CA LEU J 120 -52.38 40.48 14.90
C LEU J 120 -51.77 39.61 15.98
N ILE J 121 -52.61 38.78 16.60
CA ILE J 121 -52.17 37.71 17.48
C ILE J 121 -52.92 36.44 17.09
N TYR J 122 -52.34 35.29 17.47
CA TYR J 122 -52.88 34.00 17.09
C TYR J 122 -53.35 33.23 18.32
N ASN J 123 -54.15 32.18 18.09
CA ASN J 123 -54.64 31.33 19.20
C ASN J 123 -54.68 29.88 18.71
N ASN J 124 -55.19 28.96 19.53
CA ASN J 124 -55.21 27.53 19.13
C ASN J 124 -56.09 27.36 17.89
N GLY J 125 -57.28 27.99 17.89
CA GLY J 125 -58.21 27.84 16.75
C GLY J 125 -58.72 29.15 16.19
N GLU J 126 -58.35 30.30 16.78
CA GLU J 126 -58.96 31.58 16.31
C GLU J 126 -57.92 32.69 16.12
N ILE J 127 -58.25 33.70 15.30
CA ILE J 127 -57.35 34.87 15.11
C ILE J 127 -58.11 36.12 15.57
N ARG J 128 -57.40 37.23 15.85
CA ARG J 128 -58.05 38.44 16.31
C ARG J 128 -57.11 39.62 16.12
N VAL J 129 -57.66 40.76 15.73
CA VAL J 129 -56.88 41.97 15.52
C VAL J 129 -57.54 43.11 16.29
N THR J 130 -56.72 44.10 16.63
CA THR J 130 -57.18 45.31 17.30
C THR J 130 -57.08 46.49 16.35
N THR J 131 -58.19 47.19 16.15
CA THR J 131 -58.21 48.34 15.26
C THR J 131 -57.59 49.54 15.96
N THR J 132 -56.54 50.11 15.36
CA THR J 132 -55.88 51.27 15.94
C THR J 132 -56.56 52.58 15.59
N ARG J 133 -57.58 52.57 14.75
CA ARG J 133 -58.30 53.78 14.38
C ARG J 133 -59.68 53.38 13.86
N ASN J 134 -60.44 54.38 13.41
CA ASN J 134 -61.77 54.13 12.89
C ASN J 134 -61.71 53.34 11.59
N VAL J 135 -62.69 52.46 11.41
CA VAL J 135 -62.76 51.58 10.24
C VAL J 135 -64.17 51.64 9.68
N GLN J 136 -64.27 51.67 8.34
CA GLN J 136 -65.55 51.67 7.66
C GLN J 136 -66.10 50.26 7.52
N ALA J 137 -67.41 50.17 7.39
CA ALA J 137 -68.08 48.88 7.27
C ALA J 137 -67.89 48.29 5.87
N GLY J 138 -67.65 46.99 5.83
CA GLY J 138 -67.58 46.27 4.56
C GLY J 138 -66.26 46.34 3.83
N ASP J 139 -65.16 46.62 4.54
CA ASP J 139 -63.85 46.67 3.92
C ASP J 139 -63.01 45.47 4.35
N LEU J 140 -61.92 45.24 3.64
CA LEU J 140 -61.04 44.12 3.91
C LEU J 140 -60.10 44.47 5.07
N VAL J 141 -60.02 43.57 6.05
CA VAL J 141 -59.13 43.72 7.19
C VAL J 141 -58.05 42.64 7.19
N CYS J 142 -58.39 41.42 6.80
CA CYS J 142 -57.42 40.34 6.69
C CYS J 142 -57.90 39.37 5.62
N THR J 143 -56.95 38.62 5.07
CA THR J 143 -57.23 37.58 4.10
C THR J 143 -56.19 36.48 4.24
N VAL J 144 -56.61 35.25 4.01
CA VAL J 144 -55.73 34.10 4.19
C VAL J 144 -54.95 33.86 2.90
N THR J 145 -53.75 33.29 3.06
CA THR J 145 -52.93 32.89 1.93
C THR J 145 -52.75 31.38 1.84
N PHE J 146 -52.74 30.68 2.97
CA PHE J 146 -52.67 29.23 2.98
C PHE J 146 -54.08 28.67 2.87
N PRO J 147 -54.41 27.93 1.80
CA PRO J 147 -55.80 27.50 1.61
C PRO J 147 -56.27 26.59 2.74
N ILE J 148 -57.54 26.75 3.11
CA ILE J 148 -58.17 25.93 4.14
C ILE J 148 -59.53 25.49 3.61
N GLN J 149 -60.07 24.46 4.26
CA GLN J 149 -61.39 23.94 3.89
C GLN J 149 -62.04 23.35 5.13
N GLY J 150 -63.27 23.78 5.40
CA GLY J 150 -63.99 23.29 6.56
C GLY J 150 -65.08 24.28 6.96
N SER J 151 -65.57 24.10 8.18
CA SER J 151 -66.65 24.93 8.70
C SER J 151 -66.09 26.11 9.50
N VAL J 152 -66.95 27.09 9.73
CA VAL J 152 -66.61 28.29 10.49
C VAL J 152 -67.48 28.35 11.73
N ILE J 153 -66.86 28.65 12.87
CA ILE J 153 -67.57 28.72 14.14
C ILE J 153 -67.12 29.97 14.89
N ALA J 154 -68.06 30.56 15.62
CA ALA J 154 -67.77 31.65 16.55
C ALA J 154 -67.10 32.84 15.85
N THR J 155 -67.83 33.46 14.94
CA THR J 155 -67.42 34.70 14.30
C THR J 155 -68.11 35.87 14.98
N ARG J 156 -67.34 36.90 15.32
CA ARG J 156 -67.85 38.06 16.05
C ARG J 156 -67.37 39.34 15.39
N ASN J 157 -68.30 40.28 15.21
CA ASN J 157 -68.02 41.61 14.67
C ASN J 157 -67.28 41.48 13.33
N CYS J 158 -67.79 40.63 12.45
CA CYS J 158 -67.22 40.41 11.13
C CYS J 158 -68.21 39.58 10.33
N HIS J 159 -67.80 39.20 9.11
CA HIS J 159 -68.62 38.36 8.27
C HIS J 159 -67.73 37.61 7.30
N VAL J 160 -68.10 36.36 7.02
CA VAL J 160 -67.41 35.54 6.01
C VAL J 160 -68.46 34.96 5.08
N ASN J 161 -68.04 34.69 3.85
CA ASN J 161 -68.94 34.15 2.83
C ASN J 161 -69.11 32.66 3.10
N GLU J 162 -70.13 32.32 3.89
CA GLU J 162 -70.44 30.95 4.22
C GLU J 162 -71.94 30.74 4.20
N ILE J 163 -72.36 29.60 3.66
CA ILE J 163 -73.77 29.23 3.60
C ILE J 163 -73.93 27.84 4.18
N GLY J 164 -74.81 27.72 5.18
CA GLY J 164 -75.04 26.44 5.82
C GLY J 164 -73.95 26.01 6.78
N GLY J 165 -73.01 26.89 7.11
CA GLY J 165 -71.90 26.56 7.97
C GLY J 165 -70.62 26.24 7.24
N GLN J 166 -70.66 26.03 5.94
CA GLN J 166 -69.48 25.68 5.15
C GLN J 166 -68.97 26.91 4.39
N LEU J 167 -67.66 27.10 4.42
CA LEU J 167 -67.05 28.18 3.65
C LEU J 167 -67.15 27.89 2.16
N THR J 168 -67.54 28.89 1.39
CA THR J 168 -67.73 28.70 -0.05
C THR J 168 -66.41 28.67 -0.81
N THR J 169 -65.38 29.36 -0.31
CA THR J 169 -64.11 29.48 -1.02
C THR J 169 -62.98 28.88 -0.19
N THR J 170 -61.97 28.38 -0.88
CA THR J 170 -60.79 27.84 -0.22
C THR J 170 -59.88 28.91 0.36
N ARG J 171 -60.09 30.17 0.01
CA ARG J 171 -59.32 31.30 0.56
C ARG J 171 -60.31 32.31 1.10
N PRO J 172 -60.89 32.05 2.28
CA PRO J 172 -61.85 33.00 2.86
C PRO J 172 -61.18 34.30 3.26
N GLU J 173 -61.97 35.37 3.22
CA GLU J 173 -61.54 36.68 3.67
C GLU J 173 -62.55 37.23 4.66
N ILE J 174 -62.06 37.97 5.64
CA ILE J 174 -62.88 38.50 6.72
C ILE J 174 -63.05 40.00 6.50
N ILE J 175 -64.29 40.47 6.63
CA ILE J 175 -64.65 41.88 6.42
C ILE J 175 -65.53 42.33 7.57
N ALA J 176 -65.27 43.54 8.06
CA ALA J 176 -66.08 44.08 9.16
C ALA J 176 -67.49 44.39 8.69
N SER J 177 -68.45 44.29 9.61
CA SER J 177 -69.87 44.47 9.21
C SER J 177 -70.38 45.85 9.61
N VAL J 178 -69.87 46.40 10.72
CA VAL J 178 -70.39 47.71 11.24
C VAL J 178 -69.20 48.64 11.48
N PRO J 179 -69.30 49.98 11.22
CA PRO J 179 -68.21 50.92 11.54
C PRO J 179 -67.92 50.76 13.04
N MET J 180 -66.66 50.49 13.40
CA MET J 180 -66.37 50.19 14.83
C MET J 180 -65.30 51.15 15.38
N PRO J 181 -65.34 51.48 16.69
CA PRO J 181 -64.37 52.39 17.31
C PRO J 181 -62.98 51.76 17.47
N ALA J 182 -61.98 52.60 17.76
CA ALA J 182 -60.62 52.09 18.00
C ALA J 182 -60.63 51.17 19.22
N ARG J 183 -59.74 50.18 19.27
CA ARG J 183 -59.62 49.24 20.43
C ARG J 183 -60.70 48.17 20.35
N THR J 184 -61.51 48.15 19.29
CA THR J 184 -62.49 47.04 19.13
C THR J 184 -61.71 45.78 18.70
N VAL J 185 -62.24 44.59 19.02
CA VAL J 185 -61.54 43.32 18.67
C VAL J 185 -62.46 42.43 17.84
N ILE J 186 -62.02 42.03 16.64
CA ILE J 186 -62.78 41.13 15.79
C ILE J 186 -62.09 39.77 15.82
N VAL J 187 -62.89 38.70 15.89
CA VAL J 187 -62.37 37.35 16.00
C VAL J 187 -63.01 36.47 14.95
N ALA J 188 -62.34 35.35 14.65
CA ALA J 188 -62.83 34.38 13.68
C ALA J 188 -62.13 33.06 13.94
N SER J 189 -62.93 32.05 14.31
CA SER J 189 -62.38 30.70 14.55
C SER J 189 -62.82 29.79 13.40
N PHE J 190 -61.99 28.81 13.05
CA PHE J 190 -62.26 27.90 11.94
C PHE J 190 -62.02 26.47 12.38
N ASP J 191 -62.99 25.60 12.11
CA ASP J 191 -62.80 24.16 12.22
C ASP J 191 -62.54 23.58 10.83
N ALA J 192 -61.33 23.83 10.33
CA ALA J 192 -60.98 23.53 8.96
C ALA J 192 -59.76 22.63 8.89
N ILE J 193 -59.43 22.20 7.67
CA ILE J 193 -58.26 21.31 7.44
C ILE J 193 -57.33 22.01 6.43
N GLU J 194 -56.07 22.26 6.83
CA GLU J 194 -55.10 22.95 5.94
C GLU J 194 -54.44 21.92 5.01
N ILE J 195 -53.46 22.36 4.22
CA ILE J 195 -52.76 21.44 3.27
C ILE J 195 -51.89 20.47 4.08
N GLY J 196 -51.60 19.29 3.52
CA GLY J 196 -50.76 18.30 4.21
C GLY J 196 -51.59 17.39 5.10
N TYR J 197 -50.95 16.40 5.75
CA TYR J 197 -51.66 15.47 6.65
C TYR J 197 -51.23 15.74 8.10
N GLY J 198 -51.88 15.08 9.06
CA GLY J 198 -51.56 15.33 10.48
C GLY J 198 -50.81 14.18 11.11
N GLU J 199 -51.20 12.95 10.79
CA GLU J 199 -50.55 11.76 11.42
C GLU J 199 -49.09 11.59 10.98
N GLY J 200 -48.26 11.04 11.85
CA GLY J 200 -46.86 10.74 11.47
C GLY J 200 -45.89 11.85 11.80
N ASP J 201 -46.28 12.79 12.69
CA ASP J 201 -45.41 13.95 12.96
C ASP J 201 -44.12 13.54 13.70
N ASP J 202 -44.14 12.46 14.49
CA ASP J 202 -42.92 12.00 15.14
C ASP J 202 -41.90 11.52 14.10
N LEU J 203 -42.36 10.81 13.08
CA LEU J 203 -41.47 10.35 12.02
C LEU J 203 -40.95 11.52 11.18
N PHE J 204 -41.76 12.58 11.04
CA PHE J 204 -41.32 13.74 10.27
C PHE J 204 -40.09 14.38 10.88
N ALA J 205 -40.05 14.49 12.21
CA ALA J 205 -38.93 15.15 12.87
C ALA J 205 -37.62 14.41 12.62
N ILE J 206 -37.65 13.08 12.67
CA ILE J 206 -36.43 12.30 12.45
C ILE J 206 -36.17 12.00 10.99
N GLY J 207 -37.10 12.31 10.09
CA GLY J 207 -36.83 12.16 8.67
C GLY J 207 -36.32 13.44 8.03
N ILE J 208 -36.81 14.59 8.51
CA ILE J 208 -36.36 15.86 7.97
C ILE J 208 -34.89 16.08 8.29
N ALA J 209 -34.45 15.67 9.48
CA ALA J 209 -33.04 15.75 9.81
C ALA J 209 -32.21 14.81 8.94
N ILE J 210 -32.75 13.62 8.67
CA ILE J 210 -32.03 12.65 7.84
C ILE J 210 -31.83 13.20 6.44
N LEU J 211 -32.87 13.77 5.84
CA LEU J 211 -32.73 14.31 4.50
C LEU J 211 -32.20 15.74 4.46
N SER J 212 -31.95 16.34 5.63
CA SER J 212 -31.24 17.60 5.68
C SER J 212 -29.74 17.41 5.88
N ASN J 213 -29.33 16.29 6.48
CA ASN J 213 -27.91 16.01 6.60
C ASN J 213 -27.27 15.73 5.26
N ARG J 214 -28.02 15.18 4.31
CA ARG J 214 -27.47 14.92 2.98
C ARG J 214 -27.37 16.20 2.16
N PHE J 215 -28.51 16.84 1.92
CA PHE J 215 -28.54 18.15 1.25
C PHE J 215 -28.34 19.25 2.28
N ASN J 216 -27.12 19.31 2.81
CA ASN J 216 -26.84 20.13 3.98
C ASN J 216 -26.96 21.62 3.70
N GLY J 217 -26.78 22.06 2.46
CA GLY J 217 -26.90 23.46 2.14
C GLY J 217 -28.24 23.88 1.58
N GLN J 218 -29.12 22.93 1.29
CA GLN J 218 -30.39 23.21 0.63
C GLN J 218 -31.59 23.16 1.54
N ILE J 219 -31.59 22.29 2.55
CA ILE J 219 -32.75 22.06 3.41
C ILE J 219 -32.34 22.29 4.85
N THR J 220 -33.15 23.04 5.59
CA THR J 220 -32.95 23.29 7.00
C THR J 220 -34.05 22.62 7.80
N PRO J 221 -33.72 21.86 8.85
CA PRO J 221 -34.78 21.21 9.63
C PRO J 221 -35.71 22.23 10.29
N MET J 222 -37.00 21.93 10.27
CA MET J 222 -38.02 22.78 10.87
C MET J 222 -39.32 22.00 10.90
N SER J 223 -40.37 22.66 11.40
CA SER J 223 -41.64 21.98 11.64
C SER J 223 -42.36 21.68 10.32
N ARG J 224 -43.38 20.83 10.42
CA ARG J 224 -44.12 20.42 9.24
C ARG J 224 -44.91 21.59 8.64
N HIS J 225 -45.44 22.46 9.48
CA HIS J 225 -46.27 23.56 8.99
C HIS J 225 -45.47 24.50 8.10
N ASN J 226 -44.30 24.92 8.57
CA ASN J 226 -43.46 25.82 7.76
C ASN J 226 -42.99 25.13 6.49
N TYR J 227 -42.63 23.85 6.60
CA TYR J 227 -42.24 23.06 5.43
C TYR J 227 -43.33 23.08 4.37
N MET J 228 -44.57 22.79 4.76
CA MET J 228 -45.65 22.73 3.80
C MET J 228 -46.00 24.11 3.25
N THR J 229 -45.94 25.15 4.09
CA THR J 229 -46.22 26.49 3.59
C THR J 229 -45.19 26.91 2.55
N GLN J 230 -43.92 26.60 2.79
CA GLN J 230 -42.89 26.94 1.81
C GLN J 230 -43.03 26.12 0.54
N MET J 231 -43.36 24.83 0.68
CA MET J 231 -43.60 24.00 -0.51
C MET J 231 -44.74 24.55 -1.35
N PHE J 232 -45.83 24.97 -0.70
CA PHE J 232 -46.96 25.54 -1.44
C PHE J 232 -46.57 26.87 -2.09
N ALA J 233 -45.82 27.70 -1.37
CA ALA J 233 -45.41 28.99 -1.91
C ALA J 233 -44.43 28.84 -3.07
N ASN J 234 -43.71 27.73 -3.16
CA ASN J 234 -42.77 27.50 -4.24
C ASN J 234 -43.38 26.78 -5.43
N LEU J 235 -44.66 26.43 -5.36
CA LEU J 235 -45.31 25.78 -6.51
C LEU J 235 -45.48 26.78 -7.65
N PRO J 236 -45.31 26.35 -8.89
CA PRO J 236 -45.54 27.24 -10.02
C PRO J 236 -47.01 27.61 -10.15
N ALA J 237 -47.25 28.81 -10.70
CA ALA J 237 -48.61 29.29 -10.85
C ALA J 237 -49.42 28.42 -11.81
N ASN J 238 -48.81 28.00 -12.91
CA ASN J 238 -49.51 27.23 -13.94
C ASN J 238 -49.45 25.74 -13.60
N MET J 239 -50.20 25.38 -12.57
CA MET J 239 -50.34 23.98 -12.16
C MET J 239 -51.76 23.72 -11.71
N SER J 240 -52.29 22.56 -12.09
CA SER J 240 -53.65 22.19 -11.72
C SER J 240 -53.71 21.80 -10.24
N GLU J 241 -54.94 21.74 -9.72
CA GLU J 241 -55.16 21.31 -8.35
C GLU J 241 -54.97 19.81 -8.16
N ARG J 242 -54.88 19.05 -9.24
CA ARG J 242 -54.71 17.60 -9.16
C ARG J 242 -53.23 17.20 -9.09
N ASP J 243 -52.37 17.88 -9.84
CA ASP J 243 -50.94 17.58 -9.81
C ASP J 243 -50.28 18.12 -8.55
N SER J 244 -50.70 19.31 -8.10
CA SER J 244 -50.16 19.87 -6.88
C SER J 244 -50.43 18.99 -5.69
N SER J 245 -51.57 18.30 -5.68
CA SER J 245 -51.88 17.37 -4.59
C SER J 245 -50.86 16.22 -4.56
N ALA J 246 -50.52 15.66 -5.72
CA ALA J 246 -49.53 14.60 -5.77
C ALA J 246 -48.16 15.10 -5.34
N VAL J 247 -47.79 16.30 -5.79
CA VAL J 247 -46.48 16.86 -5.42
C VAL J 247 -46.41 17.05 -3.90
N LEU J 248 -47.46 17.62 -3.31
CA LEU J 248 -47.46 17.86 -1.87
C LEU J 248 -47.62 16.57 -1.07
N HIS J 249 -48.17 15.52 -1.68
CA HIS J 249 -48.22 14.23 -1.01
C HIS J 249 -46.83 13.61 -0.94
N PHE J 250 -46.10 13.64 -2.05
CA PHE J 250 -44.75 13.09 -2.04
C PHE J 250 -43.81 13.91 -1.15
N ALA J 251 -43.98 15.24 -1.14
CA ALA J 251 -43.10 16.10 -0.36
C ALA J 251 -43.16 15.78 1.13
N GLN J 252 -44.28 15.25 1.61
CA GLN J 252 -44.39 14.82 2.99
C GLN J 252 -44.16 13.33 3.17
N ALA J 253 -44.47 12.52 2.15
CA ALA J 253 -44.27 11.08 2.27
C ALA J 253 -42.80 10.73 2.33
N ALA J 254 -41.94 11.47 1.63
CA ALA J 254 -40.52 11.15 1.68
C ALA J 254 -39.92 11.27 3.08
N PRO J 255 -40.05 12.39 3.80
CA PRO J 255 -39.45 12.45 5.14
C PRO J 255 -40.03 11.46 6.14
N VAL J 256 -41.35 11.25 6.09
CA VAL J 256 -41.96 10.36 7.07
C VAL J 256 -41.52 8.92 6.84
N VAL J 257 -41.35 8.52 5.58
CA VAL J 257 -40.87 7.17 5.28
C VAL J 257 -39.40 7.04 5.65
N LEU J 258 -38.61 8.09 5.40
CA LEU J 258 -37.21 8.05 5.82
C LEU J 258 -37.09 7.88 7.33
N GLY J 259 -37.93 8.58 8.10
CA GLY J 259 -37.93 8.41 9.54
C GLY J 259 -38.53 7.10 10.00
N MET J 260 -39.46 6.56 9.22
CA MET J 260 -40.08 5.28 9.57
C MET J 260 -39.10 4.14 9.39
N MET J 261 -38.24 4.21 8.38
CA MET J 261 -37.22 3.18 8.21
C MET J 261 -36.18 3.19 9.32
N GLU J 262 -36.07 4.27 10.09
CA GLU J 262 -35.15 4.28 11.22
C GLU J 262 -35.80 3.67 12.46
N ARG J 263 -36.90 4.25 12.93
CA ARG J 263 -37.67 3.70 14.04
C ARG J 263 -38.73 2.77 13.46
N LEU J 264 -38.55 1.46 13.66
CA LEU J 264 -39.40 0.49 12.98
C LEU J 264 -40.76 0.38 13.64
N THR J 265 -41.46 1.50 13.77
CA THR J 265 -42.82 1.52 14.30
C THR J 265 -43.80 1.41 13.13
N GLY J 266 -45.08 1.68 13.40
CA GLY J 266 -46.08 1.63 12.37
C GLY J 266 -45.90 2.73 11.33
N ALA J 267 -46.89 2.82 10.44
CA ALA J 267 -46.88 3.81 9.38
C ALA J 267 -48.22 4.56 9.33
N PRO J 268 -48.21 5.82 8.92
CA PRO J 268 -49.47 6.56 8.83
C PRO J 268 -50.37 6.00 7.75
N LYS J 269 -51.68 6.18 7.95
CA LYS J 269 -52.67 5.65 7.01
C LYS J 269 -52.57 6.34 5.66
N TRP J 270 -52.30 7.64 5.64
CA TRP J 270 -52.25 8.36 4.38
C TRP J 270 -51.03 7.94 3.54
N VAL J 271 -49.92 7.61 4.18
CA VAL J 271 -48.78 7.08 3.46
C VAL J 271 -49.10 5.71 2.89
N LEU J 272 -49.71 4.84 3.70
CA LEU J 272 -49.92 3.46 3.29
C LEU J 272 -51.03 3.34 2.27
N ASP J 273 -52.13 4.08 2.46
CA ASP J 273 -53.30 3.95 1.60
C ASP J 273 -53.26 5.01 0.50
N TYR J 274 -52.23 4.90 -0.34
CA TYR J 274 -52.10 5.77 -1.50
C TYR J 274 -52.62 5.07 -2.74
N MET K 1 20.50 -27.45 84.31
CA MET K 1 20.91 -28.46 83.34
C MET K 1 22.05 -29.32 83.87
N ASN K 2 21.73 -30.56 84.22
CA ASN K 2 22.72 -31.53 84.67
C ASN K 2 22.80 -32.67 83.66
N LEU K 3 24.02 -32.97 83.23
CA LEU K 3 24.23 -33.99 82.21
C LEU K 3 25.68 -34.46 82.25
N GLU K 4 25.91 -35.67 81.75
CA GLU K 4 27.23 -36.29 81.78
C GLU K 4 27.54 -36.85 80.40
N ILE K 5 28.54 -36.26 79.74
CA ILE K 5 28.96 -36.71 78.41
C ILE K 5 30.05 -37.75 78.59
N ASN K 6 29.76 -38.99 78.21
CA ASN K 6 30.68 -40.10 78.40
C ASN K 6 31.77 -40.08 77.34
N ASN K 7 32.62 -41.11 77.35
CA ASN K 7 33.73 -41.22 76.43
C ASN K 7 33.35 -41.82 75.09
N PHE K 8 32.14 -42.35 74.95
CA PHE K 8 31.66 -42.92 73.70
C PHE K 8 30.78 -41.94 72.92
N ALA K 9 30.80 -40.66 73.29
CA ALA K 9 29.89 -39.70 72.68
C ALA K 9 30.06 -39.56 71.17
N PRO K 10 31.26 -39.47 70.60
CA PRO K 10 31.34 -39.33 69.14
C PRO K 10 30.74 -40.50 68.37
N ALA K 11 30.88 -41.72 68.89
CA ALA K 11 30.32 -42.88 68.19
C ALA K 11 28.80 -42.83 68.15
N ILE K 12 28.17 -42.44 69.27
CA ILE K 12 26.73 -42.28 69.28
C ILE K 12 26.31 -41.12 68.38
N SER K 13 27.09 -40.04 68.41
CA SER K 13 26.73 -38.84 67.67
C SER K 13 26.80 -39.05 66.16
N SER K 14 27.72 -39.87 65.69
CA SER K 14 27.78 -40.16 64.25
C SER K 14 26.49 -40.83 63.78
N ILE K 15 26.04 -41.86 64.51
CA ILE K 15 24.81 -42.55 64.15
C ILE K 15 23.61 -41.61 64.28
N GLY K 16 23.58 -40.80 65.33
CA GLY K 16 22.48 -39.87 65.50
C GLY K 16 22.39 -38.86 64.37
N SER K 17 23.53 -38.29 63.98
CA SER K 17 23.55 -37.32 62.88
C SER K 17 23.15 -37.97 61.57
N GLN K 18 23.62 -39.20 61.32
CA GLN K 18 23.20 -39.90 60.11
C GLN K 18 21.70 -40.13 60.09
N LEU K 19 21.13 -40.53 61.22
CA LEU K 19 19.69 -40.75 61.29
C LEU K 19 18.92 -39.45 61.06
N CYS K 20 19.38 -38.36 61.67
CA CYS K 20 18.71 -37.07 61.48
C CYS K 20 18.78 -36.62 60.03
N SER K 21 19.94 -36.78 59.39
CA SER K 21 20.08 -36.38 57.99
C SER K 21 19.18 -37.21 57.09
N LEU K 22 19.11 -38.53 57.33
CA LEU K 22 18.24 -39.37 56.53
C LEU K 22 16.78 -38.98 56.72
N SER K 23 16.38 -38.69 57.96
CA SER K 23 15.01 -38.28 58.22
C SER K 23 14.68 -36.98 57.49
N ALA K 24 15.58 -36.00 57.54
CA ALA K 24 15.32 -34.73 56.85
C ALA K 24 15.23 -34.92 55.34
N GLN K 25 16.13 -35.75 54.78
CA GLN K 25 16.09 -35.99 53.34
C GLN K 25 14.79 -36.67 52.93
N LYS K 26 14.34 -37.65 53.71
CA LYS K 26 13.08 -38.30 53.40
C LYS K 26 11.91 -37.33 53.54
N LEU K 27 11.97 -36.44 54.52
CA LEU K 27 10.92 -35.44 54.68
C LEU K 27 10.82 -34.55 53.44
N LEU K 28 11.95 -34.04 52.96
CA LEU K 28 11.90 -33.22 51.76
C LEU K 28 11.45 -34.02 50.55
N THR K 29 11.87 -35.28 50.44
CA THR K 29 11.47 -36.10 49.31
C THR K 29 9.96 -36.30 49.28
N CYS K 30 9.37 -36.67 50.42
CA CYS K 30 7.92 -36.85 50.46
C CYS K 30 7.17 -35.54 50.37
N ARG K 31 7.78 -34.43 50.80
CA ARG K 31 7.18 -33.12 50.63
C ARG K 31 7.14 -32.71 49.16
N LYS K 32 8.08 -33.23 48.37
CA LYS K 32 8.17 -32.80 46.94
C LYS K 32 7.12 -33.51 46.07
N GLN K 33 6.51 -34.59 46.55
CA GLN K 33 5.56 -35.35 45.75
C GLN K 33 4.27 -35.64 46.50
N TYR K 34 3.74 -34.62 47.18
CA TYR K 34 2.42 -34.72 47.78
C TYR K 34 1.39 -34.27 46.75
N GLY K 35 0.35 -35.08 46.58
CA GLY K 35 -0.63 -34.86 45.53
C GLY K 35 -1.82 -34.01 45.89
N ASN K 36 -1.89 -33.47 47.11
CA ASN K 36 -3.00 -32.63 47.56
C ASN K 36 -4.35 -33.33 47.37
N GLY K 37 -4.39 -34.62 47.69
CA GLY K 37 -5.60 -35.42 47.56
C GLY K 37 -6.49 -35.34 48.77
N ALA K 38 -7.28 -36.39 48.97
CA ALA K 38 -8.19 -36.44 50.11
C ALA K 38 -7.41 -36.46 51.42
N LYS K 39 -6.33 -37.23 51.47
CA LYS K 39 -5.53 -37.32 52.69
C LYS K 39 -4.77 -36.02 52.93
N SER K 40 -4.61 -35.67 54.20
CA SER K 40 -3.84 -34.49 54.57
C SER K 40 -2.34 -34.80 54.51
N PHE K 41 -1.54 -33.74 54.45
CA PHE K 41 -0.10 -33.92 54.35
C PHE K 41 0.47 -34.60 55.58
N GLU K 42 -0.10 -34.34 56.76
CA GLU K 42 0.40 -34.96 57.99
C GLU K 42 0.21 -36.47 57.94
N GLU K 43 -0.95 -36.93 57.48
CA GLU K 43 -1.18 -38.37 57.39
C GLU K 43 -0.33 -39.00 56.28
N PHE K 44 -0.11 -38.28 55.18
CA PHE K 44 0.78 -38.77 54.13
C PHE K 44 2.20 -38.96 54.65
N TYR K 45 2.69 -37.98 55.42
CA TYR K 45 4.02 -38.12 56.02
C TYR K 45 4.05 -39.26 57.02
N ALA K 46 3.02 -39.39 57.86
CA ALA K 46 2.95 -40.51 58.78
C ALA K 46 2.86 -41.85 58.06
N GLU K 47 2.42 -41.83 56.80
CA GLU K 47 2.38 -43.04 55.97
C GLU K 47 3.76 -43.41 55.43
N ILE K 48 4.43 -42.48 54.75
CA ILE K 48 5.69 -42.80 54.08
C ILE K 48 6.88 -42.02 54.61
N GLY K 49 6.69 -41.03 55.46
CA GLY K 49 7.81 -40.21 55.87
C GLY K 49 8.80 -40.85 56.81
N GLY K 50 8.56 -42.08 57.25
CA GLY K 50 9.43 -42.72 58.21
C GLY K 50 10.20 -43.91 57.68
N ILE K 51 9.95 -44.28 56.42
CA ILE K 51 10.60 -45.45 55.83
C ILE K 51 11.95 -45.00 55.24
N ILE K 52 12.99 -45.08 56.07
CA ILE K 52 14.35 -44.81 55.65
C ILE K 52 15.15 -46.10 55.80
N GLY K 53 16.22 -46.22 55.02
CA GLY K 53 17.00 -47.44 55.05
C GLY K 53 18.16 -47.41 56.01
N MET K 54 17.97 -47.97 57.20
CA MET K 54 19.06 -48.11 58.16
C MET K 54 18.68 -49.14 59.20
N MET K 55 19.64 -49.99 59.58
CA MET K 55 19.39 -51.00 60.58
C MET K 55 19.41 -50.39 61.97
N GLY K 56 18.47 -50.84 62.81
CA GLY K 56 18.37 -50.40 64.19
C GLY K 56 17.02 -49.82 64.57
N ILE K 57 16.33 -49.19 63.62
CA ILE K 57 15.02 -48.53 63.94
C ILE K 57 13.94 -49.61 64.01
N ASN K 58 13.30 -49.78 65.17
CA ASN K 58 12.30 -50.87 65.38
C ASN K 58 11.08 -50.71 64.47
N SER K 59 10.62 -49.46 64.26
CA SER K 59 9.41 -49.23 63.45
C SER K 59 9.79 -48.43 62.19
N GLN K 60 8.99 -48.53 61.14
CA GLN K 60 9.24 -47.77 59.89
C GLN K 60 8.34 -46.53 59.88
N THR K 61 7.90 -46.09 61.05
CA THR K 61 7.00 -44.90 61.16
C THR K 61 7.75 -43.76 61.86
N PRO K 62 7.36 -42.49 61.69
CA PRO K 62 7.99 -41.37 62.42
C PRO K 62 8.12 -41.58 63.95
N SER K 63 7.19 -42.30 64.58
CA SER K 63 7.27 -42.64 66.00
C SER K 63 8.51 -43.47 66.29
N GLY K 64 8.85 -44.41 65.40
CA GLY K 64 10.06 -45.19 65.60
C GLY K 64 11.31 -44.35 65.54
N ILE K 65 11.36 -43.39 64.61
CA ILE K 65 12.48 -42.46 64.55
C ILE K 65 12.57 -41.64 65.82
N ARG K 66 11.41 -41.19 66.34
CA ARG K 66 11.40 -40.44 67.59
C ARG K 66 11.95 -41.28 68.74
N GLU K 67 11.54 -42.55 68.82
CA GLU K 67 12.03 -43.42 69.88
C GLU K 67 13.53 -43.65 69.77
N ALA K 68 14.02 -43.88 68.56
CA ALA K 68 15.46 -44.07 68.36
C ALA K 68 16.23 -42.81 68.75
N ILE K 69 15.71 -41.63 68.38
CA ILE K 69 16.36 -40.39 68.74
C ILE K 69 16.40 -40.23 70.27
N TYR K 70 15.30 -40.56 70.94
CA TYR K 70 15.27 -40.48 72.40
C TYR K 70 16.33 -41.40 73.02
N ARG K 71 16.41 -42.64 72.52
CA ARG K 71 17.35 -43.59 73.08
C ARG K 71 18.80 -43.12 72.87
N LEU K 72 19.12 -42.66 71.65
CA LEU K 72 20.47 -42.20 71.38
C LEU K 72 20.83 -40.98 72.22
N TYR K 73 19.89 -40.04 72.35
CA TYR K 73 20.15 -38.84 73.14
C TYR K 73 20.38 -39.19 74.60
N GLN K 74 19.56 -40.10 75.15
CA GLN K 74 19.75 -40.50 76.54
C GLN K 74 21.08 -41.19 76.74
N SER K 75 21.46 -42.09 75.82
CA SER K 75 22.72 -42.81 75.98
C SER K 75 23.92 -41.90 75.80
N ALA K 76 23.79 -40.83 75.01
CA ALA K 76 24.95 -40.01 74.70
C ALA K 76 25.14 -38.81 75.63
N PHE K 77 24.05 -38.25 76.17
CA PHE K 77 24.16 -37.00 76.91
C PHE K 77 23.66 -37.04 78.34
N LEU K 78 22.93 -38.07 78.74
CA LEU K 78 22.28 -38.07 80.04
C LEU K 78 22.97 -39.03 81.01
N PHE K 79 22.40 -39.11 82.21
CA PHE K 79 23.04 -39.87 83.29
C PHE K 79 23.08 -41.36 83.00
N GLY K 80 22.19 -41.86 82.15
CA GLY K 80 22.17 -43.27 81.83
C GLY K 80 23.35 -43.64 80.96
N ASP K 81 24.31 -44.38 81.52
CA ASP K 81 25.49 -44.82 80.77
C ASP K 81 25.23 -46.21 80.17
N ILE K 82 24.12 -46.29 79.44
CA ILE K 82 23.69 -47.53 78.79
C ILE K 82 24.08 -47.45 77.32
N PHE K 83 24.17 -48.61 76.67
CA PHE K 83 24.60 -48.69 75.29
C PHE K 83 23.44 -49.17 74.42
N PRO K 84 23.09 -48.44 73.36
CA PRO K 84 21.97 -48.87 72.51
C PRO K 84 22.36 -50.04 71.62
N GLU K 85 22.24 -51.25 72.15
CA GLU K 85 22.69 -52.45 71.43
C GLU K 85 21.68 -52.85 70.35
N SER K 86 21.36 -51.92 69.46
CA SER K 86 20.49 -52.23 68.32
C SER K 86 20.97 -51.66 66.99
N PHE K 87 21.83 -50.65 67.00
CA PHE K 87 22.26 -49.96 65.78
C PHE K 87 23.56 -50.54 65.27
N GLY K 88 23.91 -50.13 64.05
CA GLY K 88 25.15 -50.57 63.44
C GLY K 88 26.34 -49.86 64.04
N ILE K 89 26.62 -50.14 65.31
CA ILE K 89 27.72 -49.49 66.03
C ILE K 89 28.96 -50.36 66.11
N GLN K 90 28.93 -51.54 65.49
CA GLN K 90 30.16 -52.32 65.32
C GLN K 90 31.10 -51.64 64.35
N ASN K 91 30.59 -51.24 63.19
CA ASN K 91 31.39 -50.59 62.15
C ASN K 91 31.40 -49.08 62.29
N THR K 92 31.69 -48.61 63.51
CA THR K 92 31.94 -47.18 63.74
C THR K 92 33.42 -46.86 63.76
N GLN K 93 34.21 -47.55 62.95
CA GLN K 93 35.66 -47.40 63.00
C GLN K 93 36.09 -45.97 62.71
N ASN K 94 35.49 -45.36 61.70
CA ASN K 94 35.84 -44.00 61.29
C ASN K 94 34.59 -43.16 61.19
N ILE K 95 34.70 -41.90 61.63
CA ILE K 95 33.59 -40.97 61.58
C ILE K 95 33.90 -39.87 60.57
N LYS K 96 32.85 -39.21 60.12
CA LYS K 96 32.81 -38.16 59.10
C LYS K 96 32.75 -36.79 59.74
N PRO K 97 33.51 -35.81 59.24
CA PRO K 97 33.46 -34.47 59.81
C PRO K 97 32.09 -33.84 59.68
N PRO K 98 31.64 -33.11 60.69
CA PRO K 98 30.37 -32.40 60.59
C PRO K 98 30.55 -31.08 59.85
N PRO K 99 29.45 -30.46 59.42
CA PRO K 99 29.58 -29.17 58.72
C PRO K 99 30.08 -28.07 59.65
N GLY K 100 30.65 -27.04 59.05
CA GLY K 100 31.21 -25.95 59.81
C GLY K 100 30.14 -25.09 60.46
N PHE K 101 30.51 -24.46 61.57
CA PHE K 101 29.58 -23.64 62.32
C PHE K 101 29.18 -22.39 61.56
N THR K 102 27.92 -21.99 61.70
CA THR K 102 27.37 -20.84 60.99
C THR K 102 26.60 -19.89 61.90
N ALA K 103 26.67 -20.07 63.21
CA ALA K 103 25.88 -19.27 64.13
C ALA K 103 26.52 -17.90 64.32
N PRO K 104 25.82 -16.81 64.04
CA PRO K 104 26.40 -15.48 64.26
C PRO K 104 26.63 -15.24 65.75
N ALA K 105 27.72 -14.55 66.05
CA ALA K 105 28.10 -14.24 67.43
C ALA K 105 27.58 -12.86 67.76
N LYS K 106 26.34 -12.79 68.25
CA LYS K 106 25.71 -11.54 68.64
C LYS K 106 25.95 -11.21 70.11
N LYS K 107 25.67 -12.14 71.01
CA LYS K 107 26.02 -12.01 72.42
C LYS K 107 27.22 -12.92 72.69
N LEU K 108 28.36 -12.33 73.05
CA LEU K 108 29.59 -13.13 73.28
C LEU K 108 29.86 -13.22 74.79
N GLU K 109 29.93 -14.44 75.33
CA GLU K 109 30.20 -14.62 76.77
C GLU K 109 31.61 -14.10 77.07
N VAL K 110 31.75 -13.25 78.08
CA VAL K 110 33.08 -12.68 78.46
C VAL K 110 33.21 -12.69 79.98
N VAL K 111 34.44 -12.72 80.50
CA VAL K 111 34.65 -12.70 81.98
C VAL K 111 35.62 -11.57 82.33
N LEU K 112 35.35 -10.84 83.42
CA LEU K 112 36.24 -9.74 83.87
C LEU K 112 37.35 -10.31 84.76
N PRO K 113 38.47 -9.58 85.03
CA PRO K 113 39.50 -10.06 85.95
C PRO K 113 38.85 -10.37 87.30
N GLN K 114 37.69 -9.78 87.59
CA GLN K 114 36.92 -10.06 88.83
C GLN K 114 37.60 -9.38 90.03
N GLY K 115 38.81 -8.86 89.82
CA GLY K 115 39.46 -8.09 90.90
C GLY K 115 38.54 -6.98 91.36
N GLY K 116 38.02 -6.18 90.42
CA GLY K 116 37.04 -5.13 90.75
C GLY K 116 37.52 -3.84 90.12
N ALA K 117 37.17 -3.61 88.85
CA ALA K 117 37.77 -2.44 88.15
C ALA K 117 36.91 -1.98 86.98
N PHE K 118 36.29 -2.90 86.23
CA PHE K 118 35.58 -2.48 85.00
C PHE K 118 34.08 -2.82 85.04
N ASP K 119 33.23 -1.87 84.66
CA ASP K 119 31.76 -2.13 84.56
C ASP K 119 31.49 -2.60 83.12
N LEU K 120 30.83 -3.73 82.94
CA LEU K 120 30.66 -4.33 81.62
C LEU K 120 29.19 -4.42 81.27
N ILE K 121 28.84 -3.98 80.07
CA ILE K 121 27.50 -4.11 79.53
C ILE K 121 27.59 -4.75 78.15
N TYR K 122 26.50 -5.39 77.75
CA TYR K 122 26.42 -6.07 76.47
C TYR K 122 25.70 -5.20 75.44
N ASN K 123 25.99 -5.45 74.17
CA ASN K 123 25.39 -4.73 73.07
C ASN K 123 24.97 -5.74 72.01
N ASN K 124 24.51 -5.24 70.86
CA ASN K 124 23.98 -6.14 69.83
C ASN K 124 25.09 -7.04 69.26
N GLY K 125 26.27 -6.48 69.05
CA GLY K 125 27.36 -7.27 68.50
C GLY K 125 28.71 -6.98 69.11
N GLU K 126 28.74 -6.10 70.10
CA GLU K 126 29.99 -5.65 70.73
C GLU K 126 29.85 -5.65 72.23
N ILE K 127 30.94 -5.34 72.91
CA ILE K 127 30.96 -5.13 74.35
C ILE K 127 31.73 -3.85 74.64
N ARG K 128 31.48 -3.29 75.82
CA ARG K 128 32.17 -2.09 76.27
C ARG K 128 32.24 -2.09 77.78
N VAL K 129 33.36 -1.61 78.31
CA VAL K 129 33.57 -1.53 79.75
C VAL K 129 34.01 -0.12 80.10
N THR K 130 33.65 0.31 81.31
CA THR K 130 34.04 1.62 81.83
C THR K 130 34.93 1.41 83.03
N THR K 131 36.07 2.11 83.05
CA THR K 131 37.03 1.98 84.13
C THR K 131 36.54 2.70 85.37
N THR K 132 36.37 1.96 86.47
CA THR K 132 36.03 2.58 87.74
C THR K 132 37.19 3.42 88.26
N ARG K 133 38.42 2.94 88.07
CA ARG K 133 39.63 3.63 88.48
C ARG K 133 40.61 3.68 87.33
N ASN K 134 41.67 4.45 87.50
CA ASN K 134 42.68 4.58 86.46
C ASN K 134 43.41 3.26 86.24
N VAL K 135 43.72 2.95 84.99
CA VAL K 135 44.39 1.72 84.61
C VAL K 135 45.57 2.05 83.72
N GLN K 136 46.65 1.29 83.88
CA GLN K 136 47.86 1.48 83.09
C GLN K 136 47.78 0.69 81.79
N ALA K 137 48.54 1.13 80.79
CA ALA K 137 48.56 0.47 79.50
C ALA K 137 49.18 -0.92 79.61
N GLY K 138 48.57 -1.88 78.94
CA GLY K 138 49.09 -3.23 78.90
C GLY K 138 48.61 -4.16 79.99
N ASP K 139 47.36 -4.04 80.42
CA ASP K 139 46.81 -4.92 81.44
C ASP K 139 45.52 -5.56 80.94
N LEU K 140 45.25 -6.76 81.41
CA LEU K 140 44.07 -7.48 80.98
C LEU K 140 42.81 -6.83 81.53
N VAL K 141 41.89 -6.49 80.62
CA VAL K 141 40.62 -5.91 81.02
C VAL K 141 39.46 -6.88 80.84
N CYS K 142 39.55 -7.81 79.89
CA CYS K 142 38.44 -8.71 79.59
C CYS K 142 38.95 -9.83 78.70
N THR K 143 38.47 -11.05 78.95
CA THR K 143 38.78 -12.21 78.12
C THR K 143 37.51 -13.00 77.87
N VAL K 144 37.48 -13.72 76.76
CA VAL K 144 36.32 -14.49 76.35
C VAL K 144 36.51 -15.94 76.74
N THR K 145 35.41 -16.59 77.11
CA THR K 145 35.41 -18.01 77.42
C THR K 145 34.80 -18.88 76.33
N PHE K 146 33.79 -18.38 75.63
CA PHE K 146 33.21 -19.10 74.51
C PHE K 146 34.07 -18.89 73.27
N PRO K 147 34.60 -19.95 72.66
CA PRO K 147 35.50 -19.76 71.52
C PRO K 147 34.80 -19.06 70.36
N ILE K 148 35.56 -18.25 69.64
CA ILE K 148 35.01 -17.39 68.60
C ILE K 148 36.07 -17.19 67.53
N GLN K 149 35.64 -17.14 66.27
CA GLN K 149 36.55 -16.88 65.16
C GLN K 149 35.89 -15.94 64.17
N GLY K 150 36.66 -15.02 63.63
CA GLY K 150 36.15 -14.06 62.69
C GLY K 150 37.00 -12.80 62.68
N SER K 151 36.52 -11.81 61.94
CA SER K 151 37.21 -10.54 61.84
C SER K 151 36.92 -9.66 63.05
N VAL K 152 37.66 -8.55 63.15
CA VAL K 152 37.49 -7.60 64.24
C VAL K 152 37.28 -6.22 63.65
N ILE K 153 36.30 -5.49 64.19
CA ILE K 153 35.97 -4.14 63.75
C ILE K 153 35.74 -3.28 64.98
N ALA K 154 35.88 -1.96 64.79
CA ALA K 154 35.58 -0.97 65.83
C ALA K 154 36.38 -1.25 67.11
N THR K 155 37.70 -1.16 66.98
CA THR K 155 38.60 -1.34 68.11
C THR K 155 39.12 0.04 68.51
N ARG K 156 38.57 0.58 69.60
CA ARG K 156 38.92 1.91 70.07
C ARG K 156 39.43 1.84 71.49
N ASN K 157 40.61 2.43 71.73
CA ASN K 157 41.23 2.50 73.05
C ASN K 157 41.49 1.12 73.65
N CYS K 158 41.76 0.14 72.79
CA CYS K 158 42.14 -1.19 73.25
C CYS K 158 42.91 -1.87 72.13
N HIS K 159 43.44 -3.05 72.42
CA HIS K 159 44.26 -3.78 71.47
C HIS K 159 43.80 -5.23 71.40
N VAL K 160 43.83 -5.78 70.19
CA VAL K 160 43.53 -7.20 69.96
C VAL K 160 44.61 -7.77 69.04
N ASN K 161 44.94 -9.04 69.27
CA ASN K 161 45.92 -9.73 68.43
C ASN K 161 45.29 -9.97 67.06
N GLU K 162 45.66 -9.13 66.09
CA GLU K 162 45.03 -9.13 64.78
C GLU K 162 46.05 -8.80 63.72
N ILE K 163 46.01 -9.53 62.60
CA ILE K 163 46.79 -9.23 61.41
C ILE K 163 45.87 -9.29 60.21
N GLY K 164 45.86 -8.23 59.41
CA GLY K 164 45.01 -8.19 58.23
C GLY K 164 43.52 -8.11 58.51
N GLY K 165 43.13 -7.68 59.71
CA GLY K 165 41.73 -7.64 60.09
C GLY K 165 41.17 -8.93 60.60
N GLN K 166 41.96 -9.99 60.65
CA GLN K 166 41.51 -11.32 61.06
C GLN K 166 42.08 -11.65 62.44
N LEU K 167 41.23 -12.20 63.30
CA LEU K 167 41.67 -12.61 64.62
C LEU K 167 42.68 -13.75 64.50
N THR K 168 43.71 -13.70 65.35
CA THR K 168 44.77 -14.71 65.32
C THR K 168 44.47 -15.88 66.25
N THR K 169 43.72 -15.66 67.32
CA THR K 169 43.39 -16.69 68.28
C THR K 169 41.87 -16.88 68.35
N THR K 170 41.48 -18.07 68.81
CA THR K 170 40.06 -18.37 68.98
C THR K 170 39.48 -17.78 70.26
N ARG K 171 40.32 -17.33 71.18
CA ARG K 171 39.87 -16.71 72.44
C ARG K 171 40.63 -15.39 72.59
N PRO K 172 40.19 -14.34 71.89
CA PRO K 172 40.89 -13.06 71.97
C PRO K 172 40.87 -12.49 73.38
N GLU K 173 41.98 -11.85 73.74
CA GLU K 173 42.13 -11.20 75.04
C GLU K 173 42.32 -9.71 74.81
N ILE K 174 41.44 -8.91 75.40
CA ILE K 174 41.45 -7.46 75.20
C ILE K 174 42.31 -6.82 76.28
N ILE K 175 43.23 -5.95 75.85
CA ILE K 175 44.13 -5.26 76.76
C ILE K 175 44.05 -3.77 76.49
N ALA K 176 44.33 -2.98 77.52
CA ALA K 176 44.33 -1.52 77.38
C ALA K 176 45.61 -1.08 76.69
N SER K 177 45.46 -0.23 75.67
CA SER K 177 46.60 0.24 74.89
C SER K 177 47.17 1.55 75.39
N VAL K 178 46.33 2.47 75.86
CA VAL K 178 46.77 3.76 76.36
C VAL K 178 46.19 3.95 77.77
N PRO K 179 46.95 4.46 78.73
CA PRO K 179 46.38 4.74 80.05
C PRO K 179 45.22 5.72 79.93
N MET K 180 44.14 5.43 80.65
CA MET K 180 42.90 6.20 80.52
C MET K 180 42.44 6.74 81.86
N PRO K 181 42.40 8.05 82.04
CA PRO K 181 41.85 8.63 83.27
C PRO K 181 40.38 9.02 83.15
N ALA K 182 39.78 9.46 84.25
CA ALA K 182 38.46 10.08 84.27
C ALA K 182 37.35 9.12 83.84
N ARG K 183 37.56 7.82 84.02
CA ARG K 183 36.53 6.81 83.81
C ARG K 183 35.97 6.87 82.38
N THR K 184 36.84 6.60 81.41
CA THR K 184 36.41 6.54 80.02
C THR K 184 35.98 5.13 79.66
N VAL K 185 35.40 4.99 78.48
CA VAL K 185 34.84 3.73 78.01
C VAL K 185 35.64 3.25 76.80
N ILE K 186 35.90 1.94 76.75
CA ILE K 186 36.55 1.31 75.61
C ILE K 186 35.58 0.32 74.99
N VAL K 187 35.71 0.14 73.67
CA VAL K 187 34.76 -0.69 72.92
C VAL K 187 35.53 -1.66 72.04
N ALA K 188 34.83 -2.73 71.65
CA ALA K 188 35.41 -3.74 70.75
C ALA K 188 34.26 -4.51 70.11
N SER K 189 34.15 -4.42 68.79
CA SER K 189 33.13 -5.14 68.04
C SER K 189 33.76 -6.32 67.31
N PHE K 190 32.93 -7.30 66.98
CA PHE K 190 33.41 -8.51 66.33
C PHE K 190 32.42 -8.94 65.26
N ASP K 191 32.92 -9.11 64.04
CA ASP K 191 32.16 -9.73 62.95
C ASP K 191 32.61 -11.18 62.84
N ALA K 192 32.14 -12.01 63.78
CA ALA K 192 32.67 -13.33 63.98
C ALA K 192 31.54 -14.35 64.06
N ILE K 193 31.92 -15.63 64.21
CA ILE K 193 30.99 -16.74 64.28
C ILE K 193 31.34 -17.58 65.51
N GLU K 194 30.33 -17.91 66.32
CA GLU K 194 30.55 -18.71 67.55
C GLU K 194 30.30 -20.19 67.27
N ILE K 195 30.26 -21.01 68.33
CA ILE K 195 30.02 -22.47 68.17
C ILE K 195 28.51 -22.70 68.06
N GLY K 196 28.07 -23.38 66.99
CA GLY K 196 26.63 -23.66 66.80
C GLY K 196 26.20 -23.39 65.38
N TYR K 197 24.92 -23.57 65.08
CA TYR K 197 24.39 -23.36 63.73
C TYR K 197 23.23 -22.38 63.80
N GLY K 198 23.21 -21.44 62.87
CA GLY K 198 22.24 -20.36 62.91
C GLY K 198 20.84 -20.72 62.45
N GLU K 199 20.74 -21.34 61.28
CA GLU K 199 19.43 -21.61 60.69
C GLU K 199 18.66 -22.64 61.52
N GLY K 200 17.35 -22.53 61.49
CA GLY K 200 16.50 -23.45 62.23
C GLY K 200 16.33 -23.11 63.69
N ASP K 201 16.09 -21.84 64.01
CA ASP K 201 15.99 -21.43 65.41
C ASP K 201 14.65 -21.83 66.02
N ASP K 202 13.57 -21.73 65.26
CA ASP K 202 12.25 -22.07 65.79
C ASP K 202 12.12 -23.57 66.02
N LEU K 203 12.55 -24.37 65.04
CA LEU K 203 12.49 -25.82 65.17
C LEU K 203 13.18 -26.28 66.44
N PHE K 204 14.29 -25.64 66.80
CA PHE K 204 14.93 -25.91 68.07
C PHE K 204 14.01 -25.57 69.23
N ALA K 205 13.27 -24.46 69.13
CA ALA K 205 12.38 -24.06 70.21
C ALA K 205 11.30 -25.10 70.44
N ILE K 206 10.72 -25.66 69.37
CA ILE K 206 9.74 -26.73 69.56
C ILE K 206 10.40 -27.99 70.10
N GLY K 207 11.53 -28.40 69.50
CA GLY K 207 12.15 -29.66 69.88
C GLY K 207 12.68 -29.71 71.29
N ILE K 208 13.24 -28.59 71.79
CA ILE K 208 13.76 -28.58 73.15
C ILE K 208 12.62 -28.75 74.15
N ALA K 209 11.46 -28.15 73.87
CA ALA K 209 10.30 -28.37 74.71
C ALA K 209 9.84 -29.82 74.64
N ILE K 210 9.83 -30.40 73.44
CA ILE K 210 9.38 -31.78 73.31
C ILE K 210 10.28 -32.72 74.12
N LEU K 211 11.59 -32.54 74.02
CA LEU K 211 12.49 -33.46 74.71
C LEU K 211 12.75 -33.09 76.16
N SER K 212 12.35 -31.89 76.60
CA SER K 212 12.36 -31.58 78.01
C SER K 212 11.06 -32.03 78.70
N ASN K 213 10.01 -32.26 77.92
CA ASN K 213 8.82 -32.90 78.48
C ASN K 213 9.07 -34.35 78.85
N ARG K 214 10.10 -34.97 78.28
CA ARG K 214 10.43 -36.37 78.58
C ARG K 214 11.51 -36.49 79.64
N PHE K 215 12.63 -35.80 79.45
CA PHE K 215 13.70 -35.76 80.45
C PHE K 215 13.57 -34.50 81.32
N ASN K 216 12.46 -34.46 82.06
CA ASN K 216 12.15 -33.27 82.86
C ASN K 216 13.19 -33.04 83.94
N GLY K 217 13.69 -34.11 84.56
CA GLY K 217 14.65 -33.97 85.62
C GLY K 217 16.06 -33.61 85.18
N GLN K 218 16.33 -33.65 83.88
CA GLN K 218 17.65 -33.33 83.36
C GLN K 218 17.67 -32.11 82.46
N ILE K 219 16.64 -31.89 81.65
CA ILE K 219 16.65 -30.88 80.61
C ILE K 219 15.45 -29.97 80.81
N THR K 220 15.67 -28.65 80.71
CA THR K 220 14.64 -27.65 80.84
C THR K 220 14.63 -26.77 79.61
N PRO K 221 13.47 -26.20 79.25
CA PRO K 221 13.42 -25.29 78.10
C PRO K 221 14.32 -24.10 78.31
N MET K 222 15.01 -23.70 77.25
CA MET K 222 16.05 -22.68 77.32
C MET K 222 16.54 -22.40 75.91
N SER K 223 17.15 -21.23 75.73
CA SER K 223 17.49 -20.76 74.40
C SER K 223 18.64 -21.56 73.80
N ARG K 224 18.82 -21.41 72.49
CA ARG K 224 19.87 -22.16 71.79
C ARG K 224 21.26 -21.72 72.22
N HIS K 225 21.46 -20.42 72.43
CA HIS K 225 22.77 -19.91 72.82
C HIS K 225 23.19 -20.48 74.17
N ASN K 226 22.31 -20.40 75.17
CA ASN K 226 22.63 -20.91 76.49
C ASN K 226 22.82 -22.42 76.47
N TYR K 227 21.96 -23.12 75.72
CA TYR K 227 22.08 -24.56 75.58
C TYR K 227 23.44 -24.95 75.02
N MET K 228 23.87 -24.27 73.96
CA MET K 228 25.16 -24.57 73.36
C MET K 228 26.31 -24.23 74.31
N THR K 229 26.19 -23.12 75.06
CA THR K 229 27.26 -22.77 75.99
C THR K 229 27.41 -23.82 77.07
N GLN K 230 26.30 -24.27 77.66
CA GLN K 230 26.40 -25.33 78.67
C GLN K 230 26.94 -26.63 78.08
N MET K 231 26.46 -27.00 76.87
CA MET K 231 26.92 -28.22 76.25
C MET K 231 28.42 -28.18 75.99
N PHE K 232 28.93 -27.04 75.53
CA PHE K 232 30.37 -26.87 75.36
C PHE K 232 31.10 -26.93 76.70
N ALA K 233 30.53 -26.32 77.73
CA ALA K 233 31.17 -26.31 79.04
C ALA K 233 31.28 -27.71 79.64
N ASN K 234 30.37 -28.62 79.29
CA ASN K 234 30.40 -29.97 79.85
C ASN K 234 31.20 -30.96 79.01
N LEU K 235 31.89 -30.50 77.96
CA LEU K 235 32.70 -31.41 77.16
C LEU K 235 33.95 -31.83 77.94
N PRO K 236 34.38 -33.08 77.80
CA PRO K 236 35.62 -33.51 78.46
C PRO K 236 36.85 -32.92 77.80
N ALA K 237 37.94 -32.88 78.57
CA ALA K 237 39.18 -32.29 78.08
C ALA K 237 39.88 -33.18 77.07
N ASN K 238 39.92 -34.49 77.32
CA ASN K 238 40.63 -35.43 76.46
C ASN K 238 39.75 -35.77 75.26
N MET K 239 39.55 -34.77 74.41
CA MET K 239 38.71 -34.93 73.23
C MET K 239 39.23 -34.02 72.12
N SER K 240 39.39 -34.59 70.93
CA SER K 240 39.88 -33.81 69.80
C SER K 240 38.86 -32.77 69.38
N GLU K 241 39.35 -31.71 68.74
CA GLU K 241 38.46 -30.68 68.21
C GLU K 241 37.55 -31.23 67.11
N ARG K 242 37.94 -32.33 66.47
CA ARG K 242 37.08 -32.97 65.49
C ARG K 242 35.96 -33.77 66.16
N ASP K 243 36.25 -34.40 67.31
CA ASP K 243 35.22 -35.15 68.02
C ASP K 243 34.23 -34.22 68.73
N SER K 244 34.72 -33.10 69.27
CA SER K 244 33.83 -32.16 69.93
C SER K 244 32.80 -31.62 68.97
N SER K 245 33.20 -31.31 67.74
CA SER K 245 32.25 -30.86 66.73
C SER K 245 31.23 -31.94 66.42
N ALA K 246 31.67 -33.20 66.36
CA ALA K 246 30.74 -34.29 66.12
C ALA K 246 29.71 -34.39 67.24
N VAL K 247 30.14 -34.21 68.49
CA VAL K 247 29.21 -34.24 69.60
C VAL K 247 28.23 -33.07 69.52
N LEU K 248 28.74 -31.87 69.27
CA LEU K 248 27.90 -30.67 69.28
C LEU K 248 26.88 -30.70 68.14
N HIS K 249 27.27 -31.22 66.97
CA HIS K 249 26.33 -31.26 65.85
C HIS K 249 25.11 -32.09 66.19
N PHE K 250 25.31 -33.28 66.74
CA PHE K 250 24.17 -34.11 67.14
C PHE K 250 23.41 -33.47 68.30
N ALA K 251 24.13 -32.85 69.24
CA ALA K 251 23.48 -32.21 70.36
C ALA K 251 22.49 -31.15 69.90
N GLN K 252 22.84 -30.38 68.89
CA GLN K 252 21.92 -29.37 68.39
C GLN K 252 20.91 -29.94 67.39
N ALA K 253 21.28 -30.98 66.64
CA ALA K 253 20.40 -31.50 65.61
C ALA K 253 19.25 -32.32 66.17
N ALA K 254 19.44 -32.97 67.32
CA ALA K 254 18.36 -33.77 67.88
C ALA K 254 17.12 -32.95 68.20
N PRO K 255 17.20 -31.82 68.93
CA PRO K 255 15.98 -31.02 69.12
C PRO K 255 15.41 -30.47 67.82
N VAL K 256 16.27 -30.08 66.88
CA VAL K 256 15.79 -29.50 65.63
C VAL K 256 15.00 -30.54 64.84
N VAL K 257 15.50 -31.77 64.79
CA VAL K 257 14.77 -32.82 64.07
C VAL K 257 13.51 -33.21 64.81
N LEU K 258 13.56 -33.25 66.14
CA LEU K 258 12.36 -33.57 66.91
C LEU K 258 11.26 -32.53 66.67
N GLY K 259 11.62 -31.26 66.59
CA GLY K 259 10.62 -30.24 66.28
C GLY K 259 10.24 -30.22 64.81
N MET K 260 11.13 -30.67 63.93
CA MET K 260 10.84 -30.71 62.51
C MET K 260 9.83 -31.79 62.18
N MET K 261 9.88 -32.92 62.90
CA MET K 261 8.91 -33.99 62.66
C MET K 261 7.49 -33.60 63.05
N GLU K 262 7.30 -32.52 63.81
CA GLU K 262 5.95 -32.09 64.18
C GLU K 262 5.44 -30.96 63.29
N ARG K 263 6.25 -29.93 63.09
CA ARG K 263 5.95 -28.89 62.11
C ARG K 263 6.57 -29.33 60.79
N LEU K 264 5.75 -29.83 59.87
CA LEU K 264 6.28 -30.49 58.69
C LEU K 264 6.77 -29.48 57.65
N THR K 265 7.65 -28.57 58.07
CA THR K 265 8.27 -27.62 57.17
C THR K 265 9.60 -28.18 56.67
N GLY K 266 10.40 -27.35 56.03
CA GLY K 266 11.68 -27.77 55.53
C GLY K 266 12.68 -28.04 56.66
N ALA K 267 13.93 -28.21 56.25
CA ALA K 267 15.00 -28.49 57.18
C ALA K 267 16.18 -27.55 56.93
N PRO K 268 16.97 -27.24 57.95
CA PRO K 268 18.16 -26.41 57.74
C PRO K 268 19.20 -27.13 56.90
N LYS K 269 20.03 -26.34 56.21
CA LYS K 269 21.05 -26.91 55.35
C LYS K 269 22.07 -27.71 56.15
N TRP K 270 22.45 -27.21 57.34
CA TRP K 270 23.44 -27.91 58.14
C TRP K 270 22.96 -29.25 58.67
N VAL K 271 21.65 -29.51 58.63
CA VAL K 271 21.14 -30.83 58.98
C VAL K 271 21.08 -31.74 57.77
N LEU K 272 20.64 -31.20 56.62
CA LEU K 272 20.52 -31.99 55.41
C LEU K 272 21.88 -32.47 54.92
N ASP K 273 22.83 -31.54 54.77
CA ASP K 273 24.13 -31.85 54.17
C ASP K 273 25.09 -32.26 55.28
N TYR K 274 24.99 -33.50 55.70
CA TYR K 274 25.91 -34.06 56.66
C TYR K 274 26.70 -35.22 56.04
N MET L 1 0.09 1.74 49.97
CA MET L 1 -0.08 0.55 49.15
C MET L 1 -1.37 -0.18 49.55
N ASN L 2 -2.45 0.12 48.82
CA ASN L 2 -3.78 -0.37 49.15
C ASN L 2 -4.05 -1.68 48.41
N LEU L 3 -4.69 -2.62 49.11
CA LEU L 3 -4.96 -3.94 48.56
C LEU L 3 -5.98 -4.64 49.46
N GLU L 4 -6.80 -5.49 48.84
CA GLU L 4 -7.86 -6.23 49.53
C GLU L 4 -7.59 -7.72 49.35
N ILE L 5 -7.22 -8.39 50.43
CA ILE L 5 -6.92 -9.82 50.39
C ILE L 5 -8.19 -10.61 50.66
N ASN L 6 -8.47 -11.58 49.79
CA ASN L 6 -9.64 -12.43 49.99
C ASN L 6 -9.33 -13.55 50.98
N ASN L 7 -10.39 -14.16 51.50
CA ASN L 7 -10.21 -15.25 52.46
C ASN L 7 -9.75 -16.54 51.81
N PHE L 8 -9.95 -16.68 50.50
CA PHE L 8 -9.47 -17.84 49.75
C PHE L 8 -8.01 -17.69 49.33
N ALA L 9 -7.29 -16.75 49.94
CA ALA L 9 -5.90 -16.52 49.57
C ALA L 9 -5.00 -17.74 49.76
N PRO L 10 -5.11 -18.52 50.84
CA PRO L 10 -4.21 -19.70 50.96
C PRO L 10 -4.31 -20.67 49.79
N ALA L 11 -5.50 -20.87 49.23
CA ALA L 11 -5.63 -21.78 48.10
C ALA L 11 -4.86 -21.29 46.89
N ILE L 12 -4.94 -19.98 46.60
CA ILE L 12 -4.20 -19.41 45.49
C ILE L 12 -2.69 -19.45 45.78
N SER L 13 -2.31 -19.18 47.02
CA SER L 13 -0.90 -19.12 47.38
C SER L 13 -0.23 -20.49 47.31
N SER L 14 -0.96 -21.55 47.67
CA SER L 14 -0.39 -22.89 47.59
C SER L 14 -0.01 -23.26 46.17
N ILE L 15 -0.73 -22.68 45.20
CA ILE L 15 -0.45 -22.96 43.76
C ILE L 15 0.67 -22.03 43.30
N GLY L 16 0.59 -20.74 43.68
CA GLY L 16 1.60 -19.79 43.26
C GLY L 16 2.99 -20.16 43.74
N SER L 17 3.10 -20.59 45.01
CA SER L 17 4.39 -20.99 45.55
C SER L 17 4.93 -22.22 44.82
N GLN L 18 4.06 -23.18 44.51
CA GLN L 18 4.51 -24.36 43.77
C GLN L 18 5.01 -23.98 42.38
N LEU L 19 4.29 -23.09 41.69
CA LEU L 19 4.74 -22.63 40.38
C LEU L 19 6.10 -21.95 40.49
N CYS L 20 6.28 -21.10 41.50
CA CYS L 20 7.55 -20.41 41.69
C CYS L 20 8.68 -21.39 41.95
N SER L 21 8.45 -22.38 42.82
CA SER L 21 9.49 -23.36 43.13
C SER L 21 9.85 -24.18 41.91
N LEU L 22 8.85 -24.58 41.12
CA LEU L 22 9.13 -25.34 39.90
C LEU L 22 9.95 -24.52 38.92
N SER L 23 9.62 -23.24 38.76
CA SER L 23 10.39 -22.38 37.86
C SER L 23 11.83 -22.24 38.34
N ALA L 24 12.02 -22.06 39.65
CA ALA L 24 13.38 -21.93 40.18
C ALA L 24 14.18 -23.20 39.97
N GLN L 25 13.55 -24.36 40.20
CA GLN L 25 14.25 -25.63 39.99
C GLN L 25 14.63 -25.81 38.52
N LYS L 26 13.73 -25.46 37.60
CA LYS L 26 14.06 -25.55 36.18
C LYS L 26 15.22 -24.62 35.84
N LEU L 27 15.21 -23.42 36.41
CA LEU L 27 16.30 -22.48 36.14
C LEU L 27 17.63 -23.04 36.62
N LEU L 28 17.66 -23.63 37.81
CA LEU L 28 18.91 -24.21 38.30
C LEU L 28 19.37 -25.37 37.41
N THR L 29 18.45 -26.26 37.06
CA THR L 29 18.81 -27.43 36.26
C THR L 29 19.37 -27.02 34.91
N CYS L 30 18.76 -26.04 34.25
CA CYS L 30 19.27 -25.61 32.96
C CYS L 30 20.44 -24.65 33.09
N ARG L 31 20.67 -24.09 34.28
CA ARG L 31 21.83 -23.23 34.51
C ARG L 31 23.10 -24.06 34.67
N LYS L 32 23.00 -25.23 35.31
CA LYS L 32 24.17 -26.08 35.45
C LYS L 32 24.59 -26.75 34.14
N GLN L 33 23.79 -26.61 33.08
CA GLN L 33 24.01 -27.32 31.82
C GLN L 33 24.42 -26.39 30.70
N TYR L 34 24.89 -25.18 31.02
CA TYR L 34 25.20 -24.18 30.00
C TYR L 34 26.70 -24.15 29.72
N GLY L 35 27.05 -24.26 28.44
CA GLY L 35 28.43 -24.13 28.00
C GLY L 35 28.63 -22.82 27.27
N ASN L 36 29.67 -22.10 27.66
CA ASN L 36 29.94 -20.78 27.08
C ASN L 36 30.09 -20.87 25.58
N GLY L 37 29.40 -19.98 24.86
CA GLY L 37 29.44 -20.03 23.41
C GLY L 37 28.72 -18.89 22.71
N ALA L 38 28.23 -19.18 21.50
CA ALA L 38 27.64 -18.13 20.67
C ALA L 38 26.38 -17.56 21.30
N LYS L 39 25.50 -18.42 21.81
CA LYS L 39 24.25 -17.98 22.40
C LYS L 39 24.47 -17.45 23.80
N SER L 40 23.85 -16.31 24.10
CA SER L 40 23.89 -15.78 25.44
C SER L 40 23.03 -16.64 26.37
N PHE L 41 23.20 -16.41 27.68
CA PHE L 41 22.44 -17.20 28.64
C PHE L 41 20.95 -16.89 28.57
N GLU L 42 20.58 -15.67 28.18
CA GLU L 42 19.16 -15.34 28.06
C GLU L 42 18.50 -16.17 26.96
N GLU L 43 19.15 -16.29 25.80
CA GLU L 43 18.60 -17.12 24.73
C GLU L 43 18.52 -18.58 25.15
N PHE L 44 19.56 -19.08 25.82
CA PHE L 44 19.56 -20.46 26.27
C PHE L 44 18.41 -20.73 27.24
N TYR L 45 18.20 -19.81 28.18
CA TYR L 45 17.09 -19.96 29.12
C TYR L 45 15.74 -19.90 28.40
N ALA L 46 15.59 -18.95 27.48
CA ALA L 46 14.32 -18.81 26.77
C ALA L 46 14.02 -19.97 25.86
N GLU L 47 15.03 -20.74 25.45
CA GLU L 47 14.80 -21.85 24.47
C GLU L 47 14.69 -23.20 25.19
N ILE L 48 15.81 -23.74 25.69
CA ILE L 48 15.80 -25.11 26.28
C ILE L 48 15.14 -25.08 27.68
N GLY L 49 15.31 -23.99 28.42
CA GLY L 49 14.77 -23.87 29.79
C GLY L 49 13.35 -23.36 29.87
N GLY L 50 12.76 -23.38 31.06
CA GLY L 50 11.39 -22.86 31.24
C GLY L 50 10.32 -23.91 31.02
N ILE L 51 10.71 -25.18 30.91
CA ILE L 51 9.73 -26.28 30.63
C ILE L 51 9.39 -27.00 31.93
N ILE L 52 8.18 -26.78 32.46
CA ILE L 52 7.79 -27.40 33.76
C ILE L 52 6.53 -28.24 33.55
N GLY L 53 6.45 -29.42 34.19
CA GLY L 53 5.20 -30.21 34.10
C GLY L 53 4.27 -29.88 35.26
N MET L 54 3.45 -28.84 35.11
CA MET L 54 2.49 -28.44 36.18
C MET L 54 1.08 -28.31 35.62
N MET L 55 0.09 -28.91 36.30
CA MET L 55 -1.32 -28.85 35.83
C MET L 55 -1.92 -27.46 36.07
N GLY L 56 -2.81 -27.00 35.18
CA GLY L 56 -3.50 -25.72 35.37
C GLY L 56 -2.73 -24.54 34.78
N ILE L 57 -1.46 -24.77 34.45
CA ILE L 57 -0.61 -23.72 33.78
C ILE L 57 -0.15 -24.32 32.44
N ASN L 58 -0.81 -23.96 31.34
CA ASN L 58 -0.47 -24.59 30.04
C ASN L 58 0.51 -23.73 29.24
N SER L 59 1.57 -23.22 29.89
CA SER L 59 2.60 -22.46 29.15
C SER L 59 4.02 -22.94 29.51
N GLN L 60 4.85 -23.22 28.50
CA GLN L 60 6.26 -23.67 28.74
C GLN L 60 7.22 -22.55 28.35
N THR L 61 6.71 -21.31 28.24
CA THR L 61 7.58 -20.15 27.93
C THR L 61 7.83 -19.39 29.24
N PRO L 62 8.93 -18.61 29.36
CA PRO L 62 9.16 -17.80 30.57
C PRO L 62 8.02 -16.78 30.72
N SER L 63 7.55 -16.23 29.60
CA SER L 63 6.44 -15.24 29.63
C SER L 63 5.17 -15.90 30.20
N GLY L 64 4.94 -17.17 29.86
CA GLY L 64 3.74 -17.88 30.36
C GLY L 64 3.74 -18.04 31.87
N ILE L 65 4.90 -18.38 32.45
CA ILE L 65 5.00 -18.49 33.93
C ILE L 65 4.88 -17.09 34.52
N ARG L 66 5.39 -16.09 33.80
CA ARG L 66 5.32 -14.70 34.26
C ARG L 66 3.87 -14.24 34.38
N GLU L 67 3.05 -14.47 33.36
CA GLU L 67 1.67 -14.07 33.50
C GLU L 67 0.82 -15.03 34.34
N ALA L 68 1.23 -16.29 34.50
CA ALA L 68 0.58 -17.11 35.50
C ALA L 68 0.76 -16.51 36.88
N ILE L 69 1.98 -16.06 37.18
CA ILE L 69 2.25 -15.38 38.44
C ILE L 69 1.44 -14.09 38.54
N TYR L 70 1.37 -13.33 37.45
CA TYR L 70 0.57 -12.10 37.44
C TYR L 70 -0.89 -12.39 37.79
N ARG L 71 -1.49 -13.38 37.12
CA ARG L 71 -2.89 -13.70 37.36
C ARG L 71 -3.12 -14.19 38.78
N LEU L 72 -2.25 -15.07 39.26
CA LEU L 72 -2.41 -15.60 40.61
C LEU L 72 -2.26 -14.51 41.66
N TYR L 73 -1.28 -13.62 41.48
CA TYR L 73 -1.08 -12.52 42.42
C TYR L 73 -2.27 -11.58 42.42
N GLN L 74 -2.77 -11.23 41.23
CA GLN L 74 -3.91 -10.32 41.14
C GLN L 74 -5.14 -10.93 41.80
N SER L 75 -5.38 -12.22 41.57
CA SER L 75 -6.52 -12.88 42.21
C SER L 75 -6.35 -12.95 43.72
N ALA L 76 -5.15 -13.28 44.20
CA ALA L 76 -4.96 -13.53 45.62
C ALA L 76 -4.99 -12.25 46.44
N PHE L 77 -4.37 -11.16 45.96
CA PHE L 77 -4.25 -9.99 46.86
C PHE L 77 -4.93 -8.68 46.42
N LEU L 78 -5.47 -8.57 45.21
CA LEU L 78 -5.95 -7.22 44.77
C LEU L 78 -7.43 -7.18 44.42
N PHE L 79 -7.92 -8.11 43.60
CA PHE L 79 -9.35 -8.08 43.14
C PHE L 79 -10.29 -7.98 44.33
N GLY L 80 -10.11 -8.84 45.34
CA GLY L 80 -11.03 -8.91 46.49
C GLY L 80 -11.45 -10.36 46.69
N ASP L 81 -12.61 -10.61 47.28
CA ASP L 81 -13.09 -12.02 47.39
C ASP L 81 -13.35 -12.59 45.99
N ILE L 82 -12.93 -13.84 45.75
CA ILE L 82 -13.14 -14.49 44.43
C ILE L 82 -12.91 -15.99 44.63
N PHE L 83 -13.75 -16.84 44.04
CA PHE L 83 -13.65 -18.30 44.29
C PHE L 83 -12.50 -18.88 43.46
N PRO L 84 -11.61 -19.75 44.01
CA PRO L 84 -10.44 -20.23 43.26
C PRO L 84 -10.81 -20.99 41.99
N GLU L 85 -11.89 -21.78 42.02
CA GLU L 85 -12.27 -22.64 40.87
C GLU L 85 -12.60 -21.78 39.64
N SER L 86 -12.91 -20.50 39.84
CA SER L 86 -13.27 -19.61 38.71
C SER L 86 -12.11 -19.55 37.71
N PHE L 87 -10.86 -19.53 38.19
CA PHE L 87 -9.69 -19.42 37.29
C PHE L 87 -9.07 -20.79 37.03
N GLY L 88 -9.77 -21.86 37.39
CA GLY L 88 -9.28 -23.24 37.14
C GLY L 88 -8.42 -23.76 38.28
N ILE L 89 -8.28 -22.98 39.36
CA ILE L 89 -7.50 -23.43 40.54
C ILE L 89 -8.40 -24.28 41.42
N GLN L 90 -8.08 -25.55 41.61
CA GLN L 90 -8.87 -26.42 42.53
C GLN L 90 -8.68 -25.95 43.98
N ASN L 91 -9.77 -25.71 44.72
CA ASN L 91 -9.65 -25.19 46.10
C ASN L 91 -9.70 -26.40 47.05
N THR L 92 -8.59 -26.69 47.72
CA THR L 92 -8.54 -27.89 48.60
C THR L 92 -7.99 -27.50 49.98
N GLN L 93 -8.62 -27.99 51.05
CA GLN L 93 -8.18 -27.68 52.43
C GLN L 93 -6.80 -28.27 52.65
N ASN L 94 -6.54 -29.44 52.07
CA ASN L 94 -5.24 -30.13 52.32
C ASN L 94 -4.16 -29.42 51.53
N ILE L 95 -3.24 -28.75 52.23
CA ILE L 95 -2.13 -28.01 51.57
C ILE L 95 -0.84 -28.31 52.33
N LYS L 96 0.31 -27.82 51.84
CA LYS L 96 1.59 -28.04 52.49
C LYS L 96 1.99 -26.82 53.32
N PRO L 97 2.61 -27.05 54.48
CA PRO L 97 3.11 -25.93 55.28
C PRO L 97 4.29 -25.26 54.58
N PRO L 98 4.37 -23.94 54.61
CA PRO L 98 5.49 -23.25 53.97
C PRO L 98 6.72 -23.30 54.86
N PRO L 99 7.90 -22.98 54.32
CA PRO L 99 9.11 -22.94 55.16
C PRO L 99 9.01 -21.85 56.21
N GLY L 100 9.75 -22.04 57.31
CA GLY L 100 9.71 -21.09 58.38
C GLY L 100 10.43 -19.80 58.03
N PHE L 101 10.03 -18.72 58.69
CA PHE L 101 10.60 -17.41 58.41
C PHE L 101 12.04 -17.33 58.87
N THR L 102 12.88 -16.65 58.08
CA THR L 102 14.30 -16.53 58.37
C THR L 102 14.78 -15.08 58.28
N ALA L 103 13.86 -14.12 58.33
CA ALA L 103 14.24 -12.72 58.16
C ALA L 103 14.84 -12.17 59.45
N PRO L 104 16.07 -11.66 59.43
CA PRO L 104 16.63 -11.06 60.65
C PRO L 104 15.92 -9.76 61.00
N ALA L 105 15.62 -9.61 62.28
CA ALA L 105 14.93 -8.42 62.78
C ALA L 105 15.95 -7.34 63.08
N LYS L 106 15.98 -6.30 62.25
CA LYS L 106 16.86 -5.17 62.47
C LYS L 106 16.09 -3.94 62.92
N LYS L 107 15.09 -3.53 62.17
CA LYS L 107 14.23 -2.42 62.56
C LYS L 107 12.91 -3.01 63.04
N LEU L 108 12.88 -3.42 64.31
CA LEU L 108 11.66 -3.90 64.91
C LEU L 108 10.72 -2.73 65.19
N GLU L 109 9.42 -2.98 65.00
CA GLU L 109 8.42 -1.92 65.08
C GLU L 109 7.75 -1.93 66.45
N VAL L 110 7.64 -0.75 67.05
CA VAL L 110 7.02 -0.58 68.36
C VAL L 110 6.08 0.62 68.30
N VAL L 111 5.14 0.65 69.25
CA VAL L 111 4.16 1.78 69.33
C VAL L 111 4.15 2.30 70.77
N LEU L 112 4.49 3.58 70.96
CA LEU L 112 4.52 4.20 72.30
C LEU L 112 3.10 4.31 72.84
N PRO L 113 2.87 4.17 74.17
CA PRO L 113 1.54 4.37 74.74
C PRO L 113 1.23 5.87 74.76
N GLN L 114 -0.04 6.26 74.92
CA GLN L 114 -0.41 7.69 74.85
C GLN L 114 0.16 8.47 76.05
N GLY L 115 0.11 9.81 76.00
CA GLY L 115 0.61 10.65 77.10
C GLY L 115 2.00 11.22 76.86
N GLY L 116 2.72 10.75 75.85
CA GLY L 116 4.05 11.33 75.51
C GLY L 116 5.04 11.23 76.65
N ALA L 117 4.92 10.19 77.48
CA ALA L 117 5.84 9.99 78.62
C ALA L 117 7.26 9.71 78.15
N PHE L 118 7.43 9.05 76.99
CA PHE L 118 8.78 8.64 76.54
C PHE L 118 9.05 9.05 75.09
N ASP L 119 10.32 9.01 74.66
CA ASP L 119 10.70 9.31 73.26
C ASP L 119 11.52 8.13 72.74
N LEU L 120 11.27 7.65 71.51
CA LEU L 120 11.92 6.40 71.02
C LEU L 120 12.95 6.65 69.91
N ILE L 121 14.13 6.02 69.99
CA ILE L 121 15.16 6.09 68.90
C ILE L 121 15.48 4.65 68.50
N TYR L 122 15.93 4.44 67.25
CA TYR L 122 16.18 3.05 66.77
C TYR L 122 17.66 2.76 66.62
N ASN L 123 18.05 1.50 66.69
CA ASN L 123 19.46 1.05 66.53
C ASN L 123 19.45 -0.25 65.72
N ASN L 124 20.60 -0.88 65.49
CA ASN L 124 20.65 -2.04 64.57
C ASN L 124 19.71 -3.17 65.00
N GLY L 125 19.68 -3.52 66.28
CA GLY L 125 18.69 -4.54 66.72
C GLY L 125 18.05 -4.13 68.02
N GLU L 126 18.19 -2.86 68.42
CA GLU L 126 17.69 -2.47 69.76
C GLU L 126 16.88 -1.18 69.73
N ILE L 127 16.01 -0.99 70.74
CA ILE L 127 15.23 0.26 70.86
C ILE L 127 15.64 0.92 72.19
N ARG L 128 15.93 2.21 72.16
CA ARG L 128 16.33 2.97 73.37
C ARG L 128 15.34 4.12 73.56
N VAL L 129 14.69 4.21 74.73
CA VAL L 129 13.81 5.35 74.95
C VAL L 129 14.35 6.14 76.14
N THR L 130 14.01 7.43 76.16
CA THR L 130 14.39 8.32 77.24
C THR L 130 13.13 8.82 77.94
N THR L 131 13.18 8.88 79.27
CA THR L 131 12.04 9.32 80.06
C THR L 131 12.05 10.85 80.14
N THR L 132 11.00 11.47 79.59
CA THR L 132 10.87 12.92 79.69
C THR L 132 10.41 13.37 81.07
N ARG L 133 9.89 12.45 81.89
CA ARG L 133 9.42 12.77 83.22
C ARG L 133 9.72 11.57 84.14
N ASN L 134 9.27 11.67 85.38
CA ASN L 134 9.46 10.58 86.33
C ASN L 134 8.46 9.46 86.05
N VAL L 135 8.94 8.21 86.20
CA VAL L 135 8.13 7.04 85.92
C VAL L 135 8.38 6.01 87.01
N GLN L 136 7.32 5.35 87.46
CA GLN L 136 7.40 4.32 88.48
C GLN L 136 7.39 2.94 87.82
N ALA L 137 8.04 1.99 88.49
CA ALA L 137 8.15 0.64 87.96
C ALA L 137 6.78 -0.03 87.90
N GLY L 138 6.54 -0.75 86.79
CA GLY L 138 5.31 -1.51 86.65
C GLY L 138 4.32 -0.92 85.67
N ASP L 139 4.81 -0.23 84.64
CA ASP L 139 3.93 0.30 83.60
C ASP L 139 4.58 0.11 82.24
N LEU L 140 3.74 0.01 81.21
CA LEU L 140 4.22 -0.22 79.85
C LEU L 140 4.98 0.99 79.33
N VAL L 141 6.02 0.73 78.53
CA VAL L 141 6.75 1.76 77.82
C VAL L 141 6.68 1.56 76.31
N CYS L 142 6.80 0.30 75.85
CA CYS L 142 6.74 0.00 74.43
C CYS L 142 6.09 -1.37 74.25
N THR L 143 5.57 -1.60 73.05
CA THR L 143 5.00 -2.89 72.68
C THR L 143 5.16 -3.08 71.18
N VAL L 144 5.61 -4.25 70.77
CA VAL L 144 5.83 -4.53 69.35
C VAL L 144 4.50 -4.88 68.69
N THR L 145 4.16 -4.16 67.63
CA THR L 145 2.98 -4.45 66.84
C THR L 145 3.27 -5.41 65.69
N PHE L 146 4.53 -5.69 65.43
CA PHE L 146 4.94 -6.62 64.39
C PHE L 146 5.47 -7.88 65.06
N PRO L 147 4.84 -9.03 64.87
CA PRO L 147 5.19 -10.20 65.67
C PRO L 147 6.65 -10.58 65.51
N ILE L 148 7.27 -10.97 66.62
CA ILE L 148 8.70 -11.24 66.69
C ILE L 148 8.92 -12.49 67.51
N GLN L 149 10.04 -13.17 67.26
CA GLN L 149 10.36 -14.40 67.96
C GLN L 149 11.87 -14.61 67.95
N GLY L 150 12.43 -14.92 69.10
CA GLY L 150 13.85 -15.14 69.23
C GLY L 150 14.30 -14.90 70.66
N SER L 151 15.60 -14.88 70.84
CA SER L 151 16.20 -14.69 72.16
C SER L 151 16.36 -13.19 72.45
N VAL L 152 16.58 -12.88 73.71
CA VAL L 152 16.73 -11.51 74.18
C VAL L 152 18.10 -11.36 74.84
N ILE L 153 18.80 -10.28 74.52
CA ILE L 153 20.13 -10.00 75.03
C ILE L 153 20.21 -8.54 75.46
N ALA L 154 20.99 -8.29 76.52
CA ALA L 154 21.30 -6.93 76.96
C ALA L 154 20.03 -6.12 77.26
N THR L 155 19.31 -6.60 78.27
CA THR L 155 18.12 -5.91 78.77
C THR L 155 18.52 -5.10 80.00
N ARG L 156 18.48 -3.77 79.87
CA ARG L 156 18.95 -2.87 80.91
C ARG L 156 17.81 -1.97 81.37
N ASN L 157 17.68 -1.81 82.69
CA ASN L 157 16.72 -0.90 83.33
C ASN L 157 15.28 -1.21 82.93
N CYS L 158 15.00 -2.45 82.53
CA CYS L 158 13.65 -2.87 82.18
C CYS L 158 13.60 -4.38 82.25
N HIS L 159 12.38 -4.91 82.16
CA HIS L 159 12.15 -6.35 82.30
C HIS L 159 11.22 -6.84 81.20
N VAL L 160 11.50 -8.03 80.69
CA VAL L 160 10.66 -8.70 79.72
C VAL L 160 10.41 -10.13 80.20
N ASN L 161 9.30 -10.71 79.75
CA ASN L 161 8.94 -12.06 80.13
C ASN L 161 9.73 -13.05 79.28
N GLU L 162 10.61 -13.81 79.93
CA GLU L 162 11.45 -14.77 79.23
C GLU L 162 11.90 -15.86 80.19
N ILE L 163 12.09 -17.06 79.66
CA ILE L 163 12.64 -18.18 80.40
C ILE L 163 13.79 -18.77 79.60
N GLY L 164 14.94 -18.96 80.25
CA GLY L 164 16.09 -19.53 79.59
C GLY L 164 16.66 -18.68 78.48
N GLY L 165 16.33 -17.39 78.43
CA GLY L 165 16.79 -16.51 77.38
C GLY L 165 15.85 -16.39 76.19
N GLN L 166 14.77 -17.17 76.14
CA GLN L 166 13.86 -17.18 75.02
C GLN L 166 12.59 -16.41 75.37
N LEU L 167 12.16 -15.55 74.45
CA LEU L 167 10.94 -14.78 74.66
C LEU L 167 9.73 -15.72 74.70
N THR L 168 8.89 -15.54 75.70
CA THR L 168 7.74 -16.43 75.88
C THR L 168 6.62 -16.11 74.90
N THR L 169 6.44 -14.84 74.57
CA THR L 169 5.34 -14.40 73.74
C THR L 169 5.86 -13.84 72.41
N THR L 170 5.00 -13.91 71.39
CA THR L 170 5.34 -13.41 70.07
C THR L 170 5.27 -11.88 69.99
N ARG L 171 4.64 -11.23 70.95
CA ARG L 171 4.53 -9.77 71.00
C ARG L 171 4.94 -9.29 72.39
N PRO L 172 6.23 -9.33 72.70
CA PRO L 172 6.68 -8.90 74.03
C PRO L 172 6.41 -7.42 74.26
N GLU L 173 6.13 -7.09 75.52
CA GLU L 173 5.94 -5.72 75.95
C GLU L 173 6.97 -5.40 77.03
N ILE L 174 7.58 -4.23 76.93
CA ILE L 174 8.63 -3.82 77.85
C ILE L 174 8.01 -3.05 79.01
N ILE L 175 8.31 -3.46 80.24
CA ILE L 175 7.84 -2.81 81.44
C ILE L 175 9.04 -2.37 82.26
N ALA L 176 9.05 -1.13 82.71
CA ALA L 176 10.12 -0.62 83.54
C ALA L 176 10.22 -1.43 84.82
N SER L 177 11.46 -1.75 85.23
CA SER L 177 11.70 -2.60 86.37
C SER L 177 11.97 -1.82 87.66
N VAL L 178 12.58 -0.65 87.57
CA VAL L 178 12.84 0.17 88.75
C VAL L 178 12.54 1.62 88.36
N PRO L 179 11.94 2.43 89.25
CA PRO L 179 11.66 3.83 88.89
C PRO L 179 12.93 4.58 88.54
N MET L 180 12.83 5.48 87.55
CA MET L 180 14.01 6.20 87.11
C MET L 180 13.75 7.70 87.09
N PRO L 181 14.54 8.50 87.81
CA PRO L 181 14.48 9.95 87.63
C PRO L 181 15.55 10.46 86.67
N ALA L 182 15.48 11.76 86.34
CA ALA L 182 16.55 12.47 85.66
C ALA L 182 16.84 11.91 84.27
N ARG L 183 15.78 11.74 83.46
CA ARG L 183 15.87 11.53 82.00
C ARG L 183 16.97 10.53 81.61
N THR L 184 16.91 9.35 82.20
CA THR L 184 17.79 8.26 81.82
C THR L 184 17.22 7.53 80.60
N VAL L 185 17.94 6.51 80.14
CA VAL L 185 17.56 5.75 78.96
C VAL L 185 17.55 4.26 79.31
N ILE L 186 16.58 3.54 78.75
CA ILE L 186 16.48 2.09 78.91
C ILE L 186 16.64 1.46 77.54
N VAL L 187 17.40 0.37 77.47
CA VAL L 187 17.78 -0.26 76.21
C VAL L 187 17.33 -1.72 76.22
N ALA L 188 16.72 -2.14 75.12
CA ALA L 188 16.31 -3.54 74.93
C ALA L 188 16.79 -4.00 73.56
N SER L 189 17.64 -5.02 73.58
CA SER L 189 18.16 -5.59 72.30
C SER L 189 17.58 -7.00 72.14
N PHE L 190 17.61 -7.53 70.91
CA PHE L 190 17.05 -8.85 70.63
C PHE L 190 17.86 -9.55 69.55
N ASP L 191 17.93 -10.87 69.65
CA ASP L 191 18.42 -11.75 68.58
C ASP L 191 17.21 -12.56 68.13
N ALA L 192 16.44 -12.01 67.20
CA ALA L 192 15.13 -12.55 66.87
C ALA L 192 14.93 -12.59 65.36
N ILE L 193 13.87 -13.28 64.96
CA ILE L 193 13.50 -13.44 63.56
C ILE L 193 12.10 -12.85 63.36
N GLU L 194 11.98 -11.94 62.41
CA GLU L 194 10.72 -11.28 62.12
C GLU L 194 9.96 -12.06 61.04
N ILE L 195 8.90 -11.47 60.51
CA ILE L 195 8.11 -12.10 59.46
C ILE L 195 8.73 -11.77 58.11
N GLY L 196 9.04 -12.81 57.33
CA GLY L 196 9.61 -12.66 56.01
C GLY L 196 10.77 -13.61 55.82
N TYR L 197 11.57 -13.32 54.80
CA TYR L 197 12.76 -14.12 54.49
C TYR L 197 13.90 -13.19 54.16
N GLY L 198 15.10 -13.55 54.59
CA GLY L 198 16.26 -12.70 54.44
C GLY L 198 16.95 -12.79 53.10
N GLU L 199 17.14 -14.01 52.60
CA GLU L 199 17.89 -14.21 51.37
C GLU L 199 17.08 -13.75 50.17
N GLY L 200 17.76 -13.15 49.20
CA GLY L 200 17.11 -12.74 47.97
C GLY L 200 16.66 -11.30 47.92
N ASP L 201 17.34 -10.40 48.65
CA ASP L 201 16.91 -9.00 48.65
C ASP L 201 17.20 -8.31 47.33
N ASP L 202 18.25 -8.73 46.62
CA ASP L 202 18.56 -8.13 45.33
C ASP L 202 17.47 -8.40 44.30
N LEU L 203 16.91 -9.61 44.32
CA LEU L 203 15.86 -9.95 43.36
C LEU L 203 14.56 -9.21 43.69
N PHE L 204 14.28 -9.01 44.97
CA PHE L 204 13.06 -8.33 45.37
C PHE L 204 13.04 -6.90 44.89
N ALA L 205 14.19 -6.23 44.88
CA ALA L 205 14.25 -4.82 44.50
C ALA L 205 13.75 -4.62 43.08
N ILE L 206 14.09 -5.53 42.16
CA ILE L 206 13.62 -5.40 40.78
C ILE L 206 12.28 -6.08 40.55
N GLY L 207 11.95 -7.13 41.31
CA GLY L 207 10.64 -7.73 41.18
C GLY L 207 9.51 -6.83 41.63
N ILE L 208 9.73 -6.05 42.69
CA ILE L 208 8.70 -5.13 43.14
C ILE L 208 8.44 -4.06 42.11
N ALA L 209 9.49 -3.58 41.43
CA ALA L 209 9.30 -2.63 40.35
C ALA L 209 8.58 -3.29 39.17
N ILE L 210 8.92 -4.55 38.88
CA ILE L 210 8.28 -5.25 37.77
C ILE L 210 6.78 -5.36 37.99
N LEU L 211 6.37 -5.75 39.19
CA LEU L 211 4.94 -5.89 39.47
C LEU L 211 4.29 -4.59 39.93
N SER L 212 5.06 -3.52 40.10
CA SER L 212 4.48 -2.20 40.33
C SER L 212 4.23 -1.47 39.02
N ASN L 213 4.98 -1.77 37.97
CA ASN L 213 4.69 -1.20 36.67
C ASN L 213 3.36 -1.69 36.10
N ARG L 214 2.85 -2.81 36.60
CA ARG L 214 1.57 -3.35 36.15
C ARG L 214 0.43 -2.88 37.05
N PHE L 215 0.52 -3.17 38.35
CA PHE L 215 -0.49 -2.73 39.32
C PHE L 215 -0.04 -1.43 40.00
N ASN L 216 0.16 -0.40 39.18
CA ASN L 216 0.67 0.86 39.70
C ASN L 216 -0.33 1.56 40.62
N GLY L 217 -1.63 1.35 40.38
CA GLY L 217 -2.62 1.92 41.28
C GLY L 217 -2.75 1.21 42.61
N GLN L 218 -2.11 0.07 42.77
CA GLN L 218 -2.19 -0.72 43.99
C GLN L 218 -0.86 -0.86 44.71
N ILE L 219 0.24 -1.03 43.98
CA ILE L 219 1.53 -1.34 44.57
C ILE L 219 2.55 -0.29 44.12
N THR L 220 3.42 0.11 45.04
CA THR L 220 4.51 1.03 44.79
C THR L 220 5.83 0.41 45.25
N PRO L 221 6.94 0.76 44.61
CA PRO L 221 8.23 0.22 45.06
C PRO L 221 8.56 0.65 46.48
N MET L 222 9.15 -0.26 47.23
CA MET L 222 9.52 -0.01 48.63
C MET L 222 10.47 -1.12 49.06
N SER L 223 10.96 -1.02 50.29
CA SER L 223 11.82 -2.04 50.84
C SER L 223 11.01 -3.27 51.22
N ARG L 224 11.71 -4.38 51.44
CA ARG L 224 11.04 -5.63 51.79
C ARG L 224 10.37 -5.54 53.16
N HIS L 225 11.00 -4.82 54.10
CA HIS L 225 10.42 -4.69 55.43
C HIS L 225 9.08 -3.98 55.38
N ASN L 226 9.00 -2.86 54.67
CA ASN L 226 7.75 -2.12 54.58
C ASN L 226 6.69 -2.94 53.85
N TYR L 227 7.07 -3.64 52.79
CA TYR L 227 6.12 -4.47 52.06
C TYR L 227 5.56 -5.57 52.95
N MET L 228 6.43 -6.23 53.73
CA MET L 228 5.97 -7.28 54.65
C MET L 228 5.04 -6.71 55.71
N THR L 229 5.37 -5.53 56.26
CA THR L 229 4.50 -4.95 57.29
C THR L 229 3.14 -4.60 56.73
N GLN L 230 3.10 -3.98 55.54
CA GLN L 230 1.82 -3.64 54.93
C GLN L 230 1.01 -4.89 54.61
N MET L 231 1.68 -5.93 54.09
CA MET L 231 0.97 -7.17 53.79
C MET L 231 0.39 -7.81 55.05
N PHE L 232 1.18 -7.84 56.13
CA PHE L 232 0.72 -8.45 57.36
C PHE L 232 -0.42 -7.68 58.01
N ALA L 233 -0.38 -6.34 57.93
CA ALA L 233 -1.42 -5.54 58.56
C ALA L 233 -2.77 -5.64 57.84
N ASN L 234 -2.83 -6.25 56.66
CA ASN L 234 -4.04 -6.30 55.87
C ASN L 234 -4.69 -7.69 55.83
N LEU L 235 -4.16 -8.66 56.57
CA LEU L 235 -4.76 -9.98 56.57
C LEU L 235 -6.11 -9.96 57.28
N PRO L 236 -7.05 -10.82 56.87
CA PRO L 236 -8.34 -10.90 57.57
C PRO L 236 -8.15 -11.36 59.01
N ALA L 237 -9.04 -10.88 59.88
CA ALA L 237 -8.89 -11.13 61.31
C ALA L 237 -9.09 -12.60 61.65
N ASN L 238 -10.07 -13.26 61.02
CA ASN L 238 -10.44 -14.63 61.38
C ASN L 238 -9.76 -15.60 60.42
N MET L 239 -8.48 -15.86 60.69
CA MET L 239 -7.74 -16.86 59.95
C MET L 239 -6.62 -17.41 60.84
N SER L 240 -6.31 -18.69 60.65
CA SER L 240 -5.35 -19.37 61.50
C SER L 240 -3.93 -18.92 61.17
N GLU L 241 -3.01 -19.29 62.07
CA GLU L 241 -1.60 -19.00 61.85
C GLU L 241 -1.01 -19.86 60.73
N ARG L 242 -1.66 -20.98 60.40
CA ARG L 242 -1.17 -21.82 59.31
C ARG L 242 -1.43 -21.19 57.94
N ASP L 243 -2.59 -20.55 57.77
CA ASP L 243 -2.92 -19.93 56.49
C ASP L 243 -2.16 -18.62 56.29
N SER L 244 -1.88 -17.90 57.38
CA SER L 244 -1.16 -16.63 57.27
C SER L 244 0.23 -16.85 56.67
N SER L 245 0.94 -17.88 57.15
CA SER L 245 2.26 -18.17 56.63
C SER L 245 2.20 -18.55 55.15
N ALA L 246 1.19 -19.34 54.77
CA ALA L 246 1.05 -19.72 53.36
C ALA L 246 0.79 -18.51 52.49
N VAL L 247 -0.02 -17.56 52.96
CA VAL L 247 -0.27 -16.35 52.20
C VAL L 247 0.99 -15.51 52.07
N LEU L 248 1.69 -15.28 53.18
CA LEU L 248 2.86 -14.43 53.17
C LEU L 248 4.02 -15.01 52.37
N HIS L 249 4.14 -16.34 52.33
CA HIS L 249 5.20 -16.95 51.52
C HIS L 249 5.05 -16.58 50.06
N PHE L 250 3.83 -16.73 49.51
CA PHE L 250 3.60 -16.32 48.12
C PHE L 250 3.73 -14.81 47.96
N ALA L 251 3.25 -14.05 48.96
CA ALA L 251 3.33 -12.59 48.90
C ALA L 251 4.77 -12.12 48.72
N GLN L 252 5.72 -12.80 49.35
CA GLN L 252 7.13 -12.44 49.17
C GLN L 252 7.78 -13.16 48.00
N ALA L 253 7.33 -14.35 47.64
CA ALA L 253 7.98 -15.12 46.59
C ALA L 253 7.67 -14.58 45.20
N ALA L 254 6.48 -14.03 45.00
CA ALA L 254 6.16 -13.50 43.67
C ALA L 254 7.13 -12.42 43.21
N PRO L 255 7.44 -11.38 44.01
CA PRO L 255 8.43 -10.40 43.54
C PRO L 255 9.82 -10.99 43.31
N VAL L 256 10.29 -11.86 44.22
CA VAL L 256 11.64 -12.38 44.06
C VAL L 256 11.74 -13.29 42.85
N VAL L 257 10.68 -14.04 42.54
CA VAL L 257 10.70 -14.88 41.35
C VAL L 257 10.62 -14.04 40.09
N LEU L 258 9.80 -12.99 40.10
CA LEU L 258 9.75 -12.08 38.96
C LEU L 258 11.10 -11.44 38.71
N GLY L 259 11.83 -11.10 39.78
CA GLY L 259 13.16 -10.54 39.62
C GLY L 259 14.17 -11.58 39.18
N MET L 260 14.05 -12.81 39.67
CA MET L 260 14.96 -13.88 39.29
C MET L 260 14.82 -14.22 37.82
N MET L 261 13.60 -14.12 37.28
CA MET L 261 13.40 -14.36 35.86
C MET L 261 14.04 -13.28 35.00
N GLU L 262 14.30 -12.10 35.55
CA GLU L 262 14.99 -11.06 34.80
C GLU L 262 16.50 -11.25 34.83
N ARG L 263 17.09 -11.20 36.03
CA ARG L 263 18.51 -11.48 36.22
C ARG L 263 18.66 -12.96 36.51
N LEU L 264 19.20 -13.71 35.54
CA LEU L 264 19.18 -15.17 35.60
C LEU L 264 20.28 -15.69 36.52
N THR L 265 20.23 -15.23 37.77
CA THR L 265 21.11 -15.71 38.82
C THR L 265 20.43 -16.88 39.54
N GLY L 266 20.97 -17.27 40.68
CA GLY L 266 20.40 -18.35 41.45
C GLY L 266 19.10 -17.94 42.14
N ALA L 267 18.60 -18.85 42.96
CA ALA L 267 17.37 -18.64 43.70
C ALA L 267 17.58 -18.94 45.17
N PRO L 268 16.85 -18.28 46.05
CA PRO L 268 16.99 -18.54 47.48
C PRO L 268 16.47 -19.92 47.86
N LYS L 269 16.96 -20.42 49.00
CA LYS L 269 16.59 -21.75 49.44
C LYS L 269 15.11 -21.82 49.82
N TRP L 270 14.57 -20.75 50.40
CA TRP L 270 13.18 -20.77 50.82
C TRP L 270 12.21 -20.77 49.65
N VAL L 271 12.68 -20.48 48.44
CA VAL L 271 11.85 -20.60 47.25
C VAL L 271 11.96 -22.00 46.64
N LEU L 272 13.19 -22.49 46.49
CA LEU L 272 13.40 -23.81 45.89
C LEU L 272 12.78 -24.91 46.75
N ASP L 273 13.11 -24.94 48.03
CA ASP L 273 12.70 -26.02 48.91
C ASP L 273 11.34 -25.67 49.53
N TYR L 274 10.30 -25.83 48.73
CA TYR L 274 8.94 -25.64 49.19
C TYR L 274 8.15 -26.95 49.13
N MET M 1 49.35 -5.90 49.25
CA MET M 1 48.95 -6.81 48.18
C MET M 1 48.94 -6.12 46.82
N ASN M 2 49.88 -6.49 45.96
CA ASN M 2 49.96 -5.98 44.60
C ASN M 2 49.52 -7.07 43.63
N LEU M 3 48.66 -6.70 42.67
CA LEU M 3 48.11 -7.66 41.73
C LEU M 3 47.73 -6.92 40.46
N GLU M 4 47.85 -7.62 39.34
CA GLU M 4 47.65 -7.03 38.01
C GLU M 4 46.63 -7.86 37.24
N ILE M 5 45.43 -7.33 37.10
CA ILE M 5 44.34 -8.03 36.42
C ILE M 5 44.46 -7.78 34.92
N ASN M 6 44.49 -8.86 34.15
CA ASN M 6 44.61 -8.75 32.71
C ASN M 6 43.24 -8.47 32.08
N ASN M 7 43.22 -8.42 30.75
CA ASN M 7 42.00 -8.12 30.02
C ASN M 7 41.13 -9.36 29.78
N PHE M 8 41.67 -10.56 30.00
CA PHE M 8 40.91 -11.80 29.83
C PHE M 8 40.44 -12.38 31.16
N ALA M 9 40.44 -11.58 32.22
CA ALA M 9 40.04 -12.08 33.53
C ALA M 9 38.64 -12.70 33.57
N PRO M 10 37.61 -12.13 32.94
CA PRO M 10 36.31 -12.82 32.96
C PRO M 10 36.34 -14.21 32.36
N ALA M 11 37.12 -14.42 31.31
CA ALA M 11 37.21 -15.74 30.69
C ALA M 11 37.87 -16.74 31.62
N ILE M 12 38.93 -16.34 32.32
CA ILE M 12 39.57 -17.23 33.28
C ILE M 12 38.63 -17.52 34.45
N SER M 13 37.88 -16.51 34.89
CA SER M 13 36.99 -16.68 36.03
C SER M 13 35.83 -17.61 35.69
N SER M 14 35.33 -17.54 34.46
CA SER M 14 34.23 -18.41 34.06
C SER M 14 34.64 -19.88 34.05
N ILE M 15 35.93 -20.16 33.86
CA ILE M 15 36.40 -21.54 33.95
C ILE M 15 36.70 -21.92 35.39
N GLY M 16 37.30 -21.01 36.15
CA GLY M 16 37.59 -21.30 37.53
C GLY M 16 36.36 -21.57 38.36
N SER M 17 35.30 -20.79 38.16
CA SER M 17 34.07 -20.99 38.91
C SER M 17 33.43 -22.32 38.58
N GLN M 18 33.42 -22.70 37.30
CA GLN M 18 32.87 -24.01 36.91
C GLN M 18 33.68 -25.14 37.53
N LEU M 19 35.01 -25.01 37.53
CA LEU M 19 35.85 -26.04 38.15
C LEU M 19 35.57 -26.15 39.64
N CYS M 20 35.43 -25.01 40.33
CA CYS M 20 35.14 -25.03 41.75
C CYS M 20 33.78 -25.68 42.03
N SER M 21 32.77 -25.34 41.23
CA SER M 21 31.45 -25.93 41.41
C SER M 21 31.48 -27.43 41.21
N LEU M 22 32.20 -27.90 40.17
CA LEU M 22 32.29 -29.33 39.94
C LEU M 22 33.00 -30.03 41.09
N SER M 23 34.07 -29.43 41.61
CA SER M 23 34.78 -30.04 42.74
C SER M 23 33.89 -30.11 43.97
N ALA M 24 33.11 -29.07 44.24
CA ALA M 24 32.22 -29.08 45.39
C ALA M 24 31.13 -30.15 45.25
N GLN M 25 30.55 -30.27 44.05
CA GLN M 25 29.54 -31.30 43.84
C GLN M 25 30.12 -32.69 44.00
N LYS M 26 31.38 -32.92 43.62
CA LYS M 26 32.00 -34.25 43.84
C LYS M 26 32.13 -34.55 45.35
N LEU M 27 32.49 -33.56 46.16
CA LEU M 27 32.69 -33.79 47.62
C LEU M 27 31.37 -34.24 48.27
N LEU M 28 30.26 -33.61 47.93
CA LEU M 28 28.94 -33.96 48.53
C LEU M 28 28.56 -35.39 48.16
N THR M 29 28.81 -35.81 46.92
CA THR M 29 28.53 -37.21 46.49
C THR M 29 29.40 -38.16 47.31
N CYS M 30 30.66 -37.80 47.53
CA CYS M 30 31.58 -38.65 48.32
C CYS M 30 31.05 -38.78 49.74
N ARG M 31 30.54 -37.68 50.30
CA ARG M 31 30.06 -37.70 51.71
C ARG M 31 28.89 -38.67 51.83
N LYS M 32 27.98 -38.69 50.86
CA LYS M 32 26.78 -39.55 50.96
C LYS M 32 27.13 -41.04 50.81
N GLN M 33 28.25 -41.39 50.17
CA GLN M 33 28.57 -42.81 49.91
C GLN M 33 29.74 -43.30 50.78
N TYR M 34 30.11 -42.59 51.85
CA TYR M 34 31.32 -42.97 52.63
C TYR M 34 31.22 -44.37 53.24
N GLY M 35 30.13 -44.69 53.93
CA GLY M 35 29.96 -46.06 54.45
C GLY M 35 30.69 -46.36 55.77
N ASN M 36 31.39 -45.39 56.35
CA ASN M 36 32.03 -45.57 57.70
C ASN M 36 32.89 -46.84 57.78
N GLY M 37 33.69 -47.14 56.76
CA GLY M 37 34.50 -48.38 56.71
C GLY M 37 35.91 -48.22 57.27
N ALA M 38 36.79 -49.17 56.98
CA ALA M 38 38.19 -49.15 57.48
C ALA M 38 38.97 -47.94 56.96
N LYS M 39 38.82 -47.60 55.67
CA LYS M 39 39.50 -46.38 55.14
C LYS M 39 38.93 -45.13 55.81
N SER M 40 39.78 -44.13 56.08
CA SER M 40 39.32 -42.84 56.65
C SER M 40 38.62 -42.05 55.55
N PHE M 41 37.90 -40.98 55.89
CA PHE M 41 37.26 -40.14 54.84
C PHE M 41 38.33 -39.51 53.95
N GLU M 42 39.44 -39.05 54.52
CA GLU M 42 40.49 -38.38 53.72
C GLU M 42 41.06 -39.37 52.71
N GLU M 43 41.32 -40.62 53.12
CA GLU M 43 41.80 -41.66 52.19
C GLU M 43 40.72 -41.99 51.14
N PHE M 44 39.46 -42.07 51.54
CA PHE M 44 38.36 -42.41 50.62
C PHE M 44 38.26 -41.32 49.54
N TYR M 45 38.30 -40.05 49.94
CA TYR M 45 38.15 -38.93 48.99
C TYR M 45 39.33 -38.89 48.02
N ALA M 46 40.54 -39.20 48.49
CA ALA M 46 41.74 -39.09 47.62
C ALA M 46 41.62 -40.02 46.42
N GLU M 47 41.16 -41.25 46.63
CA GLU M 47 40.96 -42.21 45.52
C GLU M 47 39.84 -41.76 44.58
N ILE M 48 38.71 -41.25 45.08
CA ILE M 48 37.54 -40.97 44.19
C ILE M 48 37.21 -39.48 44.04
N GLY M 49 38.10 -38.56 44.39
CA GLY M 49 37.75 -37.12 44.38
C GLY M 49 38.00 -36.41 43.06
N GLY M 50 38.44 -37.11 42.02
CA GLY M 50 38.79 -36.46 40.76
C GLY M 50 37.59 -36.16 39.88
N ILE M 51 37.57 -34.98 39.25
CA ILE M 51 36.46 -34.59 38.32
C ILE M 51 36.65 -35.37 37.02
N ILE M 52 35.56 -35.81 36.39
CA ILE M 52 35.65 -36.53 35.10
C ILE M 52 35.08 -35.65 33.98
N GLY M 53 35.65 -35.72 32.78
CA GLY M 53 35.11 -34.96 31.62
C GLY M 53 35.55 -33.51 31.63
N MET M 54 36.47 -33.14 32.52
CA MET M 54 36.97 -31.74 32.61
C MET M 54 38.33 -31.65 31.90
N MET M 55 38.42 -30.84 30.84
CA MET M 55 39.68 -30.70 30.08
C MET M 55 40.66 -29.82 30.86
N GLY M 56 41.96 -30.09 30.75
CA GLY M 56 42.98 -29.25 31.40
C GLY M 56 43.36 -29.75 32.79
N ILE M 57 42.65 -30.74 33.32
CA ILE M 57 43.06 -31.33 34.61
C ILE M 57 43.78 -32.62 34.25
N ASN M 58 45.11 -32.62 34.30
CA ASN M 58 45.90 -33.80 33.85
C ASN M 58 45.72 -35.00 34.80
N SER M 59 45.77 -34.77 36.10
CA SER M 59 45.70 -35.88 37.09
C SER M 59 44.24 -36.25 37.38
N GLN M 60 44.01 -37.45 37.90
CA GLN M 60 42.63 -37.85 38.29
C GLN M 60 42.50 -37.68 39.81
N THR M 61 43.45 -36.98 40.43
CA THR M 61 43.44 -36.82 41.90
C THR M 61 43.13 -35.35 42.29
N PRO M 62 42.64 -35.03 43.52
CA PRO M 62 42.44 -33.63 43.93
C PRO M 62 43.68 -32.77 43.75
N SER M 63 44.85 -33.40 43.64
CA SER M 63 46.07 -32.67 43.34
C SER M 63 45.99 -32.01 41.97
N GLY M 64 45.38 -32.68 41.00
CA GLY M 64 45.21 -32.08 39.69
C GLY M 64 44.31 -30.86 39.72
N ILE M 65 43.21 -30.94 40.48
CA ILE M 65 42.33 -29.78 40.62
C ILE M 65 43.04 -28.65 41.33
N ARG M 66 43.86 -28.98 42.33
CA ARG M 66 44.63 -27.94 43.03
C ARG M 66 45.59 -27.25 42.07
N GLU M 67 46.28 -28.02 41.24
CA GLU M 67 47.20 -27.43 40.27
C GLU M 67 46.47 -26.57 39.26
N ALA M 68 45.32 -27.03 38.78
CA ALA M 68 44.53 -26.24 37.84
C ALA M 68 44.07 -24.93 38.47
N ILE M 69 43.62 -24.98 39.73
CA ILE M 69 43.20 -23.77 40.42
C ILE M 69 44.37 -22.81 40.58
N TYR M 70 45.54 -23.33 40.94
CA TYR M 70 46.71 -22.47 41.09
C TYR M 70 47.05 -21.79 39.77
N ARG M 71 47.03 -22.55 38.67
CA ARG M 71 47.36 -21.99 37.37
C ARG M 71 46.37 -20.91 36.97
N LEU M 72 45.07 -21.19 37.13
CA LEU M 72 44.05 -20.22 36.74
C LEU M 72 44.14 -18.95 37.58
N TYR M 73 44.31 -19.09 38.89
CA TYR M 73 44.42 -17.92 39.75
C TYR M 73 45.66 -17.09 39.41
N GLN M 74 46.79 -17.75 39.19
CA GLN M 74 48.01 -17.04 38.84
C GLN M 74 47.86 -16.29 37.53
N SER M 75 47.24 -16.92 36.53
CA SER M 75 47.03 -16.26 35.25
C SER M 75 46.08 -15.07 35.40
N ALA M 76 45.02 -15.23 36.20
CA ALA M 76 43.99 -14.21 36.26
C ALA M 76 44.43 -12.98 37.04
N PHE M 77 45.05 -13.17 38.21
CA PHE M 77 45.22 -12.05 39.13
C PHE M 77 46.67 -11.62 39.37
N LEU M 78 47.66 -12.35 38.85
CA LEU M 78 49.03 -12.07 39.23
C LEU M 78 49.92 -11.62 38.07
N PHE M 79 49.96 -12.38 36.98
CA PHE M 79 50.86 -12.08 35.87
C PHE M 79 50.08 -12.09 34.57
N GLY M 80 50.23 -11.03 33.77
CA GLY M 80 49.53 -10.94 32.51
C GLY M 80 50.14 -11.73 31.37
N ASP M 81 51.39 -12.17 31.53
CA ASP M 81 52.04 -12.91 30.46
C ASP M 81 51.49 -14.33 30.35
N ILE M 82 51.31 -15.01 31.49
CA ILE M 82 50.91 -16.41 31.49
C ILE M 82 49.44 -16.52 31.11
N PHE M 83 49.12 -17.47 30.24
CA PHE M 83 47.76 -17.73 29.81
C PHE M 83 47.62 -19.24 29.61
N PRO M 84 46.81 -19.93 30.41
CA PRO M 84 46.79 -21.39 30.38
C PRO M 84 46.41 -21.94 29.02
N GLU M 85 46.98 -23.08 28.62
CA GLU M 85 46.72 -23.51 27.21
C GLU M 85 45.84 -24.75 27.10
N SER M 86 45.50 -25.41 28.20
CA SER M 86 44.75 -26.68 28.06
C SER M 86 43.24 -26.55 28.34
N PHE M 87 42.76 -25.37 28.75
CA PHE M 87 41.32 -25.22 29.12
C PHE M 87 40.58 -24.57 27.96
N GLY M 88 39.25 -24.72 27.90
CA GLY M 88 38.51 -24.16 26.78
C GLY M 88 38.27 -22.68 26.92
N ILE M 89 39.34 -21.90 26.94
CA ILE M 89 39.23 -20.45 27.06
C ILE M 89 39.19 -19.86 25.66
N GLN M 90 39.02 -20.72 24.66
CA GLN M 90 38.84 -20.23 23.30
C GLN M 90 37.38 -19.94 22.99
N ASN M 91 36.47 -20.79 23.45
CA ASN M 91 35.04 -20.58 23.24
C ASN M 91 34.40 -19.88 24.45
N THR M 92 34.98 -18.76 24.85
CA THR M 92 34.50 -17.98 25.99
C THR M 92 33.78 -16.71 25.54
N GLN M 93 33.00 -16.78 24.46
CA GLN M 93 32.35 -15.59 23.93
C GLN M 93 31.38 -14.98 24.93
N ASN M 94 30.60 -15.81 25.62
CA ASN M 94 29.63 -15.34 26.59
C ASN M 94 29.87 -16.01 27.93
N ILE M 95 29.52 -15.31 29.01
CA ILE M 95 29.73 -15.83 30.36
C ILE M 95 28.40 -15.84 31.10
N LYS M 96 28.26 -16.82 31.97
CA LYS M 96 27.08 -17.06 32.79
C LYS M 96 27.10 -16.12 34.00
N PRO M 97 25.97 -15.49 34.33
CA PRO M 97 25.93 -14.58 35.48
C PRO M 97 26.21 -15.34 36.77
N PRO M 98 26.99 -14.76 37.69
CA PRO M 98 27.25 -15.44 38.96
C PRO M 98 26.11 -15.21 39.93
N PRO M 99 26.05 -15.99 41.02
CA PRO M 99 25.03 -15.73 42.04
C PRO M 99 25.19 -14.36 42.66
N GLY M 100 24.07 -13.78 43.08
CA GLY M 100 24.10 -12.46 43.67
C GLY M 100 24.81 -12.45 45.01
N PHE M 101 25.36 -11.29 45.35
CA PHE M 101 26.13 -11.15 46.57
C PHE M 101 25.23 -11.29 47.80
N THR M 102 25.82 -11.79 48.89
CA THR M 102 25.08 -12.00 50.13
C THR M 102 25.87 -11.59 51.37
N ALA M 103 26.98 -10.88 51.23
CA ALA M 103 27.79 -10.53 52.38
C ALA M 103 27.22 -9.31 53.09
N PRO M 104 26.84 -9.41 54.36
CA PRO M 104 26.33 -8.23 55.07
C PRO M 104 27.39 -7.16 55.20
N ALA M 105 26.97 -5.91 55.04
CA ALA M 105 27.87 -4.76 55.17
C ALA M 105 27.85 -4.31 56.62
N LYS M 106 28.75 -4.88 57.42
CA LYS M 106 28.87 -4.50 58.82
C LYS M 106 29.80 -3.30 58.98
N LYS M 107 31.06 -3.45 58.55
CA LYS M 107 32.00 -2.34 58.51
C LYS M 107 31.99 -1.79 57.09
N LEU M 108 31.29 -0.69 56.89
CA LEU M 108 31.14 -0.08 55.57
C LEU M 108 32.13 1.06 55.42
N GLU M 109 32.80 1.11 54.26
CA GLU M 109 33.91 2.02 54.03
C GLU M 109 33.40 3.36 53.55
N VAL M 110 33.82 4.44 54.23
CA VAL M 110 33.48 5.80 53.86
C VAL M 110 34.75 6.63 53.84
N VAL M 111 34.67 7.78 53.16
CA VAL M 111 35.83 8.71 53.06
C VAL M 111 35.33 10.10 53.48
N LEU M 112 35.95 10.70 54.50
CA LEU M 112 35.54 12.05 54.98
C LEU M 112 35.98 13.10 53.95
N PRO M 113 35.34 14.29 53.89
CA PRO M 113 35.76 15.37 52.99
C PRO M 113 37.09 15.98 53.45
N GLN M 114 37.77 16.73 52.58
CA GLN M 114 39.11 17.28 52.90
C GLN M 114 39.06 18.35 54.01
N GLY M 115 37.87 18.87 54.34
CA GLY M 115 37.76 19.96 55.33
C GLY M 115 38.31 19.61 56.70
N GLY M 116 38.15 18.36 57.16
CA GLY M 116 38.57 18.00 58.53
C GLY M 116 37.56 18.45 59.56
N ALA M 117 36.31 18.68 59.14
CA ALA M 117 35.27 19.19 60.05
C ALA M 117 34.56 18.06 60.81
N PHE M 118 34.91 16.79 60.56
CA PHE M 118 34.14 15.68 61.18
C PHE M 118 35.05 14.63 61.84
N ASP M 119 34.50 13.79 62.71
CA ASP M 119 35.27 12.71 63.40
C ASP M 119 34.64 11.36 63.09
N LEU M 120 35.39 10.43 62.49
CA LEU M 120 34.82 9.16 62.03
C LEU M 120 35.06 8.06 63.05
N ILE M 121 33.98 7.43 63.52
CA ILE M 121 34.04 6.23 64.32
C ILE M 121 33.05 5.23 63.76
N TYR M 122 33.22 3.96 64.15
CA TYR M 122 32.51 2.86 63.53
C TYR M 122 31.73 2.07 64.57
N ASN M 123 30.67 1.42 64.11
CA ASN M 123 29.85 0.55 64.95
C ASN M 123 29.52 -0.70 64.15
N ASN M 124 28.62 -1.52 64.69
CA ASN M 124 28.35 -2.82 64.08
C ASN M 124 27.77 -2.68 62.68
N GLY M 125 26.82 -1.77 62.49
CA GLY M 125 26.22 -1.58 61.19
C GLY M 125 25.96 -0.13 60.86
N GLU M 126 26.36 0.77 61.76
CA GLU M 126 26.11 2.19 61.62
C GLU M 126 27.42 2.96 61.76
N ILE M 127 27.44 4.16 61.18
CA ILE M 127 28.55 5.08 61.32
C ILE M 127 28.00 6.39 61.88
N ARG M 128 28.83 7.07 62.68
CA ARG M 128 28.47 8.36 63.23
C ARG M 128 29.70 9.26 63.22
N VAL M 129 29.46 10.55 63.02
CA VAL M 129 30.53 11.54 62.98
C VAL M 129 30.20 12.67 63.93
N THR M 130 31.24 13.21 64.58
CA THR M 130 31.05 14.35 65.51
C THR M 130 31.56 15.60 64.78
N THR M 131 30.93 16.75 64.99
CA THR M 131 31.33 17.94 64.19
C THR M 131 32.37 18.78 64.94
N THR M 132 33.60 18.85 64.41
CA THR M 132 34.67 19.65 65.06
C THR M 132 34.30 21.14 65.06
N ARG M 133 33.71 21.63 63.96
CA ARG M 133 33.36 23.06 63.84
C ARG M 133 31.90 23.18 63.39
N ASN M 134 31.28 24.35 63.53
CA ASN M 134 29.85 24.52 63.17
C ASN M 134 29.69 24.19 61.68
N VAL M 135 28.67 23.42 61.31
CA VAL M 135 28.51 22.99 59.89
C VAL M 135 27.17 23.51 59.33
N GLN M 136 27.18 24.14 58.16
CA GLN M 136 25.95 24.67 57.53
C GLN M 136 25.15 23.51 56.95
N ALA M 137 23.82 23.55 57.06
CA ALA M 137 22.98 22.47 56.54
C ALA M 137 23.01 22.45 55.03
N GLY M 138 23.04 21.25 54.46
CA GLY M 138 22.99 21.09 53.02
C GLY M 138 24.35 20.93 52.37
N ASP M 139 25.22 20.12 52.97
CA ASP M 139 26.54 19.85 52.41
C ASP M 139 26.94 18.41 52.71
N LEU M 140 27.84 17.89 51.88
CA LEU M 140 28.29 16.52 52.04
C LEU M 140 29.13 16.38 53.31
N VAL M 141 28.87 15.33 54.08
CA VAL M 141 29.65 15.05 55.27
C VAL M 141 30.37 13.72 55.11
N CYS M 142 29.78 12.82 54.32
CA CYS M 142 30.34 11.49 54.11
C CYS M 142 29.87 10.95 52.77
N THR M 143 30.63 9.99 52.25
CA THR M 143 30.24 9.24 51.06
C THR M 143 30.98 7.92 51.08
N VAL M 144 30.30 6.87 50.63
CA VAL M 144 30.84 5.52 50.68
C VAL M 144 31.68 5.28 49.43
N THR M 145 32.66 4.39 49.56
CA THR M 145 33.47 3.94 48.44
C THR M 145 33.29 2.46 48.11
N PHE M 146 32.70 1.68 49.02
CA PHE M 146 32.42 0.27 48.77
C PHE M 146 30.94 0.12 48.48
N PRO M 147 30.55 -0.26 47.26
CA PRO M 147 29.13 -0.25 46.90
C PRO M 147 28.29 -1.12 47.84
N ILE M 148 27.12 -0.59 48.19
CA ILE M 148 26.16 -1.29 49.04
C ILE M 148 24.78 -1.14 48.43
N GLN M 149 23.87 -1.99 48.87
CA GLN M 149 22.47 -1.90 48.46
C GLN M 149 21.60 -2.54 49.52
N GLY M 150 20.45 -1.94 49.78
CA GLY M 150 19.54 -2.42 50.80
C GLY M 150 18.78 -1.26 51.40
N SER M 151 17.99 -1.59 52.43
CA SER M 151 17.17 -0.60 53.10
C SER M 151 18.01 0.27 54.02
N VAL M 152 17.37 1.29 54.59
CA VAL M 152 18.06 2.15 55.61
C VAL M 152 17.33 1.95 56.94
N ILE M 153 18.06 1.66 58.03
CA ILE M 153 17.40 1.33 59.32
C ILE M 153 16.99 2.59 60.08
N ALA M 154 17.92 3.52 60.30
CA ALA M 154 17.60 4.71 61.11
C ALA M 154 18.56 5.85 60.81
N THR M 155 18.03 6.97 60.30
CA THR M 155 18.87 8.16 59.99
C THR M 155 18.39 9.35 60.80
N ARG M 156 19.27 9.92 61.64
CA ARG M 156 18.91 11.08 62.45
C ARG M 156 19.85 12.22 62.16
N ASN M 157 19.28 13.42 62.06
CA ASN M 157 20.02 14.65 61.74
C ASN M 157 20.77 14.54 60.42
N CYS M 158 20.26 13.73 59.50
CA CYS M 158 20.86 13.56 58.19
C CYS M 158 19.79 13.03 57.24
N HIS M 159 20.04 13.19 55.95
CA HIS M 159 19.10 12.77 54.92
C HIS M 159 19.84 12.06 53.80
N VAL M 160 19.23 11.00 53.28
CA VAL M 160 19.76 10.26 52.14
C VAL M 160 18.66 10.11 51.10
N ASN M 161 19.07 9.90 49.86
CA ASN M 161 18.12 9.75 48.75
C ASN M 161 17.56 8.34 48.78
N GLU M 162 16.39 8.20 49.39
CA GLU M 162 15.71 6.91 49.49
C GLU M 162 14.22 7.11 49.26
N ILE M 163 13.59 6.10 48.67
CA ILE M 163 12.15 6.08 48.45
C ILE M 163 11.59 4.75 48.96
N GLY M 164 10.52 4.83 49.74
CA GLY M 164 9.92 3.62 50.28
C GLY M 164 10.81 2.83 51.20
N GLY M 165 11.80 3.47 51.82
CA GLY M 165 12.74 2.79 52.68
C GLY M 165 13.89 2.13 51.97
N GLN M 166 14.00 2.27 50.66
CA GLN M 166 15.02 1.61 49.86
C GLN M 166 15.98 2.65 49.30
N LEU M 167 17.28 2.38 49.40
CA LEU M 167 18.28 3.30 48.89
C LEU M 167 18.17 3.41 47.37
N THR M 168 18.48 4.59 46.85
CA THR M 168 18.37 4.83 45.41
C THR M 168 19.64 4.38 44.68
N THR M 169 20.77 4.94 45.05
CA THR M 169 22.05 4.63 44.41
C THR M 169 22.86 3.67 45.27
N THR M 170 23.83 3.02 44.63
CA THR M 170 24.72 2.09 45.33
C THR M 170 25.86 2.79 46.05
N ARG M 171 26.00 4.10 45.88
CA ARG M 171 26.98 4.91 46.61
C ARG M 171 26.23 6.06 47.29
N PRO M 172 25.49 5.78 48.36
CA PRO M 172 24.75 6.85 49.04
C PRO M 172 25.70 7.88 49.64
N GLU M 173 25.27 9.14 49.59
CA GLU M 173 26.02 10.25 50.19
C GLU M 173 25.20 10.83 51.33
N ILE M 174 25.83 10.99 52.49
CA ILE M 174 25.17 11.53 53.67
C ILE M 174 25.32 13.04 53.66
N ILE M 175 24.20 13.76 53.66
CA ILE M 175 24.18 15.21 53.61
C ILE M 175 23.47 15.73 54.85
N ALA M 176 24.11 16.69 55.53
CA ALA M 176 23.48 17.33 56.67
C ALA M 176 22.23 18.09 56.23
N SER M 177 21.18 18.01 57.04
CA SER M 177 19.89 18.60 56.70
C SER M 177 19.51 19.79 57.57
N VAL M 178 20.05 19.90 58.78
CA VAL M 178 19.65 20.94 59.72
C VAL M 178 20.92 21.61 60.24
N PRO M 179 20.92 22.93 60.46
CA PRO M 179 22.09 23.56 61.11
C PRO M 179 22.34 22.94 62.48
N MET M 180 23.61 22.67 62.76
CA MET M 180 24.01 21.89 63.92
C MET M 180 25.38 22.33 64.44
N PRO M 181 25.42 23.21 65.44
CA PRO M 181 26.72 23.66 65.97
C PRO M 181 27.17 22.91 67.21
N ALA M 182 28.38 23.21 67.67
CA ALA M 182 28.88 22.83 68.99
C ALA M 182 28.98 21.31 69.17
N ARG M 183 29.74 20.69 68.26
CA ARG M 183 30.14 19.29 68.36
C ARG M 183 28.94 18.36 68.55
N THR M 184 28.07 18.36 67.55
CA THR M 184 26.91 17.48 67.52
C THR M 184 27.32 16.12 66.96
N VAL M 185 26.36 15.20 66.83
CA VAL M 185 26.61 13.88 66.27
C VAL M 185 25.44 13.51 65.37
N ILE M 186 25.74 12.90 64.23
CA ILE M 186 24.72 12.41 63.30
C ILE M 186 25.00 10.92 63.04
N VAL M 187 23.94 10.13 63.01
CA VAL M 187 24.04 8.67 62.96
C VAL M 187 23.23 8.16 61.78
N ALA M 188 23.82 7.22 61.04
CA ALA M 188 23.14 6.56 59.92
C ALA M 188 23.47 5.09 59.96
N SER M 189 22.41 4.27 59.93
CA SER M 189 22.58 2.80 59.91
C SER M 189 22.00 2.26 58.61
N PHE M 190 22.47 1.10 58.17
CA PHE M 190 22.01 0.49 56.93
C PHE M 190 21.80 -1.01 57.11
N ASP M 191 20.70 -1.51 56.56
CA ASP M 191 20.48 -2.94 56.40
C ASP M 191 20.82 -3.28 54.94
N ALA M 192 22.12 -3.39 54.67
CA ALA M 192 22.55 -3.56 53.26
C ALA M 192 23.47 -4.76 53.06
N ILE M 193 23.82 -5.03 51.81
CA ILE M 193 24.74 -6.14 51.45
C ILE M 193 25.92 -5.52 50.71
N GLU M 194 27.15 -5.78 51.16
CA GLU M 194 28.37 -5.28 50.47
C GLU M 194 28.76 -6.26 49.37
N ILE M 195 29.71 -5.89 48.51
CA ILE M 195 30.22 -6.86 47.49
C ILE M 195 30.86 -8.01 48.27
N GLY M 196 30.54 -9.26 47.91
CA GLY M 196 31.14 -10.43 48.57
C GLY M 196 30.13 -11.51 48.86
N TYR M 197 30.54 -12.59 49.52
CA TYR M 197 29.64 -13.71 49.90
C TYR M 197 29.92 -14.08 51.35
N GLY M 198 28.93 -14.04 52.23
CA GLY M 198 29.13 -14.28 53.67
C GLY M 198 29.53 -15.67 54.11
N GLU M 199 28.94 -16.72 53.53
CA GLU M 199 29.20 -18.10 54.01
C GLU M 199 30.60 -18.56 53.62
N GLY M 200 31.16 -19.53 54.34
CA GLY M 200 32.50 -20.06 54.02
C GLY M 200 33.62 -19.22 54.58
N ASP M 201 33.34 -18.40 55.59
CA ASP M 201 34.37 -17.49 56.16
C ASP M 201 35.53 -18.30 56.75
N ASP M 202 35.24 -19.42 57.42
CA ASP M 202 36.31 -20.28 57.98
C ASP M 202 37.14 -20.85 56.84
N LEU M 203 36.49 -21.48 55.86
CA LEU M 203 37.17 -22.06 54.71
C LEU M 203 38.04 -21.03 54.00
N PHE M 204 37.58 -19.78 53.94
CA PHE M 204 38.41 -18.71 53.40
C PHE M 204 39.66 -18.51 54.26
N ALA M 205 39.52 -18.59 55.59
CA ALA M 205 40.66 -18.39 56.47
C ALA M 205 41.72 -19.48 56.26
N ILE M 206 41.29 -20.74 56.15
CA ILE M 206 42.26 -21.79 55.82
C ILE M 206 42.84 -21.62 54.42
N GLY M 207 42.03 -21.30 53.41
CA GLY M 207 42.52 -21.24 52.05
C GLY M 207 43.40 -20.06 51.72
N ILE M 208 43.23 -18.95 52.43
CA ILE M 208 44.03 -17.76 52.12
C ILE M 208 45.49 -18.00 52.50
N ALA M 209 45.74 -18.72 53.59
CA ALA M 209 47.12 -19.03 53.97
C ALA M 209 47.77 -19.94 52.92
N ILE M 210 47.03 -20.94 52.45
CA ILE M 210 47.56 -21.82 51.40
C ILE M 210 47.87 -21.02 50.15
N LEU M 211 46.95 -20.14 49.75
CA LEU M 211 47.14 -19.35 48.54
C LEU M 211 48.25 -18.32 48.68
N SER M 212 48.53 -17.87 49.90
CA SER M 212 49.56 -16.87 50.14
C SER M 212 50.94 -17.49 50.33
N ASN M 213 51.02 -18.74 50.78
CA ASN M 213 52.33 -19.37 50.93
C ASN M 213 53.05 -19.49 49.60
N ARG M 214 52.32 -19.86 48.54
CA ARG M 214 52.93 -19.92 47.21
C ARG M 214 53.30 -18.53 46.71
N PHE M 215 52.35 -17.59 46.77
CA PHE M 215 52.57 -16.22 46.31
C PHE M 215 52.85 -15.30 47.50
N ASN M 216 53.98 -15.55 48.16
CA ASN M 216 54.33 -14.76 49.33
C ASN M 216 54.67 -13.32 48.96
N GLY M 217 55.16 -13.08 47.75
CA GLY M 217 55.49 -11.74 47.33
C GLY M 217 54.34 -10.92 46.80
N GLN M 218 53.16 -11.52 46.67
CA GLN M 218 52.01 -10.83 46.10
C GLN M 218 50.79 -10.86 46.98
N ILE M 219 50.58 -11.93 47.73
CA ILE M 219 49.37 -12.12 48.55
C ILE M 219 49.79 -12.39 49.98
N THR M 220 49.11 -11.74 50.94
CA THR M 220 49.32 -11.94 52.35
C THR M 220 47.99 -12.29 53.01
N PRO M 221 48.02 -13.06 54.09
CA PRO M 221 46.77 -13.40 54.78
C PRO M 221 46.08 -12.15 55.34
N MET M 222 44.76 -12.13 55.24
CA MET M 222 43.95 -11.02 55.73
C MET M 222 42.50 -11.50 55.79
N SER M 223 41.62 -10.63 56.27
CA SER M 223 40.21 -10.96 56.34
C SER M 223 39.58 -10.90 54.96
N ARG M 224 38.36 -11.43 54.86
CA ARG M 224 37.65 -11.41 53.58
C ARG M 224 37.27 -9.99 53.19
N HIS M 225 36.94 -9.14 54.17
CA HIS M 225 36.53 -7.78 53.87
C HIS M 225 37.65 -6.98 53.22
N ASN M 226 38.85 -7.03 53.82
CA ASN M 226 40.00 -6.33 53.24
C ASN M 226 40.35 -6.89 51.86
N TYR M 227 40.29 -8.21 51.72
CA TYR M 227 40.55 -8.86 50.44
C TYR M 227 39.61 -8.31 49.36
N MET M 228 38.31 -8.25 49.67
CA MET M 228 37.34 -7.74 48.70
C MET M 228 37.56 -6.26 48.42
N THR M 229 37.86 -5.45 49.44
CA THR M 229 38.08 -4.03 49.20
C THR M 229 39.24 -3.82 48.25
N GLN M 230 40.37 -4.50 48.50
CA GLN M 230 41.52 -4.33 47.63
C GLN M 230 41.25 -4.88 46.23
N MET M 231 40.61 -6.04 46.14
CA MET M 231 40.33 -6.63 44.82
C MET M 231 39.42 -5.74 44.00
N PHE M 232 38.39 -5.16 44.63
CA PHE M 232 37.49 -4.27 43.92
C PHE M 232 38.20 -2.98 43.53
N ALA M 233 39.07 -2.47 44.40
CA ALA M 233 39.83 -1.27 44.07
C ALA M 233 40.81 -1.49 42.93
N ASN M 234 41.26 -2.73 42.72
CA ASN M 234 42.23 -3.02 41.67
C ASN M 234 41.59 -3.38 40.33
N LEU M 235 40.25 -3.39 40.25
CA LEU M 235 39.59 -3.66 38.98
C LEU M 235 39.75 -2.48 38.03
N PRO M 236 39.82 -2.72 36.73
CA PRO M 236 39.86 -1.62 35.77
C PRO M 236 38.55 -0.85 35.78
N ALA M 237 38.65 0.46 35.53
CA ALA M 237 37.48 1.33 35.58
C ALA M 237 36.55 1.07 34.40
N ASN M 238 37.10 0.89 33.20
CA ASN M 238 36.29 0.71 32.00
C ASN M 238 36.00 -0.77 31.78
N MET M 239 35.19 -1.31 32.68
CA MET M 239 34.76 -2.70 32.61
C MET M 239 33.28 -2.77 32.91
N SER M 240 32.57 -3.62 32.17
CA SER M 240 31.14 -3.83 32.42
C SER M 240 30.93 -4.42 33.81
N GLU M 241 29.81 -4.03 34.43
CA GLU M 241 29.54 -4.48 35.79
C GLU M 241 29.20 -5.96 35.86
N ARG M 242 28.90 -6.60 34.73
CA ARG M 242 28.62 -8.03 34.73
C ARG M 242 29.91 -8.84 34.81
N ASP M 243 30.98 -8.37 34.17
CA ASP M 243 32.26 -9.07 34.24
C ASP M 243 32.91 -8.92 35.61
N SER M 244 32.74 -7.74 36.22
CA SER M 244 33.28 -7.53 37.56
C SER M 244 32.71 -8.54 38.54
N SER M 245 31.42 -8.88 38.39
CA SER M 245 30.81 -9.86 39.27
C SER M 245 31.49 -11.23 39.12
N ALA M 246 31.77 -11.65 37.88
CA ALA M 246 32.45 -12.92 37.66
C ALA M 246 33.85 -12.92 38.27
N VAL M 247 34.60 -11.82 38.05
CA VAL M 247 35.95 -11.74 38.59
C VAL M 247 35.93 -11.82 40.11
N LEU M 248 35.03 -11.06 40.74
CA LEU M 248 34.94 -11.07 42.19
C LEU M 248 34.38 -12.37 42.74
N HIS M 249 33.62 -13.12 41.94
CA HIS M 249 33.15 -14.43 42.37
C HIS M 249 34.29 -15.44 42.38
N PHE M 250 35.11 -15.45 41.33
CA PHE M 250 36.23 -16.39 41.30
C PHE M 250 37.27 -16.04 42.35
N ALA M 251 37.48 -14.74 42.60
CA ALA M 251 38.49 -14.31 43.56
C ALA M 251 38.20 -14.84 44.96
N GLN M 252 36.94 -15.10 45.28
CA GLN M 252 36.60 -15.73 46.54
C GLN M 252 36.41 -17.24 46.44
N ALA M 253 35.94 -17.73 45.29
CA ALA M 253 35.73 -19.16 45.15
C ALA M 253 37.02 -19.93 45.23
N ALA M 254 38.12 -19.38 44.70
CA ALA M 254 39.39 -20.11 44.74
C ALA M 254 39.88 -20.38 46.16
N PRO M 255 40.02 -19.38 47.05
CA PRO M 255 40.45 -19.70 48.42
C PRO M 255 39.47 -20.60 49.17
N VAL M 256 38.17 -20.42 48.93
CA VAL M 256 37.18 -21.23 49.64
C VAL M 256 37.31 -22.69 49.27
N VAL M 257 37.48 -22.98 47.97
CA VAL M 257 37.65 -24.37 47.55
C VAL M 257 38.98 -24.93 48.02
N LEU M 258 40.03 -24.09 48.01
CA LEU M 258 41.33 -24.55 48.51
C LEU M 258 41.24 -24.94 49.98
N GLY M 259 40.53 -24.15 50.79
CA GLY M 259 40.32 -24.52 52.19
C GLY M 259 39.33 -25.66 52.37
N MET M 260 38.42 -25.84 51.41
CA MET M 260 37.46 -26.93 51.49
C MET M 260 38.12 -28.28 51.23
N MET M 261 39.09 -28.32 50.32
CA MET M 261 39.75 -29.58 50.01
C MET M 261 40.61 -30.09 51.17
N GLU M 262 40.93 -29.24 52.13
CA GLU M 262 41.73 -29.67 53.28
C GLU M 262 40.86 -30.10 54.45
N ARG M 263 39.86 -29.29 54.80
CA ARG M 263 38.87 -29.66 55.81
C ARG M 263 37.64 -30.19 55.09
N LEU M 264 37.41 -31.50 55.18
CA LEU M 264 36.44 -32.16 54.32
C LEU M 264 35.01 -31.95 54.79
N THR M 265 34.60 -30.70 54.98
CA THR M 265 33.24 -30.37 55.36
C THR M 265 32.44 -30.00 54.11
N GLY M 266 31.24 -29.48 54.31
CA GLY M 266 30.38 -29.12 53.21
C GLY M 266 30.86 -27.87 52.48
N ALA M 267 30.07 -27.46 51.49
CA ALA M 267 30.38 -26.32 50.66
C ALA M 267 29.26 -25.29 50.75
N PRO M 268 29.59 -24.01 50.60
CA PRO M 268 28.56 -22.97 50.59
C PRO M 268 27.67 -23.08 49.37
N LYS M 269 26.45 -22.56 49.49
CA LYS M 269 25.51 -22.61 48.39
C LYS M 269 25.98 -21.76 47.22
N TRP M 270 26.63 -20.64 47.48
CA TRP M 270 27.05 -19.75 46.40
C TRP M 270 28.22 -20.33 45.60
N VAL M 271 28.93 -21.31 46.15
CA VAL M 271 29.98 -21.99 45.38
C VAL M 271 29.38 -23.09 44.54
N LEU M 272 28.55 -23.94 45.15
CA LEU M 272 28.04 -25.12 44.46
C LEU M 272 26.99 -24.75 43.43
N ASP M 273 26.12 -23.79 43.74
CA ASP M 273 25.07 -23.35 42.83
C ASP M 273 25.59 -22.22 41.94
N TYR M 274 26.51 -22.58 41.06
CA TYR M 274 27.00 -21.63 40.06
C TYR M 274 26.43 -21.96 38.68
N MET N 1 30.81 26.77 -6.96
CA MET N 1 30.85 25.34 -7.25
C MET N 1 32.20 24.74 -6.88
N ASN N 2 32.23 23.95 -5.82
CA ASN N 2 33.45 23.34 -5.31
C ASN N 2 33.48 21.87 -5.68
N LEU N 3 34.58 21.43 -6.28
CA LEU N 3 34.73 20.04 -6.71
C LEU N 3 36.19 19.74 -6.94
N GLU N 4 36.55 18.47 -6.82
CA GLU N 4 37.92 18.01 -7.05
C GLU N 4 37.92 16.91 -8.09
N ILE N 5 38.90 16.96 -8.98
CA ILE N 5 39.00 16.05 -10.12
C ILE N 5 40.26 15.22 -9.95
N ASN N 6 40.09 13.89 -9.92
CA ASN N 6 41.21 12.99 -9.74
C ASN N 6 41.90 12.74 -11.08
N ASN N 7 42.92 11.87 -11.06
CA ASN N 7 43.71 11.58 -12.24
C ASN N 7 43.14 10.46 -13.09
N PHE N 8 42.08 9.79 -12.64
CA PHE N 8 41.38 8.80 -13.44
C PHE N 8 40.26 9.40 -14.26
N ALA N 9 40.12 10.72 -14.25
CA ALA N 9 39.04 11.37 -14.97
C ALA N 9 38.97 11.04 -16.47
N PRO N 10 40.07 10.97 -17.22
CA PRO N 10 39.94 10.61 -18.65
C PRO N 10 39.34 9.22 -18.88
N ALA N 11 39.71 8.23 -18.06
CA ALA N 11 39.17 6.89 -18.25
C ALA N 11 37.68 6.85 -17.96
N ILE N 12 37.24 7.53 -16.89
CA ILE N 12 35.82 7.62 -16.59
C ILE N 12 35.09 8.37 -17.69
N SER N 13 35.72 9.43 -18.21
CA SER N 13 35.09 10.30 -19.17
C SER N 13 34.91 9.63 -20.52
N SER N 14 35.82 8.74 -20.91
CA SER N 14 35.64 8.01 -22.16
C SER N 14 34.38 7.15 -22.11
N ILE N 15 34.20 6.41 -21.01
CA ILE N 15 33.01 5.58 -20.84
C ILE N 15 31.76 6.46 -20.80
N GLY N 16 31.83 7.57 -20.07
CA GLY N 16 30.67 8.45 -19.99
C GLY N 16 30.27 9.01 -21.34
N SER N 17 31.25 9.45 -22.13
CA SER N 17 30.97 10.00 -23.45
C SER N 17 30.41 8.92 -24.38
N GLN N 18 30.94 7.71 -24.29
CA GLN N 18 30.39 6.62 -25.11
C GLN N 18 28.94 6.34 -24.74
N LEU N 19 28.63 6.33 -23.44
CA LEU N 19 27.25 6.12 -22.99
C LEU N 19 26.33 7.24 -23.49
N CYS N 20 26.80 8.49 -23.40
CA CYS N 20 26.00 9.61 -23.87
C CYS N 20 25.74 9.51 -25.37
N SER N 21 26.77 9.15 -26.15
CA SER N 21 26.59 9.00 -27.59
C SER N 21 25.60 7.89 -27.92
N LEU N 22 25.70 6.76 -27.22
CA LEU N 22 24.78 5.66 -27.48
C LEU N 22 23.35 6.07 -27.15
N SER N 23 23.14 6.76 -26.02
CA SER N 23 21.80 7.20 -25.67
C SER N 23 21.25 8.19 -26.70
N ALA N 24 22.09 9.11 -27.17
CA ALA N 24 21.63 10.06 -28.19
C ALA N 24 21.24 9.35 -29.48
N GLN N 25 22.05 8.39 -29.93
CA GLN N 25 21.71 7.64 -31.14
C GLN N 25 20.42 6.86 -30.95
N LYS N 26 20.25 6.27 -29.77
CA LYS N 26 19.01 5.49 -29.47
C LYS N 26 17.81 6.44 -29.56
N LEU N 27 17.92 7.63 -28.97
CA LEU N 27 16.82 8.58 -28.99
C LEU N 27 16.47 9.00 -30.41
N LEU N 28 17.49 9.32 -31.22
CA LEU N 28 17.20 9.72 -32.60
C LEU N 28 16.56 8.60 -33.39
N THR N 29 17.05 7.37 -33.23
CA THR N 29 16.50 6.24 -33.96
C THR N 29 15.04 6.01 -33.57
N CYS N 30 14.75 6.04 -32.27
CA CYS N 30 13.36 5.90 -31.83
C CYS N 30 12.50 7.08 -32.24
N ARG N 31 13.10 8.25 -32.47
CA ARG N 31 12.37 9.43 -32.87
C ARG N 31 11.98 9.38 -34.34
N LYS N 32 12.85 8.83 -35.20
CA LYS N 32 12.54 8.80 -36.62
C LYS N 32 11.50 7.75 -37.00
N GLN N 33 11.19 6.81 -36.10
CA GLN N 33 10.21 5.78 -36.38
C GLN N 33 9.00 5.87 -35.46
N TYR N 34 8.67 7.08 -35.02
CA TYR N 34 7.51 7.30 -34.14
C TYR N 34 6.30 7.59 -35.00
N GLY N 35 5.32 6.68 -34.98
CA GLY N 35 4.06 6.90 -35.66
C GLY N 35 3.05 7.48 -34.69
N ASN N 36 2.43 8.59 -35.08
CA ASN N 36 1.47 9.25 -34.20
C ASN N 36 0.33 8.31 -33.87
N GLY N 37 0.01 8.19 -32.58
CA GLY N 37 -1.00 7.26 -32.15
C GLY N 37 -1.43 7.54 -30.73
N ALA N 38 -2.10 6.55 -30.15
CA ALA N 38 -2.62 6.71 -28.79
C ALA N 38 -1.49 6.90 -27.79
N LYS N 39 -0.41 6.15 -27.94
CA LYS N 39 0.72 6.24 -27.03
C LYS N 39 1.52 7.51 -27.32
N SER N 40 1.77 8.30 -26.27
CA SER N 40 2.51 9.53 -26.43
C SER N 40 3.98 9.24 -26.71
N PHE N 41 4.72 10.29 -27.09
CA PHE N 41 6.13 10.12 -27.41
C PHE N 41 6.95 9.84 -26.16
N GLU N 42 6.59 10.44 -25.02
CA GLU N 42 7.32 10.16 -23.79
C GLU N 42 7.19 8.69 -23.38
N GLU N 43 5.97 8.15 -23.46
CA GLU N 43 5.75 6.74 -23.19
C GLU N 43 6.50 5.87 -24.21
N PHE N 44 6.45 6.27 -25.48
CA PHE N 44 7.11 5.51 -26.53
C PHE N 44 8.62 5.43 -26.28
N TYR N 45 9.23 6.53 -25.86
CA TYR N 45 10.69 6.54 -25.58
C TYR N 45 10.99 5.67 -24.36
N ALA N 46 10.18 5.76 -23.31
CA ALA N 46 10.50 5.04 -22.06
C ALA N 46 10.50 3.53 -22.29
N GLU N 47 9.64 3.04 -23.17
CA GLU N 47 9.53 1.58 -23.39
C GLU N 47 10.78 1.03 -24.08
N ILE N 48 11.17 1.57 -25.24
CA ILE N 48 12.31 0.97 -26.00
C ILE N 48 13.32 2.05 -26.41
N GLY N 49 13.61 3.00 -25.51
CA GLY N 49 14.60 4.04 -25.79
C GLY N 49 15.69 4.09 -24.73
N GLY N 50 15.50 3.37 -23.63
CA GLY N 50 16.51 3.32 -22.59
C GLY N 50 17.28 2.02 -22.54
N ILE N 51 16.91 1.07 -23.41
CA ILE N 51 17.54 -0.25 -23.41
C ILE N 51 18.82 -0.19 -24.24
N ILE N 52 19.94 0.15 -23.61
CA ILE N 52 21.23 0.20 -24.27
C ILE N 52 22.22 -0.62 -23.46
N GLY N 53 22.93 -1.51 -24.14
CA GLY N 53 23.87 -2.42 -23.51
C GLY N 53 25.29 -2.20 -24.00
N MET N 54 26.23 -2.24 -23.06
CA MET N 54 27.65 -2.17 -23.36
C MET N 54 28.40 -2.65 -22.12
N MET N 55 29.72 -2.61 -22.19
CA MET N 55 30.54 -3.08 -21.08
C MET N 55 30.25 -2.26 -19.83
N GLY N 56 29.95 -2.96 -18.73
CA GLY N 56 29.68 -2.30 -17.47
C GLY N 56 28.21 -2.03 -17.20
N ILE N 57 27.58 -1.19 -18.02
CA ILE N 57 26.20 -0.79 -17.78
C ILE N 57 25.25 -1.80 -18.45
N ASN N 58 24.21 -2.19 -17.73
CA ASN N 58 23.31 -3.24 -18.16
C ASN N 58 21.87 -2.92 -17.81
N SER N 59 21.44 -1.68 -18.04
CA SER N 59 20.11 -1.24 -17.65
C SER N 59 19.23 -0.99 -18.86
N GLN N 60 17.94 -1.26 -18.71
CA GLN N 60 16.96 -1.18 -19.78
C GLN N 60 15.84 -0.19 -19.46
N THR N 61 16.16 0.87 -18.73
CA THR N 61 15.21 1.91 -18.38
C THR N 61 15.94 3.24 -18.45
N PRO N 62 15.25 4.34 -18.79
CA PRO N 62 15.90 5.65 -18.71
C PRO N 62 16.42 5.99 -17.32
N SER N 63 15.76 5.49 -16.27
CA SER N 63 16.29 5.67 -14.93
C SER N 63 17.63 4.98 -14.77
N GLY N 64 17.81 3.84 -15.43
CA GLY N 64 19.07 3.13 -15.34
C GLY N 64 20.23 3.92 -15.92
N ILE N 65 20.05 4.50 -17.11
CA ILE N 65 21.12 5.28 -17.70
C ILE N 65 21.28 6.61 -16.97
N ARG N 66 20.20 7.14 -16.39
CA ARG N 66 20.34 8.32 -15.53
C ARG N 66 21.23 8.01 -14.33
N GLU N 67 21.01 6.86 -13.68
CA GLU N 67 21.84 6.50 -12.54
C GLU N 67 23.27 6.18 -12.96
N ALA N 68 23.45 5.61 -14.16
CA ALA N 68 24.80 5.41 -14.67
C ALA N 68 25.53 6.74 -14.84
N ILE N 69 24.83 7.74 -15.39
CA ILE N 69 25.41 9.08 -15.52
C ILE N 69 25.77 9.64 -14.14
N TYR N 70 24.87 9.46 -13.17
CA TYR N 70 25.15 9.93 -11.81
C TYR N 70 26.41 9.28 -11.26
N ARG N 71 26.54 7.96 -11.40
CA ARG N 71 27.68 7.24 -10.87
C ARG N 71 28.98 7.72 -11.52
N LEU N 72 28.97 7.84 -12.85
CA LEU N 72 30.18 8.28 -13.55
C LEU N 72 30.56 9.71 -13.15
N TYR N 73 29.57 10.60 -13.07
CA TYR N 73 29.85 11.98 -12.70
C TYR N 73 30.43 12.07 -11.30
N GLN N 74 29.85 11.35 -10.34
CA GLN N 74 30.37 11.38 -8.98
C GLN N 74 31.77 10.79 -8.91
N SER N 75 32.01 9.69 -9.64
CA SER N 75 33.33 9.06 -9.59
C SER N 75 34.39 9.91 -10.27
N ALA N 76 34.02 10.76 -11.21
CA ALA N 76 34.99 11.54 -11.96
C ALA N 76 35.24 12.93 -11.38
N PHE N 77 34.19 13.65 -10.96
CA PHE N 77 34.32 15.07 -10.66
C PHE N 77 34.09 15.42 -9.20
N LEU N 78 33.62 14.49 -8.37
CA LEU N 78 33.31 14.80 -6.98
C LEU N 78 34.01 13.90 -5.98
N PHE N 79 34.50 12.74 -6.39
CA PHE N 79 35.20 11.85 -5.47
C PHE N 79 36.64 12.29 -5.33
N GLY N 80 37.13 12.30 -4.09
CA GLY N 80 38.42 12.91 -3.79
C GLY N 80 39.61 12.34 -4.53
N ASP N 81 40.03 11.12 -4.18
CA ASP N 81 41.21 10.48 -4.84
C ASP N 81 40.96 8.97 -5.00
N ILE N 82 40.78 8.52 -6.24
CA ILE N 82 40.43 7.08 -6.48
C ILE N 82 41.57 6.13 -6.09
N PHE N 83 42.77 6.36 -6.61
CA PHE N 83 43.87 5.38 -6.37
C PHE N 83 45.23 6.07 -6.20
N PRO N 84 46.33 5.39 -5.80
CA PRO N 84 47.67 6.01 -5.82
C PRO N 84 47.92 6.45 -7.27
N GLU N 85 48.69 7.51 -7.48
CA GLU N 85 48.85 8.06 -8.86
C GLU N 85 49.50 7.06 -9.83
N SER N 86 50.51 6.30 -9.39
CA SER N 86 51.24 5.42 -10.33
C SER N 86 50.31 4.37 -10.98
N PHE N 87 49.27 3.94 -10.28
CA PHE N 87 48.32 2.94 -10.86
C PHE N 87 47.71 3.51 -12.15
N GLY N 88 47.31 4.78 -12.12
CA GLY N 88 46.74 5.44 -13.32
C GLY N 88 47.73 5.67 -14.44
N ILE N 89 48.94 6.11 -14.10
CA ILE N 89 49.97 6.44 -15.12
C ILE N 89 50.31 5.18 -15.91
N GLN N 90 50.32 4.03 -15.27
CA GLN N 90 50.78 2.79 -15.95
C GLN N 90 49.65 2.12 -16.74
N ASN N 91 48.47 2.77 -16.86
CA ASN N 91 47.37 2.24 -17.71
C ASN N 91 47.83 2.17 -19.15
N THR N 92 47.49 1.09 -19.85
CA THR N 92 47.92 0.89 -21.26
C THR N 92 46.73 1.16 -22.19
N GLN N 93 45.51 0.76 -21.79
CA GLN N 93 44.29 1.03 -22.57
C GLN N 93 44.26 2.48 -23.09
N ASN N 94 43.87 2.67 -24.35
CA ASN N 94 43.91 4.01 -24.98
C ASN N 94 42.48 4.53 -25.21
N ILE N 95 42.32 5.83 -25.44
CA ILE N 95 41.01 6.43 -25.61
C ILE N 95 40.92 7.09 -26.98
N LYS N 96 39.77 7.66 -27.29
CA LYS N 96 39.47 8.25 -28.58
C LYS N 96 39.38 9.78 -28.45
N PRO N 97 39.99 10.52 -29.37
CA PRO N 97 39.95 11.99 -29.28
C PRO N 97 38.53 12.50 -29.36
N PRO N 98 38.19 13.52 -28.58
CA PRO N 98 36.84 14.09 -28.63
C PRO N 98 36.74 15.13 -29.74
N PRO N 99 35.52 15.50 -30.13
CA PRO N 99 35.37 16.51 -31.19
C PRO N 99 35.91 17.87 -30.75
N GLY N 100 36.31 18.66 -31.74
CA GLY N 100 36.89 19.96 -31.45
C GLY N 100 35.87 20.94 -30.92
N PHE N 101 36.34 21.84 -30.04
CA PHE N 101 35.45 22.82 -29.43
C PHE N 101 34.89 23.77 -30.49
N THR N 102 33.63 24.18 -30.29
CA THR N 102 32.94 25.04 -31.23
C THR N 102 32.23 26.21 -30.55
N ALA N 103 32.44 26.42 -29.26
CA ALA N 103 31.76 27.49 -28.54
C ALA N 103 32.38 28.84 -28.88
N PRO N 104 31.61 29.79 -29.39
CA PRO N 104 32.17 31.11 -29.68
C PRO N 104 32.60 31.82 -28.40
N ALA N 105 33.67 32.60 -28.51
CA ALA N 105 34.24 33.34 -27.38
C ALA N 105 33.63 34.73 -27.39
N LYS N 106 32.65 34.95 -26.51
CA LYS N 106 31.98 36.24 -26.40
C LYS N 106 32.42 37.00 -25.16
N LYS N 107 32.31 36.40 -23.98
CA LYS N 107 32.79 37.01 -22.75
C LYS N 107 34.13 36.36 -22.42
N LEU N 108 35.18 36.83 -23.09
CA LEU N 108 36.51 36.30 -22.86
C LEU N 108 37.06 36.78 -21.53
N GLU N 109 37.67 35.85 -20.78
CA GLU N 109 38.10 36.11 -19.41
C GLU N 109 39.54 36.61 -19.43
N VAL N 110 39.75 37.81 -18.88
CA VAL N 110 41.06 38.42 -18.77
C VAL N 110 41.23 39.00 -17.37
N VAL N 111 42.49 39.20 -16.97
CA VAL N 111 42.80 39.78 -15.64
C VAL N 111 43.71 41.01 -15.82
N LEU N 112 43.45 42.08 -15.07
CA LEU N 112 44.24 43.33 -15.17
C LEU N 112 45.53 43.19 -14.35
N PRO N 113 46.56 44.04 -14.55
CA PRO N 113 47.78 44.01 -13.75
C PRO N 113 47.55 44.53 -12.32
N GLN N 114 48.47 44.25 -11.41
CA GLN N 114 48.32 44.65 -9.97
C GLN N 114 48.28 46.18 -9.83
N GLY N 115 48.83 46.92 -10.78
CA GLY N 115 48.91 48.39 -10.67
C GLY N 115 47.56 49.05 -10.54
N GLY N 116 46.54 48.56 -11.27
CA GLY N 116 45.21 49.22 -11.26
C GLY N 116 45.18 50.43 -12.17
N ALA N 117 46.17 50.56 -13.05
CA ALA N 117 46.25 51.71 -13.99
C ALA N 117 45.06 51.74 -14.95
N PHE N 118 44.47 50.58 -15.27
CA PHE N 118 43.41 50.54 -16.32
C PHE N 118 42.05 50.11 -15.76
N ASP N 119 40.97 50.37 -16.52
CA ASP N 119 39.61 49.92 -16.12
C ASP N 119 39.05 49.03 -17.23
N LEU N 120 38.45 47.89 -16.91
CA LEU N 120 38.05 46.92 -17.96
C LEU N 120 36.52 46.86 -18.14
N ILE N 121 36.04 47.05 -19.38
CA ILE N 121 34.58 46.87 -19.67
C ILE N 121 34.48 45.83 -20.79
N TYR N 122 33.43 45.02 -20.81
CA TYR N 122 33.34 43.92 -21.81
C TYR N 122 32.29 44.23 -22.88
N ASN N 123 32.36 43.56 -24.03
CA ASN N 123 31.33 43.72 -25.09
C ASN N 123 31.13 42.34 -25.72
N ASN N 124 30.77 42.28 -27.01
CA ASN N 124 30.68 40.95 -27.66
C ASN N 124 32.02 40.64 -28.30
N GLY N 125 32.74 39.67 -27.73
CA GLY N 125 34.06 39.28 -28.28
C GLY N 125 35.03 40.44 -28.30
N GLU N 126 34.88 41.40 -27.38
CA GLU N 126 35.73 42.62 -27.43
C GLU N 126 36.07 43.09 -26.02
N ILE N 127 37.36 43.35 -25.76
CA ILE N 127 37.79 43.89 -24.43
C ILE N 127 38.35 45.30 -24.67
N ARG N 128 37.78 46.32 -23.99
CA ARG N 128 38.24 47.72 -24.14
C ARG N 128 38.60 48.27 -22.75
N VAL N 129 39.81 48.82 -22.57
CA VAL N 129 40.20 49.35 -21.28
C VAL N 129 40.66 50.79 -21.46
N THR N 130 40.51 51.57 -20.39
CA THR N 130 40.90 52.97 -20.39
C THR N 130 41.99 53.19 -19.34
N THR N 131 42.82 54.20 -19.57
CA THR N 131 43.97 54.48 -18.71
C THR N 131 43.62 55.59 -17.74
N THR N 132 43.80 55.32 -16.45
CA THR N 132 43.60 56.35 -15.44
C THR N 132 44.77 57.33 -15.39
N ARG N 133 45.97 56.88 -15.74
CA ARG N 133 47.16 57.71 -15.73
C ARG N 133 47.94 57.47 -17.03
N ASN N 134 49.09 58.11 -17.14
CA ASN N 134 49.94 57.97 -18.31
C ASN N 134 50.89 56.78 -18.10
N VAL N 135 50.96 55.91 -19.10
CA VAL N 135 51.77 54.70 -19.02
C VAL N 135 52.59 54.56 -20.28
N GLN N 136 53.81 54.03 -20.13
CA GLN N 136 54.74 53.91 -21.24
C GLN N 136 54.28 52.84 -22.21
N ALA N 137 54.66 53.01 -23.48
CA ALA N 137 54.32 52.03 -24.49
C ALA N 137 55.19 50.78 -24.36
N GLY N 138 54.59 49.63 -24.63
CA GLY N 138 55.30 48.38 -24.61
C GLY N 138 55.23 47.59 -23.32
N ASP N 139 54.08 47.57 -22.65
CA ASP N 139 53.93 46.80 -21.43
C ASP N 139 52.55 46.15 -21.40
N LEU N 140 52.46 45.06 -20.63
CA LEU N 140 51.25 44.27 -20.57
C LEU N 140 50.12 45.05 -19.92
N VAL N 141 48.95 45.02 -20.55
CA VAL N 141 47.77 45.69 -20.01
C VAL N 141 46.69 44.66 -19.69
N CYS N 142 46.68 43.54 -20.42
CA CYS N 142 45.71 42.48 -20.21
C CYS N 142 46.30 41.17 -20.71
N THR N 143 45.98 40.09 -19.98
CA THR N 143 46.33 38.74 -20.41
C THR N 143 45.09 37.86 -20.26
N VAL N 144 45.02 36.84 -21.11
CA VAL N 144 43.83 35.98 -21.20
C VAL N 144 44.07 34.73 -20.39
N THR N 145 43.14 34.44 -19.47
CA THR N 145 43.24 33.25 -18.62
C THR N 145 42.48 32.06 -19.19
N PHE N 146 41.39 32.29 -19.91
CA PHE N 146 40.62 31.23 -20.53
C PHE N 146 41.16 30.98 -21.92
N PRO N 147 41.60 29.76 -22.24
CA PRO N 147 42.26 29.53 -23.54
C PRO N 147 41.37 29.91 -24.71
N ILE N 148 41.97 30.48 -25.76
CA ILE N 148 41.18 30.97 -26.93
C ILE N 148 41.98 30.71 -28.21
N GLN N 149 41.32 30.27 -29.29
CA GLN N 149 42.02 30.07 -30.59
C GLN N 149 41.20 30.71 -31.72
N GLY N 150 41.85 31.47 -32.61
CA GLY N 150 41.13 32.04 -33.76
C GLY N 150 41.75 33.30 -34.31
N SER N 151 41.04 34.03 -35.17
CA SER N 151 41.56 35.22 -35.79
C SER N 151 41.41 36.43 -34.88
N VAL N 152 42.10 37.50 -35.23
CA VAL N 152 42.08 38.75 -34.47
C VAL N 152 41.70 39.88 -35.41
N ILE N 153 40.75 40.72 -34.96
CA ILE N 153 40.26 41.83 -35.76
C ILE N 153 40.16 43.07 -34.87
N ALA N 154 40.25 44.23 -35.51
CA ALA N 154 39.95 45.51 -34.88
C ALA N 154 40.76 45.74 -33.61
N THR N 155 42.07 45.83 -33.77
CA THR N 155 42.97 46.19 -32.68
C THR N 155 43.39 47.64 -32.84
N ARG N 156 43.18 48.45 -31.81
CA ARG N 156 43.51 49.87 -31.84
C ARG N 156 44.41 50.20 -30.66
N ASN N 157 45.51 50.88 -30.94
CA ASN N 157 46.47 51.33 -29.93
C ASN N 157 47.00 50.16 -29.10
N CYS N 158 47.07 48.98 -29.69
CA CYS N 158 47.61 47.81 -29.01
C CYS N 158 48.11 46.82 -30.06
N HIS N 159 48.99 45.92 -29.63
CA HIS N 159 49.62 44.96 -30.52
C HIS N 159 49.50 43.57 -29.93
N VAL N 160 49.19 42.60 -30.78
CA VAL N 160 49.10 41.20 -30.39
C VAL N 160 49.93 40.38 -31.37
N ASN N 161 50.43 39.24 -30.88
CA ASN N 161 51.26 38.36 -31.68
C ASN N 161 50.36 37.57 -32.63
N GLU N 162 50.43 37.89 -33.92
CA GLU N 162 49.64 37.20 -34.93
C GLU N 162 50.37 37.24 -36.25
N ILE N 163 50.18 36.19 -37.05
CA ILE N 163 50.71 36.11 -38.41
C ILE N 163 49.56 35.77 -39.34
N GLY N 164 49.39 36.57 -40.38
CA GLY N 164 48.30 36.34 -41.31
C GLY N 164 46.91 36.52 -40.74
N GLY N 165 46.79 37.28 -39.65
CA GLY N 165 45.51 37.48 -39.00
C GLY N 165 45.12 36.42 -38.00
N GLN N 166 45.95 35.40 -37.80
CA GLN N 166 45.66 34.29 -36.90
C GLN N 166 46.57 34.39 -35.68
N LEU N 167 45.99 34.21 -34.49
CA LEU N 167 46.76 34.29 -33.26
C LEU N 167 47.77 33.14 -33.20
N THR N 168 48.94 33.44 -32.64
CA THR N 168 50.00 32.44 -32.52
C THR N 168 49.92 31.65 -31.22
N THR N 169 49.68 32.33 -30.11
CA THR N 169 49.61 31.67 -28.81
C THR N 169 48.16 31.54 -28.34
N THR N 170 47.92 30.52 -27.53
CA THR N 170 46.58 30.24 -27.00
C THR N 170 46.18 31.24 -25.92
N ARG N 171 47.15 31.90 -25.28
CA ARG N 171 46.87 32.87 -24.22
C ARG N 171 47.50 34.20 -24.61
N PRO N 172 46.86 34.93 -25.53
CA PRO N 172 47.44 36.19 -26.01
C PRO N 172 47.53 37.22 -24.90
N GLU N 173 48.56 38.05 -24.99
CA GLU N 173 48.76 39.16 -24.08
C GLU N 173 48.72 40.46 -24.86
N ILE N 174 47.99 41.44 -24.34
CA ILE N 174 47.81 42.73 -25.01
C ILE N 174 48.81 43.71 -24.43
N ILE N 175 49.60 44.33 -25.32
CA ILE N 175 50.63 45.28 -24.91
C ILE N 175 50.41 46.59 -25.65
N ALA N 176 50.83 47.69 -25.02
CA ALA N 176 50.74 48.99 -25.65
C ALA N 176 51.74 49.12 -26.78
N SER N 177 51.37 49.84 -27.83
CA SER N 177 52.22 50.03 -29.00
C SER N 177 52.71 51.46 -29.16
N VAL N 178 51.95 52.45 -28.71
CA VAL N 178 52.33 53.86 -28.87
C VAL N 178 52.13 54.56 -27.53
N PRO N 179 52.99 55.51 -27.16
CA PRO N 179 52.75 56.26 -25.93
C PRO N 179 51.41 56.99 -25.98
N MET N 180 50.72 56.98 -24.85
CA MET N 180 49.38 57.54 -24.78
C MET N 180 49.20 58.37 -23.52
N PRO N 181 48.33 59.38 -23.56
CA PRO N 181 47.99 60.11 -22.33
C PRO N 181 46.94 59.38 -21.52
N ALA N 182 46.47 60.00 -20.44
CA ALA N 182 45.41 59.41 -19.65
C ALA N 182 44.07 59.52 -20.36
N ARG N 183 43.11 58.73 -19.89
CA ARG N 183 41.73 58.68 -20.40
C ARG N 183 41.65 58.23 -21.85
N THR N 184 42.65 57.54 -22.37
CA THR N 184 42.56 56.97 -23.70
C THR N 184 41.84 55.62 -23.66
N VAL N 185 41.73 54.99 -24.82
CA VAL N 185 41.07 53.70 -24.95
C VAL N 185 41.87 52.82 -25.90
N ILE N 186 42.03 51.55 -25.56
CA ILE N 186 42.60 50.54 -26.44
C ILE N 186 41.62 49.37 -26.51
N VAL N 187 41.40 48.86 -27.72
CA VAL N 187 40.39 47.84 -27.96
C VAL N 187 41.04 46.62 -28.60
N ALA N 188 40.36 45.48 -28.49
CA ALA N 188 40.85 44.25 -29.09
C ALA N 188 39.66 43.32 -29.30
N SER N 189 39.24 43.16 -30.55
CA SER N 189 38.16 42.26 -30.92
C SER N 189 38.73 40.92 -31.37
N PHE N 190 37.94 39.86 -31.22
CA PHE N 190 38.38 38.52 -31.55
C PHE N 190 37.28 37.75 -32.24
N ASP N 191 37.62 37.08 -33.34
CA ASP N 191 36.78 36.08 -33.99
C ASP N 191 37.42 34.73 -33.67
N ALA N 192 37.06 34.17 -32.52
CA ALA N 192 37.79 33.04 -31.98
C ALA N 192 36.82 32.03 -31.39
N ILE N 193 37.38 30.94 -30.85
CA ILE N 193 36.62 29.84 -30.26
C ILE N 193 37.25 29.52 -28.91
N GLU N 194 36.39 29.35 -27.90
CA GLU N 194 36.85 29.01 -26.56
C GLU N 194 36.52 27.55 -26.26
N ILE N 195 36.83 27.13 -25.03
CA ILE N 195 36.54 25.78 -24.59
C ILE N 195 35.04 25.62 -24.37
N GLY N 196 34.47 24.56 -24.93
CA GLY N 196 33.07 24.27 -24.82
C GLY N 196 32.46 24.01 -26.17
N TYR N 197 31.16 23.70 -26.16
CA TYR N 197 30.41 23.46 -27.37
C TYR N 197 29.18 24.36 -27.37
N GLY N 198 28.98 25.08 -28.47
CA GLY N 198 27.94 26.11 -28.50
C GLY N 198 26.54 25.55 -28.61
N GLU N 199 26.37 24.44 -29.30
CA GLU N 199 25.04 23.90 -29.53
C GLU N 199 24.50 23.21 -28.28
N GLY N 200 23.18 23.04 -28.24
CA GLY N 200 22.52 22.38 -27.14
C GLY N 200 22.62 23.11 -25.81
N ASP N 201 22.55 24.44 -25.83
CA ASP N 201 22.61 25.20 -24.58
C ASP N 201 21.29 25.15 -23.82
N ASP N 202 20.17 24.95 -24.51
CA ASP N 202 18.89 24.83 -23.83
C ASP N 202 18.84 23.58 -22.96
N LEU N 203 19.40 22.48 -23.45
CA LEU N 203 19.42 21.24 -22.66
C LEU N 203 20.34 21.35 -21.45
N PHE N 204 21.45 22.09 -21.60
CA PHE N 204 22.37 22.26 -20.48
C PHE N 204 21.69 22.97 -19.31
N ALA N 205 20.87 23.98 -19.60
CA ALA N 205 20.26 24.77 -18.54
C ALA N 205 19.35 23.91 -17.67
N ILE N 206 18.61 22.97 -18.28
CA ILE N 206 17.71 22.12 -17.50
C ILE N 206 18.37 20.84 -17.01
N GLY N 207 19.54 20.48 -17.53
CA GLY N 207 20.25 19.33 -17.01
C GLY N 207 21.14 19.67 -15.83
N ILE N 208 21.64 20.90 -15.80
CA ILE N 208 22.47 21.33 -14.68
C ILE N 208 21.63 21.39 -13.41
N ALA N 209 20.37 21.79 -13.51
CA ALA N 209 19.49 21.77 -12.35
C ALA N 209 19.21 20.34 -11.89
N ILE N 210 19.04 19.42 -12.85
CA ILE N 210 18.78 18.02 -12.50
C ILE N 210 19.96 17.43 -11.73
N LEU N 211 21.17 17.66 -12.22
CA LEU N 211 22.32 17.10 -11.51
C LEU N 211 22.78 17.96 -10.35
N SER N 212 22.23 19.16 -10.17
CA SER N 212 22.47 19.95 -8.97
C SER N 212 21.52 19.59 -7.85
N ASN N 213 20.31 19.12 -8.17
CA ASN N 213 19.38 18.68 -7.14
C ASN N 213 19.93 17.48 -6.38
N ARG N 214 20.77 16.67 -7.02
CA ARG N 214 21.36 15.51 -6.37
C ARG N 214 22.62 15.87 -5.58
N PHE N 215 23.56 16.53 -6.22
CA PHE N 215 24.77 17.00 -5.55
C PHE N 215 24.59 18.47 -5.16
N ASN N 216 23.68 18.70 -4.22
CA ASN N 216 23.31 20.05 -3.84
C ASN N 216 24.46 20.79 -3.17
N GLY N 217 25.27 20.10 -2.37
CA GLY N 217 26.36 20.76 -1.67
C GLY N 217 27.54 21.11 -2.56
N GLN N 218 27.66 20.48 -3.73
CA GLN N 218 28.81 20.66 -4.59
C GLN N 218 28.51 21.40 -5.88
N ILE N 219 27.33 21.18 -6.47
CA ILE N 219 26.98 21.74 -7.78
C ILE N 219 25.76 22.63 -7.62
N THR N 220 25.82 23.81 -8.24
CA THR N 220 24.73 24.77 -8.22
C THR N 220 24.41 25.20 -9.64
N PRO N 221 23.16 25.56 -9.93
CA PRO N 221 22.83 26.05 -11.26
C PRO N 221 23.60 27.32 -11.60
N MET N 222 24.02 27.41 -12.85
CA MET N 222 24.84 28.53 -13.32
C MET N 222 24.82 28.51 -14.85
N SER N 223 25.49 29.48 -15.44
CA SER N 223 25.59 29.56 -16.89
C SER N 223 26.63 28.56 -17.41
N ARG N 224 26.49 28.22 -18.69
CA ARG N 224 27.42 27.27 -19.31
C ARG N 224 28.84 27.81 -19.33
N HIS N 225 29.00 29.10 -19.62
CA HIS N 225 30.32 29.70 -19.67
C HIS N 225 31.02 29.62 -18.32
N ASN N 226 30.32 30.01 -17.25
CA ASN N 226 30.90 29.95 -15.92
C ASN N 226 31.21 28.52 -15.52
N TYR N 227 30.30 27.61 -15.84
CA TYR N 227 30.51 26.18 -15.52
C TYR N 227 31.80 25.69 -16.18
N MET N 228 31.96 25.96 -17.48
CA MET N 228 33.14 25.49 -18.19
C MET N 228 34.41 26.14 -17.66
N THR N 229 34.36 27.44 -17.34
CA THR N 229 35.55 28.10 -16.80
C THR N 229 35.95 27.50 -15.46
N GLN N 230 34.98 27.23 -14.58
CA GLN N 230 35.31 26.64 -13.29
C GLN N 230 35.84 25.22 -13.46
N MET N 231 35.24 24.44 -14.36
CA MET N 231 35.74 23.08 -14.58
C MET N 231 37.17 23.10 -15.11
N PHE N 232 37.47 24.03 -16.03
CA PHE N 232 38.83 24.12 -16.55
C PHE N 232 39.81 24.57 -15.46
N ALA N 233 39.39 25.51 -14.61
CA ALA N 233 40.27 25.98 -13.55
C ALA N 233 40.47 24.95 -12.44
N ASN N 234 39.57 23.97 -12.32
CA ASN N 234 39.70 22.95 -11.29
C ASN N 234 40.39 21.69 -11.79
N LEU N 235 40.90 21.68 -13.02
CA LEU N 235 41.61 20.53 -13.54
C LEU N 235 42.94 20.36 -12.79
N PRO N 236 43.43 19.13 -12.68
CA PRO N 236 44.75 18.92 -12.07
C PRO N 236 45.85 19.57 -12.88
N ALA N 237 46.90 19.97 -12.17
CA ALA N 237 47.97 20.75 -12.81
C ALA N 237 48.70 19.95 -13.88
N ASN N 238 48.99 18.68 -13.60
CA ASN N 238 49.76 17.83 -14.51
C ASN N 238 48.79 16.96 -15.31
N MET N 239 48.50 17.39 -16.54
CA MET N 239 47.66 16.61 -17.44
C MET N 239 47.93 17.07 -18.87
N SER N 240 47.97 16.11 -19.79
CA SER N 240 48.18 16.44 -21.19
C SER N 240 46.93 17.10 -21.77
N GLU N 241 47.14 17.84 -22.87
CA GLU N 241 46.03 18.51 -23.52
C GLU N 241 45.07 17.53 -24.19
N ARG N 242 45.49 16.28 -24.38
CA ARG N 242 44.59 15.28 -24.93
C ARG N 242 43.58 14.81 -23.89
N ASP N 243 44.01 14.64 -22.64
CA ASP N 243 43.12 14.12 -21.61
C ASP N 243 42.15 15.17 -21.12
N SER N 244 42.61 16.42 -20.98
CA SER N 244 41.72 17.50 -20.56
C SER N 244 40.57 17.68 -21.53
N SER N 245 40.80 17.47 -22.82
CA SER N 245 39.72 17.58 -23.80
C SER N 245 38.63 16.54 -23.54
N ALA N 246 39.01 15.30 -23.27
CA ALA N 246 38.03 14.27 -22.96
C ALA N 246 37.29 14.58 -21.67
N VAL N 247 38.03 15.05 -20.65
CA VAL N 247 37.40 15.38 -19.37
C VAL N 247 36.35 16.47 -19.56
N LEU N 248 36.70 17.53 -20.30
CA LEU N 248 35.76 18.61 -20.52
C LEU N 248 34.59 18.19 -21.39
N HIS N 249 34.83 17.33 -22.38
CA HIS N 249 33.73 16.84 -23.20
C HIS N 249 32.72 16.07 -22.35
N PHE N 250 33.18 15.20 -21.46
CA PHE N 250 32.25 14.51 -20.59
C PHE N 250 31.57 15.47 -19.63
N ALA N 251 32.32 16.43 -19.09
CA ALA N 251 31.78 17.37 -18.13
C ALA N 251 30.65 18.19 -18.72
N GLN N 252 30.73 18.53 -20.00
CA GLN N 252 29.64 19.25 -20.64
C GLN N 252 28.58 18.33 -21.21
N ALA N 253 28.92 17.09 -21.58
CA ALA N 253 27.96 16.19 -22.19
C ALA N 253 27.00 15.59 -21.17
N ALA N 254 27.43 15.46 -19.92
CA ALA N 254 26.51 14.91 -18.92
C ALA N 254 25.28 15.79 -18.71
N PRO N 255 25.39 17.10 -18.47
CA PRO N 255 24.17 17.91 -18.31
C PRO N 255 23.30 17.95 -19.55
N VAL N 256 23.89 18.00 -20.75
CA VAL N 256 23.06 18.10 -21.94
C VAL N 256 22.29 16.80 -22.17
N VAL N 257 22.90 15.64 -21.87
CA VAL N 257 22.18 14.39 -21.99
C VAL N 257 21.09 14.27 -20.92
N LEU N 258 21.39 14.74 -19.71
CA LEU N 258 20.37 14.74 -18.67
C LEU N 258 19.17 15.59 -19.06
N GLY N 259 19.43 16.76 -19.65
CA GLY N 259 18.33 17.61 -20.10
C GLY N 259 17.64 17.12 -21.36
N MET N 260 18.36 16.37 -22.19
CA MET N 260 17.79 15.83 -23.41
C MET N 260 16.89 14.64 -23.11
N MET N 261 17.20 13.87 -22.06
CA MET N 261 16.28 12.82 -21.65
C MET N 261 14.97 13.38 -21.10
N GLU N 262 14.97 14.64 -20.66
CA GLU N 262 13.74 15.26 -20.18
C GLU N 262 12.92 15.82 -21.32
N ARG N 263 13.48 16.77 -22.07
CA ARG N 263 12.85 17.31 -23.27
C ARG N 263 13.27 16.44 -24.45
N LEU N 264 12.32 15.71 -25.02
CA LEU N 264 12.66 14.69 -26.00
C LEU N 264 12.93 15.28 -27.38
N THR N 265 13.82 16.26 -27.45
CA THR N 265 14.22 16.85 -28.71
C THR N 265 15.51 16.19 -29.19
N GLY N 266 16.04 16.69 -30.31
CA GLY N 266 17.24 16.11 -30.87
C GLY N 266 18.47 16.37 -30.02
N ALA N 267 19.52 15.63 -30.36
CA ALA N 267 20.79 15.78 -29.67
C ALA N 267 21.77 16.56 -30.53
N PRO N 268 22.67 17.32 -29.90
CA PRO N 268 23.66 18.07 -30.67
C PRO N 268 24.67 17.14 -31.34
N LYS N 269 25.33 17.68 -32.37
CA LYS N 269 26.27 16.88 -33.15
C LYS N 269 27.48 16.46 -32.30
N TRP N 270 27.96 17.35 -31.43
CA TRP N 270 29.15 17.04 -30.66
C TRP N 270 28.89 15.95 -29.62
N VAL N 271 27.65 15.74 -29.22
CA VAL N 271 27.31 14.60 -28.37
C VAL N 271 27.05 13.36 -29.22
N LEU N 272 26.29 13.52 -30.30
CA LEU N 272 25.91 12.38 -31.13
C LEU N 272 27.12 11.78 -31.82
N ASP N 273 27.91 12.61 -32.50
CA ASP N 273 29.05 12.12 -33.28
C ASP N 273 30.33 12.19 -32.44
N TYR N 274 30.38 11.30 -31.46
CA TYR N 274 31.57 11.17 -30.62
C TYR N 274 32.48 10.07 -31.14
N MET O 1 2.25 41.85 -43.89
CA MET O 1 1.90 40.45 -44.15
C MET O 1 0.75 40.02 -43.25
N ASN O 2 -0.43 39.88 -43.85
CA ASN O 2 -1.65 39.53 -43.12
C ASN O 2 -1.95 38.04 -43.30
N LEU O 3 -2.24 37.38 -42.19
CA LEU O 3 -2.51 35.95 -42.19
C LEU O 3 -3.18 35.57 -40.87
N GLU O 4 -4.00 34.53 -40.93
CA GLU O 4 -4.68 34.00 -39.75
C GLU O 4 -4.30 32.54 -39.55
N ILE O 5 -4.08 32.17 -38.29
CA ILE O 5 -3.68 30.81 -37.93
C ILE O 5 -4.89 30.11 -37.35
N ASN O 6 -5.35 29.05 -38.01
CA ASN O 6 -6.51 28.32 -37.53
C ASN O 6 -6.16 27.52 -36.28
N ASN O 7 -7.20 27.05 -35.59
CA ASN O 7 -7.03 26.41 -34.29
C ASN O 7 -6.52 24.98 -34.38
N PHE O 8 -6.43 24.41 -35.58
CA PHE O 8 -5.86 23.08 -35.76
C PHE O 8 -4.45 23.15 -36.34
N ALA O 9 -3.75 24.26 -36.11
CA ALA O 9 -2.42 24.43 -36.70
C ALA O 9 -1.40 23.39 -36.28
N PRO O 10 -1.28 22.99 -35.00
CA PRO O 10 -0.27 21.97 -34.67
C PRO O 10 -0.43 20.66 -35.42
N ALA O 11 -1.67 20.23 -35.66
CA ALA O 11 -1.90 18.99 -36.39
C ALA O 11 -1.47 19.12 -37.84
N ILE O 12 -1.74 20.27 -38.46
CA ILE O 12 -1.26 20.52 -39.82
C ILE O 12 0.26 20.54 -39.85
N SER O 13 0.86 21.20 -38.86
CA SER O 13 2.30 21.42 -38.86
C SER O 13 3.07 20.14 -38.61
N SER O 14 2.51 19.20 -37.85
CA SER O 14 3.17 17.91 -37.68
C SER O 14 3.33 17.20 -39.02
N ILE O 15 2.25 17.14 -39.79
CA ILE O 15 2.29 16.50 -41.11
C ILE O 15 3.24 17.26 -42.03
N GLY O 16 3.18 18.59 -42.01
CA GLY O 16 4.06 19.36 -42.88
C GLY O 16 5.52 19.16 -42.56
N SER O 17 5.87 19.14 -41.27
CA SER O 17 7.26 18.94 -40.88
C SER O 17 7.74 17.53 -41.19
N GLN O 18 6.87 16.53 -41.01
CA GLN O 18 7.24 15.17 -41.40
C GLN O 18 7.51 15.09 -42.89
N LEU O 19 6.66 15.72 -43.70
CA LEU O 19 6.87 15.73 -45.14
C LEU O 19 8.17 16.41 -45.51
N CYS O 20 8.47 17.56 -44.90
CA CYS O 20 9.70 18.27 -45.19
C CYS O 20 10.93 17.44 -44.82
N SER O 21 10.90 16.81 -43.65
CA SER O 21 12.03 15.98 -43.23
C SER O 21 12.23 14.81 -44.17
N LEU O 22 11.13 14.18 -44.61
CA LEU O 22 11.25 13.06 -45.54
C LEU O 22 11.85 13.52 -46.86
N SER O 23 11.40 14.66 -47.37
CA SER O 23 11.96 15.17 -48.62
C SER O 23 13.45 15.46 -48.50
N ALA O 24 13.86 16.06 -47.38
CA ALA O 24 15.27 16.35 -47.17
C ALA O 24 16.10 15.07 -47.08
N GLN O 25 15.59 14.06 -46.37
CA GLN O 25 16.31 12.80 -46.24
C GLN O 25 16.46 12.13 -47.60
N LYS O 26 15.41 12.13 -48.41
CA LYS O 26 15.51 11.59 -49.75
C LYS O 26 16.51 12.37 -50.59
N LEU O 27 16.54 13.69 -50.43
CA LEU O 27 17.49 14.50 -51.18
C LEU O 27 18.92 14.11 -50.85
N LEU O 28 19.25 13.97 -49.57
CA LEU O 28 20.61 13.59 -49.20
C LEU O 28 20.93 12.17 -49.68
N THR O 29 19.99 11.24 -49.54
CA THR O 29 20.24 9.87 -49.98
C THR O 29 20.52 9.83 -51.47
N CYS O 30 19.94 10.75 -52.24
CA CYS O 30 20.19 10.80 -53.71
C CYS O 30 21.59 11.33 -54.04
N ARG O 31 22.09 12.36 -53.36
CA ARG O 31 23.40 12.97 -53.72
C ARG O 31 24.53 11.95 -53.58
N LYS O 32 24.31 10.85 -52.87
CA LYS O 32 25.40 9.86 -52.62
C LYS O 32 25.30 8.68 -53.60
N GLN O 33 24.36 8.73 -54.53
CA GLN O 33 24.24 7.65 -55.55
C GLN O 33 24.32 8.27 -56.95
N TYR O 34 24.72 9.53 -57.04
CA TYR O 34 24.92 10.15 -58.39
C TYR O 34 26.31 9.78 -58.89
N GLY O 35 26.59 9.98 -60.18
CA GLY O 35 27.87 9.58 -60.78
C GLY O 35 27.72 8.24 -61.45
N ASN O 36 28.56 7.91 -62.42
CA ASN O 36 28.52 6.56 -63.04
C ASN O 36 27.24 6.43 -63.86
N GLY O 37 26.75 7.54 -64.40
CA GLY O 37 25.55 7.51 -65.27
C GLY O 37 25.49 8.75 -66.14
N ALA O 38 24.74 8.68 -67.24
CA ALA O 38 24.63 9.83 -68.18
C ALA O 38 23.31 10.54 -67.90
N LYS O 39 23.26 11.38 -66.86
CA LYS O 39 22.00 12.03 -66.47
C LYS O 39 22.37 13.18 -65.54
N SER O 40 21.83 14.37 -65.79
CA SER O 40 22.21 15.54 -64.96
C SER O 40 21.73 15.26 -63.54
N PHE O 41 22.34 15.90 -62.55
CA PHE O 41 21.89 15.70 -61.17
C PHE O 41 20.43 16.12 -61.00
N GLU O 42 20.03 17.19 -61.68
CA GLU O 42 18.64 17.63 -61.61
C GLU O 42 17.70 16.56 -62.15
N GLU O 43 18.04 15.97 -63.30
CA GLU O 43 17.21 14.91 -63.88
C GLU O 43 17.21 13.67 -62.99
N PHE O 44 18.36 13.32 -62.42
CA PHE O 44 18.44 12.17 -61.54
C PHE O 44 17.52 12.35 -60.32
N TYR O 45 17.57 13.54 -59.71
CA TYR O 45 16.69 13.80 -58.58
C TYR O 45 15.22 13.81 -58.99
N ALA O 46 14.91 14.46 -60.11
CA ALA O 46 13.54 14.49 -60.59
C ALA O 46 13.01 13.10 -60.94
N GLU O 47 13.89 12.10 -61.02
CA GLU O 47 13.41 10.72 -61.26
C GLU O 47 13.15 9.99 -59.94
N ILE O 48 14.19 9.73 -59.14
CA ILE O 48 14.04 8.90 -57.90
C ILE O 48 13.93 9.75 -56.63
N GLY O 49 14.19 11.06 -56.71
CA GLY O 49 14.20 11.93 -55.52
C GLY O 49 12.87 12.14 -54.83
N GLY O 50 11.78 12.26 -55.58
CA GLY O 50 10.48 12.60 -54.97
C GLY O 50 9.63 11.41 -54.55
N ILE O 51 10.17 10.20 -54.59
CA ILE O 51 9.33 8.99 -54.31
C ILE O 51 9.08 8.79 -52.81
N ILE O 52 8.10 9.48 -52.23
CA ILE O 52 7.68 9.21 -50.87
C ILE O 52 6.18 8.95 -50.87
N GLY O 53 5.79 7.80 -50.32
CA GLY O 53 4.38 7.44 -50.30
C GLY O 53 3.70 7.84 -49.01
N MET O 54 3.05 8.99 -49.01
CA MET O 54 2.30 9.47 -47.86
C MET O 54 0.88 9.80 -48.30
N MET O 55 -0.05 9.68 -47.36
CA MET O 55 -1.45 9.98 -47.66
C MET O 55 -1.60 11.44 -48.05
N GLY O 56 -2.29 11.70 -49.16
CA GLY O 56 -2.51 13.02 -49.67
C GLY O 56 -1.58 13.41 -50.80
N ILE O 57 -0.47 12.70 -50.96
CA ILE O 57 0.46 12.96 -52.06
C ILE O 57 0.10 12.00 -53.20
N ASN O 58 -0.23 12.57 -54.36
CA ASN O 58 -0.70 11.79 -55.50
C ASN O 58 0.29 11.84 -56.67
N SER O 59 1.57 11.94 -56.37
CA SER O 59 2.60 11.94 -57.40
C SER O 59 3.92 11.48 -56.80
N GLN O 60 4.82 11.04 -57.68
CA GLN O 60 6.16 10.66 -57.30
C GLN O 60 7.18 11.59 -57.94
N THR O 61 6.88 12.88 -57.91
CA THR O 61 7.68 13.94 -58.48
C THR O 61 7.85 15.04 -57.44
N PRO O 62 8.98 15.75 -57.45
CA PRO O 62 9.10 16.91 -56.55
C PRO O 62 8.01 17.94 -56.75
N SER O 63 7.43 18.02 -57.94
CA SER O 63 6.31 18.93 -58.16
C SER O 63 5.11 18.55 -57.30
N GLY O 64 4.83 17.25 -57.17
CA GLY O 64 3.75 16.82 -56.30
C GLY O 64 4.01 17.15 -54.85
N ILE O 65 5.25 16.97 -54.39
CA ILE O 65 5.59 17.32 -53.01
C ILE O 65 5.44 18.81 -52.77
N ARG O 66 5.87 19.63 -53.74
CA ARG O 66 5.72 21.07 -53.56
C ARG O 66 4.25 21.49 -53.61
N GLU O 67 3.42 20.80 -54.38
CA GLU O 67 1.99 21.08 -54.37
C GLU O 67 1.37 20.73 -53.02
N ALA O 68 1.78 19.60 -52.44
CA ALA O 68 1.30 19.23 -51.11
C ALA O 68 1.74 20.26 -50.07
N ILE O 69 2.98 20.73 -50.18
CA ILE O 69 3.47 21.75 -49.26
C ILE O 69 2.65 23.03 -49.40
N TYR O 70 2.34 23.42 -50.65
CA TYR O 70 1.51 24.58 -50.88
C TYR O 70 0.15 24.43 -50.20
N ARG O 71 -0.48 23.26 -50.38
CA ARG O 71 -1.81 23.04 -49.81
C ARG O 71 -1.76 23.11 -48.28
N LEU O 72 -0.78 22.43 -47.68
CA LEU O 72 -0.68 22.42 -46.22
C LEU O 72 -0.40 23.81 -45.67
N TYR O 73 0.50 24.56 -46.33
CA TYR O 73 0.82 25.91 -45.87
C TYR O 73 -0.40 26.83 -45.97
N GLN O 74 -1.15 26.74 -47.05
CA GLN O 74 -2.37 27.60 -47.23
C GLN O 74 -3.35 27.37 -46.08
N SER O 75 -3.71 26.11 -45.82
CA SER O 75 -4.71 25.77 -44.78
C SER O 75 -4.29 26.32 -43.42
N ALA O 76 -3.12 25.93 -42.93
CA ALA O 76 -2.72 26.33 -41.57
C ALA O 76 -2.53 27.84 -41.40
N PHE O 77 -1.72 28.50 -42.23
CA PHE O 77 -1.35 29.92 -41.94
C PHE O 77 -2.13 30.99 -42.71
N LEU O 78 -2.72 30.71 -43.87
CA LEU O 78 -3.33 31.82 -44.64
C LEU O 78 -4.85 31.83 -44.52
N PHE O 79 -5.49 30.68 -44.73
CA PHE O 79 -6.99 30.62 -44.67
C PHE O 79 -7.44 29.50 -43.74
N GLY O 80 -8.06 29.84 -42.61
CA GLY O 80 -8.61 28.80 -41.72
C GLY O 80 -9.95 28.33 -42.25
N ASP O 81 -10.23 28.63 -43.53
CA ASP O 81 -11.54 28.26 -44.13
C ASP O 81 -11.46 26.83 -44.67
N ILE O 82 -10.42 26.51 -45.45
CA ILE O 82 -10.31 25.17 -46.10
C ILE O 82 -9.57 24.20 -45.17
N PHE O 83 -10.13 23.01 -44.96
CA PHE O 83 -9.43 21.97 -44.15
C PHE O 83 -9.04 20.79 -45.07
N PRO O 84 -7.77 20.33 -45.15
CA PRO O 84 -7.42 19.28 -46.11
C PRO O 84 -7.82 17.87 -45.67
N GLU O 85 -8.86 17.30 -46.31
CA GLU O 85 -9.28 15.94 -45.99
C GLU O 85 -8.40 14.88 -46.63
N SER O 86 -7.58 15.26 -47.62
CA SER O 86 -6.74 14.28 -48.31
C SER O 86 -5.73 13.65 -47.36
N PHE O 87 -5.10 14.44 -46.51
CA PHE O 87 -4.08 13.95 -45.60
C PHE O 87 -4.72 13.40 -44.33
N GLY O 88 -3.98 12.56 -43.63
CA GLY O 88 -4.48 11.96 -42.41
C GLY O 88 -4.39 12.87 -41.21
N ILE O 89 -4.98 14.06 -41.33
CA ILE O 89 -4.93 15.03 -40.25
C ILE O 89 -6.06 14.84 -39.24
N GLN O 90 -7.17 14.22 -39.66
CA GLN O 90 -8.27 13.97 -38.73
C GLN O 90 -7.89 12.98 -37.65
N ASN O 91 -7.11 11.96 -38.00
CA ASN O 91 -6.83 10.84 -37.10
C ASN O 91 -5.47 10.96 -36.43
N THR O 92 -5.05 12.16 -36.07
CA THR O 92 -3.84 12.36 -35.30
C THR O 92 -4.20 12.50 -33.82
N GLN O 93 -3.43 11.84 -32.97
CA GLN O 93 -3.71 11.82 -31.53
C GLN O 93 -2.64 12.50 -30.70
N ASN O 94 -1.42 12.57 -31.21
CA ASN O 94 -0.33 13.19 -30.46
C ASN O 94 0.66 13.79 -31.45
N ILE O 95 1.45 14.75 -30.97
CA ILE O 95 2.46 15.39 -31.79
C ILE O 95 3.81 15.22 -31.11
N LYS O 96 4.86 15.27 -31.92
CA LYS O 96 6.26 15.10 -31.56
C LYS O 96 6.94 16.43 -31.33
N PRO O 97 7.74 16.57 -30.28
CA PRO O 97 8.42 17.85 -30.02
C PRO O 97 9.38 18.19 -31.14
N PRO O 98 9.36 19.42 -31.63
CA PRO O 98 10.29 19.82 -32.68
C PRO O 98 11.67 20.11 -32.11
N PRO O 99 12.70 20.21 -32.95
CA PRO O 99 14.03 20.51 -32.44
C PRO O 99 14.10 21.89 -31.79
N GLY O 100 15.01 22.02 -30.83
CA GLY O 100 15.15 23.29 -30.14
C GLY O 100 15.69 24.38 -31.05
N PHE O 101 15.30 25.62 -30.72
CA PHE O 101 15.69 26.76 -31.54
C PHE O 101 17.19 27.00 -31.47
N THR O 102 17.76 27.54 -32.55
CA THR O 102 19.23 27.76 -32.62
C THR O 102 19.58 29.16 -33.14
N ALA O 103 18.59 30.00 -33.45
CA ALA O 103 18.88 31.30 -34.04
C ALA O 103 19.48 32.24 -33.01
N PRO O 104 20.66 32.80 -33.24
CA PRO O 104 21.23 33.74 -32.28
C PRO O 104 20.42 35.03 -32.23
N ALA O 105 20.38 35.63 -31.05
CA ALA O 105 19.64 36.87 -30.83
C ALA O 105 20.59 38.04 -31.05
N LYS O 106 20.61 38.55 -32.29
CA LYS O 106 21.45 39.69 -32.62
C LYS O 106 20.68 41.00 -32.50
N LYS O 107 19.60 41.15 -33.26
CA LYS O 107 18.73 42.31 -33.15
C LYS O 107 17.50 41.88 -32.35
N LEU O 108 17.47 42.26 -31.08
CA LEU O 108 16.40 41.86 -30.17
C LEU O 108 15.41 43.01 -29.97
N GLU O 109 14.13 42.68 -29.99
CA GLU O 109 13.05 43.66 -30.00
C GLU O 109 12.67 44.03 -28.57
N VAL O 110 12.58 45.34 -28.29
CA VAL O 110 12.14 45.86 -27.01
C VAL O 110 11.13 46.96 -27.26
N VAL O 111 10.31 47.23 -26.23
CA VAL O 111 9.27 48.30 -26.34
C VAL O 111 9.56 49.31 -25.22
N LEU O 112 9.73 50.58 -25.58
CA LEU O 112 10.09 51.60 -24.55
C LEU O 112 8.83 51.97 -23.76
N PRO O 113 8.93 52.28 -22.46
CA PRO O 113 7.78 52.71 -21.68
C PRO O 113 7.37 54.12 -22.12
N GLN O 114 6.11 54.51 -21.88
CA GLN O 114 5.60 55.82 -22.35
C GLN O 114 6.26 56.97 -21.57
N GLY O 115 6.24 58.19 -22.15
CA GLY O 115 6.85 59.36 -21.48
C GLY O 115 8.14 59.82 -22.14
N GLY O 116 8.66 59.08 -23.12
CA GLY O 116 9.84 59.55 -23.87
C GLY O 116 11.03 59.88 -22.98
N ALA O 117 11.29 59.07 -21.95
CA ALA O 117 12.39 59.33 -21.01
C ALA O 117 13.70 58.74 -21.54
N PHE O 118 13.65 57.98 -22.64
CA PHE O 118 14.87 57.27 -23.12
C PHE O 118 14.98 57.25 -24.64
N ASP O 119 16.19 57.16 -25.18
CA ASP O 119 16.42 57.04 -26.62
C ASP O 119 17.05 55.68 -26.90
N LEU O 120 16.43 54.92 -27.79
CA LEU O 120 16.80 53.53 -28.03
C LEU O 120 17.58 53.39 -29.32
N ILE O 121 18.75 52.76 -29.24
CA ILE O 121 19.54 52.39 -30.40
C ILE O 121 19.93 50.93 -30.28
N TYR O 122 20.20 50.27 -31.41
CA TYR O 122 20.51 48.82 -31.38
C TYR O 122 21.97 48.57 -31.76
N ASN O 123 22.59 47.55 -31.17
CA ASN O 123 23.99 47.17 -31.51
C ASN O 123 24.01 45.69 -31.91
N ASN O 124 25.18 45.06 -32.00
CA ASN O 124 25.23 43.67 -32.53
C ASN O 124 24.43 42.71 -31.65
N GLY O 125 24.55 42.79 -30.34
CA GLY O 125 23.71 41.97 -29.44
C GLY O 125 23.28 42.79 -28.25
N GLU O 126 23.45 44.11 -28.29
CA GLU O 126 23.16 44.91 -27.08
C GLU O 126 22.15 46.03 -27.34
N ILE O 127 21.47 46.50 -26.28
CA ILE O 127 20.50 47.63 -26.41
C ILE O 127 21.00 48.76 -25.49
N ARG O 128 21.34 49.92 -26.06
CA ARG O 128 21.88 51.03 -25.25
C ARG O 128 20.86 52.17 -25.24
N VAL O 129 20.41 52.61 -24.07
CA VAL O 129 19.51 53.76 -24.05
C VAL O 129 20.18 54.90 -23.30
N THR O 130 19.73 56.11 -23.59
CA THR O 130 20.28 57.33 -23.01
C THR O 130 19.20 58.05 -22.24
N THR O 131 19.54 58.51 -21.03
CA THR O 131 18.59 59.23 -20.19
C THR O 131 18.51 60.68 -20.65
N THR O 132 17.36 61.07 -21.20
CA THR O 132 17.16 62.45 -21.61
C THR O 132 16.94 63.38 -20.41
N ARG O 133 16.60 62.82 -19.25
CA ARG O 133 16.40 63.60 -18.04
C ARG O 133 16.78 62.73 -16.84
N ASN O 134 16.72 63.32 -15.66
CA ASN O 134 17.06 62.58 -14.45
C ASN O 134 15.97 61.56 -14.12
N VAL O 135 16.38 60.31 -13.91
CA VAL O 135 15.47 59.22 -13.58
C VAL O 135 16.03 58.46 -12.39
N GLN O 136 15.15 58.14 -11.44
CA GLN O 136 15.57 57.45 -10.22
C GLN O 136 15.67 55.95 -10.48
N ALA O 137 16.37 55.28 -9.57
CA ALA O 137 16.53 53.83 -9.67
C ALA O 137 15.24 53.12 -9.27
N GLY O 138 15.08 51.91 -9.79
CA GLY O 138 13.98 51.05 -9.43
C GLY O 138 12.82 50.99 -10.40
N ASP O 139 12.92 51.65 -11.56
CA ASP O 139 11.88 51.62 -12.57
C ASP O 139 12.43 51.05 -13.87
N LEU O 140 11.60 50.28 -14.57
CA LEU O 140 12.04 49.62 -15.78
C LEU O 140 12.32 50.62 -16.89
N VAL O 141 13.33 50.31 -17.71
CA VAL O 141 13.66 51.12 -18.85
C VAL O 141 13.32 50.43 -20.18
N CYS O 142 13.33 49.10 -20.22
CA CYS O 142 13.02 48.35 -21.42
C CYS O 142 12.53 46.96 -21.03
N THR O 143 11.62 46.43 -21.85
CA THR O 143 11.17 45.06 -21.73
C THR O 143 11.16 44.44 -23.12
N VAL O 144 11.63 43.21 -23.22
CA VAL O 144 11.67 42.51 -24.50
C VAL O 144 10.31 41.88 -24.76
N THR O 145 9.89 41.90 -26.03
CA THR O 145 8.64 41.30 -26.43
C THR O 145 8.83 40.03 -27.25
N PHE O 146 10.03 39.79 -27.77
CA PHE O 146 10.30 38.61 -28.56
C PHE O 146 11.15 37.67 -27.72
N PRO O 147 10.62 36.52 -27.30
CA PRO O 147 11.28 35.74 -26.23
C PRO O 147 12.69 35.31 -26.61
N ILE O 148 13.58 35.38 -25.60
CA ILE O 148 14.97 34.96 -25.73
C ILE O 148 15.35 34.15 -24.51
N GLN O 149 16.44 33.39 -24.64
CA GLN O 149 16.95 32.54 -23.52
C GLN O 149 18.46 32.38 -23.66
N GLY O 150 19.21 32.58 -22.57
CA GLY O 150 20.66 32.50 -22.60
C GLY O 150 21.26 33.28 -21.45
N SER O 151 22.58 33.44 -21.52
CA SER O 151 23.31 34.15 -20.48
C SER O 151 23.39 35.64 -20.78
N VAL O 152 23.75 36.41 -19.76
CA VAL O 152 23.88 37.85 -19.87
C VAL O 152 25.34 38.23 -19.60
N ILE O 153 25.87 39.12 -20.44
CA ILE O 153 27.22 39.63 -20.30
C ILE O 153 27.20 41.14 -20.43
N ALA O 154 28.15 41.80 -19.77
CA ALA O 154 28.42 43.22 -19.94
C ALA O 154 27.17 44.07 -19.65
N THR O 155 26.75 44.00 -18.39
CA THR O 155 25.65 44.83 -17.90
C THR O 155 26.23 46.00 -17.10
N ARG O 156 25.81 47.21 -17.44
CA ARG O 156 26.34 48.42 -16.84
C ARG O 156 25.20 49.36 -16.45
N ASN O 157 25.21 49.80 -15.20
CA ASN O 157 24.21 50.74 -14.68
C ASN O 157 22.78 50.20 -14.89
N CYS O 158 22.62 48.90 -14.70
CA CYS O 158 21.32 48.26 -14.84
C CYS O 158 21.35 46.95 -14.08
N HIS O 159 20.16 46.40 -13.84
CA HIS O 159 20.01 45.15 -13.10
C HIS O 159 19.07 44.24 -13.86
N VAL O 160 19.50 43.00 -14.08
CA VAL O 160 18.68 41.98 -14.74
C VAL O 160 18.63 40.76 -13.83
N ASN O 161 17.43 40.20 -13.64
CA ASN O 161 17.26 39.04 -12.77
C ASN O 161 17.94 37.83 -13.38
N GLU O 162 18.94 37.31 -12.69
CA GLU O 162 19.66 36.12 -13.13
C GLU O 162 20.21 35.38 -11.92
N ILE O 163 20.47 34.09 -12.09
CA ILE O 163 21.10 33.26 -11.07
C ILE O 163 22.27 32.54 -11.73
N GLY O 164 23.48 32.85 -11.28
CA GLY O 164 24.66 32.20 -11.83
C GLY O 164 25.02 32.61 -13.23
N GLY O 165 24.56 33.78 -13.69
CA GLY O 165 24.85 34.25 -15.03
C GLY O 165 23.81 33.89 -16.06
N GLN O 166 22.89 32.99 -15.75
CA GLN O 166 21.85 32.58 -16.67
C GLN O 166 20.56 33.35 -16.38
N LEU O 167 19.92 33.83 -17.44
CA LEU O 167 18.69 34.58 -17.26
C LEU O 167 17.59 33.68 -16.70
N THR O 168 16.80 34.24 -15.79
CA THR O 168 15.75 33.47 -15.13
C THR O 168 14.49 33.40 -15.99
N THR O 169 13.95 34.56 -16.36
CA THR O 169 12.70 34.62 -17.09
C THR O 169 12.96 34.64 -18.59
N THR O 170 11.94 34.21 -19.35
CA THR O 170 12.04 34.16 -20.80
C THR O 170 11.96 35.56 -21.42
N ARG O 171 11.36 36.52 -20.73
CA ARG O 171 11.21 37.89 -21.23
C ARG O 171 11.85 38.83 -20.21
N PRO O 172 13.17 38.96 -20.24
CA PRO O 172 13.85 39.80 -19.24
C PRO O 172 13.48 41.27 -19.39
N GLU O 173 13.49 41.97 -18.26
CA GLU O 173 13.23 43.40 -18.20
C GLU O 173 14.41 44.09 -17.53
N ILE O 174 14.78 45.25 -18.08
CA ILE O 174 15.95 45.99 -17.62
C ILE O 174 15.49 47.15 -16.75
N ILE O 175 16.05 47.25 -15.55
CA ILE O 175 15.70 48.29 -14.59
C ILE O 175 16.97 49.01 -14.17
N ALA O 176 16.80 50.27 -13.76
CA ALA O 176 17.92 51.04 -13.25
C ALA O 176 18.33 50.55 -11.86
N SER O 177 19.62 50.59 -11.58
CA SER O 177 20.17 50.10 -10.32
C SER O 177 20.60 51.22 -9.38
N VAL O 178 21.21 52.27 -9.89
CA VAL O 178 21.64 53.41 -9.08
C VAL O 178 21.16 54.68 -9.79
N PRO O 179 20.68 55.69 -9.07
CA PRO O 179 20.24 56.91 -9.74
C PRO O 179 21.38 57.54 -10.52
N MET O 180 21.06 58.05 -11.72
CA MET O 180 22.04 58.58 -12.63
C MET O 180 21.57 59.91 -13.21
N PRO O 181 22.50 60.80 -13.58
CA PRO O 181 22.11 62.04 -14.23
C PRO O 181 21.67 61.83 -15.67
N ALA O 182 21.29 62.92 -16.35
CA ALA O 182 20.88 62.83 -17.74
C ALA O 182 22.09 62.63 -18.65
N ARG O 183 21.80 62.26 -19.90
CA ARG O 183 22.75 62.08 -20.99
C ARG O 183 23.67 60.88 -20.79
N THR O 184 23.51 60.09 -19.74
CA THR O 184 24.33 58.90 -19.58
C THR O 184 23.70 57.72 -20.32
N VAL O 185 24.47 56.65 -20.45
CA VAL O 185 24.06 55.47 -21.21
C VAL O 185 24.10 54.24 -20.32
N ILE O 186 23.16 53.33 -20.54
CA ILE O 186 23.14 52.03 -19.89
C ILE O 186 23.08 50.96 -20.98
N VAL O 187 23.82 49.88 -20.79
CA VAL O 187 23.96 48.86 -21.82
C VAL O 187 23.55 47.50 -21.25
N ALA O 188 23.20 46.59 -22.16
CA ALA O 188 22.83 45.24 -21.77
C ALA O 188 23.10 44.32 -22.96
N SER O 189 24.15 43.50 -22.86
CA SER O 189 24.48 42.52 -23.88
C SER O 189 23.98 41.14 -23.45
N PHE O 190 23.58 40.34 -24.43
CA PHE O 190 23.03 39.02 -24.17
C PHE O 190 23.66 37.99 -25.08
N ASP O 191 24.09 36.87 -24.49
CA ASP O 191 24.49 35.69 -25.24
C ASP O 191 23.31 34.71 -25.33
N ALA O 192 22.26 35.18 -25.99
CA ALA O 192 20.96 34.51 -25.97
C ALA O 192 20.64 33.89 -27.32
N ILE O 193 19.54 33.13 -27.32
CA ILE O 193 19.01 32.48 -28.51
C ILE O 193 17.56 32.91 -28.67
N GLU O 194 17.21 33.42 -29.85
CA GLU O 194 15.83 33.89 -30.11
C GLU O 194 15.01 32.75 -30.71
N ILE O 195 13.74 33.02 -31.05
CA ILE O 195 12.85 31.97 -31.64
C ILE O 195 13.30 31.71 -33.09
N GLY O 196 13.03 30.50 -33.59
CA GLY O 196 13.39 30.16 -34.98
C GLY O 196 14.78 29.54 -35.08
N TYR O 197 15.17 29.10 -36.28
CA TYR O 197 16.51 28.49 -36.48
C TYR O 197 17.40 29.46 -37.26
N GLY O 198 18.71 29.19 -37.29
CA GLY O 198 19.65 30.09 -37.99
C GLY O 198 20.09 29.54 -39.33
N GLU O 199 20.42 28.25 -39.39
CA GLU O 199 20.96 27.67 -40.65
C GLU O 199 19.91 27.67 -41.76
N GLY O 200 20.34 27.64 -43.03
CA GLY O 200 19.40 27.57 -44.16
C GLY O 200 18.88 28.92 -44.60
N ASP O 201 19.49 30.01 -44.18
CA ASP O 201 18.97 31.37 -44.51
C ASP O 201 18.99 31.60 -46.02
N ASP O 202 19.99 31.09 -46.72
CA ASP O 202 20.08 31.20 -48.20
C ASP O 202 18.90 30.48 -48.86
N LEU O 203 18.48 29.34 -48.30
CA LEU O 203 17.36 28.55 -48.88
C LEU O 203 16.05 29.25 -48.50
N PHE O 204 16.06 29.99 -47.39
CA PHE O 204 14.86 30.73 -46.99
C PHE O 204 14.59 31.90 -47.92
N ALA O 205 15.65 32.60 -48.34
CA ALA O 205 15.47 33.77 -49.19
C ALA O 205 14.85 33.39 -50.53
N ILE O 206 15.25 32.25 -51.09
CA ILE O 206 14.72 31.84 -52.39
C ILE O 206 13.44 31.02 -52.27
N GLY O 207 13.07 30.59 -51.07
CA GLY O 207 11.78 29.93 -50.90
C GLY O 207 10.65 30.89 -50.56
N ILE O 208 10.98 31.93 -49.77
CA ILE O 208 9.99 32.93 -49.42
C ILE O 208 9.55 33.69 -50.67
N ALA O 209 10.46 33.93 -51.59
CA ALA O 209 10.09 34.57 -52.86
C ALA O 209 9.15 33.68 -53.66
N ILE O 210 9.40 32.37 -53.67
CA ILE O 210 8.54 31.45 -54.41
C ILE O 210 7.13 31.46 -53.84
N LEU O 211 7.01 31.31 -52.52
CA LEU O 211 5.67 31.23 -51.96
C LEU O 211 5.00 32.60 -51.83
N SER O 212 5.76 33.69 -51.94
CA SER O 212 5.14 35.00 -52.09
C SER O 212 4.64 35.22 -53.52
N ASN O 213 5.35 34.67 -54.50
CA ASN O 213 4.85 34.70 -55.88
C ASN O 213 3.55 33.89 -56.00
N ARG O 214 3.51 32.72 -55.36
CA ARG O 214 2.31 31.90 -55.46
C ARG O 214 1.16 32.50 -54.66
N PHE O 215 1.42 32.93 -53.43
CA PHE O 215 0.44 33.63 -52.60
C PHE O 215 0.74 35.13 -52.65
N ASN O 216 0.32 35.76 -53.75
CA ASN O 216 0.70 37.14 -54.01
C ASN O 216 0.13 38.11 -52.97
N GLY O 217 -1.13 37.91 -52.58
CA GLY O 217 -1.80 38.90 -51.75
C GLY O 217 -1.53 38.78 -50.26
N GLN O 218 -0.99 37.65 -49.80
CA GLN O 218 -0.84 37.40 -48.38
C GLN O 218 0.59 37.51 -47.87
N ILE O 219 1.57 37.13 -48.68
CA ILE O 219 2.96 37.05 -48.23
C ILE O 219 3.83 37.88 -49.17
N THR O 220 4.80 38.60 -48.60
CA THR O 220 5.76 39.40 -49.32
C THR O 220 7.17 38.99 -48.91
N PRO O 221 8.14 39.10 -49.82
CA PRO O 221 9.52 38.77 -49.45
C PRO O 221 10.02 39.69 -48.33
N MET O 222 10.78 39.12 -47.42
CA MET O 222 11.20 39.80 -46.20
C MET O 222 12.22 38.92 -45.49
N SER O 223 12.95 39.52 -44.55
CA SER O 223 14.00 38.79 -43.86
C SER O 223 13.40 37.74 -42.93
N ARG O 224 14.24 36.78 -42.53
CA ARG O 224 13.79 35.70 -41.66
C ARG O 224 13.39 36.22 -40.29
N HIS O 225 14.13 37.20 -39.77
CA HIS O 225 13.84 37.73 -38.44
C HIS O 225 12.47 38.38 -38.38
N ASN O 226 12.17 39.25 -39.33
CA ASN O 226 10.87 39.93 -39.34
C ASN O 226 9.73 38.93 -39.57
N TYR O 227 9.95 37.98 -40.48
CA TYR O 227 8.94 36.95 -40.75
C TYR O 227 8.62 36.16 -39.48
N MET O 228 9.66 35.74 -38.75
CA MET O 228 9.43 34.97 -37.54
C MET O 228 8.79 35.81 -36.45
N THR O 229 9.17 37.09 -36.33
CA THR O 229 8.55 37.94 -35.32
C THR O 229 7.07 38.12 -35.59
N GLN O 230 6.70 38.37 -36.85
CA GLN O 230 5.28 38.53 -37.18
C GLN O 230 4.53 37.23 -36.97
N MET O 231 5.10 36.11 -37.38
CA MET O 231 4.43 34.81 -37.20
C MET O 231 4.21 34.51 -35.73
N PHE O 232 5.19 34.84 -34.88
CA PHE O 232 5.02 34.66 -33.44
C PHE O 232 3.97 35.61 -32.88
N ALA O 233 3.93 36.86 -33.36
CA ALA O 233 2.95 37.82 -32.88
C ALA O 233 1.53 37.46 -33.30
N ASN O 234 1.35 36.65 -34.34
CA ASN O 234 0.03 36.24 -34.76
C ASN O 234 -0.47 34.97 -34.07
N LEU O 235 0.30 34.41 -33.15
CA LEU O 235 -0.14 33.20 -32.46
C LEU O 235 -1.17 33.54 -31.38
N PRO O 236 -2.17 32.69 -31.18
CA PRO O 236 -3.12 32.92 -30.09
C PRO O 236 -2.45 32.79 -28.73
N ALA O 237 -2.95 33.56 -27.76
CA ALA O 237 -2.35 33.56 -26.43
C ALA O 237 -2.60 32.25 -25.69
N ASN O 238 -3.82 31.71 -25.79
CA ASN O 238 -4.17 30.46 -25.11
C ASN O 238 -3.60 29.30 -25.91
N MET O 239 -2.30 29.09 -25.75
CA MET O 239 -1.59 28.03 -26.47
C MET O 239 -0.39 27.59 -25.66
N SER O 240 -0.26 26.29 -25.46
CA SER O 240 0.90 25.75 -24.77
C SER O 240 2.16 25.95 -25.61
N GLU O 241 3.30 26.07 -24.93
CA GLU O 241 4.55 26.34 -25.62
C GLU O 241 5.02 25.15 -26.46
N ARG O 242 4.42 23.97 -26.26
CA ARG O 242 4.74 22.83 -27.11
C ARG O 242 4.07 22.94 -28.48
N ASP O 243 2.86 23.48 -28.54
CA ASP O 243 2.15 23.59 -29.81
C ASP O 243 2.71 24.72 -30.66
N SER O 244 3.03 25.85 -30.03
CA SER O 244 3.55 26.99 -30.79
C SER O 244 4.88 26.66 -31.44
N SER O 245 5.73 25.89 -30.76
CA SER O 245 6.99 25.47 -31.35
C SER O 245 6.75 24.60 -32.57
N ALA O 246 5.78 23.69 -32.49
CA ALA O 246 5.44 22.85 -33.64
C ALA O 246 4.94 23.69 -34.80
N VAL O 247 4.15 24.72 -34.52
CA VAL O 247 3.67 25.61 -35.58
C VAL O 247 4.84 26.36 -36.22
N LEU O 248 5.72 26.93 -35.40
CA LEU O 248 6.81 27.74 -35.93
C LEU O 248 7.82 26.90 -36.71
N HIS O 249 8.04 25.65 -36.30
CA HIS O 249 8.97 24.80 -37.03
C HIS O 249 8.53 24.63 -38.47
N PHE O 250 7.25 24.31 -38.70
CA PHE O 250 6.74 24.19 -40.06
C PHE O 250 6.73 25.55 -40.75
N ALA O 251 6.39 26.61 -40.02
CA ALA O 251 6.35 27.95 -40.60
C ALA O 251 7.69 28.32 -41.22
N GLN O 252 8.79 27.96 -40.56
CA GLN O 252 10.10 28.26 -41.14
C GLN O 252 10.59 27.18 -42.09
N ALA O 253 10.19 25.92 -41.89
CA ALA O 253 10.72 24.83 -42.70
C ALA O 253 10.11 24.79 -44.09
N ALA O 254 8.86 25.23 -44.26
CA ALA O 254 8.25 25.18 -45.58
C ALA O 254 9.00 26.03 -46.61
N PRO O 255 9.30 27.31 -46.37
CA PRO O 255 10.11 28.05 -47.35
C PRO O 255 11.49 27.45 -47.56
N VAL O 256 12.09 26.91 -46.50
CA VAL O 256 13.43 26.34 -46.62
C VAL O 256 13.43 25.15 -47.57
N VAL O 257 12.45 24.26 -47.44
CA VAL O 257 12.37 23.12 -48.34
C VAL O 257 11.97 23.55 -49.74
N LEU O 258 11.10 24.55 -49.85
CA LEU O 258 10.72 25.04 -51.17
C LEU O 258 11.94 25.58 -51.93
N GLY O 259 12.80 26.33 -51.26
CA GLY O 259 14.02 26.79 -51.89
C GLY O 259 15.05 25.69 -52.04
N MET O 260 14.99 24.68 -51.18
CA MET O 260 15.87 23.52 -51.28
C MET O 260 15.63 22.75 -52.57
N MET O 261 14.35 22.55 -52.92
CA MET O 261 14.02 21.80 -54.12
C MET O 261 14.43 22.52 -55.40
N GLU O 262 14.80 23.80 -55.33
CA GLU O 262 15.28 24.53 -56.49
C GLU O 262 16.80 24.41 -56.64
N ARG O 263 17.53 24.83 -55.61
CA ARG O 263 18.98 24.66 -55.57
C ARG O 263 19.30 23.37 -54.82
N LEU O 264 19.74 22.35 -55.55
CA LEU O 264 19.81 21.01 -54.99
C LEU O 264 21.03 20.85 -54.10
N THR O 265 21.17 21.72 -53.10
CA THR O 265 22.27 21.66 -52.16
C THR O 265 21.86 20.82 -50.95
N GLY O 266 22.64 20.89 -49.87
CA GLY O 266 22.37 20.12 -48.68
C GLY O 266 21.13 20.60 -47.94
N ALA O 267 20.99 20.09 -46.71
CA ALA O 267 19.85 20.38 -45.85
C ALA O 267 20.34 20.81 -44.48
N PRO O 268 19.64 21.72 -43.82
CA PRO O 268 19.96 22.07 -42.44
C PRO O 268 19.65 20.91 -41.50
N LYS O 269 20.32 20.91 -40.35
CA LYS O 269 20.15 19.82 -39.40
C LYS O 269 18.74 19.80 -38.82
N TRP O 270 18.19 20.98 -38.51
CA TRP O 270 16.88 21.02 -37.87
C TRP O 270 15.76 20.54 -38.79
N VAL O 271 15.99 20.51 -40.09
CA VAL O 271 15.00 19.94 -41.00
C VAL O 271 15.13 18.43 -41.06
N LEU O 272 16.36 17.93 -41.18
CA LEU O 272 16.57 16.49 -41.22
C LEU O 272 16.20 15.84 -39.89
N ASP O 273 16.74 16.35 -38.80
CA ASP O 273 16.58 15.71 -37.49
C ASP O 273 15.29 16.19 -36.83
N TYR O 274 14.18 15.76 -37.42
CA TYR O 274 12.88 16.05 -36.84
C TYR O 274 12.21 14.77 -36.35
N MET P 1 49.65 35.46 -50.41
CA MET P 1 50.02 34.38 -51.31
C MET P 1 49.84 34.75 -52.78
N ASN P 2 50.49 33.98 -53.65
CA ASN P 2 50.35 34.13 -55.09
C ASN P 2 50.02 32.77 -55.69
N LEU P 3 49.06 32.75 -56.61
CA LEU P 3 48.63 31.50 -57.22
C LEU P 3 48.04 31.80 -58.60
N GLU P 4 47.92 30.74 -59.39
CA GLU P 4 47.45 30.82 -60.78
C GLU P 4 46.34 29.80 -60.98
N ILE P 5 45.10 30.26 -61.00
CA ILE P 5 43.95 29.39 -61.17
C ILE P 5 43.77 29.11 -62.66
N ASN P 6 43.77 27.84 -63.03
CA ASN P 6 43.64 27.48 -64.43
C ASN P 6 42.17 27.40 -64.84
N ASN P 7 41.94 27.29 -66.14
CA ASN P 7 40.59 27.29 -66.69
C ASN P 7 39.81 26.04 -66.34
N PHE P 8 40.48 24.97 -65.91
CA PHE P 8 39.82 23.71 -65.60
C PHE P 8 39.57 23.54 -64.11
N ALA P 9 39.74 24.60 -63.32
CA ALA P 9 39.54 24.48 -61.88
C ALA P 9 38.16 23.99 -61.48
N PRO P 10 37.05 24.43 -62.09
CA PRO P 10 35.74 23.90 -61.68
C PRO P 10 35.59 22.40 -61.82
N ALA P 11 36.33 21.77 -62.74
CA ALA P 11 36.21 20.34 -62.93
C ALA P 11 37.11 19.56 -61.98
N ILE P 12 38.33 20.05 -61.74
CA ILE P 12 39.22 19.40 -60.79
C ILE P 12 38.69 19.56 -59.37
N SER P 13 37.99 20.66 -59.10
CA SER P 13 37.46 20.90 -57.76
C SER P 13 36.41 19.87 -57.38
N SER P 14 35.61 19.41 -58.36
CA SER P 14 34.62 18.38 -58.08
C SER P 14 35.27 17.08 -57.63
N ILE P 15 36.34 16.67 -58.33
CA ILE P 15 37.06 15.46 -57.95
C ILE P 15 37.69 15.62 -56.58
N GLY P 16 38.27 16.79 -56.32
CA GLY P 16 38.85 17.03 -55.00
C GLY P 16 37.82 16.96 -53.89
N SER P 17 36.66 17.58 -54.10
CA SER P 17 35.61 17.57 -53.08
C SER P 17 35.08 16.15 -52.85
N GLN P 18 34.93 15.38 -53.93
CA GLN P 18 34.50 13.99 -53.77
C GLN P 18 35.51 13.19 -52.97
N LEU P 19 36.79 13.37 -53.25
CA LEU P 19 37.83 12.68 -52.49
C LEU P 19 37.78 13.07 -51.02
N CYS P 20 37.64 14.36 -50.74
CA CYS P 20 37.60 14.82 -49.35
C CYS P 20 36.39 14.24 -48.61
N SER P 21 35.23 14.24 -49.26
CA SER P 21 34.02 13.71 -48.63
C SER P 21 34.16 12.22 -48.36
N LEU P 22 34.72 11.46 -49.31
CA LEU P 22 34.93 10.04 -49.09
C LEU P 22 35.88 9.79 -47.93
N SER P 23 36.95 10.59 -47.85
CA SER P 23 37.88 10.45 -46.72
C SER P 23 37.19 10.72 -45.39
N ALA P 24 36.34 11.75 -45.34
CA ALA P 24 35.64 12.06 -44.10
C ALA P 24 34.68 10.93 -43.71
N GLN P 25 33.94 10.40 -44.68
CA GLN P 25 33.02 9.30 -44.39
C GLN P 25 33.79 8.09 -43.86
N LYS P 26 34.92 7.76 -44.49
CA LYS P 26 35.73 6.65 -44.00
C LYS P 26 36.26 6.91 -42.60
N LEU P 27 36.65 8.16 -42.31
CA LEU P 27 37.14 8.49 -40.98
C LEU P 27 36.08 8.26 -39.92
N LEU P 28 34.86 8.74 -40.15
CA LEU P 28 33.81 8.50 -39.16
C LEU P 28 33.41 7.03 -39.08
N THR P 29 33.42 6.32 -40.21
CA THR P 29 33.08 4.89 -40.17
C THR P 29 34.10 4.12 -39.32
N CYS P 30 35.38 4.43 -39.48
CA CYS P 30 36.39 3.78 -38.66
C CYS P 30 36.35 4.26 -37.21
N ARG P 31 35.95 5.51 -37.00
CA ARG P 31 35.83 6.04 -35.65
C ARG P 31 34.69 5.38 -34.88
N LYS P 32 33.66 4.92 -35.59
CA LYS P 32 32.51 4.31 -34.92
C LYS P 32 32.86 2.95 -34.33
N GLN P 33 33.69 2.18 -35.05
CA GLN P 33 34.01 0.78 -34.66
C GLN P 33 35.37 0.60 -33.99
N TYR P 34 36.05 1.68 -33.62
CA TYR P 34 37.30 1.49 -32.85
C TYR P 34 36.92 0.85 -31.53
N GLY P 35 37.55 -0.27 -31.19
CA GLY P 35 37.31 -0.87 -29.89
C GLY P 35 38.39 -0.41 -28.96
N ASN P 36 38.04 0.28 -27.89
CA ASN P 36 39.08 0.87 -27.02
C ASN P 36 39.92 -0.29 -26.51
N GLY P 37 41.25 -0.15 -26.57
CA GLY P 37 42.10 -1.28 -26.20
C GLY P 37 43.54 -0.87 -26.15
N ALA P 38 44.44 -1.74 -26.61
CA ALA P 38 45.87 -1.45 -26.46
C ALA P 38 46.39 -0.56 -27.58
N LYS P 39 45.92 -0.78 -28.81
CA LYS P 39 46.37 0.02 -29.93
C LYS P 39 45.74 1.40 -29.90
N SER P 40 46.55 2.42 -30.18
CA SER P 40 46.04 3.78 -30.23
C SER P 40 45.16 3.97 -31.46
N PHE P 41 44.38 5.06 -31.45
CA PHE P 41 43.47 5.30 -32.56
C PHE P 41 44.21 5.67 -33.83
N GLU P 42 45.40 6.26 -33.72
CA GLU P 42 46.19 6.56 -34.91
C GLU P 42 46.59 5.28 -35.63
N GLU P 43 47.03 4.27 -34.88
CA GLU P 43 47.39 2.99 -35.47
C GLU P 43 46.17 2.31 -36.09
N PHE P 44 45.03 2.38 -35.41
CA PHE P 44 43.81 1.79 -35.94
C PHE P 44 43.38 2.47 -37.24
N TYR P 45 43.49 3.80 -37.30
CA TYR P 45 43.07 4.51 -38.51
C TYR P 45 44.04 4.26 -39.66
N ALA P 46 45.35 4.25 -39.38
CA ALA P 46 46.34 4.12 -40.43
C ALA P 46 46.30 2.77 -41.12
N GLU P 47 45.59 1.79 -40.55
CA GLU P 47 45.55 0.44 -41.08
C GLU P 47 44.32 0.17 -41.94
N ILE P 48 43.20 0.83 -41.66
CA ILE P 48 41.97 0.58 -42.40
C ILE P 48 41.35 1.85 -42.99
N GLY P 49 41.60 3.02 -42.44
CA GLY P 49 40.89 4.23 -42.82
C GLY P 49 41.39 4.94 -44.04
N GLY P 50 42.40 4.43 -44.73
CA GLY P 50 42.92 5.11 -45.89
C GLY P 50 42.62 4.40 -47.20
N ILE P 51 42.00 3.23 -47.11
CA ILE P 51 41.71 2.43 -48.29
C ILE P 51 40.45 2.95 -48.96
N ILE P 52 40.66 3.80 -49.96
CA ILE P 52 39.54 4.37 -50.77
C ILE P 52 39.94 4.29 -52.24
N GLY P 53 39.04 3.80 -53.11
CA GLY P 53 39.33 3.74 -54.55
C GLY P 53 38.27 4.43 -55.40
N MET P 54 38.67 5.33 -56.29
CA MET P 54 37.74 6.03 -57.21
C MET P 54 38.49 6.24 -58.53
N MET P 55 37.83 6.74 -59.58
CA MET P 55 38.52 6.79 -60.88
C MET P 55 39.77 7.66 -60.77
N GLY P 56 40.94 7.10 -61.13
CA GLY P 56 42.18 7.88 -61.15
C GLY P 56 42.84 8.01 -59.79
N ILE P 57 42.18 7.56 -58.72
CA ILE P 57 42.75 7.62 -57.34
C ILE P 57 42.64 6.24 -56.69
N ASN P 58 43.77 5.53 -56.50
CA ASN P 58 43.70 4.16 -55.95
C ASN P 58 44.69 4.09 -54.80
N SER P 59 44.36 4.74 -53.69
CA SER P 59 45.28 4.78 -52.53
C SER P 59 44.92 3.65 -51.57
N GLN P 60 45.86 3.29 -50.71
CA GLN P 60 45.55 2.30 -49.68
C GLN P 60 46.16 2.67 -48.34
N THR P 61 46.51 3.95 -48.14
CA THR P 61 47.19 4.43 -46.95
C THR P 61 46.88 5.92 -46.86
N PRO P 62 46.75 6.48 -45.66
CA PRO P 62 46.51 7.94 -45.58
C PRO P 62 47.57 8.77 -46.27
N SER P 63 48.81 8.26 -46.36
CA SER P 63 49.81 8.92 -47.19
C SER P 63 49.36 9.03 -48.64
N GLY P 64 48.66 8.02 -49.15
CA GLY P 64 48.16 8.06 -50.51
C GLY P 64 47.13 9.15 -50.76
N ILE P 65 46.16 9.28 -49.86
CA ILE P 65 45.16 10.33 -50.03
C ILE P 65 45.77 11.70 -49.79
N ARG P 66 46.76 11.79 -48.91
CA ARG P 66 47.48 13.06 -48.75
C ARG P 66 48.20 13.43 -50.03
N GLU P 67 48.85 12.47 -50.68
CA GLU P 67 49.51 12.73 -51.96
C GLU P 67 48.51 13.12 -53.03
N ALA P 68 47.36 12.46 -53.07
CA ALA P 68 46.34 12.80 -54.06
C ALA P 68 45.80 14.21 -53.85
N ILE P 69 45.58 14.60 -52.59
CA ILE P 69 45.15 15.96 -52.30
C ILE P 69 46.21 16.96 -52.73
N TYR P 70 47.48 16.66 -52.43
CA TYR P 70 48.57 17.53 -52.88
C TYR P 70 48.52 17.72 -54.39
N ARG P 71 48.38 16.61 -55.13
CA ARG P 71 48.41 16.67 -56.58
C ARG P 71 47.24 17.49 -57.12
N LEU P 72 46.03 17.22 -56.64
CA LEU P 72 44.86 17.93 -57.14
C LEU P 72 44.93 19.41 -56.80
N TYR P 73 45.33 19.75 -55.58
CA TYR P 73 45.44 21.16 -55.19
C TYR P 73 46.48 21.89 -56.03
N GLN P 74 47.65 21.26 -56.18
CA GLN P 74 48.75 21.89 -56.98
C GLN P 74 48.23 22.12 -58.40
N SER P 75 47.60 21.11 -59.00
CA SER P 75 47.12 21.25 -60.36
C SER P 75 46.07 22.35 -60.49
N ALA P 76 45.12 22.40 -59.55
CA ALA P 76 43.99 23.32 -59.67
C ALA P 76 44.37 24.77 -59.39
N PHE P 77 45.14 25.05 -58.33
CA PHE P 77 45.36 26.48 -57.92
C PHE P 77 46.77 27.03 -58.09
N LEU P 78 47.81 26.31 -57.70
CA LEU P 78 49.20 26.86 -57.73
C LEU P 78 49.83 26.71 -59.11
N PHE P 79 51.03 27.27 -59.32
CA PHE P 79 51.74 27.03 -60.61
C PHE P 79 51.93 25.51 -60.73
N GLY P 80 51.09 24.83 -61.49
CA GLY P 80 51.18 23.36 -61.57
C GLY P 80 50.66 22.79 -62.87
N ASP P 81 50.79 21.48 -63.05
CA ASP P 81 50.28 20.79 -64.27
C ASP P 81 48.95 21.38 -64.75
N ILE P 82 48.95 21.96 -65.96
CA ILE P 82 47.71 22.54 -66.55
C ILE P 82 46.74 21.37 -66.77
N PHE P 83 47.28 20.16 -67.00
CA PHE P 83 46.41 19.00 -67.27
C PHE P 83 46.64 17.90 -66.22
N PRO P 84 45.61 17.53 -65.42
CA PRO P 84 45.73 16.49 -64.39
C PRO P 84 45.96 15.08 -64.97
N GLU P 85 46.48 14.15 -64.17
CA GLU P 85 46.85 12.79 -64.68
C GLU P 85 45.67 12.07 -65.35
N SER P 86 44.66 11.66 -64.59
CA SER P 86 43.56 10.82 -65.17
C SER P 86 42.35 11.66 -65.58
N PHE P 87 42.54 12.95 -65.89
CA PHE P 87 41.41 13.84 -66.21
C PHE P 87 40.62 13.32 -67.42
N GLY P 88 41.28 12.64 -68.35
CA GLY P 88 40.58 12.21 -69.58
C GLY P 88 39.42 11.27 -69.33
N ILE P 89 39.58 10.27 -68.46
CA ILE P 89 38.50 9.25 -68.28
C ILE P 89 37.61 9.61 -67.09
N GLN P 90 37.78 10.79 -66.49
CA GLN P 90 36.96 11.23 -65.35
C GLN P 90 35.49 11.44 -65.76
N ASN P 91 35.26 11.94 -66.99
CA ASN P 91 33.89 12.19 -67.49
C ASN P 91 33.12 13.14 -66.54
N THR P 92 33.76 14.23 -66.10
CA THR P 92 33.07 15.24 -65.25
C THR P 92 32.31 16.25 -66.11
N GLN P 93 31.43 15.79 -66.99
CA GLN P 93 30.58 16.71 -67.81
C GLN P 93 29.55 17.39 -66.92
N ASN P 94 28.96 16.65 -65.98
CA ASN P 94 27.88 17.20 -65.12
C ASN P 94 28.38 17.21 -63.67
N ILE P 95 28.26 18.34 -62.98
CA ILE P 95 28.83 18.44 -61.61
C ILE P 95 27.72 18.56 -60.57
N LYS P 96 27.98 18.08 -59.36
CA LYS P 96 27.06 18.15 -58.24
C LYS P 96 27.24 19.48 -57.51
N PRO P 97 26.16 20.22 -57.26
CA PRO P 97 26.29 21.53 -56.59
C PRO P 97 26.88 21.38 -55.20
N PRO P 98 27.74 22.31 -54.79
CA PRO P 98 28.32 22.24 -53.45
C PRO P 98 27.36 22.81 -52.42
N PRO P 99 27.54 22.48 -51.14
CA PRO P 99 26.68 23.05 -50.10
C PRO P 99 26.88 24.55 -49.98
N GLY P 100 25.84 25.25 -49.53
CA GLY P 100 25.90 26.69 -49.40
C GLY P 100 26.79 27.14 -48.27
N PHE P 101 27.27 28.37 -48.39
CA PHE P 101 28.18 28.93 -47.40
C PHE P 101 27.46 29.18 -46.08
N THR P 102 28.20 29.00 -44.97
CA THR P 102 27.65 29.20 -43.64
C THR P 102 28.56 30.02 -42.74
N ALA P 103 29.59 30.66 -43.29
CA ALA P 103 30.55 31.39 -42.46
C ALA P 103 29.97 32.74 -42.04
N PRO P 104 29.88 33.02 -40.75
CA PRO P 104 29.41 34.35 -40.32
C PRO P 104 30.35 35.44 -40.80
N ALA P 105 29.77 36.58 -41.17
CA ALA P 105 30.54 37.70 -41.69
C ALA P 105 30.80 38.68 -40.54
N LYS P 106 31.79 38.33 -39.71
CA LYS P 106 32.17 39.21 -38.62
C LYS P 106 32.96 40.41 -39.13
N LYS P 107 34.11 40.16 -39.74
CA LYS P 107 34.90 41.22 -40.36
C LYS P 107 34.53 41.30 -41.83
N LEU P 108 34.02 42.44 -42.26
CA LEU P 108 33.60 42.65 -43.64
C LEU P 108 34.49 43.70 -44.28
N GLU P 109 34.89 43.45 -45.53
CA GLU P 109 35.89 44.26 -46.21
C GLU P 109 35.21 45.36 -47.02
N VAL P 110 35.65 46.60 -46.80
CA VAL P 110 35.16 47.77 -47.52
C VAL P 110 36.34 48.63 -47.95
N VAL P 111 36.09 49.48 -48.94
CA VAL P 111 37.15 50.42 -49.42
C VAL P 111 36.51 51.80 -49.59
N LEU P 112 37.09 52.83 -48.97
CA LEU P 112 36.55 54.21 -49.06
C LEU P 112 36.79 54.76 -50.47
N PRO P 113 36.07 55.81 -50.92
CA PRO P 113 36.30 56.42 -52.22
C PRO P 113 37.59 57.24 -52.22
N GLN P 114 38.06 57.69 -53.40
CA GLN P 114 39.36 58.40 -53.52
C GLN P 114 39.37 59.74 -52.77
N GLY P 115 38.21 60.31 -52.44
CA GLY P 115 38.16 61.65 -51.80
C GLY P 115 38.91 61.74 -50.48
N GLY P 116 38.88 60.68 -49.66
CA GLY P 116 39.66 60.67 -48.41
C GLY P 116 38.96 61.43 -47.28
N ALA P 117 37.65 61.62 -47.39
CA ALA P 117 36.90 62.37 -46.36
C ALA P 117 36.45 61.47 -45.20
N PHE P 118 36.98 60.25 -45.07
CA PHE P 118 36.44 59.36 -44.01
C PHE P 118 37.51 58.58 -43.26
N ASP P 119 37.30 58.32 -41.95
CA ASP P 119 38.20 57.51 -41.14
C ASP P 119 37.42 56.29 -40.67
N LEU P 120 37.83 55.11 -41.10
CA LEU P 120 37.07 53.89 -40.91
C LEU P 120 37.73 52.98 -39.87
N ILE P 121 36.93 52.42 -38.98
CA ILE P 121 37.37 51.43 -38.01
C ILE P 121 36.43 50.24 -38.07
N TYR P 122 36.91 49.13 -37.52
CA TYR P 122 36.18 47.86 -37.57
C TYR P 122 35.65 47.49 -36.20
N ASN P 123 34.56 46.73 -36.19
CA ASN P 123 33.99 46.16 -34.98
C ASN P 123 33.61 44.71 -35.27
N ASN P 124 32.89 44.09 -34.34
CA ASN P 124 32.63 42.66 -34.45
C ASN P 124 31.75 42.36 -35.67
N GLY P 125 30.76 43.21 -35.95
CA GLY P 125 29.90 42.97 -37.08
C GLY P 125 29.46 44.23 -37.79
N GLU P 126 30.10 45.35 -37.49
CA GLU P 126 29.67 46.65 -38.01
C GLU P 126 30.87 47.49 -38.37
N ILE P 127 30.64 48.50 -39.20
CA ILE P 127 31.66 49.47 -39.58
C ILE P 127 31.13 50.86 -39.28
N ARG P 128 32.04 51.77 -38.97
CA ARG P 128 31.66 53.15 -38.70
C ARG P 128 32.77 54.07 -39.20
N VAL P 129 32.38 55.19 -39.81
CA VAL P 129 33.32 56.16 -40.33
C VAL P 129 33.02 57.52 -39.70
N THR P 130 34.06 58.35 -39.61
CA THR P 130 33.93 59.72 -39.12
C THR P 130 34.32 60.67 -40.24
N THR P 131 33.49 61.70 -40.45
CA THR P 131 33.72 62.65 -41.52
C THR P 131 34.84 63.60 -41.16
N THR P 132 35.89 63.64 -41.98
CA THR P 132 36.98 64.58 -41.73
C THR P 132 36.58 66.00 -42.09
N ARG P 133 35.61 66.17 -42.98
CA ARG P 133 35.14 67.48 -43.41
C ARG P 133 33.64 67.40 -43.64
N ASN P 134 33.07 68.49 -44.13
CA ASN P 134 31.63 68.51 -44.39
C ASN P 134 31.28 67.56 -45.53
N VAL P 135 30.15 66.86 -45.37
CA VAL P 135 29.69 65.90 -46.35
C VAL P 135 28.19 66.12 -46.59
N GLN P 136 27.79 66.05 -47.85
CA GLN P 136 26.40 66.27 -48.24
C GLN P 136 25.66 64.95 -48.32
N ALA P 137 24.34 65.02 -48.13
CA ALA P 137 23.52 63.82 -48.15
C ALA P 137 23.40 63.27 -49.57
N GLY P 138 23.55 61.96 -49.71
CA GLY P 138 23.33 61.30 -50.98
C GLY P 138 24.60 61.08 -51.79
N ASP P 139 25.67 60.65 -51.15
CA ASP P 139 26.92 60.35 -51.83
C ASP P 139 27.54 59.08 -51.27
N LEU P 140 28.37 58.44 -52.10
CA LEU P 140 29.00 57.19 -51.72
C LEU P 140 30.01 57.41 -50.61
N VAL P 141 29.99 56.54 -49.60
CA VAL P 141 30.95 56.61 -48.50
C VAL P 141 31.73 55.31 -48.41
N CYS P 142 31.13 54.21 -48.83
CA CYS P 142 31.75 52.89 -48.71
C CYS P 142 31.17 51.94 -49.76
N THR P 143 31.89 50.85 -49.98
CA THR P 143 31.42 49.76 -50.82
C THR P 143 32.16 48.50 -50.44
N VAL P 144 31.46 47.37 -50.46
CA VAL P 144 32.04 46.10 -50.08
C VAL P 144 32.62 45.42 -51.31
N THR P 145 33.84 44.88 -51.16
CA THR P 145 34.48 44.14 -52.24
C THR P 145 34.35 42.63 -52.07
N PHE P 146 34.00 42.17 -50.89
CA PHE P 146 33.87 40.74 -50.61
C PHE P 146 32.39 40.42 -50.48
N PRO P 147 31.82 39.61 -51.38
CA PRO P 147 30.35 39.51 -51.44
C PRO P 147 29.76 38.97 -50.15
N ILE P 148 28.54 39.44 -49.85
CA ILE P 148 27.89 39.21 -48.58
C ILE P 148 26.39 39.15 -48.81
N GLN P 149 25.69 38.42 -47.95
CA GLN P 149 24.24 38.32 -48.04
C GLN P 149 23.66 38.01 -46.67
N GLY P 150 22.54 38.62 -46.37
CA GLY P 150 21.88 38.46 -45.10
C GLY P 150 21.05 39.69 -44.75
N SER P 151 20.68 39.77 -43.48
CA SER P 151 19.87 40.87 -42.99
C SER P 151 20.74 42.07 -42.65
N VAL P 152 20.08 43.19 -42.34
CA VAL P 152 20.75 44.43 -41.96
C VAL P 152 20.10 44.95 -40.68
N ILE P 153 20.93 45.36 -39.72
CA ILE P 153 20.45 45.90 -38.45
C ILE P 153 21.26 47.14 -38.10
N ALA P 154 20.68 47.98 -37.24
CA ALA P 154 21.37 49.10 -36.61
C ALA P 154 22.01 50.02 -37.64
N THR P 155 21.18 50.65 -38.46
CA THR P 155 21.62 51.60 -39.46
C THR P 155 21.34 53.02 -38.95
N ARG P 156 22.39 53.82 -38.79
CA ARG P 156 22.28 55.17 -38.26
C ARG P 156 22.95 56.15 -39.20
N ASN P 157 22.23 57.23 -39.53
CA ASN P 157 22.77 58.35 -40.32
C ASN P 157 23.26 57.90 -41.69
N CYS P 158 22.72 56.81 -42.21
CA CYS P 158 23.06 56.34 -43.54
C CYS P 158 21.92 55.49 -44.05
N HIS P 159 22.00 55.12 -45.34
CA HIS P 159 20.92 54.40 -46.01
C HIS P 159 21.52 53.21 -46.75
N VAL P 160 20.87 52.05 -46.61
CA VAL P 160 21.25 50.83 -47.33
C VAL P 160 20.03 50.32 -48.06
N ASN P 161 20.21 49.98 -49.34
CA ASN P 161 19.10 49.51 -50.17
C ASN P 161 18.69 48.11 -49.72
N GLU P 162 17.54 48.01 -49.07
CA GLU P 162 17.03 46.74 -48.59
C GLU P 162 15.51 46.82 -48.46
N ILE P 163 14.86 45.68 -48.67
CA ILE P 163 13.41 45.56 -48.54
C ILE P 163 13.11 44.40 -47.58
N GLY P 164 12.20 44.64 -46.64
CA GLY P 164 11.83 43.61 -45.69
C GLY P 164 12.93 43.18 -44.76
N GLY P 165 13.98 43.99 -44.60
CA GLY P 165 15.12 43.63 -43.78
C GLY P 165 16.22 42.88 -44.50
N GLN P 166 16.00 42.49 -45.76
CA GLN P 166 16.96 41.71 -46.52
C GLN P 166 17.61 42.60 -47.58
N LEU P 167 18.93 42.53 -47.68
CA LEU P 167 19.65 43.34 -48.65
C LEU P 167 19.27 42.93 -50.07
N THR P 168 19.03 43.94 -50.92
CA THR P 168 18.61 43.64 -52.28
C THR P 168 19.78 43.12 -53.12
N THR P 169 20.94 43.73 -52.98
CA THR P 169 22.12 43.35 -53.75
C THR P 169 23.10 42.58 -52.88
N THR P 170 23.95 41.79 -53.55
CA THR P 170 24.97 41.02 -52.84
C THR P 170 26.18 41.88 -52.47
N ARG P 171 26.29 43.07 -53.03
CA ARG P 171 27.38 44.00 -52.73
C ARG P 171 26.76 45.35 -52.37
N PRO P 172 26.30 45.53 -51.13
CA PRO P 172 25.66 46.79 -50.76
C PRO P 172 26.63 47.95 -50.79
N GLU P 173 26.07 49.13 -51.03
CA GLU P 173 26.81 50.38 -50.99
C GLU P 173 26.14 51.31 -49.98
N ILE P 174 26.95 51.88 -49.09
CA ILE P 174 26.42 52.74 -48.03
C ILE P 174 26.46 54.18 -48.52
N ILE P 175 25.32 54.87 -48.38
CA ILE P 175 25.18 56.24 -48.85
C ILE P 175 24.62 57.09 -47.71
N ALA P 176 25.23 58.24 -47.48
CA ALA P 176 24.74 59.16 -46.46
C ALA P 176 23.36 59.68 -46.83
N SER P 177 22.53 59.87 -45.80
CA SER P 177 21.14 60.28 -46.01
C SER P 177 20.80 61.65 -45.44
N VAL P 178 21.65 62.23 -44.60
CA VAL P 178 21.34 63.52 -43.97
C VAL P 178 22.54 64.45 -44.09
N PRO P 179 22.34 65.75 -44.33
CA PRO P 179 23.47 66.69 -44.25
C PRO P 179 24.05 66.72 -42.85
N MET P 180 25.27 66.24 -42.71
CA MET P 180 25.88 65.93 -41.41
C MET P 180 27.28 66.53 -41.31
N PRO P 181 27.37 67.80 -40.96
CA PRO P 181 28.69 68.43 -40.78
C PRO P 181 29.27 68.15 -39.40
N ALA P 182 30.51 68.60 -39.23
CA ALA P 182 31.19 68.65 -37.94
C ALA P 182 31.36 67.27 -37.30
N ARG P 183 32.09 66.41 -38.02
CA ARG P 183 32.61 65.16 -37.48
C ARG P 183 31.50 64.25 -36.95
N THR P 184 30.66 63.82 -37.87
CA THR P 184 29.60 62.87 -37.55
C THR P 184 30.07 61.44 -37.80
N VAL P 185 29.39 60.50 -37.15
CA VAL P 185 29.71 59.07 -37.28
C VAL P 185 28.47 58.33 -37.75
N ILE P 186 28.65 57.45 -38.72
CA ILE P 186 27.57 56.65 -39.29
C ILE P 186 27.91 55.17 -39.10
N VAL P 187 26.92 54.39 -38.69
CA VAL P 187 27.11 53.00 -38.32
C VAL P 187 26.24 52.12 -39.20
N ALA P 188 26.83 51.02 -39.68
CA ALA P 188 26.11 50.04 -40.50
C ALA P 188 26.48 48.64 -40.02
N SER P 189 25.50 47.91 -39.49
CA SER P 189 25.71 46.56 -38.99
C SER P 189 24.91 45.57 -39.84
N PHE P 190 25.38 44.34 -39.89
CA PHE P 190 24.75 43.32 -40.72
C PHE P 190 24.74 41.97 -39.99
N ASP P 191 23.59 41.29 -40.06
CA ASP P 191 23.49 39.88 -39.66
C ASP P 191 23.51 39.06 -40.94
N ALA P 192 24.70 38.92 -41.52
CA ALA P 192 24.86 38.38 -42.86
C ALA P 192 25.90 37.27 -42.87
N ILE P 193 26.01 36.61 -44.03
CA ILE P 193 26.95 35.47 -44.19
C ILE P 193 27.96 35.89 -45.26
N GLU P 194 29.20 35.42 -45.17
CA GLU P 194 30.26 35.76 -46.15
C GLU P 194 30.73 34.47 -46.80
N ILE P 195 31.41 34.58 -47.94
CA ILE P 195 31.89 33.36 -48.65
C ILE P 195 32.83 32.61 -47.70
N GLY P 196 32.62 31.30 -47.56
CA GLY P 196 33.45 30.49 -46.65
C GLY P 196 32.59 29.56 -45.84
N TYR P 197 33.19 28.78 -44.93
CA TYR P 197 32.41 27.89 -44.04
C TYR P 197 32.87 28.15 -42.60
N GLY P 198 32.00 27.95 -41.61
CA GLY P 198 32.31 28.30 -40.24
C GLY P 198 32.91 27.20 -39.39
N GLU P 199 32.57 25.96 -39.67
CA GLU P 199 33.00 24.85 -38.83
C GLU P 199 34.39 24.38 -39.23
N GLY P 200 35.03 23.66 -38.31
CA GLY P 200 36.33 23.08 -38.56
C GLY P 200 37.46 24.09 -38.74
N ASP P 201 37.44 25.18 -37.98
CA ASP P 201 38.50 26.17 -38.09
C ASP P 201 39.78 25.67 -37.42
N ASP P 202 39.66 24.80 -36.42
CA ASP P 202 40.86 24.20 -35.83
C ASP P 202 41.60 23.34 -36.82
N LEU P 203 40.87 22.56 -37.63
CA LEU P 203 41.50 21.72 -38.64
C LEU P 203 42.18 22.57 -39.71
N PHE P 204 41.56 23.67 -40.10
CA PHE P 204 42.13 24.55 -41.11
C PHE P 204 43.47 25.11 -40.67
N ALA P 205 43.61 25.44 -39.38
CA ALA P 205 44.82 26.08 -38.89
C ALA P 205 46.05 25.21 -39.13
N ILE P 206 45.91 23.89 -39.00
CA ILE P 206 47.03 22.99 -39.22
C ILE P 206 47.09 22.48 -40.65
N GLY P 207 45.95 22.39 -41.36
CA GLY P 207 46.00 22.04 -42.76
C GLY P 207 46.73 23.07 -43.59
N ILE P 208 46.47 24.35 -43.32
CA ILE P 208 47.17 25.42 -44.03
C ILE P 208 48.66 25.38 -43.68
N ALA P 209 48.99 25.05 -42.44
CA ALA P 209 50.40 24.91 -42.08
C ALA P 209 51.07 23.80 -42.87
N ILE P 210 50.39 22.66 -43.01
CA ILE P 210 50.97 21.54 -43.76
C ILE P 210 51.17 21.92 -45.22
N LEU P 211 50.14 22.46 -45.86
CA LEU P 211 50.25 22.72 -47.29
C LEU P 211 50.99 24.01 -47.60
N SER P 212 51.33 24.81 -46.59
CA SER P 212 52.32 25.87 -46.77
C SER P 212 53.72 25.40 -46.45
N ASN P 213 53.85 24.30 -45.71
CA ASN P 213 55.15 23.66 -45.56
C ASN P 213 55.56 22.96 -46.84
N ARG P 214 54.62 22.35 -47.55
CA ARG P 214 54.97 21.71 -48.81
C ARG P 214 55.21 22.73 -49.91
N PHE P 215 54.25 23.63 -50.14
CA PHE P 215 54.39 24.69 -51.14
C PHE P 215 54.86 25.97 -50.46
N ASN P 216 56.11 25.91 -49.98
CA ASN P 216 56.62 26.96 -49.10
C ASN P 216 56.80 28.30 -49.81
N GLY P 217 56.75 28.32 -51.14
CA GLY P 217 56.91 29.58 -51.86
C GLY P 217 55.59 30.26 -52.17
N GLN P 218 54.60 29.48 -52.61
CA GLN P 218 53.35 30.05 -53.08
C GLN P 218 52.34 30.29 -51.98
N ILE P 219 52.37 29.51 -50.90
CA ILE P 219 51.35 29.57 -49.86
C ILE P 219 52.03 29.82 -48.52
N THR P 220 51.43 30.71 -47.73
CA THR P 220 51.89 31.02 -46.39
C THR P 220 50.76 30.83 -45.39
N PRO P 221 51.07 30.47 -44.15
CA PRO P 221 50.01 30.33 -43.15
C PRO P 221 49.33 31.66 -42.85
N MET P 222 48.02 31.58 -42.61
CA MET P 222 47.20 32.74 -42.27
C MET P 222 45.85 32.23 -41.80
N SER P 223 44.95 33.17 -41.52
CA SER P 223 43.62 32.83 -41.06
C SER P 223 42.74 32.43 -42.23
N ARG P 224 41.58 31.84 -41.90
CA ARG P 224 40.65 31.39 -42.93
C ARG P 224 40.08 32.57 -43.70
N HIS P 225 39.80 33.68 -43.02
CA HIS P 225 39.17 34.82 -43.67
C HIS P 225 40.08 35.41 -44.74
N ASN P 226 41.35 35.66 -44.40
CA ASN P 226 42.28 36.22 -45.37
C ASN P 226 42.50 35.27 -46.55
N TYR P 227 42.63 33.98 -46.25
CA TYR P 227 42.80 32.98 -47.30
C TYR P 227 41.63 32.99 -48.28
N MET P 228 40.40 33.00 -47.75
CA MET P 228 39.23 33.01 -48.61
C MET P 228 39.11 34.30 -49.40
N THR P 229 39.42 35.45 -48.77
CA THR P 229 39.35 36.71 -49.49
C THR P 229 40.34 36.75 -50.65
N GLN P 230 41.58 36.31 -50.41
CA GLN P 230 42.56 36.29 -51.49
C GLN P 230 42.17 35.31 -52.59
N MET P 231 41.67 34.13 -52.22
CA MET P 231 41.24 33.16 -53.21
C MET P 231 40.12 33.71 -54.07
N PHE P 232 39.15 34.40 -53.45
CA PHE P 232 38.09 35.00 -54.24
C PHE P 232 38.60 36.12 -55.13
N ALA P 233 39.53 36.93 -54.61
CA ALA P 233 40.08 38.04 -55.38
C ALA P 233 40.90 37.56 -56.57
N ASN P 234 41.44 36.35 -56.51
CA ASN P 234 42.22 35.82 -57.63
C ASN P 234 41.40 35.02 -58.63
N LEU P 235 40.09 34.92 -58.44
CA LEU P 235 39.25 34.23 -59.40
C LEU P 235 39.09 35.05 -60.68
N PRO P 236 38.97 34.41 -61.83
CA PRO P 236 38.72 35.15 -63.06
C PRO P 236 37.36 35.81 -63.06
N ALA P 237 37.26 36.94 -63.76
CA ALA P 237 36.02 37.70 -63.77
C ALA P 237 34.94 37.01 -64.60
N ASN P 238 35.32 36.41 -65.72
CA ASN P 238 34.37 35.74 -66.61
C ASN P 238 34.11 34.33 -66.09
N MET P 239 33.35 34.26 -65.00
CA MET P 239 33.00 32.98 -64.38
C MET P 239 31.67 33.13 -63.65
N SER P 240 30.80 32.15 -63.84
CA SER P 240 29.49 32.16 -63.19
C SER P 240 29.62 31.80 -61.71
N GLU P 241 28.51 31.97 -60.99
CA GLU P 241 28.48 31.63 -59.57
C GLU P 241 28.35 30.14 -59.31
N ARG P 242 28.03 29.35 -60.34
CA ARG P 242 27.89 27.91 -60.16
C ARG P 242 29.25 27.22 -60.07
N ASP P 243 30.25 27.72 -60.79
CA ASP P 243 31.58 27.11 -60.79
C ASP P 243 32.49 27.69 -59.71
N SER P 244 32.39 29.00 -59.47
CA SER P 244 33.16 29.61 -58.39
C SER P 244 32.82 29.00 -57.05
N SER P 245 31.57 28.57 -56.86
CA SER P 245 31.20 27.91 -55.61
C SER P 245 31.98 26.62 -55.42
N ALA P 246 32.07 25.80 -56.48
CA ALA P 246 32.84 24.56 -56.40
C ALA P 246 34.31 24.85 -56.15
N VAL P 247 34.85 25.87 -56.85
CA VAL P 247 36.26 26.22 -56.68
C VAL P 247 36.55 26.60 -55.24
N LEU P 248 35.71 27.46 -54.66
CA LEU P 248 35.93 27.89 -53.28
C LEU P 248 35.70 26.75 -52.28
N HIS P 249 34.73 25.89 -52.54
CA HIS P 249 34.49 24.76 -51.65
C HIS P 249 35.71 23.86 -51.59
N PHE P 250 36.30 23.54 -52.75
CA PHE P 250 37.51 22.72 -52.73
C PHE P 250 38.67 23.48 -52.09
N ALA P 251 38.80 24.77 -52.39
CA ALA P 251 39.91 25.56 -51.86
C ALA P 251 39.89 25.60 -50.35
N GLN P 252 38.72 25.57 -49.73
CA GLN P 252 38.68 25.51 -48.28
C GLN P 252 38.65 24.08 -47.73
N ALA P 253 38.13 23.12 -48.48
CA ALA P 253 38.02 21.77 -47.96
C ALA P 253 39.36 21.04 -47.95
N ALA P 254 40.27 21.37 -48.88
CA ALA P 254 41.56 20.71 -48.89
C ALA P 254 42.36 20.92 -47.61
N PRO P 255 42.58 22.16 -47.13
CA PRO P 255 43.27 22.31 -45.84
C PRO P 255 42.53 21.65 -44.69
N VAL P 256 41.20 21.70 -44.71
CA VAL P 256 40.43 21.13 -43.61
C VAL P 256 40.67 19.64 -43.52
N VAL P 257 40.63 18.94 -44.65
CA VAL P 257 40.85 17.49 -44.64
C VAL P 257 42.31 17.16 -44.32
N LEU P 258 43.24 17.97 -44.82
CA LEU P 258 44.65 17.73 -44.52
C LEU P 258 44.92 17.83 -43.03
N GLY P 259 44.34 18.85 -42.36
CA GLY P 259 44.45 18.95 -40.92
C GLY P 259 43.59 17.95 -40.17
N MET P 260 42.54 17.45 -40.81
CA MET P 260 41.68 16.45 -40.20
C MET P 260 42.41 15.12 -40.09
N MET P 261 43.19 14.77 -41.11
CA MET P 261 43.98 13.54 -41.04
C MET P 261 45.01 13.58 -39.92
N GLU P 262 45.43 14.76 -39.49
CA GLU P 262 46.41 14.85 -38.41
C GLU P 262 45.76 14.64 -37.05
N ARG P 263 44.79 15.49 -36.70
CA ARG P 263 44.02 15.32 -35.47
C ARG P 263 42.80 14.47 -35.79
N LEU P 264 42.77 13.26 -35.25
CA LEU P 264 41.75 12.29 -35.65
C LEU P 264 40.40 12.57 -35.00
N THR P 265 39.89 13.78 -35.18
CA THR P 265 38.59 14.16 -34.66
C THR P 265 37.54 14.04 -35.77
N GLY P 266 36.32 14.49 -35.49
CA GLY P 266 35.25 14.39 -36.46
C GLY P 266 35.47 15.27 -37.67
N ALA P 267 34.41 15.37 -38.47
CA ALA P 267 34.44 16.15 -39.70
C ALA P 267 33.30 17.16 -39.72
N PRO P 268 33.51 18.32 -40.34
CA PRO P 268 32.42 19.28 -40.48
C PRO P 268 31.33 18.76 -41.41
N LYS P 269 30.12 19.27 -41.21
CA LYS P 269 28.99 18.84 -42.03
C LYS P 269 29.17 19.26 -43.48
N TRP P 270 29.73 20.45 -43.71
CA TRP P 270 29.91 20.93 -45.08
C TRP P 270 30.97 20.15 -45.84
N VAL P 271 31.81 19.39 -45.14
CA VAL P 271 32.76 18.51 -45.81
C VAL P 271 32.14 17.15 -46.06
N LEU P 272 31.51 16.57 -45.05
CA LEU P 272 30.99 15.21 -45.15
C LEU P 272 29.73 15.16 -46.01
N ASP P 273 28.81 16.11 -45.82
CA ASP P 273 27.53 16.10 -46.53
C ASP P 273 27.65 16.85 -47.85
N TYR P 274 28.63 16.45 -48.65
CA TYR P 274 28.84 17.05 -49.95
C TYR P 274 27.90 16.44 -50.98
N MET Q 1 80.85 32.43 -65.11
CA MET Q 1 80.40 31.16 -65.66
C MET Q 1 78.91 31.22 -65.99
N ASN Q 2 78.59 30.96 -67.26
CA ASN Q 2 77.25 31.14 -67.78
C ASN Q 2 76.57 29.78 -68.00
N LEU Q 3 75.32 29.67 -67.58
CA LEU Q 3 74.57 28.43 -67.67
C LEU Q 3 73.09 28.71 -67.50
N GLU Q 4 72.27 27.85 -68.09
CA GLU Q 4 70.82 28.00 -68.06
C GLU Q 4 70.19 26.71 -67.55
N ILE Q 5 69.32 26.82 -66.54
CA ILE Q 5 68.62 25.69 -65.97
C ILE Q 5 67.15 25.80 -66.33
N ASN Q 6 66.59 24.76 -66.93
CA ASN Q 6 65.19 24.74 -67.31
C ASN Q 6 64.38 23.91 -66.31
N ASN Q 7 63.10 23.71 -66.60
CA ASN Q 7 62.21 23.00 -65.70
C ASN Q 7 62.30 21.48 -65.82
N PHE Q 8 62.93 20.98 -66.88
CA PHE Q 8 63.16 19.54 -67.02
C PHE Q 8 64.32 19.06 -66.16
N ALA Q 9 65.02 19.97 -65.49
CA ALA Q 9 66.24 19.62 -64.76
C ALA Q 9 66.05 18.55 -63.69
N PRO Q 10 65.00 18.55 -62.86
CA PRO Q 10 64.95 17.55 -61.77
C PRO Q 10 65.01 16.11 -62.23
N ALA Q 11 64.39 15.76 -63.35
CA ALA Q 11 64.43 14.37 -63.81
C ALA Q 11 65.84 13.97 -64.24
N ILE Q 12 66.50 14.85 -65.00
CA ILE Q 12 67.88 14.59 -65.41
C ILE Q 12 68.77 14.47 -64.19
N SER Q 13 68.54 15.32 -63.18
CA SER Q 13 69.34 15.28 -61.97
C SER Q 13 69.13 13.97 -61.21
N SER Q 14 67.89 13.48 -61.16
CA SER Q 14 67.63 12.21 -60.49
C SER Q 14 68.33 11.07 -61.20
N ILE Q 15 68.27 11.05 -62.54
CA ILE Q 15 68.95 10.00 -63.30
C ILE Q 15 70.45 10.06 -63.06
N GLY Q 16 71.03 11.26 -63.11
CA GLY Q 16 72.46 11.39 -62.89
C GLY Q 16 72.87 10.98 -61.49
N SER Q 17 72.08 11.34 -60.48
CA SER Q 17 72.40 10.97 -59.11
C SER Q 17 72.34 9.47 -58.92
N GLN Q 18 71.35 8.81 -59.53
CA GLN Q 18 71.31 7.35 -59.46
C GLN Q 18 72.54 6.74 -60.13
N LEU Q 19 72.95 7.28 -61.27
CA LEU Q 19 74.14 6.80 -61.95
C LEU Q 19 75.38 6.95 -61.07
N CYS Q 20 75.52 8.11 -60.43
CA CYS Q 20 76.67 8.36 -59.56
C CYS Q 20 76.67 7.43 -58.36
N SER Q 21 75.49 7.19 -57.78
CA SER Q 21 75.40 6.28 -56.64
C SER Q 21 75.80 4.87 -57.03
N LEU Q 22 75.35 4.41 -58.20
CA LEU Q 22 75.75 3.08 -58.66
C LEU Q 22 77.26 3.00 -58.88
N SER Q 23 77.84 4.04 -59.49
CA SER Q 23 79.29 4.04 -59.70
C SER Q 23 80.05 3.97 -58.39
N ALA Q 24 79.64 4.76 -57.40
CA ALA Q 24 80.33 4.75 -56.11
C ALA Q 24 80.18 3.39 -55.41
N GLN Q 25 78.99 2.80 -55.47
CA GLN Q 25 78.78 1.50 -54.87
C GLN Q 25 79.69 0.45 -55.50
N LYS Q 26 79.77 0.44 -56.83
CA LYS Q 26 80.63 -0.53 -57.49
C LYS Q 26 82.10 -0.27 -57.18
N LEU Q 27 82.49 1.00 -57.07
CA LEU Q 27 83.88 1.30 -56.70
C LEU Q 27 84.22 0.72 -55.34
N LEU Q 28 83.35 0.93 -54.35
CA LEU Q 28 83.63 0.38 -53.02
C LEU Q 28 83.64 -1.14 -53.05
N THR Q 29 82.71 -1.75 -53.78
CA THR Q 29 82.67 -3.21 -53.84
C THR Q 29 83.95 -3.77 -54.45
N CYS Q 30 84.43 -3.16 -55.54
CA CYS Q 30 85.67 -3.63 -56.15
C CYS Q 30 86.89 -3.28 -55.30
N ARG Q 31 86.78 -2.24 -54.48
CA ARG Q 31 87.89 -1.83 -53.62
C ARG Q 31 88.02 -2.76 -52.42
N LYS Q 32 86.93 -3.40 -51.99
CA LYS Q 32 87.01 -4.32 -50.86
C LYS Q 32 87.60 -5.67 -51.23
N GLN Q 33 87.77 -5.96 -52.52
CA GLN Q 33 88.23 -7.29 -52.93
C GLN Q 33 89.49 -7.24 -53.77
N TYR Q 34 90.38 -6.28 -53.51
CA TYR Q 34 91.64 -6.15 -54.21
C TYR Q 34 92.73 -6.83 -53.39
N GLY Q 35 93.25 -7.95 -53.87
CA GLY Q 35 94.20 -8.73 -53.10
C GLY Q 35 95.44 -9.15 -53.85
N ASN Q 36 95.53 -8.82 -55.14
CA ASN Q 36 96.68 -9.17 -55.96
C ASN Q 36 97.56 -7.93 -56.10
N GLY Q 37 98.68 -7.91 -55.39
CA GLY Q 37 99.56 -6.74 -55.40
C GLY Q 37 100.38 -6.61 -56.66
N ALA Q 38 100.41 -7.62 -57.51
CA ALA Q 38 101.19 -7.55 -58.73
C ALA Q 38 100.65 -6.49 -59.68
N LYS Q 39 99.32 -6.37 -59.77
CA LYS Q 39 98.68 -5.44 -60.68
C LYS Q 39 98.26 -4.18 -59.94
N SER Q 40 98.43 -3.03 -60.58
CA SER Q 40 98.03 -1.77 -59.98
C SER Q 40 96.52 -1.71 -59.79
N PHE Q 41 96.09 -0.93 -58.80
CA PHE Q 41 94.66 -0.85 -58.49
C PHE Q 41 93.88 -0.16 -59.60
N GLU Q 42 94.50 0.79 -60.30
CA GLU Q 42 93.82 1.46 -61.39
C GLU Q 42 93.48 0.48 -62.51
N GLU Q 43 94.45 -0.38 -62.87
CA GLU Q 43 94.20 -1.40 -63.88
C GLU Q 43 93.14 -2.39 -63.41
N PHE Q 44 93.20 -2.78 -62.14
CA PHE Q 44 92.20 -3.70 -61.59
C PHE Q 44 90.80 -3.10 -61.67
N TYR Q 45 90.68 -1.79 -61.46
CA TYR Q 45 89.36 -1.13 -61.51
C TYR Q 45 88.85 -1.06 -62.95
N ALA Q 46 89.72 -0.74 -63.91
CA ALA Q 46 89.27 -0.57 -65.29
C ALA Q 46 88.70 -1.88 -65.81
N GLU Q 47 89.30 -3.01 -65.44
CA GLU Q 47 88.87 -4.33 -65.96
C GLU Q 47 87.46 -4.68 -65.47
N ILE Q 48 87.22 -4.72 -64.16
CA ILE Q 48 85.89 -5.18 -63.67
C ILE Q 48 85.22 -4.15 -62.75
N GLY Q 49 85.56 -2.87 -62.86
CA GLY Q 49 84.83 -1.89 -62.02
C GLY Q 49 83.83 -1.02 -62.76
N GLY Q 50 83.64 -1.24 -64.06
CA GLY Q 50 82.72 -0.34 -64.75
C GLY Q 50 81.53 -1.00 -65.39
N ILE Q 51 81.18 -2.21 -64.96
CA ILE Q 51 80.04 -2.93 -65.52
C ILE Q 51 78.82 -2.59 -64.67
N ILE Q 52 77.98 -1.69 -65.18
CA ILE Q 52 76.72 -1.35 -64.53
C ILE Q 52 75.60 -1.49 -65.55
N GLY Q 53 74.48 -2.07 -65.12
CA GLY Q 53 73.34 -2.24 -66.00
C GLY Q 53 72.31 -1.15 -65.84
N MET Q 54 72.30 -0.20 -66.77
CA MET Q 54 71.37 0.92 -66.73
C MET Q 54 71.02 1.33 -68.15
N MET Q 55 69.76 1.73 -68.34
CA MET Q 55 69.32 2.22 -69.64
C MET Q 55 70.03 3.53 -69.98
N GLY Q 56 70.60 3.60 -71.19
CA GLY Q 56 71.23 4.86 -71.63
C GLY Q 56 72.75 4.85 -71.65
N ILE Q 57 73.36 3.83 -71.06
CA ILE Q 57 74.86 3.70 -71.07
C ILE Q 57 75.24 2.74 -72.21
N ASN Q 58 76.14 3.16 -73.10
CA ASN Q 58 76.46 2.32 -74.29
C ASN Q 58 77.68 1.42 -74.05
N SER Q 59 78.52 1.74 -73.05
CA SER Q 59 79.76 0.96 -72.87
C SER Q 59 79.84 0.38 -71.46
N GLN Q 60 80.42 -0.81 -71.29
CA GLN Q 60 80.59 -1.42 -69.95
C GLN Q 60 82.00 -1.10 -69.44
N THR Q 61 82.49 0.11 -69.69
CA THR Q 61 83.78 0.62 -69.27
C THR Q 61 83.59 1.92 -68.52
N PRO Q 62 84.55 2.34 -67.70
CA PRO Q 62 84.42 3.64 -67.03
C PRO Q 62 84.29 4.80 -68.00
N SER Q 63 84.84 4.66 -69.21
CA SER Q 63 84.67 5.71 -70.21
C SER Q 63 83.21 5.92 -70.56
N GLY Q 64 82.44 4.82 -70.65
CA GLY Q 64 81.01 4.96 -70.89
C GLY Q 64 80.30 5.69 -69.78
N ILE Q 65 80.66 5.40 -68.53
CA ILE Q 65 80.04 6.08 -67.40
C ILE Q 65 80.35 7.56 -67.42
N ARG Q 66 81.61 7.92 -67.69
CA ARG Q 66 81.96 9.33 -67.72
C ARG Q 66 81.33 10.04 -68.92
N GLU Q 67 81.14 9.34 -70.04
CA GLU Q 67 80.42 9.92 -71.17
C GLU Q 67 78.96 10.17 -70.82
N ALA Q 68 78.33 9.23 -70.12
CA ALA Q 68 76.95 9.44 -69.68
C ALA Q 68 76.85 10.61 -68.72
N ILE Q 69 77.84 10.74 -67.82
CA ILE Q 69 77.85 11.87 -66.90
C ILE Q 69 77.99 13.18 -67.66
N TYR Q 70 78.86 13.21 -68.67
CA TYR Q 70 79.01 14.40 -69.51
C TYR Q 70 77.69 14.76 -70.17
N ARG Q 71 77.02 13.77 -70.76
CA ARG Q 71 75.77 14.04 -71.46
C ARG Q 71 74.71 14.57 -70.51
N LEU Q 72 74.56 13.94 -69.34
CA LEU Q 72 73.56 14.37 -68.39
C LEU Q 72 73.86 15.78 -67.86
N TYR Q 73 75.13 16.07 -67.57
CA TYR Q 73 75.49 17.40 -67.09
C TYR Q 73 75.20 18.46 -68.13
N GLN Q 74 75.56 18.19 -69.39
CA GLN Q 74 75.28 19.16 -70.45
C GLN Q 74 73.79 19.36 -70.63
N SER Q 75 73.01 18.27 -70.56
CA SER Q 75 71.56 18.39 -70.69
C SER Q 75 70.95 19.19 -69.56
N ALA Q 76 71.46 19.01 -68.34
CA ALA Q 76 70.79 19.59 -67.18
C ALA Q 76 71.20 21.05 -66.95
N PHE Q 77 72.48 21.40 -67.07
CA PHE Q 77 72.87 22.78 -66.65
C PHE Q 77 73.40 23.66 -67.77
N LEU Q 78 73.81 23.10 -68.91
CA LEU Q 78 74.39 23.96 -69.97
C LEU Q 78 73.29 24.35 -70.97
N PHE Q 79 73.58 25.26 -71.90
CA PHE Q 79 72.54 25.80 -72.81
C PHE Q 79 72.11 24.81 -73.90
N GLY Q 80 70.98 25.05 -74.57
CA GLY Q 80 70.60 24.19 -75.71
C GLY Q 80 69.38 23.33 -75.45
N ASP Q 81 68.97 23.16 -74.18
CA ASP Q 81 67.73 22.38 -73.87
C ASP Q 81 67.75 21.00 -74.54
N ILE Q 82 68.83 20.23 -74.37
CA ILE Q 82 68.89 18.85 -74.92
C ILE Q 82 67.92 17.96 -74.14
N PHE Q 83 67.29 16.99 -74.80
CA PHE Q 83 66.37 16.04 -74.13
C PHE Q 83 66.90 14.61 -74.35
N PRO Q 84 67.47 13.89 -73.35
CA PRO Q 84 68.11 12.60 -73.63
C PRO Q 84 67.13 11.42 -73.61
N GLU Q 85 66.61 11.04 -74.78
CA GLU Q 85 65.58 9.96 -74.85
C GLU Q 85 66.19 8.60 -74.49
N SER Q 86 67.52 8.43 -74.68
CA SER Q 86 68.16 7.12 -74.45
C SER Q 86 67.96 6.64 -73.00
N PHE Q 87 67.99 7.55 -72.03
CA PHE Q 87 67.89 7.17 -70.59
C PHE Q 87 66.45 6.86 -70.18
N GLY Q 88 66.24 6.45 -68.92
CA GLY Q 88 64.92 6.14 -68.40
C GLY Q 88 64.14 7.38 -68.02
N ILE Q 89 63.89 8.26 -68.99
CA ILE Q 89 63.19 9.51 -68.72
C ILE Q 89 61.68 9.32 -68.61
N GLN Q 90 61.16 8.15 -69.01
CA GLN Q 90 59.71 7.94 -68.97
C GLN Q 90 59.19 7.88 -67.54
N ASN Q 91 59.83 7.10 -66.68
CA ASN Q 91 59.36 6.91 -65.31
C ASN Q 91 59.96 7.90 -64.32
N THR Q 92 59.96 9.18 -64.68
CA THR Q 92 60.46 10.24 -63.83
C THR Q 92 59.36 11.16 -63.33
N GLN Q 93 58.11 10.66 -63.28
CA GLN Q 93 57.03 11.47 -62.75
C GLN Q 93 57.25 11.82 -61.28
N ASN Q 94 57.73 10.86 -60.50
CA ASN Q 94 58.08 11.06 -59.11
C ASN Q 94 59.55 10.75 -58.92
N ILE Q 95 60.20 11.47 -58.00
CA ILE Q 95 61.64 11.32 -57.79
C ILE Q 95 61.92 11.12 -56.31
N LYS Q 96 63.03 10.45 -56.03
CA LYS Q 96 63.43 10.19 -54.66
C LYS Q 96 64.08 11.43 -54.06
N PRO Q 97 63.84 11.73 -52.78
CA PRO Q 97 64.46 12.91 -52.16
C PRO Q 97 65.96 12.72 -51.98
N PRO Q 98 66.74 13.76 -52.22
CA PRO Q 98 68.19 13.66 -52.00
C PRO Q 98 68.52 13.81 -50.53
N PRO Q 99 69.74 13.43 -50.12
CA PRO Q 99 70.12 13.60 -48.71
C PRO Q 99 70.21 15.06 -48.32
N GLY Q 100 70.07 15.32 -47.03
CA GLY Q 100 70.11 16.68 -46.53
C GLY Q 100 71.51 17.28 -46.59
N PHE Q 101 71.55 18.60 -46.68
CA PHE Q 101 72.82 19.31 -46.82
C PHE Q 101 73.62 19.24 -45.53
N THR Q 102 74.96 19.30 -45.67
CA THR Q 102 75.86 19.21 -44.53
C THR Q 102 77.00 20.21 -44.59
N ALA Q 103 76.98 21.16 -45.51
CA ALA Q 103 78.10 22.09 -45.68
C ALA Q 103 78.06 23.15 -44.59
N PRO Q 104 79.11 23.29 -43.78
CA PRO Q 104 79.13 24.37 -42.79
C PRO Q 104 79.20 25.73 -43.47
N ALA Q 105 78.58 26.72 -42.82
CA ALA Q 105 78.50 28.08 -43.36
C ALA Q 105 79.64 28.89 -42.74
N LYS Q 106 80.82 28.78 -43.34
CA LYS Q 106 81.95 29.57 -42.88
C LYS Q 106 81.89 31.00 -43.41
N LYS Q 107 81.93 31.15 -44.73
CA LYS Q 107 81.79 32.45 -45.37
C LYS Q 107 80.36 32.58 -45.85
N LEU Q 108 79.58 33.41 -45.16
CA LEU Q 108 78.18 33.60 -45.49
C LEU Q 108 77.99 34.95 -46.18
N GLU Q 109 77.20 34.94 -47.25
CA GLU Q 109 77.02 36.11 -48.10
C GLU Q 109 75.93 37.02 -47.53
N VAL Q 110 76.21 38.32 -47.48
CA VAL Q 110 75.23 39.33 -47.09
C VAL Q 110 75.34 40.49 -48.07
N VAL Q 111 74.24 41.25 -48.17
CA VAL Q 111 74.24 42.46 -49.04
C VAL Q 111 74.08 43.67 -48.12
N LEU Q 112 74.31 44.88 -48.63
CA LEU Q 112 74.26 46.08 -47.76
C LEU Q 112 73.21 47.03 -48.33
N PRO Q 113 72.56 47.89 -47.50
CA PRO Q 113 71.62 48.89 -48.01
C PRO Q 113 72.33 49.95 -48.86
N GLN Q 114 71.60 50.65 -49.73
CA GLN Q 114 72.23 51.63 -50.68
C GLN Q 114 72.86 52.83 -49.96
N GLY Q 115 72.48 53.10 -48.71
CA GLY Q 115 72.98 54.31 -48.01
C GLY Q 115 74.50 54.34 -47.85
N GLY Q 116 75.16 53.21 -47.63
CA GLY Q 116 76.62 53.22 -47.38
C GLY Q 116 76.92 53.52 -45.92
N ALA Q 117 75.93 53.33 -45.04
CA ALA Q 117 76.09 53.60 -43.59
C ALA Q 117 77.15 52.69 -42.96
N PHE Q 118 77.28 51.45 -43.41
CA PHE Q 118 78.17 50.50 -42.70
C PHE Q 118 79.27 49.89 -43.59
N ASP Q 119 80.35 49.42 -42.98
CA ASP Q 119 81.45 48.74 -43.73
C ASP Q 119 81.33 47.24 -43.42
N LEU Q 120 81.84 46.35 -44.27
CA LEU Q 120 81.62 44.92 -44.07
C LEU Q 120 82.93 44.14 -44.14
N ILE Q 121 83.17 43.31 -43.13
CA ILE Q 121 84.30 42.38 -43.11
C ILE Q 121 83.78 41.01 -42.70
N TYR Q 122 84.49 39.95 -43.10
CA TYR Q 122 83.98 38.58 -42.82
C TYR Q 122 85.01 37.77 -42.03
N ASN Q 123 84.66 37.35 -40.81
CA ASN Q 123 85.56 36.46 -40.03
C ASN Q 123 85.20 35.00 -40.31
N ASN Q 124 85.71 34.05 -39.51
CA ASN Q 124 85.51 32.62 -39.83
C ASN Q 124 84.05 32.20 -39.86
N GLY Q 125 83.22 32.61 -38.90
CA GLY Q 125 81.79 32.27 -38.97
C GLY Q 125 80.90 33.46 -38.68
N GLU Q 126 81.40 34.68 -38.83
CA GLU Q 126 80.59 35.84 -38.40
C GLU Q 126 80.69 37.04 -39.34
N ILE Q 127 79.71 37.94 -39.28
CA ILE Q 127 79.78 39.21 -40.05
C ILE Q 127 79.87 40.32 -39.02
N ARG Q 128 80.80 41.27 -39.20
CA ARG Q 128 80.93 42.41 -38.26
C ARG Q 128 80.86 43.72 -39.05
N VAL Q 129 79.77 44.49 -38.87
CA VAL Q 129 79.56 45.76 -39.62
C VAL Q 129 79.96 46.94 -38.73
N THR Q 130 80.72 47.90 -39.26
CA THR Q 130 81.13 49.11 -38.48
C THR Q 130 80.36 50.31 -39.01
N THR Q 131 79.74 51.11 -38.12
CA THR Q 131 78.90 52.24 -38.58
C THR Q 131 79.75 53.45 -38.99
N THR Q 132 79.36 54.15 -40.05
CA THR Q 132 80.04 55.37 -40.46
C THR Q 132 79.41 56.62 -39.86
N ARG Q 133 78.11 56.59 -39.61
CA ARG Q 133 77.38 57.74 -39.07
C ARG Q 133 76.35 57.22 -38.08
N ASN Q 134 75.68 58.14 -37.41
CA ASN Q 134 74.64 57.77 -36.45
C ASN Q 134 73.50 57.05 -37.16
N VAL Q 135 73.10 55.91 -36.60
CA VAL Q 135 72.01 55.11 -37.14
C VAL Q 135 71.03 54.81 -36.02
N GLN Q 136 69.73 54.94 -36.31
CA GLN Q 136 68.69 54.74 -35.32
C GLN Q 136 68.34 53.26 -35.23
N ALA Q 137 68.01 52.82 -34.02
CA ALA Q 137 67.72 51.41 -33.78
C ALA Q 137 66.46 50.96 -34.50
N GLY Q 138 66.43 49.69 -34.87
CA GLY Q 138 65.27 49.06 -35.46
C GLY Q 138 65.20 49.04 -36.97
N ASP Q 139 66.31 49.34 -37.66
CA ASP Q 139 66.32 49.35 -39.11
C ASP Q 139 67.28 48.29 -39.64
N LEU Q 140 67.13 47.99 -40.94
CA LEU Q 140 67.92 46.94 -41.56
C LEU Q 140 69.39 47.36 -41.65
N VAL Q 141 70.28 46.42 -41.33
CA VAL Q 141 71.71 46.59 -41.54
C VAL Q 141 72.26 45.58 -42.53
N CYS Q 142 71.78 44.34 -42.50
CA CYS Q 142 72.26 43.31 -43.40
C CYS Q 142 71.16 42.28 -43.60
N THR Q 143 71.27 41.53 -44.70
CA THR Q 143 70.38 40.41 -44.98
C THR Q 143 71.13 39.42 -45.86
N VAL Q 144 70.92 38.14 -45.60
CA VAL Q 144 71.65 37.09 -46.30
C VAL Q 144 70.95 36.77 -47.61
N THR Q 145 71.75 36.57 -48.67
CA THR Q 145 71.23 36.16 -49.96
C THR Q 145 71.42 34.67 -50.22
N PHE Q 146 72.24 33.99 -49.42
CA PHE Q 146 72.46 32.57 -49.54
C PHE Q 146 71.78 31.88 -48.37
N PRO Q 147 70.76 31.05 -48.61
CA PRO Q 147 69.99 30.48 -47.50
C PRO Q 147 70.85 29.67 -46.55
N ILE Q 148 70.57 29.81 -45.25
CA ILE Q 148 71.25 29.07 -44.19
C ILE Q 148 70.21 28.65 -43.17
N GLN Q 149 70.61 27.73 -42.29
CA GLN Q 149 69.75 27.33 -41.18
C GLN Q 149 70.62 26.75 -40.08
N GLY Q 150 70.25 27.06 -38.84
CA GLY Q 150 71.01 26.63 -37.70
C GLY Q 150 70.81 27.57 -36.54
N SER Q 151 71.58 27.35 -35.48
CA SER Q 151 71.50 28.16 -34.29
C SER Q 151 72.28 29.47 -34.46
N VAL Q 152 72.09 30.38 -33.52
CA VAL Q 152 72.79 31.66 -33.50
C VAL Q 152 73.48 31.80 -32.14
N ILE Q 153 74.75 32.20 -32.17
CA ILE Q 153 75.57 32.33 -30.99
C ILE Q 153 76.25 33.69 -31.00
N ALA Q 154 76.28 34.34 -29.83
CA ALA Q 154 77.09 35.54 -29.58
C ALA Q 154 76.75 36.65 -30.58
N THR Q 155 75.51 37.13 -30.48
CA THR Q 155 75.07 38.31 -31.21
C THR Q 155 75.16 39.53 -30.29
N ARG Q 156 75.73 40.62 -30.82
CA ARG Q 156 75.98 41.81 -30.02
C ARG Q 156 75.49 43.05 -30.77
N ASN Q 157 74.79 43.93 -30.05
CA ASN Q 157 74.31 45.20 -30.60
C ASN Q 157 73.38 44.99 -31.81
N CYS Q 158 72.77 43.82 -31.90
CA CYS Q 158 71.87 43.51 -33.01
C CYS Q 158 70.89 42.44 -32.56
N HIS Q 159 69.84 42.26 -33.36
CA HIS Q 159 68.78 41.31 -33.04
C HIS Q 159 68.50 40.44 -34.27
N VAL Q 160 68.21 39.17 -34.02
CA VAL Q 160 67.81 38.22 -35.05
C VAL Q 160 66.59 37.47 -34.55
N ASN Q 161 65.65 37.20 -35.46
CA ASN Q 161 64.41 36.53 -35.11
C ASN Q 161 64.71 35.06 -34.86
N GLU Q 162 64.90 34.70 -33.59
CA GLU Q 162 65.17 33.32 -33.20
C GLU Q 162 64.36 32.98 -31.96
N ILE Q 163 63.94 31.73 -31.87
CA ILE Q 163 63.23 31.21 -30.71
C ILE Q 163 63.96 29.95 -30.23
N GLY Q 164 64.27 29.92 -28.94
CA GLY Q 164 64.99 28.79 -28.39
C GLY Q 164 66.43 28.66 -28.87
N GLY Q 165 67.00 29.72 -29.43
CA GLY Q 165 68.34 29.68 -29.98
C GLY Q 165 68.41 29.28 -31.43
N GLN Q 166 67.29 28.88 -32.04
CA GLN Q 166 67.26 28.41 -33.41
C GLN Q 166 66.70 29.50 -34.32
N LEU Q 167 67.36 29.74 -35.44
CA LEU Q 167 66.88 30.75 -36.38
C LEU Q 167 65.53 30.36 -36.94
N THR Q 168 64.66 31.37 -37.13
CA THR Q 168 63.32 31.12 -37.62
C THR Q 168 63.28 30.99 -39.14
N THR Q 169 63.67 32.05 -39.84
CA THR Q 169 63.60 32.07 -41.29
C THR Q 169 64.93 31.66 -41.91
N THR Q 170 64.85 31.04 -43.09
CA THR Q 170 66.04 30.61 -43.81
C THR Q 170 66.83 31.78 -44.39
N ARG Q 171 66.27 32.99 -44.38
CA ARG Q 171 66.96 34.20 -44.83
C ARG Q 171 66.86 35.25 -43.72
N PRO Q 172 67.60 35.07 -42.63
CA PRO Q 172 67.49 36.01 -41.51
C PRO Q 172 67.94 37.41 -41.89
N GLU Q 173 67.29 38.40 -41.29
CA GLU Q 173 67.63 39.80 -41.46
C GLU Q 173 68.12 40.35 -40.13
N ILE Q 174 69.29 40.98 -40.14
CA ILE Q 174 69.89 41.55 -38.94
C ILE Q 174 69.46 43.00 -38.83
N ILE Q 175 68.99 43.40 -37.65
CA ILE Q 175 68.57 44.77 -37.40
C ILE Q 175 69.17 45.24 -36.09
N ALA Q 176 69.31 46.56 -35.97
CA ALA Q 176 69.87 47.16 -34.77
C ALA Q 176 68.86 47.14 -33.63
N SER Q 177 69.37 47.15 -32.41
CA SER Q 177 68.54 47.14 -31.21
C SER Q 177 68.66 48.39 -30.36
N VAL Q 178 69.80 49.09 -30.41
CA VAL Q 178 70.01 50.28 -29.58
C VAL Q 178 70.55 51.39 -30.49
N PRO Q 179 70.12 52.68 -30.35
CA PRO Q 179 70.72 53.77 -31.13
C PRO Q 179 72.24 53.65 -31.15
N MET Q 180 72.86 53.73 -32.33
CA MET Q 180 74.32 53.46 -32.42
C MET Q 180 75.11 54.72 -32.78
N PRO Q 181 76.16 55.08 -32.01
CA PRO Q 181 77.04 56.20 -32.36
C PRO Q 181 77.96 55.77 -33.51
N ALA Q 182 78.63 56.74 -34.16
CA ALA Q 182 79.54 56.43 -35.28
C ALA Q 182 80.73 55.59 -34.78
N ARG Q 183 81.24 54.69 -35.62
CA ARG Q 183 82.42 53.84 -35.27
C ARG Q 183 82.04 52.71 -34.31
N THR Q 184 80.74 52.45 -34.15
CA THR Q 184 80.28 51.32 -33.28
C THR Q 184 80.24 50.04 -34.12
N VAL Q 185 80.45 48.87 -33.49
CA VAL Q 185 80.52 47.58 -34.25
C VAL Q 185 79.33 46.69 -33.87
N ILE Q 186 78.88 45.87 -34.83
CA ILE Q 186 77.72 44.95 -34.62
C ILE Q 186 78.20 43.54 -34.99
N VAL Q 187 78.11 42.55 -34.08
CA VAL Q 187 78.67 41.25 -34.38
C VAL Q 187 77.56 40.21 -34.34
N ALA Q 188 77.53 39.35 -35.37
CA ALA Q 188 76.56 38.26 -35.44
C ALA Q 188 77.25 37.02 -35.96
N SER Q 189 77.30 35.98 -35.14
CA SER Q 189 77.92 34.71 -35.50
C SER Q 189 76.87 33.61 -35.52
N PHE Q 190 76.94 32.76 -36.55
CA PHE Q 190 75.94 31.71 -36.75
C PHE Q 190 76.63 30.35 -36.79
N ASP Q 191 76.05 29.40 -36.05
CA ASP Q 191 76.45 27.99 -36.13
C ASP Q 191 75.44 27.29 -37.03
N ALA Q 192 75.55 27.54 -38.33
CA ALA Q 192 74.54 27.15 -39.30
C ALA Q 192 75.12 26.25 -40.38
N ILE Q 193 74.25 25.81 -41.28
CA ILE Q 193 74.59 24.94 -42.39
C ILE Q 193 74.11 25.60 -43.68
N GLU Q 194 75.01 25.71 -44.65
CA GLU Q 194 74.65 26.35 -45.95
C GLU Q 194 74.31 25.26 -46.97
N ILE Q 195 74.01 25.65 -48.21
CA ILE Q 195 73.62 24.67 -49.27
C ILE Q 195 74.87 23.86 -49.67
N GLY Q 196 74.68 22.67 -50.22
CA GLY Q 196 75.81 21.82 -50.67
C GLY Q 196 76.26 20.85 -49.59
N TYR Q 197 77.31 20.07 -49.86
CA TYR Q 197 77.82 19.09 -48.88
C TYR Q 197 79.32 19.35 -48.64
N GLY Q 198 79.78 19.17 -47.41
CA GLY Q 198 81.20 19.42 -47.07
C GLY Q 198 82.21 18.39 -47.53
N GLU Q 199 81.90 17.09 -47.40
CA GLU Q 199 82.89 16.03 -47.70
C GLU Q 199 83.15 15.92 -49.20
N GLY Q 200 84.32 15.40 -49.59
CA GLY Q 200 84.66 15.21 -51.01
C GLY Q 200 85.32 16.42 -51.64
N ASP Q 201 85.73 17.39 -50.83
CA ASP Q 201 86.29 18.65 -51.38
C ASP Q 201 87.58 18.39 -52.16
N ASP Q 202 88.29 17.29 -51.88
CA ASP Q 202 89.50 16.94 -52.66
C ASP Q 202 89.11 16.41 -54.03
N LEU Q 203 88.03 15.63 -54.11
CA LEU Q 203 87.56 15.12 -55.39
C LEU Q 203 86.92 16.23 -56.24
N PHE Q 204 86.27 17.19 -55.59
CA PHE Q 204 85.64 18.28 -56.32
C PHE Q 204 86.68 19.11 -57.08
N ALA Q 205 87.83 19.38 -56.45
CA ALA Q 205 88.82 20.25 -57.06
C ALA Q 205 89.34 19.67 -58.37
N ILE Q 206 89.41 18.35 -58.47
CA ILE Q 206 89.90 17.72 -59.70
C ILE Q 206 88.77 17.33 -60.65
N GLY Q 207 87.53 17.23 -60.17
CA GLY Q 207 86.43 17.00 -61.08
C GLY Q 207 85.98 18.25 -61.81
N ILE Q 208 86.03 19.38 -61.10
CA ILE Q 208 85.68 20.66 -61.73
C ILE Q 208 86.68 20.99 -62.82
N ALA Q 209 87.95 20.64 -62.62
CA ALA Q 209 88.95 20.86 -63.66
C ALA Q 209 88.63 20.05 -64.91
N ILE Q 210 88.22 18.80 -64.74
CA ILE Q 210 87.91 17.94 -65.89
C ILE Q 210 86.71 18.50 -66.64
N LEU Q 211 85.62 18.78 -65.93
CA LEU Q 211 84.42 19.22 -66.65
C LEU Q 211 84.48 20.68 -67.06
N SER Q 212 85.50 21.43 -66.63
CA SER Q 212 85.78 22.73 -67.21
C SER Q 212 86.69 22.62 -68.42
N ASN Q 213 87.56 21.61 -68.44
CA ASN Q 213 88.36 21.34 -69.63
C ASN Q 213 87.47 20.92 -70.78
N ARG Q 214 86.50 20.03 -70.52
CA ARG Q 214 85.64 19.58 -71.61
C ARG Q 214 84.70 20.68 -72.09
N PHE Q 215 84.04 21.37 -71.16
CA PHE Q 215 83.18 22.51 -71.50
C PHE Q 215 83.96 23.79 -71.21
N ASN Q 216 84.89 24.11 -72.12
CA ASN Q 216 85.84 25.19 -71.86
C ASN Q 216 85.16 26.54 -71.77
N GLY Q 217 84.21 26.82 -72.66
CA GLY Q 217 83.62 28.15 -72.71
C GLY Q 217 82.64 28.46 -71.59
N GLN Q 218 82.08 27.44 -70.96
CA GLN Q 218 81.01 27.63 -69.99
C GLN Q 218 81.48 27.52 -68.55
N ILE Q 219 82.28 26.51 -68.22
CA ILE Q 219 82.66 26.21 -66.84
C ILE Q 219 84.12 26.54 -66.65
N THR Q 220 84.44 27.17 -65.52
CA THR Q 220 85.80 27.51 -65.13
C THR Q 220 86.09 26.92 -63.76
N PRO Q 221 87.34 26.60 -63.46
CA PRO Q 221 87.67 26.09 -62.13
C PRO Q 221 87.52 27.17 -61.07
N MET Q 222 86.97 26.78 -59.92
CA MET Q 222 86.74 27.70 -58.82
C MET Q 222 86.53 26.87 -57.55
N SER Q 223 86.26 27.55 -56.45
CA SER Q 223 85.99 26.88 -55.20
C SER Q 223 84.59 26.27 -55.20
N ARG Q 224 84.34 25.41 -54.21
CA ARG Q 224 83.02 24.80 -54.11
C ARG Q 224 81.97 25.81 -53.65
N HIS Q 225 82.37 26.75 -52.78
CA HIS Q 225 81.42 27.74 -52.28
C HIS Q 225 80.93 28.65 -53.39
N ASN Q 226 81.85 29.20 -54.19
CA ASN Q 226 81.47 30.08 -55.28
C ASN Q 226 80.63 29.34 -56.32
N TYR Q 227 81.03 28.10 -56.64
CA TYR Q 227 80.29 27.30 -57.60
C TYR Q 227 78.87 27.05 -57.14
N MET Q 228 78.70 26.70 -55.86
CA MET Q 228 77.36 26.44 -55.35
C MET Q 228 76.53 27.72 -55.30
N THR Q 229 77.15 28.85 -54.94
CA THR Q 229 76.40 30.10 -54.92
C THR Q 229 75.91 30.47 -56.31
N GLN Q 230 76.77 30.32 -57.33
CA GLN Q 230 76.35 30.62 -58.69
C GLN Q 230 75.26 29.66 -59.16
N MET Q 231 75.39 28.37 -58.85
CA MET Q 231 74.37 27.40 -59.23
C MET Q 231 73.02 27.75 -58.60
N PHE Q 232 73.03 28.12 -57.32
CA PHE Q 232 71.78 28.49 -56.66
C PHE Q 232 71.21 29.77 -57.24
N ALA Q 233 72.06 30.76 -57.54
CA ALA Q 233 71.58 32.02 -58.10
C ALA Q 233 71.07 31.89 -59.52
N ASN Q 234 71.45 30.83 -60.24
CA ASN Q 234 70.95 30.62 -61.59
C ASN Q 234 69.69 29.76 -61.65
N LEU Q 235 69.14 29.36 -60.51
CA LEU Q 235 67.95 28.54 -60.50
C LEU Q 235 66.74 29.35 -60.99
N PRO Q 236 65.82 28.73 -61.72
CA PRO Q 236 64.59 29.43 -62.11
C PRO Q 236 63.73 29.75 -60.90
N ALA Q 237 62.96 30.85 -61.01
CA ALA Q 237 62.14 31.29 -59.90
C ALA Q 237 61.03 30.28 -59.58
N ASN Q 238 60.40 29.73 -60.61
CA ASN Q 238 59.28 28.81 -60.43
C ASN Q 238 59.80 27.39 -60.25
N MET Q 239 60.27 27.11 -59.04
CA MET Q 239 60.74 25.77 -58.68
C MET Q 239 60.64 25.60 -57.18
N SER Q 240 60.01 24.50 -56.75
CA SER Q 240 59.92 24.20 -55.34
C SER Q 240 61.29 23.87 -54.77
N GLU Q 241 61.46 24.08 -53.46
CA GLU Q 241 62.72 23.74 -52.82
C GLU Q 241 62.94 22.25 -52.72
N ARG Q 242 61.93 21.42 -53.00
CA ARG Q 242 62.15 19.99 -53.10
C ARG Q 242 62.86 19.62 -54.39
N ASP Q 243 62.47 20.25 -55.51
CA ASP Q 243 63.12 19.99 -56.79
C ASP Q 243 64.47 20.67 -56.89
N SER Q 244 64.61 21.87 -56.32
CA SER Q 244 65.90 22.55 -56.34
C SER Q 244 66.95 21.76 -55.58
N SER Q 245 66.55 21.06 -54.52
CA SER Q 245 67.47 20.16 -53.82
C SER Q 245 67.93 19.04 -54.74
N ALA Q 246 67.02 18.49 -55.53
CA ALA Q 246 67.38 17.43 -56.47
C ALA Q 246 68.37 17.95 -57.50
N VAL Q 247 68.16 19.17 -57.99
CA VAL Q 247 69.09 19.74 -58.97
C VAL Q 247 70.46 19.96 -58.32
N LEU Q 248 70.49 20.55 -57.13
CA LEU Q 248 71.74 20.92 -56.49
C LEU Q 248 72.52 19.70 -55.99
N HIS Q 249 71.85 18.58 -55.74
CA HIS Q 249 72.59 17.37 -55.39
C HIS Q 249 73.45 16.91 -56.55
N PHE Q 250 72.86 16.79 -57.74
CA PHE Q 250 73.62 16.36 -58.91
C PHE Q 250 74.66 17.39 -59.32
N ALA Q 251 74.33 18.68 -59.16
CA ALA Q 251 75.26 19.74 -59.55
C ALA Q 251 76.59 19.62 -58.83
N GLN Q 252 76.61 19.03 -57.64
CA GLN Q 252 77.85 18.79 -56.93
C GLN Q 252 78.31 17.34 -56.99
N ALA Q 253 77.39 16.39 -57.20
CA ALA Q 253 77.77 15.00 -57.27
C ALA Q 253 78.54 14.68 -58.54
N ALA Q 254 78.25 15.37 -59.64
CA ALA Q 254 78.96 15.07 -60.89
C ALA Q 254 80.46 15.32 -60.81
N PRO Q 255 80.95 16.50 -60.39
CA PRO Q 255 82.40 16.68 -60.28
C PRO Q 255 83.06 15.74 -59.29
N VAL Q 256 82.38 15.45 -58.18
CA VAL Q 256 82.94 14.56 -57.17
C VAL Q 256 83.13 13.16 -57.73
N VAL Q 257 82.14 12.67 -58.49
CA VAL Q 257 82.26 11.34 -59.08
C VAL Q 257 83.31 11.32 -60.17
N LEU Q 258 83.42 12.40 -60.96
CA LEU Q 258 84.48 12.45 -61.96
C LEU Q 258 85.86 12.38 -61.30
N GLY Q 259 86.08 13.17 -60.25
CA GLY Q 259 87.34 13.10 -59.54
C GLY Q 259 87.57 11.77 -58.85
N MET Q 260 86.50 11.15 -58.37
CA MET Q 260 86.61 9.83 -57.74
C MET Q 260 87.03 8.78 -58.74
N MET Q 261 86.51 8.85 -59.96
CA MET Q 261 86.97 7.97 -61.02
C MET Q 261 88.37 8.32 -61.51
N GLU Q 262 88.83 9.56 -61.28
CA GLU Q 262 90.21 9.89 -61.59
C GLU Q 262 91.16 9.32 -60.54
N ARG Q 263 91.02 9.76 -59.29
CA ARG Q 263 91.81 9.25 -58.17
C ARG Q 263 90.96 8.24 -57.42
N LEU Q 264 91.40 6.98 -57.38
CA LEU Q 264 90.54 5.89 -56.97
C LEU Q 264 90.45 5.76 -55.45
N THR Q 265 90.13 6.85 -54.76
CA THR Q 265 89.92 6.81 -53.32
C THR Q 265 88.46 6.47 -53.04
N GLY Q 266 88.04 6.64 -51.80
CA GLY Q 266 86.67 6.34 -51.43
C GLY Q 266 85.71 7.40 -51.93
N ALA Q 267 84.47 7.29 -51.47
CA ALA Q 267 83.40 8.20 -51.87
C ALA Q 267 82.69 8.76 -50.66
N PRO Q 268 82.19 9.98 -50.74
CA PRO Q 268 81.47 10.56 -49.60
C PRO Q 268 80.15 9.87 -49.35
N LYS Q 269 79.66 10.03 -48.12
CA LYS Q 269 78.41 9.37 -47.73
C LYS Q 269 77.22 9.91 -48.51
N TRP Q 270 77.21 11.21 -48.79
CA TRP Q 270 76.07 11.80 -49.48
C TRP Q 270 75.98 11.38 -50.93
N VAL Q 271 77.08 10.95 -51.53
CA VAL Q 271 77.02 10.37 -52.88
C VAL Q 271 76.66 8.90 -52.80
N LEU Q 272 77.36 8.16 -51.93
CA LEU Q 272 77.15 6.72 -51.82
C LEU Q 272 75.73 6.39 -51.39
N ASP Q 273 75.26 7.04 -50.32
CA ASP Q 273 73.93 6.77 -49.76
C ASP Q 273 72.95 7.80 -50.30
N TYR Q 274 72.57 7.62 -51.56
CA TYR Q 274 71.57 8.48 -52.18
C TYR Q 274 70.20 7.80 -52.16
#